data_8WUC
#
_entry.id   8WUC
#
_cell.length_a   1.00
_cell.length_b   1.00
_cell.length_c   1.00
_cell.angle_alpha   90.00
_cell.angle_beta   90.00
_cell.angle_gamma   90.00
#
_symmetry.space_group_name_H-M   'P 1'
#
loop_
_entity.id
_entity.type
_entity.pdbx_description
1 polymer 'Chaperonin GroEL'
2 polymer 'Co-chaperonin GroES'
3 non-polymer "ADENOSINE-5'-DIPHOSPHATE"
4 non-polymer 'MAGNESIUM ION'
#
loop_
_entity_poly.entity_id
_entity_poly.type
_entity_poly.pdbx_seq_one_letter_code
_entity_poly.pdbx_strand_id
1 'polypeptide(L)'
;AAKEVKFHDSARERLVAGVNLLANAVKTTLGPKGRNVVIERSFGAPIVTKDGVTVAKEIELKDKFENMGAQMVKEVASKT
ADVAGDGTTTATVLAQAIVREGMKYVAAGMNPMDLKRGIDKAVTAIVEELKAISKPCSTTKEIAQVGTISANADSSIGEI
IAQAMDKVGKEGVITVEDGKSLENELEVVEGMQFDRGYLSPYFINNPDKQVAVLDNPYILLHDKKISNIRDLLPVLEQVA
KAGRPLLIIAEDVEGEALATLVVNNLRGILKTCAVKAPGFGDRRKAMLQDIAILTGGTVISEEVGLSLEKATLEDLGQAK
RVEVAKEHTTIIDGAGDPAKIQARVKEIRVQIEEATSDYDREKLQERVAKLAGGVAVIKVGAATEVEMKEKKARVEDALH
ATRAAVEEGIVPGGGVALLRAREAAVAKGLKGDNPDQEAGIKIVLRAVEQPLREIVANAGEEPSVIVAKVLEGKGNYGYN
AATGEFGDMIEMGVLDPTKVTRSALQNAASVAGLMLTTECMIAEAPKD
;
A,B,C,D,E,F,G,H,I,J,K,L,M,N
2 'polypeptide(L)'
;KLRPLHDRVVVKRIEAERKTASGIVIPDTAGEKPDQGEVLAVGDGKILDDGSKRPMAVKVGDKVLFGKYAGQTVKVEGEE
LLVLREDDIMAVIE
;
a,b,c,d,e,f,g,h,i,j,k,l,m,n
#
loop_
_chem_comp.id
_chem_comp.type
_chem_comp.name
_chem_comp.formula
ADP non-polymer ADENOSINE-5'-DIPHOSPHATE 'C10 H15 N5 O10 P2'
MG non-polymer 'MAGNESIUM ION' 'Mg 2'
#
# COMPACT_ATOMS: atom_id res chain seq x y z
N ALA A 1 -14.09 2.11 26.38
CA ALA A 1 -14.01 2.85 25.13
C ALA A 1 -15.34 2.84 24.40
N ALA A 2 -15.29 2.99 23.08
CA ALA A 2 -16.51 2.97 22.28
C ALA A 2 -17.18 1.60 22.35
N LYS A 3 -18.50 1.61 22.38
CA LYS A 3 -19.30 0.40 22.54
C LYS A 3 -20.10 0.15 21.27
N GLU A 4 -20.22 -1.12 20.91
CA GLU A 4 -21.09 -1.55 19.82
C GLU A 4 -22.35 -2.17 20.41
N VAL A 5 -23.50 -1.81 19.86
CA VAL A 5 -24.79 -2.21 20.40
C VAL A 5 -25.53 -3.01 19.34
N LYS A 6 -26.00 -4.19 19.73
CA LYS A 6 -26.75 -5.07 18.84
C LYS A 6 -28.14 -5.30 19.41
N PHE A 7 -29.12 -5.44 18.54
CA PHE A 7 -30.53 -5.53 18.93
C PHE A 7 -31.20 -6.73 18.29
N HIS A 8 -32.22 -7.24 18.99
CA HIS A 8 -33.19 -8.22 18.46
C HIS A 8 -32.44 -9.45 17.97
N ASP A 9 -32.78 -9.99 16.81
CA ASP A 9 -32.21 -11.25 16.35
C ASP A 9 -30.73 -11.13 16.02
N SER A 10 -30.28 -9.95 15.59
CA SER A 10 -28.86 -9.77 15.33
C SER A 10 -28.03 -9.95 16.59
N ALA A 11 -28.57 -9.52 17.74
CA ALA A 11 -27.90 -9.75 19.01
C ALA A 11 -28.01 -11.19 19.46
N ARG A 12 -29.18 -11.81 19.26
CA ARG A 12 -29.38 -13.18 19.72
C ARG A 12 -28.59 -14.17 18.90
N GLU A 13 -28.43 -13.92 17.60
CA GLU A 13 -27.71 -14.87 16.75
C GLU A 13 -26.23 -14.92 17.11
N ARG A 14 -25.66 -13.81 17.56
CA ARG A 14 -24.27 -13.84 18.02
C ARG A 14 -24.16 -14.48 19.39
N LEU A 15 -25.16 -14.27 20.25
CA LEU A 15 -25.17 -14.91 21.56
C LEU A 15 -25.26 -16.42 21.42
N VAL A 16 -26.15 -16.90 20.56
CA VAL A 16 -26.31 -18.33 20.37
C VAL A 16 -25.08 -18.94 19.71
N ALA A 17 -24.46 -18.21 18.78
CA ALA A 17 -23.26 -18.71 18.12
C ALA A 17 -22.14 -18.95 19.12
N GLY A 18 -21.97 -18.04 20.09
CA GLY A 18 -20.99 -18.26 21.14
C GLY A 18 -21.36 -19.42 22.04
N VAL A 19 -22.65 -19.58 22.32
CA VAL A 19 -23.10 -20.72 23.12
C VAL A 19 -22.79 -22.02 22.41
N ASN A 20 -23.08 -22.08 21.11
CA ASN A 20 -22.89 -23.31 20.36
C ASN A 20 -21.42 -23.67 20.23
N LEU A 21 -20.56 -22.67 20.02
CA LEU A 21 -19.13 -22.94 19.84
C LEU A 21 -18.55 -23.55 21.11
N LEU A 22 -18.90 -23.00 22.28
CA LEU A 22 -18.39 -23.55 23.53
C LEU A 22 -19.01 -24.91 23.82
N ALA A 23 -20.32 -25.05 23.62
CA ALA A 23 -20.98 -26.30 23.98
C ALA A 23 -20.60 -27.43 23.03
N ASN A 24 -20.33 -27.12 21.76
CA ASN A 24 -19.90 -28.16 20.84
C ASN A 24 -18.53 -28.70 21.20
N ALA A 25 -17.62 -27.84 21.65
CA ALA A 25 -16.32 -28.32 22.11
C ALA A 25 -16.47 -29.19 23.36
N VAL A 26 -17.33 -28.78 24.29
CA VAL A 26 -17.60 -29.57 25.48
C VAL A 26 -18.40 -30.83 25.14
N LYS A 27 -19.22 -30.80 24.09
CA LYS A 27 -20.00 -31.95 23.70
C LYS A 27 -19.14 -33.18 23.45
N THR A 28 -17.97 -32.98 22.85
CA THR A 28 -17.16 -34.11 22.40
C THR A 28 -16.70 -35.00 23.53
N THR A 29 -16.68 -34.51 24.76
CA THR A 29 -16.19 -35.26 25.91
C THR A 29 -17.28 -35.96 26.68
N LEU A 30 -18.53 -35.90 26.23
CA LEU A 30 -19.64 -36.42 27.01
C LEU A 30 -19.80 -37.92 26.82
N GLY A 31 -19.98 -38.63 27.94
CA GLY A 31 -20.32 -40.02 27.90
C GLY A 31 -19.12 -40.95 27.90
N PRO A 32 -19.38 -42.25 28.01
CA PRO A 32 -18.27 -43.22 28.00
C PRO A 32 -17.49 -43.22 26.69
N LYS A 33 -18.15 -42.92 25.57
CA LYS A 33 -17.47 -42.87 24.28
C LYS A 33 -17.10 -41.45 23.88
N GLY A 34 -17.20 -40.50 24.79
CA GLY A 34 -16.69 -39.17 24.53
C GLY A 34 -15.18 -39.19 24.41
N ARG A 35 -14.65 -38.20 23.69
CA ARG A 35 -13.23 -38.16 23.37
C ARG A 35 -12.58 -36.93 23.99
N ASN A 36 -11.25 -36.96 24.02
CA ASN A 36 -10.48 -35.95 24.73
C ASN A 36 -10.38 -34.66 23.93
N VAL A 37 -10.07 -33.58 24.64
CA VAL A 37 -9.83 -32.27 24.06
C VAL A 37 -8.43 -31.83 24.47
N VAL A 38 -7.63 -31.42 23.49
CA VAL A 38 -6.28 -30.93 23.74
C VAL A 38 -6.31 -29.42 23.77
N ILE A 39 -5.80 -28.83 24.85
CA ILE A 39 -5.78 -27.39 25.04
C ILE A 39 -4.34 -26.93 25.09
N GLU A 40 -4.00 -25.95 24.26
CA GLU A 40 -2.64 -25.43 24.25
C GLU A 40 -2.35 -24.67 25.55
N ARG A 41 -1.15 -24.87 26.06
CA ARG A 41 -0.65 -24.13 27.22
C ARG A 41 0.49 -23.24 26.80
N SER A 42 0.58 -22.07 27.43
CA SER A 42 1.62 -21.11 27.08
C SER A 42 3.01 -21.68 27.34
N PHE A 43 3.19 -22.38 28.45
CA PHE A 43 4.47 -22.93 28.85
C PHE A 43 4.72 -24.34 28.31
N GLY A 44 4.07 -24.69 27.19
CA GLY A 44 4.26 -25.99 26.61
C GLY A 44 3.48 -27.08 27.33
N ALA A 45 3.67 -28.31 26.86
CA ALA A 45 2.98 -29.48 27.39
C ALA A 45 1.48 -29.27 27.40
N PRO A 46 0.82 -29.39 26.25
CA PRO A 46 -0.64 -29.19 26.21
C PRO A 46 -1.35 -30.18 27.10
N ILE A 47 -2.44 -29.73 27.72
CA ILE A 47 -3.22 -30.57 28.61
C ILE A 47 -4.27 -31.32 27.80
N VAL A 48 -4.43 -32.60 28.10
CA VAL A 48 -5.46 -33.44 27.49
C VAL A 48 -6.50 -33.69 28.57
N THR A 49 -7.74 -33.31 28.29
CA THR A 49 -8.79 -33.36 29.30
C THR A 49 -10.09 -33.87 28.69
N LYS A 50 -10.87 -34.56 29.53
CA LYS A 50 -12.23 -34.95 29.21
C LYS A 50 -13.25 -34.20 30.07
N ASP A 51 -12.80 -33.21 30.83
CA ASP A 51 -13.68 -32.48 31.75
C ASP A 51 -14.31 -31.31 31.00
N GLY A 52 -15.62 -31.12 31.21
CA GLY A 52 -16.30 -30.01 30.56
C GLY A 52 -15.86 -28.65 31.07
N VAL A 53 -15.65 -28.54 32.38
CA VAL A 53 -15.28 -27.25 32.96
C VAL A 53 -13.89 -26.84 32.49
N THR A 54 -12.96 -27.80 32.40
CA THR A 54 -11.62 -27.48 31.93
C THR A 54 -11.65 -26.99 30.49
N VAL A 55 -12.43 -27.65 29.63
CA VAL A 55 -12.54 -27.21 28.25
C VAL A 55 -13.23 -25.86 28.16
N ALA A 56 -14.30 -25.67 28.93
CA ALA A 56 -15.07 -24.43 28.84
C ALA A 56 -14.24 -23.23 29.28
N LYS A 57 -13.46 -23.39 30.35
CA LYS A 57 -12.72 -22.26 30.91
C LYS A 57 -11.63 -21.74 29.98
N GLU A 58 -11.20 -22.53 29.00
CA GLU A 58 -10.15 -22.11 28.09
C GLU A 58 -10.68 -21.49 26.80
N ILE A 59 -11.99 -21.39 26.63
CA ILE A 59 -12.57 -20.94 25.37
C ILE A 59 -12.83 -19.44 25.46
N GLU A 60 -12.23 -18.68 24.54
CA GLU A 60 -12.49 -17.26 24.38
C GLU A 60 -12.54 -16.97 22.88
N LEU A 61 -13.48 -16.14 22.47
CA LEU A 61 -13.75 -15.90 21.07
C LEU A 61 -13.31 -14.51 20.65
N LYS A 62 -12.87 -14.39 19.40
CA LYS A 62 -12.49 -13.08 18.87
C LYS A 62 -13.68 -12.15 18.80
N ASP A 63 -14.83 -12.64 18.35
CA ASP A 63 -16.04 -11.84 18.30
C ASP A 63 -16.52 -11.57 19.72
N LYS A 64 -16.58 -10.29 20.10
CA LYS A 64 -16.94 -9.94 21.46
C LYS A 64 -18.38 -10.32 21.77
N PHE A 65 -19.28 -10.16 20.81
CA PHE A 65 -20.67 -10.54 21.03
C PHE A 65 -20.81 -12.06 21.13
N GLU A 66 -20.08 -12.80 20.30
CA GLU A 66 -20.06 -14.26 20.44
C GLU A 66 -19.37 -14.67 21.73
N ASN A 67 -18.32 -13.95 22.12
CA ASN A 67 -17.63 -14.26 23.37
C ASN A 67 -18.54 -14.07 24.57
N MET A 68 -19.48 -13.13 24.50
CA MET A 68 -20.40 -12.91 25.61
C MET A 68 -21.27 -14.13 25.84
N GLY A 69 -21.74 -14.76 24.76
CA GLY A 69 -22.50 -15.98 24.91
C GLY A 69 -21.67 -17.13 25.44
N ALA A 70 -20.41 -17.22 25.00
CA ALA A 70 -19.52 -18.26 25.49
C ALA A 70 -19.21 -18.07 26.96
N GLN A 71 -19.02 -16.83 27.39
CA GLN A 71 -18.68 -16.56 28.79
C GLN A 71 -19.83 -16.93 29.72
N MET A 72 -21.07 -16.83 29.23
CA MET A 72 -22.22 -17.17 30.07
C MET A 72 -22.41 -18.68 30.18
N VAL A 73 -22.09 -19.43 29.13
CA VAL A 73 -22.19 -20.89 29.21
C VAL A 73 -20.98 -21.47 29.93
N LYS A 74 -19.81 -20.85 29.74
CA LYS A 74 -18.62 -21.29 30.48
C LYS A 74 -18.87 -21.27 31.98
N GLU A 75 -19.67 -20.32 32.44
CA GLU A 75 -19.93 -20.17 33.86
C GLU A 75 -21.04 -21.08 34.35
N VAL A 76 -21.75 -21.76 33.46
CA VAL A 76 -22.62 -22.87 33.88
C VAL A 76 -21.77 -24.03 34.39
N ALA A 77 -20.71 -24.36 33.63
CA ALA A 77 -19.83 -25.44 34.04
C ALA A 77 -19.02 -25.07 35.28
N SER A 78 -18.65 -23.79 35.39
CA SER A 78 -17.88 -23.34 36.55
C SER A 78 -18.67 -23.50 37.84
N LYS A 79 -19.96 -23.15 37.80
CA LYS A 79 -20.80 -23.30 38.99
C LYS A 79 -21.05 -24.77 39.30
N THR A 80 -21.25 -25.60 38.27
CA THR A 80 -21.45 -27.02 38.50
C THR A 80 -20.22 -27.68 39.11
N ALA A 81 -19.03 -27.29 38.63
CA ALA A 81 -17.81 -27.81 39.21
C ALA A 81 -17.65 -27.36 40.66
N ASP A 82 -18.05 -26.13 40.96
CA ASP A 82 -17.91 -25.60 42.32
C ASP A 82 -18.79 -26.37 43.30
N VAL A 83 -20.03 -26.65 42.92
CA VAL A 83 -20.99 -27.24 43.86
C VAL A 83 -21.03 -28.76 43.80
N ALA A 84 -20.59 -29.37 42.71
CA ALA A 84 -20.68 -30.82 42.59
C ALA A 84 -19.34 -31.45 42.24
N GLY A 85 -18.53 -30.75 41.46
CA GLY A 85 -17.28 -31.30 40.98
C GLY A 85 -17.41 -32.25 39.82
N ASP A 86 -18.63 -32.47 39.33
CA ASP A 86 -18.90 -33.38 38.22
C ASP A 86 -20.19 -32.90 37.56
N GLY A 87 -20.44 -33.42 36.36
CA GLY A 87 -21.61 -32.99 35.62
C GLY A 87 -21.45 -31.68 34.88
N THR A 88 -20.22 -31.20 34.71
CA THR A 88 -20.01 -29.94 34.01
C THR A 88 -20.35 -30.06 32.53
N THR A 89 -19.98 -31.18 31.90
CA THR A 89 -20.37 -31.39 30.50
C THR A 89 -21.88 -31.54 30.37
N THR A 90 -22.51 -32.26 31.30
CA THR A 90 -23.96 -32.40 31.26
C THR A 90 -24.65 -31.05 31.45
N ALA A 91 -24.14 -30.23 32.36
CA ALA A 91 -24.71 -28.90 32.56
C ALA A 91 -24.56 -28.04 31.32
N THR A 92 -23.39 -28.10 30.68
CA THR A 92 -23.17 -27.34 29.46
C THR A 92 -24.08 -27.82 28.34
N VAL A 93 -24.26 -29.15 28.23
CA VAL A 93 -25.14 -29.70 27.21
C VAL A 93 -26.59 -29.30 27.47
N LEU A 94 -27.02 -29.36 28.73
CA LEU A 94 -28.38 -28.95 29.08
C LEU A 94 -28.61 -27.46 28.79
N ALA A 95 -27.61 -26.62 29.10
CA ALA A 95 -27.75 -25.20 28.86
C ALA A 95 -27.92 -24.89 27.38
N GLN A 96 -27.16 -25.58 26.54
CA GLN A 96 -27.28 -25.36 25.10
C GLN A 96 -28.64 -25.83 24.59
N ALA A 97 -29.15 -26.94 25.13
CA ALA A 97 -30.46 -27.43 24.71
C ALA A 97 -31.56 -26.45 25.06
N ILE A 98 -31.49 -25.84 26.25
CA ILE A 98 -32.49 -24.86 26.64
C ILE A 98 -32.42 -23.64 25.74
N VAL A 99 -31.21 -23.18 25.43
CA VAL A 99 -31.06 -22.02 24.54
C VAL A 99 -31.56 -22.36 23.14
N ARG A 100 -31.21 -23.53 22.64
CA ARG A 100 -31.64 -23.92 21.30
C ARG A 100 -33.16 -24.06 21.24
N GLU A 101 -33.76 -24.71 22.24
CA GLU A 101 -35.21 -24.88 22.24
C GLU A 101 -35.93 -23.57 22.55
N GLY A 102 -35.39 -22.78 23.48
CA GLY A 102 -36.01 -21.51 23.82
C GLY A 102 -35.91 -20.45 22.76
N MET A 103 -34.89 -20.49 21.91
CA MET A 103 -34.76 -19.52 20.84
C MET A 103 -35.85 -19.70 19.79
N LYS A 104 -36.34 -20.92 19.61
CA LYS A 104 -37.45 -21.14 18.71
C LYS A 104 -38.71 -20.44 19.20
N TYR A 105 -38.97 -20.50 20.50
CA TYR A 105 -40.13 -19.84 21.06
C TYR A 105 -39.96 -18.33 21.13
N VAL A 106 -38.73 -17.86 21.36
CA VAL A 106 -38.47 -16.41 21.29
C VAL A 106 -38.69 -15.90 19.88
N ALA A 107 -38.21 -16.65 18.87
CA ALA A 107 -38.45 -16.30 17.49
C ALA A 107 -39.92 -16.39 17.12
N ALA A 108 -40.70 -17.16 17.88
CA ALA A 108 -42.14 -17.27 17.63
C ALA A 108 -42.94 -16.13 18.24
N GLY A 109 -42.27 -15.19 18.92
CA GLY A 109 -42.93 -14.03 19.46
C GLY A 109 -43.40 -14.17 20.90
N MET A 110 -43.07 -15.26 21.57
CA MET A 110 -43.49 -15.45 22.94
C MET A 110 -42.63 -14.63 23.89
N ASN A 111 -43.23 -14.23 25.00
CA ASN A 111 -42.54 -13.40 25.99
C ASN A 111 -41.45 -14.21 26.66
N PRO A 112 -40.18 -13.82 26.55
CA PRO A 112 -39.11 -14.63 27.16
C PRO A 112 -39.12 -14.59 28.68
N MET A 113 -39.65 -13.56 29.30
CA MET A 113 -39.75 -13.54 30.75
C MET A 113 -40.70 -14.62 31.25
N ASP A 114 -41.82 -14.83 30.54
CA ASP A 114 -42.70 -15.94 30.88
C ASP A 114 -42.08 -17.28 30.53
N LEU A 115 -41.26 -17.32 29.48
CA LEU A 115 -40.51 -18.54 29.19
C LEU A 115 -39.55 -18.87 30.33
N LYS A 116 -38.87 -17.86 30.86
CA LYS A 116 -37.98 -18.08 31.99
C LYS A 116 -38.76 -18.54 33.22
N ARG A 117 -39.92 -17.94 33.46
CA ARG A 117 -40.75 -18.37 34.58
C ARG A 117 -41.25 -19.79 34.39
N GLY A 118 -41.62 -20.14 33.16
CA GLY A 118 -42.00 -21.52 32.88
C GLY A 118 -40.85 -22.49 33.02
N ILE A 119 -39.65 -22.07 32.61
CA ILE A 119 -38.46 -22.91 32.76
C ILE A 119 -38.18 -23.19 34.23
N ASP A 120 -38.25 -22.15 35.06
CA ASP A 120 -38.03 -22.33 36.49
C ASP A 120 -39.07 -23.24 37.11
N LYS A 121 -40.32 -23.12 36.67
CA LYS A 121 -41.39 -23.98 37.18
C LYS A 121 -41.14 -25.44 36.83
N ALA A 122 -40.72 -25.70 35.59
CA ALA A 122 -40.48 -27.08 35.17
C ALA A 122 -39.25 -27.67 35.86
N VAL A 123 -38.21 -26.86 36.04
CA VAL A 123 -36.99 -27.36 36.68
C VAL A 123 -37.25 -27.68 38.14
N THR A 124 -38.05 -26.85 38.82
CA THR A 124 -38.41 -27.14 40.19
C THR A 124 -39.17 -28.46 40.30
N ALA A 125 -40.10 -28.69 39.38
CA ALA A 125 -40.86 -29.94 39.41
C ALA A 125 -39.97 -31.15 39.13
N ILE A 126 -39.04 -31.02 38.17
CA ILE A 126 -38.18 -32.14 37.82
C ILE A 126 -37.20 -32.44 38.95
N VAL A 127 -36.67 -31.40 39.60
CA VAL A 127 -35.73 -31.60 40.70
C VAL A 127 -36.42 -32.34 41.85
N GLU A 128 -37.67 -31.99 42.13
CA GLU A 128 -38.41 -32.71 43.17
C GLU A 128 -38.61 -34.18 42.81
N GLU A 129 -38.85 -34.47 41.53
CA GLU A 129 -38.99 -35.86 41.09
C GLU A 129 -37.66 -36.59 41.17
N LEU A 130 -36.55 -35.88 40.98
CA LEU A 130 -35.24 -36.49 41.14
C LEU A 130 -35.02 -36.95 42.58
N LYS A 131 -35.53 -36.19 43.54
CA LYS A 131 -35.40 -36.56 44.95
C LYS A 131 -36.12 -37.87 45.24
N ALA A 132 -37.29 -38.08 44.64
CA ALA A 132 -38.04 -39.31 44.85
C ALA A 132 -37.35 -40.50 44.18
N ILE A 133 -36.81 -40.30 42.98
CA ILE A 133 -36.13 -41.38 42.28
C ILE A 133 -34.83 -41.75 42.97
N SER A 134 -34.17 -40.79 43.61
CA SER A 134 -32.87 -41.04 44.21
C SER A 134 -32.93 -42.12 45.28
N LYS A 135 -31.88 -42.93 45.34
CA LYS A 135 -31.69 -43.97 46.34
C LYS A 135 -30.39 -43.74 47.09
N PRO A 136 -30.35 -44.01 48.38
CA PRO A 136 -29.12 -43.80 49.14
C PRO A 136 -28.00 -44.73 48.71
N CYS A 137 -26.77 -44.23 48.83
CA CYS A 137 -25.58 -44.98 48.45
C CYS A 137 -24.96 -45.65 49.67
N SER A 138 -25.69 -46.65 50.17
CA SER A 138 -25.27 -47.33 51.41
C SER A 138 -24.09 -48.27 51.19
N THR A 139 -24.11 -49.04 50.11
CA THR A 139 -23.12 -50.10 49.92
C THR A 139 -21.83 -49.55 49.34
N THR A 140 -20.71 -50.18 49.73
CA THR A 140 -19.42 -49.83 49.14
C THR A 140 -19.31 -50.27 47.70
N LYS A 141 -20.08 -51.28 47.28
CA LYS A 141 -20.10 -51.67 45.88
C LYS A 141 -20.66 -50.55 45.01
N GLU A 142 -21.70 -49.87 45.48
CA GLU A 142 -22.25 -48.73 44.75
C GLU A 142 -21.23 -47.59 44.68
N ILE A 143 -20.44 -47.42 45.73
CA ILE A 143 -19.41 -46.39 45.72
C ILE A 143 -18.38 -46.68 44.63
N ALA A 144 -17.97 -47.94 44.50
CA ALA A 144 -17.06 -48.31 43.43
C ALA A 144 -17.69 -48.09 42.06
N GLN A 145 -18.97 -48.41 41.91
CA GLN A 145 -19.65 -48.21 40.65
C GLN A 145 -19.75 -46.73 40.31
N VAL A 146 -20.06 -45.89 41.30
CA VAL A 146 -20.13 -44.46 41.05
C VAL A 146 -18.76 -43.90 40.69
N GLY A 147 -17.72 -44.34 41.40
CA GLY A 147 -16.38 -43.91 41.06
C GLY A 147 -15.92 -44.42 39.72
N THR A 148 -16.28 -45.65 39.37
CA THR A 148 -15.89 -46.22 38.08
C THR A 148 -16.51 -45.44 36.93
N ILE A 149 -17.80 -45.10 37.05
CA ILE A 149 -18.48 -44.38 35.98
C ILE A 149 -17.88 -42.99 35.81
N SER A 150 -17.63 -42.29 36.92
CA SER A 150 -17.11 -40.94 36.84
C SER A 150 -15.64 -40.89 36.43
N ALA A 151 -14.92 -41.99 36.57
CA ALA A 151 -13.54 -42.09 36.08
C ALA A 151 -13.47 -42.59 34.66
N ASN A 152 -14.56 -42.48 33.90
CA ASN A 152 -14.63 -42.93 32.51
C ASN A 152 -14.35 -44.43 32.40
N ALA A 153 -15.18 -45.21 33.09
CA ALA A 153 -15.14 -46.67 33.04
C ALA A 153 -13.77 -47.22 33.41
N ASP A 154 -13.23 -46.72 34.52
CA ASP A 154 -11.97 -47.20 35.07
C ASP A 154 -12.27 -47.87 36.41
N SER A 155 -12.28 -49.20 36.41
CA SER A 155 -12.62 -49.94 37.62
C SER A 155 -11.54 -49.80 38.69
N SER A 156 -10.27 -49.67 38.29
CA SER A 156 -9.20 -49.53 39.26
C SER A 156 -9.35 -48.25 40.07
N ILE A 157 -9.69 -47.14 39.41
CA ILE A 157 -9.90 -45.88 40.12
C ILE A 157 -11.10 -45.98 41.04
N GLY A 158 -12.19 -46.58 40.55
CA GLY A 158 -13.38 -46.72 41.39
C GLY A 158 -13.13 -47.61 42.60
N GLU A 159 -12.38 -48.69 42.42
CA GLU A 159 -12.11 -49.59 43.53
C GLU A 159 -11.21 -48.96 44.58
N ILE A 160 -10.18 -48.22 44.14
CA ILE A 160 -9.25 -47.63 45.09
C ILE A 160 -9.93 -46.50 45.87
N ILE A 161 -10.86 -45.79 45.23
CA ILE A 161 -11.60 -44.75 45.95
C ILE A 161 -12.57 -45.36 46.94
N ALA A 162 -13.22 -46.47 46.57
CA ALA A 162 -14.11 -47.15 47.51
C ALA A 162 -13.33 -47.67 48.72
N GLN A 163 -12.13 -48.22 48.49
CA GLN A 163 -11.31 -48.65 49.60
C GLN A 163 -10.89 -47.47 50.47
N ALA A 164 -10.54 -46.35 49.85
CA ALA A 164 -10.12 -45.17 50.62
C ALA A 164 -11.25 -44.66 51.49
N MET A 165 -12.47 -44.60 50.95
CA MET A 165 -13.61 -44.14 51.73
C MET A 165 -13.93 -45.10 52.87
N ASP A 166 -13.76 -46.40 52.63
CA ASP A 166 -13.97 -47.38 53.68
C ASP A 166 -12.97 -47.23 54.81
N LYS A 167 -11.70 -46.98 54.47
CA LYS A 167 -10.66 -46.92 55.48
C LYS A 167 -10.77 -45.66 56.34
N VAL A 168 -10.98 -44.50 55.70
CA VAL A 168 -11.04 -43.25 56.44
C VAL A 168 -12.45 -42.89 56.89
N GLY A 169 -13.47 -43.63 56.47
CA GLY A 169 -14.81 -43.35 56.90
C GLY A 169 -15.39 -42.10 56.25
N LYS A 170 -16.57 -41.73 56.75
CA LYS A 170 -17.25 -40.55 56.22
C LYS A 170 -16.54 -39.26 56.63
N GLU A 171 -15.91 -39.25 57.80
CA GLU A 171 -15.24 -38.06 58.32
C GLU A 171 -13.81 -37.91 57.80
N GLY A 172 -13.32 -38.86 57.01
CA GLY A 172 -11.95 -38.81 56.54
C GLY A 172 -11.77 -37.87 55.36
N VAL A 173 -10.51 -37.65 55.02
CA VAL A 173 -10.11 -36.76 53.94
C VAL A 173 -9.26 -37.54 52.96
N ILE A 174 -9.60 -37.46 51.68
CA ILE A 174 -8.88 -38.16 50.61
C ILE A 174 -8.32 -37.12 49.65
N THR A 175 -7.04 -37.25 49.34
CA THR A 175 -6.36 -36.35 48.42
C THR A 175 -5.71 -37.15 47.29
N VAL A 176 -5.40 -36.45 46.20
CA VAL A 176 -4.82 -37.06 45.02
C VAL A 176 -3.49 -36.37 44.73
N GLU A 177 -2.44 -37.18 44.60
CA GLU A 177 -1.10 -36.67 44.28
C GLU A 177 -0.48 -37.54 43.21
N ASP A 178 0.62 -37.04 42.63
CA ASP A 178 1.36 -37.80 41.63
C ASP A 178 2.04 -38.99 42.29
N GLY A 179 2.09 -40.10 41.56
CA GLY A 179 2.78 -41.28 42.01
C GLY A 179 4.09 -41.48 41.28
N LYS A 180 4.95 -42.32 41.85
CA LYS A 180 6.22 -42.64 41.23
C LYS A 180 6.14 -43.89 40.36
N SER A 181 5.28 -44.83 40.70
CA SER A 181 5.14 -46.05 39.93
C SER A 181 4.13 -45.82 38.79
N LEU A 182 3.87 -46.88 38.03
CA LEU A 182 2.90 -46.84 36.95
C LEU A 182 1.51 -47.27 37.40
N GLU A 183 1.36 -47.69 38.65
CA GLU A 183 0.09 -48.17 39.18
C GLU A 183 -0.39 -47.25 40.30
N ASN A 184 -1.71 -47.12 40.41
CA ASN A 184 -2.28 -46.33 41.50
C ASN A 184 -2.06 -47.02 42.83
N GLU A 185 -1.68 -46.25 43.84
CA GLU A 185 -1.46 -46.76 45.17
C GLU A 185 -2.20 -45.88 46.18
N LEU A 186 -2.70 -46.52 47.23
CA LEU A 186 -3.46 -45.84 48.28
C LEU A 186 -2.65 -45.88 49.57
N GLU A 187 -2.37 -44.71 50.13
CA GLU A 187 -1.68 -44.59 51.40
C GLU A 187 -2.63 -43.99 52.42
N VAL A 188 -2.88 -44.71 53.50
CA VAL A 188 -3.81 -44.28 54.54
C VAL A 188 -3.00 -43.94 55.78
N VAL A 189 -3.19 -42.73 56.29
CA VAL A 189 -2.52 -42.26 57.50
C VAL A 189 -3.57 -42.21 58.61
N GLU A 190 -3.34 -42.99 59.66
CA GLU A 190 -4.26 -43.05 60.79
C GLU A 190 -3.71 -42.20 61.93
N GLY A 191 -4.63 -41.75 62.79
CA GLY A 191 -4.24 -40.93 63.92
C GLY A 191 -3.88 -39.52 63.51
N MET A 192 -3.07 -38.88 64.35
CA MET A 192 -2.68 -37.49 64.17
C MET A 192 -1.28 -37.44 63.59
N GLN A 193 -1.16 -36.91 62.37
CA GLN A 193 0.13 -36.66 61.74
C GLN A 193 0.16 -35.20 61.29
N PHE A 194 1.20 -34.47 61.70
CA PHE A 194 1.30 -33.05 61.34
C PHE A 194 2.61 -32.74 60.63
N ASP A 195 3.14 -33.72 59.90
CA ASP A 195 4.18 -33.53 58.87
C ASP A 195 5.34 -32.65 59.35
N ARG A 196 5.81 -32.91 60.56
CA ARG A 196 6.96 -32.19 61.10
C ARG A 196 8.00 -33.18 61.58
N GLY A 197 9.25 -32.97 61.18
CA GLY A 197 10.33 -33.88 61.51
C GLY A 197 11.05 -33.51 62.79
N TYR A 198 12.00 -34.35 63.16
CA TYR A 198 12.81 -34.10 64.34
C TYR A 198 13.80 -32.97 64.08
N LEU A 199 14.35 -32.43 65.16
CA LEU A 199 15.28 -31.30 65.08
C LEU A 199 16.73 -31.72 65.14
N SER A 200 17.02 -33.01 65.32
CA SER A 200 18.40 -33.47 65.40
C SER A 200 18.43 -34.96 65.12
N PRO A 201 19.39 -35.44 64.32
CA PRO A 201 19.42 -36.88 64.01
C PRO A 201 19.68 -37.75 65.23
N TYR A 202 20.24 -37.20 66.30
CA TYR A 202 20.52 -38.00 67.49
C TYR A 202 19.26 -38.44 68.23
N PHE A 203 18.09 -37.87 67.88
CA PHE A 203 16.84 -38.32 68.48
C PHE A 203 16.44 -39.70 67.97
N ILE A 204 17.02 -40.16 66.87
CA ILE A 204 16.66 -41.45 66.30
C ILE A 204 17.10 -42.57 67.23
N ASN A 205 16.20 -43.53 67.46
CA ASN A 205 16.49 -44.65 68.35
C ASN A 205 16.64 -45.98 67.62
N ASN A 206 16.32 -46.04 66.32
CA ASN A 206 16.57 -47.25 65.54
C ASN A 206 17.17 -46.84 64.20
N PRO A 207 18.31 -47.41 63.82
CA PRO A 207 19.00 -46.95 62.61
C PRO A 207 18.39 -47.46 61.32
N ASP A 208 17.74 -48.62 61.37
CA ASP A 208 17.23 -49.27 60.16
C ASP A 208 16.14 -48.45 59.48
N LYS A 209 15.48 -47.55 60.20
CA LYS A 209 14.42 -46.73 59.64
C LYS A 209 14.71 -45.24 59.72
N GLN A 210 15.67 -44.81 60.54
CA GLN A 210 15.95 -43.40 60.77
C GLN A 210 14.70 -42.68 61.28
N VAL A 211 14.05 -43.28 62.26
CA VAL A 211 12.84 -42.73 62.86
C VAL A 211 13.00 -42.78 64.37
N ALA A 212 12.33 -41.87 65.06
CA ALA A 212 12.39 -41.80 66.52
C ALA A 212 11.09 -42.38 67.09
N VAL A 213 11.14 -43.62 67.56
CA VAL A 213 9.98 -44.29 68.12
C VAL A 213 9.98 -44.08 69.63
N LEU A 214 8.89 -43.52 70.13
CA LEU A 214 8.70 -43.31 71.56
C LEU A 214 7.51 -44.16 72.01
N ASP A 215 7.74 -45.03 72.98
CA ASP A 215 6.72 -45.94 73.49
C ASP A 215 6.15 -45.37 74.77
N ASN A 216 4.83 -45.17 74.78
CA ASN A 216 4.13 -44.54 75.89
C ASN A 216 4.79 -43.23 76.33
N PRO A 217 4.91 -42.25 75.44
CA PRO A 217 5.60 -41.01 75.78
C PRO A 217 4.67 -39.93 76.32
N TYR A 218 5.27 -38.97 77.02
CA TYR A 218 4.59 -37.75 77.38
C TYR A 218 4.76 -36.71 76.27
N ILE A 219 3.73 -35.90 76.09
CA ILE A 219 3.73 -34.86 75.07
C ILE A 219 3.64 -33.51 75.76
N LEU A 220 4.60 -32.64 75.50
CA LEU A 220 4.63 -31.30 76.07
C LEU A 220 4.22 -30.30 74.99
N LEU A 221 3.09 -29.64 75.19
CA LEU A 221 2.58 -28.66 74.24
C LEU A 221 2.97 -27.27 74.70
N HIS A 222 3.72 -26.56 73.86
CA HIS A 222 4.18 -25.22 74.16
C HIS A 222 3.99 -24.33 72.95
N ASP A 223 3.43 -23.14 73.16
CA ASP A 223 3.15 -22.20 72.08
C ASP A 223 4.21 -21.12 71.96
N LYS A 224 5.33 -21.25 72.67
CA LYS A 224 6.40 -20.27 72.62
C LYS A 224 7.73 -20.99 72.41
N LYS A 225 8.70 -20.24 71.91
CA LYS A 225 10.02 -20.80 71.64
C LYS A 225 10.69 -21.25 72.94
N ILE A 226 11.44 -22.35 72.85
CA ILE A 226 12.20 -22.87 73.98
C ILE A 226 13.68 -22.81 73.61
N SER A 227 14.46 -22.07 74.37
CA SER A 227 15.88 -21.91 74.08
C SER A 227 16.77 -22.21 75.27
N ASN A 228 16.36 -21.86 76.48
CA ASN A 228 17.17 -22.06 77.67
C ASN A 228 16.82 -23.38 78.35
N ILE A 229 17.79 -23.95 79.06
CA ILE A 229 17.57 -25.20 79.77
C ILE A 229 16.85 -24.96 81.09
N ARG A 230 16.96 -23.74 81.65
CA ARG A 230 16.46 -23.49 82.99
C ARG A 230 14.95 -23.73 83.11
N ASP A 231 14.18 -23.25 82.14
CA ASP A 231 12.72 -23.43 82.21
C ASP A 231 12.31 -24.85 81.86
N LEU A 232 13.04 -25.51 80.97
CA LEU A 232 12.71 -26.87 80.58
C LEU A 232 13.17 -27.92 81.59
N LEU A 233 14.08 -27.55 82.49
CA LEU A 233 14.58 -28.51 83.46
C LEU A 233 13.50 -29.06 84.41
N PRO A 234 12.63 -28.26 85.03
CA PRO A 234 11.66 -28.84 85.98
C PRO A 234 10.78 -29.91 85.38
N VAL A 235 10.29 -29.70 84.16
CA VAL A 235 9.47 -30.74 83.52
C VAL A 235 10.33 -31.93 83.11
N LEU A 236 11.55 -31.68 82.63
CA LEU A 236 12.44 -32.76 82.25
C LEU A 236 12.77 -33.65 83.45
N GLU A 237 12.93 -33.05 84.63
CA GLU A 237 13.18 -33.83 85.83
C GLU A 237 11.97 -34.71 86.16
N GLN A 238 10.76 -34.18 85.98
CA GLN A 238 9.56 -34.94 86.32
C GLN A 238 9.43 -36.18 85.43
N VAL A 239 9.67 -36.05 84.13
CA VAL A 239 9.56 -37.20 83.24
C VAL A 239 10.76 -38.14 83.36
N ALA A 240 11.85 -37.68 83.97
CA ALA A 240 13.03 -38.54 84.12
C ALA A 240 12.75 -39.68 85.10
N LYS A 241 12.12 -39.38 86.23
CA LYS A 241 11.84 -40.42 87.21
C LYS A 241 10.79 -41.41 86.72
N ALA A 242 9.80 -40.93 85.96
CA ALA A 242 8.79 -41.83 85.43
C ALA A 242 9.37 -42.82 84.44
N GLY A 243 10.42 -42.42 83.72
CA GLY A 243 11.05 -43.29 82.75
C GLY A 243 10.42 -43.29 81.38
N ARG A 244 9.28 -42.64 81.21
CA ARG A 244 8.66 -42.56 79.91
C ARG A 244 9.34 -41.50 79.05
N PRO A 245 9.37 -41.71 77.73
CA PRO A 245 9.95 -40.70 76.84
C PRO A 245 9.10 -39.44 76.83
N LEU A 246 9.71 -38.36 76.35
CA LEU A 246 9.05 -37.06 76.28
C LEU A 246 9.14 -36.53 74.86
N LEU A 247 8.00 -36.12 74.30
CA LEU A 247 7.95 -35.46 73.01
C LEU A 247 7.60 -34.01 73.24
N ILE A 248 8.47 -33.12 72.78
CA ILE A 248 8.31 -31.68 73.00
C ILE A 248 7.84 -31.06 71.69
N ILE A 249 6.62 -30.54 71.71
CA ILE A 249 6.05 -29.85 70.55
C ILE A 249 6.03 -28.37 70.88
N ALA A 250 6.90 -27.61 70.23
CA ALA A 250 6.99 -26.17 70.43
C ALA A 250 7.43 -25.52 69.13
N GLU A 251 7.47 -24.18 69.13
CA GLU A 251 7.83 -23.46 67.92
C GLU A 251 9.27 -23.77 67.50
N ASP A 252 10.19 -23.85 68.46
CA ASP A 252 11.58 -24.15 68.16
C ASP A 252 12.29 -24.52 69.45
N VAL A 253 13.18 -25.50 69.36
CA VAL A 253 14.03 -25.90 70.48
C VAL A 253 15.48 -25.81 70.01
N GLU A 254 16.20 -24.81 70.48
CA GLU A 254 17.56 -24.54 70.05
C GLU A 254 18.41 -24.16 71.25
N GLY A 255 19.71 -23.96 71.00
CA GLY A 255 20.61 -23.49 72.04
C GLY A 255 20.76 -24.51 73.15
N GLU A 256 20.67 -24.03 74.39
CA GLU A 256 20.88 -24.89 75.55
C GLU A 256 19.84 -26.00 75.61
N ALA A 257 18.58 -25.66 75.34
CA ALA A 257 17.49 -26.64 75.46
C ALA A 257 17.69 -27.79 74.47
N LEU A 258 18.02 -27.47 73.21
CA LEU A 258 18.24 -28.52 72.23
C LEU A 258 19.47 -29.35 72.59
N ALA A 259 20.56 -28.69 72.99
CA ALA A 259 21.79 -29.42 73.30
C ALA A 259 21.59 -30.39 74.46
N THR A 260 20.84 -29.95 75.49
CA THR A 260 20.60 -30.81 76.65
C THR A 260 19.87 -32.09 76.24
N LEU A 261 18.88 -31.97 75.34
CA LEU A 261 18.16 -33.14 74.88
C LEU A 261 19.08 -34.09 74.13
N VAL A 262 19.96 -33.56 73.28
CA VAL A 262 20.90 -34.40 72.56
C VAL A 262 21.86 -35.08 73.53
N VAL A 263 22.33 -34.34 74.54
CA VAL A 263 23.25 -34.91 75.52
C VAL A 263 22.61 -36.09 76.23
N ASN A 264 21.36 -35.95 76.64
CA ASN A 264 20.70 -37.02 77.39
C ASN A 264 20.35 -38.20 76.49
N ASN A 265 20.08 -37.94 75.21
CA ASN A 265 19.76 -39.05 74.30
C ASN A 265 20.97 -39.93 74.05
N LEU A 266 22.13 -39.32 73.83
CA LEU A 266 23.33 -40.09 73.52
C LEU A 266 23.74 -40.97 74.69
N ARG A 267 23.69 -40.45 75.90
CA ARG A 267 24.09 -41.19 77.09
C ARG A 267 22.96 -42.05 77.65
N GLY A 268 21.77 -42.01 77.06
CA GLY A 268 20.68 -42.84 77.53
C GLY A 268 20.06 -42.41 78.83
N ILE A 269 20.40 -41.23 79.33
CA ILE A 269 19.84 -40.75 80.60
C ILE A 269 18.33 -40.56 80.47
N LEU A 270 17.90 -39.95 79.37
CA LEU A 270 16.47 -39.65 79.18
C LEU A 270 16.22 -39.56 77.69
N LYS A 271 15.40 -40.47 77.16
CA LYS A 271 15.08 -40.48 75.74
C LYS A 271 13.97 -39.47 75.46
N THR A 272 14.15 -38.68 74.41
CA THR A 272 13.21 -37.62 74.09
C THR A 272 13.34 -37.24 72.62
N CYS A 273 12.34 -36.50 72.15
CA CYS A 273 12.37 -35.95 70.79
C CYS A 273 11.65 -34.62 70.81
N ALA A 274 12.03 -33.74 69.89
CA ALA A 274 11.47 -32.41 69.79
C ALA A 274 11.10 -32.12 68.34
N VAL A 275 9.93 -31.51 68.14
CA VAL A 275 9.44 -31.15 66.82
C VAL A 275 8.92 -29.74 66.85
N LYS A 276 8.89 -29.11 65.68
CA LYS A 276 8.22 -27.82 65.53
C LYS A 276 6.72 -27.97 65.73
N ALA A 277 6.11 -26.96 66.31
CA ALA A 277 4.65 -26.94 66.41
C ALA A 277 4.07 -26.76 65.02
N PRO A 278 3.16 -27.62 64.58
CA PRO A 278 2.67 -27.54 63.20
C PRO A 278 1.85 -26.29 62.95
N GLY A 279 1.89 -25.83 61.71
CA GLY A 279 1.07 -24.72 61.27
C GLY A 279 1.66 -23.38 61.62
N PHE A 280 1.16 -22.35 60.94
CA PHE A 280 1.57 -20.97 61.14
C PHE A 280 0.39 -20.15 61.61
N GLY A 281 0.68 -19.11 62.41
CA GLY A 281 -0.37 -18.23 62.88
C GLY A 281 -1.35 -18.92 63.81
N ASP A 282 -2.61 -18.49 63.74
CA ASP A 282 -3.65 -19.04 64.60
C ASP A 282 -3.91 -20.51 64.31
N ARG A 283 -3.65 -20.97 63.09
CA ARG A 283 -3.82 -22.38 62.79
C ARG A 283 -2.87 -23.24 63.62
N ARG A 284 -1.69 -22.71 63.94
CA ARG A 284 -0.77 -23.42 64.83
C ARG A 284 -1.39 -23.57 66.22
N LYS A 285 -2.04 -22.52 66.73
CA LYS A 285 -2.68 -22.60 68.03
C LYS A 285 -3.83 -23.61 68.01
N ALA A 286 -4.64 -23.59 66.94
CA ALA A 286 -5.81 -24.47 66.89
C ALA A 286 -5.40 -25.93 66.86
N MET A 287 -4.42 -26.28 66.04
CA MET A 287 -3.97 -27.67 65.97
C MET A 287 -3.22 -28.09 67.22
N LEU A 288 -2.50 -27.15 67.85
CA LEU A 288 -1.85 -27.45 69.11
C LEU A 288 -2.87 -27.79 70.19
N GLN A 289 -3.99 -27.05 70.21
CA GLN A 289 -5.06 -27.35 71.16
C GLN A 289 -5.68 -28.71 70.84
N ASP A 290 -5.85 -29.02 69.55
CA ASP A 290 -6.41 -30.31 69.16
C ASP A 290 -5.52 -31.46 69.63
N ILE A 291 -4.20 -31.30 69.50
CA ILE A 291 -3.28 -32.33 69.98
C ILE A 291 -3.41 -32.49 71.49
N ALA A 292 -3.52 -31.37 72.21
CA ALA A 292 -3.67 -31.45 73.67
C ALA A 292 -4.96 -32.16 74.06
N ILE A 293 -6.05 -31.85 73.37
CA ILE A 293 -7.32 -32.52 73.63
C ILE A 293 -7.21 -34.00 73.28
N LEU A 294 -6.60 -34.31 72.14
CA LEU A 294 -6.45 -35.70 71.73
C LEU A 294 -5.57 -36.48 72.71
N THR A 295 -4.45 -35.88 73.12
CA THR A 295 -3.50 -36.55 74.00
C THR A 295 -3.86 -36.42 75.47
N GLY A 296 -4.93 -35.71 75.81
CA GLY A 296 -5.33 -35.58 77.19
C GLY A 296 -4.49 -34.64 78.02
N GLY A 297 -3.77 -33.73 77.37
CA GLY A 297 -2.96 -32.76 78.08
C GLY A 297 -3.44 -31.34 77.86
N THR A 298 -2.69 -30.38 78.39
CA THR A 298 -3.01 -28.96 78.24
C THR A 298 -1.82 -28.26 77.58
N VAL A 299 -2.12 -27.28 76.73
CA VAL A 299 -1.08 -26.49 76.09
C VAL A 299 -0.50 -25.55 77.14
N ILE A 300 0.78 -25.73 77.47
CA ILE A 300 1.44 -24.85 78.42
C ILE A 300 1.73 -23.52 77.73
N SER A 301 1.21 -22.44 78.30
CA SER A 301 1.38 -21.12 77.71
C SER A 301 1.05 -20.06 78.76
N GLU A 302 1.85 -18.99 78.77
CA GLU A 302 1.58 -17.89 79.69
C GLU A 302 0.30 -17.14 79.36
N GLU A 303 -0.22 -17.34 78.14
CA GLU A 303 -1.45 -16.65 77.73
C GLU A 303 -2.69 -17.22 78.42
N VAL A 304 -2.67 -18.49 78.84
CA VAL A 304 -3.79 -19.06 79.57
C VAL A 304 -3.48 -18.95 81.07
N GLY A 305 -2.20 -19.01 81.41
CA GLY A 305 -1.79 -18.87 82.79
C GLY A 305 -0.79 -19.91 83.24
N LEU A 306 -0.63 -20.97 82.44
CA LEU A 306 0.32 -22.03 82.78
C LEU A 306 1.74 -21.60 82.46
N SER A 307 2.69 -22.07 83.25
CA SER A 307 4.09 -21.77 83.07
C SER A 307 4.88 -23.05 82.85
N LEU A 308 5.93 -22.96 82.03
CA LEU A 308 6.75 -24.13 81.76
C LEU A 308 7.45 -24.63 83.01
N GLU A 309 7.90 -23.69 83.86
CA GLU A 309 8.56 -24.08 85.11
C GLU A 309 7.60 -24.78 86.06
N LYS A 310 6.31 -24.44 86.00
CA LYS A 310 5.31 -25.03 86.86
C LYS A 310 4.53 -26.16 86.18
N ALA A 311 4.96 -26.58 85.00
CA ALA A 311 4.28 -27.66 84.29
C ALA A 311 4.49 -28.98 85.03
N THR A 312 3.42 -29.77 85.12
CA THR A 312 3.44 -31.05 85.81
C THR A 312 3.11 -32.17 84.84
N LEU A 313 3.20 -33.41 85.33
CA LEU A 313 2.90 -34.57 84.51
C LEU A 313 1.44 -34.58 84.06
N GLU A 314 0.53 -34.19 84.96
CA GLU A 314 -0.88 -34.17 84.62
C GLU A 314 -1.18 -33.18 83.50
N ASP A 315 -0.41 -32.09 83.41
CA ASP A 315 -0.59 -31.13 82.34
C ASP A 315 -0.04 -31.63 81.01
N LEU A 316 0.79 -32.66 81.02
CA LEU A 316 1.36 -33.19 79.79
C LEU A 316 0.40 -34.18 79.13
N GLY A 317 0.36 -34.14 77.81
CA GLY A 317 -0.41 -35.13 77.07
C GLY A 317 0.27 -36.49 77.08
N GLN A 318 -0.52 -37.51 76.77
CA GLN A 318 -0.02 -38.87 76.77
C GLN A 318 -0.47 -39.60 75.51
N ALA A 319 0.30 -40.62 75.14
CA ALA A 319 -0.05 -41.52 74.05
C ALA A 319 0.65 -42.84 74.30
N LYS A 320 0.14 -43.90 73.67
CA LYS A 320 0.80 -45.20 73.77
C LYS A 320 1.98 -45.35 72.80
N ARG A 321 1.96 -44.66 71.67
CA ARG A 321 3.15 -44.67 70.82
C ARG A 321 3.14 -43.47 69.89
N VAL A 322 4.33 -42.87 69.71
CA VAL A 322 4.55 -41.81 68.73
C VAL A 322 5.85 -42.09 68.00
N GLU A 323 5.94 -41.64 66.76
CA GLU A 323 7.14 -41.80 65.94
C GLU A 323 7.42 -40.52 65.19
N VAL A 324 8.70 -40.16 65.09
CA VAL A 324 9.14 -38.94 64.44
C VAL A 324 10.13 -39.30 63.35
N ALA A 325 9.77 -39.00 62.11
CA ALA A 325 10.60 -39.27 60.95
C ALA A 325 11.41 -38.02 60.60
N LYS A 326 12.07 -38.04 59.45
CA LYS A 326 12.90 -36.92 59.04
C LYS A 326 12.07 -35.66 58.83
N GLU A 327 10.90 -35.79 58.21
CA GLU A 327 10.08 -34.63 57.88
C GLU A 327 8.64 -34.76 58.34
N HIS A 328 8.31 -35.76 59.15
CA HIS A 328 6.94 -35.94 59.61
C HIS A 328 6.96 -36.74 60.90
N THR A 329 5.86 -36.63 61.66
CA THR A 329 5.66 -37.44 62.84
C THR A 329 4.18 -37.76 62.96
N THR A 330 3.90 -38.96 63.47
CA THR A 330 2.52 -39.42 63.64
C THR A 330 2.31 -39.79 65.10
N ILE A 331 1.30 -39.18 65.72
CA ILE A 331 0.80 -39.64 67.01
C ILE A 331 -0.20 -40.73 66.70
N ILE A 332 0.14 -41.97 67.08
CA ILE A 332 -0.66 -43.12 66.66
C ILE A 332 -2.09 -42.98 67.18
N ASP A 333 -2.22 -42.66 68.47
CA ASP A 333 -3.53 -42.46 69.07
C ASP A 333 -3.37 -41.78 70.43
N GLY A 334 -4.13 -40.70 70.64
CA GLY A 334 -4.02 -39.95 71.86
C GLY A 334 -4.69 -40.65 73.04
N ALA A 335 -4.35 -40.19 74.24
CA ALA A 335 -4.88 -40.73 75.48
C ALA A 335 -6.00 -39.88 76.07
N GLY A 336 -6.51 -38.92 75.32
CA GLY A 336 -7.56 -38.06 75.83
C GLY A 336 -8.89 -38.77 75.95
N ASP A 337 -9.80 -38.13 76.67
CA ASP A 337 -11.15 -38.70 76.84
C ASP A 337 -11.90 -38.61 75.52
N PRO A 338 -12.45 -39.73 75.02
CA PRO A 338 -13.15 -39.69 73.73
C PRO A 338 -14.32 -38.73 73.69
N ALA A 339 -15.01 -38.54 74.82
CA ALA A 339 -16.12 -37.59 74.84
C ALA A 339 -15.64 -36.17 74.58
N LYS A 340 -14.50 -35.79 75.15
CA LYS A 340 -13.92 -34.48 74.86
C LYS A 340 -13.50 -34.37 73.41
N ILE A 341 -12.95 -35.46 72.85
CA ILE A 341 -12.53 -35.46 71.45
C ILE A 341 -13.75 -35.26 70.54
N GLN A 342 -14.84 -35.97 70.82
CA GLN A 342 -16.04 -35.80 70.02
C GLN A 342 -16.60 -34.39 70.14
N ALA A 343 -16.56 -33.82 71.34
CA ALA A 343 -17.01 -32.44 71.52
C ALA A 343 -16.14 -31.48 70.72
N ARG A 344 -14.82 -31.70 70.72
CA ARG A 344 -13.93 -30.87 69.92
C ARG A 344 -14.23 -31.02 68.43
N VAL A 345 -14.49 -32.25 67.98
CA VAL A 345 -14.84 -32.48 66.59
C VAL A 345 -16.14 -31.76 66.24
N LYS A 346 -17.11 -31.81 67.16
CA LYS A 346 -18.38 -31.12 66.94
C LYS A 346 -18.18 -29.61 66.79
N GLU A 347 -17.30 -29.04 67.60
CA GLU A 347 -17.05 -27.60 67.51
C GLU A 347 -16.45 -27.22 66.16
N ILE A 348 -15.49 -28.02 65.67
CA ILE A 348 -14.87 -27.70 64.40
C ILE A 348 -15.87 -27.85 63.25
N ARG A 349 -16.69 -28.90 63.30
CA ARG A 349 -17.69 -29.09 62.25
C ARG A 349 -18.73 -27.98 62.25
N VAL A 350 -19.03 -27.41 63.42
CA VAL A 350 -19.88 -26.22 63.47
C VAL A 350 -19.17 -25.05 62.82
N GLN A 351 -17.87 -24.89 63.11
CA GLN A 351 -17.09 -23.82 62.50
C GLN A 351 -16.96 -24.00 60.99
N ILE A 352 -17.04 -25.24 60.51
CA ILE A 352 -16.92 -25.51 59.08
C ILE A 352 -17.99 -24.76 58.30
N GLU A 353 -19.22 -24.72 58.83
CA GLU A 353 -20.29 -24.00 58.16
C GLU A 353 -19.97 -22.52 58.03
N GLU A 354 -19.20 -21.96 58.96
CA GLU A 354 -18.85 -20.55 58.95
C GLU A 354 -17.65 -20.23 58.07
N ALA A 355 -16.96 -21.25 57.57
CA ALA A 355 -15.77 -21.03 56.74
C ALA A 355 -16.12 -20.23 55.49
N THR A 356 -15.26 -19.29 55.13
CA THR A 356 -15.49 -18.41 54.00
C THR A 356 -14.46 -18.56 52.88
N SER A 357 -13.35 -19.26 53.11
CA SER A 357 -12.32 -19.46 52.10
C SER A 357 -12.19 -20.94 51.79
N ASP A 358 -11.83 -21.25 50.54
CA ASP A 358 -11.75 -22.64 50.11
C ASP A 358 -10.71 -23.41 50.91
N TYR A 359 -9.58 -22.76 51.23
CA TYR A 359 -8.57 -23.40 52.07
C TYR A 359 -8.98 -23.41 53.53
N ASP A 360 -10.01 -22.65 53.90
CA ASP A 360 -10.42 -22.60 55.30
C ASP A 360 -11.07 -23.90 55.74
N ARG A 361 -12.17 -24.29 55.10
CA ARG A 361 -12.79 -25.56 55.49
C ARG A 361 -11.98 -26.76 55.06
N GLU A 362 -11.14 -26.61 54.02
CA GLU A 362 -10.27 -27.72 53.61
C GLU A 362 -9.31 -28.09 54.73
N LYS A 363 -8.72 -27.08 55.38
CA LYS A 363 -7.87 -27.33 56.54
C LYS A 363 -8.70 -27.71 57.75
N LEU A 364 -9.91 -27.16 57.87
CA LEU A 364 -10.79 -27.54 58.97
C LEU A 364 -11.17 -29.01 58.87
N GLN A 365 -11.47 -29.48 57.66
CA GLN A 365 -11.76 -30.90 57.47
C GLN A 365 -10.52 -31.75 57.77
N GLU A 366 -9.33 -31.24 57.44
CA GLU A 366 -8.11 -31.94 57.77
C GLU A 366 -7.94 -32.08 59.27
N ARG A 367 -8.27 -31.02 60.03
CA ARG A 367 -8.22 -31.10 61.48
C ARG A 367 -9.19 -32.15 62.00
N VAL A 368 -10.41 -32.17 61.45
CA VAL A 368 -11.39 -33.17 61.88
C VAL A 368 -10.92 -34.56 61.51
N ALA A 369 -10.32 -34.72 60.32
CA ALA A 369 -9.79 -36.02 59.91
C ALA A 369 -8.68 -36.47 60.84
N LYS A 370 -7.80 -35.54 61.25
CA LYS A 370 -6.73 -35.90 62.17
C LYS A 370 -7.28 -36.31 63.53
N LEU A 371 -8.42 -35.75 63.92
CA LEU A 371 -8.97 -36.01 65.26
C LEU A 371 -9.76 -37.31 65.28
N ALA A 372 -10.83 -37.41 64.48
CA ALA A 372 -11.77 -38.51 64.53
C ALA A 372 -11.93 -39.14 63.15
N GLY A 373 -10.81 -39.44 62.51
CA GLY A 373 -10.85 -40.09 61.22
C GLY A 373 -9.48 -40.48 60.71
N GLY A 374 -9.27 -40.34 59.41
CA GLY A 374 -7.98 -40.63 58.81
C GLY A 374 -7.80 -39.80 57.56
N VAL A 375 -6.57 -39.82 57.04
CA VAL A 375 -6.22 -39.11 55.82
C VAL A 375 -5.70 -40.14 54.83
N ALA A 376 -6.35 -40.24 53.68
CA ALA A 376 -5.94 -41.14 52.62
C ALA A 376 -5.35 -40.34 51.47
N VAL A 377 -4.26 -40.85 50.90
CA VAL A 377 -3.61 -40.24 49.76
C VAL A 377 -3.61 -41.26 48.63
N ILE A 378 -4.22 -40.88 47.51
CA ILE A 378 -4.23 -41.71 46.31
C ILE A 378 -3.14 -41.18 45.39
N LYS A 379 -2.09 -41.97 45.20
CA LYS A 379 -0.99 -41.59 44.32
C LYS A 379 -1.26 -42.17 42.93
N VAL A 380 -1.55 -41.29 41.98
CA VAL A 380 -1.89 -41.71 40.63
C VAL A 380 -0.65 -42.19 39.91
N GLY A 381 -0.72 -43.38 39.33
CA GLY A 381 0.39 -43.95 38.59
C GLY A 381 0.22 -43.74 37.10
N ALA A 382 1.24 -43.16 36.48
CA ALA A 382 1.24 -42.96 35.04
C ALA A 382 2.68 -42.86 34.55
N ALA A 383 2.90 -43.29 33.32
CA ALA A 383 4.24 -43.25 32.75
C ALA A 383 4.65 -41.83 32.37
N THR A 384 3.70 -40.97 32.08
CA THR A 384 3.98 -39.64 31.54
C THR A 384 3.12 -38.60 32.26
N GLU A 385 3.68 -37.39 32.38
CA GLU A 385 2.98 -36.33 33.10
C GLU A 385 1.68 -35.94 32.42
N VAL A 386 1.62 -36.00 31.09
CA VAL A 386 0.36 -35.67 30.42
C VAL A 386 -0.70 -36.72 30.72
N GLU A 387 -0.29 -37.98 30.84
CA GLU A 387 -1.21 -39.03 31.27
C GLU A 387 -1.50 -38.92 32.77
N MET A 388 -0.50 -38.48 33.55
CA MET A 388 -0.72 -38.26 34.98
C MET A 388 -1.75 -37.18 35.22
N LYS A 389 -1.67 -36.07 34.47
CA LYS A 389 -2.64 -35.00 34.63
C LYS A 389 -4.03 -35.44 34.21
N GLU A 390 -4.12 -36.21 33.12
CA GLU A 390 -5.42 -36.72 32.68
C GLU A 390 -6.00 -37.68 33.70
N LYS A 391 -5.18 -38.58 34.23
CA LYS A 391 -5.68 -39.54 35.22
C LYS A 391 -6.06 -38.84 36.52
N LYS A 392 -5.28 -37.85 36.95
CA LYS A 392 -5.60 -37.13 38.17
C LYS A 392 -6.94 -36.43 38.07
N ALA A 393 -7.22 -35.83 36.92
CA ALA A 393 -8.52 -35.18 36.72
C ALA A 393 -9.65 -36.21 36.80
N ARG A 394 -9.44 -37.40 36.25
CA ARG A 394 -10.44 -38.44 36.35
C ARG A 394 -10.60 -38.93 37.79
N VAL A 395 -9.50 -39.06 38.52
CA VAL A 395 -9.59 -39.48 39.92
C VAL A 395 -10.29 -38.42 40.76
N GLU A 396 -9.96 -37.14 40.53
CA GLU A 396 -10.63 -36.07 41.26
C GLU A 396 -12.11 -36.02 40.94
N ASP A 397 -12.48 -36.24 39.68
CA ASP A 397 -13.89 -36.31 39.31
C ASP A 397 -14.59 -37.47 40.00
N ALA A 398 -13.92 -38.62 40.07
CA ALA A 398 -14.53 -39.76 40.75
C ALA A 398 -14.63 -39.54 42.24
N LEU A 399 -13.65 -38.84 42.83
CA LEU A 399 -13.74 -38.50 44.25
C LEU A 399 -14.90 -37.56 44.52
N HIS A 400 -15.08 -36.56 43.65
CA HIS A 400 -16.19 -35.62 43.83
C HIS A 400 -17.53 -36.32 43.68
N ALA A 401 -17.64 -37.22 42.70
CA ALA A 401 -18.90 -37.93 42.49
C ALA A 401 -19.22 -38.86 43.65
N THR A 402 -18.21 -39.56 44.17
CA THR A 402 -18.46 -40.45 45.31
C THR A 402 -18.88 -39.67 46.54
N ARG A 403 -18.26 -38.50 46.76
CA ARG A 403 -18.70 -37.64 47.85
C ARG A 403 -20.14 -37.18 47.64
N ALA A 404 -20.49 -36.80 46.41
CA ALA A 404 -21.85 -36.38 46.13
C ALA A 404 -22.82 -37.55 46.25
N ALA A 405 -22.34 -38.76 45.99
CA ALA A 405 -23.21 -39.93 46.09
C ALA A 405 -23.64 -40.21 47.53
N VAL A 406 -22.71 -40.05 48.49
CA VAL A 406 -23.06 -40.32 49.88
C VAL A 406 -23.86 -39.18 50.49
N GLU A 407 -23.84 -38.00 49.88
CA GLU A 407 -24.58 -36.87 50.44
C GLU A 407 -26.06 -36.93 50.08
N GLU A 408 -26.37 -37.09 48.80
CA GLU A 408 -27.74 -37.01 48.33
C GLU A 408 -28.29 -38.30 47.74
N GLY A 409 -27.44 -39.25 47.39
CA GLY A 409 -27.90 -40.51 46.85
C GLY A 409 -27.44 -40.70 45.41
N ILE A 410 -27.97 -41.76 44.79
CA ILE A 410 -27.61 -42.11 43.43
C ILE A 410 -28.88 -42.27 42.59
N VAL A 411 -28.74 -41.99 41.30
CA VAL A 411 -29.82 -42.16 40.33
C VAL A 411 -29.27 -42.91 39.13
N PRO A 412 -30.15 -43.54 38.34
CA PRO A 412 -29.68 -44.18 37.10
C PRO A 412 -28.98 -43.17 36.20
N GLY A 413 -27.89 -43.61 35.60
CA GLY A 413 -27.06 -42.75 34.79
C GLY A 413 -27.52 -42.66 33.34
N GLY A 414 -26.62 -42.17 32.50
CA GLY A 414 -26.90 -42.09 31.07
C GLY A 414 -28.08 -41.22 30.71
N GLY A 415 -28.33 -40.16 31.48
CA GLY A 415 -29.46 -39.29 31.22
C GLY A 415 -30.81 -39.90 31.51
N VAL A 416 -30.86 -41.11 32.06
CA VAL A 416 -32.14 -41.75 32.36
C VAL A 416 -32.84 -41.03 33.51
N ALA A 417 -32.07 -40.57 34.49
CA ALA A 417 -32.68 -39.94 35.67
C ALA A 417 -33.49 -38.71 35.28
N LEU A 418 -32.97 -37.88 34.38
CA LEU A 418 -33.71 -36.71 33.93
C LEU A 418 -34.96 -37.11 33.17
N LEU A 419 -34.88 -38.16 32.36
CA LEU A 419 -36.04 -38.63 31.63
C LEU A 419 -37.10 -39.19 32.57
N ARG A 420 -36.68 -39.97 33.56
CA ARG A 420 -37.64 -40.50 34.54
C ARG A 420 -38.25 -39.38 35.37
N ALA A 421 -37.45 -38.41 35.78
CA ALA A 421 -37.96 -37.28 36.54
C ALA A 421 -38.93 -36.46 35.71
N ARG A 422 -38.63 -36.30 34.42
CA ARG A 422 -39.54 -35.56 33.54
C ARG A 422 -40.89 -36.26 33.42
N GLU A 423 -40.87 -37.58 33.25
CA GLU A 423 -42.13 -38.31 33.13
C GLU A 423 -42.95 -38.21 34.40
N ALA A 424 -42.30 -38.32 35.56
CA ALA A 424 -43.02 -38.19 36.83
C ALA A 424 -43.58 -36.78 37.01
N ALA A 425 -42.80 -35.76 36.65
CA ALA A 425 -43.27 -34.39 36.80
C ALA A 425 -44.46 -34.11 35.90
N VAL A 426 -44.42 -34.59 34.65
CA VAL A 426 -45.55 -34.39 33.75
C VAL A 426 -46.77 -35.13 34.26
N ALA A 427 -46.59 -36.37 34.73
CA ALA A 427 -47.71 -37.15 35.24
C ALA A 427 -48.31 -36.53 36.51
N LYS A 428 -47.55 -35.69 37.21
CA LYS A 428 -48.04 -35.04 38.43
C LYS A 428 -48.83 -33.77 38.13
N GLY A 429 -48.88 -33.33 36.88
CA GLY A 429 -49.65 -32.16 36.54
C GLY A 429 -48.84 -30.87 36.52
N LEU A 430 -47.72 -30.88 35.79
CA LEU A 430 -46.89 -29.70 35.66
C LEU A 430 -47.47 -28.78 34.59
N LYS A 431 -47.84 -27.56 34.98
CA LYS A 431 -48.47 -26.63 34.05
C LYS A 431 -48.10 -25.20 34.45
N GLY A 432 -48.23 -24.30 33.48
CA GLY A 432 -47.92 -22.90 33.67
C GLY A 432 -49.17 -22.05 33.74
N ASP A 433 -48.96 -20.77 34.08
CA ASP A 433 -50.07 -19.84 34.23
C ASP A 433 -50.61 -19.39 32.88
N ASN A 434 -49.74 -19.18 31.90
CA ASN A 434 -50.10 -18.69 30.59
C ASN A 434 -49.41 -19.54 29.54
N PRO A 435 -49.89 -19.51 28.29
CA PRO A 435 -49.27 -20.35 27.25
C PRO A 435 -47.79 -20.09 27.04
N ASP A 436 -47.32 -18.87 27.30
CA ASP A 436 -45.88 -18.62 27.23
C ASP A 436 -45.14 -19.38 28.32
N GLN A 437 -45.71 -19.47 29.51
CA GLN A 437 -45.10 -20.28 30.55
C GLN A 437 -45.19 -21.76 30.22
N GLU A 438 -46.26 -22.19 29.55
CA GLU A 438 -46.36 -23.57 29.10
C GLU A 438 -45.26 -23.90 28.10
N ALA A 439 -44.94 -22.96 27.21
CA ALA A 439 -43.84 -23.17 26.28
C ALA A 439 -42.51 -23.25 27.02
N GLY A 440 -42.35 -22.46 28.08
CA GLY A 440 -41.15 -22.55 28.89
C GLY A 440 -41.00 -23.91 29.53
N ILE A 441 -42.11 -24.52 29.95
CA ILE A 441 -42.08 -25.88 30.46
C ILE A 441 -41.66 -26.85 29.36
N LYS A 442 -42.22 -26.68 28.17
CA LYS A 442 -41.89 -27.56 27.05
C LYS A 442 -40.43 -27.45 26.66
N ILE A 443 -39.81 -26.30 26.95
CA ILE A 443 -38.37 -26.15 26.68
C ILE A 443 -37.58 -27.11 27.57
N VAL A 444 -37.91 -27.16 28.85
CA VAL A 444 -37.18 -28.01 29.79
C VAL A 444 -37.45 -29.48 29.49
N LEU A 445 -38.68 -29.82 29.11
CA LEU A 445 -39.01 -31.20 28.84
C LEU A 445 -38.20 -31.75 27.67
N ARG A 446 -38.01 -30.94 26.63
CA ARG A 446 -37.18 -31.38 25.51
C ARG A 446 -35.70 -31.32 25.88
N ALA A 447 -35.30 -30.35 26.70
CA ALA A 447 -33.89 -30.16 26.99
C ALA A 447 -33.31 -31.30 27.83
N VAL A 448 -34.11 -31.89 28.73
CA VAL A 448 -33.58 -32.95 29.58
C VAL A 448 -33.25 -34.22 28.80
N GLU A 449 -33.76 -34.34 27.57
CA GLU A 449 -33.37 -35.45 26.72
C GLU A 449 -31.98 -35.28 26.13
N GLN A 450 -31.46 -34.06 26.12
CA GLN A 450 -30.18 -33.81 25.46
C GLN A 450 -29.01 -34.58 26.05
N PRO A 451 -28.83 -34.69 27.37
CA PRO A 451 -27.69 -35.48 27.85
C PRO A 451 -27.66 -36.91 27.33
N LEU A 452 -28.83 -37.56 27.23
CA LEU A 452 -28.85 -38.90 26.65
C LEU A 452 -28.58 -38.85 25.15
N ARG A 453 -29.11 -37.83 24.47
CA ARG A 453 -28.92 -37.73 23.03
C ARG A 453 -27.45 -37.54 22.68
N GLU A 454 -26.73 -36.71 23.45
CA GLU A 454 -25.33 -36.46 23.15
C GLU A 454 -24.44 -37.63 23.56
N ILE A 455 -24.82 -38.36 24.60
CA ILE A 455 -24.10 -39.58 24.94
C ILE A 455 -24.24 -40.60 23.83
N VAL A 456 -25.45 -40.76 23.30
CA VAL A 456 -25.69 -41.69 22.21
C VAL A 456 -25.03 -41.21 20.93
N ALA A 457 -25.08 -39.89 20.67
CA ALA A 457 -24.46 -39.35 19.48
C ALA A 457 -22.95 -39.58 19.48
N ASN A 458 -22.31 -39.40 20.63
CA ASN A 458 -20.89 -39.72 20.74
C ASN A 458 -20.63 -41.20 20.54
N ALA A 459 -21.55 -42.05 21.01
CA ALA A 459 -21.43 -43.49 20.80
C ALA A 459 -21.65 -43.90 19.34
N GLY A 460 -22.14 -43.00 18.50
CA GLY A 460 -22.34 -43.28 17.10
C GLY A 460 -23.69 -43.84 16.72
N GLU A 461 -24.61 -43.95 17.67
CA GLU A 461 -25.94 -44.49 17.37
C GLU A 461 -26.89 -43.34 17.04
N GLU A 462 -28.17 -43.66 16.87
CA GLU A 462 -29.17 -42.65 16.52
C GLU A 462 -29.82 -42.15 17.80
N PRO A 463 -29.62 -40.88 18.20
CA PRO A 463 -30.16 -40.42 19.49
C PRO A 463 -31.67 -40.51 19.59
N SER A 464 -32.39 -40.24 18.51
CA SER A 464 -33.85 -40.19 18.58
C SER A 464 -34.44 -41.58 18.80
N VAL A 465 -33.85 -42.60 18.18
CA VAL A 465 -34.36 -43.96 18.36
C VAL A 465 -34.09 -44.44 19.79
N ILE A 466 -32.88 -44.18 20.30
CA ILE A 466 -32.53 -44.63 21.65
C ILE A 466 -33.39 -43.92 22.69
N VAL A 467 -33.60 -42.62 22.51
CA VAL A 467 -34.39 -41.87 23.48
C VAL A 467 -35.83 -42.39 23.52
N ALA A 468 -36.40 -42.69 22.35
CA ALA A 468 -37.75 -43.23 22.31
C ALA A 468 -37.83 -44.57 23.01
N LYS A 469 -36.84 -45.44 22.82
CA LYS A 469 -36.83 -46.74 23.48
C LYS A 469 -36.69 -46.59 24.99
N VAL A 470 -35.85 -45.66 25.44
CA VAL A 470 -35.68 -45.44 26.87
C VAL A 470 -36.96 -44.92 27.48
N LEU A 471 -37.63 -43.99 26.79
CA LEU A 471 -38.89 -43.46 27.30
C LEU A 471 -39.98 -44.52 27.36
N GLU A 472 -39.92 -45.51 26.46
CA GLU A 472 -40.88 -46.62 26.53
C GLU A 472 -40.68 -47.44 27.79
N GLY A 473 -39.45 -47.54 28.27
CA GLY A 473 -39.17 -48.28 29.48
C GLY A 473 -39.57 -47.52 30.73
N LYS A 474 -39.47 -48.20 31.86
CA LYS A 474 -39.84 -47.64 33.15
C LYS A 474 -38.75 -47.96 34.17
N GLY A 475 -38.67 -47.11 35.20
CA GLY A 475 -37.73 -47.36 36.28
C GLY A 475 -36.31 -47.09 35.86
N ASN A 476 -35.41 -48.01 36.21
CA ASN A 476 -34.00 -47.88 35.93
C ASN A 476 -33.61 -48.36 34.54
N TYR A 477 -34.60 -48.71 33.71
CA TYR A 477 -34.32 -49.13 32.35
C TYR A 477 -33.64 -48.00 31.58
N GLY A 478 -32.56 -48.34 30.88
CA GLY A 478 -31.83 -47.34 30.14
C GLY A 478 -30.93 -47.97 29.11
N TYR A 479 -30.09 -47.15 28.52
CA TYR A 479 -29.20 -47.56 27.43
C TYR A 479 -27.75 -47.47 27.91
N ASN A 480 -27.03 -48.58 27.82
CA ASN A 480 -25.61 -48.59 28.16
C ASN A 480 -24.82 -48.24 26.90
N ALA A 481 -24.27 -47.02 26.87
CA ALA A 481 -23.55 -46.59 25.68
C ALA A 481 -22.21 -47.30 25.53
N ALA A 482 -21.63 -47.79 26.63
CA ALA A 482 -20.37 -48.52 26.54
C ALA A 482 -20.55 -49.82 25.78
N THR A 483 -21.62 -50.56 26.05
CA THR A 483 -21.87 -51.84 25.41
C THR A 483 -22.92 -51.77 24.31
N GLY A 484 -23.63 -50.65 24.18
CA GLY A 484 -24.67 -50.55 23.18
C GLY A 484 -25.85 -51.47 23.43
N GLU A 485 -26.21 -51.67 24.69
CA GLU A 485 -27.29 -52.57 25.06
C GLU A 485 -28.23 -51.86 26.03
N PHE A 486 -29.50 -52.25 25.96
CA PHE A 486 -30.50 -51.75 26.89
C PHE A 486 -30.61 -52.68 28.09
N GLY A 487 -31.01 -52.11 29.22
CA GLY A 487 -31.19 -52.90 30.42
C GLY A 487 -31.27 -52.02 31.64
N ASP A 488 -31.37 -52.67 32.80
CA ASP A 488 -31.40 -51.96 34.08
C ASP A 488 -30.04 -51.34 34.34
N MET A 489 -29.99 -50.02 34.43
CA MET A 489 -28.70 -49.34 34.56
C MET A 489 -28.11 -49.46 35.95
N ILE A 490 -28.95 -49.67 36.97
CA ILE A 490 -28.42 -49.92 38.30
C ILE A 490 -27.71 -51.27 38.34
N GLU A 491 -28.30 -52.29 37.72
CA GLU A 491 -27.63 -53.59 37.64
C GLU A 491 -26.38 -53.52 36.78
N MET A 492 -26.43 -52.77 35.67
CA MET A 492 -25.28 -52.62 34.79
C MET A 492 -24.21 -51.71 35.37
N GLY A 493 -24.48 -51.06 36.49
CA GLY A 493 -23.49 -50.23 37.15
C GLY A 493 -23.40 -48.81 36.66
N VAL A 494 -24.27 -48.39 35.75
CA VAL A 494 -24.27 -47.01 35.28
C VAL A 494 -25.03 -46.15 36.28
N LEU A 495 -24.31 -45.59 37.24
CA LEU A 495 -24.88 -44.85 38.35
C LEU A 495 -24.43 -43.40 38.29
N ASP A 496 -25.33 -42.49 38.67
CA ASP A 496 -25.00 -41.08 38.74
C ASP A 496 -25.40 -40.53 40.09
N PRO A 497 -24.62 -39.61 40.64
CA PRO A 497 -25.04 -38.92 41.87
C PRO A 497 -26.19 -37.97 41.57
N THR A 498 -27.26 -38.06 42.36
CA THR A 498 -28.41 -37.21 42.12
C THR A 498 -28.07 -35.74 42.38
N LYS A 499 -27.11 -35.48 43.26
CA LYS A 499 -26.66 -34.10 43.46
C LYS A 499 -26.04 -33.53 42.20
N VAL A 500 -25.24 -34.35 41.50
CA VAL A 500 -24.63 -33.89 40.25
C VAL A 500 -25.70 -33.63 39.20
N THR A 501 -26.66 -34.54 39.08
CA THR A 501 -27.74 -34.36 38.11
C THR A 501 -28.59 -33.14 38.45
N ARG A 502 -28.94 -32.98 39.73
CA ARG A 502 -29.75 -31.84 40.14
C ARG A 502 -29.00 -30.53 39.95
N SER A 503 -27.72 -30.49 40.32
CA SER A 503 -26.95 -29.26 40.18
C SER A 503 -26.77 -28.88 38.72
N ALA A 504 -26.55 -29.87 37.84
CA ALA A 504 -26.36 -29.57 36.43
C ALA A 504 -27.61 -28.95 35.83
N LEU A 505 -28.79 -29.47 36.18
CA LEU A 505 -30.03 -28.95 35.64
C LEU A 505 -30.33 -27.55 36.18
N GLN A 506 -30.15 -27.35 37.48
CA GLN A 506 -30.46 -26.06 38.07
C GLN A 506 -29.53 -24.97 37.58
N ASN A 507 -28.23 -25.28 37.47
CA ASN A 507 -27.29 -24.28 36.96
C ASN A 507 -27.53 -23.97 35.49
N ALA A 508 -27.83 -24.99 34.69
CA ALA A 508 -28.10 -24.76 33.27
C ALA A 508 -29.35 -23.93 33.07
N ALA A 509 -30.40 -24.21 33.85
CA ALA A 509 -31.65 -23.49 33.68
C ALA A 509 -31.51 -22.03 34.06
N SER A 510 -30.79 -21.73 35.15
CA SER A 510 -30.69 -20.36 35.63
C SER A 510 -30.00 -19.46 34.60
N VAL A 511 -28.94 -19.95 33.96
CA VAL A 511 -28.20 -19.12 33.02
C VAL A 511 -28.89 -19.12 31.66
N ALA A 512 -29.27 -20.30 31.15
CA ALA A 512 -29.91 -20.36 29.84
C ALA A 512 -31.27 -19.67 29.85
N GLY A 513 -31.99 -19.69 30.98
CA GLY A 513 -33.23 -18.95 31.07
C GLY A 513 -33.02 -17.46 30.93
N LEU A 514 -31.95 -16.94 31.54
CA LEU A 514 -31.65 -15.51 31.39
C LEU A 514 -31.26 -15.17 29.96
N MET A 515 -30.55 -16.08 29.29
CA MET A 515 -30.08 -15.79 27.93
C MET A 515 -31.23 -15.71 26.95
N LEU A 516 -32.36 -16.36 27.25
CA LEU A 516 -33.53 -16.25 26.38
C LEU A 516 -34.14 -14.86 26.44
N THR A 517 -34.00 -14.18 27.57
CA THR A 517 -34.57 -12.85 27.78
C THR A 517 -33.70 -11.74 27.22
N THR A 518 -32.72 -12.06 26.38
CA THR A 518 -31.80 -11.08 25.84
C THR A 518 -32.41 -10.38 24.64
N GLU A 519 -32.43 -9.05 24.69
CA GLU A 519 -32.88 -8.23 23.58
C GLU A 519 -31.79 -7.32 23.04
N CYS A 520 -30.88 -6.85 23.88
CA CYS A 520 -29.83 -5.94 23.48
C CYS A 520 -28.51 -6.42 24.07
N MET A 521 -27.44 -6.31 23.30
CA MET A 521 -26.11 -6.71 23.74
C MET A 521 -25.15 -5.56 23.50
N ILE A 522 -24.39 -5.21 24.54
CA ILE A 522 -23.45 -4.10 24.49
C ILE A 522 -22.05 -4.65 24.75
N ALA A 523 -21.14 -4.39 23.81
CA ALA A 523 -19.76 -4.84 23.93
C ALA A 523 -18.84 -3.76 23.36
N GLU A 524 -17.57 -3.81 23.75
CA GLU A 524 -16.60 -2.86 23.24
C GLU A 524 -16.42 -3.05 21.74
N ALA A 525 -16.35 -1.95 21.01
CA ALA A 525 -16.19 -2.02 19.56
C ALA A 525 -14.77 -2.49 19.22
N PRO A 526 -14.61 -3.12 18.06
CA PRO A 526 -13.27 -3.55 17.64
C PRO A 526 -12.33 -2.36 17.47
N LYS A 527 -11.05 -2.60 17.76
CA LYS A 527 -10.05 -1.55 17.71
C LYS A 527 -9.68 -1.12 16.30
N ASP A 528 -10.15 -1.85 15.28
CA ASP A 528 -9.86 -1.56 13.88
C ASP A 528 -8.35 -1.61 13.59
N LYS B 1 51.97 -20.34 96.94
CA LYS B 1 51.99 -20.07 95.51
C LYS B 1 51.63 -18.61 95.24
N LEU B 2 50.40 -18.24 95.55
CA LEU B 2 49.91 -16.88 95.36
C LEU B 2 49.59 -16.27 96.72
N ARG B 3 50.15 -15.10 96.99
CA ARG B 3 49.93 -14.41 98.25
C ARG B 3 49.16 -13.12 98.02
N PRO B 4 47.88 -13.07 98.34
CA PRO B 4 47.12 -11.82 98.16
C PRO B 4 47.54 -10.77 99.15
N LEU B 5 47.22 -9.51 98.82
CA LEU B 5 47.62 -8.35 99.61
C LEU B 5 46.39 -7.68 100.20
N HIS B 6 46.47 -7.36 101.49
CA HIS B 6 45.44 -6.60 102.21
C HIS B 6 44.15 -7.39 102.18
N ASP B 7 43.06 -6.86 101.62
CA ASP B 7 41.76 -7.52 101.64
C ASP B 7 41.56 -8.49 100.49
N ARG B 8 42.55 -8.66 99.63
CA ARG B 8 42.41 -9.55 98.49
C ARG B 8 42.25 -10.99 98.93
N VAL B 9 41.35 -11.71 98.27
CA VAL B 9 41.12 -13.13 98.50
C VAL B 9 41.15 -13.85 97.16
N VAL B 10 41.91 -14.93 97.10
CA VAL B 10 42.03 -15.75 95.90
C VAL B 10 41.08 -16.93 96.02
N VAL B 11 40.21 -17.10 95.03
CA VAL B 11 39.22 -18.18 95.03
C VAL B 11 39.33 -18.95 93.72
N LYS B 12 39.06 -20.25 93.80
CA LYS B 12 38.94 -21.10 92.62
C LYS B 12 37.46 -21.34 92.39
N ARG B 13 36.91 -20.75 91.33
CA ARG B 13 35.49 -20.86 91.05
C ARG B 13 35.15 -22.31 90.70
N ILE B 14 34.19 -22.89 91.43
CA ILE B 14 33.89 -24.30 91.27
C ILE B 14 33.23 -24.57 89.93
N GLU B 15 33.38 -25.79 89.45
CA GLU B 15 32.82 -26.20 88.17
C GLU B 15 31.29 -26.19 88.20
N ALA B 16 30.71 -25.83 87.06
CA ALA B 16 29.26 -25.78 86.94
C ALA B 16 28.68 -27.18 86.90
N GLU B 17 27.64 -27.41 87.70
CA GLU B 17 27.14 -28.75 87.97
C GLU B 17 26.72 -29.46 86.68
N ARG B 18 26.97 -30.77 86.64
CA ARG B 18 26.73 -31.60 85.48
C ARG B 18 25.51 -32.50 85.63
N LYS B 19 25.42 -33.30 86.70
CA LYS B 19 24.27 -34.14 86.96
C LYS B 19 23.29 -33.43 87.89
N THR B 20 22.03 -33.86 87.85
CA THR B 20 21.00 -33.31 88.71
C THR B 20 20.50 -34.37 89.68
N ALA B 21 19.45 -34.06 90.42
CA ALA B 21 18.86 -35.05 91.32
C ALA B 21 18.33 -36.26 90.55
N SER B 22 17.70 -36.02 89.40
CA SER B 22 17.21 -37.09 88.54
C SER B 22 18.30 -37.63 87.62
N GLY B 23 19.47 -37.01 87.57
CA GLY B 23 20.57 -37.51 86.77
C GLY B 23 20.70 -36.89 85.39
N ILE B 24 19.92 -35.86 85.07
CA ILE B 24 20.01 -35.25 83.75
C ILE B 24 21.37 -34.59 83.57
N VAL B 25 22.00 -34.86 82.43
CA VAL B 25 23.32 -34.33 82.13
C VAL B 25 23.17 -33.04 81.34
N ILE B 26 23.79 -31.97 81.82
CA ILE B 26 23.74 -30.66 81.18
C ILE B 26 25.06 -30.43 80.46
N PRO B 27 25.05 -30.01 79.19
CA PRO B 27 26.31 -29.70 78.52
C PRO B 27 27.00 -28.51 79.16
N ASP B 28 28.34 -28.50 79.07
CA ASP B 28 29.12 -27.45 79.71
C ASP B 28 28.78 -26.08 79.17
N THR B 29 28.36 -26.00 77.90
CA THR B 29 27.91 -24.72 77.35
C THR B 29 26.66 -24.22 78.06
N ALA B 30 25.71 -25.12 78.32
CA ALA B 30 24.46 -24.72 78.98
C ALA B 30 24.65 -24.47 80.47
N GLY B 31 25.62 -25.13 81.08
CA GLY B 31 25.83 -25.00 82.51
C GLY B 31 26.23 -23.60 82.94
N GLU B 32 25.32 -22.92 83.65
CA GLU B 32 25.62 -21.58 84.13
C GLU B 32 26.72 -21.61 85.17
N LYS B 33 27.62 -20.65 85.09
CA LYS B 33 28.78 -20.61 85.98
C LYS B 33 28.33 -20.20 87.38
N PRO B 34 28.51 -21.04 88.39
CA PRO B 34 28.08 -20.66 89.75
C PRO B 34 28.93 -19.55 90.32
N ASP B 35 28.34 -18.83 91.29
CA ASP B 35 29.00 -17.72 91.97
C ASP B 35 29.72 -18.17 93.24
N GLN B 36 30.11 -19.44 93.31
CA GLN B 36 30.73 -19.99 94.51
C GLN B 36 32.12 -20.52 94.18
N GLY B 37 32.92 -20.70 95.23
CA GLY B 37 34.26 -21.23 95.08
C GLY B 37 34.89 -21.38 96.44
N GLU B 38 35.94 -22.20 96.46
CA GLU B 38 36.71 -22.41 97.69
C GLU B 38 37.89 -21.45 97.75
N VAL B 39 38.27 -21.09 98.96
CA VAL B 39 39.35 -20.14 99.19
C VAL B 39 40.63 -20.91 99.46
N LEU B 40 41.68 -20.58 98.71
CA LEU B 40 42.99 -21.18 98.89
C LEU B 40 44.04 -20.19 99.36
N ALA B 41 43.78 -18.89 99.28
CA ALA B 41 44.71 -17.88 99.73
C ALA B 41 43.93 -16.68 100.24
N VAL B 42 44.28 -16.20 101.43
CA VAL B 42 43.60 -15.07 102.05
C VAL B 42 44.64 -14.04 102.46
N GLY B 43 44.25 -12.77 102.39
CA GLY B 43 45.15 -11.70 102.76
C GLY B 43 45.22 -11.48 104.26
N ASP B 44 46.20 -10.68 104.67
CA ASP B 44 46.34 -10.35 106.09
C ASP B 44 45.15 -9.55 106.59
N GLY B 45 44.63 -8.64 105.80
CA GLY B 45 43.48 -7.84 106.15
C GLY B 45 43.66 -6.41 105.72
N LYS B 46 42.53 -5.76 105.41
CA LYS B 46 42.57 -4.36 105.00
C LYS B 46 43.02 -3.48 106.15
N ILE B 47 43.96 -2.58 105.87
CA ILE B 47 44.37 -1.60 106.87
C ILE B 47 43.23 -0.60 107.05
N LEU B 48 42.95 -0.23 108.30
CA LEU B 48 41.99 0.82 108.56
C LEU B 48 42.72 2.10 109.01
N ASP B 49 41.93 3.16 109.19
CA ASP B 49 42.49 4.50 109.24
C ASP B 49 43.45 4.69 110.42
N ASP B 50 43.26 3.95 111.51
CA ASP B 50 44.08 4.11 112.70
C ASP B 50 45.23 3.10 112.77
N GLY B 51 45.50 2.39 111.69
CA GLY B 51 46.55 1.40 111.67
C GLY B 51 46.02 0.00 111.95
N SER B 52 46.97 -0.92 112.16
CA SER B 52 46.67 -2.32 112.41
C SER B 52 45.90 -2.95 111.24
N LYS B 53 45.29 -4.11 111.47
CA LYS B 53 44.64 -4.87 110.42
C LYS B 53 43.21 -5.20 110.82
N ARG B 54 42.34 -5.27 109.83
CA ARG B 54 40.97 -5.75 110.05
C ARG B 54 40.96 -7.28 110.06
N PRO B 55 40.39 -7.90 111.09
CA PRO B 55 40.32 -9.37 111.11
C PRO B 55 39.56 -9.89 109.92
N MET B 56 40.05 -11.00 109.36
CA MET B 56 39.46 -11.56 108.15
C MET B 56 38.29 -12.46 108.49
N ALA B 57 37.19 -12.29 107.75
CA ALA B 57 36.01 -13.11 107.97
C ALA B 57 36.03 -14.43 107.21
N VAL B 58 37.05 -14.65 106.38
CA VAL B 58 37.18 -15.88 105.62
C VAL B 58 38.56 -16.46 105.86
N LYS B 59 38.62 -17.75 106.15
CA LYS B 59 39.87 -18.47 106.34
C LYS B 59 40.06 -19.46 105.20
N VAL B 60 41.32 -19.83 104.95
CA VAL B 60 41.63 -20.69 103.82
C VAL B 60 41.00 -22.06 104.04
N GLY B 61 40.06 -22.42 103.17
CA GLY B 61 39.41 -23.72 103.18
C GLY B 61 37.93 -23.71 102.98
N ASP B 62 37.23 -22.64 103.39
CA ASP B 62 35.78 -22.63 103.32
C ASP B 62 35.31 -22.40 101.89
N LYS B 63 34.02 -22.66 101.68
CA LYS B 63 33.34 -22.34 100.42
C LYS B 63 32.65 -20.99 100.57
N VAL B 64 32.92 -20.08 99.63
CA VAL B 64 32.42 -18.72 99.71
C VAL B 64 31.57 -18.42 98.48
N LEU B 65 30.60 -17.53 98.66
CA LEU B 65 29.74 -17.06 97.59
C LEU B 65 30.08 -15.61 97.30
N PHE B 66 30.42 -15.31 96.06
CA PHE B 66 30.91 -14.00 95.67
C PHE B 66 30.12 -13.47 94.47
N GLY B 67 30.36 -12.20 94.15
CA GLY B 67 29.65 -11.58 93.06
C GLY B 67 30.12 -12.06 91.70
N LYS B 68 29.18 -12.12 90.76
CA LYS B 68 29.50 -12.56 89.40
C LYS B 68 30.18 -11.46 88.59
N TYR B 69 29.95 -10.20 88.93
CA TYR B 69 30.69 -9.09 88.34
C TYR B 69 32.01 -8.81 89.02
N ALA B 70 32.28 -9.41 90.17
CA ALA B 70 33.48 -9.10 90.93
C ALA B 70 34.59 -10.10 90.64
N GLY B 71 35.82 -9.67 90.86
CA GLY B 71 36.98 -10.52 90.73
C GLY B 71 37.70 -10.37 89.41
N GLN B 72 38.94 -10.83 89.38
CA GLN B 72 39.77 -10.83 88.19
C GLN B 72 40.45 -12.18 88.08
N THR B 73 40.46 -12.74 86.88
CA THR B 73 41.00 -14.07 86.65
C THR B 73 42.50 -14.01 86.38
N VAL B 74 43.28 -14.80 87.12
CA VAL B 74 44.72 -14.87 86.96
C VAL B 74 45.06 -16.15 86.22
N LYS B 75 45.94 -16.05 85.23
CA LYS B 75 46.27 -17.15 84.34
C LYS B 75 47.39 -18.03 84.87
N VAL B 76 47.76 -17.88 86.14
CA VAL B 76 48.92 -18.59 86.68
C VAL B 76 48.66 -20.09 86.72
N GLU B 77 49.61 -20.86 86.20
CA GLU B 77 49.50 -22.28 85.86
C GLU B 77 48.16 -22.63 85.23
N GLY B 78 47.59 -21.70 84.46
CA GLY B 78 46.40 -21.97 83.68
C GLY B 78 45.14 -22.21 84.48
N GLU B 79 45.16 -22.04 85.79
CA GLU B 79 43.95 -22.25 86.59
C GLU B 79 43.01 -21.06 86.47
N GLU B 80 41.74 -21.31 86.73
CA GLU B 80 40.73 -20.26 86.74
C GLU B 80 40.57 -19.66 88.13
N LEU B 81 41.69 -19.24 88.71
CA LEU B 81 41.67 -18.58 90.01
C LEU B 81 41.19 -17.15 89.87
N LEU B 82 40.33 -16.74 90.79
CA LEU B 82 39.76 -15.40 90.79
C LEU B 82 40.24 -14.66 92.03
N VAL B 83 40.77 -13.46 91.83
CA VAL B 83 41.27 -12.62 92.91
C VAL B 83 40.31 -11.45 93.08
N LEU B 84 39.78 -11.29 94.29
CA LEU B 84 38.77 -10.28 94.56
C LEU B 84 38.88 -9.82 96.00
N ARG B 85 38.31 -8.66 96.28
CA ARG B 85 38.36 -8.09 97.62
C ARG B 85 37.44 -8.88 98.56
N GLU B 86 37.61 -8.64 99.86
CA GLU B 86 36.84 -9.39 100.84
C GLU B 86 35.36 -9.00 100.85
N ASP B 87 35.04 -7.73 100.61
CA ASP B 87 33.66 -7.28 100.71
C ASP B 87 32.78 -7.83 99.59
N ASP B 88 33.37 -8.29 98.48
CA ASP B 88 32.55 -8.90 97.44
C ASP B 88 32.00 -10.24 97.87
N ILE B 89 32.77 -11.01 98.64
CA ILE B 89 32.28 -12.27 99.19
C ILE B 89 31.17 -11.94 100.19
N MET B 90 29.94 -12.33 99.87
CA MET B 90 28.79 -11.98 100.69
C MET B 90 28.32 -13.12 101.58
N ALA B 91 28.73 -14.36 101.33
CA ALA B 91 28.26 -15.48 102.13
C ALA B 91 29.35 -16.55 102.20
N VAL B 92 29.28 -17.36 103.26
CA VAL B 92 30.14 -18.51 103.45
C VAL B 92 29.25 -19.72 103.67
N ILE B 93 29.33 -20.68 102.76
CA ILE B 93 28.47 -21.87 102.81
C ILE B 93 29.12 -22.87 103.77
N GLU B 94 28.29 -23.71 104.39
CA GLU B 94 28.64 -24.41 105.63
C GLU B 94 29.53 -23.55 106.54
N ALA C 1 -5.94 -14.92 25.26
CA ALA C 1 -6.70 -14.12 24.31
C ALA C 1 -7.71 -14.98 23.58
N ALA C 2 -8.05 -14.58 22.35
CA ALA C 2 -8.99 -15.34 21.55
C ALA C 2 -8.40 -16.71 21.19
N LYS C 3 -9.27 -17.71 21.16
CA LYS C 3 -8.87 -19.09 20.90
C LYS C 3 -9.45 -19.57 19.58
N GLU C 4 -8.67 -20.35 18.85
CA GLU C 4 -9.15 -21.04 17.65
C GLU C 4 -9.42 -22.49 18.01
N VAL C 5 -10.55 -23.01 17.55
CA VAL C 5 -11.02 -24.34 17.91
C VAL C 5 -11.13 -25.17 16.64
N LYS C 6 -10.48 -26.34 16.65
CA LYS C 6 -10.51 -27.26 15.52
C LYS C 6 -11.17 -28.56 15.95
N PHE C 7 -11.90 -29.18 15.03
CA PHE C 7 -12.70 -30.35 15.33
C PHE C 7 -12.40 -31.49 14.35
N HIS C 8 -12.59 -32.71 14.84
CA HIS C 8 -12.65 -33.93 14.03
C HIS C 8 -11.36 -34.09 13.25
N ASP C 9 -11.41 -34.37 11.93
CA ASP C 9 -10.20 -34.70 11.19
C ASP C 9 -9.29 -33.50 11.02
N SER C 10 -9.85 -32.29 10.93
CA SER C 10 -9.01 -31.10 10.80
C SER C 10 -8.11 -30.93 12.02
N ALA C 11 -8.64 -31.20 13.21
CA ALA C 11 -7.82 -31.15 14.41
C ALA C 11 -6.79 -32.26 14.41
N ARG C 12 -7.19 -33.48 14.05
CA ARG C 12 -6.26 -34.60 14.07
C ARG C 12 -5.17 -34.44 13.01
N GLU C 13 -5.53 -33.91 11.84
CA GLU C 13 -4.55 -33.71 10.78
C GLU C 13 -3.47 -32.71 11.21
N ARG C 14 -3.87 -31.63 11.88
CA ARG C 14 -2.88 -30.69 12.41
C ARG C 14 -2.03 -31.34 13.48
N LEU C 15 -2.64 -32.14 14.35
CA LEU C 15 -1.91 -32.81 15.41
C LEU C 15 -0.87 -33.78 14.84
N VAL C 16 -1.27 -34.57 13.85
CA VAL C 16 -0.37 -35.57 13.28
C VAL C 16 0.77 -34.89 12.53
N ALA C 17 0.50 -33.77 11.86
CA ALA C 17 1.55 -33.05 11.14
C ALA C 17 2.65 -32.58 12.08
N GLY C 18 2.27 -32.08 13.25
CA GLY C 18 3.26 -31.72 14.24
C GLY C 18 4.01 -32.91 14.79
N VAL C 19 3.32 -34.03 14.98
CA VAL C 19 3.96 -35.25 15.43
C VAL C 19 4.98 -35.72 14.40
N ASN C 20 4.59 -35.70 13.12
CA ASN C 20 5.48 -36.19 12.06
C ASN C 20 6.70 -35.29 11.89
N LEU C 21 6.51 -33.97 12.00
CA LEU C 21 7.63 -33.06 11.80
C LEU C 21 8.70 -33.26 12.85
N LEU C 22 8.30 -33.38 14.12
CA LEU C 22 9.28 -33.60 15.18
C LEU C 22 9.92 -34.98 15.07
N ALA C 23 9.12 -36.00 14.79
CA ALA C 23 9.66 -37.36 14.75
C ALA C 23 10.55 -37.58 13.53
N ASN C 24 10.24 -36.91 12.41
CA ASN C 24 11.10 -37.04 11.23
C ASN C 24 12.48 -36.44 11.50
N ALA C 25 12.54 -35.32 12.21
CA ALA C 25 13.84 -34.75 12.56
C ALA C 25 14.60 -35.66 13.50
N VAL C 26 13.91 -36.25 14.48
CA VAL C 26 14.53 -37.20 15.39
C VAL C 26 14.86 -38.51 14.70
N LYS C 27 14.12 -38.86 13.64
CA LYS C 27 14.36 -40.11 12.93
C LYS C 27 15.78 -40.19 12.38
N THR C 28 16.30 -39.06 11.89
CA THR C 28 17.57 -39.07 11.17
C THR C 28 18.73 -39.53 12.03
N THR C 29 18.60 -39.47 13.35
CA THR C 29 19.69 -39.81 14.27
C THR C 29 19.64 -41.24 14.76
N LEU C 30 18.69 -42.05 14.30
CA LEU C 30 18.49 -43.37 14.87
C LEU C 30 19.43 -44.39 14.24
N GLY C 31 20.02 -45.24 15.08
CA GLY C 31 20.80 -46.35 14.63
C GLY C 31 22.27 -46.02 14.44
N PRO C 32 23.08 -47.05 14.17
CA PRO C 32 24.51 -46.82 13.93
C PRO C 32 24.78 -45.95 12.72
N LYS C 33 23.92 -46.01 11.71
CA LYS C 33 24.08 -45.21 10.50
C LYS C 33 23.23 -43.95 10.52
N GLY C 34 22.68 -43.59 11.68
CA GLY C 34 22.01 -42.33 11.80
C GLY C 34 22.98 -41.16 11.73
N ARG C 35 22.43 -39.99 11.40
CA ARG C 35 23.24 -38.81 11.16
C ARG C 35 22.94 -37.74 12.18
N ASN C 36 23.81 -36.72 12.19
CA ASN C 36 23.73 -35.67 13.19
C ASN C 36 22.72 -34.61 12.79
N VAL C 37 22.26 -33.86 13.79
CA VAL C 37 21.36 -32.74 13.61
C VAL C 37 22.05 -31.49 14.15
N VAL C 38 22.13 -30.45 13.35
CA VAL C 38 22.71 -29.18 13.75
C VAL C 38 21.60 -28.27 14.24
N ILE C 39 21.76 -27.74 15.45
CA ILE C 39 20.77 -26.88 16.07
C ILE C 39 21.42 -25.53 16.33
N GLU C 40 20.81 -24.47 15.83
CA GLU C 40 21.35 -23.13 16.03
C GLU C 40 21.11 -22.69 17.47
N ARG C 41 22.14 -22.12 18.08
CA ARG C 41 22.05 -21.54 19.41
C ARG C 41 22.08 -20.02 19.31
N SER C 42 21.42 -19.36 20.25
CA SER C 42 21.35 -17.90 20.23
C SER C 42 22.74 -17.28 20.38
N PHE C 43 23.57 -17.85 21.26
CA PHE C 43 24.89 -17.33 21.54
C PHE C 43 25.95 -17.86 20.59
N GLY C 44 25.57 -18.31 19.41
CA GLY C 44 26.52 -18.84 18.46
C GLY C 44 26.96 -20.24 18.80
N ALA C 45 27.90 -20.75 17.99
CA ALA C 45 28.43 -22.10 18.12
C ALA C 45 27.31 -23.12 18.12
N PRO C 46 26.73 -23.44 16.96
CA PRO C 46 25.63 -24.41 16.92
C PRO C 46 26.06 -25.76 17.45
N ILE C 47 25.14 -26.42 18.12
CA ILE C 47 25.40 -27.74 18.69
C ILE C 47 25.10 -28.81 17.66
N VAL C 48 25.96 -29.81 17.59
CA VAL C 48 25.77 -30.96 16.73
C VAL C 48 25.45 -32.14 17.64
N THR C 49 24.28 -32.74 17.45
CA THR C 49 23.81 -33.77 18.36
C THR C 49 23.21 -34.95 17.58
N LYS C 50 23.40 -36.14 18.12
CA LYS C 50 22.71 -37.34 17.66
C LYS C 50 21.66 -37.81 18.66
N ASP C 51 21.43 -37.04 19.72
CA ASP C 51 20.46 -37.44 20.75
C ASP C 51 19.06 -37.00 20.34
N GLY C 52 18.10 -37.91 20.51
CA GLY C 52 16.73 -37.58 20.16
C GLY C 52 16.12 -36.52 21.05
N VAL C 53 16.42 -36.56 22.35
CA VAL C 53 15.82 -35.62 23.27
C VAL C 53 16.35 -34.21 23.02
N THR C 54 17.63 -34.08 22.67
CA THR C 54 18.18 -32.76 22.38
C THR C 54 17.53 -32.16 21.14
N VAL C 55 17.31 -32.98 20.11
CA VAL C 55 16.64 -32.49 18.91
C VAL C 55 15.18 -32.18 19.21
N ALA C 56 14.51 -33.07 19.95
CA ALA C 56 13.09 -32.90 20.21
C ALA C 56 12.81 -31.64 21.03
N LYS C 57 13.65 -31.38 22.05
CA LYS C 57 13.40 -30.26 22.95
C LYS C 57 13.52 -28.92 22.25
N GLU C 58 14.19 -28.85 21.11
CA GLU C 58 14.42 -27.59 20.44
C GLU C 58 13.40 -27.27 19.36
N ILE C 59 12.50 -28.19 19.04
CA ILE C 59 11.58 -28.02 17.93
C ILE C 59 10.33 -27.30 18.40
N GLU C 60 10.05 -26.16 17.79
CA GLU C 60 8.81 -25.41 17.99
C GLU C 60 8.30 -24.99 16.63
N LEU C 61 6.98 -25.00 16.47
CA LEU C 61 6.35 -24.80 15.17
C LEU C 61 5.54 -23.51 15.15
N LYS C 62 5.53 -22.85 14.00
CA LYS C 62 4.75 -21.62 13.83
C LYS C 62 3.26 -21.91 13.98
N ASP C 63 2.79 -23.00 13.38
CA ASP C 63 1.39 -23.38 13.51
C ASP C 63 1.14 -23.87 14.94
N LYS C 64 0.24 -23.19 15.65
CA LYS C 64 0.01 -23.52 17.05
C LYS C 64 -0.61 -24.91 17.19
N PHE C 65 -1.51 -25.28 16.27
CA PHE C 65 -2.09 -26.61 16.33
C PHE C 65 -1.07 -27.70 16.01
N GLU C 66 -0.19 -27.44 15.03
CA GLU C 66 0.91 -28.36 14.78
C GLU C 66 1.87 -28.39 15.95
N ASN C 67 2.11 -27.24 16.58
CA ASN C 67 3.02 -27.19 17.72
C ASN C 67 2.52 -28.03 18.88
N MET C 68 1.20 -28.09 19.08
CA MET C 68 0.65 -28.90 20.17
C MET C 68 0.97 -30.37 19.97
N GLY C 69 0.90 -30.84 18.72
CA GLY C 69 1.30 -32.21 18.44
C GLY C 69 2.78 -32.44 18.66
N ALA C 70 3.61 -31.45 18.28
CA ALA C 70 5.04 -31.58 18.50
C ALA C 70 5.39 -31.54 19.98
N GLN C 71 4.70 -30.69 20.75
CA GLN C 71 4.98 -30.58 22.17
C GLN C 71 4.67 -31.87 22.92
N MET C 72 3.66 -32.61 22.47
CA MET C 72 3.30 -33.84 23.14
C MET C 72 4.29 -34.96 22.82
N VAL C 73 4.79 -35.01 21.59
CA VAL C 73 5.82 -36.00 21.25
C VAL C 73 7.15 -35.61 21.87
N LYS C 74 7.43 -34.30 21.94
CA LYS C 74 8.69 -33.85 22.52
C LYS C 74 8.87 -34.38 23.94
N GLU C 75 7.78 -34.48 24.68
CA GLU C 75 7.87 -34.92 26.06
C GLU C 75 7.81 -36.44 26.21
N VAL C 76 7.64 -37.18 25.12
CA VAL C 76 7.94 -38.60 25.14
C VAL C 76 9.43 -38.82 25.32
N ALA C 77 10.24 -38.07 24.56
CA ALA C 77 11.69 -38.16 24.71
C ALA C 77 12.16 -37.58 26.02
N SER C 78 11.49 -36.52 26.50
CA SER C 78 11.88 -35.91 27.77
C SER C 78 11.71 -36.89 28.92
N LYS C 79 10.60 -37.64 28.94
CA LYS C 79 10.38 -38.61 29.99
C LYS C 79 11.35 -39.78 29.86
N THR C 80 11.62 -40.24 28.64
CA THR C 80 12.55 -41.33 28.45
C THR C 80 13.96 -40.94 28.89
N ALA C 81 14.36 -39.69 28.59
CA ALA C 81 15.66 -39.21 29.06
C ALA C 81 15.70 -39.12 30.57
N ASP C 82 14.58 -38.72 31.19
CA ASP C 82 14.55 -38.59 32.64
C ASP C 82 14.71 -39.94 33.33
N VAL C 83 14.03 -40.97 32.83
CA VAL C 83 14.01 -42.25 33.53
C VAL C 83 15.06 -43.24 33.05
N ALA C 84 15.61 -43.06 31.85
CA ALA C 84 16.58 -44.01 31.33
C ALA C 84 17.84 -43.32 30.84
N GLY C 85 17.71 -42.09 30.36
CA GLY C 85 18.84 -41.38 29.79
C GLY C 85 19.22 -41.84 28.40
N ASP C 86 18.51 -42.80 27.84
CA ASP C 86 18.79 -43.34 26.52
C ASP C 86 17.49 -43.87 25.95
N GLY C 87 17.46 -44.08 24.64
CA GLY C 87 16.26 -44.53 23.99
C GLY C 87 15.26 -43.44 23.66
N THR C 88 15.68 -42.17 23.69
CA THR C 88 14.77 -41.08 23.38
C THR C 88 14.37 -41.08 21.92
N THR C 89 15.31 -41.36 21.01
CA THR C 89 14.96 -41.48 19.59
C THR C 89 14.04 -42.67 19.36
N THR C 90 14.31 -43.79 20.02
CA THR C 90 13.45 -44.97 19.88
C THR C 90 12.05 -44.67 20.42
N ALA C 91 11.95 -43.98 21.55
CA ALA C 91 10.66 -43.63 22.09
C ALA C 91 9.90 -42.71 21.13
N THR C 92 10.58 -41.73 20.55
CA THR C 92 9.94 -40.83 19.60
C THR C 92 9.50 -41.58 18.35
N VAL C 93 10.33 -42.51 17.87
CA VAL C 93 9.96 -43.30 16.69
C VAL C 93 8.77 -44.18 16.99
N LEU C 94 8.76 -44.82 18.17
CA LEU C 94 7.62 -45.64 18.56
C LEU C 94 6.34 -44.81 18.69
N ALA C 95 6.45 -43.61 19.26
CA ALA C 95 5.28 -42.76 19.45
C ALA C 95 4.68 -42.37 18.11
N GLN C 96 5.52 -42.05 17.13
CA GLN C 96 5.01 -41.71 15.80
C GLN C 96 4.37 -42.92 15.12
N ALA C 97 4.94 -44.10 15.33
CA ALA C 97 4.38 -45.30 14.72
C ALA C 97 2.99 -45.61 15.28
N ILE C 98 2.81 -45.44 16.59
CA ILE C 98 1.49 -45.67 17.19
C ILE C 98 0.48 -44.68 16.65
N VAL C 99 0.87 -43.41 16.54
CA VAL C 99 -0.03 -42.40 16.02
C VAL C 99 -0.37 -42.69 14.56
N ARG C 100 0.64 -43.03 13.77
CA ARG C 100 0.40 -43.33 12.35
C ARG C 100 -0.52 -44.53 12.19
N GLU C 101 -0.30 -45.59 12.95
CA GLU C 101 -1.16 -46.76 12.87
C GLU C 101 -2.50 -46.52 13.54
N GLY C 102 -2.53 -45.70 14.59
CA GLY C 102 -3.79 -45.45 15.28
C GLY C 102 -4.73 -44.54 14.53
N MET C 103 -4.20 -43.56 13.79
CA MET C 103 -5.06 -42.70 13.00
C MET C 103 -5.80 -43.46 11.91
N LYS C 104 -5.22 -44.55 11.40
CA LYS C 104 -5.92 -45.37 10.43
C LYS C 104 -7.17 -45.98 11.04
N TYR C 105 -7.08 -46.45 12.27
CA TYR C 105 -8.25 -47.03 12.94
C TYR C 105 -9.21 -45.95 13.43
N VAL C 106 -8.69 -44.79 13.83
CA VAL C 106 -9.58 -43.68 14.19
C VAL C 106 -10.37 -43.23 12.97
N ALA C 107 -9.70 -43.12 11.81
CA ALA C 107 -10.41 -42.80 10.58
C ALA C 107 -11.36 -43.91 10.17
N ALA C 108 -11.08 -45.15 10.57
CA ALA C 108 -11.97 -46.26 10.27
C ALA C 108 -13.23 -46.25 11.13
N GLY C 109 -13.32 -45.37 12.11
CA GLY C 109 -14.49 -45.25 12.94
C GLY C 109 -14.44 -45.98 14.27
N MET C 110 -13.33 -46.63 14.58
CA MET C 110 -13.21 -47.34 15.85
C MET C 110 -13.09 -46.35 17.01
N ASN C 111 -13.60 -46.74 18.16
CA ASN C 111 -13.60 -45.88 19.34
C ASN C 111 -12.17 -45.70 19.84
N PRO C 112 -11.64 -44.48 19.87
CA PRO C 112 -10.24 -44.31 20.29
C PRO C 112 -10.01 -44.62 21.76
N MET C 113 -11.02 -44.50 22.60
CA MET C 113 -10.84 -44.85 24.01
C MET C 113 -10.59 -46.35 24.16
N ASP C 114 -11.26 -47.17 23.38
CA ASP C 114 -10.96 -48.60 23.38
C ASP C 114 -9.66 -48.90 22.68
N LEU C 115 -9.27 -48.08 21.70
CA LEU C 115 -7.95 -48.22 21.10
C LEU C 115 -6.86 -47.97 22.13
N LYS C 116 -7.03 -46.94 22.97
CA LYS C 116 -6.06 -46.66 24.03
C LYS C 116 -6.02 -47.79 25.04
N ARG C 117 -7.19 -48.35 25.38
CA ARG C 117 -7.22 -49.48 26.31
C ARG C 117 -6.55 -50.71 25.69
N GLY C 118 -6.76 -50.93 24.40
CA GLY C 118 -6.07 -52.02 23.73
C GLY C 118 -4.57 -51.79 23.64
N ILE C 119 -4.16 -50.54 23.42
CA ILE C 119 -2.74 -50.22 23.38
C ILE C 119 -2.09 -50.51 24.73
N ASP C 120 -2.75 -50.09 25.82
CA ASP C 120 -2.21 -50.33 27.15
C ASP C 120 -2.13 -51.83 27.44
N LYS C 121 -3.12 -52.59 26.99
CA LYS C 121 -3.10 -54.04 27.19
C LYS C 121 -1.94 -54.68 26.45
N ALA C 122 -1.71 -54.25 25.21
CA ALA C 122 -0.63 -54.83 24.42
C ALA C 122 0.74 -54.45 24.98
N VAL C 123 0.89 -53.21 25.43
CA VAL C 123 2.18 -52.76 25.95
C VAL C 123 2.51 -53.47 27.25
N THR C 124 1.50 -53.71 28.09
CA THR C 124 1.72 -54.46 29.32
C THR C 124 2.21 -55.88 29.02
N ALA C 125 1.59 -56.53 28.03
CA ALA C 125 2.00 -57.88 27.66
C ALA C 125 3.42 -57.89 27.10
N ILE C 126 3.76 -56.91 26.26
CA ILE C 126 5.08 -56.88 25.66
C ILE C 126 6.16 -56.57 26.71
N VAL C 127 5.85 -55.68 27.65
CA VAL C 127 6.81 -55.34 28.69
C VAL C 127 7.12 -56.57 29.55
N GLU C 128 6.09 -57.37 29.86
CA GLU C 128 6.32 -58.59 30.61
C GLU C 128 7.19 -59.57 29.84
N GLU C 129 7.01 -59.64 28.52
CA GLU C 129 7.86 -60.50 27.70
C GLU C 129 9.28 -59.98 27.63
N LEU C 130 9.46 -58.66 27.68
CA LEU C 130 10.81 -58.11 27.73
C LEU C 130 11.55 -58.55 28.98
N LYS C 131 10.84 -58.63 30.11
CA LYS C 131 11.47 -59.07 31.35
C LYS C 131 11.96 -60.49 31.25
N ALA C 132 11.19 -61.37 30.61
CA ALA C 132 11.60 -62.76 30.45
C ALA C 132 12.78 -62.88 29.49
N ILE C 133 12.76 -62.11 28.41
CA ILE C 133 13.85 -62.15 27.43
C ILE C 133 15.14 -61.57 28.02
N SER C 134 15.03 -60.57 28.89
CA SER C 134 16.20 -59.89 29.41
C SER C 134 17.12 -60.83 30.17
N LYS C 135 18.43 -60.62 30.01
CA LYS C 135 19.46 -61.35 30.71
C LYS C 135 20.28 -60.39 31.56
N PRO C 136 20.72 -60.81 32.75
CA PRO C 136 21.49 -59.92 33.61
C PRO C 136 22.84 -59.57 33.01
N CYS C 137 23.31 -58.37 33.33
CA CYS C 137 24.61 -57.87 32.87
C CYS C 137 25.62 -58.12 33.98
N SER C 138 26.40 -59.20 33.86
CA SER C 138 27.30 -59.63 34.91
C SER C 138 28.77 -59.52 34.54
N THR C 139 29.10 -59.36 33.27
CA THR C 139 30.49 -59.33 32.81
C THR C 139 30.86 -57.93 32.38
N THR C 140 32.11 -57.55 32.65
CA THR C 140 32.61 -56.25 32.19
C THR C 140 32.68 -56.18 30.68
N LYS C 141 32.78 -57.31 29.99
CA LYS C 141 32.73 -57.30 28.53
C LYS C 141 31.36 -56.84 28.04
N GLU C 142 30.29 -57.30 28.69
CA GLU C 142 28.96 -56.85 28.31
C GLU C 142 28.79 -55.36 28.59
N ILE C 143 29.37 -54.87 29.68
CA ILE C 143 29.31 -53.45 30.00
C ILE C 143 30.00 -52.63 28.92
N ALA C 144 31.15 -53.10 28.46
CA ALA C 144 31.84 -52.41 27.36
C ALA C 144 31.01 -52.45 26.09
N GLN C 145 30.37 -53.59 25.81
CA GLN C 145 29.53 -53.69 24.62
C GLN C 145 28.32 -52.77 24.70
N VAL C 146 27.70 -52.68 25.88
CA VAL C 146 26.56 -51.78 26.05
C VAL C 146 26.99 -50.33 25.90
N GLY C 147 28.13 -49.97 26.50
CA GLY C 147 28.63 -48.61 26.36
C GLY C 147 29.06 -48.30 24.94
N THR C 148 29.66 -49.26 24.25
CA THR C 148 30.10 -49.04 22.88
C THR C 148 28.91 -48.78 21.96
N ILE C 149 27.83 -49.56 22.12
CA ILE C 149 26.66 -49.38 21.27
C ILE C 149 26.02 -48.03 21.51
N SER C 150 25.88 -47.63 22.77
CA SER C 150 25.23 -46.37 23.10
C SER C 150 26.09 -45.16 22.78
N ALA C 151 27.41 -45.34 22.63
CA ALA C 151 28.29 -44.28 22.20
C ALA C 151 28.45 -44.24 20.69
N ASN C 152 27.51 -44.82 19.95
CA ASN C 152 27.54 -44.85 18.49
C ASN C 152 28.80 -45.56 17.98
N ALA C 153 28.92 -46.83 18.39
CA ALA C 153 30.00 -47.71 17.93
C ALA C 153 31.38 -47.12 18.19
N ASP C 154 31.57 -46.61 19.40
CA ASP C 154 32.85 -46.07 19.85
C ASP C 154 33.38 -47.00 20.94
N SER C 155 34.34 -47.86 20.57
CA SER C 155 34.88 -48.83 21.52
C SER C 155 35.68 -48.16 22.63
N SER C 156 36.36 -47.05 22.32
CA SER C 156 37.15 -46.37 23.35
C SER C 156 36.26 -45.86 24.48
N ILE C 157 35.11 -45.28 24.14
CA ILE C 157 34.19 -44.81 25.17
C ILE C 157 33.64 -45.98 25.97
N GLY C 158 33.28 -47.06 25.29
CA GLY C 158 32.75 -48.23 25.98
C GLY C 158 33.76 -48.87 26.91
N GLU C 159 35.02 -48.95 26.47
CA GLU C 159 36.06 -49.57 27.29
C GLU C 159 36.39 -48.72 28.51
N ILE C 160 36.47 -47.40 28.32
CA ILE C 160 36.82 -46.53 29.43
C ILE C 160 35.71 -46.49 30.47
N ILE C 161 34.46 -46.61 30.03
CA ILE C 161 33.34 -46.66 30.97
C ILE C 161 33.34 -47.97 31.74
N ALA C 162 33.62 -49.08 31.04
CA ALA C 162 33.69 -50.37 31.71
C ALA C 162 34.79 -50.39 32.76
N GLN C 163 35.95 -49.78 32.46
CA GLN C 163 37.01 -49.67 33.44
C GLN C 163 36.58 -48.79 34.62
N ALA C 164 35.87 -47.70 34.33
CA ALA C 164 35.42 -46.81 35.41
C ALA C 164 34.47 -47.53 36.35
N MET C 165 33.51 -48.27 35.80
CA MET C 165 32.58 -49.01 36.64
C MET C 165 33.30 -50.10 37.44
N ASP C 166 34.31 -50.72 36.84
CA ASP C 166 35.08 -51.73 37.55
C ASP C 166 35.85 -51.13 38.72
N LYS C 167 36.44 -49.95 38.52
CA LYS C 167 37.28 -49.35 39.56
C LYS C 167 36.45 -48.86 40.74
N VAL C 168 35.35 -48.15 40.46
CA VAL C 168 34.53 -47.59 41.53
C VAL C 168 33.41 -48.51 41.96
N GLY C 169 33.21 -49.63 41.29
CA GLY C 169 32.15 -50.55 41.68
C GLY C 169 30.77 -50.03 41.35
N LYS C 170 29.77 -50.76 41.83
CA LYS C 170 28.39 -50.36 41.61
C LYS C 170 27.98 -49.20 42.51
N GLU C 171 28.66 -49.01 43.64
CA GLU C 171 28.35 -47.91 44.55
C GLU C 171 29.06 -46.61 44.19
N GLY C 172 29.96 -46.63 43.21
CA GLY C 172 30.72 -45.44 42.87
C GLY C 172 29.95 -44.49 41.97
N VAL C 173 30.55 -43.32 41.77
CA VAL C 173 29.97 -42.25 40.98
C VAL C 173 30.93 -41.92 39.85
N ILE C 174 30.42 -41.86 38.62
CA ILE C 174 31.20 -41.55 37.43
C ILE C 174 30.68 -40.25 36.84
N THR C 175 31.59 -39.33 36.54
CA THR C 175 31.25 -38.03 35.99
C THR C 175 32.00 -37.82 34.68
N VAL C 176 31.48 -36.90 33.86
CA VAL C 176 32.05 -36.58 32.56
C VAL C 176 32.39 -35.10 32.54
N GLU C 177 33.64 -34.77 32.22
CA GLU C 177 34.11 -33.40 32.13
C GLU C 177 34.89 -33.22 30.84
N ASP C 178 35.23 -31.96 30.55
CA ASP C 178 36.03 -31.64 29.37
C ASP C 178 37.49 -31.95 29.65
N GLY C 179 38.12 -32.71 28.77
CA GLY C 179 39.54 -32.98 28.90
C GLY C 179 40.39 -31.88 28.28
N LYS C 180 41.68 -31.97 28.52
CA LYS C 180 42.65 -31.05 27.92
C LYS C 180 43.36 -31.63 26.71
N SER C 181 43.57 -32.94 26.68
CA SER C 181 44.22 -33.59 25.56
C SER C 181 43.21 -33.94 24.49
N LEU C 182 43.67 -34.67 23.47
CA LEU C 182 42.79 -35.11 22.39
C LEU C 182 42.20 -36.48 22.62
N GLU C 183 42.66 -37.20 23.64
CA GLU C 183 42.19 -38.55 23.93
C GLU C 183 41.48 -38.58 25.27
N ASN C 184 40.57 -39.55 25.42
CA ASN C 184 39.84 -39.72 26.66
C ASN C 184 40.76 -40.24 27.75
N GLU C 185 40.61 -39.71 28.96
CA GLU C 185 41.37 -40.16 30.11
C GLU C 185 40.43 -40.38 31.29
N LEU C 186 40.75 -41.37 32.11
CA LEU C 186 39.95 -41.73 33.26
C LEU C 186 40.74 -41.44 34.53
N GLU C 187 40.19 -40.63 35.42
CA GLU C 187 40.79 -40.32 36.70
C GLU C 187 39.89 -40.89 37.80
N VAL C 188 40.46 -41.75 38.64
CA VAL C 188 39.72 -42.40 39.71
C VAL C 188 40.24 -41.85 41.03
N VAL C 189 39.32 -41.33 41.85
CA VAL C 189 39.65 -40.80 43.16
C VAL C 189 39.13 -41.77 44.20
N GLU C 190 40.03 -42.31 45.01
CA GLU C 190 39.68 -43.28 46.04
C GLU C 190 39.60 -42.58 47.39
N GLY C 191 38.84 -43.20 48.31
CA GLY C 191 38.70 -42.63 49.63
C GLY C 191 37.82 -41.40 49.64
N MET C 192 38.05 -40.54 50.63
CA MET C 192 37.26 -39.33 50.84
C MET C 192 38.07 -38.13 50.37
N GLN C 193 37.56 -37.42 49.37
CA GLN C 193 38.12 -36.16 48.90
C GLN C 193 37.01 -35.12 48.88
N PHE C 194 37.24 -33.99 49.53
CA PHE C 194 36.21 -32.97 49.68
C PHE C 194 36.60 -31.64 49.05
N ASP C 195 37.54 -31.66 48.10
CA ASP C 195 37.82 -30.54 47.18
C ASP C 195 37.96 -29.21 47.91
N ARG C 196 38.67 -29.22 49.04
CA ARG C 196 38.98 -28.00 49.77
C ARG C 196 40.48 -27.94 50.03
N GLY C 197 41.09 -26.79 49.80
CA GLY C 197 42.53 -26.64 49.93
C GLY C 197 42.95 -26.14 51.30
N TYR C 198 44.26 -26.01 51.47
CA TYR C 198 44.81 -25.50 52.71
C TYR C 198 44.62 -23.99 52.81
N LEU C 199 44.73 -23.48 54.04
CA LEU C 199 44.58 -22.05 54.29
C LEU C 199 45.91 -21.31 54.28
N SER C 200 47.04 -22.01 54.15
CA SER C 200 48.33 -21.34 54.18
C SER C 200 49.36 -22.18 53.45
N PRO C 201 50.18 -21.60 52.58
CA PRO C 201 51.19 -22.39 51.87
C PRO C 201 52.26 -22.98 52.77
N TYR C 202 52.44 -22.46 53.97
CA TYR C 202 53.48 -22.97 54.87
C TYR C 202 53.18 -24.36 55.39
N PHE C 203 51.95 -24.86 55.21
CA PHE C 203 51.63 -26.22 55.62
C PHE C 203 52.28 -27.26 54.71
N ILE C 204 52.74 -26.87 53.53
CA ILE C 204 53.34 -27.80 52.60
C ILE C 204 54.64 -28.37 53.18
N ASN C 205 54.81 -29.68 53.08
CA ASN C 205 55.99 -30.34 53.61
C ASN C 205 56.93 -30.88 52.55
N ASN C 206 56.52 -30.91 51.28
CA ASN C 206 57.42 -31.30 50.19
C ASN C 206 57.25 -30.30 49.05
N PRO C 207 58.33 -29.70 48.57
CA PRO C 207 58.21 -28.64 47.55
C PRO C 207 57.94 -29.17 46.16
N ASP C 208 58.40 -30.39 45.87
CA ASP C 208 58.28 -30.94 44.52
C ASP C 208 56.84 -31.15 44.09
N LYS C 209 55.91 -31.25 45.04
CA LYS C 209 54.50 -31.45 44.72
C LYS C 209 53.59 -30.34 45.24
N GLN C 210 54.06 -29.53 46.20
CA GLN C 210 53.25 -28.48 46.81
C GLN C 210 51.98 -29.07 47.43
N VAL C 211 52.15 -30.20 48.11
CA VAL C 211 51.06 -30.91 48.76
C VAL C 211 51.46 -31.22 50.19
N ALA C 212 50.63 -30.84 51.15
CA ALA C 212 50.89 -31.13 52.56
C ALA C 212 50.52 -32.58 52.83
N VAL C 213 51.52 -33.42 53.05
CA VAL C 213 51.32 -34.85 53.27
C VAL C 213 51.45 -35.13 54.76
N LEU C 214 50.42 -35.73 55.34
CA LEU C 214 50.38 -36.08 56.75
C LEU C 214 50.29 -37.59 56.88
N ASP C 215 51.22 -38.19 57.62
CA ASP C 215 51.27 -39.63 57.81
C ASP C 215 50.72 -39.99 59.18
N ASN C 216 49.71 -40.85 59.20
CA ASN C 216 49.01 -41.24 60.43
C ASN C 216 48.61 -40.03 61.27
N PRO C 217 47.82 -39.10 60.73
CA PRO C 217 47.47 -37.90 61.47
C PRO C 217 46.16 -38.03 62.23
N TYR C 218 46.00 -37.15 63.22
CA TYR C 218 44.71 -36.96 63.85
C TYR C 218 43.90 -35.94 63.06
N ILE C 219 42.58 -36.14 63.04
CA ILE C 219 41.66 -35.27 62.34
C ILE C 219 40.73 -34.64 63.37
N LEU C 220 40.73 -33.32 63.45
CA LEU C 220 39.87 -32.58 64.36
C LEU C 220 38.68 -32.04 63.57
N LEU C 221 37.48 -32.50 63.90
CA LEU C 221 36.27 -32.09 63.22
C LEU C 221 35.57 -31.03 64.05
N HIS C 222 35.43 -29.83 63.48
CA HIS C 222 34.81 -28.71 64.18
C HIS C 222 33.80 -28.06 63.25
N ASP C 223 32.61 -27.75 63.79
CA ASP C 223 31.54 -27.15 63.01
C ASP C 223 31.44 -25.64 63.22
N LYS C 224 32.41 -25.04 63.89
CA LYS C 224 32.40 -23.60 64.15
C LYS C 224 33.76 -23.02 63.81
N LYS C 225 33.76 -21.71 63.54
CA LYS C 225 34.99 -21.00 63.22
C LYS C 225 35.95 -21.03 64.40
N ILE C 226 37.23 -21.10 64.09
CA ILE C 226 38.29 -21.07 65.10
C ILE C 226 39.16 -19.85 64.80
N SER C 227 39.18 -18.89 65.73
CA SER C 227 39.96 -17.68 65.59
C SER C 227 40.95 -17.46 66.71
N ASN C 228 40.55 -17.72 67.96
CA ASN C 228 41.44 -17.53 69.10
C ASN C 228 42.31 -18.77 69.30
N ILE C 229 43.27 -18.64 70.21
CA ILE C 229 44.25 -19.71 70.43
C ILE C 229 43.91 -20.47 71.71
N ARG C 230 43.29 -19.78 72.67
CA ARG C 230 43.08 -20.38 73.98
C ARG C 230 42.19 -21.61 73.93
N ASP C 231 41.26 -21.68 72.97
CA ASP C 231 40.38 -22.84 72.88
C ASP C 231 41.03 -23.99 72.13
N LEU C 232 41.78 -23.69 71.06
CA LEU C 232 42.44 -24.73 70.28
C LEU C 232 43.73 -25.20 70.93
N LEU C 233 44.30 -24.43 71.85
CA LEU C 233 45.57 -24.81 72.47
C LEU C 233 45.52 -26.15 73.21
N PRO C 234 44.50 -26.46 74.03
CA PRO C 234 44.55 -27.75 74.76
C PRO C 234 44.66 -28.97 73.87
N VAL C 235 43.91 -29.03 72.77
CA VAL C 235 44.00 -30.20 71.90
C VAL C 235 45.33 -30.22 71.15
N LEU C 236 45.81 -29.06 70.68
CA LEU C 236 47.11 -29.01 70.03
C LEU C 236 48.23 -29.47 70.94
N GLU C 237 48.10 -29.23 72.25
CA GLU C 237 49.08 -29.75 73.18
C GLU C 237 49.03 -31.27 73.27
N GLN C 238 47.82 -31.84 73.21
CA GLN C 238 47.69 -33.29 73.31
C GLN C 238 48.32 -33.99 72.11
N VAL C 239 48.10 -33.46 70.91
CA VAL C 239 48.68 -34.10 69.72
C VAL C 239 50.18 -33.87 69.64
N ALA C 240 50.71 -32.91 70.40
CA ALA C 240 52.14 -32.64 70.37
C ALA C 240 52.92 -33.79 71.01
N LYS C 241 52.45 -34.29 72.15
CA LYS C 241 53.17 -35.35 72.85
C LYS C 241 53.14 -36.66 72.07
N ALA C 242 52.06 -36.91 71.33
CA ALA C 242 51.99 -38.12 70.52
C ALA C 242 52.94 -38.06 69.34
N GLY C 243 53.19 -36.87 68.79
CA GLY C 243 54.06 -36.70 67.66
C GLY C 243 53.41 -36.86 66.31
N ARG C 244 52.16 -37.30 66.28
CA ARG C 244 51.45 -37.45 65.02
C ARG C 244 50.98 -36.09 64.50
N PRO C 245 50.85 -35.94 63.18
CA PRO C 245 50.33 -34.68 62.63
C PRO C 245 48.86 -34.50 62.97
N LEU C 246 48.40 -33.26 62.82
CA LEU C 246 47.02 -32.92 63.10
C LEU C 246 46.41 -32.22 61.89
N LEU C 247 45.27 -32.71 61.44
CA LEU C 247 44.50 -32.08 60.37
C LEU C 247 43.26 -31.47 60.99
N ILE C 248 43.13 -30.15 60.87
CA ILE C 248 42.02 -29.41 61.47
C ILE C 248 41.01 -29.11 60.36
N ILE C 249 39.85 -29.74 60.44
CA ILE C 249 38.75 -29.48 59.50
C ILE C 249 37.71 -28.65 60.24
N ALA C 250 37.67 -27.36 59.94
CA ALA C 250 36.71 -26.46 60.56
C ALA C 250 36.24 -25.47 59.51
N GLU C 251 35.28 -24.62 59.91
CA GLU C 251 34.74 -23.62 58.98
C GLU C 251 35.82 -22.64 58.55
N ASP C 252 36.66 -22.19 59.48
CA ASP C 252 37.74 -21.28 59.16
C ASP C 252 38.72 -21.23 60.32
N VAL C 253 40.00 -21.14 59.97
CA VAL C 253 41.07 -20.96 60.95
C VAL C 253 41.78 -19.66 60.59
N GLU C 254 41.65 -18.65 61.45
CA GLU C 254 42.15 -17.32 61.15
C GLU C 254 42.80 -16.71 62.37
N GLY C 255 43.58 -15.66 62.14
CA GLY C 255 44.14 -14.88 63.23
C GLY C 255 45.15 -15.66 64.05
N GLU C 256 44.96 -15.67 65.36
CA GLU C 256 45.93 -16.27 66.26
C GLU C 256 46.07 -17.77 66.01
N ALA C 257 44.94 -18.46 65.78
CA ALA C 257 44.99 -19.89 65.56
C ALA C 257 45.78 -20.23 64.29
N LEU C 258 45.52 -19.49 63.21
CA LEU C 258 46.26 -19.72 61.97
C LEU C 258 47.74 -19.42 62.14
N ALA C 259 48.06 -18.31 62.80
CA ALA C 259 49.47 -17.95 62.99
C ALA C 259 50.19 -18.98 63.86
N THR C 260 49.53 -19.49 64.88
CA THR C 260 50.15 -20.50 65.74
C THR C 260 50.47 -21.76 64.95
N LEU C 261 49.56 -22.20 64.09
CA LEU C 261 49.82 -23.37 63.26
C LEU C 261 50.97 -23.13 62.31
N VAL C 262 51.02 -21.95 61.69
CA VAL C 262 52.09 -21.64 60.74
C VAL C 262 53.43 -21.58 61.45
N VAL C 263 53.47 -20.94 62.62
CA VAL C 263 54.74 -20.78 63.35
C VAL C 263 55.29 -22.14 63.75
N ASN C 264 54.43 -23.03 64.26
CA ASN C 264 54.89 -24.34 64.68
C ASN C 264 55.35 -25.18 63.49
N ASN C 265 54.73 -25.00 62.31
CA ASN C 265 55.15 -25.75 61.13
C ASN C 265 56.55 -25.36 60.70
N LEU C 266 56.83 -24.05 60.65
CA LEU C 266 58.15 -23.59 60.18
C LEU C 266 59.26 -24.04 61.12
N ARG C 267 59.03 -23.93 62.43
CA ARG C 267 60.06 -24.28 63.41
C ARG C 267 60.22 -25.77 63.59
N GLY C 268 59.35 -26.59 63.00
CA GLY C 268 59.47 -28.02 63.16
C GLY C 268 59.02 -28.55 64.50
N ILE C 269 58.38 -27.71 65.32
CA ILE C 269 57.87 -28.17 66.62
C ILE C 269 56.85 -29.28 66.42
N LEU C 270 55.91 -29.08 65.49
CA LEU C 270 54.94 -30.11 65.15
C LEU C 270 54.34 -29.79 63.80
N LYS C 271 54.11 -30.83 63.00
CA LYS C 271 53.53 -30.67 61.68
C LYS C 271 52.01 -30.76 61.75
N THR C 272 51.34 -29.86 61.04
CA THR C 272 49.88 -29.82 61.05
C THR C 272 49.42 -29.08 59.82
N CYS C 273 48.12 -29.25 59.52
CA CYS C 273 47.50 -28.55 58.41
C CYS C 273 46.05 -28.27 58.76
N ALA C 274 45.51 -27.21 58.18
CA ALA C 274 44.13 -26.79 58.43
C ALA C 274 43.42 -26.61 57.10
N VAL C 275 42.21 -27.15 57.00
CA VAL C 275 41.40 -27.03 55.79
C VAL C 275 40.02 -26.56 56.18
N LYS C 276 39.35 -25.89 55.24
CA LYS C 276 37.98 -25.45 55.48
C LYS C 276 37.03 -26.64 55.44
N ALA C 277 35.97 -26.56 56.25
CA ALA C 277 34.99 -27.63 56.27
C ALA C 277 34.23 -27.65 54.95
N PRO C 278 34.15 -28.80 54.27
CA PRO C 278 33.49 -28.83 52.96
C PRO C 278 31.99 -28.61 53.06
N GLY C 279 31.44 -28.06 51.99
CA GLY C 279 30.00 -27.91 51.86
C GLY C 279 29.48 -26.69 52.60
N PHE C 280 28.27 -26.29 52.21
CA PHE C 280 27.58 -25.17 52.80
C PHE C 280 26.28 -25.64 53.45
N GLY C 281 25.87 -24.95 54.51
CA GLY C 281 24.61 -25.27 55.16
C GLY C 281 24.62 -26.63 55.83
N ASP C 282 23.46 -27.28 55.82
CA ASP C 282 23.32 -28.59 56.46
C ASP C 282 24.15 -29.65 55.78
N ARG C 283 24.43 -29.50 54.47
CA ARG C 283 25.28 -30.45 53.78
C ARG C 283 26.69 -30.47 54.36
N ARG C 284 27.16 -29.32 54.85
CA ARG C 284 28.45 -29.28 55.52
C ARG C 284 28.43 -30.14 56.78
N LYS C 285 27.35 -30.07 57.55
CA LYS C 285 27.24 -30.88 58.76
C LYS C 285 27.19 -32.36 58.41
N ALA C 286 26.44 -32.72 57.37
CA ALA C 286 26.28 -34.13 57.02
C ALA C 286 27.61 -34.74 56.61
N MET C 287 28.37 -34.04 55.77
CA MET C 287 29.67 -34.56 55.36
C MET C 287 30.68 -34.52 56.50
N LEU C 288 30.55 -33.54 57.40
CA LEU C 288 31.42 -33.51 58.58
C LEU C 288 31.19 -34.75 59.45
N GLN C 289 29.93 -35.15 59.62
CA GLN C 289 29.63 -36.37 60.36
C GLN C 289 30.16 -37.60 59.63
N ASP C 290 30.05 -37.62 58.30
CA ASP C 290 30.56 -38.75 57.53
C ASP C 290 32.07 -38.89 57.69
N ILE C 291 32.80 -37.77 57.68
CA ILE C 291 34.24 -37.82 57.90
C ILE C 291 34.53 -38.34 59.29
N ALA C 292 33.78 -37.88 60.29
CA ALA C 292 34.00 -38.35 61.65
C ALA C 292 33.74 -39.85 61.78
N ILE C 293 32.66 -40.34 61.15
CA ILE C 293 32.39 -41.77 61.17
C ILE C 293 33.48 -42.53 60.42
N LEU C 294 33.89 -42.02 59.26
CA LEU C 294 34.93 -42.68 58.49
C LEU C 294 36.26 -42.71 59.25
N THR C 295 36.63 -41.60 59.87
CA THR C 295 37.90 -41.49 60.57
C THR C 295 37.85 -42.02 61.99
N GLY C 296 36.70 -42.47 62.47
CA GLY C 296 36.61 -43.02 63.80
C GLY C 296 36.57 -41.99 64.91
N GLY C 297 36.37 -40.72 64.58
CA GLY C 297 36.28 -39.67 65.56
C GLY C 297 34.88 -39.10 65.69
N THR C 298 34.77 -38.06 66.50
CA THR C 298 33.52 -37.36 66.73
C THR C 298 33.71 -35.89 66.39
N VAL C 299 32.68 -35.29 65.80
CA VAL C 299 32.72 -33.87 65.48
C VAL C 299 32.53 -33.08 66.76
N ILE C 300 33.48 -32.19 67.05
CA ILE C 300 33.42 -31.37 68.26
C ILE C 300 32.50 -30.19 67.99
N SER C 301 31.46 -30.05 68.82
CA SER C 301 30.48 -28.99 68.64
C SER C 301 29.72 -28.80 69.94
N GLU C 302 29.38 -27.55 70.26
CA GLU C 302 28.57 -27.29 71.44
C GLU C 302 27.13 -27.74 71.26
N GLU C 303 26.72 -28.04 70.02
CA GLU C 303 25.36 -28.50 69.77
C GLU C 303 25.12 -29.93 70.24
N VAL C 304 26.19 -30.72 70.40
CA VAL C 304 26.08 -32.07 70.94
C VAL C 304 26.52 -32.14 72.39
N GLY C 305 27.30 -31.17 72.86
CA GLY C 305 27.77 -31.14 74.22
C GLY C 305 29.27 -31.18 74.37
N LEU C 306 30.01 -31.38 73.28
CA LEU C 306 31.46 -31.40 73.31
C LEU C 306 32.01 -29.99 73.15
N SER C 307 33.18 -29.76 73.74
CA SER C 307 33.84 -28.46 73.67
C SER C 307 35.25 -28.63 73.13
N LEU C 308 35.71 -27.60 72.41
CA LEU C 308 37.05 -27.65 71.83
C LEU C 308 38.11 -27.72 72.92
N GLU C 309 37.92 -26.99 74.02
CA GLU C 309 38.88 -27.02 75.11
C GLU C 309 38.92 -28.38 75.80
N LYS C 310 37.80 -29.09 75.84
CA LYS C 310 37.71 -30.40 76.47
C LYS C 310 37.91 -31.54 75.49
N ALA C 311 38.22 -31.25 74.23
CA ALA C 311 38.44 -32.29 73.24
C ALA C 311 39.69 -33.10 73.59
N THR C 312 39.58 -34.42 73.46
CA THR C 312 40.67 -35.34 73.76
C THR C 312 41.07 -36.08 72.50
N LEU C 313 42.09 -36.94 72.64
CA LEU C 313 42.57 -37.71 71.50
C LEU C 313 41.51 -38.70 71.02
N GLU C 314 40.74 -39.29 71.94
CA GLU C 314 39.71 -40.23 71.55
C GLU C 314 38.64 -39.58 70.69
N ASP C 315 38.33 -38.31 70.94
CA ASP C 315 37.34 -37.60 70.13
C ASP C 315 37.87 -37.27 68.74
N LEU C 316 39.18 -37.30 68.55
CA LEU C 316 39.77 -36.97 67.26
C LEU C 316 39.72 -38.18 66.32
N GLY C 317 39.43 -37.91 65.06
CA GLY C 317 39.50 -38.97 64.06
C GLY C 317 40.93 -39.30 63.69
N GLN C 318 41.09 -40.46 63.06
CA GLN C 318 42.40 -40.95 62.66
C GLN C 318 42.35 -41.45 61.23
N ALA C 319 43.51 -41.45 60.58
CA ALA C 319 43.65 -41.98 59.23
C ALA C 319 45.09 -42.44 59.04
N LYS C 320 45.29 -43.34 58.08
CA LYS C 320 46.65 -43.77 57.78
C LYS C 320 47.44 -42.67 57.07
N ARG C 321 46.81 -41.94 56.16
CA ARG C 321 47.51 -40.89 55.43
C ARG C 321 46.48 -39.91 54.86
N VAL C 322 46.84 -38.63 54.87
CA VAL C 322 46.06 -37.59 54.21
C VAL C 322 47.01 -36.62 53.55
N GLU C 323 46.66 -36.17 52.36
CA GLU C 323 47.46 -35.21 51.60
C GLU C 323 46.60 -34.03 51.24
N VAL C 324 47.12 -32.82 51.48
CA VAL C 324 46.38 -31.58 51.26
C VAL C 324 47.05 -30.84 50.11
N ALA C 325 46.31 -30.67 49.02
CA ALA C 325 46.80 -29.96 47.85
C ALA C 325 46.36 -28.50 47.92
N LYS C 326 46.57 -27.77 46.83
CA LYS C 326 46.20 -26.36 46.80
C LYS C 326 44.69 -26.19 46.93
N GLU C 327 43.91 -27.09 46.32
CA GLU C 327 42.46 -26.94 46.28
C GLU C 327 41.70 -28.19 46.72
N HIS C 328 42.38 -29.21 47.24
CA HIS C 328 41.70 -30.42 47.65
C HIS C 328 42.59 -31.21 48.61
N THR C 329 41.93 -32.02 49.44
CA THR C 329 42.61 -33.02 50.26
C THR C 329 41.91 -34.35 50.11
N THR C 330 42.68 -35.43 50.25
CA THR C 330 42.15 -36.78 50.15
C THR C 330 42.54 -37.55 51.40
N ILE C 331 41.55 -38.04 52.14
CA ILE C 331 41.78 -38.95 53.25
C ILE C 331 41.87 -40.35 52.67
N ILE C 332 43.08 -40.91 52.68
CA ILE C 332 43.33 -42.17 51.98
C ILE C 332 42.49 -43.29 52.59
N ASP C 333 42.45 -43.37 53.91
CA ASP C 333 41.68 -44.43 54.57
C ASP C 333 41.35 -43.99 55.98
N GLY C 334 40.05 -43.92 56.30
CA GLY C 334 39.64 -43.62 57.65
C GLY C 334 39.88 -44.78 58.59
N ALA C 335 39.98 -44.45 59.88
CA ALA C 335 40.21 -45.43 60.92
C ALA C 335 38.93 -45.88 61.61
N GLY C 336 37.77 -45.51 61.09
CA GLY C 336 36.53 -45.89 61.72
C GLY C 336 36.23 -47.36 61.56
N ASP C 337 35.36 -47.85 62.44
CA ASP C 337 34.94 -49.24 62.38
C ASP C 337 34.12 -49.47 61.11
N PRO C 338 34.46 -50.45 60.28
CA PRO C 338 33.73 -50.66 59.02
C PRO C 338 32.25 -50.90 59.22
N ALA C 339 31.84 -51.53 60.32
CA ALA C 339 30.42 -51.78 60.55
C ALA C 339 29.64 -50.47 60.68
N LYS C 340 30.22 -49.48 61.36
CA LYS C 340 29.59 -48.17 61.45
C LYS C 340 29.53 -47.50 60.08
N ILE C 341 30.57 -47.68 59.27
CA ILE C 341 30.59 -47.09 57.93
C ILE C 341 29.47 -47.65 57.08
N GLN C 342 29.28 -48.98 57.11
CA GLN C 342 28.19 -49.58 56.35
C GLN C 342 26.84 -49.11 56.87
N ALA C 343 26.70 -48.97 58.18
CA ALA C 343 25.46 -48.45 58.75
C ALA C 343 25.21 -47.03 58.27
N ARG C 344 26.25 -46.19 58.25
CA ARG C 344 26.10 -44.83 57.74
C ARG C 344 25.72 -44.84 56.26
N VAL C 345 26.35 -45.72 55.48
CA VAL C 345 26.02 -45.84 54.07
C VAL C 345 24.57 -46.29 53.89
N LYS C 346 24.13 -47.23 54.72
CA LYS C 346 22.74 -47.70 54.65
C LYS C 346 21.76 -46.56 54.94
N GLU C 347 22.08 -45.72 55.93
CA GLU C 347 21.20 -44.61 56.27
C GLU C 347 21.07 -43.63 55.10
N ILE C 348 22.18 -43.32 54.44
CA ILE C 348 22.13 -42.39 53.31
C ILE C 348 21.35 -43.00 52.15
N ARG C 349 21.56 -44.29 51.88
CA ARG C 349 20.84 -44.93 50.78
C ARG C 349 19.35 -45.03 51.08
N VAL C 350 18.97 -45.14 52.37
CA VAL C 350 17.56 -45.07 52.73
C VAL C 350 17.02 -43.67 52.45
N GLN C 351 17.78 -42.64 52.81
CA GLN C 351 17.37 -41.27 52.55
C GLN C 351 17.37 -40.96 51.06
N ILE C 352 18.16 -41.72 50.27
CA ILE C 352 18.19 -41.52 48.82
C ILE C 352 16.81 -41.74 48.23
N GLU C 353 16.07 -42.73 48.75
CA GLU C 353 14.72 -42.98 48.26
C GLU C 353 13.83 -41.76 48.46
N GLU C 354 13.93 -41.11 49.61
CA GLU C 354 13.14 -39.92 49.89
C GLU C 354 13.61 -38.71 49.09
N ALA C 355 14.82 -38.75 48.54
CA ALA C 355 15.39 -37.60 47.83
C ALA C 355 14.66 -37.41 46.51
N THR C 356 13.70 -36.49 46.50
CA THR C 356 12.96 -36.19 45.28
C THR C 356 13.77 -35.32 44.32
N SER C 357 14.58 -34.41 44.84
CA SER C 357 15.35 -33.52 43.99
C SER C 357 16.48 -34.27 43.30
N ASP C 358 16.78 -33.86 42.06
CA ASP C 358 17.86 -34.48 41.31
C ASP C 358 19.22 -34.15 41.93
N TYR C 359 19.44 -32.88 42.28
CA TYR C 359 20.70 -32.49 42.91
C TYR C 359 20.84 -33.14 44.28
N ASP C 360 19.74 -33.27 45.02
CA ASP C 360 19.80 -33.91 46.33
C ASP C 360 20.21 -35.37 46.21
N ARG C 361 19.63 -36.09 45.24
CA ARG C 361 20.02 -37.48 45.04
C ARG C 361 21.48 -37.59 44.59
N GLU C 362 21.90 -36.71 43.68
CA GLU C 362 23.28 -36.75 43.19
C GLU C 362 24.26 -36.47 44.30
N LYS C 363 23.98 -35.48 45.15
CA LYS C 363 24.87 -35.16 46.25
C LYS C 363 24.89 -36.27 47.29
N LEU C 364 23.74 -36.94 47.51
CA LEU C 364 23.73 -38.09 48.41
C LEU C 364 24.56 -39.23 47.84
N GLN C 365 24.50 -39.43 46.52
CA GLN C 365 25.27 -40.51 45.90
C GLN C 365 26.77 -40.28 46.04
N GLU C 366 27.23 -39.04 45.87
CA GLU C 366 28.66 -38.78 46.00
C GLU C 366 29.11 -38.93 47.45
N ARG C 367 28.21 -38.68 48.41
CA ARG C 367 28.53 -38.96 49.80
C ARG C 367 28.74 -40.45 50.02
N VAL C 368 27.87 -41.28 49.43
CA VAL C 368 28.04 -42.72 49.52
C VAL C 368 29.32 -43.15 48.81
N ALA C 369 29.60 -42.53 47.65
CA ALA C 369 30.83 -42.84 46.93
C ALA C 369 32.06 -42.48 47.75
N LYS C 370 32.04 -41.34 48.44
CA LYS C 370 33.17 -40.96 49.27
C LYS C 370 33.32 -41.89 50.46
N LEU C 371 32.25 -42.56 50.88
CA LEU C 371 32.31 -43.41 52.06
C LEU C 371 32.71 -44.84 51.72
N ALA C 372 31.93 -45.49 50.86
CA ALA C 372 32.10 -46.91 50.56
C ALA C 372 32.21 -47.13 49.05
N GLY C 373 33.04 -46.33 48.40
CA GLY C 373 33.26 -46.49 46.98
C GLY C 373 34.35 -45.60 46.44
N GLY C 374 34.11 -45.01 45.27
CA GLY C 374 35.07 -44.09 44.68
C GLY C 374 34.36 -43.17 43.71
N VAL C 375 35.09 -42.16 43.26
CA VAL C 375 34.60 -41.20 42.28
C VAL C 375 35.51 -41.26 41.07
N ALA C 376 34.94 -41.56 39.92
CA ALA C 376 35.67 -41.60 38.66
C ALA C 376 35.27 -40.42 37.80
N VAL C 377 36.25 -39.80 37.17
CA VAL C 377 36.02 -38.68 36.26
C VAL C 377 36.54 -39.08 34.89
N ILE C 378 35.65 -39.07 33.90
CA ILE C 378 36.02 -39.35 32.52
C ILE C 378 36.20 -38.00 31.83
N LYS C 379 37.43 -37.66 31.50
CA LYS C 379 37.74 -36.42 30.81
C LYS C 379 37.73 -36.69 29.32
N VAL C 380 36.76 -36.12 28.63
CA VAL C 380 36.58 -36.37 27.19
C VAL C 380 37.61 -35.56 26.42
N GLY C 381 38.34 -36.22 25.53
CA GLY C 381 39.34 -35.57 24.70
C GLY C 381 38.79 -35.26 23.32
N ALA C 382 38.93 -34.01 22.92
CA ALA C 382 38.49 -33.59 21.60
C ALA C 382 39.30 -32.37 21.19
N ALA C 383 39.52 -32.24 19.88
CA ALA C 383 40.28 -31.11 19.37
C ALA C 383 39.49 -29.81 19.45
N THR C 384 38.17 -29.89 19.43
CA THR C 384 37.32 -28.72 19.32
C THR C 384 36.14 -28.83 20.28
N GLU C 385 35.58 -27.68 20.65
CA GLU C 385 34.47 -27.66 21.60
C GLU C 385 33.20 -28.24 21.00
N VAL C 386 32.99 -28.08 19.69
CA VAL C 386 31.81 -28.68 19.07
C VAL C 386 31.92 -30.19 19.07
N GLU C 387 33.12 -30.71 18.85
CA GLU C 387 33.34 -32.15 18.97
C GLU C 387 33.34 -32.59 20.42
N MET C 388 33.80 -31.72 21.32
CA MET C 388 33.78 -32.04 22.75
C MET C 388 32.35 -32.20 23.25
N LYS C 389 31.46 -31.30 22.85
CA LYS C 389 30.07 -31.39 23.27
C LYS C 389 29.39 -32.61 22.67
N GLU C 390 29.69 -32.93 21.41
CA GLU C 390 29.12 -34.12 20.79
C GLU C 390 29.61 -35.38 21.48
N LYS C 391 30.91 -35.45 21.79
CA LYS C 391 31.45 -36.62 22.45
C LYS C 391 30.93 -36.76 23.87
N LYS C 392 30.80 -35.64 24.59
CA LYS C 392 30.30 -35.70 25.95
C LYS C 392 28.87 -36.23 25.99
N ALA C 393 28.04 -35.83 25.05
CA ALA C 393 26.69 -36.38 24.97
C ALA C 393 26.72 -37.87 24.72
N ARG C 394 27.62 -38.33 23.85
CA ARG C 394 27.75 -39.76 23.61
C ARG C 394 28.28 -40.48 24.84
N VAL C 395 29.26 -39.90 25.54
CA VAL C 395 29.77 -40.52 26.75
C VAL C 395 28.71 -40.55 27.83
N GLU C 396 27.96 -39.45 27.99
CA GLU C 396 26.88 -39.43 28.97
C GLU C 396 25.79 -40.43 28.63
N ASP C 397 25.47 -40.57 27.34
CA ASP C 397 24.49 -41.57 26.91
C ASP C 397 24.99 -42.98 27.22
N ALA C 398 26.27 -43.24 26.99
CA ALA C 398 26.82 -44.57 27.27
C ALA C 398 26.86 -44.84 28.76
N LEU C 399 27.11 -43.80 29.57
CA LEU C 399 27.07 -43.97 31.02
C LEU C 399 25.66 -44.32 31.50
N HIS C 400 24.65 -43.65 30.94
CA HIS C 400 23.27 -43.93 31.34
C HIS C 400 22.87 -45.34 30.95
N ALA C 401 23.27 -45.80 29.76
CA ALA C 401 22.92 -47.14 29.32
C ALA C 401 23.58 -48.21 30.18
N THR C 402 24.84 -48.01 30.55
CA THR C 402 25.52 -48.98 31.38
C THR C 402 24.89 -49.06 32.77
N ARG C 403 24.48 -47.91 33.32
CA ARG C 403 23.76 -47.92 34.58
C ARG C 403 22.42 -48.64 34.44
N ALA C 404 21.72 -48.42 33.33
CA ALA C 404 20.47 -49.13 33.10
C ALA C 404 20.70 -50.62 32.86
N ALA C 405 21.86 -50.96 32.28
CA ALA C 405 22.15 -52.36 32.00
C ALA C 405 22.34 -53.16 33.29
N VAL C 406 23.08 -52.60 34.25
CA VAL C 406 23.29 -53.31 35.51
C VAL C 406 22.04 -53.30 36.37
N GLU C 407 21.10 -52.39 36.10
CA GLU C 407 19.89 -52.30 36.93
C GLU C 407 18.88 -53.35 36.55
N GLU C 408 18.58 -53.48 35.25
CA GLU C 408 17.50 -54.34 34.79
C GLU C 408 17.92 -55.43 33.82
N GLY C 409 19.12 -55.35 33.25
CA GLY C 409 19.60 -56.38 32.35
C GLY C 409 19.77 -55.84 30.94
N ILE C 410 20.11 -56.77 30.04
CA ILE C 410 20.37 -56.43 28.65
C ILE C 410 19.50 -57.29 27.74
N VAL C 411 19.15 -56.73 26.59
CA VAL C 411 18.38 -57.44 25.56
C VAL C 411 19.06 -57.23 24.23
N PRO C 412 18.80 -58.12 23.26
CA PRO C 412 19.36 -57.92 21.91
C PRO C 412 18.93 -56.57 21.34
N GLY C 413 19.88 -55.90 20.69
CA GLY C 413 19.66 -54.57 20.17
C GLY C 413 19.09 -54.58 18.76
N GLY C 414 19.09 -53.41 18.15
CA GLY C 414 18.60 -53.27 16.80
C GLY C 414 17.10 -53.45 16.65
N GLY C 415 16.34 -53.24 17.72
CA GLY C 415 14.91 -53.45 17.67
C GLY C 415 14.48 -54.89 17.73
N VAL C 416 15.42 -55.82 17.91
CA VAL C 416 15.07 -57.24 17.98
C VAL C 416 14.28 -57.55 19.24
N ALA C 417 14.63 -56.89 20.35
CA ALA C 417 13.99 -57.18 21.63
C ALA C 417 12.49 -56.93 21.57
N LEU C 418 12.07 -55.82 20.95
CA LEU C 418 10.65 -55.53 20.83
C LEU C 418 9.96 -56.55 19.92
N LEU C 419 10.64 -56.98 18.86
CA LEU C 419 10.06 -57.99 17.98
C LEU C 419 9.94 -59.34 18.68
N ARG C 420 10.98 -59.75 19.42
CA ARG C 420 10.91 -61.01 20.14
C ARG C 420 9.85 -60.95 21.24
N ALA C 421 9.77 -59.82 21.95
CA ALA C 421 8.76 -59.67 22.98
C ALA C 421 7.36 -59.67 22.38
N ARG C 422 7.20 -59.08 21.20
CA ARG C 422 5.90 -59.07 20.55
C ARG C 422 5.45 -60.48 20.20
N GLU C 423 6.35 -61.29 19.65
CA GLU C 423 5.97 -62.65 19.26
C GLU C 423 5.63 -63.49 20.48
N ALA C 424 6.37 -63.32 21.57
CA ALA C 424 6.06 -64.05 22.80
C ALA C 424 4.72 -63.64 23.36
N ALA C 425 4.41 -62.33 23.34
CA ALA C 425 3.14 -61.85 23.86
C ALA C 425 1.97 -62.38 23.03
N VAL C 426 2.11 -62.38 21.70
CA VAL C 426 1.05 -62.91 20.85
C VAL C 426 0.86 -64.40 21.09
N ALA C 427 1.96 -65.14 21.20
CA ALA C 427 1.88 -66.58 21.41
C ALA C 427 1.27 -66.94 22.76
N LYS C 428 1.23 -66.02 23.71
CA LYS C 428 0.65 -66.27 25.02
C LYS C 428 -0.82 -65.91 25.08
N GLY C 429 -1.40 -65.42 23.99
CA GLY C 429 -2.82 -65.13 23.98
C GLY C 429 -3.19 -63.71 24.34
N LEU C 430 -2.58 -62.74 23.65
CA LEU C 430 -2.89 -61.34 23.87
C LEU C 430 -4.14 -60.98 23.09
N LYS C 431 -5.22 -60.63 23.80
CA LYS C 431 -6.48 -60.33 23.17
C LYS C 431 -7.21 -59.24 23.95
N GLY C 432 -8.11 -58.55 23.27
CA GLY C 432 -8.88 -57.48 23.86
C GLY C 432 -10.32 -57.89 24.16
N ASP C 433 -11.03 -56.98 24.82
CA ASP C 433 -12.41 -57.23 25.21
C ASP C 433 -13.41 -56.96 24.10
N ASN C 434 -12.99 -56.26 23.05
CA ASN C 434 -13.88 -55.93 21.95
C ASN C 434 -13.03 -55.67 20.71
N PRO C 435 -13.62 -55.67 19.52
CA PRO C 435 -12.82 -55.47 18.30
C PRO C 435 -12.04 -54.16 18.29
N ASP C 436 -12.54 -53.11 18.93
CA ASP C 436 -11.77 -51.87 19.00
C ASP C 436 -10.51 -52.06 19.85
N GLN C 437 -10.61 -52.82 20.94
CA GLN C 437 -9.43 -53.12 21.74
C GLN C 437 -8.48 -54.05 20.98
N GLU C 438 -9.02 -54.95 20.17
CA GLU C 438 -8.18 -55.79 19.32
C GLU C 438 -7.41 -54.94 18.32
N ALA C 439 -8.05 -53.91 17.76
CA ALA C 439 -7.35 -53.01 16.86
C ALA C 439 -6.26 -52.25 17.60
N GLY C 440 -6.53 -51.84 18.85
CA GLY C 440 -5.51 -51.18 19.63
C GLY C 440 -4.29 -52.07 19.87
N ILE C 441 -4.53 -53.37 20.07
CA ILE C 441 -3.41 -54.30 20.18
C ILE C 441 -2.63 -54.38 18.88
N LYS C 442 -3.35 -54.43 17.75
CA LYS C 442 -2.68 -54.50 16.45
C LYS C 442 -1.87 -53.24 16.17
N ILE C 443 -2.25 -52.11 16.77
CA ILE C 443 -1.47 -50.89 16.63
C ILE C 443 -0.09 -51.07 17.24
N VAL C 444 -0.03 -51.63 18.45
CA VAL C 444 1.25 -51.81 19.13
C VAL C 444 2.08 -52.88 18.44
N LEU C 445 1.42 -53.94 17.95
CA LEU C 445 2.16 -55.00 17.27
C LEU C 445 2.88 -54.48 16.03
N ARG C 446 2.23 -53.60 15.28
CA ARG C 446 2.89 -53.01 14.12
C ARG C 446 3.91 -51.95 14.55
N ALA C 447 3.60 -51.20 15.61
CA ALA C 447 4.46 -50.09 15.99
C ALA C 447 5.82 -50.54 16.49
N VAL C 448 5.90 -51.68 17.18
CA VAL C 448 7.18 -52.15 17.71
C VAL C 448 8.16 -52.53 16.63
N GLU C 449 7.71 -52.73 15.39
CA GLU C 449 8.61 -52.96 14.28
C GLU C 449 9.31 -51.68 13.82
N GLN C 450 8.78 -50.52 14.18
CA GLN C 450 9.31 -49.27 13.66
C GLN C 450 10.76 -49.00 14.04
N PRO C 451 11.21 -49.22 15.29
CA PRO C 451 12.63 -48.96 15.57
C PRO C 451 13.58 -49.73 14.67
N LEU C 452 13.29 -50.99 14.35
CA LEU C 452 14.12 -51.72 13.41
C LEU C 452 13.99 -51.16 12.00
N ARG C 453 12.76 -50.78 11.61
CA ARG C 453 12.56 -50.25 10.27
C ARG C 453 13.32 -48.95 10.05
N GLU C 454 13.33 -48.07 11.05
CA GLU C 454 14.03 -46.80 10.90
C GLU C 454 15.53 -46.96 11.00
N ILE C 455 16.00 -47.94 11.79
CA ILE C 455 17.43 -48.24 11.81
C ILE C 455 17.87 -48.73 10.43
N VAL C 456 17.08 -49.63 9.84
CA VAL C 456 17.41 -50.15 8.51
C VAL C 456 17.26 -49.08 7.45
N ALA C 457 16.22 -48.24 7.56
CA ALA C 457 16.02 -47.17 6.59
C ALA C 457 17.18 -46.19 6.61
N ASN C 458 17.68 -45.84 7.79
CA ASN C 458 18.86 -44.98 7.89
C ASN C 458 20.09 -45.67 7.31
N ALA C 459 20.17 -47.00 7.44
CA ALA C 459 21.28 -47.74 6.88
C ALA C 459 21.21 -47.87 5.36
N GLY C 460 20.08 -47.51 4.75
CA GLY C 460 19.94 -47.55 3.31
C GLY C 460 19.42 -48.84 2.73
N GLU C 461 18.87 -49.74 3.55
CA GLU C 461 18.33 -51.00 3.08
C GLU C 461 16.80 -50.94 3.06
N GLU C 462 16.18 -52.07 2.73
CA GLU C 462 14.74 -52.16 2.65
C GLU C 462 14.18 -52.62 3.99
N PRO C 463 13.45 -51.77 4.73
CA PRO C 463 13.00 -52.18 6.06
C PRO C 463 12.10 -53.40 6.06
N SER C 464 11.22 -53.54 5.06
CA SER C 464 10.25 -54.63 5.07
C SER C 464 10.94 -55.98 4.90
N VAL C 465 11.95 -56.06 4.04
CA VAL C 465 12.66 -57.32 3.83
C VAL C 465 13.45 -57.69 5.08
N ILE C 466 14.13 -56.72 5.69
CA ILE C 466 14.92 -57.00 6.88
C ILE C 466 14.03 -57.43 8.03
N VAL C 467 12.90 -56.73 8.22
CA VAL C 467 12.00 -57.07 9.32
C VAL C 467 11.45 -58.48 9.14
N ALA C 468 11.09 -58.84 7.91
CA ALA C 468 10.58 -60.18 7.66
C ALA C 468 11.63 -61.24 7.97
N LYS C 469 12.88 -61.00 7.58
CA LYS C 469 13.95 -61.96 7.87
C LYS C 469 14.19 -62.07 9.37
N VAL C 470 14.17 -60.94 10.09
CA VAL C 470 14.39 -60.96 11.53
C VAL C 470 13.27 -61.73 12.21
N LEU C 471 12.02 -61.50 11.79
CA LEU C 471 10.89 -62.22 12.38
C LEU C 471 10.97 -63.71 12.08
N GLU C 472 11.57 -64.09 10.95
CA GLU C 472 11.76 -65.50 10.65
C GLU C 472 12.70 -66.15 11.65
N GLY C 473 13.71 -65.42 12.10
CA GLY C 473 14.64 -65.95 13.07
C GLY C 473 14.06 -66.03 14.46
N LYS C 474 14.83 -66.61 15.37
CA LYS C 474 14.41 -66.81 16.75
C LYS C 474 15.55 -66.42 17.68
N GLY C 475 15.19 -66.06 18.91
CA GLY C 475 16.19 -65.77 19.91
C GLY C 475 16.85 -64.43 19.65
N ASN C 476 18.18 -64.42 19.73
CA ASN C 476 18.97 -63.21 19.56
C ASN C 476 19.30 -62.92 18.11
N TYR C 477 18.78 -63.71 17.17
CA TYR C 477 19.01 -63.45 15.76
C TYR C 477 18.51 -62.07 15.38
N GLY C 478 19.34 -61.33 14.67
CA GLY C 478 18.97 -59.98 14.30
C GLY C 478 19.80 -59.48 13.14
N TYR C 479 19.66 -58.20 12.85
CA TYR C 479 20.33 -57.56 11.73
C TYR C 479 21.30 -56.52 12.26
N ASN C 480 22.57 -56.65 11.87
CA ASN C 480 23.58 -55.66 12.24
C ASN C 480 23.62 -54.58 11.18
N ALA C 481 23.05 -53.41 11.50
CA ALA C 481 23.01 -52.33 10.52
C ALA C 481 24.40 -51.76 10.25
N ALA C 482 25.31 -51.88 11.20
CA ALA C 482 26.67 -51.38 10.98
C ALA C 482 27.37 -52.15 9.88
N THR C 483 27.22 -53.48 9.88
CA THR C 483 27.88 -54.33 8.89
C THR C 483 26.94 -54.85 7.81
N GLY C 484 25.63 -54.65 7.96
CA GLY C 484 24.68 -55.15 6.98
C GLY C 484 24.63 -56.66 6.92
N GLU C 485 24.76 -57.33 8.07
CA GLU C 485 24.77 -58.78 8.13
C GLU C 485 23.80 -59.25 9.21
N PHE C 486 23.27 -60.45 9.01
CA PHE C 486 22.40 -61.08 10.00
C PHE C 486 23.24 -61.99 10.89
N GLY C 487 22.82 -62.11 12.15
CA GLY C 487 23.52 -62.98 13.07
C GLY C 487 22.97 -62.82 14.47
N ASP C 488 23.62 -63.50 15.40
CA ASP C 488 23.25 -63.43 16.80
C ASP C 488 23.66 -62.07 17.36
N MET C 489 22.67 -61.27 17.79
CA MET C 489 22.94 -59.91 18.20
C MET C 489 23.85 -59.85 19.42
N ILE C 490 23.76 -60.84 20.31
CA ILE C 490 24.59 -60.84 21.51
C ILE C 490 26.05 -61.11 21.14
N GLU C 491 26.30 -62.06 20.24
CA GLU C 491 27.67 -62.36 19.84
C GLU C 491 28.32 -61.18 19.13
N MET C 492 27.58 -60.52 18.24
CA MET C 492 28.10 -59.35 17.55
C MET C 492 28.15 -58.11 18.43
N GLY C 493 27.64 -58.20 19.66
CA GLY C 493 27.78 -57.10 20.60
C GLY C 493 26.75 -56.01 20.50
N VAL C 494 25.69 -56.22 19.73
CA VAL C 494 24.62 -55.22 19.65
C VAL C 494 23.67 -55.45 20.81
N LEU C 495 23.95 -54.81 21.94
CA LEU C 495 23.21 -55.00 23.18
C LEU C 495 22.47 -53.73 23.55
N ASP C 496 21.28 -53.91 24.11
CA ASP C 496 20.49 -52.78 24.59
C ASP C 496 20.06 -53.04 26.02
N PRO C 497 20.02 -51.99 26.85
CA PRO C 497 19.47 -52.15 28.20
C PRO C 497 17.97 -52.37 28.13
N THR C 498 17.49 -53.41 28.81
CA THR C 498 16.06 -53.70 28.79
C THR C 498 15.25 -52.60 29.47
N LYS C 499 15.87 -51.86 30.40
CA LYS C 499 15.19 -50.72 31.00
C LYS C 499 14.96 -49.63 29.97
N VAL C 500 15.93 -49.39 29.09
CA VAL C 500 15.78 -48.38 28.05
C VAL C 500 14.67 -48.78 27.08
N THR C 501 14.68 -50.05 26.67
CA THR C 501 13.64 -50.53 25.75
C THR C 501 12.26 -50.47 26.38
N ARG C 502 12.14 -50.90 27.64
CA ARG C 502 10.86 -50.87 28.31
C ARG C 502 10.37 -49.44 28.52
N SER C 503 11.28 -48.55 28.92
CA SER C 503 10.88 -47.16 29.17
C SER C 503 10.44 -46.48 27.87
N ALA C 504 11.15 -46.75 26.77
CA ALA C 504 10.79 -46.13 25.49
C ALA C 504 9.40 -46.55 25.06
N LEU C 505 9.07 -47.83 25.20
CA LEU C 505 7.76 -48.32 24.78
C LEU C 505 6.66 -47.77 25.67
N GLN C 506 6.86 -47.80 26.98
CA GLN C 506 5.83 -47.37 27.91
C GLN C 506 5.55 -45.87 27.78
N ASN C 507 6.60 -45.07 27.64
CA ASN C 507 6.39 -43.63 27.49
C ASN C 507 5.73 -43.31 26.15
N ALA C 508 6.14 -43.99 25.07
CA ALA C 508 5.54 -43.74 23.77
C ALA C 508 4.06 -44.11 23.76
N ALA C 509 3.71 -45.24 24.37
CA ALA C 509 2.34 -45.70 24.35
C ALA C 509 1.43 -44.77 25.14
N SER C 510 1.90 -44.26 26.27
CA SER C 510 1.06 -43.42 27.12
C SER C 510 0.68 -42.12 26.41
N VAL C 511 1.63 -41.53 25.69
CA VAL C 511 1.35 -40.26 25.02
C VAL C 511 0.63 -40.48 23.71
N ALA C 512 1.12 -41.42 22.89
CA ALA C 512 0.49 -41.66 21.59
C ALA C 512 -0.92 -42.20 21.74
N GLY C 513 -1.17 -43.00 22.78
CA GLY C 513 -2.53 -43.46 23.03
C GLY C 513 -3.48 -42.32 23.34
N LEU C 514 -3.00 -41.32 24.09
CA LEU C 514 -3.82 -40.15 24.37
C LEU C 514 -4.07 -39.34 23.10
N MET C 515 -3.07 -39.24 22.23
CA MET C 515 -3.23 -38.46 21.01
C MET C 515 -4.24 -39.09 20.06
N LEU C 516 -4.49 -40.39 20.19
CA LEU C 516 -5.50 -41.03 19.36
C LEU C 516 -6.90 -40.60 19.76
N THR C 517 -7.10 -40.28 21.04
CA THR C 517 -8.41 -39.93 21.57
C THR C 517 -8.75 -38.46 21.40
N THR C 518 -8.05 -37.75 20.52
CA THR C 518 -8.25 -36.33 20.33
C THR C 518 -9.36 -36.08 19.31
N GLU C 519 -10.34 -35.27 19.70
CA GLU C 519 -11.39 -34.81 18.80
C GLU C 519 -11.42 -33.31 18.62
N CYS C 520 -11.04 -32.55 19.64
CA CYS C 520 -11.09 -31.09 19.59
C CYS C 520 -9.76 -30.55 20.08
N MET C 521 -9.27 -29.51 19.41
CA MET C 521 -8.00 -28.88 19.76
C MET C 521 -8.25 -27.38 19.92
N ILE C 522 -7.84 -26.83 21.06
CA ILE C 522 -8.01 -25.42 21.37
C ILE C 522 -6.63 -24.80 21.51
N ALA C 523 -6.36 -23.79 20.70
CA ALA C 523 -5.09 -23.08 20.72
C ALA C 523 -5.35 -21.59 20.55
N GLU C 524 -4.33 -20.79 20.87
CA GLU C 524 -4.45 -19.36 20.73
C GLU C 524 -4.61 -18.99 19.26
N ALA C 525 -5.55 -18.09 18.97
CA ALA C 525 -5.77 -17.67 17.61
C ALA C 525 -4.58 -16.83 17.13
N PRO C 526 -4.22 -16.93 15.85
CA PRO C 526 -3.13 -16.10 15.33
C PRO C 526 -3.53 -14.63 15.27
N LYS C 527 -2.51 -13.77 15.20
CA LYS C 527 -2.72 -12.33 15.14
C LYS C 527 -3.10 -11.90 13.73
N ASP C 528 -4.19 -12.48 13.24
CA ASP C 528 -4.73 -12.20 11.90
C ASP C 528 -3.70 -12.46 10.80
N LYS D 1 66.89 5.02 88.93
CA LYS D 1 66.63 6.13 88.02
C LYS D 1 65.26 6.75 88.29
N LEU D 2 64.25 5.90 88.44
CA LEU D 2 62.88 6.34 88.67
C LEU D 2 62.52 6.13 90.13
N ARG D 3 62.05 7.19 90.79
CA ARG D 3 61.67 7.14 92.20
C ARG D 3 60.19 7.44 92.34
N PRO D 4 59.35 6.42 92.56
CA PRO D 4 57.91 6.66 92.72
C PRO D 4 57.61 7.40 94.01
N LEU D 5 56.44 8.05 94.02
CA LEU D 5 56.01 8.88 95.13
C LEU D 5 54.82 8.24 95.84
N HIS D 6 54.87 8.27 97.18
CA HIS D 6 53.77 7.84 98.05
C HIS D 6 53.53 6.35 97.80
N ASP D 7 52.33 5.94 97.37
CA ASP D 7 52.00 4.52 97.21
C ASP D 7 52.30 3.99 95.83
N ARG D 8 52.90 4.81 94.97
CA ARG D 8 53.18 4.37 93.60
C ARG D 8 54.20 3.25 93.57
N VAL D 9 53.97 2.28 92.69
CA VAL D 9 54.89 1.18 92.46
C VAL D 9 55.17 1.09 90.98
N VAL D 10 56.45 1.00 90.62
CA VAL D 10 56.88 0.84 89.24
C VAL D 10 57.17 -0.65 89.01
N VAL D 11 56.55 -1.22 87.98
CA VAL D 11 56.69 -2.63 87.68
C VAL D 11 57.05 -2.79 86.21
N LYS D 12 57.98 -3.71 85.93
CA LYS D 12 58.30 -4.12 84.57
C LYS D 12 57.44 -5.34 84.26
N ARG D 13 56.38 -5.14 83.48
CA ARG D 13 55.50 -6.24 83.13
C ARG D 13 56.26 -7.32 82.37
N ILE D 14 56.08 -8.57 82.79
CA ILE D 14 56.86 -9.65 82.23
C ILE D 14 56.41 -9.94 80.80
N GLU D 15 57.34 -10.46 80.00
CA GLU D 15 57.05 -10.78 78.61
C GLU D 15 56.04 -11.93 78.51
N ALA D 16 55.30 -11.93 77.40
CA ALA D 16 54.25 -12.93 77.19
C ALA D 16 54.85 -14.30 76.93
N GLU D 17 54.25 -15.33 77.55
CA GLU D 17 54.80 -16.67 77.53
C GLU D 17 54.98 -17.15 76.10
N ARG D 18 56.16 -17.73 75.82
CA ARG D 18 56.55 -18.12 74.46
C ARG D 18 56.45 -19.63 74.23
N LYS D 19 57.19 -20.43 74.98
CA LYS D 19 57.14 -21.88 74.87
C LYS D 19 56.36 -22.49 76.04
N THR D 20 55.52 -23.46 75.73
CA THR D 20 54.70 -24.13 76.72
C THR D 20 55.43 -25.34 77.27
N ALA D 21 54.73 -26.14 78.09
CA ALA D 21 55.32 -27.35 78.64
C ALA D 21 55.66 -28.34 77.55
N SER D 22 54.79 -28.47 76.54
CA SER D 22 55.03 -29.37 75.43
C SER D 22 55.86 -28.73 74.32
N GLY D 23 56.20 -27.45 74.43
CA GLY D 23 57.08 -26.80 73.50
C GLY D 23 56.42 -26.05 72.36
N ILE D 24 55.11 -25.83 72.42
CA ILE D 24 54.42 -25.13 71.33
C ILE D 24 54.81 -23.67 71.35
N VAL D 25 55.20 -23.15 70.18
CA VAL D 25 55.59 -21.76 70.04
C VAL D 25 54.37 -20.93 69.68
N ILE D 26 54.14 -19.88 70.45
CA ILE D 26 53.02 -18.96 70.22
C ILE D 26 53.58 -17.67 69.63
N PRO D 27 53.00 -17.14 68.56
CA PRO D 27 53.44 -15.84 68.05
C PRO D 27 53.17 -14.73 69.07
N ASP D 28 54.00 -13.70 69.02
CA ASP D 28 53.88 -12.61 69.99
C ASP D 28 52.53 -11.92 69.89
N THR D 29 51.95 -11.85 68.69
CA THR D 29 50.62 -11.28 68.54
C THR D 29 49.57 -12.10 69.28
N ALA D 30 49.65 -13.43 69.16
CA ALA D 30 48.67 -14.29 69.81
C ALA D 30 48.86 -14.30 71.32
N GLY D 31 50.10 -14.22 71.81
CA GLY D 31 50.35 -14.28 73.23
C GLY D 31 49.72 -13.14 74.00
N GLU D 32 48.85 -13.47 74.95
CA GLU D 32 48.19 -12.45 75.75
C GLU D 32 49.19 -11.79 76.69
N LYS D 33 49.02 -10.49 76.89
CA LYS D 33 49.90 -9.74 77.78
C LYS D 33 49.65 -10.16 79.22
N PRO D 34 50.64 -10.70 79.92
CA PRO D 34 50.41 -11.13 81.31
C PRO D 34 50.15 -9.94 82.22
N ASP D 35 49.40 -10.20 83.28
CA ASP D 35 49.10 -9.20 84.30
C ASP D 35 50.09 -9.26 85.47
N GLN D 36 51.31 -9.71 85.22
CA GLN D 36 52.32 -9.88 86.24
C GLN D 36 53.58 -9.10 85.86
N GLY D 37 54.37 -8.78 86.87
CA GLY D 37 55.63 -8.08 86.65
C GLY D 37 56.43 -8.03 87.94
N GLU D 38 57.72 -7.78 87.78
CA GLU D 38 58.62 -7.63 88.92
C GLU D 38 58.74 -6.17 89.30
N VAL D 39 58.96 -5.93 90.59
CA VAL D 39 59.07 -4.57 91.10
C VAL D 39 60.54 -4.16 91.15
N LEU D 40 60.84 -2.98 90.61
CA LEU D 40 62.18 -2.44 90.67
C LEU D 40 62.28 -1.16 91.48
N ALA D 41 61.16 -0.50 91.75
CA ALA D 41 61.14 0.70 92.59
C ALA D 41 59.80 0.81 93.27
N VAL D 42 59.81 1.13 94.56
CA VAL D 42 58.60 1.25 95.35
C VAL D 42 58.63 2.57 96.11
N GLY D 43 57.43 3.09 96.42
CA GLY D 43 57.32 4.34 97.15
C GLY D 43 57.49 4.17 98.64
N ASP D 44 57.59 5.31 99.32
CA ASP D 44 57.73 5.29 100.77
C ASP D 44 56.45 4.83 101.46
N GLY D 45 55.31 5.22 100.93
CA GLY D 45 54.02 4.83 101.48
C GLY D 45 53.02 5.97 101.46
N LYS D 46 51.74 5.61 101.40
CA LYS D 46 50.68 6.61 101.38
C LYS D 46 50.57 7.32 102.72
N ILE D 47 50.49 8.65 102.67
CA ILE D 47 50.28 9.46 103.87
C ILE D 47 48.81 9.29 104.27
N LEU D 48 48.57 8.52 105.32
CA LEU D 48 47.21 8.39 105.83
C LEU D 48 46.83 9.64 106.64
N ASP D 49 45.55 9.71 107.00
CA ASP D 49 44.96 10.95 107.50
C ASP D 49 45.57 11.43 108.81
N ASP D 50 46.27 10.59 109.55
CA ASP D 50 46.87 10.96 110.83
C ASP D 50 48.38 10.95 110.76
N GLY D 51 48.95 11.48 109.67
CA GLY D 51 50.38 11.56 109.53
C GLY D 51 51.02 10.20 109.31
N SER D 52 52.34 10.18 109.45
CA SER D 52 53.15 8.97 109.30
C SER D 52 52.99 8.35 107.92
N LYS D 53 53.40 7.09 107.79
CA LYS D 53 53.38 6.38 106.51
C LYS D 53 52.72 5.02 106.68
N ARG D 54 52.06 4.57 105.62
CA ARG D 54 51.50 3.22 105.60
C ARG D 54 52.60 2.22 105.25
N PRO D 55 52.78 1.17 106.04
CA PRO D 55 53.79 0.16 105.71
C PRO D 55 53.51 -0.48 104.35
N MET D 56 54.54 -0.50 103.51
CA MET D 56 54.38 -0.99 102.15
C MET D 56 54.38 -2.51 102.15
N ALA D 57 53.42 -3.09 101.42
CA ALA D 57 53.29 -4.54 101.33
C ALA D 57 54.09 -5.15 100.19
N VAL D 58 54.72 -4.33 99.34
CA VAL D 58 55.50 -4.80 98.21
C VAL D 58 56.93 -4.32 98.39
N LYS D 59 57.88 -5.25 98.30
CA LYS D 59 59.30 -4.94 98.42
C LYS D 59 59.99 -5.15 97.08
N VAL D 60 61.01 -4.33 96.83
CA VAL D 60 61.70 -4.35 95.55
C VAL D 60 62.32 -5.73 95.32
N GLY D 61 62.12 -6.28 94.13
CA GLY D 61 62.64 -7.58 93.77
C GLY D 61 61.61 -8.69 93.70
N ASP D 62 60.39 -8.46 94.17
CA ASP D 62 59.36 -9.49 94.17
C ASP D 62 58.55 -9.45 92.87
N LYS D 63 57.76 -10.49 92.68
CA LYS D 63 56.85 -10.59 91.54
C LYS D 63 55.42 -10.33 92.02
N VAL D 64 54.73 -9.41 91.35
CA VAL D 64 53.40 -8.98 91.77
C VAL D 64 52.40 -9.22 90.65
N LEU D 65 51.14 -9.40 91.03
CA LEU D 65 50.04 -9.57 90.10
C LEU D 65 49.05 -8.42 90.29
N PHE D 66 48.63 -7.82 89.19
CA PHE D 66 47.77 -6.64 89.24
C PHE D 66 46.70 -6.75 88.17
N GLY D 67 45.66 -5.93 88.32
CA GLY D 67 44.62 -5.87 87.31
C GLY D 67 45.11 -5.20 86.04
N LYS D 68 44.50 -5.58 84.91
CA LYS D 68 44.92 -5.02 83.63
C LYS D 68 44.48 -3.57 83.50
N TYR D 69 43.32 -3.23 84.09
CA TYR D 69 42.77 -1.88 83.92
C TYR D 69 43.72 -0.81 84.44
N ALA D 70 44.51 -1.13 85.47
CA ALA D 70 45.37 -0.16 86.11
C ALA D 70 46.74 -0.08 85.44
N GLY D 71 47.50 0.92 85.83
CA GLY D 71 48.87 1.08 85.37
C GLY D 71 48.99 2.17 84.31
N GLN D 72 50.24 2.60 84.09
CA GLN D 72 50.55 3.60 83.07
C GLN D 72 51.96 3.36 82.59
N THR D 73 52.16 3.45 81.27
CA THR D 73 53.45 3.23 80.66
C THR D 73 54.27 4.51 80.68
N VAL D 74 55.56 4.38 81.00
CA VAL D 74 56.46 5.52 81.13
C VAL D 74 57.56 5.37 80.08
N LYS D 75 57.91 6.49 79.45
CA LYS D 75 58.73 6.50 78.24
C LYS D 75 60.23 6.61 78.51
N VAL D 76 60.66 6.59 79.77
CA VAL D 76 62.08 6.78 80.08
C VAL D 76 62.90 5.60 79.57
N GLU D 77 64.03 5.93 78.93
CA GLU D 77 65.02 5.04 78.29
C GLU D 77 64.39 3.89 77.52
N GLY D 78 63.19 4.10 76.98
CA GLY D 78 62.60 3.18 76.04
C GLY D 78 62.07 1.89 76.62
N GLU D 79 62.33 1.60 77.89
CA GLU D 79 61.76 0.41 78.50
C GLU D 79 60.28 0.61 78.76
N GLU D 80 59.54 -0.50 78.78
CA GLU D 80 58.12 -0.47 79.13
C GLU D 80 57.95 -0.79 80.61
N LEU D 81 57.85 0.30 81.38
CA LEU D 81 57.62 0.19 82.81
C LEU D 81 56.22 0.68 83.15
N LEU D 82 55.57 0.00 84.07
CA LEU D 82 54.21 0.32 84.47
C LEU D 82 54.21 0.90 85.87
N VAL D 83 53.62 2.08 86.02
CA VAL D 83 53.54 2.77 87.31
C VAL D 83 52.09 2.73 87.76
N LEU D 84 51.86 2.16 88.94
CA LEU D 84 50.51 2.00 89.46
C LEU D 84 50.55 2.04 90.98
N ARG D 85 49.39 2.32 91.57
CA ARG D 85 49.30 2.46 93.01
C ARG D 85 49.39 1.10 93.70
N GLU D 86 49.61 1.13 95.01
CA GLU D 86 49.79 -0.10 95.78
C GLU D 86 48.52 -0.94 95.80
N ASP D 87 47.36 -0.32 95.96
CA ASP D 87 46.12 -1.07 96.08
C ASP D 87 45.75 -1.80 94.80
N ASP D 88 46.31 -1.39 93.66
CA ASP D 88 46.02 -2.08 92.41
C ASP D 88 46.73 -3.42 92.33
N ILE D 89 47.88 -3.55 92.97
CA ILE D 89 48.54 -4.85 93.06
C ILE D 89 47.71 -5.74 93.97
N MET D 90 47.25 -6.88 93.44
CA MET D 90 46.32 -7.74 94.14
C MET D 90 46.94 -9.01 94.70
N ALA D 91 48.14 -9.39 94.25
CA ALA D 91 48.77 -10.60 94.75
C ALA D 91 50.27 -10.50 94.58
N VAL D 92 50.98 -11.34 95.34
CA VAL D 92 52.43 -11.44 95.28
C VAL D 92 52.81 -12.87 94.91
N ILE D 93 53.63 -13.02 93.89
CA ILE D 93 54.05 -14.33 93.41
C ILE D 93 55.30 -14.73 94.18
N GLU D 94 55.17 -15.74 95.03
CA GLU D 94 56.28 -16.24 95.85
C GLU D 94 56.90 -15.13 96.69
N ALA E 1 11.46 -19.44 19.91
CA ALA E 1 10.32 -19.18 19.04
C ALA E 1 10.13 -20.32 18.05
N ALA E 2 9.39 -20.04 16.98
CA ALA E 2 9.16 -21.04 15.96
C ALA E 2 10.47 -21.39 15.26
N LYS E 3 10.62 -22.67 14.92
CA LYS E 3 11.85 -23.18 14.34
C LYS E 3 11.58 -23.64 12.91
N GLU E 4 12.51 -23.32 12.01
CA GLU E 4 12.48 -23.86 10.66
C GLU E 4 13.44 -25.03 10.57
N VAL E 5 12.98 -26.10 9.94
CA VAL E 5 13.73 -27.36 9.87
C VAL E 5 14.02 -27.68 8.42
N LYS E 6 15.28 -27.96 8.12
CA LYS E 6 15.72 -28.33 6.78
C LYS E 6 16.32 -29.72 6.81
N PHE E 7 16.15 -30.46 5.72
CA PHE E 7 16.55 -31.86 5.65
C PHE E 7 17.40 -32.12 4.42
N HIS E 8 18.31 -33.09 4.55
CA HIS E 8 19.00 -33.72 3.42
C HIS E 8 19.79 -32.67 2.64
N ASP E 9 19.67 -32.60 1.32
CA ASP E 9 20.52 -31.73 0.53
C ASP E 9 20.21 -30.26 0.76
N SER E 10 18.95 -29.92 1.03
CA SER E 10 18.61 -28.53 1.28
C SER E 10 19.32 -28.01 2.53
N ALA E 11 19.40 -28.85 3.57
CA ALA E 11 20.13 -28.46 4.77
C ALA E 11 21.63 -28.37 4.49
N ARG E 12 22.18 -29.35 3.77
CA ARG E 12 23.61 -29.35 3.50
C ARG E 12 24.01 -28.21 2.58
N GLU E 13 23.16 -27.89 1.60
CA GLU E 13 23.46 -26.80 0.68
C GLU E 13 23.55 -25.47 1.40
N ARG E 14 22.63 -25.21 2.33
CA ARG E 14 22.71 -23.99 3.13
C ARG E 14 23.95 -24.00 4.02
N LEU E 15 24.27 -25.15 4.61
CA LEU E 15 25.44 -25.24 5.48
C LEU E 15 26.72 -24.98 4.70
N VAL E 16 26.86 -25.57 3.51
CA VAL E 16 28.06 -25.39 2.72
C VAL E 16 28.19 -23.96 2.24
N ALA E 17 27.07 -23.32 1.88
CA ALA E 17 27.12 -21.94 1.44
C ALA E 17 27.66 -21.02 2.53
N GLY E 18 27.24 -21.26 3.78
CA GLY E 18 27.80 -20.49 4.88
C GLY E 18 29.26 -20.80 5.12
N VAL E 19 29.66 -22.06 4.95
CA VAL E 19 31.05 -22.44 5.07
C VAL E 19 31.88 -21.73 4.00
N ASN E 20 31.38 -21.73 2.77
CA ASN E 20 32.13 -21.15 1.65
C ASN E 20 32.25 -19.64 1.80
N LEU E 21 31.19 -18.97 2.26
CA LEU E 21 31.24 -17.52 2.36
C LEU E 21 32.29 -17.07 3.36
N LEU E 22 32.34 -17.72 4.53
CA LEU E 22 33.34 -17.36 5.52
C LEU E 22 34.74 -17.71 5.05
N ALA E 23 34.90 -18.90 4.46
CA ALA E 23 36.23 -19.35 4.05
C ALA E 23 36.75 -18.56 2.86
N ASN E 24 35.86 -18.11 1.97
CA ASN E 24 36.30 -17.30 0.84
C ASN E 24 36.87 -15.96 1.31
N ALA E 25 36.24 -15.34 2.31
CA ALA E 25 36.78 -14.10 2.85
C ALA E 25 38.12 -14.33 3.52
N VAL E 26 38.25 -15.43 4.28
CA VAL E 26 39.52 -15.76 4.93
C VAL E 26 40.56 -16.17 3.89
N LYS E 27 40.12 -16.73 2.77
CA LYS E 27 41.04 -17.17 1.72
C LYS E 27 41.93 -16.04 1.23
N THR E 28 41.37 -14.83 1.11
CA THR E 28 42.06 -13.73 0.48
C THR E 28 43.34 -13.34 1.22
N THR E 29 43.45 -13.68 2.49
CA THR E 29 44.59 -13.27 3.31
C THR E 29 45.69 -14.32 3.38
N LEU E 30 45.54 -15.43 2.67
CA LEU E 30 46.48 -16.54 2.81
C LEU E 30 47.74 -16.33 1.98
N GLY E 31 48.89 -16.59 2.61
CA GLY E 31 50.14 -16.61 1.91
C GLY E 31 50.84 -15.27 1.86
N PRO E 32 52.07 -15.26 1.33
CA PRO E 32 52.80 -13.99 1.22
C PRO E 32 52.12 -12.99 0.30
N LYS E 33 51.42 -13.46 -0.73
CA LYS E 33 50.71 -12.59 -1.65
C LYS E 33 49.25 -12.43 -1.29
N GLY E 34 48.84 -12.92 -0.11
CA GLY E 34 47.50 -12.64 0.35
C GLY E 34 47.31 -11.17 0.67
N ARG E 35 46.06 -10.74 0.63
CA ARG E 35 45.73 -9.33 0.75
C ARG E 35 44.87 -9.09 1.99
N ASN E 36 44.76 -7.81 2.36
CA ASN E 36 44.12 -7.44 3.60
C ASN E 36 42.59 -7.47 3.46
N VAL E 37 41.93 -7.56 4.62
CA VAL E 37 40.48 -7.49 4.72
C VAL E 37 40.15 -6.32 5.63
N VAL E 38 39.24 -5.46 5.17
CA VAL E 38 38.79 -4.31 5.95
C VAL E 38 37.48 -4.66 6.62
N ILE E 39 37.41 -4.47 7.94
CA ILE E 39 36.24 -4.79 8.74
C ILE E 39 35.75 -3.51 9.37
N GLU E 40 34.45 -3.22 9.21
CA GLU E 40 33.88 -2.02 9.78
C GLU E 40 33.67 -2.20 11.28
N ARG E 41 34.17 -1.26 12.06
CA ARG E 41 33.92 -1.24 13.50
C ARG E 41 32.78 -0.28 13.81
N SER E 42 32.04 -0.59 14.87
CA SER E 42 30.90 0.24 15.24
C SER E 42 31.34 1.65 15.61
N PHE E 43 32.48 1.77 16.29
CA PHE E 43 32.98 3.06 16.78
C PHE E 43 33.93 3.73 15.79
N GLY E 44 33.77 3.47 14.50
CA GLY E 44 34.63 4.08 13.50
C GLY E 44 35.99 3.44 13.45
N ALA E 45 36.86 4.01 12.58
CA ALA E 45 38.21 3.52 12.38
C ALA E 45 38.21 2.03 12.03
N PRO E 46 37.86 1.67 10.80
CA PRO E 46 37.82 0.25 10.42
C PRO E 46 39.19 -0.40 10.59
N ILE E 47 39.17 -1.65 11.00
CA ILE E 47 40.40 -2.40 11.20
C ILE E 47 40.78 -3.10 9.90
N VAL E 48 42.07 -3.05 9.59
CA VAL E 48 42.64 -3.73 8.44
C VAL E 48 43.46 -4.90 8.98
N THR E 49 43.13 -6.10 8.54
CA THR E 49 43.73 -7.30 9.08
C THR E 49 44.04 -8.31 8.00
N LYS E 50 45.12 -9.05 8.19
CA LYS E 50 45.45 -10.22 7.38
C LYS E 50 45.29 -11.52 8.15
N ASP E 51 44.73 -11.45 9.35
CA ASP E 51 44.56 -12.62 10.20
C ASP E 51 43.25 -13.32 9.87
N GLY E 52 43.31 -14.64 9.76
CA GLY E 52 42.09 -15.40 9.45
C GLY E 52 41.08 -15.37 10.59
N VAL E 53 41.56 -15.44 11.83
CA VAL E 53 40.66 -15.50 12.97
C VAL E 53 39.92 -14.17 13.14
N THR E 54 40.61 -13.05 12.90
CA THR E 54 39.95 -11.75 13.01
C THR E 54 38.85 -11.61 11.97
N VAL E 55 39.11 -12.04 10.75
CA VAL E 55 38.09 -11.99 9.70
C VAL E 55 36.97 -12.96 10.01
N ALA E 56 37.31 -14.18 10.45
CA ALA E 56 36.29 -15.20 10.69
C ALA E 56 35.37 -14.79 11.83
N LYS E 57 35.92 -14.23 12.90
CA LYS E 57 35.11 -13.91 14.08
C LYS E 57 34.10 -12.80 13.82
N GLU E 58 34.24 -12.06 12.73
CA GLU E 58 33.35 -10.94 12.44
C GLU E 58 32.22 -11.30 11.48
N ILE E 59 32.32 -12.43 10.78
CA ILE E 59 31.36 -12.76 9.74
C ILE E 59 30.10 -13.36 10.36
N GLU E 60 28.96 -12.74 10.09
CA GLU E 60 27.65 -13.26 10.46
C GLU E 60 26.72 -13.07 9.28
N LEU E 61 25.89 -14.06 9.02
CA LEU E 61 25.07 -14.10 7.81
C LEU E 61 23.60 -13.87 8.15
N LYS E 62 22.90 -13.21 7.23
CA LYS E 62 21.46 -12.99 7.41
C LYS E 62 20.70 -14.30 7.43
N ASP E 63 21.04 -15.21 6.52
CA ASP E 63 20.41 -16.52 6.50
C ASP E 63 20.86 -17.33 7.71
N LYS E 64 19.90 -17.72 8.57
CA LYS E 64 20.25 -18.42 9.79
C LYS E 64 20.85 -19.79 9.49
N PHE E 65 20.34 -20.48 8.46
CA PHE E 65 20.90 -21.76 8.08
C PHE E 65 22.30 -21.61 7.51
N GLU E 66 22.53 -20.57 6.71
CA GLU E 66 23.88 -20.28 6.25
C GLU E 66 24.77 -19.85 7.40
N ASN E 67 24.22 -19.08 8.35
CA ASN E 67 25.00 -18.62 9.48
C ASN E 67 25.50 -19.79 10.32
N MET E 68 24.74 -20.87 10.40
CA MET E 68 25.18 -22.04 11.16
C MET E 68 26.45 -22.62 10.57
N GLY E 69 26.54 -22.68 9.24
CA GLY E 69 27.77 -23.15 8.62
C GLY E 69 28.93 -22.22 8.86
N ALA E 70 28.68 -20.91 8.82
CA ALA E 70 29.73 -19.94 9.10
C ALA E 70 30.20 -20.03 10.55
N GLN E 71 29.25 -20.19 11.48
CA GLN E 71 29.61 -20.22 12.89
C GLN E 71 30.46 -21.44 13.23
N MET E 72 30.24 -22.56 12.54
CA MET E 72 31.03 -23.75 12.81
C MET E 72 32.44 -23.62 12.25
N VAL E 73 32.58 -23.02 11.07
CA VAL E 73 33.92 -22.78 10.52
C VAL E 73 34.62 -21.66 11.28
N LYS E 74 33.86 -20.65 11.73
CA LYS E 74 34.45 -19.53 12.45
C LYS E 74 35.22 -20.01 13.66
N GLU E 75 34.71 -21.04 14.34
CA GLU E 75 35.35 -21.52 15.55
C GLU E 75 36.51 -22.48 15.26
N VAL E 76 36.69 -22.90 14.01
CA VAL E 76 37.91 -23.61 13.65
C VAL E 76 39.11 -22.68 13.78
N ALA E 77 38.97 -21.45 13.28
CA ALA E 77 40.02 -20.46 13.46
C ALA E 77 40.15 -20.04 14.91
N SER E 78 39.03 -19.99 15.64
CA SER E 78 39.08 -19.61 17.04
C SER E 78 39.88 -20.61 17.86
N LYS E 79 39.70 -21.90 17.62
CA LYS E 79 40.46 -22.91 18.34
C LYS E 79 41.92 -22.90 17.94
N THR E 80 42.20 -22.70 16.65
CA THR E 80 43.59 -22.65 16.19
C THR E 80 44.31 -21.44 16.78
N ALA E 81 43.63 -20.29 16.86
CA ALA E 81 44.23 -19.13 17.49
C ALA E 81 44.46 -19.35 18.97
N ASP E 82 43.55 -20.07 19.63
CA ASP E 82 43.70 -20.33 21.05
C ASP E 82 44.92 -21.19 21.35
N VAL E 83 45.13 -22.24 20.56
CA VAL E 83 46.17 -23.21 20.86
C VAL E 83 47.50 -22.91 20.18
N ALA E 84 47.50 -22.14 19.10
CA ALA E 84 48.75 -21.89 18.38
C ALA E 84 48.99 -20.41 18.16
N GLY E 85 47.92 -19.64 18.03
CA GLY E 85 48.05 -18.23 17.71
C GLY E 85 48.38 -17.93 16.27
N ASP E 86 48.49 -18.96 15.44
CA ASP E 86 48.82 -18.80 14.03
C ASP E 86 48.24 -19.98 13.28
N GLY E 87 48.15 -19.86 11.97
CA GLY E 87 47.56 -20.92 11.18
C GLY E 87 46.06 -20.90 11.12
N THR E 88 45.42 -19.79 11.48
CA THR E 88 43.97 -19.72 11.46
C THR E 88 43.44 -19.71 10.03
N THR E 89 44.10 -18.99 9.12
CA THR E 89 43.69 -19.03 7.72
C THR E 89 43.91 -20.42 7.12
N THR E 90 45.03 -21.05 7.45
CA THR E 90 45.29 -22.41 6.98
C THR E 90 44.26 -23.39 7.50
N ALA E 91 43.89 -23.26 8.78
CA ALA E 91 42.87 -24.12 9.36
C ALA E 91 41.53 -23.91 8.68
N THR E 92 41.16 -22.65 8.42
CA THR E 92 39.90 -22.37 7.74
C THR E 92 39.90 -22.90 6.32
N VAL E 93 41.03 -22.76 5.62
CA VAL E 93 41.13 -23.28 4.26
C VAL E 93 41.03 -24.80 4.26
N LEU E 94 41.71 -25.46 5.20
CA LEU E 94 41.63 -26.91 5.30
C LEU E 94 40.22 -27.39 5.61
N ALA E 95 39.53 -26.68 6.50
CA ALA E 95 38.17 -27.07 6.86
C ALA E 95 37.23 -26.98 5.66
N GLN E 96 37.37 -25.93 4.84
CA GLN E 96 36.55 -25.80 3.66
C GLN E 96 36.87 -26.88 2.63
N ALA E 97 38.15 -27.24 2.51
CA ALA E 97 38.54 -28.29 1.57
C ALA E 97 37.95 -29.63 1.97
N ILE E 98 37.96 -29.94 3.26
CA ILE E 98 37.38 -31.20 3.73
C ILE E 98 35.89 -31.22 3.46
N VAL E 99 35.20 -30.11 3.73
CA VAL E 99 33.76 -30.04 3.48
C VAL E 99 33.48 -30.16 1.99
N ARG E 100 34.24 -29.45 1.16
CA ARG E 100 34.03 -29.50 -0.27
C ARG E 100 34.27 -30.90 -0.83
N GLU E 101 35.34 -31.55 -0.38
CA GLU E 101 35.63 -32.90 -0.84
C GLU E 101 34.71 -33.93 -0.20
N GLY E 102 34.28 -33.69 1.03
CA GLY E 102 33.42 -34.64 1.71
C GLY E 102 31.99 -34.61 1.23
N MET E 103 31.49 -33.45 0.81
CA MET E 103 30.13 -33.38 0.31
C MET E 103 29.97 -34.11 -1.02
N LYS E 104 31.06 -34.28 -1.77
CA LYS E 104 31.00 -35.09 -2.97
C LYS E 104 30.72 -36.54 -2.63
N TYR E 105 31.35 -37.05 -1.58
CA TYR E 105 31.10 -38.43 -1.16
C TYR E 105 29.77 -38.57 -0.42
N VAL E 106 29.36 -37.55 0.32
CA VAL E 106 28.03 -37.59 0.95
C VAL E 106 26.95 -37.63 -0.12
N ALA E 107 27.10 -36.83 -1.17
CA ALA E 107 26.17 -36.88 -2.29
C ALA E 107 26.27 -38.18 -3.06
N ALA E 108 27.38 -38.90 -2.94
CA ALA E 108 27.55 -40.19 -3.59
C ALA E 108 26.93 -41.33 -2.80
N GLY E 109 26.33 -41.06 -1.65
CA GLY E 109 25.63 -42.06 -0.89
C GLY E 109 26.44 -42.76 0.18
N MET E 110 27.72 -42.42 0.34
CA MET E 110 28.53 -43.06 1.36
C MET E 110 28.13 -42.58 2.75
N ASN E 111 28.35 -43.44 3.74
CA ASN E 111 27.95 -43.13 5.10
C ASN E 111 28.82 -42.02 5.67
N PRO E 112 28.24 -40.88 6.05
CA PRO E 112 29.08 -39.79 6.57
C PRO E 112 29.78 -40.13 7.87
N MET E 113 29.20 -40.99 8.70
CA MET E 113 29.86 -41.37 9.95
C MET E 113 31.13 -42.15 9.69
N ASP E 114 31.12 -43.03 8.69
CA ASP E 114 32.35 -43.72 8.30
C ASP E 114 33.32 -42.76 7.60
N LEU E 115 32.81 -41.76 6.89
CA LEU E 115 33.68 -40.73 6.35
C LEU E 115 34.40 -39.98 7.47
N LYS E 116 33.67 -39.65 8.54
CA LYS E 116 34.28 -38.98 9.68
C LYS E 116 35.34 -39.87 10.33
N ARG E 117 35.04 -41.16 10.46
CA ARG E 117 36.02 -42.09 11.02
C ARG E 117 37.24 -42.22 10.12
N GLY E 118 37.03 -42.23 8.80
CA GLY E 118 38.15 -42.25 7.89
C GLY E 118 38.96 -40.96 7.93
N ILE E 119 38.28 -39.83 8.09
CA ILE E 119 38.98 -38.55 8.19
C ILE E 119 39.87 -38.53 9.43
N ASP E 120 39.34 -39.00 10.56
CA ASP E 120 40.13 -39.04 11.78
C ASP E 120 41.33 -39.97 11.65
N LYS E 121 41.14 -41.10 10.96
CA LYS E 121 42.24 -42.03 10.77
C LYS E 121 43.34 -41.42 9.92
N ALA E 122 42.96 -40.71 8.85
CA ALA E 122 43.95 -40.09 7.98
C ALA E 122 44.68 -38.95 8.69
N VAL E 123 43.95 -38.16 9.48
CA VAL E 123 44.57 -37.04 10.17
C VAL E 123 45.54 -37.52 11.23
N THR E 124 45.21 -38.60 11.92
CA THR E 124 46.13 -39.18 12.89
C THR E 124 47.42 -39.63 12.23
N ALA E 125 47.31 -40.27 11.06
CA ALA E 125 48.50 -40.73 10.36
C ALA E 125 49.35 -39.56 9.87
N ILE E 126 48.70 -38.51 9.36
CA ILE E 126 49.43 -37.37 8.83
C ILE E 126 50.11 -36.61 9.97
N VAL E 127 49.44 -36.48 11.10
CA VAL E 127 50.05 -35.78 12.24
C VAL E 127 51.29 -36.51 12.73
N GLU E 128 51.24 -37.84 12.77
CA GLU E 128 52.42 -38.60 13.16
C GLU E 128 53.56 -38.39 12.17
N GLU E 129 53.26 -38.30 10.87
CA GLU E 129 54.29 -38.04 9.90
C GLU E 129 54.84 -36.62 10.02
N LEU E 130 54.00 -35.67 10.46
CA LEU E 130 54.49 -34.32 10.71
C LEU E 130 55.54 -34.31 11.81
N LYS E 131 55.34 -35.13 12.84
CA LYS E 131 56.31 -35.20 13.93
C LYS E 131 57.65 -35.71 13.44
N ALA E 132 57.65 -36.71 12.56
CA ALA E 132 58.91 -37.23 12.02
C ALA E 132 59.59 -36.19 11.13
N ILE E 133 58.82 -35.48 10.31
CA ILE E 133 59.40 -34.46 9.43
C ILE E 133 59.92 -33.29 10.24
N SER E 134 59.27 -32.96 11.36
CA SER E 134 59.63 -31.80 12.15
C SER E 134 61.09 -31.85 12.61
N LYS E 135 61.77 -30.72 12.49
CA LYS E 135 63.13 -30.53 12.97
C LYS E 135 63.14 -29.51 14.10
N PRO E 136 63.94 -29.75 15.14
CA PRO E 136 63.97 -28.81 16.27
C PRO E 136 64.51 -27.45 15.87
N CYS E 137 63.99 -26.42 16.54
CA CYS E 137 64.42 -25.05 16.33
C CYS E 137 65.44 -24.68 17.40
N SER E 138 66.71 -24.61 16.99
CA SER E 138 67.79 -24.40 17.95
C SER E 138 68.68 -23.19 17.64
N THR E 139 68.51 -22.54 16.49
CA THR E 139 69.35 -21.43 16.09
C THR E 139 68.52 -20.15 16.07
N THR E 140 69.14 -19.04 16.44
CA THR E 140 68.46 -17.75 16.38
C THR E 140 68.16 -17.32 14.94
N LYS E 141 68.91 -17.86 13.97
CA LYS E 141 68.58 -17.59 12.57
C LYS E 141 67.25 -18.20 12.20
N GLU E 142 66.98 -19.42 12.67
CA GLU E 142 65.69 -20.06 12.40
C GLU E 142 64.55 -19.31 13.09
N ILE E 143 64.81 -18.79 14.30
CA ILE E 143 63.78 -18.01 14.99
C ILE E 143 63.45 -16.75 14.20
N ALA E 144 64.46 -16.08 13.66
CA ALA E 144 64.21 -14.91 12.83
C ALA E 144 63.45 -15.28 11.58
N GLN E 145 63.80 -16.42 10.96
CA GLN E 145 63.10 -16.86 9.76
C GLN E 145 61.65 -17.18 10.05
N VAL E 146 61.38 -17.85 11.17
CA VAL E 146 60.00 -18.17 11.54
C VAL E 146 59.22 -16.90 11.81
N GLY E 147 59.82 -15.96 12.55
CA GLY E 147 59.14 -14.70 12.80
C GLY E 147 58.92 -13.88 11.55
N THR E 148 59.91 -13.88 10.65
CA THR E 148 59.78 -13.13 9.40
C THR E 148 58.64 -13.65 8.56
N ILE E 149 58.52 -14.97 8.44
CA ILE E 149 57.46 -15.56 7.62
C ILE E 149 56.09 -15.25 8.21
N SER E 150 55.95 -15.39 9.53
CA SER E 150 54.67 -15.16 10.19
C SER E 150 54.29 -13.69 10.24
N ALA E 151 55.26 -12.78 10.13
CA ALA E 151 54.98 -11.36 10.04
C ALA E 151 54.79 -10.88 8.61
N ASN E 152 54.45 -11.79 7.70
CA ASN E 152 54.23 -11.48 6.29
C ASN E 152 55.49 -10.88 5.65
N ALA E 153 56.56 -11.66 5.70
CA ALA E 153 57.83 -11.31 5.05
C ALA E 153 58.37 -9.97 5.54
N ASP E 154 58.33 -9.75 6.85
CA ASP E 154 58.89 -8.56 7.47
C ASP E 154 60.13 -8.98 8.26
N SER E 155 61.30 -8.71 7.70
CA SER E 155 62.54 -9.12 8.35
C SER E 155 62.81 -8.35 9.63
N SER E 156 62.37 -7.09 9.69
CA SER E 156 62.59 -6.29 10.90
C SER E 156 61.85 -6.90 12.10
N ILE E 157 60.61 -7.33 11.89
CA ILE E 157 59.85 -7.95 12.98
C ILE E 157 60.48 -9.27 13.39
N GLY E 158 60.91 -10.07 12.42
CA GLY E 158 61.55 -11.34 12.75
C GLY E 158 62.85 -11.17 13.49
N GLU E 159 63.64 -10.17 13.10
CA GLU E 159 64.93 -9.95 13.76
C GLU E 159 64.75 -9.43 15.18
N ILE E 160 63.80 -8.52 15.39
CA ILE E 160 63.60 -7.95 16.72
C ILE E 160 63.04 -8.98 17.68
N ILE E 161 62.20 -9.90 17.16
CA ILE E 161 61.67 -10.97 18.00
C ILE E 161 62.76 -11.97 18.35
N ALA E 162 63.64 -12.28 17.39
CA ALA E 162 64.76 -13.17 17.68
C ALA E 162 65.68 -12.57 18.72
N GLN E 163 65.93 -11.25 18.64
CA GLN E 163 66.73 -10.59 19.65
C GLN E 163 66.05 -10.63 21.01
N ALA E 164 64.73 -10.44 21.03
CA ALA E 164 64.01 -10.45 22.29
C ALA E 164 64.10 -11.81 22.97
N MET E 165 63.96 -12.89 22.21
CA MET E 165 64.05 -14.23 22.80
C MET E 165 65.46 -14.53 23.27
N ASP E 166 66.47 -14.04 22.55
CA ASP E 166 67.85 -14.23 22.99
C ASP E 166 68.11 -13.50 24.31
N LYS E 167 67.57 -12.29 24.45
CA LYS E 167 67.84 -11.50 25.65
C LYS E 167 67.13 -12.07 26.87
N VAL E 168 65.86 -12.47 26.72
CA VAL E 168 65.09 -12.95 27.87
C VAL E 168 65.10 -14.47 27.99
N GLY E 169 65.67 -15.19 27.03
CA GLY E 169 65.73 -16.63 27.13
C GLY E 169 64.38 -17.28 26.90
N LYS E 170 64.35 -18.59 27.18
CA LYS E 170 63.11 -19.35 27.03
C LYS E 170 62.13 -19.06 28.16
N GLU E 171 62.64 -18.69 29.33
CA GLU E 171 61.79 -18.41 30.49
C GLU E 171 61.25 -16.99 30.51
N GLY E 172 61.69 -16.12 29.58
CA GLY E 172 61.27 -14.74 29.59
C GLY E 172 59.90 -14.52 28.98
N VAL E 173 59.42 -13.29 29.13
CA VAL E 173 58.10 -12.88 28.66
C VAL E 173 58.28 -11.71 27.72
N ILE E 174 57.67 -11.80 26.54
CA ILE E 174 57.73 -10.75 25.52
C ILE E 174 56.33 -10.22 25.29
N THR E 175 56.19 -8.90 25.33
CA THR E 175 54.91 -8.24 25.12
C THR E 175 55.02 -7.23 23.99
N VAL E 176 53.87 -6.88 23.41
CA VAL E 176 53.80 -5.95 22.28
C VAL E 176 52.92 -4.77 22.69
N GLU E 177 53.45 -3.57 22.53
CA GLU E 177 52.71 -2.35 22.83
C GLU E 177 52.93 -1.35 21.72
N ASP E 178 52.13 -0.28 21.74
CA ASP E 178 52.27 0.78 20.76
C ASP E 178 53.54 1.57 21.02
N GLY E 179 54.22 1.96 19.94
CA GLY E 179 55.40 2.78 20.03
C GLY E 179 55.10 4.24 19.74
N LYS E 180 56.05 5.09 20.11
CA LYS E 180 55.92 6.52 19.85
C LYS E 180 56.58 6.94 18.54
N SER E 181 57.63 6.23 18.13
CA SER E 181 58.33 6.55 16.90
C SER E 181 57.75 5.75 15.73
N LEU E 182 58.36 5.89 14.57
CA LEU E 182 57.95 5.14 13.39
C LEU E 182 58.70 3.82 13.24
N GLU E 183 59.69 3.56 14.08
CA GLU E 183 60.50 2.35 14.01
C GLU E 183 60.21 1.46 15.21
N ASN E 184 60.29 0.14 14.98
CA ASN E 184 60.13 -0.81 16.06
C ASN E 184 61.33 -0.73 17.01
N GLU E 185 61.05 -0.74 18.30
CA GLU E 185 62.09 -0.71 19.33
C GLU E 185 61.83 -1.80 20.34
N LEU E 186 62.93 -2.34 20.88
CA LEU E 186 62.88 -3.42 21.85
C LEU E 186 63.44 -2.91 23.17
N GLU E 187 62.65 -3.01 24.23
CA GLU E 187 63.06 -2.64 25.57
C GLU E 187 63.07 -3.89 26.44
N VAL E 188 64.23 -4.20 27.01
CA VAL E 188 64.43 -5.39 27.84
C VAL E 188 64.57 -4.94 29.28
N VAL E 189 63.74 -5.48 30.16
CA VAL E 189 63.78 -5.18 31.58
C VAL E 189 64.35 -6.40 32.31
N GLU E 190 65.47 -6.21 32.97
CA GLU E 190 66.15 -7.28 33.69
C GLU E 190 65.85 -7.17 35.18
N GLY E 191 65.93 -8.32 35.87
CA GLY E 191 65.69 -8.33 37.30
C GLY E 191 64.21 -8.23 37.63
N MET E 192 63.92 -7.78 38.84
CA MET E 192 62.57 -7.67 39.36
C MET E 192 62.13 -6.21 39.29
N GLN E 193 61.14 -5.94 38.44
CA GLN E 193 60.49 -4.64 38.35
C GLN E 193 59.00 -4.82 38.56
N PHE E 194 58.43 -4.09 39.51
CA PHE E 194 57.03 -4.26 39.87
C PHE E 194 56.20 -2.99 39.66
N ASP E 195 56.67 -2.09 38.79
CA ASP E 195 55.89 -0.97 38.25
C ASP E 195 55.14 -0.19 39.34
N ARG E 196 55.86 0.11 40.43
CA ARG E 196 55.31 0.95 41.49
C ARG E 196 56.33 2.04 41.82
N GLY E 197 55.85 3.28 41.95
CA GLY E 197 56.73 4.41 42.17
C GLY E 197 56.90 4.75 43.63
N TYR E 198 57.71 5.78 43.87
CA TYR E 198 57.95 6.26 45.22
C TYR E 198 56.73 7.04 45.73
N LEU E 199 56.68 7.22 47.05
CA LEU E 199 55.60 7.96 47.68
C LEU E 199 55.93 9.43 47.93
N SER E 200 57.16 9.85 47.65
CA SER E 200 57.52 11.25 47.91
C SER E 200 58.72 11.62 47.05
N PRO E 201 58.71 12.80 46.42
CA PRO E 201 59.84 13.19 45.57
C PRO E 201 61.15 13.38 46.32
N TYR E 202 61.10 13.59 47.64
CA TYR E 202 62.33 13.82 48.40
C TYR E 202 63.20 12.57 48.50
N PHE E 203 62.67 11.40 48.14
CA PHE E 203 63.49 10.20 48.11
C PHE E 203 64.50 10.20 46.98
N ILE E 204 64.34 11.09 46.00
CA ILE E 204 65.26 11.13 44.86
C ILE E 204 66.62 11.62 45.31
N ASN E 205 67.67 10.95 44.84
CA ASN E 205 69.03 11.30 45.21
C ASN E 205 69.84 11.90 44.06
N ASN E 206 69.36 11.82 42.82
CA ASN E 206 70.03 12.47 41.71
C ASN E 206 69.00 13.24 40.89
N PRO E 207 69.24 14.52 40.59
CA PRO E 207 68.22 15.33 39.91
C PRO E 207 68.13 15.07 38.42
N ASP E 208 69.25 14.66 37.81
CA ASP E 208 69.29 14.51 36.36
C ASP E 208 68.34 13.42 35.85
N LYS E 209 68.02 12.43 36.68
CA LYS E 209 67.15 11.34 36.28
C LYS E 209 65.85 11.29 37.06
N GLN E 210 65.76 11.99 38.20
CA GLN E 210 64.59 11.92 39.08
C GLN E 210 64.30 10.48 39.48
N VAL E 211 65.35 9.74 39.82
CA VAL E 211 65.25 8.35 40.24
C VAL E 211 65.92 8.22 41.59
N ALA E 212 65.43 7.31 42.42
CA ALA E 212 66.01 7.06 43.73
C ALA E 212 66.91 5.84 43.65
N VAL E 213 68.22 6.05 43.55
CA VAL E 213 69.19 4.97 43.39
C VAL E 213 69.73 4.62 44.76
N LEU E 214 69.61 3.34 45.13
CA LEU E 214 70.11 2.83 46.39
C LEU E 214 71.18 1.79 46.10
N ASP E 215 72.37 1.99 46.65
CA ASP E 215 73.49 1.09 46.44
C ASP E 215 73.65 0.18 47.64
N ASN E 216 73.63 -1.13 47.38
CA ASN E 216 73.66 -2.16 48.43
C ASN E 216 72.62 -1.88 49.52
N PRO E 217 71.35 -1.81 49.18
CA PRO E 217 70.32 -1.46 50.17
C PRO E 217 69.70 -2.67 50.85
N TYR E 218 69.10 -2.40 52.00
CA TYR E 218 68.24 -3.38 52.66
C TYR E 218 66.81 -3.22 52.18
N ILE E 219 66.10 -4.33 52.08
CA ILE E 219 64.71 -4.35 51.63
C ILE E 219 63.86 -4.88 52.76
N LEU E 220 62.85 -4.10 53.16
CA LEU E 220 61.93 -4.49 54.22
C LEU E 220 60.61 -4.87 53.58
N LEU E 221 60.22 -6.14 53.73
CA LEU E 221 58.99 -6.66 53.15
C LEU E 221 57.91 -6.68 54.23
N HIS E 222 56.84 -5.93 54.02
CA HIS E 222 55.76 -5.84 54.98
C HIS E 222 54.43 -6.00 54.25
N ASP E 223 53.54 -6.81 54.81
CA ASP E 223 52.24 -7.08 54.22
C ASP E 223 51.14 -6.22 54.80
N LYS E 224 51.47 -5.27 55.67
CA LYS E 224 50.48 -4.39 56.29
C LYS E 224 50.94 -2.94 56.16
N LYS E 225 49.98 -2.03 56.25
CA LYS E 225 50.26 -0.61 56.12
C LYS E 225 51.11 -0.13 57.30
N ILE E 226 51.94 0.87 57.04
CA ILE E 226 52.79 1.49 58.05
C ILE E 226 52.40 2.95 58.17
N SER E 227 51.95 3.34 59.35
CA SER E 227 51.51 4.72 59.56
C SER E 227 52.20 5.38 60.75
N ASN E 228 52.44 4.64 61.83
CA ASN E 228 53.09 5.20 63.00
C ASN E 228 54.60 5.00 62.93
N ILE E 229 55.34 5.91 63.55
CA ILE E 229 56.79 5.84 63.54
C ILE E 229 57.30 4.84 64.58
N ARG E 230 56.51 4.56 65.61
CA ARG E 230 56.98 3.77 66.75
C ARG E 230 57.40 2.37 66.32
N ASP E 231 56.59 1.70 65.50
CA ASP E 231 56.92 0.34 65.10
C ASP E 231 58.04 0.30 64.07
N LEU E 232 58.18 1.34 63.26
CA LEU E 232 59.24 1.39 62.25
C LEU E 232 60.58 1.82 62.82
N LEU E 233 60.60 2.40 64.02
CA LEU E 233 61.87 2.84 64.61
C LEU E 233 62.86 1.71 64.86
N PRO E 234 62.49 0.57 65.48
CA PRO E 234 63.52 -0.45 65.78
C PRO E 234 64.29 -0.93 64.57
N VAL E 235 63.61 -1.14 63.44
CA VAL E 235 64.32 -1.56 62.24
C VAL E 235 65.08 -0.39 61.63
N LEU E 236 64.52 0.82 61.69
CA LEU E 236 65.19 1.99 61.11
C LEU E 236 66.51 2.26 61.83
N GLU E 237 66.55 2.06 63.15
CA GLU E 237 67.79 2.27 63.89
C GLU E 237 68.86 1.29 63.44
N GLN E 238 68.49 0.03 63.20
CA GLN E 238 69.47 -0.97 62.81
C GLN E 238 70.08 -0.66 61.45
N VAL E 239 69.26 -0.27 60.47
CA VAL E 239 69.79 0.01 59.14
C VAL E 239 70.64 1.28 59.17
N ALA E 240 70.31 2.23 60.04
CA ALA E 240 71.15 3.42 60.19
C ALA E 240 72.51 3.06 60.78
N LYS E 241 72.52 2.14 61.75
CA LYS E 241 73.79 1.70 62.33
C LYS E 241 74.66 1.02 61.27
N ALA E 242 74.05 0.18 60.43
CA ALA E 242 74.81 -0.46 59.35
C ALA E 242 75.23 0.54 58.31
N GLY E 243 74.45 1.60 58.09
CA GLY E 243 74.76 2.62 57.11
C GLY E 243 74.26 2.33 55.72
N ARG E 244 73.72 1.14 55.47
CA ARG E 244 73.18 0.83 54.16
C ARG E 244 71.81 1.48 53.96
N PRO E 245 71.46 1.80 52.72
CA PRO E 245 70.12 2.33 52.46
C PRO E 245 69.05 1.29 52.72
N LEU E 246 67.82 1.77 52.90
CA LEU E 246 66.69 0.90 53.20
C LEU E 246 65.58 1.17 52.20
N LEU E 247 65.05 0.11 51.61
CA LEU E 247 63.88 0.19 50.74
C LEU E 247 62.72 -0.49 51.44
N ILE E 248 61.64 0.24 51.66
CA ILE E 248 60.48 -0.26 52.39
C ILE E 248 59.40 -0.58 51.39
N ILE E 249 59.10 -1.87 51.25
CA ILE E 249 58.03 -2.34 50.38
C ILE E 249 56.87 -2.78 51.27
N ALA E 250 55.85 -1.93 51.38
CA ALA E 250 54.69 -2.22 52.19
C ALA E 250 53.44 -1.79 51.44
N GLU E 251 52.28 -2.07 52.03
CA GLU E 251 51.02 -1.70 51.40
C GLU E 251 50.90 -0.18 51.25
N ASP E 252 51.31 0.56 52.27
CA ASP E 252 51.29 2.01 52.22
C ASP E 252 52.10 2.56 53.39
N VAL E 253 52.81 3.66 53.14
CA VAL E 253 53.56 4.38 54.16
C VAL E 253 53.01 5.79 54.19
N GLU E 254 52.39 6.17 55.30
CA GLU E 254 51.72 7.46 55.39
C GLU E 254 51.89 8.04 56.79
N GLY E 255 51.54 9.31 56.93
CA GLY E 255 51.54 9.94 58.24
C GLY E 255 52.92 10.05 58.83
N GLU E 256 53.04 9.64 60.09
CA GLU E 256 54.30 9.78 60.82
C GLU E 256 55.41 8.98 60.16
N ALA E 257 55.12 7.74 59.74
CA ALA E 257 56.14 6.89 59.14
C ALA E 257 56.67 7.49 57.86
N LEU E 258 55.78 7.95 56.98
CA LEU E 258 56.23 8.59 55.74
C LEU E 258 56.93 9.90 56.03
N ALA E 259 56.41 10.67 57.00
CA ALA E 259 57.04 11.94 57.33
C ALA E 259 58.45 11.73 57.85
N THR E 260 58.64 10.76 58.75
CA THR E 260 59.96 10.57 59.36
C THR E 260 61.02 10.22 58.32
N LEU E 261 60.62 9.52 57.26
CA LEU E 261 61.57 9.15 56.21
C LEU E 261 62.11 10.38 55.49
N VAL E 262 61.24 11.35 55.17
CA VAL E 262 61.67 12.51 54.41
C VAL E 262 62.53 13.43 55.29
N VAL E 263 62.25 13.47 56.60
CA VAL E 263 63.12 14.23 57.50
C VAL E 263 64.53 13.66 57.51
N ASN E 264 64.64 12.33 57.55
CA ASN E 264 65.96 11.70 57.56
C ASN E 264 66.63 11.79 56.20
N ASN E 265 65.84 11.81 55.11
CA ASN E 265 66.41 11.88 53.78
C ASN E 265 66.98 13.27 53.49
N LEU E 266 66.23 14.31 53.83
CA LEU E 266 66.67 15.67 53.51
C LEU E 266 67.95 16.04 54.24
N ARG E 267 68.06 15.66 55.51
CA ARG E 267 69.21 16.00 56.33
C ARG E 267 70.36 15.00 56.20
N GLY E 268 70.19 13.96 55.38
CA GLY E 268 71.29 13.04 55.14
C GLY E 268 71.58 12.08 56.27
N ILE E 269 70.73 12.05 57.30
CA ILE E 269 70.94 11.11 58.40
C ILE E 269 70.83 9.68 57.91
N LEU E 270 69.83 9.40 57.08
CA LEU E 270 69.63 8.06 56.54
C LEU E 270 69.01 8.17 55.16
N LYS E 271 69.61 7.50 54.19
CA LYS E 271 69.10 7.47 52.83
C LYS E 271 68.16 6.27 52.69
N THR E 272 66.91 6.53 52.35
CA THR E 272 65.92 5.46 52.28
C THR E 272 64.82 5.87 51.31
N CYS E 273 64.05 4.87 50.87
CA CYS E 273 62.91 5.10 50.00
C CYS E 273 61.83 4.08 50.34
N ALA E 274 60.59 4.45 50.07
CA ALA E 274 59.44 3.59 50.36
C ALA E 274 58.57 3.50 49.11
N VAL E 275 58.11 2.28 48.83
CA VAL E 275 57.25 2.03 47.68
C VAL E 275 56.07 1.19 48.12
N LYS E 276 54.96 1.32 47.39
CA LYS E 276 53.79 0.49 47.68
C LYS E 276 54.05 -0.95 47.26
N ALA E 277 53.48 -1.88 48.01
CA ALA E 277 53.59 -3.29 47.65
C ALA E 277 52.82 -3.54 46.36
N PRO E 278 53.43 -4.16 45.36
CA PRO E 278 52.75 -4.33 44.07
C PRO E 278 51.60 -5.32 44.14
N GLY E 279 50.62 -5.10 43.28
CA GLY E 279 49.52 -6.03 43.12
C GLY E 279 48.44 -5.86 44.18
N PHE E 280 47.29 -6.45 43.88
CA PHE E 280 46.13 -6.42 44.76
C PHE E 280 45.77 -7.84 45.17
N GLY E 281 45.21 -7.97 46.37
CA GLY E 281 44.74 -9.26 46.82
C GLY E 281 45.88 -10.24 47.08
N ASP E 282 45.58 -11.53 46.90
CA ASP E 282 46.55 -12.58 47.14
C ASP E 282 47.74 -12.51 46.18
N ARG E 283 47.55 -11.92 45.00
CA ARG E 283 48.67 -11.76 44.08
C ARG E 283 49.74 -10.84 44.67
N ARG E 284 49.32 -9.85 45.46
CA ARG E 284 50.27 -8.99 46.13
C ARG E 284 51.13 -9.80 47.10
N LYS E 285 50.51 -10.72 47.84
CA LYS E 285 51.26 -11.57 48.76
C LYS E 285 52.23 -12.46 48.00
N ALA E 286 51.79 -13.01 46.86
CA ALA E 286 52.57 -14.03 46.18
C ALA E 286 53.94 -13.50 45.75
N MET E 287 53.97 -12.37 45.03
CA MET E 287 55.25 -11.86 44.59
C MET E 287 55.94 -11.05 45.67
N LEU E 288 55.23 -10.69 46.73
CA LEU E 288 55.91 -10.19 47.93
C LEU E 288 56.82 -11.27 48.51
N GLN E 289 56.32 -12.50 48.55
CA GLN E 289 57.17 -13.64 48.93
C GLN E 289 58.28 -13.85 47.92
N ASP E 290 57.97 -13.68 46.63
CA ASP E 290 59.00 -13.85 45.60
C ASP E 290 60.13 -12.84 45.77
N ILE E 291 59.79 -11.59 46.08
CA ILE E 291 60.83 -10.59 46.34
C ILE E 291 61.66 -10.98 47.56
N ALA E 292 61.00 -11.48 48.60
CA ALA E 292 61.72 -11.91 49.80
C ALA E 292 62.66 -13.07 49.48
N ILE E 293 62.18 -14.04 48.69
CA ILE E 293 63.03 -15.15 48.28
C ILE E 293 64.17 -14.65 47.39
N LEU E 294 63.85 -13.76 46.45
CA LEU E 294 64.88 -13.23 45.57
C LEU E 294 65.91 -12.42 46.33
N THR E 295 65.47 -11.57 47.25
CA THR E 295 66.37 -10.70 47.99
C THR E 295 66.97 -11.37 49.22
N GLY E 296 66.61 -12.62 49.50
CA GLY E 296 67.18 -13.30 50.65
C GLY E 296 66.62 -12.87 51.98
N GLY E 297 65.46 -12.23 51.99
CA GLY E 297 64.81 -11.81 53.22
C GLY E 297 63.54 -12.56 53.50
N THR E 298 62.80 -12.06 54.48
CA THR E 298 61.53 -12.64 54.88
C THR E 298 60.47 -11.55 54.98
N VAL E 299 59.24 -11.90 54.64
CA VAL E 299 58.15 -10.94 54.71
C VAL E 299 57.75 -10.78 56.17
N ILE E 300 57.86 -9.55 56.67
CA ILE E 300 57.50 -9.25 58.06
C ILE E 300 55.98 -9.17 58.15
N SER E 301 55.36 -10.23 58.64
CA SER E 301 53.91 -10.31 58.77
C SER E 301 53.55 -10.97 60.07
N GLU E 302 52.52 -10.43 60.73
CA GLU E 302 52.03 -11.05 61.96
C GLU E 302 51.36 -12.40 61.69
N GLU E 303 50.98 -12.66 60.44
CA GLU E 303 50.38 -13.95 60.09
C GLU E 303 51.40 -15.08 60.08
N VAL E 304 52.69 -14.76 60.09
CA VAL E 304 53.75 -15.77 60.10
C VAL E 304 54.50 -15.78 61.42
N GLY E 305 54.16 -14.88 62.35
CA GLY E 305 54.82 -14.80 63.62
C GLY E 305 55.93 -13.78 63.74
N LEU E 306 56.05 -12.88 62.78
CA LEU E 306 57.07 -11.85 62.79
C LEU E 306 56.43 -10.48 62.96
N SER E 307 57.03 -9.65 63.81
CA SER E 307 56.54 -8.31 64.08
C SER E 307 57.54 -7.28 63.59
N LEU E 308 57.03 -6.13 63.16
CA LEU E 308 57.90 -5.06 62.68
C LEU E 308 58.81 -4.55 63.78
N GLU E 309 58.34 -4.54 65.03
CA GLU E 309 59.18 -4.09 66.13
C GLU E 309 60.33 -5.05 66.40
N LYS E 310 60.12 -6.35 66.18
CA LYS E 310 61.14 -7.36 66.41
C LYS E 310 61.92 -7.69 65.14
N ALA E 311 61.67 -7.00 64.05
CA ALA E 311 62.38 -7.26 62.80
C ALA E 311 63.86 -6.89 62.95
N THR E 312 64.72 -7.75 62.41
CA THR E 312 66.16 -7.57 62.48
C THR E 312 66.75 -7.48 61.08
N LEU E 313 68.05 -7.22 61.02
CA LEU E 313 68.73 -7.12 59.73
C LEU E 313 68.74 -8.44 58.99
N GLU E 314 68.81 -9.57 59.72
CA GLU E 314 68.81 -10.86 59.06
C GLU E 314 67.48 -11.16 58.37
N ASP E 315 66.39 -10.57 58.86
CA ASP E 315 65.09 -10.75 58.25
C ASP E 315 64.85 -9.83 57.06
N LEU E 316 65.75 -8.88 56.81
CA LEU E 316 65.60 -7.95 55.71
C LEU E 316 66.23 -8.51 54.45
N GLY E 317 65.59 -8.27 53.31
CA GLY E 317 66.18 -8.63 52.05
C GLY E 317 67.33 -7.71 51.69
N GLN E 318 68.18 -8.20 50.78
CA GLN E 318 69.36 -7.47 50.36
C GLN E 318 69.49 -7.47 48.85
N ALA E 319 70.20 -6.47 48.35
CA ALA E 319 70.58 -6.35 46.95
C ALA E 319 71.79 -5.43 46.90
N LYS E 320 72.48 -5.41 45.76
CA LYS E 320 73.55 -4.46 45.56
C LYS E 320 73.13 -3.19 44.83
N ARG E 321 71.98 -3.17 44.14
CA ARG E 321 71.49 -1.90 43.62
C ARG E 321 69.99 -2.00 43.34
N VAL E 322 69.27 -0.95 43.68
CA VAL E 322 67.87 -0.78 43.30
C VAL E 322 67.63 0.69 42.99
N GLU E 323 66.81 0.94 41.97
CA GLU E 323 66.49 2.29 41.55
C GLU E 323 64.98 2.47 41.56
N VAL E 324 64.52 3.58 42.15
CA VAL E 324 63.09 3.87 42.28
C VAL E 324 62.78 5.10 41.45
N ALA E 325 62.01 4.91 40.38
CA ALA E 325 61.60 5.99 39.51
C ALA E 325 60.25 6.53 39.96
N LYS E 326 59.66 7.40 39.14
CA LYS E 326 58.38 7.99 39.50
C LYS E 326 57.27 6.96 39.54
N GLU E 327 57.32 5.95 38.65
CA GLU E 327 56.25 4.97 38.55
C GLU E 327 56.72 3.53 38.63
N HIS E 328 58.00 3.28 38.84
CA HIS E 328 58.48 1.90 38.88
C HIS E 328 59.81 1.84 39.62
N THR E 329 60.09 0.69 40.22
CA THR E 329 61.40 0.38 40.76
C THR E 329 61.86 -0.95 40.20
N THR E 330 63.17 -1.07 40.01
CA THR E 330 63.78 -2.29 39.51
C THR E 330 64.85 -2.74 40.48
N ILE E 331 64.64 -3.90 41.10
CA ILE E 331 65.68 -4.58 41.86
C ILE E 331 66.60 -5.24 40.84
N ILE E 332 67.82 -4.74 40.71
CA ILE E 332 68.69 -5.18 39.62
C ILE E 332 68.93 -6.67 39.69
N ASP E 333 69.27 -7.17 40.88
CA ASP E 333 69.31 -8.61 41.11
C ASP E 333 69.28 -8.88 42.59
N GLY E 334 68.63 -9.98 42.98
CA GLY E 334 68.47 -10.28 44.39
C GLY E 334 69.72 -10.89 44.99
N ALA E 335 69.80 -10.83 46.32
CA ALA E 335 70.89 -11.44 47.06
C ALA E 335 70.51 -12.78 47.66
N GLY E 336 69.37 -13.34 47.27
CA GLY E 336 68.95 -14.62 47.81
C GLY E 336 69.75 -15.78 47.24
N ASP E 337 69.58 -16.93 47.89
CA ASP E 337 70.26 -18.13 47.45
C ASP E 337 69.68 -18.60 46.12
N PRO E 338 70.49 -18.78 45.08
CA PRO E 338 69.95 -19.20 43.79
C PRO E 338 69.21 -20.53 43.84
N ALA E 339 69.62 -21.44 44.72
CA ALA E 339 68.91 -22.72 44.84
C ALA E 339 67.47 -22.51 45.28
N LYS E 340 67.26 -21.61 46.24
CA LYS E 340 65.89 -21.30 46.66
C LYS E 340 65.12 -20.60 45.54
N ILE E 341 65.79 -19.76 44.76
CA ILE E 341 65.13 -19.09 43.64
C ILE E 341 64.67 -20.10 42.61
N GLN E 342 65.52 -21.08 42.28
CA GLN E 342 65.13 -22.13 41.34
C GLN E 342 63.97 -22.95 41.89
N ALA E 343 64.01 -23.25 43.19
CA ALA E 343 62.90 -23.99 43.80
C ALA E 343 61.61 -23.19 43.74
N ARG E 344 61.68 -21.88 43.98
CA ARG E 344 60.49 -21.04 43.86
C ARG E 344 59.98 -21.01 42.44
N VAL E 345 60.90 -20.93 41.46
CA VAL E 345 60.50 -20.96 40.05
C VAL E 345 59.84 -22.29 39.72
N LYS E 346 60.38 -23.39 40.27
CA LYS E 346 59.81 -24.71 40.03
C LYS E 346 58.38 -24.79 40.56
N GLU E 347 58.14 -24.21 41.74
CA GLU E 347 56.80 -24.23 42.33
C GLU E 347 55.80 -23.49 41.46
N ILE E 348 56.19 -22.32 40.93
CA ILE E 348 55.28 -21.54 40.12
C ILE E 348 54.99 -22.24 38.80
N ARG E 349 56.03 -22.81 38.18
CA ARG E 349 55.82 -23.51 36.90
C ARG E 349 54.97 -24.76 37.08
N VAL E 350 55.05 -25.40 38.25
CA VAL E 350 54.15 -26.51 38.54
C VAL E 350 52.72 -25.99 38.64
N GLN E 351 52.52 -24.85 39.32
CA GLN E 351 51.20 -24.26 39.42
C GLN E 351 50.71 -23.73 38.08
N ILE E 352 51.63 -23.41 37.17
CA ILE E 352 51.23 -22.92 35.85
C ILE E 352 50.38 -23.96 35.12
N GLU E 353 50.74 -25.23 35.26
CA GLU E 353 49.98 -26.29 34.62
C GLU E 353 48.55 -26.37 35.14
N GLU E 354 48.28 -25.88 36.34
CA GLU E 354 46.96 -25.91 36.94
C GLU E 354 46.17 -24.63 36.71
N ALA E 355 46.73 -23.65 36.02
CA ALA E 355 46.05 -22.39 35.80
C ALA E 355 44.78 -22.61 34.98
N THR E 356 43.69 -21.97 35.40
CA THR E 356 42.39 -22.13 34.77
C THR E 356 41.89 -20.87 34.07
N SER E 357 42.41 -19.70 34.41
CA SER E 357 42.00 -18.45 33.78
C SER E 357 43.07 -18.00 32.79
N ASP E 358 42.63 -17.27 31.76
CA ASP E 358 43.55 -16.85 30.71
C ASP E 358 44.64 -15.93 31.27
N TYR E 359 44.26 -15.02 32.17
CA TYR E 359 45.26 -14.15 32.79
C TYR E 359 46.01 -14.83 33.91
N ASP E 360 45.60 -16.05 34.30
CA ASP E 360 46.24 -16.72 35.42
C ASP E 360 47.67 -17.12 35.09
N ARG E 361 47.89 -17.80 33.95
CA ARG E 361 49.24 -18.21 33.63
C ARG E 361 50.09 -17.04 33.15
N GLU E 362 49.49 -16.07 32.46
CA GLU E 362 50.27 -14.94 31.97
C GLU E 362 50.82 -14.11 33.13
N LYS E 363 50.08 -14.05 34.25
CA LYS E 363 50.60 -13.41 35.44
C LYS E 363 51.61 -14.31 36.15
N LEU E 364 51.38 -15.62 36.12
CA LEU E 364 52.36 -16.55 36.67
C LEU E 364 53.65 -16.52 35.86
N GLN E 365 53.53 -16.43 34.53
CA GLN E 365 54.72 -16.39 33.68
C GLN E 365 55.53 -15.13 33.94
N GLU E 366 54.86 -13.99 34.11
CA GLU E 366 55.59 -12.75 34.39
C GLU E 366 56.24 -12.78 35.77
N ARG E 367 55.66 -13.53 36.71
CA ARG E 367 56.33 -13.74 37.99
C ARG E 367 57.60 -14.56 37.81
N VAL E 368 57.54 -15.60 36.99
CA VAL E 368 58.72 -16.41 36.70
C VAL E 368 59.75 -15.57 35.95
N ALA E 369 59.29 -14.73 35.01
CA ALA E 369 60.20 -13.87 34.28
C ALA E 369 60.91 -12.89 35.19
N LYS E 370 60.18 -12.32 36.16
CA LYS E 370 60.81 -11.41 37.11
C LYS E 370 61.77 -12.12 38.04
N LEU E 371 61.62 -13.44 38.17
CA LEU E 371 62.47 -14.19 39.10
C LEU E 371 63.73 -14.71 38.41
N ALA E 372 63.56 -15.52 37.36
CA ALA E 372 64.67 -16.20 36.70
C ALA E 372 64.63 -15.96 35.20
N GLY E 373 64.46 -14.71 34.81
CA GLY E 373 64.46 -14.35 33.40
C GLY E 373 64.44 -12.87 33.16
N GLY E 374 63.64 -12.44 32.18
CA GLY E 374 63.50 -11.02 31.89
C GLY E 374 62.18 -10.77 31.20
N VAL E 375 61.84 -9.49 31.09
CA VAL E 375 60.62 -9.05 30.42
C VAL E 375 61.04 -8.13 29.28
N ALA E 376 60.68 -8.51 28.05
CA ALA E 376 60.97 -7.71 26.88
C ALA E 376 59.69 -7.08 26.36
N VAL E 377 59.77 -5.82 25.97
CA VAL E 377 58.65 -5.09 25.41
C VAL E 377 59.03 -4.66 24.00
N ILE E 378 58.25 -5.11 23.02
CA ILE E 378 58.43 -4.70 21.63
C ILE E 378 57.42 -3.59 21.35
N LYS E 379 57.93 -2.38 21.16
CA LYS E 379 57.08 -1.24 20.87
C LYS E 379 56.98 -1.08 19.37
N VAL E 380 55.80 -1.33 18.82
CA VAL E 380 55.59 -1.29 17.37
C VAL E 380 55.55 0.16 16.91
N GLY E 381 56.35 0.45 15.88
CA GLY E 381 56.40 1.79 15.32
C GLY E 381 55.56 1.89 14.07
N ALA E 382 54.65 2.85 14.06
CA ALA E 382 53.79 3.09 12.90
C ALA E 382 53.32 4.53 12.93
N ALA E 383 53.13 5.10 11.74
CA ALA E 383 52.71 6.50 11.65
C ALA E 383 51.24 6.69 11.98
N THR E 384 50.42 5.65 11.79
CA THR E 384 48.98 5.76 11.95
C THR E 384 48.48 4.56 12.75
N GLU E 385 47.43 4.79 13.55
CA GLU E 385 46.92 3.75 14.42
C GLU E 385 46.38 2.54 13.65
N VAL E 386 45.82 2.74 12.45
CA VAL E 386 45.36 1.60 11.68
C VAL E 386 46.55 0.78 11.20
N GLU E 387 47.65 1.43 10.86
CA GLU E 387 48.87 0.70 10.55
C GLU E 387 49.49 0.12 11.82
N MET E 388 49.33 0.82 12.95
CA MET E 388 49.81 0.30 14.23
C MET E 388 49.08 -0.98 14.60
N LYS E 389 47.76 -1.00 14.44
CA LYS E 389 47.00 -2.20 14.75
C LYS E 389 47.33 -3.33 13.79
N GLU E 390 47.53 -3.01 12.51
CA GLU E 390 47.91 -4.04 11.55
C GLU E 390 49.28 -4.60 11.86
N LYS E 391 50.24 -3.73 12.19
CA LYS E 391 51.58 -4.21 12.52
C LYS E 391 51.58 -4.99 13.82
N LYS E 392 50.82 -4.55 14.82
CA LYS E 392 50.79 -5.24 16.10
C LYS E 392 50.26 -6.66 15.94
N ALA E 393 49.22 -6.84 15.13
CA ALA E 393 48.70 -8.18 14.87
C ALA E 393 49.75 -9.06 14.20
N ARG E 394 50.52 -8.47 13.28
CA ARG E 394 51.60 -9.23 12.64
C ARG E 394 52.70 -9.58 13.63
N VAL E 395 53.03 -8.66 14.53
CA VAL E 395 54.05 -8.94 15.52
C VAL E 395 53.58 -10.01 16.51
N GLU E 396 52.32 -9.92 16.92
CA GLU E 396 51.78 -10.95 17.82
C GLU E 396 51.74 -12.31 17.16
N ASP E 397 51.39 -12.36 15.87
CA ASP E 397 51.41 -13.63 15.15
C ASP E 397 52.83 -14.18 15.07
N ALA E 398 53.81 -13.32 14.81
CA ALA E 398 55.20 -13.78 14.75
C ALA E 398 55.68 -14.24 16.12
N LEU E 399 55.26 -13.57 17.19
CA LEU E 399 55.59 -14.02 18.53
C LEU E 399 54.97 -15.36 18.84
N HIS E 400 53.71 -15.56 18.46
CA HIS E 400 53.05 -16.84 18.70
C HIS E 400 53.71 -17.95 17.91
N ALA E 401 54.07 -17.68 16.66
CA ALA E 401 54.68 -18.71 15.82
C ALA E 401 56.07 -19.08 16.33
N THR E 402 56.85 -18.08 16.75
CA THR E 402 58.19 -18.37 17.25
C THR E 402 58.13 -19.16 18.56
N ARG E 403 57.15 -18.86 19.40
CA ARG E 403 56.94 -19.68 20.60
C ARG E 403 56.57 -21.10 20.25
N ALA E 404 55.71 -21.27 19.24
CA ALA E 404 55.36 -22.62 18.79
C ALA E 404 56.54 -23.31 18.13
N ALA E 405 57.45 -22.54 17.54
CA ALA E 405 58.61 -23.14 16.88
C ALA E 405 59.56 -23.75 17.89
N VAL E 406 59.81 -23.07 19.01
CA VAL E 406 60.73 -23.60 20.00
C VAL E 406 60.08 -24.75 20.79
N GLU E 407 58.77 -24.92 20.68
CA GLU E 407 58.09 -25.97 21.43
C GLU E 407 58.14 -27.30 20.67
N GLU E 408 57.63 -27.32 19.43
CA GLU E 408 57.48 -28.55 18.68
C GLU E 408 58.30 -28.58 17.39
N GLY E 409 59.22 -27.65 17.21
CA GLY E 409 60.06 -27.66 16.04
C GLY E 409 59.46 -26.94 14.85
N ILE E 410 60.14 -27.08 13.71
CA ILE E 410 59.77 -26.39 12.49
C ILE E 410 59.63 -27.39 11.36
N VAL E 411 58.81 -27.03 10.38
CA VAL E 411 58.61 -27.82 9.17
C VAL E 411 58.66 -26.89 7.97
N PRO E 412 58.96 -27.42 6.79
CA PRO E 412 58.94 -26.58 5.59
C PRO E 412 57.58 -25.94 5.38
N GLY E 413 57.59 -24.67 4.99
CA GLY E 413 56.38 -23.89 4.86
C GLY E 413 55.77 -23.98 3.47
N GLY E 414 54.76 -23.14 3.25
CA GLY E 414 54.09 -23.11 1.97
C GLY E 414 53.20 -24.30 1.70
N GLY E 415 52.74 -24.98 2.74
CA GLY E 415 51.93 -26.17 2.55
C GLY E 415 52.72 -27.41 2.18
N VAL E 416 54.05 -27.32 2.14
CA VAL E 416 54.87 -28.48 1.79
C VAL E 416 54.81 -29.53 2.88
N ALA E 417 54.77 -29.09 4.14
CA ALA E 417 54.80 -30.03 5.26
C ALA E 417 53.62 -30.98 5.21
N LEU E 418 52.43 -30.46 4.92
CA LEU E 418 51.26 -31.32 4.81
C LEU E 418 51.38 -32.29 3.63
N LEU E 419 51.94 -31.82 2.52
CA LEU E 419 52.14 -32.69 1.37
C LEU E 419 53.17 -33.77 1.66
N ARG E 420 54.29 -33.41 2.30
CA ARG E 420 55.29 -34.41 2.65
C ARG E 420 54.74 -35.40 3.67
N ALA E 421 53.99 -34.92 4.66
CA ALA E 421 53.41 -35.81 5.65
C ALA E 421 52.38 -36.74 5.01
N ARG E 422 51.62 -36.23 4.03
CA ARG E 422 50.64 -37.06 3.36
C ARG E 422 51.30 -38.20 2.60
N GLU E 423 52.38 -37.91 1.88
CA GLU E 423 53.06 -38.95 1.11
C GLU E 423 53.67 -39.99 2.03
N ALA E 424 54.24 -39.56 3.15
CA ALA E 424 54.80 -40.50 4.10
C ALA E 424 53.72 -41.38 4.71
N ALA E 425 52.56 -40.80 5.05
CA ALA E 425 51.47 -41.58 5.62
C ALA E 425 50.93 -42.60 4.64
N VAL E 426 50.79 -42.22 3.37
CA VAL E 426 50.33 -43.16 2.36
C VAL E 426 51.34 -44.28 2.17
N ALA E 427 52.63 -43.93 2.14
CA ALA E 427 53.67 -44.94 1.97
C ALA E 427 53.72 -45.92 3.14
N LYS E 428 53.26 -45.50 4.31
CA LYS E 428 53.24 -46.38 5.47
C LYS E 428 52.05 -47.31 5.50
N GLY E 429 51.11 -47.18 4.55
CA GLY E 429 49.98 -48.08 4.50
C GLY E 429 48.77 -47.58 5.25
N LEU E 430 48.33 -46.37 4.94
CA LEU E 430 47.14 -45.80 5.56
C LEU E 430 45.90 -46.34 4.84
N LYS E 431 45.03 -47.01 5.60
CA LYS E 431 43.84 -47.63 5.01
C LYS E 431 42.73 -47.67 6.03
N GLY E 432 41.50 -47.77 5.53
CA GLY E 432 40.32 -47.81 6.37
C GLY E 432 39.72 -49.21 6.46
N ASP E 433 38.72 -49.32 7.33
CA ASP E 433 38.06 -50.59 7.58
C ASP E 433 36.99 -50.93 6.55
N ASN E 434 36.56 -49.97 5.75
CA ASN E 434 35.52 -50.18 4.75
C ASN E 434 35.67 -49.12 3.68
N PRO E 435 35.06 -49.32 2.50
CA PRO E 435 35.22 -48.34 1.42
C PRO E 435 34.75 -46.93 1.80
N ASP E 436 33.75 -46.81 2.68
CA ASP E 436 33.34 -45.48 3.13
C ASP E 436 34.46 -44.81 3.93
N GLN E 437 35.16 -45.58 4.78
CA GLN E 437 36.30 -45.03 5.49
C GLN E 437 37.47 -44.74 4.56
N GLU E 438 37.64 -45.54 3.51
CA GLU E 438 38.67 -45.25 2.53
C GLU E 438 38.40 -43.92 1.83
N ALA E 439 37.13 -43.66 1.52
CA ALA E 439 36.78 -42.36 0.94
C ALA E 439 37.06 -41.23 1.91
N GLY E 440 36.81 -41.45 3.21
CA GLY E 440 37.13 -40.44 4.20
C GLY E 440 38.62 -40.14 4.25
N ILE E 441 39.45 -41.16 4.06
CA ILE E 441 40.89 -40.94 3.99
C ILE E 441 41.23 -40.11 2.76
N LYS E 442 40.61 -40.42 1.62
CA LYS E 442 40.88 -39.68 0.40
C LYS E 442 40.45 -38.22 0.51
N ILE E 443 39.49 -37.93 1.39
CA ILE E 443 39.10 -36.54 1.62
C ILE E 443 40.26 -35.75 2.20
N VAL E 444 40.93 -36.32 3.21
CA VAL E 444 42.04 -35.62 3.86
C VAL E 444 43.24 -35.54 2.92
N LEU E 445 43.47 -36.59 2.12
CA LEU E 445 44.61 -36.57 1.20
C LEU E 445 44.47 -35.44 0.18
N ARG E 446 43.26 -35.20 -0.31
CA ARG E 446 43.05 -34.10 -1.24
C ARG E 446 43.04 -32.76 -0.50
N ALA E 447 42.51 -32.73 0.73
CA ALA E 447 42.33 -31.47 1.44
C ALA E 447 43.66 -30.86 1.85
N VAL E 448 44.67 -31.67 2.17
CA VAL E 448 45.94 -31.12 2.63
C VAL E 448 46.67 -30.38 1.52
N GLU E 449 46.28 -30.57 0.26
CA GLU E 449 46.85 -29.77 -0.83
C GLU E 449 46.28 -28.37 -0.88
N GLN E 450 45.14 -28.13 -0.24
CA GLN E 450 44.49 -26.83 -0.36
C GLN E 450 45.31 -25.67 0.17
N PRO E 451 46.01 -25.75 1.30
CA PRO E 451 46.82 -24.60 1.72
C PRO E 451 47.84 -24.17 0.67
N LEU E 452 48.49 -25.12 0.01
CA LEU E 452 49.41 -24.75 -1.07
C LEU E 452 48.66 -24.20 -2.27
N ARG E 453 47.50 -24.78 -2.59
CA ARG E 453 46.73 -24.32 -3.73
C ARG E 453 46.26 -22.88 -3.54
N GLU E 454 45.80 -22.54 -2.34
CA GLU E 454 45.30 -21.19 -2.10
C GLU E 454 46.44 -20.18 -2.01
N ILE E 455 47.59 -20.59 -1.50
CA ILE E 455 48.76 -19.73 -1.51
C ILE E 455 49.17 -19.41 -2.94
N VAL E 456 49.21 -20.44 -3.79
CA VAL E 456 49.56 -20.25 -5.19
C VAL E 456 48.49 -19.44 -5.91
N ALA E 457 47.22 -19.71 -5.62
CA ALA E 457 46.14 -18.99 -6.28
C ALA E 457 46.19 -17.50 -5.93
N ASN E 458 46.48 -17.18 -4.67
CA ASN E 458 46.66 -15.77 -4.31
C ASN E 458 47.86 -15.16 -5.02
N ALA E 459 48.91 -15.94 -5.23
CA ALA E 459 50.07 -15.48 -5.97
C ALA E 459 49.79 -15.30 -7.46
N GLY E 460 48.66 -15.80 -7.95
CA GLY E 460 48.29 -15.64 -9.34
C GLY E 460 48.77 -16.73 -10.28
N GLU E 461 49.34 -17.81 -9.76
CA GLU E 461 49.82 -18.89 -10.59
C GLU E 461 48.74 -19.97 -10.69
N GLU E 462 49.09 -21.11 -11.31
CA GLU E 462 48.15 -22.21 -11.47
C GLU E 462 48.35 -23.20 -10.34
N PRO E 463 47.40 -23.36 -9.42
CA PRO E 463 47.63 -24.23 -8.25
C PRO E 463 47.91 -25.67 -8.59
N SER E 464 47.24 -26.21 -9.62
CA SER E 464 47.39 -27.64 -9.91
C SER E 464 48.76 -27.95 -10.49
N VAL E 465 49.31 -27.05 -11.31
CA VAL E 465 50.64 -27.27 -11.88
C VAL E 465 51.69 -27.18 -10.78
N ILE E 466 51.58 -26.18 -9.91
CA ILE E 466 52.56 -26.02 -8.83
C ILE E 466 52.50 -27.20 -7.86
N VAL E 467 51.28 -27.63 -7.52
CA VAL E 467 51.14 -28.75 -6.59
C VAL E 467 51.75 -30.01 -7.18
N ALA E 468 51.54 -30.24 -8.47
CA ALA E 468 52.13 -31.41 -9.12
C ALA E 468 53.64 -31.38 -9.07
N LYS E 469 54.24 -30.20 -9.32
CA LYS E 469 55.70 -30.10 -9.28
C LYS E 469 56.22 -30.30 -7.87
N VAL E 470 55.52 -29.78 -6.86
CA VAL E 470 55.96 -29.96 -5.48
C VAL E 470 55.90 -31.43 -5.09
N LEU E 471 54.85 -32.13 -5.51
CA LEU E 471 54.74 -33.55 -5.19
C LEU E 471 55.83 -34.36 -5.88
N GLU E 472 56.30 -33.92 -7.05
CA GLU E 472 57.42 -34.60 -7.70
C GLU E 472 58.68 -34.50 -6.86
N GLY E 473 58.90 -33.36 -6.23
CA GLY E 473 60.07 -33.19 -5.40
C GLY E 473 59.99 -33.96 -4.10
N LYS E 474 61.11 -33.98 -3.39
CA LYS E 474 61.22 -34.72 -2.14
C LYS E 474 61.87 -33.84 -1.08
N GLY E 475 61.57 -34.15 0.18
CA GLY E 475 62.20 -33.42 1.27
C GLY E 475 61.62 -32.02 1.43
N ASN E 476 62.50 -31.04 1.59
CA ASN E 476 62.10 -29.66 1.80
C ASN E 476 61.84 -28.92 0.50
N TYR E 477 61.84 -29.61 -0.63
CA TYR E 477 61.55 -28.98 -1.91
C TYR E 477 60.15 -28.38 -1.90
N GLY E 478 60.04 -27.13 -2.34
CA GLY E 478 58.76 -26.47 -2.33
C GLY E 478 58.75 -25.29 -3.27
N TYR E 479 57.68 -24.51 -3.19
CA TYR E 479 57.45 -23.37 -4.07
C TYR E 479 57.44 -22.11 -3.23
N ASN E 480 58.28 -21.14 -3.59
CA ASN E 480 58.32 -19.85 -2.92
C ASN E 480 57.35 -18.92 -3.64
N ALA E 481 56.19 -18.67 -3.03
CA ALA E 481 55.19 -17.81 -3.65
C ALA E 481 55.65 -16.36 -3.68
N ALA E 482 56.52 -15.95 -2.77
CA ALA E 482 57.03 -14.58 -2.80
C ALA E 482 57.85 -14.31 -4.03
N THR E 483 58.72 -15.24 -4.41
CA THR E 483 59.59 -15.07 -5.57
C THR E 483 59.13 -15.85 -6.79
N GLY E 484 58.14 -16.73 -6.65
CA GLY E 484 57.69 -17.53 -7.77
C GLY E 484 58.73 -18.51 -8.27
N GLU E 485 59.54 -19.05 -7.36
CA GLU E 485 60.59 -19.99 -7.71
C GLU E 485 60.49 -21.23 -6.85
N PHE E 486 60.90 -22.36 -7.42
CA PHE E 486 60.99 -23.60 -6.67
C PHE E 486 62.36 -23.73 -6.04
N GLY E 487 62.43 -24.45 -4.92
CA GLY E 487 63.70 -24.65 -4.25
C GLY E 487 63.49 -25.25 -2.88
N ASP E 488 64.59 -25.32 -2.13
CA ASP E 488 64.55 -25.85 -0.78
C ASP E 488 63.89 -24.82 0.14
N MET E 489 62.81 -25.24 0.81
CA MET E 489 62.06 -24.32 1.65
C MET E 489 62.88 -23.86 2.85
N ILE E 490 63.67 -24.76 3.43
CA ILE E 490 64.45 -24.40 4.62
C ILE E 490 65.55 -23.42 4.27
N GLU E 491 66.27 -23.67 3.17
CA GLU E 491 67.32 -22.75 2.76
C GLU E 491 66.74 -21.41 2.35
N MET E 492 65.58 -21.41 1.70
CA MET E 492 64.91 -20.19 1.29
C MET E 492 64.23 -19.47 2.45
N GLY E 493 64.19 -20.06 3.63
CA GLY E 493 63.66 -19.41 4.80
C GLY E 493 62.17 -19.50 5.01
N VAL E 494 61.45 -20.26 4.18
CA VAL E 494 60.01 -20.42 4.33
C VAL E 494 59.80 -21.53 5.35
N LEU E 495 59.71 -21.14 6.62
CA LEU E 495 59.62 -22.05 7.74
C LEU E 495 58.26 -21.93 8.41
N ASP E 496 57.72 -23.06 8.86
CA ASP E 496 56.47 -23.07 9.59
C ASP E 496 56.63 -23.88 10.88
N PRO E 497 56.00 -23.42 11.97
CA PRO E 497 56.01 -24.22 13.19
C PRO E 497 55.22 -25.51 12.99
N THR E 498 55.74 -26.60 13.57
CA THR E 498 55.03 -27.87 13.50
C THR E 498 53.73 -27.82 14.28
N LYS E 499 53.73 -27.13 15.42
CA LYS E 499 52.53 -27.03 16.23
C LYS E 499 51.42 -26.30 15.48
N VAL E 500 51.78 -25.25 14.73
CA VAL E 500 50.78 -24.51 13.97
C VAL E 500 50.19 -25.38 12.87
N THR E 501 51.04 -26.11 12.15
CA THR E 501 50.56 -26.98 11.08
C THR E 501 49.72 -28.13 11.64
N ARG E 502 50.16 -28.74 12.74
CA ARG E 502 49.42 -29.85 13.32
C ARG E 502 48.08 -29.38 13.88
N SER E 503 48.07 -28.24 14.58
CA SER E 503 46.84 -27.75 15.18
C SER E 503 45.82 -27.36 14.11
N ALA E 504 46.28 -26.76 13.02
CA ALA E 504 45.37 -26.34 11.96
C ALA E 504 44.67 -27.56 11.35
N LEU E 505 45.40 -28.64 11.11
CA LEU E 505 44.80 -29.82 10.51
C LEU E 505 43.85 -30.50 11.48
N GLN E 506 44.24 -30.64 12.74
CA GLN E 506 43.41 -31.35 13.71
C GLN E 506 42.12 -30.59 14.00
N ASN E 507 42.19 -29.26 14.12
CA ASN E 507 40.99 -28.48 14.36
C ASN E 507 40.07 -28.49 13.15
N ALA E 508 40.65 -28.38 11.95
CA ALA E 508 39.83 -28.39 10.74
C ALA E 508 39.12 -29.73 10.57
N ALA E 509 39.83 -30.83 10.83
CA ALA E 509 39.24 -32.15 10.62
C ALA E 509 38.10 -32.41 11.60
N SER E 510 38.27 -31.98 12.85
CA SER E 510 37.26 -32.26 13.87
C SER E 510 35.93 -31.59 13.54
N VAL E 511 35.98 -30.36 13.06
CA VAL E 511 34.74 -29.64 12.77
C VAL E 511 34.20 -30.03 11.41
N ALA E 512 35.05 -30.05 10.39
CA ALA E 512 34.59 -30.39 9.04
C ALA E 512 34.10 -31.82 8.96
N GLY E 513 34.69 -32.74 9.74
CA GLY E 513 34.18 -34.09 9.79
C GLY E 513 32.77 -34.16 10.35
N LEU E 514 32.49 -33.37 11.38
CA LEU E 514 31.15 -33.32 11.94
C LEU E 514 30.15 -32.73 10.94
N MET E 515 30.58 -31.70 10.20
CA MET E 515 29.69 -31.05 9.24
C MET E 515 29.30 -31.97 8.09
N LEU E 516 30.07 -33.04 7.84
CA LEU E 516 29.69 -33.98 6.81
C LEU E 516 28.55 -34.88 7.26
N THR E 517 28.39 -35.06 8.56
CA THR E 517 27.43 -36.00 9.12
C THR E 517 26.08 -35.35 9.44
N THR E 518 25.80 -34.19 8.88
CA THR E 518 24.57 -33.46 9.20
C THR E 518 23.51 -33.81 8.15
N GLU E 519 22.37 -34.31 8.62
CA GLU E 519 21.23 -34.59 7.76
C GLU E 519 20.05 -33.65 8.00
N CYS E 520 19.91 -33.14 9.21
CA CYS E 520 18.84 -32.23 9.56
C CYS E 520 19.46 -30.98 10.19
N MET E 521 18.77 -29.86 10.05
CA MET E 521 19.32 -28.58 10.49
C MET E 521 18.17 -27.70 10.97
N ILE E 522 18.24 -27.28 12.23
CA ILE E 522 17.15 -26.57 12.89
C ILE E 522 17.62 -25.18 13.26
N ALA E 523 16.85 -24.17 12.86
CA ALA E 523 17.15 -22.78 13.15
C ALA E 523 15.86 -22.03 13.41
N GLU E 524 15.96 -20.90 14.09
CA GLU E 524 14.79 -20.07 14.32
C GLU E 524 14.26 -19.54 13.00
N ALA E 525 12.94 -19.60 12.84
CA ALA E 525 12.31 -19.16 11.61
C ALA E 525 12.41 -17.64 11.48
N PRO E 526 12.52 -17.13 10.25
CA PRO E 526 12.54 -15.68 10.05
C PRO E 526 11.21 -15.05 10.41
N LYS E 527 11.26 -13.75 10.69
CA LYS E 527 10.07 -12.99 11.07
C LYS E 527 9.22 -12.68 9.83
N ASP E 528 8.76 -13.76 9.19
CA ASP E 528 7.92 -13.69 7.99
C ASP E 528 8.58 -12.87 6.88
N LYS F 1 56.85 34.13 89.46
CA LYS F 1 55.67 34.83 88.96
C LYS F 1 54.39 34.08 89.33
N LEU F 2 54.41 32.76 89.16
CA LEU F 2 53.26 31.91 89.44
C LEU F 2 53.46 31.20 90.77
N ARG F 3 52.50 31.35 91.68
CA ARG F 3 52.56 30.72 92.99
C ARG F 3 51.41 29.73 93.15
N PRO F 4 51.68 28.43 93.20
CA PRO F 4 50.59 27.47 93.34
C PRO F 4 50.01 27.50 94.75
N LEU F 5 48.82 26.91 94.87
CA LEU F 5 48.08 26.91 96.13
C LEU F 5 47.88 25.48 96.61
N HIS F 6 48.13 25.27 97.90
CA HIS F 6 47.87 23.99 98.59
C HIS F 6 48.74 22.92 97.95
N ASP F 7 48.17 21.89 97.32
CA ASP F 7 48.93 20.76 96.78
C ASP F 7 49.33 20.97 95.33
N ARG F 8 49.05 22.13 94.76
CA ARG F 8 49.29 22.36 93.34
C ARG F 8 50.78 22.41 93.03
N VAL F 9 51.15 21.83 91.89
CA VAL F 9 52.51 21.87 91.37
C VAL F 9 52.45 22.35 89.93
N VAL F 10 53.29 23.33 89.59
CA VAL F 10 53.39 23.84 88.23
C VAL F 10 54.61 23.21 87.58
N VAL F 11 54.40 22.60 86.42
CA VAL F 11 55.46 21.91 85.70
C VAL F 11 55.51 22.40 84.27
N LYS F 12 56.72 22.52 83.75
CA LYS F 12 56.95 22.74 82.33
C LYS F 12 57.34 21.39 81.72
N ARG F 13 56.41 20.80 80.96
CA ARG F 13 56.67 19.50 80.35
C ARG F 13 57.82 19.63 79.36
N ILE F 14 58.73 18.66 79.38
CA ILE F 14 59.87 18.72 78.47
C ILE F 14 59.40 18.44 77.05
N GLU F 15 60.12 19.01 76.09
CA GLU F 15 59.75 18.84 74.69
C GLU F 15 59.98 17.40 74.25
N ALA F 16 59.36 17.03 73.13
CA ALA F 16 59.51 15.69 72.59
C ALA F 16 60.95 15.47 72.14
N GLU F 17 61.44 14.25 72.33
CA GLU F 17 62.79 13.89 71.92
C GLU F 17 62.96 14.05 70.42
N ARG F 18 64.14 14.55 70.02
CA ARG F 18 64.43 14.86 68.63
C ARG F 18 65.43 13.91 68.00
N LYS F 19 66.63 13.79 68.55
CA LYS F 19 67.64 12.88 68.04
C LYS F 19 67.69 11.61 68.88
N THR F 20 67.71 10.47 68.20
CA THR F 20 67.70 9.18 68.86
C THR F 20 69.12 8.73 69.17
N ALA F 21 69.27 7.49 69.67
CA ALA F 21 70.58 6.96 69.95
C ALA F 21 71.42 6.84 68.68
N SER F 22 70.80 6.39 67.59
CA SER F 22 71.48 6.26 66.31
C SER F 22 71.41 7.54 65.48
N GLY F 23 70.68 8.55 65.93
CA GLY F 23 70.65 9.84 65.26
C GLY F 23 69.46 10.09 64.37
N ILE F 24 68.47 9.20 64.34
CA ILE F 24 67.31 9.39 63.48
C ILE F 24 66.52 10.61 63.94
N VAL F 25 66.22 11.51 63.01
CA VAL F 25 65.48 12.73 63.31
C VAL F 25 63.99 12.46 63.14
N ILE F 26 63.23 12.73 64.18
CA ILE F 26 61.78 12.53 64.18
C ILE F 26 61.11 13.89 64.04
N PRO F 27 60.13 14.04 63.15
CA PRO F 27 59.41 15.31 63.06
C PRO F 27 58.59 15.57 64.30
N ASP F 28 58.37 16.86 64.57
CA ASP F 28 57.64 17.25 65.77
C ASP F 28 56.22 16.69 65.79
N THR F 29 55.60 16.55 64.62
CA THR F 29 54.27 15.94 64.56
C THR F 29 54.31 14.48 65.00
N ALA F 30 55.32 13.74 64.55
CA ALA F 30 55.44 12.33 64.92
C ALA F 30 55.92 12.16 66.35
N GLY F 31 56.69 13.11 66.87
CA GLY F 31 57.22 13.00 68.21
C GLY F 31 56.15 13.02 69.28
N GLU F 32 55.96 11.89 69.96
CA GLU F 32 54.98 11.80 71.02
C GLU F 32 55.37 12.70 72.19
N LYS F 33 54.37 13.33 72.80
CA LYS F 33 54.62 14.24 73.91
C LYS F 33 54.96 13.43 75.15
N PRO F 34 56.16 13.61 75.73
CA PRO F 34 56.50 12.86 76.94
C PRO F 34 55.66 13.33 78.12
N ASP F 35 55.47 12.42 79.08
CA ASP F 35 54.74 12.71 80.31
C ASP F 35 55.66 13.19 81.42
N GLN F 36 56.79 13.79 81.08
CA GLN F 36 57.78 14.24 82.04
C GLN F 36 57.96 15.76 81.91
N GLY F 37 58.41 16.36 83.01
CA GLY F 37 58.70 17.78 83.02
C GLY F 37 59.38 18.18 84.31
N GLU F 38 60.03 19.32 84.26
CA GLU F 38 60.70 19.86 85.44
C GLU F 38 59.76 20.80 86.18
N VAL F 39 59.96 20.87 87.50
CA VAL F 39 59.11 21.67 88.36
C VAL F 39 59.76 23.02 88.61
N LEU F 40 58.99 24.09 88.45
CA LEU F 40 59.46 25.44 88.74
C LEU F 40 58.70 26.12 89.86
N ALA F 41 57.50 25.64 90.21
CA ALA F 41 56.71 26.22 91.28
C ALA F 41 56.20 25.08 92.17
N VAL F 42 56.35 25.24 93.48
CA VAL F 42 56.00 24.22 94.45
C VAL F 42 55.01 24.80 95.45
N GLY F 43 53.91 24.06 95.68
CA GLY F 43 52.92 24.49 96.65
C GLY F 43 53.35 24.21 98.08
N ASP F 44 52.66 24.90 99.00
CA ASP F 44 53.02 24.77 100.42
C ASP F 44 52.57 23.42 100.98
N GLY F 45 51.45 22.90 100.52
CA GLY F 45 50.95 21.61 100.98
C GLY F 45 49.45 21.61 101.17
N LYS F 46 48.87 20.43 101.07
CA LYS F 46 47.42 20.27 101.20
C LYS F 46 47.00 20.37 102.65
N ILE F 47 45.99 21.18 102.93
CA ILE F 47 45.35 21.21 104.24
C ILE F 47 44.59 19.91 104.42
N LEU F 48 45.10 19.04 105.29
CA LEU F 48 44.35 17.84 105.62
C LEU F 48 43.38 18.13 106.76
N ASP F 49 42.52 17.14 107.04
CA ASP F 49 41.32 17.40 107.83
C ASP F 49 41.64 17.86 109.25
N ASP F 50 42.75 17.40 109.83
CA ASP F 50 43.11 17.73 111.20
C ASP F 50 44.11 18.88 111.28
N GLY F 51 44.02 19.84 110.35
CA GLY F 51 44.90 20.99 110.39
C GLY F 51 46.30 20.66 109.93
N SER F 52 47.18 21.67 110.04
CA SER F 52 48.58 21.57 109.65
C SER F 52 48.72 21.28 108.15
N LYS F 53 49.93 20.94 107.72
CA LYS F 53 50.24 20.78 106.30
C LYS F 53 50.83 19.41 106.03
N ARG F 54 50.54 18.87 104.86
CA ARG F 54 51.17 17.64 104.39
C ARG F 54 52.49 17.99 103.72
N PRO F 55 53.62 17.46 104.19
CA PRO F 55 54.88 17.67 103.48
C PRO F 55 54.80 17.13 102.07
N MET F 56 55.36 17.88 101.13
CA MET F 56 55.28 17.53 99.72
C MET F 56 56.60 16.93 99.24
N ALA F 57 56.50 15.86 98.47
CA ALA F 57 57.67 15.11 98.03
C ALA F 57 58.34 15.70 96.81
N VAL F 58 57.81 16.79 96.25
CA VAL F 58 58.36 17.42 95.06
C VAL F 58 58.93 18.79 95.46
N LYS F 59 60.21 19.01 95.18
CA LYS F 59 60.87 20.27 95.45
C LYS F 59 61.18 20.97 94.13
N VAL F 60 61.50 22.26 94.22
CA VAL F 60 61.82 23.02 93.01
C VAL F 60 63.10 22.47 92.39
N GLY F 61 63.01 22.08 91.11
CA GLY F 61 64.17 21.71 90.34
C GLY F 61 64.21 20.27 89.85
N ASP F 62 63.44 19.37 90.44
CA ASP F 62 63.52 17.97 90.04
C ASP F 62 62.71 17.71 88.79
N LYS F 63 62.93 16.53 88.20
CA LYS F 63 62.18 16.06 87.05
C LYS F 63 61.12 15.07 87.51
N VAL F 64 59.86 15.33 87.14
CA VAL F 64 58.74 14.54 87.63
C VAL F 64 58.01 13.92 86.45
N LEU F 65 57.30 12.83 86.73
CA LEU F 65 56.49 12.14 85.75
C LEU F 65 55.03 12.21 86.17
N PHE F 66 54.16 12.60 85.25
CA PHE F 66 52.76 12.84 85.56
C PHE F 66 51.89 12.14 84.52
N GLY F 67 50.59 12.09 84.81
CA GLY F 67 49.66 11.47 83.90
C GLY F 67 49.47 12.28 82.62
N LYS F 68 49.04 11.58 81.57
CA LYS F 68 48.88 12.23 80.27
C LYS F 68 47.75 13.26 80.30
N TYR F 69 46.63 12.93 80.93
CA TYR F 69 45.46 13.80 80.95
C TYR F 69 45.42 14.71 82.17
N ALA F 70 46.36 14.58 83.10
CA ALA F 70 46.36 15.39 84.30
C ALA F 70 46.89 16.79 84.00
N GLY F 71 46.44 17.76 84.80
CA GLY F 71 46.91 19.12 84.70
C GLY F 71 46.16 19.94 83.67
N GLN F 72 46.51 21.23 83.63
CA GLN F 72 45.90 22.18 82.72
C GLN F 72 46.97 23.16 82.28
N THR F 73 46.81 23.71 81.08
CA THR F 73 47.85 24.54 80.47
C THR F 73 47.54 26.02 80.68
N VAL F 74 48.54 26.77 81.15
CA VAL F 74 48.37 28.18 81.48
C VAL F 74 49.08 29.00 80.41
N LYS F 75 48.51 30.17 80.10
CA LYS F 75 48.97 31.02 79.02
C LYS F 75 49.90 32.14 79.49
N VAL F 76 50.58 31.96 80.62
CA VAL F 76 51.36 33.06 81.19
C VAL F 76 52.61 33.32 80.37
N GLU F 77 52.80 34.58 79.97
CA GLU F 77 53.95 35.11 79.23
C GLU F 77 54.39 34.24 78.06
N GLY F 78 53.49 33.42 77.52
CA GLY F 78 53.78 32.71 76.29
C GLY F 78 54.09 31.23 76.41
N GLU F 79 54.91 30.82 77.36
CA GLU F 79 55.23 29.40 77.46
C GLU F 79 54.07 28.65 78.08
N GLU F 80 53.95 27.38 77.69
CA GLU F 80 52.92 26.51 78.23
C GLU F 80 53.44 25.85 79.50
N LEU F 81 52.65 25.92 80.57
CA LEU F 81 52.98 25.30 81.84
C LEU F 81 51.78 24.50 82.32
N LEU F 82 52.04 23.32 82.88
CA LEU F 82 51.00 22.45 83.37
C LEU F 82 50.92 22.58 84.89
N VAL F 83 49.74 22.95 85.38
CA VAL F 83 49.48 23.05 86.81
C VAL F 83 48.59 21.88 87.21
N LEU F 84 49.06 21.08 88.17
CA LEU F 84 48.39 19.84 88.52
C LEU F 84 48.60 19.53 89.99
N ARG F 85 47.74 18.68 90.52
CA ARG F 85 47.80 18.33 91.93
C ARG F 85 49.02 17.45 92.21
N GLU F 86 49.36 17.34 93.50
CA GLU F 86 50.54 16.58 93.88
C GLU F 86 50.38 15.09 93.63
N ASP F 87 49.15 14.57 93.72
CA ASP F 87 48.92 13.14 93.56
C ASP F 87 49.09 12.65 92.13
N ASP F 88 48.93 13.53 91.13
CA ASP F 88 49.09 13.09 89.75
C ASP F 88 50.55 12.75 89.43
N ILE F 89 51.50 13.47 90.02
CA ILE F 89 52.91 13.14 89.86
C ILE F 89 53.15 11.78 90.50
N MET F 90 53.44 10.76 89.68
CA MET F 90 53.59 9.41 90.19
C MET F 90 55.03 9.02 90.47
N ALA F 91 56.00 9.74 89.94
CA ALA F 91 57.39 9.38 90.17
C ALA F 91 58.27 10.61 89.98
N VAL F 92 59.47 10.56 90.56
CA VAL F 92 60.48 11.59 90.41
C VAL F 92 61.71 10.95 89.79
N ILE F 93 62.19 11.53 88.69
CA ILE F 93 63.32 10.98 87.95
C ILE F 93 64.60 11.57 88.52
N GLU F 94 65.62 10.72 88.65
CA GLU F 94 66.80 10.95 89.50
C GLU F 94 66.52 11.90 90.67
N ALA G 1 25.35 -7.70 14.03
CA ALA G 1 24.27 -8.39 13.32
C ALA G 1 24.78 -9.02 12.05
N ALA G 2 23.90 -9.16 11.07
CA ALA G 2 24.28 -9.73 9.79
C ALA G 2 25.28 -8.83 9.09
N LYS G 3 26.25 -9.45 8.42
CA LYS G 3 27.32 -8.74 7.73
C LYS G 3 27.20 -8.95 6.24
N GLU G 4 27.39 -7.88 5.48
CA GLU G 4 27.49 -7.98 4.02
C GLU G 4 28.95 -7.95 3.64
N VAL G 5 29.34 -8.84 2.73
CA VAL G 5 30.74 -9.04 2.37
C VAL G 5 30.92 -8.71 0.89
N LYS G 6 31.89 -7.86 0.60
CA LYS G 6 32.21 -7.44 -0.77
C LYS G 6 33.62 -7.89 -1.11
N PHE G 7 33.83 -8.22 -2.38
CA PHE G 7 35.10 -8.79 -2.84
C PHE G 7 35.60 -8.05 -4.06
N HIS G 8 36.92 -8.04 -4.19
CA HIS G 8 37.64 -7.66 -5.42
C HIS G 8 37.27 -6.22 -5.80
N ASP G 9 36.99 -5.95 -7.07
CA ASP G 9 36.76 -4.59 -7.52
C ASP G 9 35.48 -3.99 -6.96
N SER G 10 34.50 -4.83 -6.63
CA SER G 10 33.28 -4.33 -6.02
C SER G 10 33.57 -3.70 -4.67
N ALA G 11 34.47 -4.30 -3.90
CA ALA G 11 34.86 -3.71 -2.61
C ALA G 11 35.74 -2.49 -2.79
N ARG G 12 36.69 -2.56 -3.73
CA ARG G 12 37.61 -1.44 -3.94
C ARG G 12 36.88 -0.22 -4.48
N GLU G 13 35.89 -0.43 -5.35
CA GLU G 13 35.14 0.69 -5.91
C GLU G 13 34.39 1.43 -4.82
N ARG G 14 33.77 0.71 -3.89
CA ARG G 14 33.07 1.36 -2.78
C ARG G 14 34.06 2.05 -1.85
N LEU G 15 35.22 1.44 -1.61
CA LEU G 15 36.22 2.05 -0.76
C LEU G 15 36.73 3.35 -1.36
N VAL G 16 37.03 3.33 -2.67
CA VAL G 16 37.54 4.52 -3.33
C VAL G 16 36.49 5.61 -3.39
N ALA G 17 35.22 5.23 -3.59
CA ALA G 17 34.15 6.23 -3.64
C ALA G 17 34.05 6.99 -2.33
N GLY G 18 34.17 6.29 -1.19
CA GLY G 18 34.19 6.98 0.08
C GLY G 18 35.43 7.82 0.27
N VAL G 19 36.56 7.35 -0.23
CA VAL G 19 37.80 8.13 -0.17
C VAL G 19 37.64 9.42 -0.96
N ASN G 20 37.09 9.31 -2.17
CA ASN G 20 36.97 10.48 -3.04
C ASN G 20 35.98 11.48 -2.50
N LEU G 21 34.89 11.02 -1.89
CA LEU G 21 33.88 11.95 -1.39
C LEU G 21 34.45 12.81 -0.26
N LEU G 22 35.13 12.17 0.69
CA LEU G 22 35.72 12.92 1.79
C LEU G 22 36.83 13.85 1.30
N ALA G 23 37.68 13.36 0.40
CA ALA G 23 38.79 14.16 -0.06
C ALA G 23 38.33 15.31 -0.95
N ASN G 24 37.27 15.12 -1.71
CA ASN G 24 36.75 16.19 -2.55
C ASN G 24 36.22 17.35 -1.70
N ALA G 25 35.54 17.02 -0.59
CA ALA G 25 35.08 18.07 0.31
C ALA G 25 36.25 18.81 0.94
N VAL G 26 37.27 18.06 1.37
CA VAL G 26 38.47 18.66 1.94
C VAL G 26 39.28 19.41 0.88
N LYS G 27 39.22 18.95 -0.38
CA LYS G 27 39.96 19.60 -1.45
C LYS G 27 39.62 21.08 -1.57
N THR G 28 38.35 21.44 -1.37
CA THR G 28 37.90 22.79 -1.63
C THR G 28 38.57 23.83 -0.74
N THR G 29 39.16 23.40 0.38
CA THR G 29 39.77 24.32 1.33
C THR G 29 41.27 24.47 1.14
N LEU G 30 41.86 23.84 0.13
CA LEU G 30 43.30 23.82 0.00
C LEU G 30 43.82 25.06 -0.69
N GLY G 31 44.91 25.62 -0.14
CA GLY G 31 45.61 26.71 -0.77
C GLY G 31 45.10 28.07 -0.40
N PRO G 32 45.81 29.12 -0.83
CA PRO G 32 45.35 30.49 -0.54
C PRO G 32 44.01 30.81 -1.15
N LYS G 33 43.68 30.24 -2.30
CA LYS G 33 42.41 30.47 -2.96
C LYS G 33 41.39 29.39 -2.66
N GLY G 34 41.67 28.52 -1.69
CA GLY G 34 40.68 27.58 -1.24
C GLY G 34 39.54 28.28 -0.53
N ARG G 35 38.38 27.64 -0.51
CA ARG G 35 37.17 28.26 0.01
C ARG G 35 36.67 27.50 1.22
N ASN G 36 35.70 28.09 1.90
CA ASN G 36 35.23 27.59 3.18
C ASN G 36 34.19 26.49 3.00
N VAL G 37 34.05 25.68 4.05
CA VAL G 37 33.06 24.62 4.10
C VAL G 37 32.15 24.90 5.29
N VAL G 38 30.85 24.91 5.05
CA VAL G 38 29.85 25.10 6.10
C VAL G 38 29.41 23.73 6.59
N ILE G 39 29.43 23.54 7.91
CA ILE G 39 29.05 22.28 8.53
C ILE G 39 27.91 22.57 9.50
N GLU G 40 26.79 21.87 9.33
CA GLU G 40 25.66 22.05 10.22
C GLU G 40 25.96 21.43 11.58
N ARG G 41 25.64 22.16 12.65
CA ARG G 41 25.75 21.65 14.01
C ARG G 41 24.36 21.35 14.54
N SER G 42 24.29 20.36 15.44
CA SER G 42 23.00 19.96 15.99
C SER G 42 22.35 21.10 16.78
N PHE G 43 23.16 21.84 17.54
CA PHE G 43 22.67 22.93 18.38
C PHE G 43 22.62 24.27 17.67
N GLY G 44 22.50 24.26 16.35
CA GLY G 44 22.43 25.50 15.61
C GLY G 44 23.79 26.15 15.43
N ALA G 45 23.77 27.33 14.80
CA ALA G 45 24.97 28.10 14.51
C ALA G 45 26.00 27.25 13.75
N PRO G 46 25.80 27.04 12.45
CA PRO G 46 26.73 26.21 11.69
C PRO G 46 28.13 26.80 11.72
N ILE G 47 29.12 25.92 11.77
CA ILE G 47 30.52 26.32 11.82
C ILE G 47 31.06 26.42 10.41
N VAL G 48 31.83 27.47 10.15
CA VAL G 48 32.47 27.69 8.86
C VAL G 48 33.97 27.46 9.06
N THR G 49 34.55 26.57 8.25
CA THR G 49 35.92 26.16 8.47
C THR G 49 36.66 26.04 7.14
N LYS G 50 37.96 26.34 7.18
CA LYS G 50 38.88 26.05 6.10
C LYS G 50 39.86 24.94 6.47
N ASP G 51 39.64 24.28 7.60
CA ASP G 51 40.53 23.24 8.08
C ASP G 51 40.10 21.89 7.53
N GLY G 52 41.07 21.13 7.02
CA GLY G 52 40.75 19.82 6.48
C GLY G 52 40.29 18.83 7.54
N VAL G 53 40.90 18.88 8.73
CA VAL G 53 40.56 17.92 9.77
C VAL G 53 39.15 18.17 10.28
N THR G 54 38.74 19.43 10.38
CA THR G 54 37.38 19.73 10.83
C THR G 54 36.35 19.22 9.83
N VAL G 55 36.62 19.42 8.54
CA VAL G 55 35.71 18.91 7.51
C VAL G 55 35.71 17.39 7.50
N ALA G 56 36.90 16.78 7.60
CA ALA G 56 37.00 15.33 7.49
C ALA G 56 36.29 14.64 8.65
N LYS G 57 36.45 15.17 9.87
CA LYS G 57 35.89 14.52 11.05
C LYS G 57 34.37 14.51 11.06
N GLU G 58 33.73 15.35 10.25
CA GLU G 58 32.29 15.44 10.24
C GLU G 58 31.63 14.59 9.16
N ILE G 59 32.40 14.04 8.23
CA ILE G 59 31.83 13.35 7.09
C ILE G 59 31.54 11.90 7.47
N GLU G 60 30.28 11.49 7.30
CA GLU G 60 29.86 10.11 7.47
C GLU G 60 28.85 9.78 6.38
N LEU G 61 28.99 8.60 5.79
CA LEU G 61 28.22 8.23 4.62
C LEU G 61 27.16 7.20 4.95
N LYS G 62 26.05 7.25 4.20
CA LYS G 62 24.98 6.28 4.38
C LYS G 62 25.43 4.88 3.99
N ASP G 63 26.16 4.76 2.88
CA ASP G 63 26.69 3.48 2.45
C ASP G 63 27.81 3.05 3.39
N LYS G 64 27.63 1.92 4.06
CA LYS G 64 28.61 1.50 5.06
C LYS G 64 29.95 1.17 4.43
N PHE G 65 29.94 0.66 3.19
CA PHE G 65 31.20 0.36 2.52
C PHE G 65 31.90 1.63 2.06
N GLU G 66 31.15 2.60 1.56
CA GLU G 66 31.73 3.90 1.25
C GLU G 66 32.17 4.61 2.52
N ASN G 67 31.40 4.47 3.60
CA ASN G 67 31.77 5.08 4.87
C ASN G 67 33.10 4.53 5.39
N MET G 68 33.37 3.26 5.13
CA MET G 68 34.63 2.66 5.58
C MET G 68 35.82 3.34 4.92
N GLY G 69 35.72 3.64 3.64
CA GLY G 69 36.78 4.38 2.98
C GLY G 69 36.92 5.80 3.49
N ALA G 70 35.79 6.45 3.78
CA ALA G 70 35.83 7.79 4.34
C ALA G 70 36.44 7.78 5.74
N GLN G 71 36.09 6.77 6.56
CA GLN G 71 36.62 6.70 7.91
C GLN G 71 38.13 6.48 7.90
N MET G 72 38.64 5.78 6.89
CA MET G 72 40.08 5.53 6.82
C MET G 72 40.84 6.79 6.44
N VAL G 73 40.31 7.57 5.49
CA VAL G 73 40.96 8.83 5.12
C VAL G 73 40.77 9.87 6.22
N LYS G 74 39.63 9.82 6.91
CA LYS G 74 39.36 10.80 7.96
C LYS G 74 40.46 10.80 9.01
N GLU G 75 41.07 9.64 9.25
CA GLU G 75 42.11 9.55 10.27
C GLU G 75 43.49 9.86 9.73
N VAL G 76 43.65 10.08 8.43
CA VAL G 76 44.87 10.69 7.93
C VAL G 76 44.97 12.13 8.42
N ALA G 77 43.88 12.88 8.31
CA ALA G 77 43.86 14.25 8.80
C ALA G 77 43.90 14.29 10.32
N SER G 78 43.25 13.32 10.98
CA SER G 78 43.23 13.30 12.44
C SER G 78 44.64 13.10 13.00
N LYS G 79 45.41 12.20 12.39
CA LYS G 79 46.78 11.98 12.84
C LYS G 79 47.66 13.18 12.52
N THR G 80 47.47 13.78 11.35
CA THR G 80 48.27 14.96 11.00
C THR G 80 47.97 16.12 11.93
N ALA G 81 46.70 16.30 12.29
CA ALA G 81 46.35 17.35 13.25
C ALA G 81 46.95 17.07 14.62
N ASP G 82 46.99 15.79 15.01
CA ASP G 82 47.55 15.44 16.31
C ASP G 82 49.04 15.74 16.40
N VAL G 83 49.79 15.42 15.35
CA VAL G 83 51.24 15.52 15.41
C VAL G 83 51.80 16.82 14.88
N ALA G 84 51.03 17.55 14.07
CA ALA G 84 51.55 18.79 13.50
C ALA G 84 50.58 19.95 13.68
N GLY G 85 49.28 19.65 13.79
CA GLY G 85 48.29 20.71 13.89
C GLY G 85 48.04 21.46 12.60
N ASP G 86 48.67 21.03 11.51
CA ASP G 86 48.52 21.68 10.21
C ASP G 86 48.85 20.66 9.14
N GLY G 87 48.49 20.97 7.91
CA GLY G 87 48.71 20.05 6.82
C GLY G 87 47.69 18.94 6.71
N THR G 88 46.54 19.09 7.35
CA THR G 88 45.52 18.05 7.28
C THR G 88 44.88 17.97 5.91
N THR G 89 44.64 19.13 5.27
CA THR G 89 44.15 19.12 3.90
C THR G 89 45.18 18.54 2.94
N THR G 90 46.44 18.90 3.13
CA THR G 90 47.50 18.34 2.30
C THR G 90 47.62 16.84 2.48
N ALA G 91 47.53 16.37 3.73
CA ALA G 91 47.59 14.94 3.98
C ALA G 91 46.41 14.22 3.34
N THR G 92 45.21 14.80 3.43
CA THR G 92 44.05 14.19 2.80
C THR G 92 44.19 14.17 1.28
N VAL G 93 44.70 15.25 0.71
CA VAL G 93 44.91 15.30 -0.73
C VAL G 93 45.95 14.29 -1.18
N LEU G 94 47.04 14.17 -0.42
CA LEU G 94 48.07 13.19 -0.75
C LEU G 94 47.53 11.77 -0.65
N ALA G 95 46.74 11.49 0.38
CA ALA G 95 46.20 10.14 0.55
C ALA G 95 45.29 9.75 -0.61
N GLN G 96 44.46 10.68 -1.08
CA GLN G 96 43.59 10.40 -2.21
C GLN G 96 44.40 10.19 -3.48
N ALA G 97 45.47 10.96 -3.66
CA ALA G 97 46.33 10.80 -4.83
C ALA G 97 46.99 9.42 -4.85
N ILE G 98 47.45 8.95 -3.69
CA ILE G 98 48.07 7.63 -3.62
C ILE G 98 47.05 6.55 -3.94
N VAL G 99 45.84 6.68 -3.39
CA VAL G 99 44.79 5.70 -3.67
C VAL G 99 44.42 5.73 -5.15
N ARG G 100 44.26 6.93 -5.70
CA ARG G 100 43.89 7.05 -7.12
C ARG G 100 44.97 6.47 -8.02
N GLU G 101 46.23 6.79 -7.75
CA GLU G 101 47.32 6.25 -8.56
C GLU G 101 47.56 4.78 -8.28
N GLY G 102 47.39 4.36 -7.03
CA GLY G 102 47.62 2.97 -6.69
C GLY G 102 46.55 2.02 -7.19
N MET G 103 45.32 2.50 -7.31
CA MET G 103 44.24 1.65 -7.80
C MET G 103 44.44 1.31 -9.28
N LYS G 104 45.11 2.19 -10.04
CA LYS G 104 45.43 1.87 -11.41
C LYS G 104 46.37 0.68 -11.50
N TYR G 105 47.37 0.62 -10.61
CA TYR G 105 48.30 -0.50 -10.61
C TYR G 105 47.68 -1.75 -10.00
N VAL G 106 46.79 -1.59 -9.02
CA VAL G 106 46.08 -2.75 -8.48
C VAL G 106 45.19 -3.36 -9.57
N ALA G 107 44.49 -2.51 -10.33
CA ALA G 107 43.70 -2.99 -11.45
C ALA G 107 44.57 -3.59 -12.56
N ALA G 108 45.85 -3.25 -12.59
CA ALA G 108 46.77 -3.79 -13.58
C ALA G 108 47.36 -5.13 -13.17
N GLY G 109 46.96 -5.67 -12.01
CA GLY G 109 47.40 -6.98 -11.57
C GLY G 109 48.64 -7.00 -10.72
N MET G 110 49.25 -5.86 -10.44
CA MET G 110 50.44 -5.82 -9.59
C MET G 110 50.07 -6.13 -8.15
N ASN G 111 50.99 -6.79 -7.45
CA ASN G 111 50.75 -7.19 -6.07
C ASN G 111 50.69 -5.96 -5.17
N PRO G 112 49.57 -5.71 -4.49
CA PRO G 112 49.48 -4.48 -3.68
C PRO G 112 50.37 -4.49 -2.45
N MET G 113 50.74 -5.67 -1.93
CA MET G 113 51.66 -5.70 -0.81
C MET G 113 53.03 -5.18 -1.22
N ASP G 114 53.48 -5.51 -2.44
CA ASP G 114 54.71 -4.93 -2.95
C ASP G 114 54.53 -3.47 -3.31
N LEU G 115 53.32 -3.08 -3.73
CA LEU G 115 53.04 -1.66 -3.93
C LEU G 115 53.19 -0.90 -2.62
N LYS G 116 52.67 -1.46 -1.53
CA LYS G 116 52.82 -0.82 -0.23
C LYS G 116 54.28 -0.75 0.19
N ARG G 117 55.05 -1.81 -0.08
CA ARG G 117 56.47 -1.79 0.24
C ARG G 117 57.21 -0.77 -0.62
N GLY G 118 56.83 -0.64 -1.89
CA GLY G 118 57.41 0.40 -2.72
C GLY G 118 57.02 1.80 -2.29
N ILE G 119 55.77 1.96 -1.84
CA ILE G 119 55.32 3.26 -1.35
C ILE G 119 56.13 3.68 -0.12
N ASP G 120 56.33 2.74 0.81
CA ASP G 120 57.10 3.05 2.00
C ASP G 120 58.54 3.40 1.65
N LYS G 121 59.11 2.69 0.68
CA LYS G 121 60.49 2.97 0.28
C LYS G 121 60.62 4.37 -0.31
N ALA G 122 59.65 4.75 -1.16
CA ALA G 122 59.71 6.07 -1.78
C ALA G 122 59.50 7.17 -0.76
N VAL G 123 58.58 6.97 0.18
CA VAL G 123 58.29 7.99 1.18
C VAL G 123 59.49 8.20 2.10
N THR G 124 60.17 7.11 2.47
CA THR G 124 61.37 7.23 3.28
C THR G 124 62.44 8.04 2.56
N ALA G 125 62.62 7.80 1.26
CA ALA G 125 63.61 8.56 0.50
C ALA G 125 63.22 10.03 0.40
N ILE G 126 61.94 10.31 0.18
CA ILE G 126 61.49 11.69 0.03
C ILE G 126 61.59 12.44 1.35
N VAL G 127 61.26 11.77 2.46
CA VAL G 127 61.34 12.41 3.77
C VAL G 127 62.78 12.79 4.09
N GLU G 128 63.74 11.92 3.74
CA GLU G 128 65.14 12.24 3.96
C GLU G 128 65.56 13.45 3.13
N GLU G 129 65.07 13.54 1.89
CA GLU G 129 65.37 14.70 1.07
C GLU G 129 64.73 15.97 1.62
N LEU G 130 63.58 15.84 2.27
CA LEU G 130 62.96 17.00 2.91
C LEU G 130 63.85 17.55 4.02
N LYS G 131 64.53 16.66 4.74
CA LYS G 131 65.43 17.10 5.81
C LYS G 131 66.58 17.92 5.25
N ALA G 132 67.13 17.51 4.11
CA ALA G 132 68.24 18.25 3.50
C ALA G 132 67.77 19.60 2.99
N ILE G 133 66.59 19.65 2.37
CA ILE G 133 66.06 20.91 1.84
C ILE G 133 65.70 21.87 2.97
N SER G 134 65.22 21.34 4.08
CA SER G 134 64.74 22.18 5.18
C SER G 134 65.84 23.09 5.70
N LYS G 135 65.46 24.33 6.02
CA LYS G 135 66.33 25.31 6.61
C LYS G 135 65.79 25.74 7.97
N PRO G 136 66.66 26.01 8.94
CA PRO G 136 66.17 26.40 10.27
C PRO G 136 65.44 27.73 10.25
N CYS G 137 64.46 27.84 11.14
CA CYS G 137 63.65 29.05 11.27
C CYS G 137 64.20 29.86 12.44
N SER G 138 65.09 30.81 12.11
CA SER G 138 65.77 31.61 13.12
C SER G 138 65.20 33.02 13.25
N THR G 139 65.06 33.74 12.15
CA THR G 139 64.60 35.12 12.17
C THR G 139 63.12 35.19 12.54
N THR G 140 62.75 36.26 13.24
CA THR G 140 61.35 36.50 13.54
C THR G 140 60.54 36.86 12.30
N LYS G 141 61.19 37.34 11.25
CA LYS G 141 60.50 37.59 9.98
C LYS G 141 59.97 36.29 9.40
N GLU G 142 60.76 35.22 9.46
CA GLU G 142 60.29 33.92 8.97
C GLU G 142 59.12 33.41 9.79
N ILE G 143 59.14 33.66 11.10
CA ILE G 143 58.03 33.25 11.95
C ILE G 143 56.74 33.95 11.55
N ALA G 144 56.83 35.25 11.27
CA ALA G 144 55.66 35.98 10.79
C ALA G 144 55.20 35.45 9.44
N GLN G 145 56.15 35.13 8.55
CA GLN G 145 55.79 34.60 7.25
C GLN G 145 55.12 33.23 7.37
N VAL G 146 55.65 32.37 8.25
CA VAL G 146 55.04 31.06 8.46
C VAL G 146 53.64 31.22 9.05
N GLY G 147 53.50 32.12 10.03
CA GLY G 147 52.19 32.36 10.61
C GLY G 147 51.21 32.97 9.61
N THR G 148 51.71 33.89 8.78
CA THR G 148 50.84 34.52 7.79
C THR G 148 50.31 33.51 6.78
N ILE G 149 51.17 32.61 6.30
CA ILE G 149 50.75 31.61 5.32
C ILE G 149 49.73 30.66 5.93
N SER G 150 49.97 30.21 7.15
CA SER G 150 49.08 29.25 7.79
C SER G 150 47.77 29.88 8.25
N ALA G 151 47.72 31.21 8.37
CA ALA G 151 46.49 31.91 8.70
C ALA G 151 45.74 32.36 7.46
N ASN G 152 46.03 31.76 6.31
CA ASN G 152 45.41 32.11 5.03
C ASN G 152 45.67 33.57 4.67
N ALA G 153 46.94 33.89 4.51
CA ALA G 153 47.39 35.21 4.05
C ALA G 153 46.86 36.34 4.94
N ASP G 154 46.93 36.13 6.25
CA ASP G 154 46.54 37.15 7.23
C ASP G 154 47.81 37.62 7.93
N SER G 155 48.32 38.79 7.49
CA SER G 155 49.56 39.30 8.05
C SER G 155 49.39 39.72 9.51
N SER G 156 48.21 40.18 9.91
CA SER G 156 47.99 40.58 11.29
C SER G 156 48.14 39.39 12.24
N ILE G 157 47.60 38.24 11.87
CA ILE G 157 47.73 37.04 12.70
C ILE G 157 49.18 36.60 12.76
N GLY G 158 49.87 36.63 11.62
CA GLY G 158 51.27 36.23 11.61
C GLY G 158 52.15 37.16 12.42
N GLU G 159 51.88 38.46 12.34
CA GLU G 159 52.70 39.42 13.09
C GLU G 159 52.47 39.32 14.59
N ILE G 160 51.21 39.14 15.00
CA ILE G 160 50.92 39.06 16.43
C ILE G 160 51.48 37.79 17.03
N ILE G 161 51.52 36.70 16.25
CA ILE G 161 52.11 35.47 16.74
C ILE G 161 53.62 35.60 16.86
N ALA G 162 54.25 36.25 15.87
CA ALA G 162 55.70 36.46 15.94
C ALA G 162 56.07 37.31 17.15
N GLN G 163 55.27 38.33 17.45
CA GLN G 163 55.50 39.13 18.65
C GLN G 163 55.33 38.28 19.90
N ALA G 164 54.33 37.39 19.91
CA ALA G 164 54.08 36.56 21.09
C ALA G 164 55.27 35.64 21.38
N MET G 165 55.81 34.99 20.34
CA MET G 165 56.95 34.11 20.56
C MET G 165 58.21 34.92 20.91
N ASP G 166 58.30 36.15 20.43
CA ASP G 166 59.43 37.00 20.82
C ASP G 166 59.36 37.40 22.28
N LYS G 167 58.15 37.60 22.81
CA LYS G 167 58.00 38.04 24.19
C LYS G 167 58.18 36.88 25.17
N VAL G 168 57.49 35.76 24.93
CA VAL G 168 57.55 34.63 25.85
C VAL G 168 58.70 33.69 25.56
N GLY G 169 59.41 33.88 24.45
CA GLY G 169 60.54 33.03 24.14
C GLY G 169 60.11 31.64 23.68
N LYS G 170 61.11 30.76 23.57
CA LYS G 170 60.85 29.40 23.16
C LYS G 170 60.20 28.58 24.26
N GLU G 171 60.45 28.94 25.52
CA GLU G 171 59.90 28.21 26.66
C GLU G 171 58.52 28.69 27.06
N GLY G 172 58.00 29.74 26.43
CA GLY G 172 56.71 30.28 26.80
C GLY G 172 55.54 29.51 26.22
N VAL G 173 54.34 29.87 26.68
CA VAL G 173 53.10 29.23 26.28
C VAL G 173 52.18 30.30 25.73
N ILE G 174 51.60 30.04 24.55
CA ILE G 174 50.70 30.96 23.88
C ILE G 174 49.35 30.29 23.74
N THR G 175 48.29 30.99 24.13
CA THR G 175 46.93 30.47 24.03
C THR G 175 46.07 31.46 23.25
N VAL G 176 44.94 30.96 22.76
CA VAL G 176 44.02 31.74 21.94
C VAL G 176 42.65 31.72 22.61
N GLU G 177 42.08 32.91 22.81
CA GLU G 177 40.77 33.07 23.41
C GLU G 177 39.97 34.08 22.62
N ASP G 178 38.67 34.16 22.92
CA ASP G 178 37.78 35.12 22.28
C ASP G 178 38.05 36.51 22.83
N GLY G 179 38.20 37.48 21.93
CA GLY G 179 38.36 38.85 22.35
C GLY G 179 37.02 39.55 22.51
N LYS G 180 37.10 40.78 23.02
CA LYS G 180 35.91 41.61 23.17
C LYS G 180 35.80 42.68 22.09
N SER G 181 36.91 43.13 21.54
CA SER G 181 36.91 44.14 20.50
C SER G 181 36.87 43.47 19.13
N LEU G 182 37.02 44.25 18.07
CA LEU G 182 37.06 43.74 16.71
C LEU G 182 38.48 43.50 16.20
N GLU G 183 39.49 43.85 16.99
CA GLU G 183 40.88 43.70 16.59
C GLU G 183 41.58 42.70 17.49
N ASN G 184 42.55 41.98 16.92
CA ASN G 184 43.34 41.05 17.69
C ASN G 184 44.25 41.80 18.66
N GLU G 185 44.32 41.31 19.89
CA GLU G 185 45.17 41.90 20.91
C GLU G 185 45.99 40.81 21.57
N LEU G 186 47.22 41.16 21.96
CA LEU G 186 48.14 40.23 22.59
C LEU G 186 48.36 40.67 24.03
N GLU G 187 48.10 39.78 24.98
CA GLU G 187 48.34 40.02 26.39
C GLU G 187 49.43 39.06 26.87
N VAL G 188 50.51 39.62 27.38
CA VAL G 188 51.65 38.83 27.86
C VAL G 188 51.68 38.92 29.37
N VAL G 189 51.65 37.76 30.04
CA VAL G 189 51.72 37.68 31.48
C VAL G 189 53.13 37.23 31.86
N GLU G 190 53.84 38.08 32.58
CA GLU G 190 55.22 37.81 32.97
C GLU G 190 55.27 37.27 34.40
N GLY G 191 56.31 36.50 34.68
CA GLY G 191 56.47 35.97 36.03
C GLY G 191 55.47 34.86 36.33
N MET G 192 55.17 34.70 37.61
CA MET G 192 54.28 33.65 38.10
C MET G 192 52.92 34.25 38.40
N GLN G 193 51.90 33.76 37.69
CA GLN G 193 50.51 34.11 37.96
C GLN G 193 49.70 32.83 38.05
N PHE G 194 49.00 32.63 39.15
CA PHE G 194 48.27 31.39 39.39
C PHE G 194 46.77 31.63 39.52
N ASP G 195 46.27 32.73 38.94
CA ASP G 195 44.84 32.97 38.70
C ASP G 195 43.97 32.67 39.93
N ARG G 196 44.42 33.15 41.09
CA ARG G 196 43.65 33.04 42.31
C ARG G 196 43.59 34.40 42.99
N GLY G 197 42.42 34.77 43.51
CA GLY G 197 42.20 36.06 44.10
C GLY G 197 42.24 36.05 45.62
N TYR G 198 42.06 37.23 46.19
CA TYR G 198 42.06 37.38 47.64
C TYR G 198 40.73 36.89 48.23
N LEU G 199 40.76 36.60 49.52
CA LEU G 199 39.56 36.18 50.25
C LEU G 199 38.85 37.34 50.94
N SER G 200 39.37 38.56 50.85
CA SER G 200 38.76 39.67 51.55
C SER G 200 39.06 40.97 50.82
N PRO G 201 38.04 41.77 50.52
CA PRO G 201 38.30 43.05 49.83
C PRO G 201 39.12 44.03 50.66
N TYR G 202 39.17 43.86 51.98
CA TYR G 202 39.93 44.77 52.82
C TYR G 202 41.44 44.66 52.61
N PHE G 203 41.91 43.61 51.92
CA PHE G 203 43.33 43.51 51.60
C PHE G 203 43.78 44.52 50.56
N ILE G 204 42.85 45.18 49.88
CA ILE G 204 43.22 46.15 48.85
C ILE G 204 43.86 47.36 49.50
N ASN G 205 45.03 47.76 48.97
CA ASN G 205 45.75 48.91 49.50
C ASN G 205 45.63 50.16 48.63
N ASN G 206 45.12 50.03 47.41
CA ASN G 206 44.86 51.21 46.58
C ASN G 206 43.51 51.05 45.87
N PRO G 207 42.57 51.96 46.10
CA PRO G 207 41.22 51.80 45.53
C PRO G 207 41.11 52.18 44.07
N ASP G 208 42.16 52.73 43.47
CA ASP G 208 42.07 53.19 42.09
C ASP G 208 41.81 52.04 41.12
N LYS G 209 42.48 50.90 41.34
CA LYS G 209 42.36 49.76 40.45
C LYS G 209 41.89 48.50 41.18
N GLN G 210 41.57 48.60 42.47
CA GLN G 210 41.07 47.47 43.26
C GLN G 210 42.06 46.30 43.22
N VAL G 211 43.29 46.58 43.63
CA VAL G 211 44.34 45.58 43.67
C VAL G 211 45.08 45.70 45.00
N ALA G 212 45.74 44.62 45.38
CA ALA G 212 46.52 44.57 46.62
C ALA G 212 47.99 44.43 46.23
N VAL G 213 48.73 45.54 46.28
CA VAL G 213 50.12 45.59 45.88
C VAL G 213 50.98 45.43 47.12
N LEU G 214 51.90 44.47 47.09
CA LEU G 214 52.82 44.22 48.19
C LEU G 214 54.24 44.41 47.67
N ASP G 215 54.98 45.32 48.30
CA ASP G 215 56.34 45.65 47.87
C ASP G 215 57.33 44.90 48.75
N ASN G 216 58.19 44.09 48.12
CA ASN G 216 59.14 43.24 48.81
C ASN G 216 58.49 42.43 49.94
N PRO G 217 57.49 41.60 49.62
CA PRO G 217 56.80 40.86 50.67
C PRO G 217 57.38 39.48 50.90
N TYR G 218 57.07 38.95 52.09
CA TYR G 218 57.32 37.54 52.37
C TYR G 218 56.16 36.69 51.88
N ILE G 219 56.47 35.49 51.44
CA ILE G 219 55.46 34.55 50.94
C ILE G 219 55.49 33.32 51.84
N LEU G 220 54.35 32.99 52.42
CA LEU G 220 54.21 31.82 53.29
C LEU G 220 53.47 30.75 52.51
N LEU G 221 54.13 29.61 52.29
CA LEU G 221 53.57 28.51 51.54
C LEU G 221 53.07 27.46 52.53
N HIS G 222 51.76 27.17 52.49
CA HIS G 222 51.16 26.20 53.39
C HIS G 222 50.28 25.26 52.59
N ASP G 223 50.44 23.96 52.81
CA ASP G 223 49.69 22.95 52.08
C ASP G 223 48.45 22.48 52.83
N LYS G 224 48.13 23.09 53.97
CA LYS G 224 46.96 22.72 54.76
C LYS G 224 46.13 23.96 55.07
N LYS G 225 44.86 23.73 55.37
CA LYS G 225 43.95 24.82 55.70
C LYS G 225 44.39 25.52 56.98
N ILE G 226 44.14 26.83 57.03
CA ILE G 226 44.44 27.66 58.19
C ILE G 226 43.13 28.25 58.69
N SER G 227 42.78 27.95 59.93
CA SER G 227 41.54 28.46 60.50
C SER G 227 41.74 29.16 61.84
N ASN G 228 42.64 28.66 62.68
CA ASN G 228 42.88 29.24 63.99
C ASN G 228 44.00 30.27 63.92
N ILE G 229 44.18 31.01 65.00
CA ILE G 229 45.12 32.12 65.04
C ILE G 229 46.40 31.70 65.77
N ARG G 230 46.25 30.78 66.73
CA ARG G 230 47.38 30.43 67.59
C ARG G 230 48.55 29.84 66.83
N ASP G 231 48.32 29.25 65.66
CA ASP G 231 49.42 28.68 64.88
C ASP G 231 50.03 29.69 63.91
N LEU G 232 49.19 30.55 63.33
CA LEU G 232 49.69 31.55 62.38
C LEU G 232 50.26 32.77 63.11
N LEU G 233 49.97 32.93 64.39
CA LEU G 233 50.47 34.09 65.13
C LEU G 233 51.99 34.16 65.19
N PRO G 234 52.73 33.09 65.50
CA PRO G 234 54.19 33.22 65.61
C PRO G 234 54.87 33.75 64.36
N VAL G 235 54.43 33.31 63.17
CA VAL G 235 55.05 33.80 61.95
C VAL G 235 54.63 35.23 61.67
N LEU G 236 53.38 35.60 62.01
CA LEU G 236 52.95 36.99 61.85
C LEU G 236 53.83 37.94 62.65
N GLU G 237 54.25 37.53 63.84
CA GLU G 237 55.09 38.39 64.66
C GLU G 237 56.44 38.64 64.01
N GLN G 238 57.04 37.61 63.41
CA GLN G 238 58.34 37.77 62.77
C GLN G 238 58.27 38.71 61.58
N VAL G 239 57.24 38.57 60.73
CA VAL G 239 57.10 39.48 59.60
C VAL G 239 56.74 40.88 60.07
N ALA G 240 56.16 41.01 61.27
CA ALA G 240 55.92 42.33 61.84
C ALA G 240 57.23 42.99 62.25
N LYS G 241 58.19 42.21 62.74
CA LYS G 241 59.49 42.76 63.10
C LYS G 241 60.20 43.33 61.88
N ALA G 242 60.19 42.61 60.77
CA ALA G 242 60.84 43.09 59.56
C ALA G 242 60.10 44.28 58.95
N GLY G 243 58.77 44.30 59.09
CA GLY G 243 57.97 45.37 58.52
C GLY G 243 57.55 45.15 57.09
N ARG G 244 58.05 44.10 56.44
CA ARG G 244 57.66 43.80 55.08
C ARG G 244 56.28 43.14 55.04
N PRO G 245 55.55 43.29 53.94
CA PRO G 245 54.24 42.65 53.84
C PRO G 245 54.37 41.13 53.79
N LEU G 246 53.27 40.46 54.08
CA LEU G 246 53.22 39.00 54.09
C LEU G 246 52.11 38.53 53.16
N LEU G 247 52.45 37.64 52.23
CA LEU G 247 51.48 36.99 51.37
C LEU G 247 51.33 35.55 51.81
N ILE G 248 50.12 35.17 52.19
CA ILE G 248 49.85 33.84 52.71
C ILE G 248 49.16 33.04 51.61
N ILE G 249 49.87 32.04 51.10
CA ILE G 249 49.32 31.13 50.09
C ILE G 249 49.03 29.80 50.78
N ALA G 250 47.76 29.53 51.03
CA ALA G 250 47.35 28.29 51.68
C ALA G 250 46.05 27.82 51.04
N GLU G 251 45.57 26.67 51.52
CA GLU G 251 44.33 26.13 50.98
C GLU G 251 43.15 27.05 51.27
N ASP G 252 43.10 27.62 52.47
CA ASP G 252 42.05 28.55 52.85
C ASP G 252 42.43 29.23 54.15
N VAL G 253 42.08 30.51 54.26
CA VAL G 253 42.32 31.30 55.46
C VAL G 253 40.97 31.88 55.86
N GLU G 254 40.34 31.32 56.89
CA GLU G 254 39.01 31.72 57.31
C GLU G 254 38.96 31.78 58.82
N GLY G 255 37.80 32.23 59.33
CA GLY G 255 37.59 32.25 60.76
C GLY G 255 38.50 33.24 61.45
N GLU G 256 39.13 32.80 62.55
CA GLU G 256 39.98 33.68 63.34
C GLU G 256 41.17 34.18 62.54
N ALA G 257 41.79 33.31 61.74
CA ALA G 257 42.96 33.71 60.98
C ALA G 257 42.62 34.81 59.98
N LEU G 258 41.51 34.65 59.26
CA LEU G 258 41.10 35.69 58.32
C LEU G 258 40.72 36.97 59.05
N ALA G 259 40.02 36.84 60.18
CA ALA G 259 39.63 38.01 60.95
C ALA G 259 40.85 38.76 61.47
N THR G 260 41.86 38.04 61.94
CA THR G 260 43.06 38.70 62.46
C THR G 260 43.77 39.50 61.38
N LEU G 261 43.83 38.95 60.16
CA LEU G 261 44.51 39.63 59.07
C LEU G 261 43.84 40.95 58.71
N VAL G 262 42.51 40.96 58.64
CA VAL G 262 41.81 42.17 58.22
C VAL G 262 41.90 43.26 59.28
N VAL G 263 41.87 42.88 60.56
CA VAL G 263 42.01 43.88 61.62
C VAL G 263 43.36 44.57 61.53
N ASN G 264 44.42 43.80 61.31
CA ASN G 264 45.75 44.39 61.20
C ASN G 264 45.88 45.23 59.94
N ASN G 265 45.15 44.88 58.88
CA ASN G 265 45.21 45.67 57.65
C ASN G 265 44.53 47.03 57.84
N LEU G 266 43.32 47.04 58.40
CA LEU G 266 42.60 48.30 58.58
C LEU G 266 43.31 49.23 59.54
N ARG G 267 43.80 48.70 60.66
CA ARG G 267 44.48 49.53 61.64
C ARG G 267 45.90 49.90 61.23
N GLY G 268 46.41 49.33 60.14
CA GLY G 268 47.74 49.68 59.69
C GLY G 268 48.86 49.08 60.51
N ILE G 269 48.56 48.13 61.39
CA ILE G 269 49.61 47.50 62.20
C ILE G 269 50.59 46.76 61.30
N LEU G 270 50.09 46.00 60.34
CA LEU G 270 50.93 45.33 59.35
C LEU G 270 50.09 45.05 58.12
N LYS G 271 50.69 45.26 56.94
CA LYS G 271 50.00 45.02 55.68
C LYS G 271 50.26 43.59 55.22
N THR G 272 49.20 42.93 54.80
CA THR G 272 49.29 41.52 54.39
C THR G 272 48.12 41.20 53.47
N CYS G 273 48.24 40.07 52.79
CA CYS G 273 47.16 39.56 51.96
C CYS G 273 47.24 38.04 51.95
N ALA G 274 46.09 37.41 51.70
CA ALA G 274 45.98 35.96 51.68
C ALA G 274 45.28 35.53 50.40
N VAL G 275 45.79 34.46 49.79
CA VAL G 275 45.20 33.89 48.59
C VAL G 275 45.08 32.38 48.78
N LYS G 276 44.19 31.77 48.01
CA LYS G 276 44.05 30.32 48.02
C LYS G 276 45.22 29.69 47.27
N ALA G 277 45.59 28.48 47.69
CA ALA G 277 46.63 27.75 46.98
C ALA G 277 46.10 27.28 45.63
N PRO G 278 46.76 27.61 44.53
CA PRO G 278 46.22 27.27 43.21
C PRO G 278 46.21 25.76 42.96
N GLY G 279 45.23 25.34 42.15
CA GLY G 279 45.16 23.97 41.70
C GLY G 279 44.51 23.04 42.71
N PHE G 280 44.13 21.87 42.21
CA PHE G 280 43.51 20.82 43.01
C PHE G 280 44.39 19.58 43.00
N GLY G 281 44.32 18.82 44.09
CA GLY G 281 45.04 17.57 44.17
C GLY G 281 46.55 17.77 44.19
N ASP G 282 47.25 16.78 43.61
CA ASP G 282 48.71 16.82 43.58
C ASP G 282 49.25 17.97 42.74
N ARG G 283 48.46 18.46 41.77
CA ARG G 283 48.91 19.61 40.99
C ARG G 283 49.03 20.85 41.87
N ARG G 284 48.18 20.98 42.88
CA ARG G 284 48.32 22.06 43.84
C ARG G 284 49.65 21.97 44.57
N LYS G 285 50.04 20.76 44.98
CA LYS G 285 51.33 20.58 45.64
C LYS G 285 52.48 20.86 44.69
N ALA G 286 52.33 20.47 43.42
CA ALA G 286 53.43 20.55 42.47
C ALA G 286 53.89 21.99 42.28
N MET G 287 52.97 22.90 41.95
CA MET G 287 53.36 24.28 41.73
C MET G 287 53.48 25.07 43.03
N LEU G 288 52.97 24.54 44.15
CA LEU G 288 53.29 25.13 45.44
C LEU G 288 54.78 25.02 45.73
N GLN G 289 55.37 23.87 45.39
CA GLN G 289 56.82 23.72 45.48
C GLN G 289 57.52 24.63 44.48
N ASP G 290 56.94 24.78 43.28
CA ASP G 290 57.52 25.66 42.28
C ASP G 290 57.56 27.11 42.77
N ILE G 291 56.48 27.56 43.41
CA ILE G 291 56.48 28.90 43.98
C ILE G 291 57.54 29.02 45.06
N ALA G 292 57.66 28.00 45.91
CA ALA G 292 58.68 28.03 46.96
C ALA G 292 60.08 28.08 46.37
N ILE G 293 60.33 27.27 45.33
CA ILE G 293 61.63 27.29 44.67
C ILE G 293 61.87 28.64 44.01
N LEU G 294 60.86 29.17 43.31
CA LEU G 294 61.03 30.47 42.64
C LEU G 294 61.24 31.58 43.65
N THR G 295 60.48 31.58 44.74
CA THR G 295 60.56 32.64 45.74
C THR G 295 61.68 32.44 46.75
N GLY G 296 62.42 31.33 46.65
CA GLY G 296 63.52 31.10 47.57
C GLY G 296 63.12 30.63 48.95
N GLY G 297 61.88 30.19 49.13
CA GLY G 297 61.40 29.70 50.40
C GLY G 297 61.11 28.20 50.36
N THR G 298 60.54 27.73 51.46
CA THR G 298 60.16 26.33 51.61
C THR G 298 58.70 26.25 52.02
N VAL G 299 57.98 25.30 51.44
CA VAL G 299 56.58 25.11 51.80
C VAL G 299 56.50 24.47 53.18
N ILE G 300 55.71 25.07 54.05
CA ILE G 300 55.53 24.58 55.41
C ILE G 300 54.49 23.47 55.38
N SER G 301 54.88 22.29 55.85
CA SER G 301 53.99 21.13 55.84
C SER G 301 54.47 20.12 56.86
N GLU G 302 53.53 19.55 57.61
CA GLU G 302 53.87 18.48 58.53
C GLU G 302 54.31 17.21 57.81
N GLU G 303 54.00 17.09 56.51
CA GLU G 303 54.46 15.95 55.74
C GLU G 303 55.96 15.98 55.47
N VAL G 304 56.59 17.14 55.66
CA VAL G 304 58.03 17.28 55.48
C VAL G 304 58.76 17.53 56.78
N GLY G 305 58.05 17.78 57.88
CA GLY G 305 58.67 18.02 59.16
C GLY G 305 58.71 19.46 59.62
N LEU G 306 58.08 20.38 58.88
CA LEU G 306 58.04 21.78 59.23
C LEU G 306 56.64 22.14 59.72
N SER G 307 56.57 22.81 60.86
CA SER G 307 55.30 23.21 61.46
C SER G 307 55.10 24.71 61.30
N LEU G 308 53.84 25.13 61.26
CA LEU G 308 53.52 26.54 61.11
C LEU G 308 54.01 27.35 62.30
N GLU G 309 53.91 26.78 63.50
CA GLU G 309 54.34 27.50 64.71
C GLU G 309 55.85 27.70 64.72
N LYS G 310 56.61 26.77 64.15
CA LYS G 310 58.06 26.85 64.12
C LYS G 310 58.59 27.49 62.84
N ALA G 311 57.71 27.97 61.97
CA ALA G 311 58.15 28.60 60.73
C ALA G 311 58.88 29.91 61.04
N THR G 312 59.98 30.13 60.33
CA THR G 312 60.82 31.31 60.51
C THR G 312 60.85 32.12 59.23
N LEU G 313 61.52 33.28 59.29
CA LEU G 313 61.64 34.14 58.12
C LEU G 313 62.44 33.47 57.02
N GLU G 314 63.47 32.70 57.38
CA GLU G 314 64.27 32.03 56.38
C GLU G 314 63.46 30.99 55.61
N ASP G 315 62.48 30.36 56.25
CA ASP G 315 61.63 29.41 55.56
C ASP G 315 60.63 30.08 54.64
N LEU G 316 60.34 31.36 54.85
CA LEU G 316 59.41 32.09 54.01
C LEU G 316 60.06 32.47 52.69
N GLY G 317 59.27 32.40 51.61
CA GLY G 317 59.74 32.89 50.34
C GLY G 317 59.69 34.40 50.27
N GLN G 318 60.43 34.95 49.30
CA GLN G 318 60.51 36.39 49.11
C GLN G 318 60.32 36.73 47.65
N ALA G 319 59.85 37.95 47.40
CA ALA G 319 59.70 38.47 46.05
C ALA G 319 59.88 39.98 46.10
N LYS G 320 60.23 40.56 44.95
CA LYS G 320 60.40 42.01 44.89
C LYS G 320 59.06 42.73 44.88
N ARG G 321 58.05 42.17 44.23
CA ARG G 321 56.73 42.77 44.23
C ARG G 321 55.69 41.71 43.87
N VAL G 322 54.52 41.80 44.49
CA VAL G 322 53.39 40.96 44.14
C VAL G 322 52.12 41.81 44.25
N GLU G 323 51.20 41.59 43.31
CA GLU G 323 49.94 42.30 43.28
C GLU G 323 48.80 41.29 43.27
N VAL G 324 47.81 41.52 44.12
CA VAL G 324 46.68 40.60 44.28
C VAL G 324 45.43 41.30 43.75
N ALA G 325 44.89 40.79 42.66
CA ALA G 325 43.67 41.34 42.07
C ALA G 325 42.47 40.55 42.60
N LYS G 326 41.30 40.80 42.01
CA LYS G 326 40.09 40.12 42.47
C LYS G 326 40.15 38.62 42.22
N GLU G 327 40.73 38.20 41.10
CA GLU G 327 40.73 36.80 40.72
C GLU G 327 42.11 36.27 40.34
N HIS G 328 43.18 37.05 40.52
CA HIS G 328 44.51 36.58 40.17
C HIS G 328 45.56 37.39 40.92
N THR G 329 46.71 36.77 41.15
CA THR G 329 47.89 37.46 41.66
C THR G 329 49.07 37.12 40.79
N THR G 330 49.97 38.09 40.62
CA THR G 330 51.18 37.92 39.82
C THR G 330 52.39 38.16 40.71
N ILE G 331 53.21 37.12 40.88
CA ILE G 331 54.49 37.25 41.56
C ILE G 331 55.50 37.74 40.53
N ILE G 332 55.89 39.01 40.64
CA ILE G 332 56.67 39.65 39.58
C ILE G 332 58.01 38.94 39.40
N ASP G 333 58.70 38.66 40.50
CA ASP G 333 60.00 37.99 40.42
C ASP G 333 60.32 37.38 41.77
N GLY G 334 60.50 36.06 41.80
CA GLY G 334 60.89 35.40 43.03
C GLY G 334 62.34 35.68 43.39
N ALA G 335 62.65 35.45 44.66
CA ALA G 335 63.99 35.69 45.19
C ALA G 335 64.87 34.46 45.14
N GLY G 336 64.37 33.35 44.59
CA GLY G 336 65.18 32.15 44.52
C GLY G 336 66.33 32.29 43.55
N ASP G 337 67.39 31.53 43.81
CA ASP G 337 68.55 31.55 42.94
C ASP G 337 68.22 30.92 41.58
N PRO G 338 68.77 31.46 40.50
CA PRO G 338 68.48 30.89 39.17
C PRO G 338 68.90 29.45 39.01
N ALA G 339 69.94 29.01 39.73
CA ALA G 339 70.43 27.64 39.57
C ALA G 339 69.36 26.63 39.97
N LYS G 340 68.69 26.86 41.10
CA LYS G 340 67.64 25.94 41.53
C LYS G 340 66.42 26.04 40.63
N ILE G 341 66.13 27.25 40.12
CA ILE G 341 64.99 27.41 39.22
C ILE G 341 65.22 26.64 37.92
N GLN G 342 66.43 26.74 37.36
CA GLN G 342 66.74 26.00 36.15
C GLN G 342 66.69 24.50 36.40
N ALA G 343 67.18 24.04 37.56
CA ALA G 343 67.11 22.63 37.89
C ALA G 343 65.66 22.16 37.98
N ARG G 344 64.80 22.97 38.60
CA ARG G 344 63.39 22.63 38.67
C ARG G 344 62.76 22.57 37.29
N VAL G 345 63.12 23.52 36.42
CA VAL G 345 62.60 23.51 35.05
C VAL G 345 63.08 22.27 34.32
N LYS G 346 64.34 21.89 34.52
CA LYS G 346 64.88 20.70 33.87
C LYS G 346 64.12 19.45 34.29
N GLU G 347 63.78 19.35 35.58
CA GLU G 347 63.04 18.19 36.06
C GLU G 347 61.65 18.11 35.41
N ILE G 348 60.97 19.24 35.31
CA ILE G 348 59.63 19.24 34.74
C ILE G 348 59.68 18.89 33.25
N ARG G 349 60.64 19.48 32.53
CA ARG G 349 60.75 19.19 31.10
C ARG G 349 61.15 17.75 30.85
N VAL G 350 61.90 17.15 31.77
CA VAL G 350 62.17 15.71 31.69
C VAL G 350 60.87 14.93 31.84
N GLN G 351 60.04 15.34 32.80
CA GLN G 351 58.74 14.71 32.99
C GLN G 351 57.81 14.98 31.81
N ILE G 352 58.00 16.09 31.10
CA ILE G 352 57.16 16.41 29.96
C ILE G 352 57.28 15.32 28.89
N GLU G 353 58.49 14.85 28.62
CA GLU G 353 58.70 13.81 27.64
C GLU G 353 58.02 12.50 28.04
N GLU G 354 57.74 12.33 29.33
CA GLU G 354 57.08 11.11 29.82
C GLU G 354 55.57 11.27 29.95
N ALA G 355 55.06 12.49 29.90
CA ALA G 355 53.62 12.72 30.05
C ALA G 355 52.84 11.97 28.98
N THR G 356 51.75 11.33 29.41
CA THR G 356 50.93 10.51 28.51
C THR G 356 49.54 11.09 28.26
N SER G 357 49.05 11.97 29.11
CA SER G 357 47.75 12.58 28.93
C SER G 357 47.88 13.88 28.15
N ASP G 358 46.85 14.18 27.35
CA ASP G 358 46.89 15.37 26.50
C ASP G 358 46.96 16.64 27.34
N TYR G 359 46.23 16.69 28.45
CA TYR G 359 46.30 17.85 29.33
C TYR G 359 47.47 17.78 30.30
N ASP G 360 48.12 16.62 30.42
CA ASP G 360 49.22 16.48 31.37
C ASP G 360 50.40 17.37 30.99
N ARG G 361 50.88 17.25 29.74
CA ARG G 361 52.02 18.04 29.32
C ARG G 361 51.64 19.49 29.05
N GLU G 362 50.37 19.76 28.72
CA GLU G 362 49.93 21.14 28.55
C GLU G 362 50.04 21.91 29.87
N LYS G 363 49.61 21.28 30.97
CA LYS G 363 49.75 21.90 32.27
C LYS G 363 51.21 21.94 32.73
N LEU G 364 51.99 20.92 32.39
CA LEU G 364 53.40 20.93 32.71
C LEU G 364 54.12 22.07 32.00
N GLN G 365 53.78 22.30 30.73
CA GLN G 365 54.35 23.43 30.00
C GLN G 365 53.93 24.75 30.63
N GLU G 366 52.70 24.83 31.14
CA GLU G 366 52.27 26.03 31.84
C GLU G 366 53.11 26.28 33.09
N ARG G 367 53.44 25.22 33.83
CA ARG G 367 54.31 25.37 34.99
C ARG G 367 55.69 25.84 34.58
N VAL G 368 56.23 25.28 33.49
CA VAL G 368 57.53 25.72 32.99
C VAL G 368 57.47 27.17 32.54
N ALA G 369 56.39 27.54 31.87
CA ALA G 369 56.22 28.93 31.45
C ALA G 369 56.15 29.87 32.64
N LYS G 370 55.45 29.45 33.70
CA LYS G 370 55.37 30.28 34.90
C LYS G 370 56.74 30.43 35.57
N LEU G 371 57.58 29.40 35.44
CA LEU G 371 58.88 29.41 36.12
C LEU G 371 59.92 30.20 35.33
N ALA G 372 60.22 29.77 34.11
CA ALA G 372 61.31 30.32 33.32
C ALA G 372 60.82 30.76 31.95
N GLY G 373 59.72 31.51 31.93
CA GLY G 373 59.19 32.02 30.68
C GLY G 373 58.04 32.99 30.87
N GLY G 374 57.04 32.90 30.01
CA GLY G 374 55.87 33.74 30.11
C GLY G 374 54.68 33.07 29.47
N VAL G 375 53.50 33.64 29.70
CA VAL G 375 52.25 33.16 29.14
C VAL G 375 51.65 34.29 28.32
N ALA G 376 51.50 34.05 27.02
CA ALA G 376 50.87 35.01 26.12
C ALA G 376 49.47 34.56 25.77
N VAL G 377 48.54 35.51 25.74
CA VAL G 377 47.16 35.24 25.37
C VAL G 377 46.83 36.10 24.16
N ILE G 378 46.51 35.44 23.05
CA ILE G 378 46.07 36.12 21.84
C ILE G 378 44.56 36.14 21.85
N LYS G 379 43.98 37.32 22.07
CA LYS G 379 42.53 37.48 22.07
C LYS G 379 42.08 37.83 20.66
N VAL G 380 41.39 36.91 20.02
CA VAL G 380 40.95 37.10 18.64
C VAL G 380 39.79 38.08 18.59
N GLY G 381 39.91 39.09 17.75
CA GLY G 381 38.86 40.08 17.58
C GLY G 381 38.03 39.77 16.35
N ALA G 382 36.72 39.67 16.56
CA ALA G 382 35.80 39.44 15.46
C ALA G 382 34.46 40.07 15.81
N ALA G 383 33.74 40.51 14.78
CA ALA G 383 32.45 41.15 14.99
C ALA G 383 31.38 40.16 15.39
N THR G 384 31.53 38.90 15.00
CA THR G 384 30.47 37.91 15.17
C THR G 384 31.09 36.58 15.61
N GLU G 385 30.25 35.74 16.22
CA GLU G 385 30.71 34.46 16.73
C GLU G 385 31.19 33.52 15.64
N VAL G 386 30.49 33.49 14.50
CA VAL G 386 30.89 32.58 13.42
C VAL G 386 32.24 33.00 12.85
N GLU G 387 32.48 34.31 12.76
CA GLU G 387 33.79 34.79 12.34
C GLU G 387 34.83 34.57 13.43
N MET G 388 34.43 34.66 14.70
CA MET G 388 35.36 34.41 15.79
C MET G 388 35.87 32.98 15.77
N LYS G 389 34.95 32.02 15.56
CA LYS G 389 35.36 30.62 15.49
C LYS G 389 36.24 30.36 14.27
N GLU G 390 35.92 30.98 13.14
CA GLU G 390 36.75 30.83 11.95
C GLU G 390 38.14 31.41 12.15
N LYS G 391 38.22 32.59 12.78
CA LYS G 391 39.52 33.23 13.00
C LYS G 391 40.34 32.46 14.01
N LYS G 392 39.70 31.94 15.07
CA LYS G 392 40.45 31.21 16.09
C LYS G 392 41.08 29.96 15.50
N ALA G 393 40.36 29.27 14.61
CA ALA G 393 40.92 28.10 13.95
C ALA G 393 42.13 28.50 13.11
N ARG G 394 42.06 29.65 12.44
CA ARG G 394 43.19 30.12 11.66
C ARG G 394 44.35 30.53 12.56
N VAL G 395 44.06 31.17 13.69
CA VAL G 395 45.11 31.55 14.62
C VAL G 395 45.74 30.30 15.25
N GLU G 396 44.91 29.31 15.61
CA GLU G 396 45.44 28.08 16.16
C GLU G 396 46.30 27.34 15.15
N ASP G 397 45.88 27.31 13.88
CA ASP G 397 46.70 26.70 12.84
C ASP G 397 48.01 27.43 12.68
N ALA G 398 47.98 28.77 12.72
CA ALA G 398 49.21 29.54 12.58
C ALA G 398 50.12 29.33 13.78
N LEU G 399 49.54 29.16 14.97
CA LEU G 399 50.35 28.86 16.15
C LEU G 399 51.00 27.49 16.03
N HIS G 400 50.25 26.49 15.55
CA HIS G 400 50.81 25.15 15.40
C HIS G 400 51.92 25.13 14.35
N ALA G 401 51.73 25.85 13.24
CA ALA G 401 52.73 25.85 12.19
C ALA G 401 53.99 26.57 12.63
N THR G 402 53.86 27.69 13.35
CA THR G 402 55.02 28.41 13.83
C THR G 402 55.80 27.58 14.84
N ARG G 403 55.09 26.84 15.69
CA ARG G 403 55.77 25.93 16.61
C ARG G 403 56.49 24.82 15.85
N ALA G 404 55.86 24.29 14.80
CA ALA G 404 56.50 23.27 13.98
C ALA G 404 57.69 23.84 13.21
N ALA G 405 57.64 25.14 12.89
CA ALA G 405 58.74 25.75 12.15
C ALA G 405 59.99 25.86 13.00
N VAL G 406 59.86 26.21 14.28
CA VAL G 406 61.03 26.33 15.14
C VAL G 406 61.55 24.96 15.55
N GLU G 407 60.75 23.91 15.38
CA GLU G 407 61.19 22.57 15.79
C GLU G 407 62.06 21.93 14.72
N GLU G 408 61.55 21.83 13.49
CA GLU G 408 62.23 21.10 12.43
C GLU G 408 62.67 21.96 11.26
N GLY G 409 62.24 23.20 11.17
CA GLY G 409 62.68 24.09 10.11
C GLY G 409 61.56 24.41 9.14
N ILE G 410 61.94 25.08 8.05
CA ILE G 410 61.00 25.54 7.04
C ILE G 410 61.42 25.03 5.67
N VAL G 411 60.43 24.87 4.80
CA VAL G 411 60.65 24.49 3.41
C VAL G 411 59.80 25.39 2.53
N PRO G 412 60.15 25.51 1.25
CA PRO G 412 59.31 26.28 0.33
C PRO G 412 57.91 25.72 0.26
N GLY G 413 56.92 26.61 0.23
CA GLY G 413 55.53 26.23 0.28
C GLY G 413 54.94 26.00 -1.10
N GLY G 414 53.62 25.86 -1.13
CA GLY G 414 52.91 25.61 -2.36
C GLY G 414 53.24 24.30 -3.02
N GLY G 415 53.49 23.25 -2.24
CA GLY G 415 53.82 21.96 -2.78
C GLY G 415 55.19 21.86 -3.43
N VAL G 416 55.99 22.91 -3.37
CA VAL G 416 57.31 22.90 -3.99
C VAL G 416 58.24 21.95 -3.24
N ALA G 417 58.13 21.90 -1.91
CA ALA G 417 59.03 21.09 -1.11
C ALA G 417 58.94 19.61 -1.49
N LEU G 418 57.72 19.11 -1.68
CA LEU G 418 57.55 17.72 -2.07
C LEU G 418 58.13 17.46 -3.46
N LEU G 419 57.96 18.43 -4.37
CA LEU G 419 58.52 18.28 -5.71
C LEU G 419 60.04 18.30 -5.68
N ARG G 420 60.63 19.22 -4.92
CA ARG G 420 62.08 19.28 -4.82
C ARG G 420 62.63 18.02 -4.16
N ALA G 421 61.96 17.55 -3.10
CA ALA G 421 62.40 16.33 -2.43
C ALA G 421 62.29 15.13 -3.35
N ARG G 422 61.25 15.09 -4.18
CA ARG G 422 61.08 13.99 -5.12
C ARG G 422 62.22 13.94 -6.13
N GLU G 423 62.59 15.10 -6.68
CA GLU G 423 63.67 15.13 -7.67
C GLU G 423 64.99 14.71 -7.06
N ALA G 424 65.27 15.15 -5.83
CA ALA G 424 66.50 14.74 -5.15
C ALA G 424 66.50 13.25 -4.87
N ALA G 425 65.37 12.70 -4.44
CA ALA G 425 65.29 11.28 -4.14
C ALA G 425 65.49 10.44 -5.40
N VAL G 426 64.89 10.86 -6.51
CA VAL G 426 65.07 10.14 -7.78
C VAL G 426 66.52 10.23 -8.23
N ALA G 427 67.12 11.42 -8.12
CA ALA G 427 68.51 11.59 -8.54
C ALA G 427 69.48 10.79 -7.68
N LYS G 428 69.07 10.36 -6.48
CA LYS G 428 69.92 9.58 -5.60
C LYS G 428 69.77 8.08 -5.82
N GLY G 429 68.96 7.66 -6.79
CA GLY G 429 68.83 6.24 -7.09
C GLY G 429 67.79 5.54 -6.25
N LEU G 430 66.55 6.01 -6.32
CA LEU G 430 65.45 5.38 -5.61
C LEU G 430 64.86 4.27 -6.47
N LYS G 431 64.96 3.03 -5.99
CA LYS G 431 64.52 1.89 -6.76
C LYS G 431 64.00 0.80 -5.83
N GLY G 432 63.18 -0.08 -6.38
CA GLY G 432 62.59 -1.17 -5.64
C GLY G 432 63.21 -2.52 -5.99
N ASP G 433 62.82 -3.53 -5.22
CA ASP G 433 63.38 -4.87 -5.42
C ASP G 433 62.76 -5.56 -6.63
N ASN G 434 61.48 -5.37 -6.86
CA ASN G 434 60.76 -5.99 -7.95
C ASN G 434 59.93 -4.94 -8.68
N PRO G 435 59.49 -5.22 -9.91
CA PRO G 435 58.73 -4.21 -10.65
C PRO G 435 57.46 -3.75 -9.95
N ASP G 436 56.84 -4.60 -9.13
CA ASP G 436 55.70 -4.15 -8.35
C ASP G 436 56.11 -3.07 -7.35
N GLN G 437 57.28 -3.23 -6.71
CA GLN G 437 57.77 -2.19 -5.83
C GLN G 437 58.16 -0.94 -6.60
N GLU G 438 58.66 -1.09 -7.84
CA GLU G 438 58.94 0.07 -8.67
C GLU G 438 57.66 0.83 -8.98
N ALA G 439 56.57 0.12 -9.23
CA ALA G 439 55.28 0.77 -9.43
C ALA G 439 54.83 1.49 -8.17
N GLY G 440 55.10 0.90 -7.01
CA GLY G 440 54.77 1.56 -5.77
C GLY G 440 55.52 2.87 -5.60
N ILE G 441 56.78 2.90 -6.03
CA ILE G 441 57.55 4.14 -6.00
C ILE G 441 56.93 5.16 -6.95
N LYS G 442 56.54 4.73 -8.14
CA LYS G 442 55.95 5.64 -9.11
C LYS G 442 54.63 6.20 -8.61
N ILE G 443 53.95 5.49 -7.71
CA ILE G 443 52.73 6.01 -7.11
C ILE G 443 53.04 7.25 -6.27
N VAL G 444 54.08 7.18 -5.44
CA VAL G 444 54.42 8.29 -4.57
C VAL G 444 54.96 9.46 -5.39
N LEU G 445 55.74 9.17 -6.44
CA LEU G 445 56.30 10.24 -7.25
C LEU G 445 55.21 11.06 -7.91
N ARG G 446 54.14 10.41 -8.38
CA ARG G 446 53.03 11.14 -8.96
C ARG G 446 52.19 11.79 -7.87
N ALA G 447 52.05 11.14 -6.72
CA ALA G 447 51.16 11.64 -5.68
C ALA G 447 51.66 12.95 -5.07
N VAL G 448 52.98 13.11 -4.92
CA VAL G 448 53.51 14.32 -4.31
C VAL G 448 53.29 15.56 -5.15
N GLU G 449 52.91 15.41 -6.42
CA GLU G 449 52.52 16.55 -7.22
C GLU G 449 51.12 17.04 -6.89
N GLN G 450 50.31 16.23 -6.23
CA GLN G 450 48.91 16.58 -6.03
C GLN G 450 48.70 17.83 -5.18
N PRO G 451 49.41 18.06 -4.06
CA PRO G 451 49.18 19.30 -3.32
C PRO G 451 49.35 20.55 -4.16
N LEU G 452 50.35 20.59 -5.04
CA LEU G 452 50.49 21.74 -5.93
C LEU G 452 49.36 21.77 -6.96
N ARG G 453 48.97 20.60 -7.46
CA ARG G 453 47.90 20.56 -8.47
C ARG G 453 46.58 21.06 -7.90
N GLU G 454 46.26 20.67 -6.68
CA GLU G 454 44.98 21.09 -6.08
C GLU G 454 45.02 22.55 -5.66
N ILE G 455 46.19 23.04 -5.24
CA ILE G 455 46.33 24.47 -4.95
C ILE G 455 46.11 25.28 -6.21
N VAL G 456 46.70 24.85 -7.32
CA VAL G 456 46.54 25.55 -8.59
C VAL G 456 45.11 25.40 -9.11
N ALA G 457 44.54 24.21 -8.96
CA ALA G 457 43.16 24.00 -9.43
C ALA G 457 42.18 24.89 -8.68
N ASN G 458 42.36 25.04 -7.37
CA ASN G 458 41.52 25.96 -6.62
C ASN G 458 41.75 27.40 -7.06
N ALA G 459 42.98 27.74 -7.45
CA ALA G 459 43.28 29.06 -7.96
C ALA G 459 42.69 29.31 -9.34
N GLY G 460 42.23 28.28 -10.03
CA GLY G 460 41.61 28.43 -11.33
C GLY G 460 42.54 28.32 -12.51
N GLU G 461 43.78 27.88 -12.32
CA GLU G 461 44.73 27.74 -13.40
C GLU G 461 44.81 26.28 -13.84
N GLU G 462 45.74 25.98 -14.75
CA GLU G 462 45.90 24.62 -15.26
C GLU G 462 46.97 23.91 -14.42
N PRO G 463 46.60 22.90 -13.63
CA PRO G 463 47.59 22.28 -12.74
C PRO G 463 48.77 21.66 -13.46
N SER G 464 48.54 21.05 -14.62
CA SER G 464 49.62 20.33 -15.31
C SER G 464 50.64 21.29 -15.89
N VAL G 465 50.19 22.43 -16.39
CA VAL G 465 51.14 23.42 -16.93
C VAL G 465 51.98 24.02 -15.82
N ILE G 466 51.35 24.36 -14.69
CA ILE G 466 52.07 24.95 -13.58
C ILE G 466 53.07 23.96 -13.00
N VAL G 467 52.65 22.70 -12.84
CA VAL G 467 53.53 21.69 -12.26
C VAL G 467 54.76 21.48 -13.14
N ALA G 468 54.55 21.44 -14.46
CA ALA G 468 55.69 21.28 -15.38
C ALA G 468 56.64 22.46 -15.27
N LYS G 469 56.11 23.69 -15.16
CA LYS G 469 56.97 24.85 -15.02
C LYS G 469 57.75 24.83 -13.71
N VAL G 470 57.10 24.41 -12.63
CA VAL G 470 57.78 24.34 -11.33
C VAL G 470 58.88 23.29 -11.37
N LEU G 471 58.60 22.14 -11.99
CA LEU G 471 59.62 21.09 -12.09
C LEU G 471 60.80 21.53 -12.95
N GLU G 472 60.56 22.40 -13.94
CA GLU G 472 61.67 22.94 -14.72
C GLU G 472 62.58 23.80 -13.88
N GLY G 473 62.03 24.49 -12.88
CA GLY G 473 62.85 25.31 -12.01
C GLY G 473 63.63 24.49 -11.00
N LYS G 474 64.48 25.18 -10.25
CA LYS G 474 65.33 24.54 -9.27
C LYS G 474 65.29 25.35 -7.97
N GLY G 475 65.60 24.66 -6.87
CA GLY G 475 65.68 25.35 -5.59
C GLY G 475 64.30 25.73 -5.07
N ASN G 476 64.21 26.97 -4.60
CA ASN G 476 62.96 27.48 -4.03
C ASN G 476 62.03 28.06 -5.07
N TYR G 477 62.33 27.88 -6.35
CA TYR G 477 61.44 28.36 -7.40
C TYR G 477 60.09 27.69 -7.31
N GLY G 478 59.03 28.49 -7.38
CA GLY G 478 57.70 27.94 -7.22
C GLY G 478 56.66 28.88 -7.79
N TYR G 479 55.40 28.53 -7.56
CA TYR G 479 54.26 29.27 -8.08
C TYR G 479 53.47 29.86 -6.92
N ASN G 480 53.26 31.17 -6.95
CA ASN G 480 52.45 31.85 -5.95
C ASN G 480 51.00 31.85 -6.42
N ALA G 481 50.18 31.00 -5.81
CA ALA G 481 48.79 30.93 -6.21
C ALA G 481 48.01 32.19 -5.84
N ALA G 482 48.47 32.92 -4.82
CA ALA G 482 47.78 34.15 -4.43
C ALA G 482 47.91 35.22 -5.50
N THR G 483 49.11 35.37 -6.08
CA THR G 483 49.34 36.38 -7.10
C THR G 483 49.40 35.81 -8.51
N GLY G 484 49.41 34.50 -8.66
CA GLY G 484 49.51 33.89 -9.98
C GLY G 484 50.83 34.17 -10.67
N GLU G 485 51.92 34.20 -9.92
CA GLU G 485 53.24 34.50 -10.46
C GLU G 485 54.23 33.46 -9.97
N PHE G 486 55.27 33.24 -10.78
CA PHE G 486 56.36 32.36 -10.42
C PHE G 486 57.49 33.16 -9.78
N GLY G 487 58.22 32.52 -8.88
CA GLY G 487 59.34 33.17 -8.23
C GLY G 487 59.91 32.32 -7.13
N ASP G 488 60.86 32.92 -6.42
CA ASP G 488 61.50 32.25 -5.29
C ASP G 488 60.54 32.19 -4.11
N MET G 489 60.12 30.97 -3.75
CA MET G 489 59.07 30.80 -2.76
C MET G 489 59.43 31.45 -1.43
N ILE G 490 60.71 31.41 -1.05
CA ILE G 490 61.13 31.98 0.22
C ILE G 490 61.04 33.50 0.18
N GLU G 491 61.44 34.11 -0.93
CA GLU G 491 61.43 35.57 -1.03
C GLU G 491 60.02 36.13 -0.95
N MET G 492 59.07 35.49 -1.62
CA MET G 492 57.68 35.92 -1.57
C MET G 492 56.95 35.44 -0.32
N GLY G 493 57.64 34.79 0.60
CA GLY G 493 57.08 34.47 1.90
C GLY G 493 56.21 33.25 1.96
N VAL G 494 56.13 32.45 0.90
CA VAL G 494 55.35 31.23 0.95
C VAL G 494 56.19 30.14 1.61
N LEU G 495 56.07 30.03 2.92
CA LEU G 495 56.89 29.14 3.73
C LEU G 495 56.01 28.07 4.36
N ASP G 496 56.55 26.86 4.44
CA ASP G 496 55.87 25.76 5.10
C ASP G 496 56.79 25.10 6.11
N PRO G 497 56.27 24.69 7.26
CA PRO G 497 57.08 23.92 8.21
C PRO G 497 57.40 22.55 7.63
N THR G 498 58.67 22.16 7.69
CA THR G 498 59.06 20.87 7.15
C THR G 498 58.48 19.72 7.97
N LYS G 499 58.14 19.97 9.24
CA LYS G 499 57.48 18.95 10.04
C LYS G 499 56.06 18.70 9.52
N VAL G 500 55.36 19.77 9.12
CA VAL G 500 54.01 19.61 8.60
C VAL G 500 54.03 18.84 7.27
N THR G 501 54.97 19.20 6.39
CA THR G 501 55.09 18.51 5.12
C THR G 501 55.47 17.05 5.31
N ARG G 502 56.42 16.77 6.19
CA ARG G 502 56.84 15.40 6.44
C ARG G 502 55.72 14.58 7.08
N SER G 503 55.02 15.17 8.05
CA SER G 503 53.94 14.45 8.71
C SER G 503 52.79 14.15 7.76
N ALA G 504 52.46 15.10 6.89
CA ALA G 504 51.37 14.88 5.95
C ALA G 504 51.67 13.72 5.00
N LEU G 505 52.91 13.66 4.51
CA LEU G 505 53.27 12.61 3.58
C LEU G 505 53.31 11.25 4.26
N GLN G 506 53.90 11.19 5.45
CA GLN G 506 54.03 9.91 6.15
C GLN G 506 52.68 9.35 6.57
N ASN G 507 51.80 10.21 7.08
CA ASN G 507 50.47 9.75 7.48
C ASN G 507 49.65 9.32 6.28
N ALA G 508 49.72 10.06 5.18
CA ALA G 508 48.97 9.71 3.98
C ALA G 508 49.45 8.38 3.41
N ALA G 509 50.77 8.17 3.40
CA ALA G 509 51.32 6.95 2.81
C ALA G 509 50.92 5.72 3.61
N SER G 510 50.94 5.83 4.94
CA SER G 510 50.64 4.67 5.78
C SER G 510 49.21 4.19 5.59
N VAL G 511 48.27 5.12 5.50
CA VAL G 511 46.87 4.73 5.37
C VAL G 511 46.54 4.34 3.93
N ALA G 512 46.95 5.16 2.97
CA ALA G 512 46.64 4.88 1.58
C ALA G 512 47.34 3.63 1.08
N GLY G 513 48.53 3.33 1.61
CA GLY G 513 49.19 2.08 1.27
C GLY G 513 48.39 0.87 1.70
N LEU G 514 47.78 0.94 2.89
CA LEU G 514 46.94 -0.16 3.36
C LEU G 514 45.68 -0.29 2.53
N MET G 515 45.13 0.84 2.06
CA MET G 515 43.89 0.79 1.29
C MET G 515 44.10 0.12 -0.06
N LEU G 516 45.34 0.10 -0.56
CA LEU G 516 45.60 -0.57 -1.83
C LEU G 516 45.57 -2.08 -1.67
N THR G 517 45.83 -2.59 -0.47
CA THR G 517 46.02 -4.02 -0.23
C THR G 517 44.73 -4.71 0.20
N THR G 518 43.57 -4.12 -0.08
CA THR G 518 42.30 -4.67 0.37
C THR G 518 41.64 -5.46 -0.75
N GLU G 519 41.27 -6.70 -0.45
CA GLU G 519 40.50 -7.53 -1.38
C GLU G 519 39.07 -7.77 -0.92
N CYS G 520 38.85 -7.86 0.38
CA CYS G 520 37.54 -8.14 0.94
C CYS G 520 37.18 -7.05 1.93
N MET G 521 35.90 -6.70 1.98
CA MET G 521 35.42 -5.64 2.85
C MET G 521 34.15 -6.12 3.53
N ILE G 522 34.13 -6.05 4.85
CA ILE G 522 33.03 -6.58 5.67
C ILE G 522 32.40 -5.42 6.43
N ALA G 523 31.09 -5.28 6.30
CA ALA G 523 30.34 -4.24 6.99
C ALA G 523 28.97 -4.78 7.37
N GLU G 524 28.35 -4.13 8.34
CA GLU G 524 27.00 -4.52 8.75
C GLU G 524 26.03 -4.33 7.59
N ALA G 525 25.20 -5.33 7.36
CA ALA G 525 24.25 -5.27 6.25
C ALA G 525 23.17 -4.23 6.53
N PRO G 526 22.64 -3.59 5.50
CA PRO G 526 21.56 -2.63 5.69
C PRO G 526 20.30 -3.32 6.21
N LYS G 527 19.47 -2.55 6.91
CA LYS G 527 18.24 -3.07 7.50
C LYS G 527 17.17 -3.26 6.43
N ASP G 528 17.47 -4.17 5.50
CA ASP G 528 16.57 -4.51 4.40
C ASP G 528 16.17 -3.29 3.57
N LYS H 1 29.21 44.63 97.65
CA LYS H 1 27.86 44.27 97.26
C LYS H 1 27.64 42.76 97.38
N LEU H 2 28.60 41.99 96.87
CA LEU H 2 28.52 40.53 96.87
C LEU H 2 29.42 39.98 97.97
N ARG H 3 28.84 39.14 98.83
CA ARG H 3 29.59 38.51 99.92
C ARG H 3 29.53 37.00 99.77
N PRO H 4 30.62 36.34 99.39
CA PRO H 4 30.58 34.89 99.22
C PRO H 4 30.48 34.18 100.58
N LEU H 5 30.14 32.89 100.51
CA LEU H 5 29.94 32.07 101.69
C LEU H 5 30.92 30.90 101.69
N HIS H 6 31.52 30.66 102.84
CA HIS H 6 32.38 29.50 103.09
C HIS H 6 33.58 29.57 102.15
N ASP H 7 33.79 28.60 101.26
CA ASP H 7 34.98 28.54 100.43
C ASP H 7 34.84 29.32 99.13
N ARG H 8 33.71 29.98 98.91
CA ARG H 8 33.49 30.66 97.64
C ARG H 8 34.37 31.90 97.51
N VAL H 9 34.80 32.15 96.28
CA VAL H 9 35.60 33.32 95.94
C VAL H 9 35.02 33.95 94.67
N VAL H 10 34.86 35.27 94.69
CA VAL H 10 34.33 36.01 93.56
C VAL H 10 35.48 36.59 92.76
N VAL H 11 35.52 36.27 91.47
CA VAL H 11 36.60 36.72 90.59
C VAL H 11 35.99 37.38 89.37
N LYS H 12 36.61 38.45 88.90
CA LYS H 12 36.27 39.10 87.64
C LYS H 12 37.24 38.58 86.58
N ARG H 13 36.73 37.77 85.67
CA ARG H 13 37.56 37.21 84.60
C ARG H 13 38.10 38.34 83.73
N ILE H 14 39.43 38.53 83.76
CA ILE H 14 40.03 39.62 83.00
C ILE H 14 39.80 39.41 81.51
N GLU H 15 39.75 40.51 80.76
CA GLU H 15 39.46 40.44 79.34
C GLU H 15 40.61 39.79 78.58
N ALA H 16 40.32 39.37 77.36
CA ALA H 16 41.33 38.74 76.52
C ALA H 16 42.40 39.74 76.11
N GLU H 17 43.60 39.21 75.86
CA GLU H 17 44.73 40.04 75.42
C GLU H 17 44.41 40.68 74.08
N ARG H 18 44.82 41.95 73.92
CA ARG H 18 44.50 42.71 72.73
C ARG H 18 45.75 43.03 71.90
N LYS H 19 46.74 43.70 72.48
CA LYS H 19 47.97 44.01 71.79
C LYS H 19 49.11 43.13 72.30
N THR H 20 49.91 42.61 71.37
CA THR H 20 51.01 41.74 71.70
C THR H 20 52.29 42.55 71.87
N ALA H 21 53.40 41.85 72.06
CA ALA H 21 54.69 42.53 72.12
C ALA H 21 55.06 43.20 70.81
N SER H 22 54.50 42.72 69.70
CA SER H 22 54.70 43.33 68.39
C SER H 22 53.56 44.25 67.98
N GLY H 23 52.54 44.40 68.82
CA GLY H 23 51.44 45.30 68.53
C GLY H 23 50.34 44.72 67.66
N ILE H 24 50.35 43.42 67.39
CA ILE H 24 49.33 42.82 66.55
C ILE H 24 47.99 42.85 67.27
N VAL H 25 46.95 43.33 66.58
CA VAL H 25 45.62 43.44 67.14
C VAL H 25 44.85 42.15 66.84
N ILE H 26 44.32 41.53 67.87
CA ILE H 26 43.54 40.30 67.73
C ILE H 26 42.06 40.66 67.92
N PRO H 27 41.17 40.22 67.04
CA PRO H 27 39.74 40.45 67.27
C PRO H 27 39.27 39.71 68.52
N ASP H 28 38.23 40.27 69.15
CA ASP H 28 37.74 39.70 70.40
C ASP H 28 37.26 38.27 70.22
N THR H 29 36.72 37.94 69.04
CA THR H 29 36.31 36.56 68.78
C THR H 29 37.50 35.62 68.76
N ALA H 30 38.60 36.04 68.11
CA ALA H 30 39.76 35.16 68.00
C ALA H 30 40.48 35.01 69.34
N GLY H 31 40.54 36.08 70.12
CA GLY H 31 41.24 36.05 71.39
C GLY H 31 40.68 35.04 72.37
N GLU H 32 41.53 34.12 72.82
CA GLU H 32 41.12 33.11 73.78
C GLU H 32 40.85 33.75 75.14
N LYS H 33 39.84 33.24 75.83
CA LYS H 33 39.46 33.78 77.13
C LYS H 33 40.48 33.35 78.17
N PRO H 34 41.18 34.28 78.84
CA PRO H 34 42.16 33.89 79.85
C PRO H 34 41.51 33.25 81.05
N ASP H 35 42.27 32.38 81.71
CA ASP H 35 41.85 31.72 82.93
C ASP H 35 42.27 32.46 84.18
N GLN H 36 42.48 33.77 84.09
CA GLN H 36 42.95 34.57 85.21
C GLN H 36 41.95 35.67 85.53
N GLY H 37 42.12 36.26 86.71
CA GLY H 37 41.27 37.35 87.14
C GLY H 37 41.64 37.78 88.55
N GLU H 38 41.24 39.00 88.88
CA GLU H 38 41.47 39.53 90.22
C GLU H 38 40.28 39.22 91.11
N VAL H 39 40.55 39.14 92.41
CA VAL H 39 39.54 38.77 93.39
C VAL H 39 38.93 40.04 93.99
N LEU H 40 37.61 40.09 94.03
CA LEU H 40 36.90 41.22 94.62
C LEU H 40 36.40 40.93 96.03
N ALA H 41 35.95 39.70 96.28
CA ALA H 41 35.47 39.31 97.60
C ALA H 41 35.88 37.87 97.87
N VAL H 42 36.18 37.58 99.14
CA VAL H 42 36.65 36.27 99.55
C VAL H 42 35.78 35.78 100.71
N GLY H 43 35.57 34.47 100.76
CA GLY H 43 34.78 33.89 101.83
C GLY H 43 35.56 33.77 103.12
N ASP H 44 34.82 33.51 104.20
CA ASP H 44 35.45 33.36 105.51
C ASP H 44 36.33 32.13 105.58
N GLY H 45 35.88 31.02 104.99
CA GLY H 45 36.63 29.79 104.97
C GLY H 45 35.74 28.57 105.13
N LYS H 46 36.19 27.45 104.59
CA LYS H 46 35.42 26.22 104.66
C LYS H 46 35.39 25.69 106.09
N ILE H 47 34.19 25.33 106.56
CA ILE H 47 34.03 24.73 107.88
C ILE H 47 34.49 23.28 107.82
N LEU H 48 35.63 23.00 108.43
CA LEU H 48 36.10 21.62 108.50
C LEU H 48 35.34 20.85 109.59
N ASP H 49 35.65 19.56 109.69
CA ASP H 49 34.81 18.63 110.45
C ASP H 49 34.75 18.96 111.94
N ASP H 50 35.74 19.64 112.49
CA ASP H 50 35.76 19.96 113.91
C ASP H 50 35.25 21.35 114.23
N GLY H 51 34.68 22.05 113.26
CA GLY H 51 34.31 23.44 113.44
C GLY H 51 35.41 24.38 113.00
N SER H 52 35.27 25.64 113.41
CA SER H 52 36.21 26.70 113.06
C SER H 52 36.29 26.89 111.55
N LYS H 53 37.34 27.56 111.08
CA LYS H 53 37.47 27.91 109.67
C LYS H 53 38.84 27.50 109.14
N ARG H 54 38.87 27.16 107.86
CA ARG H 54 40.13 26.91 107.18
C ARG H 54 40.74 28.24 106.73
N PRO H 55 42.00 28.51 107.07
CA PRO H 55 42.63 29.75 106.61
C PRO H 55 42.65 29.82 105.09
N MET H 56 42.39 31.01 104.55
CA MET H 56 42.29 31.18 103.11
C MET H 56 43.64 31.55 102.51
N ALA H 57 43.95 30.96 101.36
CA ALA H 57 45.18 31.23 100.65
C ALA H 57 45.04 32.36 99.63
N VAL H 58 43.85 32.93 99.48
CA VAL H 58 43.59 34.01 98.55
C VAL H 58 43.09 35.21 99.35
N LYS H 59 43.72 36.36 99.14
CA LYS H 59 43.31 37.60 99.77
C LYS H 59 42.82 38.58 98.72
N VAL H 60 41.88 39.44 99.13
CA VAL H 60 41.22 40.34 98.19
C VAL H 60 42.23 41.30 97.59
N GLY H 61 42.42 41.21 96.27
CA GLY H 61 43.30 42.10 95.53
C GLY H 61 44.26 41.41 94.58
N ASP H 62 44.66 40.17 94.86
CA ASP H 62 45.66 39.53 94.04
C ASP H 62 45.04 38.98 92.75
N LYS H 63 45.90 38.52 91.85
CA LYS H 63 45.48 37.88 90.61
C LYS H 63 45.57 36.38 90.79
N VAL H 64 44.47 35.68 90.49
CA VAL H 64 44.39 34.25 90.67
C VAL H 64 44.08 33.58 89.35
N LEU H 65 44.57 32.36 89.19
CA LEU H 65 44.36 31.57 87.99
C LEU H 65 43.44 30.40 88.31
N PHE H 66 42.33 30.31 87.58
CA PHE H 66 41.26 29.37 87.93
C PHE H 66 40.92 28.53 86.70
N GLY H 67 40.33 27.37 86.96
CA GLY H 67 40.00 26.46 85.88
C GLY H 67 38.91 27.00 84.96
N LYS H 68 39.03 26.63 83.69
CA LYS H 68 38.07 27.07 82.68
C LYS H 68 36.79 26.24 82.68
N TYR H 69 36.77 25.12 83.39
CA TYR H 69 35.55 24.35 83.60
C TYR H 69 34.85 24.68 84.90
N ALA H 70 35.43 25.55 85.73
CA ALA H 70 34.88 25.86 87.05
C ALA H 70 34.33 27.29 87.08
N GLY H 71 33.51 27.54 88.09
CA GLY H 71 32.93 28.85 88.30
C GLY H 71 31.58 29.02 87.65
N GLN H 72 30.81 29.96 88.18
CA GLN H 72 29.50 30.29 87.67
C GLN H 72 29.37 31.80 87.56
N THR H 73 28.89 32.28 86.42
CA THR H 73 28.72 33.71 86.20
C THR H 73 27.49 34.22 86.94
N VAL H 74 27.60 35.41 87.51
CA VAL H 74 26.52 36.05 88.24
C VAL H 74 26.10 37.30 87.47
N LYS H 75 24.78 37.52 87.40
CA LYS H 75 24.20 38.55 86.55
C LYS H 75 24.15 39.92 87.21
N VAL H 76 24.92 40.14 88.28
CA VAL H 76 24.79 41.36 89.06
C VAL H 76 25.45 42.52 88.34
N GLU H 77 24.70 43.63 88.23
CA GLU H 77 25.09 44.89 87.56
C GLU H 77 25.85 44.68 86.26
N GLY H 78 25.56 43.59 85.55
CA GLY H 78 26.06 43.40 84.21
C GLY H 78 27.53 43.04 84.10
N GLU H 79 28.26 42.91 85.20
CA GLU H 79 29.66 42.54 85.12
C GLU H 79 29.80 41.04 84.93
N GLU H 80 30.97 40.62 84.44
CA GLU H 80 31.28 39.21 84.24
C GLU H 80 31.97 38.63 85.47
N LEU H 81 31.34 38.82 86.64
CA LEU H 81 31.87 38.27 87.88
C LEU H 81 31.63 36.76 87.93
N LEU H 82 32.64 36.02 88.36
CA LEU H 82 32.57 34.57 88.45
C LEU H 82 32.74 34.16 89.91
N VAL H 83 31.88 33.25 90.37
CA VAL H 83 31.91 32.75 91.74
C VAL H 83 32.29 31.28 91.69
N LEU H 84 33.32 30.91 92.45
CA LEU H 84 33.84 29.55 92.43
C LEU H 84 34.45 29.23 93.78
N ARG H 85 34.61 27.93 94.05
CA ARG H 85 35.15 27.49 95.32
C ARG H 85 36.64 27.79 95.40
N GLU H 86 37.17 27.69 96.62
CA GLU H 86 38.57 28.03 96.86
C GLU H 86 39.52 27.03 96.19
N ASP H 87 39.08 25.80 95.98
CA ASP H 87 39.96 24.76 95.45
C ASP H 87 40.15 24.83 93.93
N ASP H 88 39.29 25.55 93.21
CA ASP H 88 39.42 25.59 91.75
C ASP H 88 40.51 26.55 91.27
N ILE H 89 40.98 27.43 92.14
CA ILE H 89 42.08 28.32 91.80
C ILE H 89 43.36 27.50 91.77
N MET H 90 43.92 27.29 90.57
CA MET H 90 45.16 26.53 90.49
C MET H 90 46.30 27.25 91.18
N ALA H 91 46.43 28.55 90.98
CA ALA H 91 47.60 29.26 91.48
C ALA H 91 47.29 30.75 91.60
N VAL H 92 48.21 31.49 92.22
CA VAL H 92 48.14 32.93 92.39
C VAL H 92 49.34 33.55 91.69
N ILE H 93 49.08 34.50 90.81
CA ILE H 93 50.13 35.14 90.02
C ILE H 93 50.60 36.37 90.79
N GLU H 94 51.86 36.75 90.57
CA GLU H 94 52.67 37.57 91.50
C GLU H 94 52.16 37.51 92.94
N ALA I 1 25.00 11.15 12.28
CA ALA I 1 24.70 10.05 11.39
C ALA I 1 25.22 10.32 9.99
N ALA I 2 24.56 9.77 8.98
CA ALA I 2 24.97 10.00 7.61
C ALA I 2 24.82 11.46 7.24
N LYS I 3 25.78 11.96 6.47
CA LYS I 3 25.83 13.37 6.09
C LYS I 3 25.62 13.51 4.60
N GLU I 4 24.83 14.49 4.20
CA GLU I 4 24.69 14.86 2.80
C GLU I 4 25.63 16.02 2.51
N VAL I 5 26.33 15.94 1.38
CA VAL I 5 27.35 16.91 1.01
C VAL I 5 26.93 17.56 -0.30
N LYS I 6 26.91 18.90 -0.31
CA LYS I 6 26.58 19.68 -1.49
C LYS I 6 27.76 20.52 -1.90
N PHE I 7 27.92 20.74 -3.21
CA PHE I 7 29.09 21.40 -3.75
C PHE I 7 28.68 22.50 -4.71
N HIS I 8 29.55 23.51 -4.81
CA HIS I 8 29.51 24.55 -5.86
C HIS I 8 28.16 25.26 -5.81
N ASP I 9 27.50 25.49 -6.94
CA ASP I 9 26.27 26.28 -6.95
C ASP I 9 25.12 25.54 -6.30
N SER I 10 25.13 24.21 -6.32
CA SER I 10 24.06 23.47 -5.66
C SER I 10 24.07 23.72 -4.16
N ALA I 11 25.23 24.02 -3.58
CA ALA I 11 25.32 24.38 -2.18
C ALA I 11 25.00 25.85 -1.93
N ARG I 12 25.49 26.73 -2.80
CA ARG I 12 25.22 28.16 -2.62
C ARG I 12 23.75 28.48 -2.83
N GLU I 13 23.10 27.80 -3.78
CA GLU I 13 21.69 28.04 -4.02
C GLU I 13 20.85 27.66 -2.80
N ARG I 14 21.16 26.53 -2.17
CA ARG I 14 20.46 26.16 -0.94
C ARG I 14 20.72 27.14 0.17
N LEU I 15 21.98 27.60 0.30
CA LEU I 15 22.33 28.55 1.34
C LEU I 15 21.60 29.87 1.14
N VAL I 16 21.56 30.37 -0.10
CA VAL I 16 20.92 31.66 -0.37
C VAL I 16 19.41 31.55 -0.16
N ALA I 17 18.82 30.42 -0.50
CA ALA I 17 17.38 30.24 -0.32
C ALA I 17 17.00 30.37 1.15
N GLY I 18 17.79 29.78 2.04
CA GLY I 18 17.54 29.94 3.47
C GLY I 18 17.76 31.35 3.94
N VAL I 19 18.77 32.04 3.39
CA VAL I 19 19.02 33.43 3.73
C VAL I 19 17.83 34.29 3.31
N ASN I 20 17.34 34.08 2.10
CA ASN I 20 16.25 34.89 1.58
C ASN I 20 14.96 34.66 2.35
N LEU I 21 14.68 33.41 2.74
CA LEU I 21 13.44 33.13 3.45
C LEU I 21 13.41 33.83 4.79
N LEU I 22 14.51 33.77 5.54
CA LEU I 22 14.56 34.44 6.83
C LEU I 22 14.52 35.95 6.68
N ALA I 23 15.28 36.49 5.71
CA ALA I 23 15.35 37.93 5.56
C ALA I 23 14.06 38.51 5.00
N ASN I 24 13.36 37.75 4.15
CA ASN I 24 12.08 38.23 3.63
C ASN I 24 11.04 38.36 4.75
N ALA I 25 11.03 37.42 5.69
CA ALA I 25 10.13 37.53 6.83
C ALA I 25 10.49 38.73 7.69
N VAL I 26 11.78 38.94 7.94
CA VAL I 26 12.24 40.10 8.70
C VAL I 26 12.05 41.40 7.92
N LYS I 27 12.09 41.33 6.58
CA LYS I 27 11.91 42.52 5.76
C LYS I 27 10.59 43.22 6.05
N THR I 28 9.53 42.46 6.29
CA THR I 28 8.19 43.03 6.40
C THR I 28 8.06 44.00 7.56
N THR I 29 8.93 43.92 8.55
CA THR I 29 8.84 44.75 9.74
C THR I 29 9.70 46.01 9.67
N LEU I 30 10.38 46.26 8.55
CA LEU I 30 11.33 47.35 8.47
C LEU I 30 10.64 48.68 8.19
N GLY I 31 11.02 49.70 8.94
CA GLY I 31 10.60 51.05 8.67
C GLY I 31 9.32 51.44 9.39
N PRO I 32 8.95 52.72 9.28
CA PRO I 32 7.71 53.18 9.91
C PRO I 32 6.47 52.50 9.36
N LYS I 33 6.48 52.13 8.08
CA LYS I 33 5.35 51.47 7.45
C LYS I 33 5.51 49.96 7.41
N GLY I 34 6.50 49.42 8.13
CA GLY I 34 6.60 47.99 8.27
C GLY I 34 5.46 47.41 9.08
N ARG I 35 5.19 46.14 8.85
CA ARG I 35 4.05 45.47 9.45
C ARG I 35 4.53 44.41 10.44
N ASN I 36 3.57 43.87 11.19
CA ASN I 36 3.87 42.94 12.26
C ASN I 36 3.97 41.51 11.74
N VAL I 37 4.63 40.67 12.52
CA VAL I 37 4.77 39.24 12.24
C VAL I 37 4.18 38.48 13.41
N VAL I 38 3.27 37.56 13.13
CA VAL I 38 2.66 36.72 14.14
C VAL I 38 3.44 35.42 14.22
N ILE I 39 3.85 35.05 15.43
CA ILE I 39 4.61 33.84 15.69
C ILE I 39 3.81 32.96 16.62
N GLU I 40 3.56 31.72 16.21
CA GLU I 40 2.80 30.79 17.03
C GLU I 40 3.67 30.26 18.16
N ARG I 41 3.15 30.32 19.38
CA ARG I 41 3.83 29.76 20.54
C ARG I 41 3.24 28.40 20.89
N SER I 42 4.07 27.56 21.50
CA SER I 42 3.61 26.22 21.88
C SER I 42 2.49 26.29 22.90
N PHE I 43 2.59 27.20 23.86
CA PHE I 43 1.63 27.34 24.95
C PHE I 43 0.50 28.32 24.63
N GLY I 44 0.18 28.50 23.36
CA GLY I 44 -0.89 29.40 22.98
C GLY I 44 -0.47 30.86 23.08
N ALA I 45 -1.45 31.73 22.82
CA ALA I 45 -1.25 33.18 22.83
C ALA I 45 -0.11 33.58 21.91
N PRO I 46 -0.33 33.59 20.59
CA PRO I 46 0.75 33.96 19.67
C PRO I 46 1.24 35.37 19.94
N ILE I 47 2.54 35.58 19.74
CA ILE I 47 3.16 36.87 19.96
C ILE I 47 3.15 37.65 18.65
N VAL I 48 2.91 38.95 18.74
CA VAL I 48 2.91 39.85 17.61
C VAL I 48 4.09 40.79 17.78
N THR I 49 5.05 40.73 16.85
CA THR I 49 6.29 41.47 17.00
C THR I 49 6.65 42.19 15.72
N LYS I 50 7.28 43.35 15.88
CA LYS I 50 7.90 44.08 14.80
C LYS I 50 9.43 44.04 14.88
N ASP I 51 9.98 43.27 15.81
CA ASP I 51 11.41 43.19 16.01
C ASP I 51 12.01 42.16 15.07
N GLY I 52 13.12 42.50 14.43
CA GLY I 52 13.76 41.57 13.52
C GLY I 52 14.36 40.37 14.22
N VAL I 53 14.96 40.58 15.38
CA VAL I 53 15.62 39.48 16.09
C VAL I 53 14.60 38.47 16.58
N THR I 54 13.44 38.94 17.04
CA THR I 54 12.40 38.03 17.50
C THR I 54 11.89 37.16 16.37
N VAL I 55 11.69 37.75 15.19
CA VAL I 55 11.27 36.97 14.02
C VAL I 55 12.38 36.04 13.56
N ALA I 56 13.62 36.55 13.53
CA ALA I 56 14.72 35.76 12.99
C ALA I 56 15.01 34.53 13.82
N LYS I 57 15.00 34.66 15.15
CA LYS I 57 15.39 33.56 16.01
C LYS I 57 14.32 32.47 16.11
N GLU I 58 13.14 32.70 15.54
CA GLU I 58 12.08 31.70 15.55
C GLU I 58 12.02 30.88 14.26
N ILE I 59 12.73 31.31 13.21
CA ILE I 59 12.62 30.67 11.91
C ILE I 59 13.55 29.46 11.84
N GLU I 60 12.98 28.29 11.55
CA GLU I 60 13.75 27.09 11.28
C GLU I 60 13.14 26.40 10.07
N LEU I 61 13.98 25.88 9.18
CA LEU I 61 13.53 25.37 7.90
C LEU I 61 13.64 23.84 7.86
N LYS I 62 12.71 23.23 7.13
CA LYS I 62 12.72 21.78 6.98
C LYS I 62 13.97 21.32 6.22
N ASP I 63 14.34 22.02 5.16
CA ASP I 63 15.54 21.70 4.41
C ASP I 63 16.77 22.05 5.26
N LYS I 64 17.60 21.05 5.54
CA LYS I 64 18.74 21.27 6.42
C LYS I 64 19.77 22.21 5.78
N PHE I 65 19.93 22.13 4.46
CA PHE I 65 20.84 23.05 3.79
C PHE I 65 20.29 24.46 3.75
N GLU I 66 18.99 24.61 3.50
CA GLU I 66 18.37 25.92 3.62
C GLU I 66 18.42 26.42 5.06
N ASN I 67 18.17 25.54 6.02
CA ASN I 67 18.22 25.92 7.42
C ASN I 67 19.60 26.43 7.81
N MET I 68 20.66 25.90 7.18
CA MET I 68 22.00 26.38 7.48
C MET I 68 22.15 27.84 7.12
N GLY I 69 21.61 28.24 5.96
CA GLY I 69 21.66 29.64 5.57
C GLY I 69 20.82 30.52 6.49
N ALA I 70 19.67 30.01 6.93
CA ALA I 70 18.84 30.77 7.85
C ALA I 70 19.54 30.97 9.19
N GLN I 71 20.25 29.95 9.66
CA GLN I 71 20.90 30.04 10.97
C GLN I 71 22.03 31.06 10.96
N MET I 72 22.73 31.20 9.84
CA MET I 72 23.80 32.20 9.77
C MET I 72 23.23 33.61 9.83
N VAL I 73 22.13 33.87 9.13
CA VAL I 73 21.53 35.20 9.18
C VAL I 73 20.79 35.41 10.49
N LYS I 74 20.25 34.33 11.06
CA LYS I 74 19.55 34.44 12.33
C LYS I 74 20.45 35.02 13.42
N GLU I 75 21.73 34.65 13.38
CA GLU I 75 22.66 35.12 14.40
C GLU I 75 23.27 36.47 14.05
N VAL I 76 23.03 36.97 12.84
CA VAL I 76 23.38 38.37 12.54
C VAL I 76 22.50 39.30 13.37
N ALA I 77 21.20 39.01 13.43
CA ALA I 77 20.30 39.80 14.25
C ALA I 77 20.56 39.55 15.74
N SER I 78 20.96 38.33 16.08
CA SER I 78 21.26 38.02 17.48
C SER I 78 22.42 38.84 18.00
N LYS I 79 23.49 38.98 17.19
CA LYS I 79 24.63 39.78 17.62
C LYS I 79 24.28 41.26 17.68
N THR I 80 23.49 41.75 16.71
CA THR I 80 23.10 43.15 16.72
C THR I 80 22.22 43.47 17.93
N ALA I 81 21.31 42.56 18.27
CA ALA I 81 20.49 42.75 19.46
C ALA I 81 21.34 42.73 20.72
N ASP I 82 22.36 41.88 20.76
CA ASP I 82 23.22 41.78 21.94
C ASP I 82 24.00 43.06 22.17
N VAL I 83 24.55 43.64 21.10
CA VAL I 83 25.46 44.78 21.25
C VAL I 83 24.76 46.13 21.15
N ALA I 84 23.58 46.19 20.55
CA ALA I 84 22.92 47.48 20.37
C ALA I 84 21.47 47.46 20.84
N GLY I 85 20.85 46.28 20.80
CA GLY I 85 19.44 46.17 21.13
C GLY I 85 18.49 46.73 20.10
N ASP I 86 19.01 47.21 18.97
CA ASP I 86 18.20 47.79 17.91
C ASP I 86 18.98 47.64 16.61
N GLY I 87 18.27 47.79 15.50
CA GLY I 87 18.90 47.60 14.21
C GLY I 87 18.99 46.17 13.75
N THR I 88 18.25 45.26 14.38
CA THR I 88 18.30 43.85 13.99
C THR I 88 17.70 43.63 12.60
N THR I 89 16.59 44.30 12.29
CA THR I 89 16.02 44.20 10.95
C THR I 89 16.95 44.82 9.92
N THR I 90 17.56 45.97 10.25
CA THR I 90 18.50 46.60 9.33
C THR I 90 19.71 45.71 9.10
N ALA I 91 20.22 45.07 10.16
CA ALA I 91 21.34 44.17 10.01
C ALA I 91 20.98 42.99 9.12
N THR I 92 19.80 42.41 9.32
CA THR I 92 19.36 41.29 8.49
C THR I 92 19.20 41.71 7.04
N VAL I 93 18.63 42.90 6.81
CA VAL I 93 18.45 43.40 5.45
C VAL I 93 19.81 43.63 4.79
N LEU I 94 20.74 44.22 5.53
CA LEU I 94 22.09 44.44 4.99
C LEU I 94 22.77 43.12 4.68
N ALA I 95 22.62 42.12 5.55
CA ALA I 95 23.26 40.83 5.32
C ALA I 95 22.73 40.17 4.06
N GLN I 96 21.42 40.26 3.82
CA GLN I 96 20.86 39.68 2.60
C GLN I 96 21.32 40.43 1.37
N ALA I 97 21.46 41.76 1.47
CA ALA I 97 21.93 42.54 0.33
C ALA I 97 23.37 42.17 -0.05
N ILE I 98 24.23 41.97 0.95
CA ILE I 98 25.61 41.56 0.66
C ILE I 98 25.64 40.19 0.01
N VAL I 99 24.84 39.26 0.53
CA VAL I 99 24.80 37.91 -0.03
C VAL I 99 24.26 37.95 -1.46
N ARG I 100 23.18 38.72 -1.68
CA ARG I 100 22.60 38.81 -3.02
C ARG I 100 23.57 39.45 -4.00
N GLU I 101 24.21 40.55 -3.60
CA GLU I 101 25.16 41.20 -4.48
C GLU I 101 26.45 40.41 -4.60
N GLY I 102 26.87 39.73 -3.54
CA GLY I 102 28.09 38.96 -3.59
C GLY I 102 27.99 37.69 -4.37
N MET I 103 26.81 37.07 -4.41
CA MET I 103 26.65 35.85 -5.18
C MET I 103 26.76 36.11 -6.68
N LYS I 104 26.43 37.32 -7.12
CA LYS I 104 26.62 37.67 -8.53
C LYS I 104 28.09 37.65 -8.91
N TYR I 105 28.95 38.15 -8.02
CA TYR I 105 30.39 38.14 -8.30
C TYR I 105 31.00 36.77 -8.10
N VAL I 106 30.48 35.98 -7.16
CA VAL I 106 30.94 34.60 -7.02
C VAL I 106 30.59 33.80 -8.26
N ALA I 107 29.38 33.98 -8.78
CA ALA I 107 28.99 33.33 -10.03
C ALA I 107 29.79 33.86 -11.21
N ALA I 108 30.40 35.04 -11.09
CA ALA I 108 31.24 35.58 -12.14
C ALA I 108 32.66 35.04 -12.10
N GLY I 109 32.97 34.15 -11.17
CA GLY I 109 34.26 33.52 -11.09
C GLY I 109 35.29 34.22 -10.23
N MET I 110 34.94 35.35 -9.61
CA MET I 110 35.88 36.05 -8.76
C MET I 110 36.10 35.31 -7.45
N ASN I 111 37.30 35.46 -6.91
CA ASN I 111 37.69 34.75 -5.69
C ASN I 111 36.91 35.31 -4.51
N PRO I 112 36.12 34.49 -3.81
CA PRO I 112 35.32 35.03 -2.70
C PRO I 112 36.16 35.43 -1.50
N MET I 113 37.36 34.87 -1.33
CA MET I 113 38.23 35.30 -0.25
C MET I 113 38.65 36.76 -0.43
N ASP I 114 38.96 37.15 -1.67
CA ASP I 114 39.25 38.55 -1.94
C ASP I 114 37.98 39.40 -1.88
N LEU I 115 36.83 38.82 -2.21
CA LEU I 115 35.57 39.53 -2.03
C LEU I 115 35.34 39.84 -0.55
N LYS I 116 35.60 38.85 0.32
CA LYS I 116 35.48 39.08 1.75
C LYS I 116 36.46 40.14 2.23
N ARG I 117 37.69 40.11 1.73
CA ARG I 117 38.67 41.12 2.09
C ARG I 117 38.25 42.50 1.59
N GLY I 118 37.69 42.57 0.39
CA GLY I 118 37.18 43.83 -0.10
C GLY I 118 35.98 44.32 0.68
N ILE I 119 35.12 43.40 1.11
CA ILE I 119 33.97 43.78 1.93
C ILE I 119 34.43 44.38 3.25
N ASP I 120 35.42 43.74 3.89
CA ASP I 120 35.93 44.26 5.15
C ASP I 120 36.58 45.63 4.97
N LYS I 121 37.28 45.82 3.86
CA LYS I 121 37.91 47.11 3.60
C LYS I 121 36.88 48.21 3.43
N ALA I 122 35.80 47.92 2.70
CA ALA I 122 34.76 48.92 2.49
C ALA I 122 34.01 49.22 3.77
N VAL I 123 33.74 48.19 4.58
CA VAL I 123 32.99 48.39 5.82
C VAL I 123 33.80 49.22 6.81
N THR I 124 35.12 48.97 6.87
CA THR I 124 35.97 49.78 7.73
C THR I 124 35.94 51.24 7.31
N ALA I 125 35.99 51.51 6.00
CA ALA I 125 35.96 52.88 5.52
C ALA I 125 34.61 53.54 5.82
N ILE I 126 33.51 52.81 5.65
CA ILE I 126 32.19 53.38 5.88
C ILE I 126 31.96 53.64 7.36
N VAL I 127 32.43 52.73 8.21
CA VAL I 127 32.25 52.91 9.65
C VAL I 127 33.01 54.15 10.13
N GLU I 128 34.20 54.38 9.59
CA GLU I 128 34.93 55.60 9.92
C GLU I 128 34.17 56.85 9.50
N GLU I 129 33.52 56.78 8.33
CA GLU I 129 32.73 57.93 7.89
C GLU I 129 31.49 58.13 8.73
N LEU I 130 30.93 57.05 9.27
CA LEU I 130 29.81 57.18 10.20
C LEU I 130 30.22 57.95 11.45
N LYS I 131 31.46 57.73 11.90
CA LYS I 131 31.95 58.44 13.08
C LYS I 131 32.02 59.94 12.83
N ALA I 132 32.49 60.34 11.64
CA ALA I 132 32.56 61.76 11.32
C ALA I 132 31.17 62.39 11.19
N ILE I 133 30.25 61.66 10.55
CA ILE I 133 28.90 62.18 10.38
C ILE I 133 28.16 62.25 11.71
N SER I 134 28.47 61.34 12.62
CA SER I 134 27.76 61.26 13.90
C SER I 134 27.86 62.56 14.67
N LYS I 135 26.75 62.94 15.31
CA LYS I 135 26.68 64.10 16.17
C LYS I 135 26.26 63.67 17.57
N PRO I 136 26.80 64.28 18.62
CA PRO I 136 26.46 63.87 19.98
C PRO I 136 25.01 64.16 20.32
N CYS I 137 24.45 63.32 21.17
CA CYS I 137 23.06 63.46 21.64
C CYS I 137 23.11 64.17 22.99
N SER I 138 22.93 65.49 22.97
CA SER I 138 23.07 66.31 24.16
C SER I 138 21.75 66.84 24.70
N THR I 139 20.72 66.97 23.86
CA THR I 139 19.46 67.56 24.27
C THR I 139 18.44 66.47 24.56
N THR I 140 17.58 66.72 25.55
CA THR I 140 16.51 65.78 25.84
C THR I 140 15.49 65.71 24.72
N LYS I 141 15.40 66.75 23.89
CA LYS I 141 14.53 66.69 22.71
C LYS I 141 15.01 65.63 21.74
N GLU I 142 16.32 65.52 21.53
CA GLU I 142 16.86 64.49 20.67
C GLU I 142 16.62 63.10 21.26
N ILE I 143 16.70 62.98 22.58
CA ILE I 143 16.42 61.70 23.23
C ILE I 143 14.99 61.26 22.98
N ALA I 144 14.05 62.20 23.08
CA ALA I 144 12.66 61.89 22.78
C ALA I 144 12.49 61.50 21.32
N GLN I 145 13.18 62.20 20.41
CA GLN I 145 13.08 61.87 19.00
C GLN I 145 13.67 60.50 18.70
N VAL I 146 14.80 60.16 19.32
CA VAL I 146 15.40 58.85 19.12
C VAL I 146 14.48 57.76 19.67
N GLY I 147 13.90 57.99 20.85
CA GLY I 147 12.98 57.02 21.41
C GLY I 147 11.70 56.90 20.61
N THR I 148 11.20 58.02 20.09
CA THR I 148 9.98 57.99 19.29
C THR I 148 10.18 57.18 18.02
N ILE I 149 11.31 57.36 17.34
CA ILE I 149 11.57 56.64 16.11
C ILE I 149 11.71 55.14 16.37
N SER I 150 12.41 54.77 17.44
CA SER I 150 12.62 53.37 17.74
C SER I 150 11.38 52.69 18.30
N ALA I 151 10.42 53.47 18.83
CA ALA I 151 9.15 52.92 19.27
C ALA I 151 8.11 52.92 18.15
N ASN I 152 8.54 53.00 16.90
CA ASN I 152 7.65 53.01 15.73
C ASN I 152 6.69 54.20 15.79
N ALA I 153 7.28 55.39 15.80
CA ALA I 153 6.53 56.66 15.74
C ALA I 153 5.52 56.77 16.87
N ASP I 154 5.95 56.43 18.08
CA ASP I 154 5.13 56.57 19.28
C ASP I 154 5.74 57.68 20.13
N SER I 155 5.12 58.86 20.09
CA SER I 155 5.66 60.01 20.82
C SER I 155 5.54 59.83 22.32
N SER I 156 4.49 59.15 22.79
CA SER I 156 4.33 58.94 24.23
C SER I 156 5.47 58.11 24.80
N ILE I 157 5.87 57.05 24.10
CA ILE I 157 6.97 56.22 24.57
C ILE I 157 8.28 57.03 24.56
N GLY I 158 8.51 57.79 23.50
CA GLY I 158 9.72 58.59 23.43
C GLY I 158 9.78 59.65 24.52
N GLU I 159 8.65 60.30 24.80
CA GLU I 159 8.62 61.34 25.81
C GLU I 159 8.82 60.77 27.21
N ILE I 160 8.17 59.65 27.51
CA ILE I 160 8.29 59.06 28.85
C ILE I 160 9.70 58.54 29.08
N ILE I 161 10.36 58.06 28.03
CA ILE I 161 11.74 57.59 28.18
C ILE I 161 12.67 58.77 28.37
N ALA I 162 12.45 59.86 27.64
CA ALA I 162 13.28 61.05 27.82
C ALA I 162 13.15 61.61 29.23
N GLN I 163 11.93 61.61 29.78
CA GLN I 163 11.74 62.02 31.16
C GLN I 163 12.45 61.08 32.12
N ALA I 164 12.40 59.77 31.84
CA ALA I 164 13.05 58.80 32.73
C ALA I 164 14.55 59.01 32.76
N MET I 165 15.16 59.22 31.59
CA MET I 165 16.61 59.45 31.55
C MET I 165 16.97 60.76 32.23
N ASP I 166 16.11 61.77 32.11
CA ASP I 166 16.37 63.04 32.78
C ASP I 166 16.33 62.90 34.30
N LYS I 167 15.37 62.13 34.81
CA LYS I 167 15.20 62.02 36.25
C LYS I 167 16.31 61.20 36.90
N VAL I 168 16.67 60.06 36.29
CA VAL I 168 17.69 59.21 36.87
C VAL I 168 19.10 59.52 36.36
N GLY I 169 19.23 60.44 35.42
CA GLY I 169 20.54 60.81 34.94
C GLY I 169 21.17 59.74 34.06
N LYS I 170 22.45 59.93 33.78
CA LYS I 170 23.19 58.97 32.95
C LYS I 170 23.50 57.70 33.71
N GLU I 171 23.70 57.79 35.02
CA GLU I 171 24.07 56.64 35.84
C GLU I 171 22.85 55.86 36.33
N GLY I 172 21.64 56.29 36.02
CA GLY I 172 20.46 55.63 36.50
C GLY I 172 20.11 54.39 35.70
N VAL I 173 19.16 53.63 36.23
CA VAL I 173 18.70 52.38 35.64
C VAL I 173 17.21 52.50 35.36
N ILE I 174 16.82 52.16 34.12
CA ILE I 174 15.43 52.21 33.70
C ILE I 174 14.99 50.81 33.31
N THR I 175 13.84 50.38 33.83
CA THR I 175 13.30 49.07 33.56
C THR I 175 11.88 49.20 33.04
N VAL I 176 11.40 48.14 32.37
CA VAL I 176 10.08 48.11 31.76
C VAL I 176 9.31 46.95 32.37
N GLU I 177 8.12 47.25 32.90
CA GLU I 177 7.26 46.24 33.49
C GLU I 177 5.83 46.44 32.99
N ASP I 178 4.99 45.44 33.22
CA ASP I 178 3.59 45.54 32.87
C ASP I 178 2.88 46.55 33.76
N GLY I 179 1.97 47.31 33.17
CA GLY I 179 1.17 48.26 33.91
C GLY I 179 -0.23 47.74 34.16
N LYS I 180 -0.90 48.35 35.13
CA LYS I 180 -2.27 47.97 35.44
C LYS I 180 -3.29 48.79 34.67
N SER I 181 -2.98 50.04 34.36
CA SER I 181 -3.88 50.90 33.62
C SER I 181 -3.66 50.74 32.12
N LEU I 182 -4.38 51.53 31.33
CA LEU I 182 -4.24 51.52 29.88
C LEU I 182 -3.23 52.54 29.38
N GLU I 183 -2.65 53.34 30.27
CA GLU I 183 -1.70 54.38 29.90
C GLU I 183 -0.33 54.09 30.49
N ASN I 184 0.71 54.51 29.78
CA ASN I 184 2.06 54.36 30.30
C ASN I 184 2.28 55.29 31.49
N GLU I 185 2.94 54.77 32.52
CA GLU I 185 3.26 55.54 33.70
C GLU I 185 4.72 55.32 34.07
N LEU I 186 5.35 56.36 34.60
CA LEU I 186 6.75 56.34 34.98
C LEU I 186 6.84 56.48 36.49
N GLU I 187 7.49 55.51 37.13
CA GLU I 187 7.72 55.54 38.58
C GLU I 187 9.22 55.64 38.80
N VAL I 188 9.64 56.69 39.51
CA VAL I 188 11.04 56.97 39.78
C VAL I 188 11.29 56.74 41.26
N VAL I 189 12.25 55.89 41.58
CA VAL I 189 12.64 55.60 42.95
C VAL I 189 13.99 56.25 43.20
N GLU I 190 14.05 57.14 44.18
CA GLU I 190 15.25 57.87 44.51
C GLU I 190 15.90 57.28 45.76
N GLY I 191 17.21 57.41 45.85
CA GLY I 191 17.93 56.89 47.00
C GLY I 191 18.09 55.38 46.96
N MET I 192 18.26 54.80 48.14
CA MET I 192 18.50 53.37 48.28
C MET I 192 17.20 52.68 48.67
N GLN I 193 16.69 51.83 47.79
CA GLN I 193 15.55 50.96 48.07
C GLN I 193 15.95 49.54 47.75
N PHE I 194 15.81 48.64 48.72
CA PHE I 194 16.28 47.27 48.57
C PHE I 194 15.15 46.25 48.69
N ASP I 195 13.91 46.70 48.42
CA ASP I 195 12.75 45.82 48.22
C ASP I 195 12.63 44.73 49.27
N ARG I 196 12.78 45.11 50.54
CA ARG I 196 12.58 44.20 51.66
C ARG I 196 11.70 44.87 52.70
N GLY I 197 10.71 44.13 53.20
CA GLY I 197 9.74 44.68 54.12
C GLY I 197 10.08 44.43 55.57
N TYR I 198 9.21 44.91 56.45
CA TYR I 198 9.38 44.70 57.88
C TYR I 198 9.01 43.28 58.27
N LEU I 199 9.48 42.88 59.46
CA LEU I 199 9.17 41.56 59.98
C LEU I 199 7.98 41.53 60.93
N SER I 200 7.37 42.69 61.21
CA SER I 200 6.26 42.73 62.15
C SER I 200 5.39 43.93 61.86
N PRO I 201 4.07 43.77 61.79
CA PRO I 201 3.20 44.93 61.52
C PRO I 201 3.22 45.98 62.61
N TYR I 202 3.62 45.63 63.83
CA TYR I 202 3.64 46.59 64.93
C TYR I 202 4.68 47.67 64.75
N PHE I 203 5.61 47.51 63.82
CA PHE I 203 6.59 48.56 63.52
C PHE I 203 5.96 49.76 62.84
N ILE I 204 4.74 49.63 62.33
CA ILE I 204 4.08 50.74 61.64
C ILE I 204 3.76 51.84 62.62
N ASN I 205 4.14 53.08 62.28
CA ASN I 205 3.88 54.23 63.14
C ASN I 205 2.72 55.09 62.66
N ASN I 206 2.27 54.92 61.42
CA ASN I 206 1.07 55.62 60.96
C ASN I 206 0.19 54.66 60.17
N PRO I 207 -1.05 54.42 60.62
CA PRO I 207 -1.91 53.43 59.96
C PRO I 207 -2.53 53.91 58.66
N ASP I 208 -2.30 55.17 58.27
CA ASP I 208 -3.00 55.72 57.12
C ASP I 208 -2.58 55.04 55.81
N LYS I 209 -1.31 54.65 55.70
CA LYS I 209 -0.80 54.04 54.48
C LYS I 209 -0.25 52.65 54.80
N GLN I 210 -0.05 52.35 56.09
CA GLN I 210 0.60 51.13 56.58
C GLN I 210 2.09 51.15 56.26
N VAL I 211 2.77 52.18 56.77
CA VAL I 211 4.20 52.35 56.57
C VAL I 211 4.86 52.69 57.90
N ALA I 212 6.17 52.46 57.95
CA ALA I 212 6.98 52.71 59.14
C ALA I 212 7.98 53.81 58.80
N VAL I 213 7.66 55.04 59.17
CA VAL I 213 8.49 56.21 58.85
C VAL I 213 9.39 56.48 60.05
N LEU I 214 10.69 56.55 59.79
CA LEU I 214 11.68 56.85 60.82
C LEU I 214 12.37 58.15 60.44
N ASP I 215 12.33 59.13 61.33
CA ASP I 215 12.92 60.44 61.09
C ASP I 215 14.27 60.53 61.78
N ASN I 216 15.31 60.81 61.00
CA ASN I 216 16.69 60.85 61.48
C ASN I 216 17.06 59.60 62.28
N PRO I 217 16.95 58.41 61.69
CA PRO I 217 17.21 57.18 62.44
C PRO I 217 18.66 56.71 62.32
N TYR I 218 19.04 55.86 63.27
CA TYR I 218 20.29 55.11 63.15
C TYR I 218 20.04 53.81 62.40
N ILE I 219 21.05 53.40 61.63
CA ILE I 219 20.98 52.18 60.84
C ILE I 219 22.06 51.23 61.35
N LEU I 220 21.64 50.02 61.74
CA LEU I 220 22.54 49.00 62.24
C LEU I 220 22.71 47.94 61.17
N LEU I 221 23.92 47.79 60.66
CA LEU I 221 24.23 46.81 59.63
C LEU I 221 24.84 45.58 60.27
N HIS I 222 24.19 44.43 60.08
CA HIS I 222 24.66 43.17 60.66
C HIS I 222 24.56 42.09 59.60
N ASP I 223 25.64 41.32 59.44
CA ASP I 223 25.69 40.26 58.45
C ASP I 223 25.34 38.89 59.02
N LYS I 224 24.91 38.83 60.28
CA LYS I 224 24.54 37.57 60.90
C LYS I 224 23.16 37.69 61.52
N LYS I 225 22.51 36.53 61.69
CA LYS I 225 21.18 36.48 62.26
C LYS I 225 21.21 36.97 63.71
N ILE I 226 20.13 37.64 64.11
CA ILE I 226 19.98 38.14 65.47
C ILE I 226 18.77 37.45 66.09
N SER I 227 19.01 36.69 67.14
CA SER I 227 17.93 35.97 67.81
C SER I 227 17.85 36.26 69.30
N ASN I 228 18.98 36.41 69.98
CA ASN I 228 18.97 36.65 71.42
C ASN I 228 18.95 38.15 71.72
N ILE I 229 18.70 38.47 72.98
CA ILE I 229 18.54 39.86 73.40
C ILE I 229 19.85 40.35 74.03
N ARG I 230 20.62 39.43 74.62
CA ARG I 230 21.79 39.83 75.39
C ARG I 230 22.86 40.52 74.54
N ASP I 231 22.84 40.33 73.22
CA ASP I 231 23.82 40.96 72.36
C ASP I 231 23.33 42.26 71.74
N LEU I 232 22.03 42.34 71.44
CA LEU I 232 21.46 43.54 70.84
C LEU I 232 21.09 44.58 71.89
N LEU I 233 20.92 44.17 73.14
CA LEU I 233 20.60 45.11 74.20
C LEU I 233 21.64 46.23 74.36
N PRO I 234 22.96 45.95 74.34
CA PRO I 234 23.93 47.06 74.50
C PRO I 234 23.77 48.17 73.46
N VAL I 235 23.45 47.82 72.21
CA VAL I 235 23.32 48.85 71.19
C VAL I 235 21.92 49.47 71.21
N LEU I 236 20.90 48.70 71.56
CA LEU I 236 19.56 49.27 71.70
C LEU I 236 19.51 50.30 72.81
N GLU I 237 20.32 50.14 73.86
CA GLU I 237 20.34 51.11 74.93
C GLU I 237 20.96 52.43 74.48
N GLN I 238 21.97 52.35 73.62
CA GLN I 238 22.66 53.57 73.18
C GLN I 238 21.75 54.46 72.35
N VAL I 239 20.96 53.87 71.44
CA VAL I 239 20.06 54.68 70.62
C VAL I 239 18.92 55.26 71.46
N ALA I 240 18.66 54.68 72.62
CA ALA I 240 17.62 55.22 73.49
C ALA I 240 18.06 56.51 74.16
N LYS I 241 19.37 56.71 74.32
CA LYS I 241 19.87 57.94 74.92
C LYS I 241 19.51 59.15 74.05
N ALA I 242 19.82 59.08 72.76
CA ALA I 242 19.51 60.19 71.87
C ALA I 242 18.03 60.27 71.53
N GLY I 243 17.31 59.14 71.62
CA GLY I 243 15.91 59.09 71.29
C GLY I 243 15.62 58.92 69.81
N ARG I 244 16.64 58.90 68.95
CA ARG I 244 16.41 58.70 67.53
C ARG I 244 15.98 57.26 67.27
N PRO I 245 15.17 57.03 66.24
CA PRO I 245 14.77 55.67 65.90
C PRO I 245 15.96 54.84 65.41
N LEU I 246 15.78 53.53 65.45
CA LEU I 246 16.81 52.59 65.03
C LEU I 246 16.26 51.68 63.96
N LEU I 247 16.98 51.57 62.85
CA LEU I 247 16.65 50.65 61.77
C LEU I 247 17.68 49.53 61.79
N ILE I 248 17.22 48.30 61.98
CA ILE I 248 18.09 47.14 62.10
C ILE I 248 18.03 46.37 60.78
N ILE I 249 19.14 46.36 60.05
CA ILE I 249 19.25 45.60 58.82
C ILE I 249 20.13 44.39 59.10
N ALA I 250 19.51 43.22 59.19
CA ALA I 250 20.23 41.99 59.47
C ALA I 250 19.57 40.85 58.70
N GLU I 251 20.21 39.68 58.76
CA GLU I 251 19.67 38.52 58.03
C GLU I 251 18.29 38.13 58.56
N ASP I 252 18.11 38.16 59.88
CA ASP I 252 16.82 37.84 60.46
C ASP I 252 16.81 38.31 61.90
N VAL I 253 15.67 38.84 62.34
CA VAL I 253 15.44 39.25 63.72
C VAL I 253 14.21 38.51 64.21
N GLU I 254 14.42 37.48 65.03
CA GLU I 254 13.33 36.63 65.50
C GLU I 254 13.51 36.37 66.99
N GLY I 255 12.54 35.65 67.56
CA GLY I 255 12.64 35.23 68.94
C GLY I 255 12.66 36.41 69.89
N GLU I 256 13.60 36.36 70.84
CA GLU I 256 13.68 37.41 71.87
C GLU I 256 13.97 38.77 71.26
N ALA I 257 14.86 38.82 70.26
CA ALA I 257 15.23 40.09 69.66
C ALA I 257 14.03 40.74 68.98
N LEU I 258 13.29 39.96 68.17
CA LEU I 258 12.09 40.50 67.54
C LEU I 258 11.05 40.85 68.59
N ALA I 259 10.90 40.01 69.61
CA ALA I 259 9.94 40.31 70.66
C ALA I 259 10.29 41.61 71.37
N THR I 260 11.56 41.79 71.73
CA THR I 260 11.96 42.97 72.48
C THR I 260 11.63 44.25 71.72
N LEU I 261 11.73 44.20 70.39
CA LEU I 261 11.46 45.38 69.59
C LEU I 261 9.98 45.77 69.64
N VAL I 262 9.09 44.78 69.52
CA VAL I 262 7.67 45.08 69.44
C VAL I 262 7.13 45.52 70.81
N VAL I 263 7.65 44.94 71.90
CA VAL I 263 7.26 45.41 73.22
C VAL I 263 7.63 46.88 73.41
N ASN I 264 8.82 47.25 72.94
CA ASN I 264 9.24 48.65 73.06
C ASN I 264 8.44 49.56 72.13
N ASN I 265 8.02 49.04 70.98
CA ASN I 265 7.28 49.87 70.02
C ASN I 265 5.89 50.23 70.54
N LEU I 266 5.15 49.22 71.01
CA LEU I 266 3.79 49.48 71.49
C LEU I 266 3.79 50.38 72.71
N ARG I 267 4.70 50.13 73.65
CA ARG I 267 4.81 50.95 74.85
C ARG I 267 5.38 52.34 74.57
N GLY I 268 5.94 52.56 73.38
CA GLY I 268 6.48 53.86 73.06
C GLY I 268 7.80 54.18 73.73
N ILE I 269 8.43 53.21 74.39
CA ILE I 269 9.71 53.46 75.04
C ILE I 269 10.77 53.81 74.02
N LEU I 270 10.82 53.07 72.92
CA LEU I 270 11.80 53.33 71.87
C LEU I 270 11.23 52.85 70.54
N LYS I 271 11.17 53.75 69.58
CA LYS I 271 10.65 53.44 68.24
C LYS I 271 11.76 52.85 67.39
N THR I 272 11.46 51.77 66.68
CA THR I 272 12.45 51.08 65.88
C THR I 272 11.74 50.25 64.83
N CYS I 273 12.52 49.81 63.83
CA CYS I 273 12.03 48.89 62.81
C CYS I 273 13.17 47.98 62.40
N ALA I 274 12.81 46.76 62.00
CA ALA I 274 13.78 45.75 61.60
C ALA I 274 13.40 45.22 60.23
N VAL I 275 14.40 45.11 59.35
CA VAL I 275 14.20 44.59 58.01
C VAL I 275 15.24 43.51 57.74
N LYS I 276 14.93 42.62 56.81
CA LYS I 276 15.88 41.60 56.41
C LYS I 276 16.99 42.22 55.58
N ALA I 277 18.18 41.64 55.68
CA ALA I 277 19.30 42.11 54.88
C ALA I 277 19.07 41.76 53.41
N PRO I 278 19.08 42.73 52.50
CA PRO I 278 18.77 42.42 51.10
C PRO I 278 19.86 41.58 50.44
N GLY I 279 19.44 40.84 49.41
CA GLY I 279 20.36 40.07 48.60
C GLY I 279 20.73 38.74 49.24
N PHE I 280 21.25 37.86 48.40
CA PHE I 280 21.69 36.53 48.80
C PHE I 280 23.18 36.36 48.51
N GLY I 281 23.85 35.59 49.36
CA GLY I 281 25.24 35.29 49.12
C GLY I 281 26.12 36.51 49.25
N ASP I 282 27.19 36.55 48.46
CA ASP I 282 28.14 37.66 48.52
C ASP I 282 27.49 38.98 48.09
N ARG I 283 26.47 38.92 47.23
CA ARG I 283 25.78 40.14 46.84
C ARG I 283 25.11 40.81 48.03
N ARG I 284 24.65 40.02 49.00
CA ARG I 284 24.12 40.60 50.23
C ARG I 284 25.19 41.37 50.97
N LYS I 285 26.40 40.82 51.05
CA LYS I 285 27.50 41.52 51.71
C LYS I 285 27.86 42.80 50.98
N ALA I 286 27.91 42.74 49.64
CA ALA I 286 28.31 43.92 48.86
C ALA I 286 27.32 45.06 49.04
N MET I 287 26.03 44.76 48.96
CA MET I 287 25.02 45.81 49.12
C MET I 287 24.94 46.28 50.56
N LEU I 288 25.21 45.40 51.52
CA LEU I 288 25.26 45.82 52.92
C LEU I 288 26.40 46.81 53.13
N GLN I 289 27.55 46.56 52.51
CA GLN I 289 28.65 47.51 52.58
C GLN I 289 28.29 48.84 51.92
N ASP I 290 27.57 48.78 50.79
CA ASP I 290 27.15 50.00 50.12
C ASP I 290 26.23 50.83 51.00
N ILE I 291 25.30 50.18 51.71
CA ILE I 291 24.43 50.89 52.62
C ILE I 291 25.24 51.54 53.74
N ALA I 292 26.22 50.81 54.27
CA ALA I 292 27.07 51.36 55.32
C ALA I 292 27.85 52.56 54.82
N ILE I 293 28.42 52.47 53.61
CA ILE I 293 29.14 53.61 53.04
C ILE I 293 28.18 54.77 52.78
N LEU I 294 27.00 54.48 52.24
CA LEU I 294 26.03 55.53 51.99
C LEU I 294 25.58 56.20 53.29
N THR I 295 25.27 55.40 54.29
CA THR I 295 24.77 55.92 55.57
C THR I 295 25.88 56.38 56.50
N GLY I 296 27.14 56.23 56.12
CA GLY I 296 28.23 56.68 56.96
C GLY I 296 28.53 55.79 58.14
N GLY I 297 28.04 54.56 58.14
CA GLY I 297 28.28 53.62 59.21
C GLY I 297 29.21 52.50 58.80
N THR I 298 29.23 51.45 59.63
CA THR I 298 30.04 50.27 59.39
C THR I 298 29.21 49.02 59.60
N VAL I 299 29.51 47.99 58.83
CA VAL I 299 28.83 46.71 58.96
C VAL I 299 29.42 45.98 60.16
N ILE I 300 28.59 45.76 61.19
CA ILE I 300 29.06 45.06 62.38
C ILE I 300 29.12 43.58 62.07
N SER I 301 30.29 42.98 62.23
CA SER I 301 30.49 41.57 61.93
C SER I 301 31.79 41.11 62.55
N GLU I 302 31.82 39.84 62.97
CA GLU I 302 33.04 39.27 63.51
C GLU I 302 34.09 39.01 62.43
N GLU I 303 33.70 39.02 61.16
CA GLU I 303 34.66 38.81 60.08
C GLU I 303 35.57 40.02 59.87
N VAL I 304 35.16 41.20 60.32
CA VAL I 304 36.01 42.38 60.24
C VAL I 304 36.65 42.71 61.58
N GLY I 305 35.99 42.43 62.70
CA GLY I 305 36.56 42.69 64.00
C GLY I 305 35.65 43.49 64.91
N LEU I 306 34.38 43.60 64.54
CA LEU I 306 33.39 44.32 65.33
C LEU I 306 32.37 43.36 65.90
N SER I 307 31.94 43.63 67.14
CA SER I 307 30.96 42.82 67.81
C SER I 307 29.72 43.64 68.11
N LEU I 308 28.56 42.98 68.08
CA LEU I 308 27.30 43.67 68.35
C LEU I 308 27.26 44.21 69.77
N GLU I 309 27.88 43.51 70.71
CA GLU I 309 27.93 43.98 72.09
C GLU I 309 28.76 45.25 72.21
N LYS I 310 29.85 45.33 71.45
CA LYS I 310 30.73 46.50 71.49
C LYS I 310 30.38 47.55 70.46
N ALA I 311 29.30 47.37 69.71
CA ALA I 311 28.90 48.36 68.72
C ALA I 311 28.47 49.66 69.40
N THR I 312 28.92 50.78 68.84
CA THR I 312 28.63 52.09 69.38
C THR I 312 27.81 52.91 68.38
N LEU I 313 27.41 54.10 68.80
CA LEU I 313 26.63 54.98 67.93
C LEU I 313 27.46 55.42 66.72
N GLU I 314 28.75 55.63 66.90
CA GLU I 314 29.60 56.04 65.79
C GLU I 314 29.67 54.97 64.70
N ASP I 315 29.64 53.69 65.09
CA ASP I 315 29.66 52.62 64.11
C ASP I 315 28.34 52.51 63.35
N LEU I 316 27.25 53.02 63.93
CA LEU I 316 25.95 52.94 63.28
C LEU I 316 25.85 53.95 62.13
N GLY I 317 25.16 53.56 61.07
CA GLY I 317 24.86 54.49 60.01
C GLY I 317 23.75 55.45 60.38
N GLN I 318 23.65 56.53 59.61
CA GLN I 318 22.66 57.56 59.84
C GLN I 318 22.00 57.96 58.53
N ALA I 319 20.79 58.48 58.66
CA ALA I 319 20.04 59.05 57.54
C ALA I 319 19.07 60.08 58.09
N LYS I 320 18.64 61.01 57.24
CA LYS I 320 17.61 61.94 57.65
C LYS I 320 16.21 61.32 57.65
N ARG I 321 15.92 60.39 56.75
CA ARG I 321 14.62 59.74 56.81
C ARG I 321 14.66 58.39 56.10
N VAL I 322 13.93 57.43 56.65
CA VAL I 322 13.72 56.13 56.03
C VAL I 322 12.28 55.69 56.31
N GLU I 323 11.66 55.06 55.32
CA GLU I 323 10.29 54.57 55.46
C GLU I 323 10.26 53.09 55.10
N VAL I 324 9.62 52.29 55.94
CA VAL I 324 9.55 50.84 55.78
C VAL I 324 8.12 50.48 55.43
N ALA I 325 7.92 49.98 54.22
CA ALA I 325 6.60 49.55 53.77
C ALA I 325 6.45 48.05 54.01
N LYS I 326 5.37 47.47 53.49
CA LYS I 326 5.14 46.05 53.67
C LYS I 326 6.21 45.20 53.01
N GLU I 327 6.70 45.61 51.83
CA GLU I 327 7.64 44.80 51.08
C GLU I 327 8.89 45.57 50.65
N HIS I 328 9.08 46.80 51.11
CA HIS I 328 10.26 47.55 50.71
C HIS I 328 10.50 48.69 51.70
N THR I 329 11.76 49.10 51.80
CA THR I 329 12.14 50.31 52.51
C THR I 329 13.03 51.16 51.62
N THR I 330 12.90 52.47 51.76
CA THR I 330 13.69 53.43 51.00
C THR I 330 14.45 54.33 51.96
N ILE I 331 15.78 54.26 51.91
CA ILE I 331 16.62 55.21 52.62
C ILE I 331 16.67 56.46 51.76
N ILE I 332 16.06 57.54 52.23
CA ILE I 332 15.92 58.74 51.41
C ILE I 332 17.29 59.31 51.05
N ASP I 333 18.18 59.40 52.04
CA ASP I 333 19.52 59.92 51.77
C ASP I 333 20.44 59.46 52.88
N GLY I 334 21.54 58.81 52.50
CA GLY I 334 22.54 58.42 53.48
C GLY I 334 23.31 59.60 54.03
N ALA I 335 23.90 59.40 55.20
CA ALA I 335 24.66 60.44 55.87
C ALA I 335 26.16 60.37 55.56
N GLY I 336 26.59 59.42 54.73
CA GLY I 336 27.99 59.34 54.39
C GLY I 336 28.43 60.50 53.51
N ASP I 337 29.72 60.81 53.59
CA ASP I 337 30.26 61.88 52.78
C ASP I 337 30.26 61.49 51.30
N PRO I 338 30.06 62.46 50.41
CA PRO I 338 30.05 62.14 48.97
C PRO I 338 31.39 61.62 48.47
N ALA I 339 32.50 61.92 49.14
CA ALA I 339 33.81 61.46 48.68
C ALA I 339 33.90 59.95 48.73
N LYS I 340 33.51 59.33 49.84
CA LYS I 340 33.53 57.88 49.93
C LYS I 340 32.47 57.24 49.04
N ILE I 341 31.32 57.89 48.89
CA ILE I 341 30.28 57.37 48.01
C ILE I 341 30.77 57.35 46.56
N GLN I 342 31.42 58.44 46.13
CA GLN I 342 31.97 58.48 44.78
C GLN I 342 33.05 57.42 44.59
N ALA I 343 33.91 57.23 45.60
CA ALA I 343 34.94 56.20 45.51
C ALA I 343 34.33 54.82 45.40
N ARG I 344 33.27 54.55 46.18
CA ARG I 344 32.59 53.26 46.08
C ARG I 344 31.96 53.08 44.70
N VAL I 345 31.37 54.14 44.15
CA VAL I 345 30.79 54.07 42.82
C VAL I 345 31.89 53.78 41.80
N LYS I 346 33.05 54.43 41.95
CA LYS I 346 34.16 54.18 41.05
C LYS I 346 34.62 52.74 41.09
N GLU I 347 34.66 52.15 42.29
CA GLU I 347 35.07 50.75 42.42
C GLU I 347 34.12 49.82 41.69
N ILE I 348 32.81 50.05 41.84
CA ILE I 348 31.83 49.18 41.20
C ILE I 348 31.90 49.31 39.68
N ARG I 349 32.02 50.54 39.17
CA ARG I 349 32.10 50.72 37.73
C ARG I 349 33.38 50.13 37.15
N VAL I 350 34.47 50.12 37.92
CA VAL I 350 35.66 49.40 37.51
C VAL I 350 35.38 47.90 37.44
N GLN I 351 34.69 47.38 38.45
CA GLN I 351 34.33 45.96 38.46
C GLN I 351 33.34 45.62 37.35
N ILE I 352 32.57 46.61 36.90
CA ILE I 352 31.62 46.39 35.81
C ILE I 352 32.34 45.90 34.55
N GLU I 353 33.51 46.48 34.27
CA GLU I 353 34.29 46.05 33.12
C GLU I 353 34.74 44.59 33.24
N GLU I 354 34.82 44.07 34.45
CA GLU I 354 35.22 42.68 34.67
C GLU I 354 34.03 41.73 34.74
N ALA I 355 32.82 42.24 34.57
CA ALA I 355 31.63 41.39 34.64
C ALA I 355 31.62 40.37 33.50
N THR I 356 31.15 39.17 33.80
CA THR I 356 31.11 38.09 32.84
C THR I 356 29.70 37.57 32.55
N SER I 357 28.86 37.40 33.56
CA SER I 357 27.51 36.90 33.37
C SER I 357 26.58 38.03 32.95
N ASP I 358 25.48 37.64 32.29
CA ASP I 358 24.56 38.64 31.75
C ASP I 358 23.90 39.45 32.87
N TYR I 359 23.61 38.81 34.00
CA TYR I 359 23.02 39.53 35.12
C TYR I 359 24.07 40.23 35.98
N ASP I 360 25.35 40.03 35.70
CA ASP I 360 26.39 40.61 36.56
C ASP I 360 26.41 42.13 36.48
N ARG I 361 26.48 42.69 35.27
CA ARG I 361 26.51 44.13 35.15
C ARG I 361 25.15 44.75 35.44
N GLU I 362 24.07 44.02 35.15
CA GLU I 362 22.74 44.51 35.47
C GLU I 362 22.58 44.70 36.97
N LYS I 363 23.06 43.74 37.76
CA LYS I 363 23.02 43.88 39.21
C LYS I 363 24.04 44.91 39.69
N LEU I 364 25.19 44.99 39.02
CA LEU I 364 26.17 46.02 39.38
C LEU I 364 25.64 47.41 39.07
N GLN I 365 24.94 47.57 37.94
CA GLN I 365 24.40 48.88 37.59
C GLN I 365 23.35 49.34 38.58
N GLU I 366 22.48 48.43 39.02
CA GLU I 366 21.46 48.82 39.98
C GLU I 366 22.07 49.18 41.33
N ARG I 367 23.21 48.58 41.66
CA ARG I 367 23.94 49.01 42.86
C ARG I 367 24.43 50.43 42.71
N VAL I 368 24.96 50.78 41.54
CA VAL I 368 25.41 52.15 41.30
C VAL I 368 24.22 53.09 41.28
N ALA I 369 23.11 52.65 40.69
CA ALA I 369 21.89 53.47 40.66
C ALA I 369 21.38 53.74 42.07
N LYS I 370 21.40 52.72 42.93
CA LYS I 370 20.97 52.93 44.30
C LYS I 370 21.92 53.86 45.06
N LEU I 371 23.20 53.88 44.67
CA LEU I 371 24.17 54.70 45.39
C LEU I 371 24.16 56.15 44.91
N ALA I 372 24.43 56.37 43.62
CA ALA I 372 24.62 57.71 43.08
C ALA I 372 23.75 57.93 41.86
N GLY I 373 22.47 57.57 41.98
CA GLY I 373 21.54 57.78 40.88
C GLY I 373 20.11 57.51 41.26
N GLY I 374 19.37 56.84 40.38
CA GLY I 374 17.99 56.48 40.66
C GLY I 374 17.58 55.31 39.81
N VAL I 375 16.42 54.75 40.15
CA VAL I 375 15.84 53.63 39.42
C VAL I 375 14.48 54.08 38.93
N ALA I 376 14.28 54.04 37.61
CA ALA I 376 13.00 54.39 37.00
C ALA I 376 12.34 53.14 36.47
N VAL I 377 11.04 53.04 36.68
CA VAL I 377 10.24 51.92 36.18
C VAL I 377 9.18 52.49 35.24
N ILE I 378 9.22 52.06 33.99
CA ILE I 378 8.21 52.43 33.00
C ILE I 378 7.20 51.30 32.95
N LYS I 379 5.99 51.55 33.44
CA LYS I 379 4.92 50.56 33.43
C LYS I 379 4.11 50.75 32.16
N VAL I 380 4.21 49.80 31.25
CA VAL I 380 3.55 49.89 29.95
C VAL I 380 2.05 49.65 30.14
N GLY I 381 1.23 50.54 29.59
CA GLY I 381 -0.20 50.42 29.66
C GLY I 381 -0.77 49.83 28.39
N ALA I 382 -1.53 48.76 28.54
CA ALA I 382 -2.19 48.12 27.40
C ALA I 382 -3.42 47.38 27.91
N ALA I 383 -4.44 47.32 27.05
CA ALA I 383 -5.67 46.64 27.43
C ALA I 383 -5.54 45.13 27.40
N THR I 384 -4.61 44.60 26.61
CA THR I 384 -4.50 43.17 26.37
C THR I 384 -3.04 42.75 26.47
N GLU I 385 -2.82 41.52 26.92
CA GLU I 385 -1.45 41.02 27.09
C GLU I 385 -0.70 40.94 25.77
N VAL I 386 -1.38 40.64 24.67
CA VAL I 386 -0.69 40.59 23.38
C VAL I 386 -0.26 41.99 22.96
N GLU I 387 -1.09 42.99 23.27
CA GLU I 387 -0.68 44.38 23.04
C GLU I 387 0.36 44.83 24.07
N MET I 388 0.28 44.28 25.28
CA MET I 388 1.28 44.58 26.30
C MET I 388 2.66 44.09 25.87
N LYS I 389 2.72 42.87 25.35
CA LYS I 389 3.99 42.32 24.92
C LYS I 389 4.56 43.08 23.73
N GLU I 390 3.70 43.44 22.78
CA GLU I 390 4.17 44.21 21.62
C GLU I 390 4.64 45.60 22.04
N LYS I 391 3.90 46.26 22.94
CA LYS I 391 4.31 47.58 23.40
C LYS I 391 5.59 47.51 24.23
N LYS I 392 5.73 46.47 25.06
CA LYS I 392 6.93 46.34 25.87
C LYS I 392 8.17 46.18 25.00
N ALA I 393 8.06 45.40 23.93
CA ALA I 393 9.19 45.24 23.01
C ALA I 393 9.56 46.57 22.37
N ARG I 394 8.56 47.38 22.01
CA ARG I 394 8.82 48.68 21.45
C ARG I 394 9.47 49.62 22.47
N VAL I 395 9.01 49.57 23.72
CA VAL I 395 9.61 50.39 24.76
C VAL I 395 11.05 49.96 25.04
N GLU I 396 11.29 48.65 25.10
CA GLU I 396 12.64 48.15 25.32
C GLU I 396 13.55 48.53 24.16
N ASP I 397 13.05 48.46 22.93
CA ASP I 397 13.85 48.88 21.78
C ASP I 397 14.16 50.37 21.85
N ALA I 398 13.19 51.18 22.26
CA ALA I 398 13.42 52.61 22.39
C ALA I 398 14.40 52.91 23.53
N LEU I 399 14.35 52.12 24.61
CA LEU I 399 15.32 52.29 25.68
C LEU I 399 16.72 51.95 25.21
N HIS I 400 16.87 50.87 24.44
CA HIS I 400 18.18 50.49 23.94
C HIS I 400 18.74 51.54 22.99
N ALA I 401 17.89 52.08 22.13
CA ALA I 401 18.36 53.08 21.17
C ALA I 401 18.77 54.37 21.87
N THR I 402 18.01 54.81 22.87
CA THR I 402 18.37 56.01 23.61
C THR I 402 19.68 55.83 24.36
N ARG I 403 19.90 54.65 24.93
CA ARG I 403 21.19 54.36 25.55
C ARG I 403 22.31 54.39 24.53
N ALA I 404 22.07 53.82 23.34
CA ALA I 404 23.07 53.86 22.28
C ALA I 404 23.28 55.27 21.75
N ALA I 405 22.25 56.11 21.81
CA ALA I 405 22.38 57.48 21.32
C ALA I 405 23.30 58.31 22.20
N VAL I 406 23.18 58.18 23.53
CA VAL I 406 24.04 58.94 24.41
C VAL I 406 25.47 58.38 24.43
N GLU I 407 25.67 57.16 23.93
CA GLU I 407 26.99 56.57 23.93
C GLU I 407 27.82 57.04 22.74
N GLU I 408 27.30 56.83 21.53
CA GLU I 408 28.07 57.08 20.31
C GLU I 408 27.48 58.18 19.44
N GLY I 409 26.40 58.81 19.86
CA GLY I 409 25.82 59.89 19.09
C GLY I 409 24.68 59.44 18.20
N ILE I 410 24.24 60.38 17.36
CA ILE I 410 23.09 60.16 16.49
C ILE I 410 23.48 60.49 15.04
N VAL I 411 22.81 59.80 14.13
CA VAL I 411 22.98 60.02 12.69
C VAL I 411 21.59 60.13 12.07
N PRO I 412 21.50 60.77 10.89
CA PRO I 412 20.20 60.82 10.21
C PRO I 412 19.69 59.42 9.92
N GLY I 413 18.37 59.24 10.10
CA GLY I 413 17.75 57.95 9.97
C GLY I 413 17.30 57.66 8.55
N GLY I 414 16.48 56.62 8.43
CA GLY I 414 15.96 56.23 7.14
C GLY I 414 16.98 55.70 6.16
N GLY I 415 18.09 55.16 6.66
CA GLY I 415 19.15 54.69 5.80
C GLY I 415 20.00 55.78 5.18
N VAL I 416 19.77 57.04 5.55
CA VAL I 416 20.56 58.13 4.98
C VAL I 416 21.99 58.08 5.48
N ALA I 417 22.19 57.68 6.74
CA ALA I 417 23.53 57.68 7.31
C ALA I 417 24.47 56.77 6.54
N LEU I 418 23.99 55.58 6.18
CA LEU I 418 24.82 54.66 5.40
C LEU I 418 25.12 55.23 4.02
N LEU I 419 24.14 55.90 3.40
CA LEU I 419 24.37 56.50 2.10
C LEU I 419 25.36 57.66 2.19
N ARG I 420 25.22 58.51 3.21
CA ARG I 420 26.17 59.61 3.38
C ARG I 420 27.56 59.09 3.70
N ALA I 421 27.66 58.07 4.55
CA ALA I 421 28.96 57.49 4.86
C ALA I 421 29.58 56.84 3.65
N ARG I 422 28.76 56.21 2.80
CA ARG I 422 29.28 55.58 1.59
C ARG I 422 29.88 56.61 0.65
N GLU I 423 29.19 57.74 0.45
CA GLU I 423 29.70 58.76 -0.46
C GLU I 423 30.98 59.38 0.08
N ALA I 424 31.05 59.59 1.39
CA ALA I 424 32.27 60.12 1.99
C ALA I 424 33.43 59.14 1.84
N ALA I 425 33.16 57.85 2.05
CA ALA I 425 34.22 56.85 1.92
C ALA I 425 34.72 56.75 0.49
N VAL I 426 33.81 56.80 -0.49
CA VAL I 426 34.23 56.74 -1.88
C VAL I 426 35.04 57.99 -2.25
N ALA I 427 34.61 59.16 -1.78
CA ALA I 427 35.31 60.39 -2.08
C ALA I 427 36.72 60.44 -1.50
N LYS I 428 36.98 59.67 -0.44
CA LYS I 428 38.30 59.64 0.18
C LYS I 428 39.24 58.65 -0.49
N GLY I 429 38.77 57.89 -1.48
CA GLY I 429 39.65 56.99 -2.19
C GLY I 429 39.65 55.58 -1.67
N LEU I 430 38.48 54.97 -1.56
CA LEU I 430 38.35 53.60 -1.12
C LEU I 430 38.63 52.67 -2.29
N LYS I 431 39.67 51.84 -2.16
CA LYS I 431 40.08 50.96 -3.25
C LYS I 431 40.68 49.69 -2.67
N GLY I 432 40.68 48.64 -3.50
CA GLY I 432 41.21 47.35 -3.10
C GLY I 432 42.54 47.05 -3.78
N ASP I 433 43.15 45.94 -3.35
CA ASP I 433 44.44 45.53 -3.86
C ASP I 433 44.37 44.78 -5.18
N ASN I 434 43.19 44.34 -5.59
CA ASN I 434 43.02 43.59 -6.83
C ASN I 434 41.57 43.74 -7.28
N PRO I 435 41.27 43.44 -8.55
CA PRO I 435 39.89 43.61 -9.03
C PRO I 435 38.87 42.80 -8.25
N ASP I 436 39.25 41.64 -7.71
CA ASP I 436 38.31 40.90 -6.87
C ASP I 436 38.00 41.66 -5.58
N GLN I 437 38.99 42.31 -5.00
CA GLN I 437 38.73 43.14 -3.82
C GLN I 437 37.93 44.38 -4.19
N GLU I 438 38.14 44.92 -5.40
CA GLU I 438 37.32 46.05 -5.84
C GLU I 438 35.86 45.65 -5.97
N ALA I 439 35.59 44.44 -6.46
CA ALA I 439 34.22 43.94 -6.51
C ALA I 439 33.64 43.80 -5.13
N GLY I 440 34.44 43.33 -4.17
CA GLY I 440 33.97 43.23 -2.80
C GLY I 440 33.59 44.58 -2.22
N ILE I 441 34.32 45.63 -2.59
CA ILE I 441 33.96 46.98 -2.18
C ILE I 441 32.64 47.38 -2.81
N LYS I 442 32.46 47.08 -4.11
CA LYS I 442 31.23 47.43 -4.79
C LYS I 442 30.04 46.68 -4.21
N ILE I 443 30.28 45.53 -3.59
CA ILE I 443 29.21 44.81 -2.92
C ILE I 443 28.66 45.63 -1.76
N VAL I 444 29.55 46.19 -0.94
CA VAL I 444 29.11 46.97 0.21
C VAL I 444 28.48 48.28 -0.22
N LEU I 445 29.01 48.90 -1.28
CA LEU I 445 28.46 50.17 -1.75
C LEU I 445 27.01 49.99 -2.19
N ARG I 446 26.69 48.90 -2.87
CA ARG I 446 25.31 48.64 -3.26
C ARG I 446 24.48 48.18 -2.07
N ALA I 447 25.10 47.42 -1.15
CA ALA I 447 24.34 46.84 -0.05
C ALA I 447 23.84 47.89 0.93
N VAL I 448 24.61 48.97 1.15
CA VAL I 448 24.20 49.97 2.13
C VAL I 448 22.96 50.75 1.66
N GLU I 449 22.62 50.67 0.38
CA GLU I 449 21.38 51.26 -0.10
C GLU I 449 20.16 50.45 0.29
N GLN I 450 20.34 49.17 0.64
CA GLN I 450 19.19 48.31 0.89
C GLN I 450 18.32 48.74 2.05
N PRO I 451 18.83 49.18 3.21
CA PRO I 451 17.93 49.63 4.27
C PRO I 451 16.96 50.72 3.83
N LEU I 452 17.42 51.68 3.04
CA LEU I 452 16.52 52.70 2.52
C LEU I 452 15.55 52.11 1.50
N ARG I 453 16.04 51.19 0.67
CA ARG I 453 15.18 50.58 -0.35
C ARG I 453 14.05 49.78 0.29
N GLU I 454 14.35 49.04 1.35
CA GLU I 454 13.31 48.23 1.98
C GLU I 454 12.35 49.08 2.79
N ILE I 455 12.84 50.17 3.38
CA ILE I 455 11.95 51.11 4.05
C ILE I 455 10.97 51.72 3.07
N VAL I 456 11.47 52.13 1.90
CA VAL I 456 10.62 52.72 0.88
C VAL I 456 9.69 51.67 0.29
N ALA I 457 10.20 50.46 0.06
CA ALA I 457 9.36 49.40 -0.50
C ALA I 457 8.21 49.06 0.44
N ASN I 458 8.47 49.01 1.74
CA ASN I 458 7.39 48.80 2.70
C ASN I 458 6.41 49.96 2.69
N ALA I 459 6.90 51.17 2.43
CA ALA I 459 6.03 52.34 2.34
C ALA I 459 5.22 52.36 1.05
N GLY I 460 5.53 51.48 0.09
CA GLY I 460 4.77 51.39 -1.14
C GLY I 460 5.24 52.28 -2.27
N GLU I 461 6.41 52.89 -2.15
CA GLU I 461 6.95 53.75 -3.18
C GLU I 461 7.99 53.00 -4.00
N GLU I 462 8.65 53.70 -4.93
CA GLU I 462 9.64 53.08 -5.79
C GLU I 462 11.02 53.26 -5.16
N PRO I 463 11.67 52.18 -4.68
CA PRO I 463 12.94 52.36 -3.97
C PRO I 463 14.04 53.01 -4.80
N SER I 464 14.13 52.68 -6.09
CA SER I 464 15.23 53.18 -6.90
C SER I 464 15.11 54.68 -7.14
N VAL I 465 13.88 55.17 -7.34
CA VAL I 465 13.69 56.60 -7.54
C VAL I 465 14.00 57.37 -6.27
N ILE I 466 13.55 56.87 -5.12
CA ILE I 466 13.80 57.55 -3.85
C ILE I 466 15.28 57.55 -3.53
N VAL I 467 15.95 56.41 -3.75
CA VAL I 467 17.38 56.32 -3.45
C VAL I 467 18.17 57.30 -4.30
N ALA I 468 17.83 57.42 -5.58
CA ALA I 468 18.53 58.36 -6.45
C ALA I 468 18.33 59.79 -5.98
N LYS I 469 17.12 60.14 -5.55
CA LYS I 469 16.86 61.49 -5.06
C LYS I 469 17.64 61.76 -3.78
N VAL I 470 17.70 60.77 -2.87
CA VAL I 470 18.45 60.95 -1.63
C VAL I 470 19.93 61.13 -1.91
N LEU I 471 20.47 60.32 -2.83
CA LEU I 471 21.88 60.45 -3.18
C LEU I 471 22.18 61.80 -3.82
N GLU I 472 21.21 62.37 -4.54
CA GLU I 472 21.40 63.71 -5.10
C GLU I 472 21.54 64.76 -4.01
N GLY I 473 20.85 64.58 -2.88
CA GLY I 473 20.97 65.51 -1.79
C GLY I 473 22.25 65.34 -1.01
N LYS I 474 22.47 66.26 -0.07
CA LYS I 474 23.68 66.27 0.74
C LYS I 474 23.31 66.50 2.20
N GLY I 475 24.18 66.03 3.08
CA GLY I 475 23.97 66.27 4.51
C GLY I 475 22.87 65.38 5.07
N ASN I 476 22.01 65.99 5.86
CA ASN I 476 20.91 65.28 6.51
C ASN I 476 19.69 65.13 5.61
N TYR I 477 19.79 65.52 4.34
CA TYR I 477 18.68 65.37 3.42
C TYR I 477 18.30 63.91 3.28
N GLY I 478 17.01 63.63 3.36
CA GLY I 478 16.55 62.26 3.28
C GLY I 478 15.07 62.21 2.98
N TYR I 479 14.53 60.99 3.05
CA TYR I 479 13.14 60.73 2.71
C TYR I 479 12.41 60.26 3.96
N ASN I 480 11.35 60.97 4.32
CA ASN I 480 10.51 60.57 5.45
C ASN I 480 9.44 59.61 4.96
N ALA I 481 9.61 58.32 5.26
CA ALA I 481 8.67 57.32 4.78
C ALA I 481 7.32 57.42 5.47
N ALA I 482 7.27 57.98 6.68
CA ALA I 482 6.00 58.15 7.37
C ALA I 482 5.10 59.14 6.62
N THR I 483 5.66 60.24 6.15
CA THR I 483 4.90 61.26 5.46
C THR I 483 5.10 61.25 3.95
N GLY I 484 6.05 60.48 3.44
CA GLY I 484 6.32 60.46 2.02
C GLY I 484 6.85 61.77 1.48
N GLU I 485 7.68 62.46 2.25
CA GLU I 485 8.24 63.74 1.86
C GLU I 485 9.74 63.75 2.08
N PHE I 486 10.43 64.54 1.27
CA PHE I 486 11.87 64.72 1.41
C PHE I 486 12.15 65.94 2.29
N GLY I 487 13.29 65.92 2.97
CA GLY I 487 13.67 67.05 3.79
C GLY I 487 14.82 66.67 4.71
N ASP I 488 15.14 67.61 5.60
CA ASP I 488 16.19 67.39 6.59
C ASP I 488 15.72 66.35 7.60
N MET I 489 16.43 65.22 7.66
CA MET I 489 16.01 64.13 8.54
C MET I 489 16.12 64.54 10.01
N ILE I 490 17.17 65.28 10.36
CA ILE I 490 17.33 65.73 11.74
C ILE I 490 16.21 66.67 12.13
N GLU I 491 15.85 67.60 11.24
CA GLU I 491 14.76 68.52 11.52
C GLU I 491 13.42 67.79 11.65
N MET I 492 13.18 66.81 10.79
CA MET I 492 11.94 66.04 10.86
C MET I 492 11.94 65.03 12.00
N GLY I 493 13.04 64.86 12.70
CA GLY I 493 13.10 63.98 13.85
C GLY I 493 13.39 62.53 13.54
N VAL I 494 13.73 62.19 12.30
CA VAL I 494 14.08 60.81 11.96
C VAL I 494 15.54 60.60 12.31
N LEU I 495 15.79 60.15 13.53
CA LEU I 495 17.13 60.04 14.09
C LEU I 495 17.46 58.58 14.35
N ASP I 496 18.72 58.22 14.13
CA ASP I 496 19.19 56.88 14.41
C ASP I 496 20.46 56.95 15.24
N PRO I 497 20.63 56.04 16.20
CA PRO I 497 21.90 55.96 16.93
C PRO I 497 23.02 55.51 16.02
N THR I 498 24.19 56.14 16.19
CA THR I 498 25.34 55.75 15.39
C THR I 498 25.78 54.33 15.73
N LYS I 499 25.72 53.97 17.02
CA LYS I 499 26.11 52.62 17.43
C LYS I 499 25.23 51.56 16.77
N VAL I 500 23.93 51.82 16.67
CA VAL I 500 23.02 50.87 16.04
C VAL I 500 23.34 50.71 14.57
N THR I 501 23.57 51.83 13.88
CA THR I 501 23.90 51.76 12.46
C THR I 501 25.25 51.09 12.23
N ARG I 502 26.24 51.43 13.05
CA ARG I 502 27.57 50.84 12.88
C ARG I 502 27.56 49.35 13.20
N SER I 503 26.86 48.96 14.27
CA SER I 503 26.82 47.55 14.65
C SER I 503 26.10 46.72 13.61
N ALA I 504 25.02 47.24 13.04
CA ALA I 504 24.27 46.49 12.04
C ALA I 504 25.12 46.20 10.82
N LEU I 505 25.88 47.19 10.36
CA LEU I 505 26.73 47.01 9.18
C LEU I 505 27.86 46.04 9.46
N GLN I 506 28.53 46.20 10.61
CA GLN I 506 29.68 45.36 10.92
C GLN I 506 29.27 43.90 11.12
N ASN I 507 28.15 43.67 11.81
CA ASN I 507 27.69 42.30 12.02
C ASN I 507 27.21 41.67 10.72
N ALA I 508 26.51 42.44 9.89
CA ALA I 508 26.03 41.90 8.62
C ALA I 508 27.18 41.54 7.70
N ALA I 509 28.21 42.40 7.65
CA ALA I 509 29.32 42.16 6.74
C ALA I 509 30.15 40.95 7.16
N SER I 510 30.34 40.77 8.47
CA SER I 510 31.18 39.67 8.94
C SER I 510 30.59 38.32 8.58
N VAL I 511 29.27 38.18 8.69
CA VAL I 511 28.64 36.89 8.40
C VAL I 511 28.39 36.73 6.91
N ALA I 512 27.87 37.76 6.26
CA ALA I 512 27.60 37.67 4.83
C ALA I 512 28.88 37.52 4.02
N GLY I 513 29.99 38.11 4.49
CA GLY I 513 31.26 37.91 3.83
C GLY I 513 31.71 36.46 3.88
N LEU I 514 31.51 35.80 5.02
CA LEU I 514 31.86 34.39 5.13
C LEU I 514 30.94 33.53 4.28
N MET I 515 29.69 33.95 4.11
CA MET I 515 28.74 33.16 3.34
C MET I 515 29.08 33.15 1.86
N LEU I 516 29.84 34.14 1.39
CA LEU I 516 30.25 34.16 -0.01
C LEU I 516 31.37 33.16 -0.28
N THR I 517 32.17 32.83 0.73
CA THR I 517 33.35 32.00 0.57
C THR I 517 33.05 30.51 0.74
N THR I 518 31.79 30.10 0.64
CA THR I 518 31.41 28.71 0.87
C THR I 518 31.35 27.97 -0.45
N GLU I 519 32.04 26.83 -0.51
CA GLU I 519 31.99 25.96 -1.67
C GLU I 519 31.33 24.62 -1.38
N CYS I 520 31.31 24.19 -0.13
CA CYS I 520 30.79 22.89 0.24
C CYS I 520 29.94 23.03 1.49
N MET I 521 28.84 22.30 1.54
CA MET I 521 27.96 22.28 2.70
C MET I 521 27.75 20.85 3.15
N ILE I 522 27.92 20.61 4.45
CA ILE I 522 27.75 19.29 5.04
C ILE I 522 26.62 19.38 6.06
N ALA I 523 25.60 18.54 5.87
CA ALA I 523 24.45 18.51 6.75
C ALA I 523 23.99 17.06 6.89
N GLU I 524 23.29 16.78 7.99
CA GLU I 524 22.76 15.44 8.20
C GLU I 524 21.74 15.11 7.13
N ALA I 525 21.86 13.91 6.56
CA ALA I 525 20.95 13.48 5.52
C ALA I 525 19.57 13.21 6.10
N PRO I 526 18.51 13.42 5.32
CA PRO I 526 17.17 13.11 5.80
C PRO I 526 17.01 11.61 6.05
N LYS I 527 16.17 11.28 7.02
CA LYS I 527 15.95 9.89 7.41
C LYS I 527 15.07 9.18 6.37
N ASP I 528 15.63 9.01 5.18
CA ASP I 528 14.97 8.36 4.05
C ASP I 528 13.62 9.01 3.72
N LYS J 1 4.92 28.89 107.38
CA LYS J 1 4.17 27.89 106.64
C LYS J 1 5.06 26.67 106.34
N LEU J 2 6.25 26.93 105.80
CA LEU J 2 7.19 25.88 105.43
C LEU J 2 8.41 25.96 106.34
N ARG J 3 8.74 24.84 106.98
CA ARG J 3 9.90 24.75 107.86
C ARG J 3 10.91 23.78 107.27
N PRO J 4 12.10 24.25 106.89
CA PRO J 4 13.09 23.34 106.30
C PRO J 4 13.76 22.49 107.38
N LEU J 5 14.53 21.52 106.93
CA LEU J 5 15.22 20.58 107.80
C LEU J 5 16.71 20.62 107.54
N HIS J 6 17.49 20.61 108.62
CA HIS J 6 18.95 20.54 108.58
C HIS J 6 19.53 21.72 107.81
N ASP J 7 20.16 21.43 106.66
CA ASP J 7 20.86 22.44 105.88
C ASP J 7 19.99 23.07 104.80
N ARG J 8 18.68 22.85 104.84
CA ARG J 8 17.80 23.32 103.79
C ARG J 8 17.46 24.79 103.96
N VAL J 9 17.38 25.50 102.83
CA VAL J 9 17.02 26.90 102.78
C VAL J 9 15.93 27.07 101.73
N VAL J 10 14.89 27.81 102.09
CA VAL J 10 13.76 28.09 101.19
C VAL J 10 13.90 29.51 100.69
N VAL J 11 13.92 29.68 99.36
CA VAL J 11 14.11 30.98 98.74
C VAL J 11 13.01 31.21 97.71
N LYS J 12 12.56 32.45 97.62
CA LYS J 12 11.67 32.91 96.56
C LYS J 12 12.53 33.56 95.49
N ARG J 13 12.63 32.92 94.33
CA ARG J 13 13.44 33.46 93.25
C ARG J 13 12.84 34.76 92.75
N ILE J 14 13.67 35.80 92.64
CA ILE J 14 13.17 37.12 92.30
C ILE J 14 12.78 37.16 90.83
N GLU J 15 11.86 38.06 90.53
CA GLU J 15 11.36 38.24 89.16
C GLU J 15 12.45 38.76 88.24
N ALA J 16 12.44 38.26 87.00
CA ALA J 16 13.42 38.69 86.01
C ALA J 16 13.14 40.12 85.57
N GLU J 17 14.20 40.94 85.52
CA GLU J 17 14.03 42.37 85.37
C GLU J 17 13.23 42.74 84.13
N ARG J 18 12.33 43.72 84.30
CA ARG J 18 11.43 44.16 83.25
C ARG J 18 11.88 45.43 82.56
N LYS J 19 12.27 46.46 83.32
CA LYS J 19 12.85 47.65 82.75
C LYS J 19 14.37 47.53 82.70
N THR J 20 15.03 48.56 82.18
CA THR J 20 16.48 48.63 82.16
C THR J 20 16.94 49.98 82.70
N ALA J 21 18.23 50.28 82.56
CA ALA J 21 18.75 51.58 82.99
C ALA J 21 18.09 52.70 82.20
N SER J 22 17.91 52.52 80.89
CA SER J 22 17.26 53.50 80.04
C SER J 22 15.76 53.30 79.94
N GLY J 23 15.21 52.27 80.57
CA GLY J 23 13.79 52.03 80.56
C GLY J 23 13.27 51.07 79.52
N ILE J 24 14.16 50.35 78.83
CA ILE J 24 13.73 49.44 77.78
C ILE J 24 13.05 48.23 78.41
N VAL J 25 11.85 47.93 77.95
CA VAL J 25 11.04 46.86 78.53
C VAL J 25 11.40 45.54 77.86
N ILE J 26 11.86 44.58 78.64
CA ILE J 26 12.16 43.24 78.15
C ILE J 26 10.93 42.36 78.35
N PRO J 27 10.46 41.64 77.33
CA PRO J 27 9.34 40.73 77.52
C PRO J 27 9.70 39.62 78.48
N ASP J 28 8.68 39.11 79.19
CA ASP J 28 8.90 38.09 80.20
C ASP J 28 9.55 36.84 79.62
N THR J 29 9.19 36.49 78.38
CA THR J 29 9.82 35.33 77.74
C THR J 29 11.30 35.56 77.52
N ALA J 30 11.67 36.76 77.07
CA ALA J 30 13.08 37.03 76.77
C ALA J 30 13.91 37.17 78.03
N GLY J 31 13.35 37.74 79.09
CA GLY J 31 14.08 37.98 80.31
C GLY J 31 14.62 36.71 80.95
N GLU J 32 15.94 36.63 81.10
CA GLU J 32 16.56 35.47 81.72
C GLU J 32 16.24 35.43 83.21
N LYS J 33 15.96 34.24 83.71
CA LYS J 33 15.61 34.08 85.11
C LYS J 33 16.84 34.27 85.98
N PRO J 34 16.84 35.25 86.88
CA PRO J 34 18.03 35.48 87.72
C PRO J 34 18.26 34.34 88.70
N ASP J 35 19.52 34.17 89.08
CA ASP J 35 19.92 33.14 90.04
C ASP J 35 19.93 33.65 91.48
N GLN J 36 19.14 34.67 91.78
CA GLN J 36 19.10 35.28 93.10
C GLN J 36 17.70 35.17 93.69
N GLY J 37 17.61 35.41 94.99
CA GLY J 37 16.34 35.40 95.68
C GLY J 37 16.54 35.64 97.15
N GLU J 38 15.46 36.03 97.81
CA GLU J 38 15.48 36.26 99.25
C GLU J 38 15.05 34.99 99.99
N VAL J 39 15.54 34.87 101.22
CA VAL J 39 15.31 33.67 102.03
C VAL J 39 14.09 33.91 102.91
N LEU J 40 13.19 32.92 102.94
CA LEU J 40 12.00 33.00 103.77
C LEU J 40 12.07 32.09 105.00
N ALA J 41 12.74 30.95 104.88
CA ALA J 41 12.87 30.02 106.00
C ALA J 41 14.27 29.42 105.97
N VAL J 42 14.85 29.24 107.14
CA VAL J 42 16.21 28.74 107.28
C VAL J 42 16.20 27.54 108.21
N GLY J 43 17.10 26.58 107.93
CA GLY J 43 17.19 25.39 108.74
C GLY J 43 17.97 25.60 110.03
N ASP J 44 17.99 24.55 110.85
CA ASP J 44 18.79 24.61 112.07
C ASP J 44 20.28 24.47 111.77
N GLY J 45 20.63 23.62 110.81
CA GLY J 45 22.02 23.41 110.43
C GLY J 45 22.32 21.94 110.24
N LYS J 46 23.28 21.65 109.35
CA LYS J 46 23.66 20.27 109.09
C LYS J 46 24.31 19.65 110.33
N ILE J 47 23.91 18.43 110.65
CA ILE J 47 24.49 17.69 111.76
C ILE J 47 25.85 17.15 111.30
N LEU J 48 26.93 17.74 111.83
CA LEU J 48 28.25 17.23 111.54
C LEU J 48 28.52 15.96 112.33
N ASP J 49 29.64 15.31 112.00
CA ASP J 49 29.86 13.93 112.43
C ASP J 49 29.96 13.79 113.94
N ASP J 50 30.42 14.83 114.64
CA ASP J 50 30.61 14.77 116.08
C ASP J 50 29.37 15.18 116.86
N GLY J 51 28.25 15.45 116.19
CA GLY J 51 27.04 15.91 116.84
C GLY J 51 26.87 17.41 116.72
N SER J 52 25.80 17.89 117.34
CA SER J 52 25.42 19.30 117.31
C SER J 52 25.15 19.78 115.88
N LYS J 53 25.04 21.09 115.70
CA LYS J 53 24.65 21.67 114.42
C LYS J 53 25.72 22.63 113.92
N ARG J 54 25.84 22.71 112.60
CA ARG J 54 26.71 23.71 111.99
C ARG J 54 26.02 25.07 111.97
N PRO J 55 26.64 26.12 112.49
CA PRO J 55 26.02 27.45 112.42
C PRO J 55 25.77 27.86 110.98
N MET J 56 24.63 28.48 110.74
CA MET J 56 24.20 28.78 109.39
C MET J 56 24.68 30.16 108.98
N ALA J 57 25.17 30.26 107.74
CA ALA J 57 25.70 31.52 107.22
C ALA J 57 24.63 32.44 106.65
N VAL J 58 23.38 31.99 106.61
CA VAL J 58 22.28 32.78 106.08
C VAL J 58 21.17 32.84 107.13
N LYS J 59 20.63 34.03 107.34
CA LYS J 59 19.50 34.23 108.23
C LYS J 59 18.30 34.69 107.42
N VAL J 60 17.10 34.48 107.97
CA VAL J 60 15.88 34.81 107.25
C VAL J 60 15.83 36.31 107.00
N GLY J 61 15.83 36.70 105.73
CA GLY J 61 15.74 38.09 105.33
C GLY J 61 16.72 38.52 104.26
N ASP J 62 17.92 37.94 104.23
CA ASP J 62 18.92 38.39 103.28
C ASP J 62 18.60 37.91 101.86
N LYS J 63 19.27 38.52 100.89
CA LYS J 63 19.18 38.13 99.50
C LYS J 63 20.39 37.27 99.15
N VAL J 64 20.14 36.08 98.60
CA VAL J 64 21.19 35.11 98.37
C VAL J 64 21.26 34.77 96.89
N LEU J 65 22.43 34.31 96.46
CA LEU J 65 22.68 33.89 95.09
C LEU J 65 22.94 32.39 95.08
N PHE J 66 22.25 31.67 94.19
CA PHE J 66 22.32 30.22 94.13
C PHE J 66 22.50 29.76 92.69
N GLY J 67 23.10 28.59 92.54
CA GLY J 67 23.26 28.02 91.22
C GLY J 67 21.94 27.61 90.61
N LYS J 68 21.89 27.60 89.28
CA LYS J 68 20.65 27.28 88.59
C LYS J 68 20.39 25.77 88.65
N TYR J 69 21.45 24.96 88.67
CA TYR J 69 21.29 23.51 88.73
C TYR J 69 20.54 23.08 89.99
N ALA J 70 20.84 23.70 91.13
CA ALA J 70 20.30 23.27 92.41
C ALA J 70 18.89 23.81 92.63
N GLY J 71 18.23 23.27 93.65
CA GLY J 71 16.93 23.73 94.06
C GLY J 71 15.79 22.90 93.51
N GLN J 72 14.64 23.00 94.18
CA GLN J 72 13.43 22.30 93.78
C GLN J 72 12.24 23.19 94.08
N THR J 73 11.30 23.27 93.14
CA THR J 73 10.11 24.09 93.32
C THR J 73 9.05 23.32 94.10
N VAL J 74 8.38 24.03 95.01
CA VAL J 74 7.40 23.43 95.91
C VAL J 74 6.04 24.05 95.61
N LYS J 75 4.99 23.23 95.67
CA LYS J 75 3.68 23.58 95.14
C LYS J 75 2.73 24.19 96.17
N VAL J 76 3.19 24.48 97.38
CA VAL J 76 2.28 24.91 98.44
C VAL J 76 1.69 26.28 98.15
N GLU J 77 0.36 26.38 98.27
CA GLU J 77 -0.52 27.53 98.09
C GLU J 77 -0.14 28.40 96.90
N GLY J 78 0.44 27.80 95.87
CA GLY J 78 0.61 28.47 94.59
C GLY J 78 1.95 29.13 94.30
N GLU J 79 2.55 29.81 95.27
CA GLU J 79 3.79 30.53 94.99
C GLU J 79 4.91 29.53 94.65
N GLU J 80 5.82 29.94 93.79
CA GLU J 80 6.99 29.14 93.46
C GLU J 80 8.07 29.48 94.48
N LEU J 81 8.52 28.48 95.23
CA LEU J 81 9.60 28.62 96.18
C LEU J 81 10.64 27.53 95.93
N LEU J 82 11.91 27.91 96.02
CA LEU J 82 13.00 27.00 95.75
C LEU J 82 13.61 26.55 97.09
N VAL J 83 13.65 25.24 97.31
CA VAL J 83 14.25 24.67 98.50
C VAL J 83 15.54 23.96 98.10
N LEU J 84 16.64 24.35 98.74
CA LEU J 84 17.95 23.85 98.33
C LEU J 84 18.87 23.83 99.54
N ARG J 85 19.97 23.09 99.41
CA ARG J 85 20.90 22.94 100.52
C ARG J 85 21.67 24.25 100.73
N GLU J 86 22.37 24.33 101.87
CA GLU J 86 23.10 25.54 102.20
C GLU J 86 24.33 25.73 101.33
N ASP J 87 24.96 24.64 100.89
CA ASP J 87 26.19 24.74 100.13
C ASP J 87 26.00 25.31 98.74
N ASP J 88 24.79 25.26 98.18
CA ASP J 88 24.57 25.76 96.83
C ASP J 88 24.52 27.28 96.79
N ILE J 89 24.11 27.92 97.88
CA ILE J 89 24.14 29.39 97.95
C ILE J 89 25.61 29.80 98.01
N MET J 90 26.11 30.38 96.93
CA MET J 90 27.52 30.72 96.84
C MET J 90 27.84 32.13 97.32
N ALA J 91 26.84 33.00 97.48
CA ALA J 91 27.10 34.35 97.91
C ALA J 91 25.84 34.96 98.50
N VAL J 92 26.03 36.01 99.29
CA VAL J 92 24.96 36.80 99.86
C VAL J 92 25.13 38.24 99.41
N ILE J 93 24.10 38.80 98.80
CA ILE J 93 24.14 40.16 98.28
C ILE J 93 23.69 41.10 99.39
N GLU J 94 24.23 42.33 99.36
CA GLU J 94 24.33 43.20 100.55
C GLU J 94 24.33 42.42 101.86
N ALA K 1 10.95 23.05 16.02
CA ALA K 1 11.08 22.25 14.82
C ALA K 1 11.04 23.14 13.57
N ALA K 2 10.81 22.52 12.43
CA ALA K 2 10.70 23.27 11.18
C ALA K 2 9.48 24.18 11.22
N LYS K 3 9.65 25.37 10.64
CA LYS K 3 8.61 26.38 10.64
C LYS K 3 8.13 26.65 9.22
N GLU K 4 6.82 26.77 9.05
CA GLU K 4 6.24 27.18 7.78
C GLU K 4 5.85 28.64 7.88
N VAL K 5 6.17 29.40 6.84
CA VAL K 5 6.01 30.85 6.84
C VAL K 5 5.02 31.23 5.76
N LYS K 6 4.03 32.05 6.12
CA LYS K 6 3.02 32.55 5.20
C LYS K 6 3.12 34.05 5.12
N PHE K 7 2.83 34.60 3.94
CA PHE K 7 3.01 36.02 3.67
C PHE K 7 1.76 36.63 3.07
N HIS K 8 1.57 37.92 3.36
CA HIS K 8 0.62 38.80 2.66
C HIS K 8 -0.79 38.20 2.79
N ASP K 9 -1.57 38.11 1.71
CA ASP K 9 -2.94 37.64 1.82
C ASP K 9 -3.02 36.20 2.27
N SER K 10 -2.11 35.35 1.79
CA SER K 10 -2.14 33.94 2.18
C SER K 10 -2.08 33.78 3.69
N ALA K 11 -1.32 34.66 4.36
CA ALA K 11 -1.29 34.64 5.82
C ALA K 11 -2.56 35.24 6.41
N ARG K 12 -3.09 36.29 5.80
CA ARG K 12 -4.23 36.99 6.39
C ARG K 12 -5.50 36.15 6.29
N GLU K 13 -5.70 35.44 5.17
CA GLU K 13 -6.89 34.62 5.03
C GLU K 13 -6.90 33.48 6.04
N ARG K 14 -5.75 32.87 6.31
CA ARG K 14 -5.67 31.85 7.35
C ARG K 14 -6.00 32.45 8.71
N LEU K 15 -5.47 33.64 8.99
CA LEU K 15 -5.74 34.30 10.27
C LEU K 15 -7.22 34.64 10.41
N VAL K 16 -7.82 35.20 9.34
CA VAL K 16 -9.22 35.59 9.41
C VAL K 16 -10.13 34.37 9.52
N ALA K 17 -9.77 33.27 8.85
CA ALA K 17 -10.56 32.06 8.95
C ALA K 17 -10.62 31.55 10.39
N GLY K 18 -9.50 31.62 11.11
CA GLY K 18 -9.51 31.24 12.50
C GLY K 18 -10.34 32.18 13.36
N VAL K 19 -10.31 33.47 13.03
CA VAL K 19 -11.14 34.44 13.75
C VAL K 19 -12.61 34.12 13.54
N ASN K 20 -13.01 33.86 12.29
CA ASN K 20 -14.41 33.65 11.99
C ASN K 20 -14.94 32.37 12.62
N LEU K 21 -14.12 31.31 12.62
CA LEU K 21 -14.58 30.04 13.18
C LEU K 21 -14.87 30.18 14.67
N LEU K 22 -13.96 30.83 15.41
CA LEU K 22 -14.17 31.02 16.84
C LEU K 22 -15.32 31.97 17.10
N ALA K 23 -15.39 33.07 16.35
CA ALA K 23 -16.42 34.07 16.60
C ALA K 23 -17.80 33.57 16.19
N ASN K 24 -17.89 32.75 15.14
CA ASN K 24 -19.17 32.20 14.75
C ASN K 24 -19.73 31.26 15.81
N ALA K 25 -18.86 30.45 16.43
CA ALA K 25 -19.31 29.60 17.54
C ALA K 25 -19.78 30.44 18.72
N VAL K 26 -19.05 31.50 19.05
CA VAL K 26 -19.45 32.40 20.12
C VAL K 26 -20.67 33.23 19.73
N LYS K 27 -20.84 33.52 18.44
CA LYS K 27 -21.97 34.31 17.98
C LYS K 27 -23.31 33.69 18.40
N THR K 28 -23.40 32.36 18.36
CA THR K 28 -24.68 31.69 18.56
C THR K 28 -25.27 31.94 19.94
N THR K 29 -24.45 32.35 20.91
CA THR K 29 -24.90 32.54 22.28
C THR K 29 -25.25 33.97 22.61
N LEU K 30 -25.19 34.89 21.64
CA LEU K 30 -25.36 36.30 21.93
C LEU K 30 -26.83 36.69 21.98
N GLY K 31 -27.20 37.46 22.99
CA GLY K 31 -28.51 38.04 23.08
C GLY K 31 -29.51 37.18 23.83
N PRO K 32 -30.69 37.72 24.08
CA PRO K 32 -31.74 36.93 24.76
C PRO K 32 -32.17 35.71 23.99
N LYS K 33 -32.13 35.77 22.66
CA LYS K 33 -32.51 34.64 21.81
C LYS K 33 -31.30 33.82 21.37
N GLY K 34 -30.13 34.09 21.93
CA GLY K 34 -28.99 33.23 21.68
C GLY K 34 -29.20 31.85 22.27
N ARG K 35 -28.50 30.87 21.70
CA ARG K 35 -28.68 29.48 22.06
C ARG K 35 -27.41 28.92 22.65
N ASN K 36 -27.54 27.74 23.24
CA ASN K 36 -26.44 27.15 24.01
C ASN K 36 -25.45 26.44 23.11
N VAL K 37 -24.24 26.24 23.63
CA VAL K 37 -23.17 25.53 22.97
C VAL K 37 -22.77 24.36 23.86
N VAL K 38 -22.69 23.17 23.28
CA VAL K 38 -22.28 21.97 24.01
C VAL K 38 -20.81 21.71 23.72
N ILE K 39 -20.01 21.57 24.78
CA ILE K 39 -18.59 21.29 24.67
C ILE K 39 -18.33 19.95 25.35
N GLU K 40 -17.72 19.02 24.63
CA GLU K 40 -17.48 17.69 25.18
C GLU K 40 -16.30 17.73 26.14
N ARG K 41 -16.45 17.07 27.28
CA ARG K 41 -15.39 16.94 28.26
C ARG K 41 -14.76 15.56 28.16
N SER K 42 -13.47 15.50 28.52
CA SER K 42 -12.78 14.22 28.49
C SER K 42 -13.39 13.24 29.49
N PHE K 43 -13.78 13.73 30.66
CA PHE K 43 -14.33 12.90 31.72
C PHE K 43 -15.85 12.77 31.63
N GLY K 44 -16.42 12.95 30.45
CA GLY K 44 -17.86 12.83 30.29
C GLY K 44 -18.60 14.05 30.80
N ALA K 45 -19.93 13.96 30.72
CA ALA K 45 -20.83 15.04 31.13
C ALA K 45 -20.48 16.34 30.41
N PRO K 46 -20.85 16.47 29.13
CA PRO K 46 -20.52 17.70 28.41
C PRO K 46 -21.16 18.92 29.06
N ILE K 47 -20.45 20.05 28.99
CA ILE K 47 -20.94 21.28 29.57
C ILE K 47 -21.79 22.02 28.54
N VAL K 48 -22.94 22.53 28.99
CA VAL K 48 -23.83 23.35 28.17
C VAL K 48 -23.70 24.77 28.66
N THR K 49 -23.18 25.65 27.81
CA THR K 49 -22.85 27.01 28.21
C THR K 49 -23.37 28.02 27.21
N LYS K 50 -23.74 29.19 27.72
CA LYS K 50 -24.07 30.35 26.90
C LYS K 50 -23.04 31.45 27.03
N ASP K 51 -21.93 31.19 27.72
CA ASP K 51 -20.90 32.19 27.94
C ASP K 51 -19.92 32.19 26.77
N GLY K 52 -19.56 33.38 26.30
CA GLY K 52 -18.64 33.48 25.19
C GLY K 52 -17.24 33.01 25.56
N VAL K 53 -16.77 33.37 26.76
CA VAL K 53 -15.41 33.01 27.16
C VAL K 53 -15.29 31.50 27.33
N THR K 54 -16.32 30.84 27.84
CA THR K 54 -16.27 29.40 28.00
C THR K 54 -16.19 28.71 26.65
N VAL K 55 -16.98 29.16 25.67
CA VAL K 55 -16.92 28.59 24.34
C VAL K 55 -15.58 28.86 23.68
N ALA K 56 -15.08 30.10 23.82
CA ALA K 56 -13.85 30.48 23.14
C ALA K 56 -12.66 29.68 23.64
N LYS K 57 -12.59 29.45 24.95
CA LYS K 57 -11.42 28.79 25.53
C LYS K 57 -11.28 27.34 25.11
N GLU K 58 -12.35 26.71 24.62
CA GLU K 58 -12.29 25.32 24.21
C GLU K 58 -12.05 25.13 22.72
N ILE K 59 -11.83 26.19 21.97
CA ILE K 59 -11.70 26.10 20.52
C ILE K 59 -10.23 26.04 20.14
N GLU K 60 -9.83 24.95 19.50
CA GLU K 60 -8.49 24.80 18.94
C GLU K 60 -8.64 24.18 17.55
N LEU K 61 -7.83 24.63 16.61
CA LEU K 61 -7.98 24.25 15.21
C LEU K 61 -6.79 23.40 14.76
N LYS K 62 -7.06 22.44 13.87
CA LYS K 62 -5.99 21.62 13.33
C LYS K 62 -5.01 22.45 12.51
N ASP K 63 -5.52 23.37 11.70
CA ASP K 63 -4.66 24.28 10.95
C ASP K 63 -3.99 25.24 11.91
N LYS K 64 -2.65 25.19 11.97
CA LYS K 64 -1.93 26.00 12.94
C LYS K 64 -2.00 27.48 12.62
N PHE K 65 -2.13 27.83 11.34
CA PHE K 65 -2.26 29.24 10.99
C PHE K 65 -3.65 29.76 11.31
N GLU K 66 -4.69 28.95 11.08
CA GLU K 66 -6.02 29.31 11.53
C GLU K 66 -6.09 29.33 13.05
N ASN K 67 -5.29 28.50 13.71
CA ASN K 67 -5.31 28.44 15.16
C ASN K 67 -4.80 29.74 15.79
N MET K 68 -3.83 30.41 15.15
CA MET K 68 -3.34 31.68 15.69
C MET K 68 -4.46 32.71 15.74
N GLY K 69 -5.25 32.79 14.67
CA GLY K 69 -6.38 33.72 14.68
C GLY K 69 -7.39 33.37 15.75
N ALA K 70 -7.65 32.08 15.95
CA ALA K 70 -8.55 31.66 17.03
C ALA K 70 -7.94 31.98 18.39
N GLN K 71 -6.65 31.72 18.56
CA GLN K 71 -6.01 31.94 19.86
C GLN K 71 -5.98 33.41 20.22
N MET K 72 -5.75 34.29 19.24
CA MET K 72 -5.70 35.71 19.53
C MET K 72 -7.08 36.28 19.83
N VAL K 73 -8.12 35.82 19.13
CA VAL K 73 -9.48 36.25 19.45
C VAL K 73 -9.94 35.61 20.75
N LYS K 74 -9.49 34.39 21.03
CA LYS K 74 -9.89 33.70 22.26
C LYS K 74 -9.54 34.53 23.49
N GLU K 75 -8.42 35.23 23.43
CA GLU K 75 -7.98 36.00 24.60
C GLU K 75 -8.56 37.41 24.62
N VAL K 76 -9.37 37.79 23.62
CA VAL K 76 -10.23 38.95 23.78
C VAL K 76 -11.30 38.67 24.82
N ALA K 77 -11.92 37.50 24.73
CA ALA K 77 -12.91 37.09 25.72
C ALA K 77 -12.27 36.81 27.07
N SER K 78 -11.05 36.26 27.07
CA SER K 78 -10.37 35.97 28.33
C SER K 78 -10.09 37.24 29.11
N LYS K 79 -9.65 38.29 28.42
CA LYS K 79 -9.38 39.56 29.09
C LYS K 79 -10.68 40.22 29.55
N THR K 80 -11.73 40.14 28.74
CA THR K 80 -13.01 40.73 29.12
C THR K 80 -13.60 40.01 30.33
N ALA K 81 -13.46 38.68 30.38
CA ALA K 81 -13.92 37.94 31.54
C ALA K 81 -13.11 38.29 32.78
N ASP K 82 -11.80 38.53 32.62
CA ASP K 82 -10.95 38.86 33.75
C ASP K 82 -11.33 40.21 34.35
N VAL K 83 -11.58 41.20 33.51
CA VAL K 83 -11.79 42.56 34.01
C VAL K 83 -13.25 42.91 34.26
N ALA K 84 -14.20 42.19 33.64
CA ALA K 84 -15.60 42.54 33.80
C ALA K 84 -16.43 41.33 34.21
N GLY K 85 -16.03 40.13 33.77
CA GLY K 85 -16.80 38.94 34.04
C GLY K 85 -18.04 38.79 33.18
N ASP K 86 -18.26 39.70 32.24
CA ASP K 86 -19.43 39.67 31.38
C ASP K 86 -19.07 40.40 30.09
N GLY K 87 -19.89 40.19 29.07
CA GLY K 87 -19.62 40.81 27.78
C GLY K 87 -18.55 40.15 26.97
N THR K 88 -18.21 38.89 27.28
CA THR K 88 -17.19 38.19 26.50
C THR K 88 -17.68 37.88 25.10
N THR K 89 -18.97 37.54 24.96
CA THR K 89 -19.54 37.35 23.63
C THR K 89 -19.55 38.64 22.84
N THR K 90 -19.91 39.75 23.49
CA THR K 90 -19.90 41.04 22.82
C THR K 90 -18.50 41.44 22.38
N ALA K 91 -17.51 41.18 23.24
CA ALA K 91 -16.13 41.49 22.87
C ALA K 91 -15.67 40.66 21.68
N THR K 92 -16.02 39.37 21.67
CA THR K 92 -15.64 38.51 20.55
C THR K 92 -16.34 38.95 19.27
N VAL K 93 -17.61 39.33 19.37
CA VAL K 93 -18.34 39.82 18.21
C VAL K 93 -17.74 41.11 17.69
N LEU K 94 -17.40 42.03 18.59
CA LEU K 94 -16.78 43.28 18.17
C LEU K 94 -15.43 43.05 17.52
N ALA K 95 -14.63 42.13 18.08
CA ALA K 95 -13.30 41.87 17.52
C ALA K 95 -13.41 41.33 16.10
N GLN K 96 -14.36 40.43 15.85
CA GLN K 96 -14.56 39.90 14.51
C GLN K 96 -15.01 40.99 13.55
N ALA K 97 -15.88 41.90 14.01
CA ALA K 97 -16.34 42.99 13.16
C ALA K 97 -15.19 43.91 12.76
N ILE K 98 -14.29 44.22 13.70
CA ILE K 98 -13.15 45.06 13.38
C ILE K 98 -12.24 44.37 12.37
N VAL K 99 -12.00 43.08 12.57
CA VAL K 99 -11.16 42.33 11.63
C VAL K 99 -11.82 42.27 10.26
N ARG K 100 -13.12 41.99 10.23
CA ARG K 100 -13.82 41.90 8.95
C ARG K 100 -13.82 43.24 8.23
N GLU K 101 -14.12 44.32 8.94
CA GLU K 101 -14.11 45.64 8.30
C GLU K 101 -12.70 46.11 8.02
N GLY K 102 -11.74 45.78 8.87
CA GLY K 102 -10.38 46.23 8.66
C GLY K 102 -9.67 45.52 7.53
N MET K 103 -10.00 44.25 7.29
CA MET K 103 -9.37 43.53 6.19
C MET K 103 -9.76 44.10 4.84
N LYS K 104 -10.94 44.72 4.75
CA LYS K 104 -11.32 45.38 3.51
C LYS K 104 -10.40 46.55 3.19
N TYR K 105 -10.02 47.32 4.22
CA TYR K 105 -9.12 48.45 4.01
C TYR K 105 -7.67 47.99 3.84
N VAL K 106 -7.29 46.90 4.50
CA VAL K 106 -5.95 46.34 4.27
C VAL K 106 -5.84 45.84 2.83
N ALA K 107 -6.87 45.17 2.34
CA ALA K 107 -6.89 44.73 0.95
C ALA K 107 -6.95 45.90 -0.03
N ALA K 108 -7.36 47.07 0.44
CA ALA K 108 -7.40 48.27 -0.39
C ALA K 108 -6.08 49.01 -0.43
N GLY K 109 -5.03 48.45 0.18
CA GLY K 109 -3.71 49.04 0.16
C GLY K 109 -3.45 50.06 1.23
N MET K 110 -4.37 50.26 2.17
CA MET K 110 -4.17 51.24 3.23
C MET K 110 -3.17 50.72 4.26
N ASN K 111 -2.45 51.64 4.87
CA ASN K 111 -1.42 51.28 5.84
C ASN K 111 -2.09 50.73 7.09
N PRO K 112 -1.83 49.47 7.46
CA PRO K 112 -2.51 48.92 8.64
C PRO K 112 -2.09 49.56 9.95
N MET K 113 -0.87 50.07 10.04
CA MET K 113 -0.46 50.74 11.27
C MET K 113 -1.26 52.02 11.50
N ASP K 114 -1.54 52.76 10.43
CA ASP K 114 -2.41 53.93 10.57
C ASP K 114 -3.85 53.52 10.82
N LEU K 115 -4.28 52.37 10.29
CA LEU K 115 -5.60 51.85 10.62
C LEU K 115 -5.69 51.55 12.11
N LYS K 116 -4.65 50.95 12.69
CA LYS K 116 -4.64 50.68 14.12
C LYS K 116 -4.67 51.97 14.92
N ARG K 117 -3.91 52.98 14.47
CA ARG K 117 -3.93 54.27 15.16
C ARG K 117 -5.29 54.93 15.05
N GLY K 118 -5.94 54.82 13.90
CA GLY K 118 -7.29 55.34 13.77
C GLY K 118 -8.30 54.58 14.62
N ILE K 119 -8.12 53.26 14.73
CA ILE K 119 -8.99 52.45 15.56
C ILE K 119 -8.87 52.87 17.02
N ASP K 120 -7.64 53.08 17.49
CA ASP K 120 -7.44 53.52 18.87
C ASP K 120 -8.05 54.89 19.11
N LYS K 121 -7.93 55.78 18.13
CA LYS K 121 -8.49 57.12 18.27
C LYS K 121 -10.01 57.08 18.37
N ALA K 122 -10.65 56.25 17.55
CA ALA K 122 -12.10 56.16 17.57
C ALA K 122 -12.60 55.50 18.84
N VAL K 123 -11.89 54.47 19.31
CA VAL K 123 -12.32 53.77 20.52
C VAL K 123 -12.18 54.66 21.74
N THR K 124 -11.13 55.48 21.79
CA THR K 124 -10.99 56.44 22.89
C THR K 124 -12.14 57.43 22.90
N ALA K 125 -12.54 57.92 21.73
CA ALA K 125 -13.65 58.86 21.66
C ALA K 125 -14.96 58.22 22.08
N ILE K 126 -15.19 56.97 21.65
CA ILE K 126 -16.44 56.30 21.97
C ILE K 126 -16.51 55.96 23.46
N VAL K 127 -15.39 55.53 24.04
CA VAL K 127 -15.37 55.21 25.47
C VAL K 127 -15.68 56.45 26.30
N GLU K 128 -15.15 57.61 25.89
CA GLU K 128 -15.48 58.85 26.59
C GLU K 128 -16.97 59.17 26.50
N GLU K 129 -17.57 58.91 25.34
CA GLU K 129 -19.00 59.14 25.19
C GLU K 129 -19.81 58.15 26.01
N LEU K 130 -19.29 56.92 26.18
CA LEU K 130 -19.97 55.96 27.04
C LEU K 130 -20.01 56.45 28.48
N LYS K 131 -18.94 57.10 28.93
CA LYS K 131 -18.92 57.64 30.28
C LYS K 131 -20.00 58.70 30.48
N ALA K 132 -20.20 59.56 29.47
CA ALA K 132 -21.23 60.59 29.58
C ALA K 132 -22.63 59.99 29.56
N ILE K 133 -22.85 58.98 28.70
CA ILE K 133 -24.16 58.36 28.62
C ILE K 133 -24.47 57.56 29.88
N SER K 134 -23.46 57.00 30.52
CA SER K 134 -23.67 56.14 31.68
C SER K 134 -24.36 56.88 32.80
N LYS K 135 -25.24 56.17 33.52
CA LYS K 135 -25.92 56.69 34.68
C LYS K 135 -25.65 55.79 35.88
N PRO K 136 -25.57 56.34 37.08
CA PRO K 136 -25.26 55.51 38.25
C PRO K 136 -26.37 54.54 38.57
N CYS K 137 -25.98 53.39 39.12
CA CYS K 137 -26.90 52.33 39.50
C CYS K 137 -27.17 52.47 41.00
N SER K 138 -28.20 53.25 41.34
CA SER K 138 -28.50 53.54 42.73
C SER K 138 -29.61 52.65 43.29
N THR K 139 -30.72 52.52 42.58
CA THR K 139 -31.86 51.78 43.06
C THR K 139 -31.60 50.28 43.00
N THR K 140 -32.16 49.55 43.98
CA THR K 140 -32.09 48.10 43.96
C THR K 140 -32.92 47.50 42.82
N LYS K 141 -33.91 48.24 42.31
CA LYS K 141 -34.66 47.77 41.16
C LYS K 141 -33.76 47.67 39.93
N GLU K 142 -32.88 48.65 39.74
CA GLU K 142 -31.94 48.59 38.62
C GLU K 142 -30.99 47.42 38.78
N ILE K 143 -30.58 47.12 40.01
CA ILE K 143 -29.70 45.98 40.24
C ILE K 143 -30.39 44.68 39.84
N ALA K 144 -31.68 44.53 40.18
CA ALA K 144 -32.42 43.36 39.75
C ALA K 144 -32.53 43.31 38.23
N GLN K 145 -32.76 44.46 37.59
CA GLN K 145 -32.84 44.50 36.14
C GLN K 145 -31.51 44.13 35.49
N VAL K 146 -30.41 44.62 36.05
CA VAL K 146 -29.09 44.27 35.51
C VAL K 146 -28.81 42.80 35.69
N GLY K 147 -29.14 42.26 36.87
CA GLY K 147 -28.95 40.84 37.10
C GLY K 147 -29.85 39.98 36.23
N THR K 148 -31.10 40.42 36.04
CA THR K 148 -32.03 39.65 35.21
C THR K 148 -31.55 39.58 33.77
N ILE K 149 -31.06 40.69 33.22
CA ILE K 149 -30.59 40.70 31.84
C ILE K 149 -29.38 39.81 31.68
N SER K 150 -28.44 39.89 32.62
CA SER K 150 -27.21 39.10 32.52
C SER K 150 -27.43 37.62 32.81
N ALA K 151 -28.52 37.27 33.48
CA ALA K 151 -28.87 35.87 33.71
C ALA K 151 -29.76 35.32 32.61
N ASN K 152 -29.76 35.95 31.43
CA ASN K 152 -30.56 35.52 30.29
C ASN K 152 -32.05 35.54 30.63
N ALA K 153 -32.53 36.73 30.99
CA ALA K 153 -33.95 36.99 31.26
C ALA K 153 -34.50 36.05 32.34
N ASP K 154 -33.75 35.93 33.42
CA ASP K 154 -34.17 35.14 34.58
C ASP K 154 -34.41 36.10 35.74
N SER K 155 -35.69 36.37 36.04
CA SER K 155 -36.02 37.33 37.09
C SER K 155 -35.69 36.78 38.48
N SER K 156 -35.78 35.46 38.66
CA SER K 156 -35.47 34.88 39.96
C SER K 156 -34.01 35.12 40.34
N ILE K 157 -33.10 34.93 39.37
CA ILE K 157 -31.68 35.17 39.64
C ILE K 157 -31.42 36.65 39.90
N GLY K 158 -32.04 37.52 39.12
CA GLY K 158 -31.85 38.94 39.32
C GLY K 158 -32.38 39.42 40.66
N GLU K 159 -33.54 38.89 41.09
CA GLU K 159 -34.11 39.32 42.35
C GLU K 159 -33.30 38.82 43.54
N ILE K 160 -32.82 37.58 43.47
CA ILE K 160 -32.06 37.03 44.58
C ILE K 160 -30.72 37.73 44.73
N ILE K 161 -30.13 38.15 43.61
CA ILE K 161 -28.86 38.88 43.68
C ILE K 161 -29.09 40.28 44.24
N ALA K 162 -30.19 40.94 43.85
CA ALA K 162 -30.50 42.24 44.41
C ALA K 162 -30.74 42.16 45.91
N GLN K 163 -31.44 41.11 46.36
CA GLN K 163 -31.62 40.91 47.79
C GLN K 163 -30.30 40.66 48.49
N ALA K 164 -29.40 39.88 47.87
CA ALA K 164 -28.11 39.59 48.48
C ALA K 164 -27.30 40.85 48.68
N MET K 165 -27.25 41.72 47.67
CA MET K 165 -26.49 42.95 47.80
C MET K 165 -27.13 43.91 48.81
N ASP K 166 -28.45 43.89 48.91
CA ASP K 166 -29.11 44.70 49.93
C ASP K 166 -28.74 44.25 51.33
N LYS K 167 -28.68 42.93 51.55
CA LYS K 167 -28.42 42.40 52.88
C LYS K 167 -26.97 42.61 53.31
N VAL K 168 -26.02 42.34 52.41
CA VAL K 168 -24.60 42.44 52.75
C VAL K 168 -24.00 43.78 52.42
N GLY K 169 -24.72 44.66 51.72
CA GLY K 169 -24.19 45.97 51.42
C GLY K 169 -23.12 45.93 50.34
N LYS K 170 -22.49 47.08 50.15
CA LYS K 170 -21.44 47.21 49.15
C LYS K 170 -20.17 46.48 49.57
N GLU K 171 -19.91 46.41 50.87
CA GLU K 171 -18.69 45.78 51.38
C GLU K 171 -18.82 44.27 51.55
N GLY K 172 -20.00 43.71 51.28
CA GLY K 172 -20.21 42.28 51.48
C GLY K 172 -19.65 41.44 50.35
N VAL K 173 -19.65 40.13 50.59
CA VAL K 173 -19.13 39.15 49.65
C VAL K 173 -20.24 38.15 49.35
N ILE K 174 -20.49 37.91 48.07
CA ILE K 174 -21.53 36.98 47.62
C ILE K 174 -20.87 35.87 46.83
N THR K 175 -21.20 34.63 47.17
CA THR K 175 -20.66 33.46 46.49
C THR K 175 -21.79 32.60 45.97
N VAL K 176 -21.47 31.73 45.02
CA VAL K 176 -22.44 30.85 44.38
C VAL K 176 -21.96 29.41 44.56
N GLU K 177 -22.84 28.55 45.05
CA GLU K 177 -22.54 27.13 45.19
C GLU K 177 -23.77 26.31 44.84
N ASP K 178 -23.56 25.00 44.72
CA ASP K 178 -24.65 24.09 44.39
C ASP K 178 -25.66 24.04 45.52
N GLY K 179 -26.93 23.91 45.15
CA GLY K 179 -28.00 23.73 46.11
C GLY K 179 -28.53 22.32 46.11
N LYS K 180 -29.24 21.97 47.18
CA LYS K 180 -29.84 20.65 47.30
C LYS K 180 -31.26 20.60 46.79
N SER K 181 -31.97 21.72 46.84
CA SER K 181 -33.36 21.78 46.38
C SER K 181 -33.39 22.12 44.89
N LEU K 182 -34.60 22.27 44.36
CA LEU K 182 -34.80 22.67 42.97
C LEU K 182 -34.95 24.18 42.81
N GLU K 183 -34.98 24.93 43.90
CA GLU K 183 -35.16 26.38 43.87
C GLU K 183 -33.93 27.09 44.41
N ASN K 184 -33.67 28.28 43.89
CA ASN K 184 -32.56 29.09 44.40
C ASN K 184 -32.87 29.58 45.81
N GLU K 185 -31.88 29.49 46.68
CA GLU K 185 -32.00 29.96 48.05
C GLU K 185 -30.82 30.84 48.40
N LEU K 186 -31.08 31.85 49.22
CA LEU K 186 -30.07 32.81 49.64
C LEU K 186 -29.83 32.65 51.13
N GLU K 187 -28.57 32.39 51.51
CA GLU K 187 -28.17 32.29 52.90
C GLU K 187 -27.21 33.43 53.21
N VAL K 188 -27.55 34.25 54.21
CA VAL K 188 -26.76 35.40 54.60
C VAL K 188 -26.16 35.12 55.96
N VAL K 189 -24.84 35.23 56.07
CA VAL K 189 -24.13 35.04 57.32
C VAL K 189 -23.67 36.40 57.82
N GLU K 190 -24.16 36.79 58.99
CA GLU K 190 -23.84 38.09 59.57
C GLU K 190 -22.72 37.94 60.59
N GLY K 191 -22.04 39.05 60.86
CA GLY K 191 -20.96 39.01 61.83
C GLY K 191 -19.75 38.25 61.30
N MET K 192 -19.00 37.65 62.23
CA MET K 192 -17.78 36.94 61.92
C MET K 192 -18.01 35.44 62.09
N GLN K 193 -17.82 34.69 61.02
CA GLN K 193 -17.88 33.23 61.04
C GLN K 193 -16.63 32.70 60.37
N PHE K 194 -15.91 31.81 61.06
CA PHE K 194 -14.63 31.32 60.57
C PHE K 194 -14.62 29.82 60.33
N ASP K 195 -15.79 29.22 60.13
CA ASP K 195 -15.95 27.84 59.62
C ASP K 195 -15.05 26.84 60.34
N ARG K 196 -15.01 26.93 61.66
CA ARG K 196 -14.27 25.97 62.48
C ARG K 196 -15.16 25.51 63.62
N GLY K 197 -15.22 24.19 63.85
CA GLY K 197 -16.10 23.64 64.85
C GLY K 197 -15.43 23.43 66.19
N TYR K 198 -16.22 22.90 67.14
CA TYR K 198 -15.71 22.63 68.46
C TYR K 198 -14.80 21.40 68.46
N LEU K 199 -14.00 21.27 69.51
CA LEU K 199 -13.09 20.15 69.65
C LEU K 199 -13.67 18.99 70.44
N SER K 200 -14.89 19.13 70.97
CA SER K 200 -15.45 18.07 71.79
C SER K 200 -16.97 18.22 71.84
N PRO K 201 -17.72 17.13 71.67
CA PRO K 201 -19.18 17.25 71.71
C PRO K 201 -19.74 17.68 73.05
N TYR K 202 -18.99 17.51 74.14
CA TYR K 202 -19.48 17.87 75.47
C TYR K 202 -19.61 19.38 75.64
N PHE K 203 -19.07 20.18 74.74
CA PHE K 203 -19.24 21.62 74.80
C PHE K 203 -20.65 22.06 74.46
N ILE K 204 -21.48 21.17 73.91
CA ILE K 204 -22.84 21.52 73.54
C ILE K 204 -23.67 21.77 74.79
N ASN K 205 -24.38 22.91 74.81
CA ASN K 205 -25.23 23.26 75.93
C ASN K 205 -26.70 23.04 75.66
N ASN K 206 -27.11 22.86 74.41
CA ASN K 206 -28.49 22.51 74.10
C ASN K 206 -28.53 21.43 73.02
N PRO K 207 -29.08 20.26 73.33
CA PRO K 207 -29.05 19.14 72.37
C PRO K 207 -30.06 19.25 71.25
N ASP K 208 -30.91 20.28 71.23
CA ASP K 208 -31.94 20.37 70.22
C ASP K 208 -31.34 20.57 68.82
N LYS K 209 -30.24 21.31 68.73
CA LYS K 209 -29.64 21.64 67.44
C LYS K 209 -28.21 21.11 67.40
N GLN K 210 -27.69 20.62 68.53
CA GLN K 210 -26.29 20.20 68.65
C GLN K 210 -25.36 21.38 68.41
N VAL K 211 -25.59 22.46 69.17
CA VAL K 211 -24.82 23.69 69.06
C VAL K 211 -24.41 24.12 70.47
N ALA K 212 -23.37 24.94 70.53
CA ALA K 212 -22.85 25.46 71.79
C ALA K 212 -23.03 26.97 71.80
N VAL K 213 -24.02 27.45 72.55
CA VAL K 213 -24.33 28.87 72.62
C VAL K 213 -23.75 29.44 73.90
N LEU K 214 -22.95 30.49 73.77
CA LEU K 214 -22.38 31.21 74.91
C LEU K 214 -22.90 32.64 74.88
N ASP K 215 -23.53 33.07 75.97
CA ASP K 215 -24.12 34.40 76.06
C ASP K 215 -23.16 35.32 76.80
N ASN K 216 -22.81 36.43 76.16
CA ASN K 216 -21.85 37.38 76.70
C ASN K 216 -20.55 36.70 77.15
N PRO K 217 -19.86 36.00 76.25
CA PRO K 217 -18.66 35.26 76.65
C PRO K 217 -17.38 36.06 76.46
N TYR K 218 -16.34 35.60 77.15
CA TYR K 218 -15.00 36.08 76.89
C TYR K 218 -14.35 35.26 75.79
N ILE K 219 -13.53 35.92 74.98
CA ILE K 219 -12.84 35.28 73.87
C ILE K 219 -11.35 35.36 74.13
N LEU K 220 -10.68 34.21 74.17
CA LEU K 220 -9.24 34.13 74.39
C LEU K 220 -8.57 33.81 73.06
N LEU K 221 -7.79 34.75 72.55
CA LEU K 221 -7.07 34.58 71.31
C LEU K 221 -5.65 34.12 71.61
N HIS K 222 -5.28 32.95 71.11
CA HIS K 222 -3.96 32.39 71.32
C HIS K 222 -3.41 31.89 70.00
N ASP K 223 -2.15 32.23 69.71
CA ASP K 223 -1.51 31.84 68.46
C ASP K 223 -0.61 30.63 68.60
N LYS K 224 -0.67 29.93 69.73
CA LYS K 224 0.15 28.75 69.96
C LYS K 224 -0.71 27.63 70.52
N LYS K 225 -0.22 26.40 70.36
CA LYS K 225 -0.94 25.24 70.85
C LYS K 225 -1.07 25.28 72.36
N ILE K 226 -2.21 24.78 72.86
CA ILE K 226 -2.46 24.68 74.29
C ILE K 226 -2.62 23.20 74.62
N SER K 227 -1.74 22.68 75.45
CA SER K 227 -1.78 21.26 75.82
C SER K 227 -1.79 21.03 77.31
N ASN K 228 -1.06 21.83 78.08
CA ASN K 228 -1.00 21.65 79.52
C ASN K 228 -2.05 22.53 80.21
N ILE K 229 -2.26 22.24 81.50
CA ILE K 229 -3.29 22.94 82.27
C ILE K 229 -2.72 24.10 83.08
N ARG K 230 -1.45 24.03 83.51
CA ARG K 230 -0.91 25.03 84.42
C ARG K 230 -0.89 26.43 83.81
N ASP K 231 -0.88 26.54 82.47
CA ASP K 231 -0.91 27.86 81.85
C ASP K 231 -2.34 28.36 81.62
N LEU K 232 -3.28 27.47 81.36
CA LEU K 232 -4.67 27.86 81.16
C LEU K 232 -5.39 28.14 82.48
N LEU K 233 -4.89 27.60 83.59
CA LEU K 233 -5.55 27.80 84.88
C LEU K 233 -5.63 29.27 85.30
N PRO K 234 -4.56 30.08 85.20
CA PRO K 234 -4.70 31.48 85.65
C PRO K 234 -5.80 32.26 84.95
N VAL K 235 -5.97 32.05 83.64
CA VAL K 235 -7.03 32.76 82.93
C VAL K 235 -8.38 32.09 83.17
N LEU K 236 -8.39 30.77 83.31
CA LEU K 236 -9.65 30.06 83.61
C LEU K 236 -10.21 30.49 84.95
N GLU K 237 -9.34 30.70 85.94
CA GLU K 237 -9.81 31.20 87.23
C GLU K 237 -10.41 32.59 87.11
N GLN K 238 -9.80 33.46 86.31
CA GLN K 238 -10.33 34.80 86.12
C GLN K 238 -11.68 34.76 85.41
N VAL K 239 -11.84 33.86 84.44
CA VAL K 239 -13.15 33.69 83.81
C VAL K 239 -14.15 33.12 84.81
N ALA K 240 -13.69 32.26 85.72
CA ALA K 240 -14.59 31.49 86.57
C ALA K 240 -15.43 32.39 87.47
N LYS K 241 -14.78 33.31 88.20
CA LYS K 241 -15.56 34.07 89.20
C LYS K 241 -16.41 35.15 88.55
N ALA K 242 -16.14 35.50 87.29
CA ALA K 242 -16.97 36.47 86.60
C ALA K 242 -18.32 35.89 86.18
N GLY K 243 -18.40 34.59 85.97
CA GLY K 243 -19.64 33.93 85.59
C GLY K 243 -19.90 33.86 84.11
N ARG K 244 -19.17 34.63 83.30
CA ARG K 244 -19.39 34.60 81.86
C ARG K 244 -18.69 33.39 81.25
N PRO K 245 -19.22 32.87 80.14
CA PRO K 245 -18.55 31.77 79.45
C PRO K 245 -17.25 32.23 78.81
N LEU K 246 -16.43 31.26 78.43
CA LEU K 246 -15.15 31.54 77.81
C LEU K 246 -15.05 30.75 76.51
N LEU K 247 -14.70 31.45 75.43
CA LEU K 247 -14.43 30.82 74.14
C LEU K 247 -12.93 30.91 73.88
N ILE K 248 -12.29 29.76 73.71
CA ILE K 248 -10.85 29.68 73.54
C ILE K 248 -10.57 29.44 72.06
N ILE K 249 -10.02 30.43 71.39
CA ILE K 249 -9.63 30.32 69.98
C ILE K 249 -8.11 30.18 69.95
N ALA K 250 -7.63 28.95 69.75
CA ALA K 250 -6.20 28.67 69.69
C ALA K 250 -5.97 27.66 68.59
N GLU K 251 -4.69 27.36 68.34
CA GLU K 251 -4.35 26.40 67.30
C GLU K 251 -4.89 25.02 67.62
N ASP K 252 -4.81 24.60 68.88
CA ASP K 252 -5.33 23.31 69.30
C ASP K 252 -5.38 23.26 70.81
N VAL K 253 -6.38 22.57 71.35
CA VAL K 253 -6.55 22.35 72.78
C VAL K 253 -6.73 20.86 73.00
N GLU K 254 -5.68 20.18 73.45
CA GLU K 254 -5.72 18.75 73.67
C GLU K 254 -5.17 18.43 75.06
N GLY K 255 -5.21 17.14 75.39
CA GLY K 255 -4.57 16.66 76.60
C GLY K 255 -5.24 17.20 77.85
N GLU K 256 -4.41 17.68 78.78
CA GLU K 256 -4.91 18.12 80.08
C GLU K 256 -5.85 19.32 79.91
N ALA K 257 -5.49 20.26 79.05
CA ALA K 257 -6.31 21.46 78.88
C ALA K 257 -7.69 21.10 78.34
N LEU K 258 -7.75 20.23 77.34
CA LEU K 258 -9.04 19.83 76.79
C LEU K 258 -9.87 19.06 77.82
N ALA K 259 -9.23 18.17 78.56
CA ALA K 259 -9.96 17.38 79.56
C ALA K 259 -10.52 18.28 80.65
N THR K 260 -9.73 19.27 81.10
CA THR K 260 -10.20 20.16 82.16
C THR K 260 -11.42 20.95 81.72
N LEU K 261 -11.42 21.45 80.48
CA LEU K 261 -12.58 22.18 79.97
C LEU K 261 -13.79 21.26 79.86
N VAL K 262 -13.58 20.03 79.37
CA VAL K 262 -14.68 19.08 79.24
C VAL K 262 -15.20 18.69 80.61
N VAL K 263 -14.31 18.47 81.57
CA VAL K 263 -14.71 18.06 82.91
C VAL K 263 -15.58 19.14 83.55
N ASN K 264 -15.17 20.41 83.43
CA ASN K 264 -15.93 21.49 84.03
C ASN K 264 -17.25 21.72 83.31
N ASN K 265 -17.35 21.31 82.05
CA ASN K 265 -18.60 21.46 81.31
C ASN K 265 -19.67 20.53 81.87
N LEU K 266 -19.34 19.25 82.05
CA LEU K 266 -20.31 18.30 82.57
C LEU K 266 -20.71 18.64 84.00
N ARG K 267 -19.73 18.98 84.84
CA ARG K 267 -20.02 19.32 86.23
C ARG K 267 -20.70 20.68 86.37
N GLY K 268 -20.71 21.50 85.32
CA GLY K 268 -21.36 22.79 85.38
C GLY K 268 -20.60 23.85 86.15
N ILE K 269 -19.36 23.57 86.55
CA ILE K 269 -18.57 24.55 87.30
C ILE K 269 -18.30 25.78 86.44
N LEU K 270 -17.90 25.56 85.19
CA LEU K 270 -17.54 26.67 84.30
C LEU K 270 -17.88 26.27 82.87
N LYS K 271 -18.80 27.01 82.25
CA LYS K 271 -19.18 26.74 80.88
C LYS K 271 -18.19 27.38 79.91
N THR K 272 -17.74 26.61 78.94
CA THR K 272 -16.72 27.08 78.01
C THR K 272 -16.82 26.28 76.72
N CYS K 273 -16.18 26.81 75.68
CA CYS K 273 -16.02 26.11 74.42
C CYS K 273 -14.66 26.44 73.83
N ALA K 274 -14.09 25.48 73.12
CA ALA K 274 -12.77 25.64 72.51
C ALA K 274 -12.87 25.33 71.03
N VAL K 275 -12.32 26.22 70.20
CA VAL K 275 -12.33 26.07 68.75
C VAL K 275 -10.92 26.25 68.23
N LYS K 276 -10.64 25.60 67.10
CA LYS K 276 -9.34 25.75 66.46
C LYS K 276 -9.23 27.14 65.83
N ALA K 277 -8.01 27.66 65.82
CA ALA K 277 -7.79 28.97 65.21
C ALA K 277 -7.97 28.88 63.70
N PRO K 278 -8.79 29.73 63.11
CA PRO K 278 -9.04 29.61 61.67
C PRO K 278 -7.83 30.02 60.84
N GLY K 279 -7.74 29.44 59.64
CA GLY K 279 -6.71 29.79 58.70
C GLY K 279 -5.41 29.07 58.96
N PHE K 280 -4.57 29.04 57.92
CA PHE K 280 -3.25 28.43 57.97
C PHE K 280 -2.19 29.48 57.69
N GLY K 281 -1.02 29.32 58.31
CA GLY K 281 0.08 30.23 58.07
C GLY K 281 -0.20 31.63 58.58
N ASP K 282 0.35 32.61 57.86
CA ASP K 282 0.18 34.02 58.25
C ASP K 282 -1.26 34.47 58.14
N ARG K 283 -2.07 33.83 57.30
CA ARG K 283 -3.48 34.18 57.22
C ARG K 283 -4.18 33.89 58.55
N ARG K 284 -3.77 32.84 59.24
CA ARG K 284 -4.33 32.55 60.56
C ARG K 284 -4.05 33.70 61.53
N LYS K 285 -2.84 34.24 61.50
CA LYS K 285 -2.51 35.39 62.34
C LYS K 285 -3.36 36.59 61.97
N ALA K 286 -3.58 36.81 60.68
CA ALA K 286 -4.30 38.00 60.22
C ALA K 286 -5.72 38.03 60.76
N MET K 287 -6.48 36.95 60.56
CA MET K 287 -7.85 36.92 61.04
C MET K 287 -7.94 36.85 62.55
N LEU K 288 -6.94 36.23 63.20
CA LEU K 288 -6.92 36.22 64.67
C LEU K 288 -6.80 37.63 65.21
N GLN K 289 -5.97 38.46 64.59
CA GLN K 289 -5.91 39.87 64.96
C GLN K 289 -7.22 40.57 64.68
N ASP K 290 -7.86 40.24 63.55
CA ASP K 290 -9.15 40.83 63.22
C ASP K 290 -10.20 40.47 64.26
N ILE K 291 -10.21 39.22 64.72
CA ILE K 291 -11.14 38.82 65.77
C ILE K 291 -10.86 39.59 67.05
N ALA K 292 -9.58 39.76 67.39
CA ALA K 292 -9.22 40.51 68.60
C ALA K 292 -9.68 41.96 68.49
N ILE K 293 -9.48 42.58 67.33
CA ILE K 293 -9.94 43.95 67.13
C ILE K 293 -11.46 44.00 67.18
N LEU K 294 -12.13 43.05 66.52
CA LEU K 294 -13.59 43.03 66.52
C LEU K 294 -14.15 42.80 67.92
N THR K 295 -13.55 41.88 68.67
CA THR K 295 -14.04 41.53 70.00
C THR K 295 -13.50 42.44 71.09
N GLY K 296 -12.69 43.43 70.74
CA GLY K 296 -12.14 44.33 71.74
C GLY K 296 -11.15 43.67 72.68
N GLY K 297 -10.35 42.74 72.18
CA GLY K 297 -9.34 42.09 72.99
C GLY K 297 -7.99 42.08 72.32
N THR K 298 -7.03 41.38 72.92
CA THR K 298 -5.69 41.28 72.38
C THR K 298 -5.30 39.82 72.26
N VAL K 299 -4.66 39.46 71.16
CA VAL K 299 -4.20 38.08 70.97
C VAL K 299 -3.01 37.84 71.88
N ILE K 300 -3.12 36.83 72.75
CA ILE K 300 -2.04 36.51 73.68
C ILE K 300 -0.97 35.74 72.91
N SER K 301 0.26 36.23 72.97
CA SER K 301 1.36 35.62 72.23
C SER K 301 2.67 36.10 72.80
N GLU K 302 3.62 35.17 72.95
CA GLU K 302 4.96 35.55 73.38
C GLU K 302 5.70 36.37 72.34
N GLU K 303 5.25 36.34 71.08
CA GLU K 303 5.87 37.15 70.04
C GLU K 303 5.57 38.64 70.22
N VAL K 304 4.56 38.98 71.01
CA VAL K 304 4.23 40.38 71.31
C VAL K 304 4.55 40.76 72.74
N GLY K 305 4.94 39.81 73.58
CA GLY K 305 5.25 40.07 74.98
C GLY K 305 4.19 39.61 75.95
N LEU K 306 3.01 39.24 75.47
CA LEU K 306 1.96 38.76 76.35
C LEU K 306 2.13 37.26 76.64
N SER K 307 1.71 36.85 77.83
CA SER K 307 1.81 35.48 78.25
C SER K 307 0.45 34.97 78.71
N LEU K 308 0.20 33.69 78.47
CA LEU K 308 -1.08 33.10 78.87
C LEU K 308 -1.24 33.10 80.39
N GLU K 309 -0.16 32.87 81.13
CA GLU K 309 -0.24 32.90 82.58
C GLU K 309 -0.54 34.30 83.10
N LYS K 310 -0.02 35.32 82.44
CA LYS K 310 -0.24 36.70 82.83
C LYS K 310 -1.44 37.33 82.14
N ALA K 311 -2.18 36.57 81.34
CA ALA K 311 -3.34 37.11 80.65
C ALA K 311 -4.43 37.48 81.65
N THR K 312 -5.06 38.62 81.41
CA THR K 312 -6.11 39.13 82.29
C THR K 312 -7.42 39.25 81.52
N LEU K 313 -8.48 39.62 82.24
CA LEU K 313 -9.78 39.77 81.62
C LEU K 313 -9.80 40.91 80.60
N GLU K 314 -9.06 41.99 80.87
CA GLU K 314 -9.01 43.10 79.94
C GLU K 314 -8.39 42.70 78.61
N ASP K 315 -7.41 41.80 78.64
CA ASP K 315 -6.81 41.31 77.39
C ASP K 315 -7.75 40.41 76.61
N LEU K 316 -8.73 39.80 77.26
CA LEU K 316 -9.68 38.93 76.59
C LEU K 316 -10.69 39.74 75.79
N GLY K 317 -11.06 39.23 74.63
CA GLY K 317 -12.12 39.83 73.86
C GLY K 317 -13.49 39.51 74.41
N GLN K 318 -14.48 40.29 73.99
CA GLN K 318 -15.85 40.12 74.46
C GLN K 318 -16.81 40.17 73.27
N ALA K 319 -17.97 39.54 73.47
CA ALA K 319 -19.03 39.56 72.47
C ALA K 319 -20.36 39.41 73.20
N LYS K 320 -21.44 39.83 72.52
CA LYS K 320 -22.77 39.65 73.10
C LYS K 320 -23.21 38.20 73.04
N ARG K 321 -22.90 37.50 71.96
CA ARG K 321 -23.28 36.10 71.84
C ARG K 321 -22.43 35.43 70.79
N VAL K 322 -22.08 34.17 71.04
CA VAL K 322 -21.39 33.33 70.07
C VAL K 322 -21.99 31.93 70.15
N GLU K 323 -22.14 31.29 69.00
CA GLU K 323 -22.66 29.94 68.92
C GLU K 323 -21.67 29.09 68.15
N VAL K 324 -21.34 27.92 68.70
CA VAL K 324 -20.36 27.02 68.12
C VAL K 324 -21.10 25.78 67.64
N ALA K 325 -21.10 25.56 66.33
CA ALA K 325 -21.75 24.40 65.74
C ALA K 325 -20.70 23.30 65.53
N LYS K 326 -21.09 22.24 64.82
CA LYS K 326 -20.18 21.13 64.60
C LYS K 326 -18.97 21.55 63.76
N GLU K 327 -19.16 22.46 62.81
CA GLU K 327 -18.08 22.82 61.89
C GLU K 327 -17.89 24.32 61.73
N HIS K 328 -18.58 25.15 62.53
CA HIS K 328 -18.42 26.59 62.41
C HIS K 328 -18.92 27.26 63.69
N THR K 329 -18.37 28.45 63.95
CA THR K 329 -18.89 29.33 64.99
C THR K 329 -19.08 30.73 64.41
N THR K 330 -20.06 31.44 64.93
CA THR K 330 -20.38 32.79 64.51
C THR K 330 -20.37 33.71 65.71
N ILE K 331 -19.53 34.75 65.66
CA ILE K 331 -19.54 35.80 66.67
C ILE K 331 -20.59 36.82 66.24
N ILE K 332 -21.69 36.86 66.98
CA ILE K 332 -22.83 37.68 66.56
C ILE K 332 -22.45 39.16 66.52
N ASP K 333 -21.76 39.64 67.54
CA ASP K 333 -21.38 41.04 67.61
C ASP K 333 -20.17 41.19 68.51
N GLY K 334 -19.07 41.69 67.96
CA GLY K 334 -17.91 41.96 68.75
C GLY K 334 -18.08 43.20 69.61
N ALA K 335 -17.28 43.26 70.68
CA ALA K 335 -17.31 44.36 71.62
C ALA K 335 -16.24 45.41 71.33
N GLY K 336 -15.55 45.29 70.20
CA GLY K 336 -14.50 46.25 69.88
C GLY K 336 -15.04 47.62 69.53
N ASP K 337 -14.18 48.61 69.65
CA ASP K 337 -14.55 49.97 69.31
C ASP K 337 -14.73 50.09 67.80
N PRO K 338 -15.87 50.58 67.32
CA PRO K 338 -16.08 50.66 65.87
C PRO K 338 -15.05 51.52 65.14
N ALA K 339 -14.49 52.52 65.82
CA ALA K 339 -13.44 53.32 65.19
C ALA K 339 -12.22 52.46 64.86
N LYS K 340 -11.82 51.58 65.78
CA LYS K 340 -10.71 50.67 65.50
C LYS K 340 -11.08 49.68 64.41
N ILE K 341 -12.33 49.22 64.39
CA ILE K 341 -12.78 48.29 63.35
C ILE K 341 -12.71 48.97 61.99
N GLN K 342 -13.18 50.21 61.90
CA GLN K 342 -13.12 50.94 60.64
C GLN K 342 -11.68 51.15 60.20
N ALA K 343 -10.79 51.48 61.14
CA ALA K 343 -9.37 51.63 60.80
C ALA K 343 -8.78 50.32 60.30
N ARG K 344 -9.16 49.21 60.93
CA ARG K 344 -8.68 47.91 60.47
C ARG K 344 -9.18 47.60 59.07
N VAL K 345 -10.45 47.91 58.80
CA VAL K 345 -11.00 47.70 57.46
C VAL K 345 -10.27 48.55 56.44
N LYS K 346 -9.94 49.79 56.82
CA LYS K 346 -9.18 50.67 55.93
C LYS K 346 -7.83 50.07 55.58
N GLU K 347 -7.16 49.47 56.58
CA GLU K 347 -5.86 48.86 56.33
C GLU K 347 -5.97 47.70 55.36
N ILE K 348 -7.00 46.86 55.52
CA ILE K 348 -7.14 45.70 54.66
C ILE K 348 -7.47 46.11 53.23
N ARG K 349 -8.35 47.10 53.07
CA ARG K 349 -8.69 47.55 51.72
C ARG K 349 -7.49 48.22 51.04
N VAL K 350 -6.59 48.81 51.81
CA VAL K 350 -5.33 49.28 51.26
C VAL K 350 -4.51 48.09 50.77
N GLN K 351 -4.47 47.02 51.56
CA GLN K 351 -3.79 45.80 51.13
C GLN K 351 -4.48 45.17 49.93
N ILE K 352 -5.80 45.37 49.81
CA ILE K 352 -6.54 44.85 48.66
C ILE K 352 -6.02 45.48 47.37
N GLU K 353 -5.74 46.80 47.41
CA GLU K 353 -5.21 47.48 46.23
C GLU K 353 -3.83 46.96 45.84
N GLU K 354 -3.13 46.29 46.76
CA GLU K 354 -1.80 45.80 46.49
C GLU K 354 -1.75 44.29 46.27
N ALA K 355 -2.87 43.59 46.43
CA ALA K 355 -2.88 42.14 46.28
C ALA K 355 -2.49 41.73 44.87
N THR K 356 -1.69 40.65 44.77
CA THR K 356 -1.14 40.22 43.51
C THR K 356 -1.67 38.87 43.02
N SER K 357 -2.23 38.05 43.90
CA SER K 357 -2.81 36.76 43.53
C SER K 357 -4.33 36.84 43.55
N ASP K 358 -4.96 35.98 42.76
CA ASP K 358 -6.42 35.99 42.67
C ASP K 358 -7.06 35.61 44.00
N TYR K 359 -6.48 34.62 44.69
CA TYR K 359 -6.98 34.25 46.02
C TYR K 359 -6.52 35.22 47.09
N ASP K 360 -5.67 36.20 46.73
CA ASP K 360 -5.17 37.14 47.74
C ASP K 360 -6.26 38.14 48.12
N ARG K 361 -6.75 38.93 47.15
CA ARG K 361 -7.81 39.86 47.53
C ARG K 361 -9.12 39.14 47.80
N GLU K 362 -9.32 37.94 47.23
CA GLU K 362 -10.55 37.20 47.49
C GLU K 362 -10.67 36.85 48.97
N LYS K 363 -9.57 36.41 49.58
CA LYS K 363 -9.58 36.20 51.03
C LYS K 363 -9.53 37.51 51.78
N LEU K 364 -8.84 38.52 51.23
CA LEU K 364 -8.83 39.83 51.86
C LEU K 364 -10.23 40.44 51.89
N GLN K 365 -10.98 40.31 50.79
CA GLN K 365 -12.36 40.77 50.78
C GLN K 365 -13.22 39.98 51.75
N GLU K 366 -12.95 38.69 51.90
CA GLU K 366 -13.67 37.88 52.88
C GLU K 366 -13.42 38.39 54.29
N ARG K 367 -12.18 38.77 54.60
CA ARG K 367 -11.88 39.34 55.91
C ARG K 367 -12.62 40.65 56.11
N VAL K 368 -12.68 41.50 55.09
CA VAL K 368 -13.42 42.75 55.18
C VAL K 368 -14.91 42.47 55.39
N ALA K 369 -15.45 41.49 54.66
CA ALA K 369 -16.85 41.13 54.83
C ALA K 369 -17.12 40.62 56.25
N LYS K 370 -16.20 39.82 56.79
CA LYS K 370 -16.37 39.33 58.15
C LYS K 370 -16.33 40.47 59.16
N LEU K 371 -15.55 41.52 58.87
CA LEU K 371 -15.39 42.61 59.82
C LEU K 371 -16.53 43.62 59.74
N ALA K 372 -16.72 44.23 58.58
CA ALA K 372 -17.66 45.34 58.41
C ALA K 372 -18.63 45.06 57.28
N GLY K 373 -19.22 43.86 57.28
CA GLY K 373 -20.20 43.51 56.28
C GLY K 373 -20.87 42.18 56.55
N GLY K 374 -21.06 41.39 55.49
CA GLY K 374 -21.64 40.08 55.62
C GLY K 374 -21.22 39.21 54.45
N VAL K 375 -21.51 37.93 54.57
CA VAL K 375 -21.22 36.96 53.53
C VAL K 375 -22.55 36.34 53.10
N ALA K 376 -22.91 36.52 51.84
CA ALA K 376 -24.12 35.96 51.27
C ALA K 376 -23.76 34.76 50.40
N VAL K 377 -24.56 33.71 50.50
CA VAL K 377 -24.35 32.50 49.74
C VAL K 377 -25.62 32.23 48.94
N ILE K 378 -25.49 32.16 47.62
CA ILE K 378 -26.59 31.82 46.73
C ILE K 378 -26.44 30.36 46.34
N LYS K 379 -27.36 29.53 46.82
CA LYS K 379 -27.37 28.11 46.48
C LYS K 379 -28.27 27.93 45.27
N VAL K 380 -27.66 27.61 44.13
CA VAL K 380 -28.40 27.43 42.89
C VAL K 380 -29.12 26.09 42.92
N GLY K 381 -30.42 26.10 42.61
CA GLY K 381 -31.21 24.89 42.59
C GLY K 381 -31.46 24.42 41.17
N ALA K 382 -31.15 23.16 40.93
CA ALA K 382 -31.38 22.54 39.63
C ALA K 382 -31.59 21.05 39.81
N ALA K 383 -32.25 20.44 38.82
CA ALA K 383 -32.55 19.02 38.91
C ALA K 383 -31.33 18.16 38.66
N THR K 384 -30.49 18.52 37.68
CA THR K 384 -29.35 17.72 37.29
C THR K 384 -28.09 18.56 37.36
N GLU K 385 -26.94 17.87 37.29
CA GLU K 385 -25.66 18.55 37.37
C GLU K 385 -25.40 19.42 36.13
N VAL K 386 -25.82 18.96 34.96
CA VAL K 386 -25.60 19.72 33.73
C VAL K 386 -26.40 21.03 33.77
N GLU K 387 -27.64 20.97 34.27
CA GLU K 387 -28.42 22.19 34.45
C GLU K 387 -27.86 23.04 35.59
N MET K 388 -27.31 22.40 36.62
CA MET K 388 -26.71 23.15 37.72
C MET K 388 -25.53 23.99 37.25
N LYS K 389 -24.66 23.40 36.43
CA LYS K 389 -23.51 24.14 35.94
C LYS K 389 -23.92 25.29 35.04
N GLU K 390 -24.91 25.08 34.18
CA GLU K 390 -25.38 26.15 33.31
C GLU K 390 -26.01 27.28 34.12
N LYS K 391 -26.82 26.94 35.14
CA LYS K 391 -27.42 27.96 35.97
C LYS K 391 -26.39 28.70 36.80
N LYS K 392 -25.39 27.98 37.32
CA LYS K 392 -24.35 28.63 38.13
C LYS K 392 -23.57 29.63 37.30
N ALA K 393 -23.28 29.31 36.05
CA ALA K 393 -22.58 30.25 35.18
C ALA K 393 -23.43 31.50 34.94
N ARG K 394 -24.74 31.33 34.78
CA ARG K 394 -25.62 32.48 34.61
C ARG K 394 -25.69 33.32 35.88
N VAL K 395 -25.73 32.67 37.04
CA VAL K 395 -25.75 33.41 38.30
C VAL K 395 -24.42 34.13 38.51
N GLU K 396 -23.30 33.46 38.22
CA GLU K 396 -22.00 34.11 38.33
C GLU K 396 -21.87 35.27 37.36
N ASP K 397 -22.37 35.11 36.13
CA ASP K 397 -22.36 36.22 35.19
C ASP K 397 -23.20 37.38 35.67
N ALA K 398 -24.36 37.09 36.26
CA ALA K 398 -25.22 38.16 36.78
C ALA K 398 -24.58 38.83 37.98
N LEU K 399 -23.86 38.08 38.80
CA LEU K 399 -23.15 38.68 39.93
C LEU K 399 -22.05 39.62 39.45
N HIS K 400 -21.31 39.21 38.42
CA HIS K 400 -20.25 40.06 37.89
C HIS K 400 -20.82 41.34 37.29
N ALA K 401 -21.94 41.22 36.56
CA ALA K 401 -22.52 42.39 35.93
C ALA K 401 -23.07 43.37 36.96
N THR K 402 -23.71 42.87 38.01
CA THR K 402 -24.26 43.75 39.03
C THR K 402 -23.13 44.45 39.80
N ARG K 403 -22.02 43.75 40.02
CA ARG K 403 -20.86 44.39 40.62
C ARG K 403 -20.30 45.47 39.71
N ALA K 404 -20.27 45.21 38.40
CA ALA K 404 -19.80 46.22 37.46
C ALA K 404 -20.79 47.37 37.36
N ALA K 405 -22.08 47.10 37.60
CA ALA K 405 -23.08 48.16 37.52
C ALA K 405 -22.90 49.19 38.62
N VAL K 406 -22.68 48.74 39.86
CA VAL K 406 -22.49 49.69 40.95
C VAL K 406 -21.13 50.38 40.83
N GLU K 407 -20.16 49.72 40.21
CA GLU K 407 -18.82 50.28 40.12
C GLU K 407 -18.76 51.46 39.16
N GLU K 408 -19.37 51.33 37.98
CA GLU K 408 -19.21 52.33 36.95
C GLU K 408 -20.52 52.87 36.38
N GLY K 409 -21.65 52.23 36.63
CA GLY K 409 -22.93 52.72 36.16
C GLY K 409 -23.56 51.78 35.16
N ILE K 410 -24.67 52.24 34.59
CA ILE K 410 -25.46 51.45 33.64
C ILE K 410 -25.69 52.24 32.37
N VAL K 411 -25.84 51.52 31.28
CA VAL K 411 -26.14 52.09 29.97
C VAL K 411 -27.27 51.27 29.34
N PRO K 412 -27.98 51.86 28.37
CA PRO K 412 -29.00 51.08 27.66
C PRO K 412 -28.39 49.86 26.99
N GLY K 413 -29.11 48.74 27.06
CA GLY K 413 -28.62 47.48 26.57
C GLY K 413 -28.96 47.23 25.12
N GLY K 414 -28.67 46.01 24.68
CA GLY K 414 -28.95 45.63 23.30
C GLY K 414 -28.12 46.35 22.27
N GLY K 415 -26.87 46.66 22.58
CA GLY K 415 -26.01 47.36 21.65
C GLY K 415 -26.35 48.82 21.43
N VAL K 416 -27.35 49.35 22.15
CA VAL K 416 -27.75 50.74 21.96
C VAL K 416 -26.66 51.67 22.48
N ALA K 417 -26.01 51.30 23.59
CA ALA K 417 -25.01 52.18 24.20
C ALA K 417 -23.86 52.47 23.24
N LEU K 418 -23.39 51.46 22.53
CA LEU K 418 -22.31 51.66 21.57
C LEU K 418 -22.78 52.55 20.42
N LEU K 419 -24.02 52.37 19.98
CA LEU K 419 -24.54 53.21 18.89
C LEU K 419 -24.70 54.66 19.35
N ARG K 420 -25.25 54.87 20.54
CA ARG K 420 -25.39 56.24 21.05
C ARG K 420 -24.03 56.89 21.27
N ALA K 421 -23.08 56.13 21.81
CA ALA K 421 -21.74 56.66 22.01
C ALA K 421 -21.07 57.00 20.70
N ARG K 422 -21.29 56.18 19.67
CA ARG K 422 -20.71 56.44 18.36
C ARG K 422 -21.25 57.74 17.77
N GLU K 423 -22.56 57.95 17.85
CA GLU K 423 -23.14 59.16 17.30
C GLU K 423 -22.67 60.40 18.03
N ALA K 424 -22.54 60.32 19.36
CA ALA K 424 -22.03 61.44 20.12
C ALA K 424 -20.57 61.73 19.77
N ALA K 425 -19.76 60.68 19.59
CA ALA K 425 -18.36 60.88 19.24
C ALA K 425 -18.21 61.50 17.85
N VAL K 426 -19.02 61.04 16.89
CA VAL K 426 -18.97 61.61 15.55
C VAL K 426 -19.40 63.07 15.57
N ALA K 427 -20.47 63.38 16.32
CA ALA K 427 -20.95 64.75 16.42
C ALA K 427 -19.95 65.65 17.13
N LYS K 428 -19.01 65.09 17.88
CA LYS K 428 -18.01 65.88 18.58
C LYS K 428 -16.78 66.17 17.73
N GLY K 429 -16.72 65.65 16.50
CA GLY K 429 -15.60 65.93 15.63
C GLY K 429 -14.48 64.91 15.73
N LEU K 430 -14.82 63.63 15.56
CA LEU K 430 -13.81 62.57 15.59
C LEU K 430 -13.17 62.45 14.20
N LYS K 431 -11.86 62.71 14.14
CA LYS K 431 -11.16 62.69 12.87
C LYS K 431 -9.73 62.21 13.09
N GLY K 432 -9.13 61.70 12.02
CA GLY K 432 -7.77 61.21 12.04
C GLY K 432 -6.80 62.17 11.39
N ASP K 433 -5.52 61.82 11.50
CA ASP K 433 -4.44 62.65 10.95
C ASP K 433 -4.19 62.41 9.47
N ASN K 434 -4.72 61.34 8.90
CA ASN K 434 -4.52 61.02 7.50
C ASN K 434 -5.66 60.13 7.03
N PRO K 435 -5.87 60.00 5.72
CA PRO K 435 -6.99 59.17 5.24
C PRO K 435 -6.94 57.73 5.72
N ASP K 436 -5.75 57.17 5.94
CA ASP K 436 -5.68 55.82 6.50
C ASP K 436 -6.19 55.79 7.93
N GLN K 437 -5.89 56.82 8.72
CA GLN K 437 -6.43 56.89 10.07
C GLN K 437 -7.93 57.14 10.05
N GLU K 438 -8.42 57.89 9.06
CA GLU K 438 -9.86 58.08 8.92
C GLU K 438 -10.57 56.77 8.63
N ALA K 439 -9.95 55.91 7.82
CA ALA K 439 -10.52 54.59 7.56
C ALA K 439 -10.53 53.75 8.83
N GLY K 440 -9.48 53.85 9.65
CA GLY K 440 -9.46 53.15 10.92
C GLY K 440 -10.60 53.59 11.82
N ILE K 441 -10.94 54.87 11.79
CA ILE K 441 -12.11 55.36 12.53
C ILE K 441 -13.38 54.75 11.97
N LYS K 442 -13.49 54.71 10.64
CA LYS K 442 -14.69 54.16 10.01
C LYS K 442 -14.83 52.66 10.30
N ILE K 443 -13.71 51.98 10.59
CA ILE K 443 -13.78 50.58 10.98
C ILE K 443 -14.53 50.44 12.30
N VAL K 444 -14.18 51.27 13.28
CA VAL K 444 -14.82 51.19 14.60
C VAL K 444 -16.27 51.64 14.52
N LEU K 445 -16.56 52.66 13.71
CA LEU K 445 -17.93 53.13 13.59
C LEU K 445 -18.86 52.05 13.05
N ARG K 446 -18.39 51.28 12.08
CA ARG K 446 -19.19 50.16 11.59
C ARG K 446 -19.18 49.00 12.57
N ALA K 447 -18.06 48.78 13.26
CA ALA K 447 -17.93 47.62 14.12
C ALA K 447 -18.86 47.67 15.32
N VAL K 448 -19.08 48.86 15.90
CA VAL K 448 -19.92 48.97 17.08
C VAL K 448 -21.38 48.64 16.81
N GLU K 449 -21.79 48.59 15.54
CA GLU K 449 -23.13 48.14 15.21
C GLU K 449 -23.27 46.63 15.29
N GLN K 450 -22.16 45.90 15.29
CA GLN K 450 -22.23 44.44 15.23
C GLN K 450 -22.93 43.80 16.43
N PRO K 451 -22.70 44.21 17.68
CA PRO K 451 -23.44 43.57 18.79
C PRO K 451 -24.95 43.63 18.62
N LEU K 452 -25.48 44.76 18.16
CA LEU K 452 -26.91 44.84 17.92
C LEU K 452 -27.31 43.97 16.72
N ARG K 453 -26.49 43.95 15.69
CA ARG K 453 -26.81 43.15 14.51
C ARG K 453 -26.87 41.66 14.84
N GLU K 454 -25.93 41.18 15.64
CA GLU K 454 -25.90 39.75 15.97
C GLU K 454 -26.99 39.39 16.96
N ILE K 455 -27.35 40.32 17.85
CA ILE K 455 -28.49 40.10 18.73
C ILE K 455 -29.77 39.97 17.91
N VAL K 456 -29.95 40.87 16.94
CA VAL K 456 -31.14 40.83 16.09
C VAL K 456 -31.10 39.60 15.18
N ALA K 457 -29.93 39.27 14.66
CA ALA K 457 -29.82 38.09 13.78
C ALA K 457 -30.17 36.82 14.53
N ASN K 458 -29.73 36.69 15.78
CA ASN K 458 -30.12 35.55 16.59
C ASN K 458 -31.62 35.55 16.87
N ALA K 459 -32.21 36.73 17.00
CA ALA K 459 -33.65 36.84 17.20
C ALA K 459 -34.45 36.54 15.93
N GLY K 460 -33.78 36.41 14.78
CA GLY K 460 -34.44 36.07 13.54
C GLY K 460 -34.92 37.24 12.71
N GLU K 461 -34.73 38.47 13.17
CA GLU K 461 -35.16 39.64 12.42
C GLU K 461 -34.05 40.09 11.46
N GLU K 462 -34.28 41.21 10.79
CA GLU K 462 -33.32 41.73 9.82
C GLU K 462 -32.40 42.72 10.52
N PRO K 463 -31.11 42.43 10.66
CA PRO K 463 -30.23 43.33 11.43
C PRO K 463 -30.14 44.74 10.89
N SER K 464 -30.11 44.89 9.55
CA SER K 464 -29.87 46.21 8.98
C SER K 464 -31.09 47.11 9.14
N VAL K 465 -32.29 46.56 9.05
CA VAL K 465 -33.49 47.36 9.24
C VAL K 465 -33.61 47.80 10.70
N ILE K 466 -33.35 46.89 11.63
CA ILE K 466 -33.45 47.23 13.05
C ILE K 466 -32.40 48.26 13.43
N VAL K 467 -31.18 48.10 12.93
CA VAL K 467 -30.11 49.04 13.26
C VAL K 467 -30.46 50.44 12.74
N ALA K 468 -31.00 50.52 11.53
CA ALA K 468 -31.38 51.82 10.98
C ALA K 468 -32.46 52.48 11.82
N LYS K 469 -33.45 51.71 12.27
CA LYS K 469 -34.50 52.28 13.11
C LYS K 469 -33.96 52.74 14.45
N VAL K 470 -33.04 51.97 15.04
CA VAL K 470 -32.46 52.36 16.32
C VAL K 470 -31.64 53.64 16.16
N LEU K 471 -30.88 53.75 15.07
CA LEU K 471 -30.10 54.96 14.83
C LEU K 471 -31.00 56.17 14.60
N GLU K 472 -32.20 55.95 14.06
CA GLU K 472 -33.14 57.06 13.91
C GLU K 472 -33.60 57.59 15.26
N GLY K 473 -33.70 56.72 16.25
CA GLY K 473 -34.10 57.16 17.58
C GLY K 473 -32.98 57.86 18.32
N LYS K 474 -33.34 58.38 19.50
CA LYS K 474 -32.39 59.12 20.32
C LYS K 474 -32.52 58.66 21.76
N GLY K 475 -31.44 58.84 22.52
CA GLY K 475 -31.47 58.50 23.94
C GLY K 475 -31.46 57.01 24.17
N ASN K 476 -32.34 56.56 25.06
CA ASN K 476 -32.43 55.15 25.43
C ASN K 476 -33.30 54.34 24.49
N TYR K 477 -33.75 54.93 23.39
CA TYR K 477 -34.55 54.21 22.41
C TYR K 477 -33.77 53.03 21.86
N GLY K 478 -34.41 51.87 21.83
CA GLY K 478 -33.73 50.68 21.36
C GLY K 478 -34.72 49.61 20.96
N TYR K 479 -34.17 48.44 20.67
CA TYR K 479 -34.96 47.30 20.21
C TYR K 479 -34.87 46.17 21.23
N ASN K 480 -36.03 45.72 21.72
CA ASN K 480 -36.08 44.60 22.64
C ASN K 480 -36.16 43.31 21.83
N ALA K 481 -35.07 42.55 21.81
CA ALA K 481 -35.05 41.32 21.04
C ALA K 481 -35.91 40.24 21.67
N ALA K 482 -36.13 40.30 22.98
CA ALA K 482 -36.98 39.32 23.64
C ALA K 482 -38.43 39.43 23.17
N THR K 483 -38.93 40.65 23.05
CA THR K 483 -40.32 40.88 22.65
C THR K 483 -40.46 41.36 21.21
N GLY K 484 -39.37 41.68 20.54
CA GLY K 484 -39.45 42.18 19.17
C GLY K 484 -40.14 43.52 19.05
N GLU K 485 -39.95 44.41 20.04
CA GLU K 485 -40.60 45.71 20.06
C GLU K 485 -39.56 46.79 20.31
N PHE K 486 -39.80 47.96 19.73
CA PHE K 486 -38.97 49.13 19.97
C PHE K 486 -39.51 49.90 21.17
N GLY K 487 -38.62 50.58 21.89
CA GLY K 487 -39.04 51.37 23.02
C GLY K 487 -37.84 51.82 23.82
N ASP K 488 -38.13 52.41 24.98
CA ASP K 488 -37.09 52.87 25.89
C ASP K 488 -36.42 51.67 26.53
N MET K 489 -35.10 51.57 26.35
CA MET K 489 -34.37 50.42 26.87
C MET K 489 -34.38 50.40 28.40
N ILE K 490 -34.23 51.57 29.02
CA ILE K 490 -34.19 51.63 30.49
C ILE K 490 -35.55 51.28 31.06
N GLU K 491 -36.63 51.82 30.47
CA GLU K 491 -37.97 51.51 30.95
C GLU K 491 -38.30 50.04 30.75
N MET K 492 -37.85 49.47 29.65
CA MET K 492 -38.12 48.06 29.35
C MET K 492 -37.22 47.11 30.12
N GLY K 493 -36.25 47.62 30.88
CA GLY K 493 -35.43 46.79 31.72
C GLY K 493 -34.17 46.25 31.07
N VAL K 494 -33.91 46.56 29.80
CA VAL K 494 -32.72 46.08 29.14
C VAL K 494 -31.55 46.98 29.52
N LEU K 495 -30.83 46.61 30.56
CA LEU K 495 -29.75 47.41 31.12
C LEU K 495 -28.43 46.69 30.95
N ASP K 496 -27.38 47.46 30.71
CA ASP K 496 -26.03 46.92 30.61
C ASP K 496 -25.09 47.72 31.50
N PRO K 497 -24.13 47.07 32.14
CA PRO K 497 -23.09 47.81 32.86
C PRO K 497 -22.17 48.52 31.89
N THR K 498 -21.93 49.80 32.15
CA THR K 498 -21.06 50.56 31.25
C THR K 498 -19.62 50.07 31.31
N LYS K 499 -19.22 49.45 32.44
CA LYS K 499 -17.89 48.86 32.52
C LYS K 499 -17.75 47.67 31.58
N VAL K 500 -18.80 46.86 31.48
CA VAL K 500 -18.77 45.69 30.59
C VAL K 500 -18.70 46.16 29.15
N THR K 501 -19.50 47.15 28.78
CA THR K 501 -19.48 47.67 27.41
C THR K 501 -18.15 48.32 27.08
N ARG K 502 -17.61 49.11 28.00
CA ARG K 502 -16.32 49.75 27.75
C ARG K 502 -15.20 48.73 27.66
N SER K 503 -15.19 47.74 28.54
CA SER K 503 -14.13 46.73 28.53
C SER K 503 -14.20 45.89 27.26
N ALA K 504 -15.40 45.54 26.81
CA ALA K 504 -15.54 44.72 25.61
C ALA K 504 -14.98 45.45 24.39
N LEU K 505 -15.29 46.74 24.27
CA LEU K 505 -14.82 47.51 23.12
C LEU K 505 -13.31 47.71 23.17
N GLN K 506 -12.77 48.03 24.34
CA GLN K 506 -11.34 48.29 24.45
C GLN K 506 -10.52 47.03 24.21
N ASN K 507 -10.95 45.90 24.75
CA ASN K 507 -10.23 44.66 24.53
C ASN K 507 -10.32 44.21 23.08
N ALA K 508 -11.50 44.35 22.46
CA ALA K 508 -11.65 43.96 21.06
C ALA K 508 -10.78 44.81 20.15
N ALA K 509 -10.73 46.11 20.41
CA ALA K 509 -9.96 47.01 19.54
C ALA K 509 -8.47 46.72 19.64
N SER K 510 -7.98 46.44 20.85
CA SER K 510 -6.54 46.25 21.03
C SER K 510 -6.05 45.01 20.28
N VAL K 511 -6.83 43.93 20.29
CA VAL K 511 -6.40 42.71 19.63
C VAL K 511 -6.68 42.77 18.14
N ALA K 512 -7.89 43.17 17.75
CA ALA K 512 -8.23 43.21 16.34
C ALA K 512 -7.43 44.26 15.59
N GLY K 513 -7.06 45.35 16.26
CA GLY K 513 -6.18 46.33 15.62
C GLY K 513 -4.82 45.75 15.30
N LEU K 514 -4.29 44.91 16.19
CA LEU K 514 -3.01 44.26 15.93
C LEU K 514 -3.14 43.25 14.80
N MET K 515 -4.30 42.62 14.67
CA MET K 515 -4.49 41.61 13.63
C MET K 515 -4.49 42.22 12.24
N LEU K 516 -4.86 43.49 12.12
CA LEU K 516 -4.85 44.14 10.83
C LEU K 516 -3.44 44.39 10.34
N THR K 517 -2.48 44.51 11.27
CA THR K 517 -1.11 44.87 10.95
C THR K 517 -0.22 43.68 10.67
N THR K 518 -0.80 42.50 10.47
CA THR K 518 -0.01 41.29 10.27
C THR K 518 0.23 41.07 8.78
N GLU K 519 1.50 40.93 8.41
CA GLU K 519 1.88 40.61 7.05
C GLU K 519 2.53 39.24 6.91
N CYS K 520 3.11 38.70 7.98
CA CYS K 520 3.77 37.41 7.94
C CYS K 520 3.35 36.61 9.17
N MET K 521 3.16 35.31 8.98
CA MET K 521 2.79 34.41 10.07
C MET K 521 3.72 33.20 10.04
N ILE K 522 4.21 32.82 11.22
CA ILE K 522 5.15 31.72 11.36
C ILE K 522 4.54 30.68 12.31
N ALA K 523 4.48 29.44 11.85
CA ALA K 523 3.97 28.34 12.65
C ALA K 523 4.83 27.11 12.41
N GLU K 524 4.76 26.17 13.35
CA GLU K 524 5.44 24.90 13.15
C GLU K 524 4.84 24.17 11.95
N ALA K 525 5.72 23.65 11.11
CA ALA K 525 5.26 22.95 9.92
C ALA K 525 4.57 21.64 10.31
N PRO K 526 3.55 21.23 9.56
CA PRO K 526 2.90 19.95 9.83
C PRO K 526 3.84 18.78 9.60
N LYS K 527 3.61 17.70 10.33
CA LYS K 527 4.45 16.51 10.26
C LYS K 527 4.14 15.72 8.99
N ASP K 528 4.35 16.38 7.85
CA ASP K 528 4.13 15.80 6.53
C ASP K 528 2.71 15.24 6.37
N LYS L 1 1.98 -1.29 111.13
CA LYS L 1 2.23 -2.48 110.32
C LYS L 1 3.65 -2.47 109.76
N LEU L 2 4.08 -1.33 109.26
CA LEU L 2 5.40 -1.18 108.66
C LEU L 2 6.31 -0.40 109.60
N ARG L 3 7.47 -0.97 109.89
CA ARG L 3 8.46 -0.32 110.76
C ARG L 3 9.73 -0.04 109.98
N PRO L 4 10.03 1.22 109.67
CA PRO L 4 11.24 1.53 108.92
C PRO L 4 12.50 1.33 109.76
N LEU L 5 13.63 1.28 109.07
CA LEU L 5 14.92 1.00 109.70
C LEU L 5 15.86 2.19 109.52
N HIS L 6 16.55 2.55 110.60
CA HIS L 6 17.59 3.58 110.61
C HIS L 6 16.96 4.92 110.22
N ASP L 7 17.38 5.56 109.14
CA ASP L 7 16.90 6.89 108.77
C ASP L 7 15.66 6.85 107.89
N ARG L 8 15.14 5.67 107.59
CA ARG L 8 14.00 5.56 106.68
C ARG L 8 12.75 6.16 107.28
N VAL L 9 11.98 6.84 106.44
CA VAL L 9 10.68 7.40 106.82
C VAL L 9 9.65 6.95 105.80
N VAL L 10 8.52 6.45 106.29
CA VAL L 10 7.42 6.02 105.45
C VAL L 10 6.41 7.14 105.36
N VAL L 11 6.05 7.52 104.14
CA VAL L 11 5.13 8.63 103.90
C VAL L 11 4.02 8.16 102.96
N LYS L 12 2.81 8.62 103.21
CA LYS L 12 1.71 8.45 102.27
C LYS L 12 1.56 9.76 101.51
N ARG L 13 1.96 9.75 100.24
CA ARG L 13 1.91 10.96 99.42
C ARG L 13 0.46 11.41 99.25
N ILE L 14 0.16 12.64 99.66
CA ILE L 14 -1.20 13.13 99.56
C ILE L 14 -1.59 13.27 98.09
N GLU L 15 -2.87 13.05 97.81
CA GLU L 15 -3.36 13.10 96.44
C GLU L 15 -3.33 14.53 95.90
N ALA L 16 -3.34 14.63 94.58
CA ALA L 16 -3.36 15.94 93.94
C ALA L 16 -4.68 16.65 94.23
N GLU L 17 -4.62 17.98 94.26
CA GLU L 17 -5.81 18.77 94.52
C GLU L 17 -6.82 18.63 93.40
N ARG L 18 -8.10 18.63 93.77
CA ARG L 18 -9.19 18.44 92.82
C ARG L 18 -9.91 19.73 92.48
N LYS L 19 -10.24 20.56 93.47
CA LYS L 19 -10.77 21.89 93.24
C LYS L 19 -9.65 22.93 93.29
N THR L 20 -10.02 24.18 92.99
CA THR L 20 -9.11 25.31 93.14
C THR L 20 -9.76 26.37 94.01
N ALA L 21 -9.15 27.56 94.08
CA ALA L 21 -9.75 28.65 94.82
C ALA L 21 -11.09 29.06 94.23
N SER L 22 -11.17 29.11 92.89
CA SER L 22 -12.40 29.46 92.20
C SER L 22 -13.35 28.27 92.03
N GLY L 23 -12.89 27.06 92.32
CA GLY L 23 -13.74 25.89 92.25
C GLY L 23 -13.58 25.05 90.99
N ILE L 24 -12.63 25.38 90.12
CA ILE L 24 -12.44 24.59 88.91
C ILE L 24 -11.99 23.19 89.27
N VAL L 25 -12.59 22.20 88.60
CA VAL L 25 -12.28 20.79 88.87
C VAL L 25 -11.24 20.32 87.87
N ILE L 26 -10.14 19.76 88.39
CA ILE L 26 -9.06 19.24 87.56
C ILE L 26 -9.22 17.72 87.48
N PRO L 27 -9.17 17.12 86.29
CA PRO L 27 -9.19 15.66 86.20
C PRO L 27 -7.94 15.06 86.82
N ASP L 28 -8.08 13.83 87.30
CA ASP L 28 -6.96 13.17 87.97
C ASP L 28 -5.78 12.98 87.04
N THR L 29 -6.03 12.80 85.74
CA THR L 29 -4.93 12.70 84.79
C THR L 29 -4.15 14.01 84.71
N ALA L 30 -4.86 15.13 84.69
CA ALA L 30 -4.19 16.43 84.58
C ALA L 30 -3.52 16.85 85.89
N GLY L 31 -4.07 16.44 87.03
CA GLY L 31 -3.55 16.84 88.31
C GLY L 31 -2.13 16.35 88.57
N GLU L 32 -1.20 17.28 88.69
CA GLU L 32 0.19 16.92 88.95
C GLU L 32 0.33 16.36 90.37
N LYS L 33 1.14 15.32 90.50
CA LYS L 33 1.31 14.65 91.78
C LYS L 33 2.12 15.54 92.72
N PRO L 34 1.57 15.95 93.87
CA PRO L 34 2.34 16.79 94.79
C PRO L 34 3.49 16.02 95.42
N ASP L 35 4.51 16.78 95.82
CA ASP L 35 5.68 16.23 96.49
C ASP L 35 5.56 16.25 98.01
N GLN L 36 4.33 16.21 98.53
CA GLN L 36 4.08 16.27 99.95
C GLN L 36 3.35 15.01 100.42
N GLY L 37 3.44 14.76 101.71
CA GLY L 37 2.76 13.62 102.31
C GLY L 37 2.91 13.63 103.80
N GLU L 38 2.00 12.92 104.47
CA GLU L 38 2.04 12.80 105.92
C GLU L 38 2.84 11.55 106.30
N VAL L 39 3.43 11.60 107.50
CA VAL L 39 4.27 10.52 107.99
C VAL L 39 3.45 9.64 108.93
N LEU L 40 3.54 8.33 108.75
CA LEU L 40 2.89 7.38 109.64
C LEU L 40 3.88 6.50 110.40
N ALA L 41 5.14 6.44 109.98
CA ALA L 41 6.15 5.66 110.67
C ALA L 41 7.52 6.27 110.40
N VAL L 42 8.34 6.33 111.44
CA VAL L 42 9.68 6.90 111.36
C VAL L 42 10.66 5.92 111.98
N GLY L 43 11.91 5.97 111.53
CA GLY L 43 12.93 5.08 112.04
C GLY L 43 13.54 5.58 113.33
N ASP L 44 14.39 4.73 113.93
CA ASP L 44 15.07 5.10 115.15
C ASP L 44 16.08 6.21 114.92
N GLY L 45 16.81 6.14 113.82
CA GLY L 45 17.79 7.15 113.47
C GLY L 45 19.01 6.53 112.83
N LYS L 46 19.70 7.32 112.01
CA LYS L 46 20.91 6.85 111.36
C LYS L 46 22.05 6.75 112.36
N ILE L 47 22.76 5.62 112.34
CA ILE L 47 23.96 5.47 113.16
C ILE L 47 25.04 6.36 112.57
N LEU L 48 25.71 7.13 113.42
CA LEU L 48 26.86 7.90 113.00
C LEU L 48 28.15 7.14 113.33
N ASP L 49 29.29 7.78 113.04
CA ASP L 49 30.57 7.08 113.04
C ASP L 49 30.94 6.56 114.43
N ASP L 50 30.55 7.26 115.49
CA ASP L 50 30.91 6.88 116.84
C ASP L 50 29.84 6.04 117.54
N GLY L 51 28.84 5.57 116.81
CA GLY L 51 27.76 4.83 117.42
C GLY L 51 26.60 5.71 117.82
N SER L 52 25.60 5.08 118.44
CA SER L 52 24.36 5.73 118.86
C SER L 52 23.56 6.23 117.68
N LYS L 53 22.40 6.83 117.94
CA LYS L 53 21.45 7.21 116.90
C LYS L 53 21.38 8.73 116.79
N ARG L 54 21.26 9.21 115.55
CA ARG L 54 21.03 10.63 115.32
C ARG L 54 19.59 10.97 115.64
N PRO L 55 19.33 12.05 116.38
CA PRO L 55 17.95 12.46 116.64
C PRO L 55 17.20 12.76 115.35
N MET L 56 15.92 12.39 115.33
CA MET L 56 15.12 12.49 114.12
C MET L 56 14.47 13.87 114.04
N ALA L 57 14.47 14.44 112.83
CA ALA L 57 13.88 15.77 112.63
C ALA L 57 12.41 15.71 112.25
N VAL L 58 11.85 14.53 112.02
CA VAL L 58 10.45 14.36 111.67
C VAL L 58 9.81 13.42 112.68
N LYS L 59 8.68 13.81 113.24
CA LYS L 59 7.93 12.96 114.15
C LYS L 59 6.64 12.53 113.48
N VAL L 60 6.12 11.37 113.93
CA VAL L 60 4.98 10.76 113.26
C VAL L 60 3.75 11.65 113.42
N GLY L 61 3.19 12.09 112.29
CA GLY L 61 1.98 12.88 112.27
C GLY L 61 2.04 14.12 111.41
N ASP L 62 3.22 14.71 111.22
CA ASP L 62 3.30 15.98 110.51
C ASP L 62 3.25 15.77 109.00
N LYS L 63 3.16 16.88 108.28
CA LYS L 63 3.18 16.89 106.83
C LYS L 63 4.57 17.31 106.36
N VAL L 64 5.18 16.50 105.52
CA VAL L 64 6.55 16.73 105.07
C VAL L 64 6.57 16.88 103.56
N LEU L 65 7.59 17.58 103.07
CA LEU L 65 7.83 17.77 101.65
C LEU L 65 9.14 17.10 101.28
N PHE L 66 9.15 16.41 100.13
CA PHE L 66 10.30 15.63 99.70
C PHE L 66 10.50 15.78 98.20
N GLY L 67 11.71 15.46 97.75
CA GLY L 67 11.99 15.52 96.32
C GLY L 67 11.28 14.41 95.56
N LYS L 68 11.04 14.67 94.27
CA LYS L 68 10.32 13.72 93.45
C LYS L 68 11.22 12.56 93.06
N TYR L 69 12.53 12.81 92.87
CA TYR L 69 13.46 11.76 92.54
C TYR L 69 13.51 10.67 93.60
N ALA L 70 13.09 10.99 94.82
CA ALA L 70 13.24 10.11 95.97
C ALA L 70 12.03 9.20 96.12
N GLY L 71 12.15 8.24 97.03
CA GLY L 71 11.03 7.43 97.44
C GLY L 71 10.98 6.09 96.73
N GLN L 72 10.40 5.11 97.42
CA GLN L 72 10.14 3.79 96.86
C GLN L 72 8.72 3.39 97.26
N THR L 73 7.92 2.98 96.29
CA THR L 73 6.55 2.59 96.55
C THR L 73 6.50 1.17 97.08
N VAL L 74 5.70 0.96 98.12
CA VAL L 74 5.58 -0.34 98.78
C VAL L 74 4.18 -0.90 98.50
N LYS L 75 4.09 -2.22 98.44
CA LYS L 75 2.88 -2.91 98.00
C LYS L 75 1.99 -3.37 99.17
N VAL L 76 2.18 -2.86 100.39
CA VAL L 76 1.42 -3.37 101.52
C VAL L 76 -0.03 -2.94 101.40
N GLU L 77 -0.94 -3.90 101.52
CA GLU L 77 -2.40 -3.74 101.55
C GLU L 77 -2.92 -2.70 100.56
N GLY L 78 -2.27 -2.57 99.41
CA GLY L 78 -2.76 -1.75 98.32
C GLY L 78 -2.54 -0.26 98.45
N GLU L 79 -2.04 0.22 99.59
CA GLU L 79 -1.78 1.65 99.73
C GLU L 79 -0.49 2.04 99.03
N GLU L 80 -0.44 3.30 98.62
CA GLU L 80 0.72 3.86 97.92
C GLU L 80 1.66 4.56 98.91
N LEU L 81 2.04 3.78 99.93
CA LEU L 81 3.00 4.25 100.92
C LEU L 81 4.39 4.35 100.29
N LEU L 82 5.08 5.43 100.61
CA LEU L 82 6.41 5.71 100.07
C LEU L 82 7.42 5.72 101.22
N VAL L 83 8.52 4.99 101.03
CA VAL L 83 9.60 4.91 102.01
C VAL L 83 10.84 5.56 101.41
N LEU L 84 11.43 6.49 102.15
CA LEU L 84 12.59 7.23 101.68
C LEU L 84 13.41 7.70 102.87
N ARG L 85 14.65 8.07 102.60
CA ARG L 85 15.59 8.43 103.66
C ARG L 85 15.22 9.80 104.26
N GLU L 86 15.68 10.03 105.49
CA GLU L 86 15.35 11.26 106.19
C GLU L 86 15.93 12.50 105.51
N ASP L 87 17.19 12.44 105.05
CA ASP L 87 17.78 13.57 104.37
C ASP L 87 17.07 13.89 103.06
N ASP L 88 16.25 12.96 102.56
CA ASP L 88 15.54 13.17 101.31
C ASP L 88 14.28 13.98 101.51
N ILE L 89 13.86 14.20 102.77
CA ILE L 89 12.74 15.08 103.05
C ILE L 89 13.20 16.51 102.87
N MET L 90 12.52 17.26 102.01
CA MET L 90 12.92 18.63 101.72
C MET L 90 12.62 19.59 102.86
N ALA L 91 11.42 19.50 103.45
CA ALA L 91 11.02 20.41 104.52
C ALA L 91 9.81 19.83 105.24
N VAL L 92 9.39 20.52 106.29
CA VAL L 92 8.24 20.15 107.09
C VAL L 92 7.25 21.31 107.07
N ILE L 93 5.99 21.01 106.78
CA ILE L 93 4.93 22.01 106.68
C ILE L 93 4.20 22.08 108.01
N GLU L 94 3.92 23.29 108.46
CA GLU L 94 3.54 23.60 109.85
C GLU L 94 4.21 22.65 110.85
N ALA M 1 -6.64 19.11 22.26
CA ALA M 1 -6.11 19.08 20.90
C ALA M 1 -7.04 19.83 19.96
N ALA M 2 -6.94 19.52 18.67
CA ALA M 2 -7.79 20.16 17.68
C ALA M 2 -9.25 19.81 17.91
N LYS M 3 -10.13 20.77 17.67
CA LYS M 3 -11.55 20.62 17.93
C LYS M 3 -12.33 20.70 16.63
N GLU M 4 -13.37 19.89 16.53
CA GLU M 4 -14.31 19.94 15.42
C GLU M 4 -15.58 20.63 15.91
N VAL M 5 -16.09 21.56 15.11
CA VAL M 5 -17.23 22.38 15.49
C VAL M 5 -18.36 22.11 14.51
N LYS M 6 -19.53 21.77 15.03
CA LYS M 6 -20.72 21.52 14.23
C LYS M 6 -21.79 22.57 14.57
N PHE M 7 -22.56 22.97 13.56
CA PHE M 7 -23.52 24.05 13.71
C PHE M 7 -24.90 23.62 13.24
N HIS M 8 -25.92 24.23 13.83
CA HIS M 8 -27.31 24.18 13.36
C HIS M 8 -27.76 22.72 13.29
N ASP M 9 -28.41 22.28 12.22
CA ASP M 9 -28.98 20.94 12.18
C ASP M 9 -27.91 19.86 12.13
N SER M 10 -26.75 20.16 11.58
CA SER M 10 -25.67 19.17 11.54
C SER M 10 -25.23 18.78 12.95
N ALA M 11 -25.34 19.70 13.90
CA ALA M 11 -25.03 19.41 15.30
C ALA M 11 -26.19 18.77 16.02
N ARG M 12 -27.41 19.25 15.78
CA ARG M 12 -28.58 18.67 16.44
C ARG M 12 -28.83 17.24 15.96
N GLU M 13 -28.61 16.98 14.67
CA GLU M 13 -28.80 15.63 14.16
C GLU M 13 -27.83 14.64 14.80
N ARG M 14 -26.58 15.05 14.98
CA ARG M 14 -25.63 14.20 15.69
C ARG M 14 -26.02 14.02 17.15
N LEU M 15 -26.49 15.10 17.78
CA LEU M 15 -26.90 15.03 19.18
C LEU M 15 -28.08 14.09 19.36
N VAL M 16 -29.08 14.20 18.49
CA VAL M 16 -30.28 13.37 18.61
C VAL M 16 -29.95 11.91 18.34
N ALA M 17 -29.05 11.65 17.39
CA ALA M 17 -28.66 10.27 17.10
C ALA M 17 -28.05 9.60 18.31
N GLY M 18 -27.19 10.33 19.05
CA GLY M 18 -26.65 9.78 20.27
C GLY M 18 -27.70 9.60 21.35
N VAL M 19 -28.65 10.52 21.43
CA VAL M 19 -29.75 10.40 22.39
C VAL M 19 -30.58 9.16 22.06
N ASN M 20 -30.89 8.97 20.77
CA ASN M 20 -31.75 7.87 20.37
C ASN M 20 -31.07 6.52 20.58
N LEU M 21 -29.76 6.45 20.33
CA LEU M 21 -29.05 5.18 20.47
C LEU M 21 -29.07 4.70 21.92
N LEU M 22 -28.79 5.61 22.86
CA LEU M 22 -28.80 5.22 24.26
C LEU M 22 -30.22 4.90 24.73
N ALA M 23 -31.19 5.71 24.33
CA ALA M 23 -32.56 5.50 24.81
C ALA M 23 -33.19 4.26 24.20
N ASN M 24 -32.83 3.91 22.97
CA ASN M 24 -33.35 2.70 22.36
C ASN M 24 -32.88 1.45 23.10
N ALA M 25 -31.61 1.44 23.52
CA ALA M 25 -31.10 0.32 24.32
C ALA M 25 -31.81 0.25 25.66
N VAL M 26 -32.02 1.39 26.31
CA VAL M 26 -32.74 1.43 27.58
C VAL M 26 -34.21 1.12 27.39
N LYS M 27 -34.77 1.41 26.21
CA LYS M 27 -36.18 1.17 25.94
C LYS M 27 -36.54 -0.30 26.13
N THR M 28 -35.65 -1.20 25.73
CA THR M 28 -35.97 -2.62 25.69
C THR M 28 -36.29 -3.20 27.06
N THR M 29 -35.85 -2.55 28.13
CA THR M 29 -36.03 -3.05 29.48
C THR M 29 -37.26 -2.49 30.18
N LEU M 30 -38.05 -1.67 29.51
CA LEU M 30 -39.14 -0.97 30.17
C LEU M 30 -40.39 -1.84 30.27
N GLY M 31 -40.99 -1.85 31.45
CA GLY M 31 -42.26 -2.50 31.64
C GLY M 31 -42.16 -3.94 32.06
N PRO M 32 -43.30 -4.54 32.41
CA PRO M 32 -43.29 -5.96 32.80
C PRO M 32 -42.83 -6.88 31.69
N LYS M 33 -43.09 -6.53 30.43
CA LYS M 33 -42.68 -7.34 29.30
C LYS M 33 -41.37 -6.85 28.69
N GLY M 34 -40.69 -5.93 29.35
CA GLY M 34 -39.36 -5.55 28.91
C GLY M 34 -38.37 -6.69 29.06
N ARG M 35 -37.32 -6.65 28.25
CA ARG M 35 -36.36 -7.73 28.19
C ARG M 35 -35.00 -7.27 28.69
N ASN M 36 -34.13 -8.23 28.94
CA ASN M 36 -32.84 -7.98 29.55
C ASN M 36 -31.84 -7.47 28.53
N VAL M 37 -30.80 -6.80 29.04
CA VAL M 37 -29.68 -6.33 28.24
C VAL M 37 -28.42 -6.94 28.80
N VAL M 38 -27.62 -7.55 27.93
CA VAL M 38 -26.35 -8.15 28.31
C VAL M 38 -25.23 -7.18 27.99
N ILE M 39 -24.42 -6.86 28.99
CA ILE M 39 -23.31 -5.93 28.86
C ILE M 39 -22.01 -6.69 29.11
N GLU M 40 -21.08 -6.58 28.18
CA GLU M 40 -19.81 -7.27 28.33
C GLU M 40 -18.96 -6.59 29.39
N ARG M 41 -18.27 -7.39 30.18
CA ARG M 41 -17.34 -6.91 31.19
C ARG M 41 -15.92 -7.30 30.81
N SER M 42 -14.96 -6.45 31.18
CA SER M 42 -13.56 -6.71 30.83
C SER M 42 -13.06 -8.00 31.45
N PHE M 43 -13.44 -8.26 32.71
CA PHE M 43 -12.98 -9.42 33.45
C PHE M 43 -13.89 -10.63 33.26
N GLY M 44 -14.62 -10.71 32.15
CA GLY M 44 -15.49 -11.83 31.90
C GLY M 44 -16.78 -11.76 32.70
N ALA M 45 -17.59 -12.81 32.54
CA ALA M 45 -18.89 -12.92 33.18
C ALA M 45 -19.75 -11.71 32.88
N PRO M 46 -20.32 -11.62 31.67
CA PRO M 46 -21.15 -10.45 31.33
C PRO M 46 -22.34 -10.32 32.26
N ILE M 47 -22.70 -9.08 32.56
CA ILE M 47 -23.83 -8.81 33.44
C ILE M 47 -25.10 -8.76 32.61
N VAL M 48 -26.17 -9.30 33.17
CA VAL M 48 -27.50 -9.25 32.59
C VAL M 48 -28.33 -8.33 33.48
N THR M 49 -28.90 -7.28 32.89
CA THR M 49 -29.59 -6.27 33.67
C THR M 49 -30.85 -5.81 32.96
N LYS M 50 -31.86 -5.48 33.77
CA LYS M 50 -33.06 -4.82 33.30
C LYS M 50 -33.12 -3.37 33.78
N ASP M 51 -32.06 -2.88 34.39
CA ASP M 51 -32.04 -1.52 34.93
C ASP M 51 -31.60 -0.54 33.85
N GLY M 52 -32.32 0.58 33.75
CA GLY M 52 -31.98 1.58 32.75
C GLY M 52 -30.66 2.26 33.04
N VAL M 53 -30.38 2.54 34.31
CA VAL M 53 -29.15 3.25 34.66
C VAL M 53 -27.93 2.38 34.39
N THR M 54 -28.03 1.07 34.65
CA THR M 54 -26.92 0.17 34.37
C THR M 54 -26.61 0.11 32.89
N VAL M 55 -27.66 0.05 32.06
CA VAL M 55 -27.46 0.04 30.62
C VAL M 55 -26.92 1.38 30.14
N ALA M 56 -27.45 2.48 30.67
CA ALA M 56 -27.04 3.80 30.20
C ALA M 56 -25.58 4.08 30.52
N LYS M 57 -25.12 3.69 31.70
CA LYS M 57 -23.76 4.00 32.11
C LYS M 57 -22.71 3.25 31.29
N GLU M 58 -23.10 2.17 30.62
CA GLU M 58 -22.15 1.38 29.84
C GLU M 58 -22.10 1.75 28.37
N ILE M 59 -22.83 2.79 27.96
CA ILE M 59 -22.92 3.13 26.54
C ILE M 59 -21.97 4.29 26.24
N GLU M 60 -21.04 4.05 25.32
CA GLU M 60 -20.15 5.07 24.79
C GLU M 60 -20.07 4.87 23.29
N LEU M 61 -20.04 5.97 22.55
CA LEU M 61 -20.12 5.94 21.09
C LEU M 61 -18.82 6.39 20.47
N LYS M 62 -18.46 5.76 19.34
CA LYS M 62 -17.25 6.14 18.63
C LYS M 62 -17.35 7.56 18.11
N ASP M 63 -18.49 7.95 17.57
CA ASP M 63 -18.70 9.31 17.12
C ASP M 63 -18.79 10.23 18.33
N LYS M 64 -17.85 11.17 18.44
CA LYS M 64 -17.77 12.02 19.62
C LYS M 64 -18.98 12.94 19.72
N PHE M 65 -19.49 13.41 18.59
CA PHE M 65 -20.69 14.24 18.62
C PHE M 65 -21.91 13.44 19.03
N GLU M 66 -22.04 12.21 18.54
CA GLU M 66 -23.10 11.33 19.03
C GLU M 66 -22.90 10.98 20.49
N ASN M 67 -21.64 10.79 20.90
CA ASN M 67 -21.37 10.46 22.31
C ASN M 67 -21.81 11.58 23.24
N MET M 68 -21.74 12.82 22.79
CA MET M 68 -22.17 13.94 23.64
C MET M 68 -23.65 13.85 23.94
N GLY M 69 -24.46 13.49 22.95
CA GLY M 69 -25.88 13.30 23.20
C GLY M 69 -26.15 12.15 24.13
N ALA M 70 -25.40 11.06 24.00
CA ALA M 70 -25.58 9.91 24.88
C ALA M 70 -25.16 10.24 26.31
N GLN M 71 -24.10 11.03 26.46
CA GLN M 71 -23.61 11.36 27.80
C GLN M 71 -24.61 12.22 28.57
N MET M 72 -25.33 13.10 27.87
CA MET M 72 -26.31 13.95 28.55
C MET M 72 -27.55 13.16 28.96
N VAL M 73 -27.99 12.23 28.13
CA VAL M 73 -29.10 11.37 28.53
C VAL M 73 -28.67 10.45 29.66
N LYS M 74 -27.40 10.03 29.66
CA LYS M 74 -26.88 9.24 30.76
C LYS M 74 -26.98 10.01 32.08
N GLU M 75 -26.94 11.34 32.02
CA GLU M 75 -27.10 12.15 33.23
C GLU M 75 -28.50 12.03 33.78
N VAL M 76 -29.50 11.87 32.91
CA VAL M 76 -30.88 11.71 33.37
C VAL M 76 -31.03 10.43 34.20
N ALA M 77 -30.53 9.32 33.67
CA ALA M 77 -30.62 8.06 34.38
C ALA M 77 -29.80 8.08 35.66
N SER M 78 -28.61 8.67 35.62
CA SER M 78 -27.75 8.71 36.80
C SER M 78 -28.38 9.53 37.92
N LYS M 79 -28.99 10.67 37.58
CA LYS M 79 -29.62 11.50 38.60
C LYS M 79 -30.86 10.83 39.16
N THR M 80 -31.65 10.18 38.32
CA THR M 80 -32.84 9.50 38.80
C THR M 80 -32.48 8.34 39.72
N ALA M 81 -31.41 7.61 39.39
CA ALA M 81 -30.95 6.54 40.27
C ALA M 81 -30.45 7.08 41.59
N ASP M 82 -29.80 8.25 41.57
CA ASP M 82 -29.28 8.83 42.80
C ASP M 82 -30.39 9.26 43.74
N VAL M 83 -31.43 9.90 43.21
CA VAL M 83 -32.46 10.49 44.07
C VAL M 83 -33.62 9.55 44.35
N ALA M 84 -33.85 8.53 43.52
CA ALA M 84 -35.00 7.67 43.73
C ALA M 84 -34.61 6.20 43.74
N GLY M 85 -33.55 5.84 43.00
CA GLY M 85 -33.16 4.46 42.88
C GLY M 85 -34.02 3.64 41.94
N ASP M 86 -34.99 4.28 41.28
CA ASP M 86 -35.89 3.60 40.37
C ASP M 86 -36.41 4.63 39.39
N GLY M 87 -37.01 4.16 38.31
CA GLY M 87 -37.50 5.06 37.29
C GLY M 87 -36.45 5.56 36.32
N THR M 88 -35.28 4.93 36.28
CA THR M 88 -34.23 5.37 35.36
C THR M 88 -34.60 5.09 33.91
N THR M 89 -35.23 3.95 33.64
CA THR M 89 -35.72 3.68 32.29
C THR M 89 -36.83 4.65 31.91
N THR M 90 -37.76 4.90 32.83
CA THR M 90 -38.83 5.85 32.57
C THR M 90 -38.27 7.25 32.33
N ALA M 91 -37.29 7.65 33.14
CA ALA M 91 -36.67 8.96 32.94
C ALA M 91 -35.98 9.05 31.60
N THR M 92 -35.26 7.99 31.20
CA THR M 92 -34.59 7.99 29.91
C THR M 92 -35.60 8.03 28.77
N VAL M 93 -36.70 7.31 28.90
CA VAL M 93 -37.74 7.31 27.87
C VAL M 93 -38.36 8.70 27.76
N LEU M 94 -38.64 9.33 28.90
CA LEU M 94 -39.23 10.67 28.88
C LEU M 94 -38.28 11.69 28.25
N ALA M 95 -36.98 11.59 28.55
CA ALA M 95 -36.02 12.52 27.99
C ALA M 95 -35.94 12.41 26.48
N GLN M 96 -35.99 11.19 25.96
CA GLN M 96 -35.98 11.00 24.51
C GLN M 96 -37.25 11.53 23.87
N ALA M 97 -38.39 11.36 24.56
CA ALA M 97 -39.66 11.87 24.04
C ALA M 97 -39.65 13.39 23.94
N ILE M 98 -39.09 14.05 24.95
CA ILE M 98 -39.02 15.52 24.92
C ILE M 98 -38.11 15.97 23.79
N VAL M 99 -36.97 15.30 23.62
CA VAL M 99 -36.06 15.67 22.54
C VAL M 99 -36.70 15.43 21.18
N ARG M 100 -37.36 14.27 21.03
CA ARG M 100 -37.99 13.96 19.74
C ARG M 100 -39.10 14.95 19.43
N GLU M 101 -39.94 15.28 20.41
CA GLU M 101 -41.02 16.23 20.18
C GLU M 101 -40.49 17.66 20.11
N GLY M 102 -39.44 17.97 20.86
CA GLY M 102 -38.91 19.33 20.86
C GLY M 102 -38.13 19.66 19.61
N MET M 103 -37.47 18.68 19.01
CA MET M 103 -36.71 18.96 17.78
C MET M 103 -37.64 19.26 16.61
N LYS M 104 -38.88 18.79 16.66
CA LYS M 104 -39.84 19.17 15.64
C LYS M 104 -40.14 20.66 15.70
N TYR M 105 -40.28 21.20 16.91
CA TYR M 105 -40.54 22.63 17.06
C TYR M 105 -39.29 23.46 16.84
N VAL M 106 -38.12 22.94 17.19
CA VAL M 106 -36.87 23.65 16.89
C VAL M 106 -36.69 23.75 15.37
N ALA M 107 -36.97 22.66 14.65
CA ALA M 107 -36.91 22.72 13.19
C ALA M 107 -38.00 23.62 12.63
N ALA M 108 -39.10 23.79 13.35
CA ALA M 108 -40.16 24.69 12.92
C ALA M 108 -39.78 26.16 13.08
N GLY M 109 -38.65 26.45 13.73
CA GLY M 109 -38.15 27.81 13.83
C GLY M 109 -38.46 28.51 15.14
N MET M 110 -39.13 27.85 16.07
CA MET M 110 -39.45 28.48 17.35
C MET M 110 -38.21 28.58 18.23
N ASN M 111 -38.22 29.58 19.11
CA ASN M 111 -37.09 29.84 19.97
C ASN M 111 -36.96 28.73 21.00
N PRO M 112 -35.84 27.98 21.04
CA PRO M 112 -35.73 26.88 21.99
C PRO M 112 -35.62 27.34 23.44
N MET M 113 -35.14 28.55 23.69
CA MET M 113 -35.11 29.05 25.06
C MET M 113 -36.52 29.23 25.60
N ASP M 114 -37.44 29.69 24.77
CA ASP M 114 -38.85 29.75 25.17
C ASP M 114 -39.46 28.36 25.25
N LEU M 115 -39.00 27.43 24.40
CA LEU M 115 -39.43 26.04 24.53
C LEU M 115 -39.02 25.46 25.88
N LYS M 116 -37.77 25.73 26.29
CA LYS M 116 -37.30 25.26 27.59
C LYS M 116 -38.10 25.89 28.72
N ARG M 117 -38.41 27.18 28.60
CA ARG M 117 -39.24 27.84 29.62
C ARG M 117 -40.64 27.26 29.64
N GLY M 118 -41.19 26.95 28.47
CA GLY M 118 -42.49 26.30 28.42
C GLY M 118 -42.45 24.89 28.97
N ILE M 119 -41.36 24.16 28.73
CA ILE M 119 -41.21 22.81 29.26
C ILE M 119 -41.17 22.86 30.78
N ASP M 120 -40.42 23.80 31.35
CA ASP M 120 -40.35 23.93 32.80
C ASP M 120 -41.70 24.28 33.39
N LYS M 121 -42.46 25.14 32.71
CA LYS M 121 -43.78 25.51 33.20
C LYS M 121 -44.72 24.32 33.22
N ALA M 122 -44.68 23.49 32.17
CA ALA M 122 -45.56 22.33 32.10
C ALA M 122 -45.17 21.28 33.13
N VAL M 123 -43.87 21.07 33.34
CA VAL M 123 -43.43 20.06 34.29
C VAL M 123 -43.79 20.47 35.71
N THR M 124 -43.67 21.76 36.02
CA THR M 124 -44.08 22.23 37.34
C THR M 124 -45.57 21.99 37.58
N ALA M 125 -46.40 22.25 36.58
CA ALA M 125 -47.83 22.02 36.72
C ALA M 125 -48.14 20.54 36.88
N ILE M 126 -47.47 19.68 36.12
CA ILE M 126 -47.74 18.25 36.19
C ILE M 126 -47.27 17.66 37.51
N VAL M 127 -46.11 18.11 37.99
CA VAL M 127 -45.60 17.62 39.27
C VAL M 127 -46.55 17.98 40.41
N GLU M 128 -47.12 19.18 40.37
CA GLU M 128 -48.10 19.56 41.38
C GLU M 128 -49.34 18.67 41.31
N GLU M 129 -49.78 18.33 40.11
CA GLU M 129 -50.92 17.43 39.96
C GLU M 129 -50.57 16.02 40.44
N LEU M 130 -49.32 15.60 40.30
CA LEU M 130 -48.90 14.31 40.83
C LEU M 130 -49.04 14.27 42.34
N LYS M 131 -48.74 15.39 43.01
CA LYS M 131 -48.87 15.44 44.46
C LYS M 131 -50.32 15.25 44.89
N ALA M 132 -51.26 15.84 44.16
CA ALA M 132 -52.67 15.68 44.50
C ALA M 132 -53.16 14.26 44.25
N ILE M 133 -52.72 13.66 43.15
CA ILE M 133 -53.14 12.30 42.82
C ILE M 133 -52.54 11.30 43.80
N SER M 134 -51.34 11.56 44.29
CA SER M 134 -50.64 10.62 45.15
C SER M 134 -51.42 10.30 46.41
N LYS M 135 -51.36 9.05 46.83
CA LYS M 135 -51.97 8.59 48.07
C LYS M 135 -50.91 7.99 48.98
N PRO M 136 -51.03 8.15 50.30
CA PRO M 136 -50.01 7.62 51.20
C PRO M 136 -49.98 6.10 51.19
N CYS M 137 -48.78 5.57 51.43
CA CYS M 137 -48.55 4.13 51.47
C CYS M 137 -48.53 3.71 52.95
N SER M 138 -49.69 3.29 53.44
CA SER M 138 -49.85 2.97 54.86
C SER M 138 -49.91 1.47 55.13
N THR M 139 -50.51 0.69 54.24
CA THR M 139 -50.71 -0.73 54.46
C THR M 139 -49.50 -1.51 53.99
N THR M 140 -49.17 -2.58 54.72
CA THR M 140 -48.09 -3.46 54.30
C THR M 140 -48.43 -4.20 53.01
N LYS M 141 -49.72 -4.34 52.68
CA LYS M 141 -50.10 -4.92 51.39
C LYS M 141 -49.65 -4.03 50.24
N GLU M 142 -49.79 -2.71 50.40
CA GLU M 142 -49.33 -1.80 49.36
C GLU M 142 -47.81 -1.85 49.22
N ILE M 143 -47.10 -2.03 50.34
CA ILE M 143 -45.64 -2.14 50.29
C ILE M 143 -45.23 -3.37 49.49
N ALA M 144 -45.92 -4.50 49.71
CA ALA M 144 -45.64 -5.70 48.93
C ALA M 144 -45.94 -5.47 47.46
N GLN M 145 -47.05 -4.79 47.15
CA GLN M 145 -47.40 -4.51 45.77
C GLN M 145 -46.38 -3.61 45.10
N VAL M 146 -45.92 -2.58 45.82
CA VAL M 146 -44.89 -1.70 45.25
C VAL M 146 -43.59 -2.46 45.03
N GLY M 147 -43.20 -3.28 46.01
CA GLY M 147 -42.00 -4.07 45.84
C GLY M 147 -42.13 -5.10 44.73
N THR M 148 -43.30 -5.72 44.60
CA THR M 148 -43.51 -6.71 43.56
C THR M 148 -43.40 -6.09 42.17
N ILE M 149 -43.99 -4.91 41.98
CA ILE M 149 -43.95 -4.26 40.68
C ILE M 149 -42.53 -3.86 40.33
N SER M 150 -41.79 -3.31 41.29
CA SER M 150 -40.43 -2.84 41.03
C SER M 150 -39.44 -3.99 40.90
N ALA M 151 -39.79 -5.18 41.38
CA ALA M 151 -38.97 -6.36 41.19
C ALA M 151 -39.35 -7.15 39.96
N ASN M 152 -40.03 -6.52 39.00
CA ASN M 152 -40.47 -7.15 37.76
C ASN M 152 -41.40 -8.33 38.04
N ALA M 153 -42.51 -8.02 38.70
CA ALA M 153 -43.57 -8.99 38.96
C ALA M 153 -43.07 -10.22 39.72
N ASP M 154 -42.24 -9.99 40.73
CA ASP M 154 -41.74 -11.05 41.59
C ASP M 154 -42.40 -10.88 42.96
N SER M 155 -43.40 -11.71 43.23
CA SER M 155 -44.15 -11.58 44.49
C SER M 155 -43.29 -11.96 45.69
N SER M 156 -42.38 -12.93 45.52
CA SER M 156 -41.53 -13.34 46.64
C SER M 156 -40.64 -12.20 47.11
N ILE M 157 -40.08 -11.43 46.18
CA ILE M 157 -39.24 -10.30 46.55
C ILE M 157 -40.07 -9.22 47.25
N GLY M 158 -41.26 -8.94 46.72
CA GLY M 158 -42.12 -7.95 47.34
C GLY M 158 -42.56 -8.34 48.73
N GLU M 159 -42.89 -9.62 48.91
CA GLU M 159 -43.35 -10.08 50.22
C GLU M 159 -42.22 -10.03 51.25
N ILE M 160 -41.02 -10.44 50.86
CA ILE M 160 -39.91 -10.47 51.80
C ILE M 160 -39.49 -9.05 52.19
N ILE M 161 -39.63 -8.10 51.28
CA ILE M 161 -39.31 -6.71 51.60
C ILE M 161 -40.37 -6.13 52.53
N ALA M 162 -41.64 -6.47 52.30
CA ALA M 162 -42.70 -6.01 53.19
C ALA M 162 -42.51 -6.55 54.60
N GLN M 163 -42.12 -7.83 54.71
CA GLN M 163 -41.83 -8.39 56.02
C GLN M 163 -40.64 -7.70 56.68
N ALA M 164 -39.61 -7.39 55.89
CA ALA M 164 -38.42 -6.74 56.43
C ALA M 164 -38.76 -5.37 57.00
N MET M 165 -39.57 -4.59 56.28
CA MET M 165 -39.95 -3.26 56.78
C MET M 165 -40.86 -3.36 57.99
N ASP M 166 -41.71 -4.39 58.04
CA ASP M 166 -42.54 -4.59 59.22
C ASP M 166 -41.69 -4.90 60.45
N LYS M 167 -40.65 -5.71 60.28
CA LYS M 167 -39.85 -6.13 61.42
C LYS M 167 -38.97 -5.01 61.94
N VAL M 168 -38.31 -4.27 61.03
CA VAL M 168 -37.38 -3.23 61.45
C VAL M 168 -38.01 -1.84 61.51
N GLY M 169 -39.26 -1.71 61.09
CA GLY M 169 -39.92 -0.42 61.18
C GLY M 169 -39.40 0.57 60.15
N LYS M 170 -39.80 1.83 60.34
CA LYS M 170 -39.37 2.90 59.44
C LYS M 170 -37.93 3.30 59.68
N GLU M 171 -37.45 3.20 60.92
CA GLU M 171 -36.10 3.61 61.26
C GLU M 171 -35.06 2.51 61.01
N GLY M 172 -35.50 1.32 60.60
CA GLY M 172 -34.58 0.22 60.38
C GLY M 172 -33.81 0.34 59.07
N VAL M 173 -32.78 -0.50 58.95
CA VAL M 173 -31.91 -0.53 57.79
C VAL M 173 -31.99 -1.92 57.17
N ILE M 174 -32.23 -1.97 55.87
CA ILE M 174 -32.34 -3.23 55.13
C ILE M 174 -31.24 -3.26 54.08
N THR M 175 -30.49 -4.37 54.05
CA THR M 175 -29.42 -4.55 53.10
C THR M 175 -29.64 -5.84 52.32
N VAL M 176 -28.95 -5.94 51.17
CA VAL M 176 -29.07 -7.07 50.27
C VAL M 176 -27.70 -7.72 50.12
N GLU M 177 -27.63 -9.02 50.35
CA GLU M 177 -26.39 -9.78 50.23
C GLU M 177 -26.66 -11.06 49.45
N ASP M 178 -25.57 -11.69 49.01
CA ASP M 178 -25.66 -12.97 48.32
C ASP M 178 -26.02 -14.06 49.31
N GLY M 179 -26.98 -14.91 48.94
CA GLY M 179 -27.34 -16.04 49.76
C GLY M 179 -26.58 -17.30 49.38
N LYS M 180 -26.71 -18.31 50.22
CA LYS M 180 -26.08 -19.60 49.95
C LYS M 180 -27.06 -20.60 49.34
N SER M 181 -28.34 -20.51 49.69
CA SER M 181 -29.35 -21.40 49.15
C SER M 181 -29.90 -20.83 47.84
N LEU M 182 -30.89 -21.51 47.28
CA LEU M 182 -31.56 -21.05 46.08
C LEU M 182 -32.79 -20.21 46.38
N GLU M 183 -33.15 -20.04 47.65
CA GLU M 183 -34.33 -19.29 48.03
C GLU M 183 -33.94 -18.03 48.80
N ASN M 184 -34.73 -16.99 48.63
CA ASN M 184 -34.51 -15.76 49.38
C ASN M 184 -34.81 -15.99 50.85
N GLU M 185 -33.93 -15.48 51.72
CA GLU M 185 -34.11 -15.58 53.15
C GLU M 185 -33.89 -14.21 53.78
N LEU M 186 -34.64 -13.95 54.85
CA LEU M 186 -34.59 -12.69 55.57
C LEU M 186 -34.03 -12.93 56.96
N GLU M 187 -32.96 -12.22 57.29
CA GLU M 187 -32.35 -12.28 58.61
C GLU M 187 -32.48 -10.92 59.26
N VAL M 188 -33.13 -10.90 60.42
CA VAL M 188 -33.38 -9.65 61.16
C VAL M 188 -32.53 -9.68 62.42
N VAL M 189 -31.71 -8.65 62.60
CA VAL M 189 -30.86 -8.52 63.77
C VAL M 189 -31.46 -7.44 64.66
N GLU M 190 -31.92 -7.83 65.84
CA GLU M 190 -32.54 -6.91 66.79
C GLU M 190 -31.51 -6.39 67.78
N GLY M 191 -31.83 -5.25 68.39
CA GLY M 191 -30.93 -4.68 69.37
C GLY M 191 -29.68 -4.12 68.74
N MET M 192 -28.60 -4.12 69.49
CA MET M 192 -27.32 -3.56 69.07
C MET M 192 -26.34 -4.70 68.80
N GLN M 193 -25.83 -4.76 67.58
CA GLN M 193 -24.80 -5.71 67.19
C GLN M 193 -23.72 -4.95 66.45
N PHE M 194 -22.47 -5.10 66.89
CA PHE M 194 -21.36 -4.36 66.29
C PHE M 194 -20.28 -5.30 65.74
N ASP M 195 -20.68 -6.50 65.34
CA ASP M 195 -19.88 -7.41 64.49
C ASP M 195 -18.44 -7.54 64.96
N ARG M 196 -18.25 -7.79 66.25
CA ARG M 196 -16.93 -8.03 66.81
C ARG M 196 -16.97 -9.26 67.70
N GLY M 197 -15.99 -10.14 67.52
CA GLY M 197 -15.93 -11.38 68.26
C GLY M 197 -15.07 -11.28 69.51
N TYR M 198 -15.00 -12.38 70.24
CA TYR M 198 -14.18 -12.45 71.43
C TYR M 198 -12.70 -12.55 71.06
N LEU M 199 -11.84 -12.20 72.01
CA LEU M 199 -10.40 -12.32 71.83
C LEU M 199 -9.85 -13.66 72.30
N SER M 200 -10.69 -14.53 72.87
CA SER M 200 -10.18 -15.78 73.40
C SER M 200 -11.29 -16.82 73.38
N PRO M 201 -11.04 -18.03 72.86
CA PRO M 201 -12.09 -19.05 72.85
C PRO M 201 -12.51 -19.51 74.23
N TYR M 202 -11.69 -19.29 75.26
CA TYR M 202 -12.03 -19.72 76.60
C TYR M 202 -13.17 -18.92 77.21
N PHE M 203 -13.58 -17.81 76.58
CA PHE M 203 -14.73 -17.06 77.06
C PHE M 203 -16.05 -17.77 76.80
N ILE M 204 -16.05 -18.79 75.95
CA ILE M 204 -17.28 -19.49 75.60
C ILE M 204 -17.80 -20.25 76.83
N ASN M 205 -19.10 -20.12 77.07
CA ASN M 205 -19.73 -20.79 78.21
C ASN M 205 -20.62 -21.96 77.80
N ASN M 206 -20.93 -22.12 76.51
CA ASN M 206 -21.65 -23.32 76.07
C ASN M 206 -21.02 -23.85 74.80
N PRO M 207 -20.61 -25.13 74.78
CA PRO M 207 -19.91 -25.66 73.60
C PRO M 207 -20.80 -25.92 72.40
N ASP M 208 -22.11 -26.11 72.60
CA ASP M 208 -22.99 -26.45 71.49
C ASP M 208 -23.13 -25.31 70.50
N LYS M 209 -22.84 -24.07 70.89
CA LYS M 209 -22.96 -22.93 70.02
C LYS M 209 -21.66 -22.15 69.83
N GLN M 210 -20.66 -22.35 70.69
CA GLN M 210 -19.40 -21.60 70.65
C GLN M 210 -19.66 -20.11 70.73
N VAL M 211 -20.58 -19.73 71.61
CA VAL M 211 -20.97 -18.34 71.81
C VAL M 211 -20.94 -18.04 73.29
N ALA M 212 -20.24 -16.98 73.67
CA ALA M 212 -20.16 -16.56 75.06
C ALA M 212 -21.44 -15.82 75.42
N VAL M 213 -22.27 -16.42 76.27
CA VAL M 213 -23.56 -15.87 76.66
C VAL M 213 -23.43 -15.32 78.07
N LEU M 214 -23.74 -14.03 78.23
CA LEU M 214 -23.68 -13.35 79.52
C LEU M 214 -25.09 -12.93 79.89
N ASP M 215 -25.55 -13.33 81.07
CA ASP M 215 -26.88 -13.01 81.55
C ASP M 215 -26.80 -11.91 82.59
N ASN M 216 -27.55 -10.83 82.36
CA ASN M 216 -27.51 -9.64 83.19
C ASN M 216 -26.08 -9.16 83.46
N PRO M 217 -25.32 -8.84 82.42
CA PRO M 217 -23.92 -8.50 82.60
C PRO M 217 -23.68 -7.00 82.75
N TYR M 218 -22.51 -6.67 83.29
CA TYR M 218 -22.02 -5.31 83.26
C TYR M 218 -21.20 -5.09 81.99
N ILE M 219 -21.26 -3.87 81.45
CA ILE M 219 -20.55 -3.52 80.24
C ILE M 219 -19.58 -2.39 80.57
N LEU M 220 -18.30 -2.61 80.27
CA LEU M 220 -17.25 -1.62 80.53
C LEU M 220 -16.82 -1.04 79.20
N LEU M 221 -17.04 0.27 79.02
CA LEU M 221 -16.65 0.96 77.80
C LEU M 221 -15.32 1.68 78.03
N HIS M 222 -14.33 1.35 77.22
CA HIS M 222 -13.01 1.95 77.32
C HIS M 222 -12.53 2.36 75.94
N ASP M 223 -12.01 3.58 75.83
CA ASP M 223 -11.54 4.12 74.56
C ASP M 223 -10.03 4.00 74.39
N LYS M 224 -9.36 3.26 75.26
CA LYS M 224 -7.92 3.07 75.18
C LYS M 224 -7.58 1.60 75.34
N LYS M 225 -6.42 1.23 74.83
CA LYS M 225 -5.96 -0.16 74.93
C LYS M 225 -5.75 -0.55 76.39
N ILE M 226 -6.04 -1.81 76.69
CA ILE M 226 -5.85 -2.36 78.03
C ILE M 226 -4.85 -3.50 77.92
N SER M 227 -3.73 -3.37 78.65
CA SER M 227 -2.69 -4.38 78.60
C SER M 227 -2.27 -4.87 79.98
N ASN M 228 -2.21 -3.99 80.97
CA ASN M 228 -1.78 -4.37 82.31
C ASN M 228 -2.97 -4.73 83.17
N ILE M 229 -2.74 -5.60 84.16
CA ILE M 229 -3.80 -6.04 85.05
C ILE M 229 -4.04 -5.04 86.16
N ARG M 230 -3.05 -4.20 86.47
CA ARG M 230 -3.12 -3.32 87.64
C ARG M 230 -4.32 -2.37 87.54
N ASP M 231 -4.50 -1.74 86.38
CA ASP M 231 -5.58 -0.77 86.25
C ASP M 231 -6.94 -1.43 86.13
N LEU M 232 -7.00 -2.67 85.65
CA LEU M 232 -8.29 -3.31 85.42
C LEU M 232 -8.76 -4.05 86.67
N LEU M 233 -7.84 -4.34 87.60
CA LEU M 233 -8.22 -5.03 88.83
C LEU M 233 -9.28 -4.31 89.65
N PRO M 234 -9.22 -2.99 89.88
CA PRO M 234 -10.23 -2.37 90.74
C PRO M 234 -11.67 -2.58 90.27
N VAL M 235 -11.91 -2.54 88.96
CA VAL M 235 -13.27 -2.75 88.49
C VAL M 235 -13.62 -4.24 88.48
N LEU M 236 -12.63 -5.11 88.31
CA LEU M 236 -12.88 -6.55 88.36
C LEU M 236 -13.38 -6.97 89.74
N GLU M 237 -12.78 -6.40 90.79
CA GLU M 237 -13.17 -6.78 92.15
C GLU M 237 -14.62 -6.41 92.43
N GLN M 238 -15.07 -5.26 91.90
CA GLN M 238 -16.44 -4.84 92.13
C GLN M 238 -17.43 -5.79 91.45
N VAL M 239 -17.19 -6.11 90.17
CA VAL M 239 -18.09 -7.02 89.47
C VAL M 239 -17.96 -8.45 90.00
N ALA M 240 -16.81 -8.80 90.58
CA ALA M 240 -16.68 -10.09 91.25
C ALA M 240 -17.58 -10.14 92.48
N LYS M 241 -17.64 -9.04 93.24
CA LYS M 241 -18.51 -9.00 94.42
C LYS M 241 -19.97 -9.12 94.02
N ALA M 242 -20.36 -8.45 92.93
CA ALA M 242 -21.76 -8.52 92.50
C ALA M 242 -22.11 -9.90 91.94
N GLY M 243 -21.15 -10.57 91.30
CA GLY M 243 -21.38 -11.86 90.71
C GLY M 243 -21.91 -11.83 89.30
N ARG M 244 -22.26 -10.65 88.78
CA ARG M 244 -22.73 -10.54 87.41
C ARG M 244 -21.54 -10.60 86.45
N PRO M 245 -21.76 -11.12 85.25
CA PRO M 245 -20.68 -11.15 84.25
C PRO M 245 -20.30 -9.75 83.81
N LEU M 246 -19.10 -9.64 83.25
CA LEU M 246 -18.58 -8.36 82.79
C LEU M 246 -18.20 -8.48 81.32
N LEU M 247 -18.65 -7.54 80.52
CA LEU M 247 -18.29 -7.45 79.11
C LEU M 247 -17.39 -6.23 78.95
N ILE M 248 -16.14 -6.46 78.54
CA ILE M 248 -15.14 -5.41 78.41
C ILE M 248 -15.08 -5.04 76.94
N ILE M 249 -15.58 -3.85 76.60
CA ILE M 249 -15.50 -3.32 75.24
C ILE M 249 -14.41 -2.26 75.23
N ALA M 250 -13.26 -2.61 74.67
CA ALA M 250 -12.13 -1.69 74.59
C ALA M 250 -11.42 -1.90 73.26
N GLU M 251 -10.40 -1.09 73.00
CA GLU M 251 -9.66 -1.20 71.76
C GLU M 251 -8.97 -2.55 71.64
N ASP M 252 -8.36 -3.01 72.74
CA ASP M 252 -7.70 -4.31 72.76
C ASP M 252 -7.45 -4.70 74.20
N VAL M 253 -7.54 -6.01 74.46
CA VAL M 253 -7.23 -6.59 75.76
C VAL M 253 -6.21 -7.69 75.53
N GLU M 254 -4.96 -7.46 75.91
CA GLU M 254 -3.88 -8.39 75.67
C GLU M 254 -2.96 -8.44 76.88
N GLY M 255 -1.98 -9.34 76.79
CA GLY M 255 -0.97 -9.43 77.84
C GLY M 255 -1.57 -9.86 79.16
N GLU M 256 -1.20 -9.16 80.23
CA GLU M 256 -1.65 -9.52 81.57
C GLU M 256 -3.16 -9.43 81.70
N ALA M 257 -3.76 -8.39 81.12
CA ALA M 257 -5.20 -8.19 81.25
C ALA M 257 -5.97 -9.35 80.62
N LEU M 258 -5.61 -9.72 79.39
CA LEU M 258 -6.28 -10.85 78.74
C LEU M 258 -6.00 -12.14 79.48
N ALA M 259 -4.76 -12.32 79.94
CA ALA M 259 -4.40 -13.55 80.65
C ALA M 259 -5.21 -13.69 81.93
N THR M 260 -5.40 -12.60 82.67
CA THR M 260 -6.13 -12.66 83.92
C THR M 260 -7.58 -13.08 83.69
N LEU M 261 -8.19 -12.58 82.62
CA LEU M 261 -9.59 -12.91 82.35
C LEU M 261 -9.77 -14.40 82.08
N VAL M 262 -8.86 -15.01 81.30
CA VAL M 262 -9.03 -16.41 80.93
C VAL M 262 -8.80 -17.31 82.14
N VAL M 263 -7.91 -16.92 83.05
CA VAL M 263 -7.73 -17.70 84.28
C VAL M 263 -9.01 -17.72 85.09
N ASN M 264 -9.63 -16.55 85.28
CA ASN M 264 -10.86 -16.49 86.07
C ASN M 264 -12.01 -17.21 85.38
N ASN M 265 -11.98 -17.30 84.05
CA ASN M 265 -13.03 -18.02 83.34
C ASN M 265 -12.90 -19.52 83.53
N LEU M 266 -11.68 -20.06 83.40
CA LEU M 266 -11.49 -21.50 83.49
C LEU M 266 -11.83 -22.03 84.88
N ARG M 267 -11.37 -21.34 85.93
CA ARG M 267 -11.64 -21.77 87.29
C ARG M 267 -13.03 -21.40 87.77
N GLY M 268 -13.79 -20.65 86.99
CA GLY M 268 -15.13 -20.27 87.40
C GLY M 268 -15.20 -19.22 88.47
N ILE M 269 -14.08 -18.58 88.80
CA ILE M 269 -14.09 -17.53 89.81
C ILE M 269 -14.94 -16.36 89.36
N LEU M 270 -14.80 -15.96 88.10
CA LEU M 270 -15.54 -14.82 87.57
C LEU M 270 -15.74 -15.02 86.07
N LYS M 271 -16.99 -14.98 85.63
CA LYS M 271 -17.31 -15.13 84.22
C LYS M 271 -17.27 -13.77 83.53
N THR M 272 -16.57 -13.68 82.41
CA THR M 272 -16.44 -12.42 81.69
C THR M 272 -16.15 -12.71 80.24
N CYS M 273 -16.33 -11.68 79.41
CA CYS M 273 -15.97 -11.75 78.00
C CYS M 273 -15.42 -10.38 77.58
N ALA M 274 -14.53 -10.39 76.61
CA ALA M 274 -13.91 -9.18 76.10
C ALA M 274 -14.08 -9.12 74.59
N VAL M 275 -14.42 -7.95 74.08
CA VAL M 275 -14.53 -7.72 72.64
C VAL M 275 -13.76 -6.45 72.29
N LYS M 276 -13.35 -6.36 71.03
CA LYS M 276 -12.72 -5.14 70.55
C LYS M 276 -13.77 -4.05 70.37
N ALA M 277 -13.36 -2.81 70.56
CA ALA M 277 -14.27 -1.69 70.34
C ALA M 277 -14.58 -1.58 68.85
N PRO M 278 -15.85 -1.53 68.46
CA PRO M 278 -16.19 -1.54 67.04
C PRO M 278 -15.75 -0.26 66.34
N GLY M 279 -15.45 -0.40 65.05
CA GLY M 279 -15.16 0.74 64.20
C GLY M 279 -13.76 1.29 64.40
N PHE M 280 -13.36 2.13 63.45
CA PHE M 280 -12.06 2.77 63.45
C PHE M 280 -12.24 4.28 63.51
N GLY M 281 -11.24 4.96 64.10
CA GLY M 281 -11.26 6.41 64.12
C GLY M 281 -12.37 6.96 65.00
N ASP M 282 -12.89 8.12 64.59
CA ASP M 282 -13.93 8.79 65.37
C ASP M 282 -15.23 7.99 65.37
N ARG M 283 -15.47 7.18 64.33
CA ARG M 283 -16.66 6.34 64.33
C ARG M 283 -16.64 5.33 65.47
N ARG M 284 -15.45 4.88 65.87
CA ARG M 284 -15.34 4.01 67.03
C ARG M 284 -15.81 4.73 68.29
N LYS M 285 -15.45 6.01 68.42
CA LYS M 285 -15.87 6.78 69.58
C LYS M 285 -17.38 6.99 69.57
N ALA M 286 -17.95 7.30 68.40
CA ALA M 286 -19.38 7.60 68.32
C ALA M 286 -20.22 6.39 68.71
N MET M 287 -19.87 5.20 68.19
CA MET M 287 -20.62 4.01 68.55
C MET M 287 -20.35 3.58 69.98
N LEU M 288 -19.15 3.85 70.50
CA LEU M 288 -18.89 3.58 71.90
C LEU M 288 -19.78 4.42 72.80
N GLN M 289 -19.97 5.69 72.44
CA GLN M 289 -20.89 6.54 73.20
C GLN M 289 -22.32 6.04 73.08
N ASP M 290 -22.71 5.57 71.88
CA ASP M 290 -24.06 5.05 71.70
C ASP M 290 -24.30 3.82 72.56
N ILE M 291 -23.31 2.93 72.65
CA ILE M 291 -23.45 1.76 73.52
C ILE M 291 -23.58 2.19 74.97
N ALA M 292 -22.80 3.18 75.39
CA ALA M 292 -22.88 3.66 76.76
C ALA M 292 -24.25 4.25 77.06
N ILE M 293 -24.79 5.04 76.12
CA ILE M 293 -26.12 5.60 76.29
C ILE M 293 -27.16 4.48 76.31
N LEU M 294 -27.03 3.53 75.39
CA LEU M 294 -27.99 2.42 75.33
C LEU M 294 -27.93 1.56 76.59
N THR M 295 -26.72 1.27 77.07
CA THR M 295 -26.55 0.39 78.22
C THR M 295 -26.67 1.13 79.56
N GLY M 296 -26.87 2.45 79.54
CA GLY M 296 -27.03 3.20 80.76
C GLY M 296 -25.76 3.53 81.50
N GLY M 297 -24.60 3.24 80.91
CA GLY M 297 -23.32 3.53 81.52
C GLY M 297 -22.62 4.70 80.85
N THR M 298 -21.39 4.93 81.28
CA THR M 298 -20.55 5.98 80.74
C THR M 298 -19.24 5.36 80.26
N VAL M 299 -18.75 5.85 79.12
CA VAL M 299 -17.47 5.37 78.60
C VAL M 299 -16.35 5.92 79.46
N ILE M 300 -15.48 5.04 79.94
CA ILE M 300 -14.35 5.44 80.77
C ILE M 300 -13.25 5.95 79.85
N SER M 301 -12.82 7.18 80.08
CA SER M 301 -11.80 7.81 79.23
C SER M 301 -11.15 8.94 79.99
N GLU M 302 -9.82 9.03 79.90
CA GLU M 302 -9.12 10.14 80.52
C GLU M 302 -9.41 11.47 79.82
N GLU M 303 -9.90 11.42 78.58
CA GLU M 303 -10.29 12.63 77.87
C GLU M 303 -11.54 13.28 78.48
N VAL M 304 -12.31 12.52 79.26
CA VAL M 304 -13.49 13.05 79.95
C VAL M 304 -13.28 13.17 81.44
N GLY M 305 -12.13 12.74 81.95
CA GLY M 305 -11.82 12.80 83.36
C GLY M 305 -11.98 11.48 84.10
N LEU M 306 -12.69 10.53 83.52
CA LEU M 306 -12.87 9.23 84.16
C LEU M 306 -11.61 8.38 84.00
N SER M 307 -11.35 7.55 85.00
CA SER M 307 -10.19 6.67 85.00
C SER M 307 -10.64 5.25 85.26
N LEU M 308 -9.91 4.30 84.68
CA LEU M 308 -10.26 2.89 84.85
C LEU M 308 -10.10 2.45 86.30
N GLU M 309 -9.05 2.94 86.97
CA GLU M 309 -8.84 2.59 88.37
C GLU M 309 -9.98 3.11 89.25
N LYS M 310 -10.48 4.31 88.97
CA LYS M 310 -11.56 4.90 89.74
C LYS M 310 -12.94 4.55 89.20
N ALA M 311 -13.02 3.72 88.16
CA ALA M 311 -14.31 3.34 87.60
C ALA M 311 -15.10 2.50 88.61
N THR M 312 -16.40 2.80 88.71
CA THR M 312 -17.29 2.14 89.64
C THR M 312 -18.39 1.41 88.88
N LEU M 313 -19.25 0.72 89.62
CA LEU M 313 -20.35 -0.01 89.00
C LEU M 313 -21.33 0.93 88.32
N GLU M 314 -21.58 2.10 88.92
CA GLU M 314 -22.52 3.04 88.34
C GLU M 314 -22.04 3.53 86.98
N ASP M 315 -20.73 3.62 86.77
CA ASP M 315 -20.20 4.04 85.47
C ASP M 315 -20.30 2.93 84.44
N LEU M 316 -20.54 1.69 84.86
CA LEU M 316 -20.62 0.58 83.93
C LEU M 316 -22.02 0.48 83.33
N GLY M 317 -22.08 0.14 82.05
CA GLY M 317 -23.36 -0.11 81.41
C GLY M 317 -23.94 -1.44 81.84
N GLN M 318 -25.25 -1.58 81.63
CA GLN M 318 -25.96 -2.78 82.03
C GLN M 318 -26.86 -3.26 80.91
N ALA M 319 -27.15 -4.56 80.95
CA ALA M 319 -28.10 -5.21 80.05
C ALA M 319 -28.56 -6.49 80.72
N LYS M 320 -29.55 -7.13 80.12
CA LYS M 320 -30.02 -8.40 80.65
C LYS M 320 -29.41 -9.60 79.94
N ARG M 321 -28.95 -9.43 78.70
CA ARG M 321 -28.28 -10.52 78.01
C ARG M 321 -27.44 -9.97 76.87
N VAL M 322 -26.23 -10.50 76.74
CA VAL M 322 -25.36 -10.25 75.60
C VAL M 322 -24.69 -11.57 75.22
N GLU M 323 -24.60 -11.84 73.93
CA GLU M 323 -23.98 -13.06 73.43
C GLU M 323 -22.87 -12.70 72.46
N VAL M 324 -21.70 -13.30 72.65
CA VAL M 324 -20.52 -13.01 71.84
C VAL M 324 -20.19 -14.24 71.01
N ALA M 325 -20.24 -14.10 69.70
CA ALA M 325 -19.93 -15.19 68.78
C ALA M 325 -18.46 -15.08 68.35
N LYS M 326 -18.08 -15.88 67.36
CA LYS M 326 -16.70 -15.86 66.88
C LYS M 326 -16.32 -14.51 66.29
N GLU M 327 -17.23 -13.90 65.53
CA GLU M 327 -16.93 -12.64 64.84
C GLU M 327 -17.97 -11.56 65.09
N HIS M 328 -18.90 -11.75 66.01
CA HIS M 328 -19.91 -10.74 66.29
C HIS M 328 -20.44 -10.92 67.71
N THR M 329 -21.05 -9.86 68.23
CA THR M 329 -21.72 -9.92 69.51
C THR M 329 -22.93 -8.99 69.47
N THR M 330 -23.99 -9.40 70.15
CA THR M 330 -25.24 -8.65 70.15
C THR M 330 -25.66 -8.34 71.58
N ILE M 331 -25.84 -7.06 71.88
CA ILE M 331 -26.49 -6.64 73.11
C ILE M 331 -27.99 -6.66 72.84
N ILE M 332 -28.70 -7.55 73.52
CA ILE M 332 -30.11 -7.80 73.18
C ILE M 332 -30.93 -6.53 73.34
N ASP M 333 -30.79 -5.87 74.49
CA ASP M 333 -31.46 -4.60 74.72
C ASP M 333 -30.81 -3.93 75.93
N GLY M 334 -30.36 -2.70 75.75
CA GLY M 334 -29.65 -2.00 76.81
C GLY M 334 -30.57 -1.58 77.93
N ALA M 335 -29.95 -1.30 79.09
CA ALA M 335 -30.66 -0.90 80.28
C ALA M 335 -30.72 0.62 80.44
N GLY M 336 -30.36 1.38 79.42
CA GLY M 336 -30.37 2.82 79.52
C GLY M 336 -31.77 3.40 79.53
N ASP M 337 -31.85 4.66 79.91
CA ASP M 337 -33.13 5.36 79.96
C ASP M 337 -33.62 5.62 78.54
N PRO M 338 -34.83 5.20 78.19
CA PRO M 338 -35.31 5.40 76.80
C PRO M 338 -35.37 6.86 76.39
N ALA M 339 -35.59 7.78 77.33
CA ALA M 339 -35.62 9.20 76.98
C ALA M 339 -34.26 9.66 76.47
N LYS M 340 -33.18 9.22 77.11
CA LYS M 340 -31.84 9.55 76.62
C LYS M 340 -31.56 8.87 75.29
N ILE M 341 -32.05 7.65 75.11
CA ILE M 341 -31.88 6.95 73.83
C ILE M 341 -32.59 7.71 72.72
N GLN M 342 -33.81 8.17 72.97
CA GLN M 342 -34.53 8.94 71.97
C GLN M 342 -33.82 10.24 71.66
N ALA M 343 -33.28 10.91 72.68
CA ALA M 343 -32.52 12.14 72.47
C ALA M 343 -31.28 11.87 71.63
N ARG M 344 -30.58 10.76 71.90
CA ARG M 344 -29.42 10.41 71.10
C ARG M 344 -29.81 10.13 69.66
N VAL M 345 -30.93 9.44 69.45
CA VAL M 345 -31.43 9.19 68.10
C VAL M 345 -31.77 10.51 67.41
N LYS M 346 -32.39 11.43 68.15
CA LYS M 346 -32.73 12.73 67.57
C LYS M 346 -31.48 13.49 67.13
N GLU M 347 -30.41 13.41 67.92
CA GLU M 347 -29.18 14.11 67.58
C GLU M 347 -28.59 13.58 66.28
N ILE M 348 -28.57 12.26 66.11
CA ILE M 348 -28.01 11.67 64.89
C ILE M 348 -28.87 12.03 63.68
N ARG M 349 -30.20 11.93 63.82
CA ARG M 349 -31.07 12.24 62.69
C ARG M 349 -31.01 13.71 62.31
N VAL M 350 -30.79 14.60 63.28
CA VAL M 350 -30.57 16.01 62.97
C VAL M 350 -29.26 16.17 62.19
N GLN M 351 -28.21 15.48 62.62
CA GLN M 351 -26.93 15.55 61.92
C GLN M 351 -26.98 14.82 60.58
N ILE M 352 -27.93 13.90 60.41
CA ILE M 352 -28.04 13.15 59.16
C ILE M 352 -28.30 14.10 57.99
N GLU M 353 -29.10 15.13 58.21
CA GLU M 353 -29.39 16.08 57.15
C GLU M 353 -28.14 16.84 56.69
N GLU M 354 -27.10 16.89 57.53
CA GLU M 354 -25.87 17.58 57.19
C GLU M 354 -24.84 16.67 56.54
N ALA M 355 -25.08 15.36 56.52
CA ALA M 355 -24.11 14.42 55.98
C ALA M 355 -23.87 14.69 54.49
N THR M 356 -22.61 14.59 54.08
CA THR M 356 -22.20 14.85 52.70
C THR M 356 -21.73 13.60 51.97
N SER M 357 -20.84 12.82 52.60
CA SER M 357 -20.36 11.59 51.97
C SER M 357 -21.49 10.58 51.86
N ASP M 358 -21.47 9.80 50.77
CA ASP M 358 -22.51 8.79 50.57
C ASP M 358 -22.44 7.71 51.64
N TYR M 359 -21.23 7.32 52.05
CA TYR M 359 -21.10 6.33 53.12
C TYR M 359 -21.35 6.94 54.49
N ASP M 360 -21.35 8.27 54.60
CA ASP M 360 -21.53 8.91 55.91
C ASP M 360 -22.90 8.61 56.48
N ARG M 361 -23.96 9.08 55.81
CA ARG M 361 -25.31 8.89 56.33
C ARG M 361 -25.74 7.43 56.31
N GLU M 362 -25.16 6.62 55.42
CA GLU M 362 -25.43 5.18 55.46
C GLU M 362 -24.92 4.57 56.76
N LYS M 363 -23.72 4.97 57.18
CA LYS M 363 -23.19 4.50 58.45
C LYS M 363 -23.88 5.18 59.63
N LEU M 364 -24.43 6.37 59.43
CA LEU M 364 -25.17 7.01 60.51
C LEU M 364 -26.55 6.38 60.67
N GLN M 365 -27.16 5.91 59.59
CA GLN M 365 -28.45 5.25 59.68
C GLN M 365 -28.34 3.91 60.41
N GLU M 366 -27.25 3.17 60.19
CA GLU M 366 -27.09 1.90 60.89
C GLU M 366 -26.90 2.13 62.38
N ARG M 367 -26.28 3.26 62.77
CA ARG M 367 -26.19 3.61 64.18
C ARG M 367 -27.58 3.83 64.76
N VAL M 368 -28.45 4.54 64.03
CA VAL M 368 -29.81 4.74 64.49
C VAL M 368 -30.56 3.42 64.52
N ALA M 369 -30.32 2.56 63.52
CA ALA M 369 -30.94 1.24 63.51
C ALA M 369 -30.48 0.41 64.70
N LYS M 370 -29.18 0.47 65.02
CA LYS M 370 -28.67 -0.25 66.18
C LYS M 370 -29.25 0.30 67.48
N LEU M 371 -29.58 1.59 67.50
CA LEU M 371 -30.07 2.21 68.73
C LEU M 371 -31.56 1.97 68.94
N ALA M 372 -32.38 2.44 68.01
CA ALA M 372 -33.83 2.44 68.16
C ALA M 372 -34.51 1.80 66.95
N GLY M 373 -34.00 0.65 66.53
CA GLY M 373 -34.60 -0.06 65.42
C GLY M 373 -34.03 -1.46 65.24
N GLY M 374 -33.82 -1.85 63.99
CA GLY M 374 -33.23 -3.15 63.70
C GLY M 374 -32.53 -3.10 62.36
N VAL M 375 -31.76 -4.15 62.09
CA VAL M 375 -31.06 -4.31 60.83
C VAL M 375 -31.55 -5.60 60.19
N ALA M 376 -32.10 -5.49 58.99
CA ALA M 376 -32.57 -6.64 58.24
C ALA M 376 -31.63 -6.92 57.07
N VAL M 377 -31.33 -8.19 56.85
CA VAL M 377 -30.49 -8.61 55.74
C VAL M 377 -31.32 -9.56 54.87
N ILE M 378 -31.49 -9.18 53.61
CA ILE M 378 -32.16 -10.03 52.64
C ILE M 378 -31.08 -10.74 51.85
N LYS M 379 -30.96 -12.05 52.06
CA LYS M 379 -29.99 -12.87 51.33
C LYS M 379 -30.68 -13.43 50.09
N VAL M 380 -30.22 -13.00 48.92
CA VAL M 380 -30.84 -13.39 47.67
C VAL M 380 -30.38 -14.80 47.30
N GLY M 381 -31.32 -15.65 46.92
CA GLY M 381 -31.01 -17.01 46.53
C GLY M 381 -31.04 -17.15 45.01
N ALA M 382 -29.97 -17.73 44.48
CA ALA M 382 -29.88 -17.97 43.05
C ALA M 382 -28.90 -19.12 42.81
N ALA M 383 -29.13 -19.85 41.72
CA ALA M 383 -28.26 -20.98 41.40
C ALA M 383 -26.90 -20.51 40.91
N THR M 384 -26.86 -19.39 40.18
CA THR M 384 -25.62 -18.88 39.60
C THR M 384 -25.53 -17.39 39.91
N GLU M 385 -24.29 -16.90 40.06
CA GLU M 385 -24.12 -15.50 40.46
C GLU M 385 -24.51 -14.52 39.36
N VAL M 386 -24.63 -14.97 38.11
CA VAL M 386 -25.18 -14.10 37.08
C VAL M 386 -26.67 -13.88 37.31
N GLU M 387 -27.37 -14.93 37.77
CA GLU M 387 -28.74 -14.75 38.20
C GLU M 387 -28.81 -14.05 39.55
N MET M 388 -27.81 -14.28 40.42
CA MET M 388 -27.75 -13.58 41.70
C MET M 388 -27.58 -12.08 41.48
N LYS M 389 -26.71 -11.68 40.57
CA LYS M 389 -26.53 -10.26 40.28
C LYS M 389 -27.79 -9.65 39.69
N GLU M 390 -28.48 -10.39 38.81
CA GLU M 390 -29.74 -9.91 38.26
C GLU M 390 -30.81 -9.78 39.35
N LYS M 391 -30.91 -10.79 40.22
CA LYS M 391 -31.91 -10.73 41.27
C LYS M 391 -31.59 -9.66 42.30
N LYS M 392 -30.31 -9.48 42.64
CA LYS M 392 -29.94 -8.46 43.61
C LYS M 392 -30.29 -7.07 43.11
N ALA M 393 -30.09 -6.82 41.81
CA ALA M 393 -30.48 -5.54 41.24
C ALA M 393 -31.98 -5.33 41.34
N ARG M 394 -32.76 -6.40 41.11
CA ARG M 394 -34.21 -6.30 41.25
C ARG M 394 -34.61 -6.11 42.70
N VAL M 395 -33.95 -6.80 43.63
CA VAL M 395 -34.26 -6.62 45.04
C VAL M 395 -33.87 -5.22 45.50
N GLU M 396 -32.70 -4.74 45.07
CA GLU M 396 -32.29 -3.38 45.43
C GLU M 396 -33.24 -2.34 44.82
N ASP M 397 -33.68 -2.57 43.58
CA ASP M 397 -34.66 -1.66 42.98
C ASP M 397 -35.96 -1.67 43.74
N ALA M 398 -36.41 -2.84 44.19
CA ALA M 398 -37.65 -2.91 44.95
C ALA M 398 -37.50 -2.27 46.32
N LEU M 399 -36.31 -2.37 46.92
CA LEU M 399 -36.06 -1.70 48.19
C LEU M 399 -36.11 -0.19 48.04
N HIS M 400 -35.50 0.33 46.96
CA HIS M 400 -35.52 1.77 46.74
C HIS M 400 -36.93 2.28 46.48
N ALA M 401 -37.70 1.53 45.69
CA ALA M 401 -39.06 1.97 45.39
C ALA M 401 -39.96 1.95 46.62
N THR M 402 -39.84 0.90 47.45
CA THR M 402 -40.66 0.83 48.64
C THR M 402 -40.28 1.92 49.64
N ARG M 403 -39.00 2.27 49.71
CA ARG M 403 -38.58 3.40 50.54
C ARG M 403 -39.17 4.70 50.00
N ALA M 404 -39.19 4.86 48.67
CA ALA M 404 -39.80 6.05 48.08
C ALA M 404 -41.30 6.05 48.25
N ALA M 405 -41.91 4.87 48.37
CA ALA M 405 -43.36 4.81 48.55
C ALA M 405 -43.78 5.32 49.92
N VAL M 406 -43.04 4.95 50.98
CA VAL M 406 -43.38 5.42 52.31
C VAL M 406 -43.03 6.89 52.49
N GLU M 407 -42.18 7.44 51.63
CA GLU M 407 -41.78 8.84 51.79
C GLU M 407 -42.82 9.78 51.20
N GLU M 408 -43.15 9.61 49.92
CA GLU M 408 -44.01 10.56 49.22
C GLU M 408 -45.35 10.00 48.81
N GLY M 409 -45.55 8.69 48.86
CA GLY M 409 -46.82 8.09 48.51
C GLY M 409 -46.71 7.26 47.25
N ILE M 410 -47.88 6.78 46.80
CA ILE M 410 -47.95 5.91 45.64
C ILE M 410 -48.95 6.47 44.64
N VAL M 411 -48.71 6.19 43.37
CA VAL M 411 -49.60 6.58 42.27
C VAL M 411 -49.83 5.37 41.39
N PRO M 412 -50.92 5.38 40.62
CA PRO M 412 -51.16 4.28 39.67
C PRO M 412 -49.99 4.14 38.70
N GLY M 413 -49.63 2.89 38.42
CA GLY M 413 -48.48 2.59 37.59
C GLY M 413 -48.83 2.52 36.12
N GLY M 414 -47.89 1.98 35.35
CA GLY M 414 -48.07 1.85 33.92
C GLY M 414 -48.22 3.15 33.18
N GLY M 415 -47.54 4.20 33.64
CA GLY M 415 -47.64 5.50 33.00
C GLY M 415 -48.96 6.20 33.17
N VAL M 416 -49.87 5.65 33.96
CA VAL M 416 -51.17 6.27 34.14
C VAL M 416 -51.04 7.56 34.95
N ALA M 417 -50.15 7.58 35.93
CA ALA M 417 -50.01 8.75 36.80
C ALA M 417 -49.64 9.99 36.01
N LEU M 418 -48.72 9.87 35.07
CA LEU M 418 -48.34 11.01 34.25
C LEU M 418 -49.50 11.46 33.37
N LEU M 419 -50.28 10.51 32.85
CA LEU M 419 -51.44 10.88 32.03
C LEU M 419 -52.51 11.56 32.86
N ARG M 420 -52.79 11.05 34.06
CA ARG M 420 -53.78 11.67 34.92
C ARG M 420 -53.32 13.05 35.37
N ALA M 421 -52.04 13.18 35.71
CA ALA M 421 -51.51 14.49 36.11
C ALA M 421 -51.55 15.47 34.96
N ARG M 422 -51.29 15.00 33.74
CA ARG M 422 -51.33 15.87 32.57
C ARG M 422 -52.74 16.41 32.35
N GLU M 423 -53.75 15.55 32.44
CA GLU M 423 -55.12 15.98 32.21
C GLU M 423 -55.56 16.98 33.28
N ALA M 424 -55.16 16.74 34.54
CA ALA M 424 -55.50 17.67 35.61
C ALA M 424 -54.81 19.01 35.40
N ALA M 425 -53.54 19.00 34.97
CA ALA M 425 -52.82 20.24 34.75
C ALA M 425 -53.44 21.05 33.62
N VAL M 426 -53.83 20.38 32.53
CA VAL M 426 -54.47 21.07 31.42
C VAL M 426 -55.82 21.65 31.85
N ALA M 427 -56.59 20.87 32.60
CA ALA M 427 -57.88 21.34 33.07
C ALA M 427 -57.72 22.54 34.02
N LYS M 428 -56.63 22.57 34.79
CA LYS M 428 -56.39 23.68 35.69
C LYS M 428 -56.08 24.97 34.94
N GLY M 429 -55.69 24.89 33.68
CA GLY M 429 -55.44 26.09 32.90
C GLY M 429 -53.98 26.38 32.67
N LEU M 430 -53.20 25.34 32.37
CA LEU M 430 -51.78 25.51 32.09
C LEU M 430 -51.60 26.22 30.75
N LYS M 431 -50.82 27.30 30.75
CA LYS M 431 -50.61 28.09 29.55
C LYS M 431 -49.27 28.80 29.64
N GLY M 432 -48.75 29.21 28.48
CA GLY M 432 -47.48 29.89 28.38
C GLY M 432 -47.66 31.37 28.04
N ASP M 433 -46.54 32.09 28.16
CA ASP M 433 -46.57 33.54 27.92
C ASP M 433 -46.62 33.86 26.43
N ASN M 434 -45.92 33.09 25.61
CA ASN M 434 -45.83 33.30 24.17
C ASN M 434 -46.06 31.98 23.46
N PRO M 435 -46.40 32.01 22.17
CA PRO M 435 -46.66 30.75 21.46
C PRO M 435 -45.51 29.77 21.48
N ASP M 436 -44.26 30.24 21.54
CA ASP M 436 -43.14 29.33 21.68
C ASP M 436 -43.18 28.60 23.02
N GLN M 437 -43.57 29.30 24.09
CA GLN M 437 -43.74 28.64 25.38
C GLN M 437 -44.92 27.68 25.36
N GLU M 438 -45.97 28.02 24.61
CA GLU M 438 -47.09 27.10 24.45
C GLU M 438 -46.66 25.83 23.75
N ALA M 439 -45.79 25.95 22.75
CA ALA M 439 -45.24 24.77 22.09
C ALA M 439 -44.40 23.94 23.07
N GLY M 440 -43.64 24.61 23.93
CA GLY M 440 -42.89 23.89 24.95
C GLY M 440 -43.79 23.12 25.89
N ILE M 441 -44.95 23.67 26.22
CA ILE M 441 -45.92 22.94 27.02
C ILE M 441 -46.44 21.73 26.28
N LYS M 442 -46.75 21.90 24.99
CA LYS M 442 -47.23 20.78 24.19
C LYS M 442 -46.19 19.68 24.06
N ILE M 443 -44.91 20.03 24.18
CA ILE M 443 -43.85 19.03 24.16
C ILE M 443 -44.00 18.10 25.35
N VAL M 444 -44.21 18.66 26.54
CA VAL M 444 -44.32 17.85 27.75
C VAL M 444 -45.61 17.04 27.74
N LEU M 445 -46.69 17.63 27.23
CA LEU M 445 -47.97 16.91 27.21
C LEU M 445 -47.88 15.65 26.36
N ARG M 446 -47.20 15.73 25.22
CA ARG M 446 -47.00 14.55 24.39
C ARG M 446 -45.97 13.60 25.01
N ALA M 447 -44.95 14.16 25.66
CA ALA M 447 -43.86 13.34 26.17
C ALA M 447 -44.30 12.44 27.31
N VAL M 448 -45.22 12.89 28.16
CA VAL M 448 -45.63 12.08 29.30
C VAL M 448 -46.41 10.84 28.88
N GLU M 449 -46.88 10.79 27.63
CA GLU M 449 -47.50 9.59 27.11
C GLU M 449 -46.49 8.51 26.79
N GLN M 450 -45.22 8.87 26.62
CA GLN M 450 -44.22 7.91 26.17
C GLN M 450 -44.01 6.72 27.11
N PRO M 451 -43.92 6.89 28.43
CA PRO M 451 -43.74 5.70 29.28
C PRO M 451 -44.81 4.64 29.07
N LEU M 452 -46.08 5.05 28.92
CA LEU M 452 -47.12 4.08 28.65
C LEU M 452 -46.97 3.49 27.24
N ARG M 453 -46.58 4.33 26.27
CA ARG M 453 -46.43 3.85 24.91
C ARG M 453 -45.32 2.80 24.79
N GLU M 454 -44.20 3.02 25.49
CA GLU M 454 -43.09 2.08 25.40
C GLU M 454 -43.37 0.82 26.21
N ILE M 455 -44.12 0.94 27.30
CA ILE M 455 -44.54 -0.26 28.03
C ILE M 455 -45.45 -1.11 27.16
N VAL M 456 -46.40 -0.48 26.47
CA VAL M 456 -47.30 -1.21 25.59
C VAL M 456 -46.55 -1.77 24.39
N ALA M 457 -45.63 -0.98 23.82
CA ALA M 457 -44.87 -1.44 22.67
C ALA M 457 -44.03 -2.66 23.01
N ASN M 458 -43.41 -2.66 24.19
CA ASN M 458 -42.68 -3.85 24.63
C ASN M 458 -43.61 -5.03 24.84
N ALA M 459 -44.84 -4.78 25.26
CA ALA M 459 -45.83 -5.84 25.41
C ALA M 459 -46.36 -6.35 24.08
N GLY M 460 -46.06 -5.66 22.97
CA GLY M 460 -46.47 -6.11 21.66
C GLY M 460 -47.80 -5.60 21.16
N GLU M 461 -48.43 -4.67 21.88
CA GLU M 461 -49.70 -4.11 21.47
C GLU M 461 -49.48 -2.78 20.74
N GLU M 462 -50.59 -2.12 20.41
CA GLU M 462 -50.53 -0.85 19.69
C GLU M 462 -50.56 0.29 20.69
N PRO M 463 -49.48 1.06 20.83
CA PRO M 463 -49.46 2.11 21.87
C PRO M 463 -50.53 3.16 21.70
N SER M 464 -50.85 3.55 20.47
CA SER M 464 -51.81 4.63 20.25
C SER M 464 -53.21 4.24 20.69
N VAL M 465 -53.62 3.01 20.41
CA VAL M 465 -54.95 2.55 20.80
C VAL M 465 -55.05 2.45 22.31
N ILE M 466 -54.03 1.90 22.96
CA ILE M 466 -54.05 1.74 24.42
C ILE M 466 -54.05 3.10 25.10
N VAL M 467 -53.21 4.03 24.61
CA VAL M 467 -53.14 5.35 25.22
C VAL M 467 -54.46 6.08 25.11
N ALA M 468 -55.12 5.98 23.95
CA ALA M 468 -56.41 6.64 23.77
C ALA M 468 -57.45 6.06 24.73
N LYS M 469 -57.46 4.74 24.91
CA LYS M 469 -58.41 4.12 25.84
C LYS M 469 -58.13 4.55 27.28
N VAL M 470 -56.86 4.63 27.66
CA VAL M 470 -56.52 5.04 29.02
C VAL M 470 -56.94 6.48 29.26
N LEU M 471 -56.72 7.35 28.27
CA LEU M 471 -57.14 8.75 28.41
C LEU M 471 -58.65 8.87 28.51
N GLU M 472 -59.40 7.97 27.88
CA GLU M 472 -60.85 7.99 28.02
C GLU M 472 -61.27 7.70 29.45
N GLY M 473 -60.57 6.80 30.12
CA GLY M 473 -60.89 6.47 31.49
C GLY M 473 -60.48 7.57 32.46
N LYS M 474 -60.91 7.41 33.70
CA LYS M 474 -60.66 8.39 34.75
C LYS M 474 -60.15 7.69 36.00
N GLY M 475 -59.42 8.43 36.82
CA GLY M 475 -58.96 7.89 38.08
C GLY M 475 -57.81 6.92 37.88
N ASN M 476 -57.87 5.79 38.59
CA ASN M 476 -56.83 4.78 38.53
C ASN M 476 -57.00 3.82 37.36
N TYR M 477 -57.94 4.09 36.46
CA TYR M 477 -58.12 3.26 35.29
C TYR M 477 -56.86 3.24 34.44
N GLY M 478 -56.44 2.04 34.05
CA GLY M 478 -55.22 1.92 33.28
C GLY M 478 -55.15 0.59 32.58
N TYR M 479 -53.99 0.33 31.98
CA TYR M 479 -53.77 -0.88 31.20
C TYR M 479 -52.72 -1.74 31.88
N ASN M 480 -53.07 -3.00 32.14
CA ASN M 480 -52.13 -3.95 32.72
C ASN M 480 -51.37 -4.65 31.59
N ALA M 481 -50.11 -4.29 31.39
CA ALA M 481 -49.34 -4.88 30.31
C ALA M 481 -49.00 -6.33 30.58
N ALA M 482 -48.94 -6.73 31.86
CA ALA M 482 -48.66 -8.12 32.19
C ALA M 482 -49.78 -9.04 31.72
N THR M 483 -51.03 -8.62 31.90
CA THR M 483 -52.18 -9.44 31.53
C THR M 483 -52.90 -8.95 30.28
N GLY M 484 -52.56 -7.78 29.77
CA GLY M 484 -53.18 -7.25 28.57
C GLY M 484 -54.64 -6.93 28.74
N GLU M 485 -55.02 -6.36 29.88
CA GLU M 485 -56.39 -6.00 30.15
C GLU M 485 -56.44 -4.67 30.88
N PHE M 486 -57.57 -3.98 30.75
CA PHE M 486 -57.78 -2.70 31.40
C PHE M 486 -58.46 -2.88 32.75
N GLY M 487 -58.20 -1.98 33.66
CA GLY M 487 -58.83 -2.04 34.97
C GLY M 487 -58.27 -0.98 35.89
N ASP M 488 -58.75 -1.01 37.13
CA ASP M 488 -58.26 -0.10 38.16
C ASP M 488 -56.85 -0.51 38.56
N MET M 489 -55.87 0.35 38.27
CA MET M 489 -54.47 0.00 38.46
C MET M 489 -54.15 -0.32 39.92
N ILE M 490 -54.83 0.34 40.85
CA ILE M 490 -54.58 0.08 42.27
C ILE M 490 -55.09 -1.30 42.66
N GLU M 491 -56.27 -1.69 42.15
CA GLU M 491 -56.84 -2.99 42.49
C GLU M 491 -55.96 -4.14 41.97
N MET M 492 -55.46 -4.02 40.75
CA MET M 492 -54.59 -5.05 40.18
C MET M 492 -53.16 -4.94 40.66
N GLY M 493 -52.85 -4.00 41.55
CA GLY M 493 -51.56 -3.94 42.19
C GLY M 493 -50.46 -3.25 41.42
N VAL M 494 -50.78 -2.61 40.29
CA VAL M 494 -49.76 -1.90 39.54
C VAL M 494 -49.58 -0.52 40.16
N LEU M 495 -48.66 -0.42 41.12
CA LEU M 495 -48.44 0.79 41.89
C LEU M 495 -47.05 1.33 41.61
N ASP M 496 -46.94 2.65 41.60
CA ASP M 496 -45.65 3.31 41.42
C ASP M 496 -45.45 4.34 42.52
N PRO M 497 -44.22 4.47 43.03
CA PRO M 497 -43.94 5.55 43.97
C PRO M 497 -44.01 6.90 43.27
N THR M 498 -44.75 7.83 43.87
CA THR M 498 -44.90 9.14 43.24
C THR M 498 -43.58 9.91 43.24
N LYS M 499 -42.68 9.59 44.18
CA LYS M 499 -41.35 10.20 44.16
C LYS M 499 -40.58 9.75 42.93
N VAL M 500 -40.68 8.48 42.57
CA VAL M 500 -39.99 7.97 41.39
C VAL M 500 -40.54 8.61 40.13
N THR M 501 -41.88 8.71 40.04
CA THR M 501 -42.49 9.34 38.87
C THR M 501 -42.14 10.81 38.79
N ARG M 502 -42.19 11.52 39.92
CA ARG M 502 -41.86 12.94 39.91
C ARG M 502 -40.38 13.16 39.57
N SER M 503 -39.50 12.35 40.15
CA SER M 503 -38.07 12.50 39.89
C SER M 503 -37.74 12.22 38.43
N ALA M 504 -38.37 11.19 37.86
CA ALA M 504 -38.09 10.85 36.47
C ALA M 504 -38.47 11.99 35.53
N LEU M 505 -39.63 12.60 35.76
CA LEU M 505 -40.08 13.68 34.89
C LEU M 505 -39.21 14.93 35.05
N GLN M 506 -38.87 15.27 36.30
CA GLN M 506 -38.09 16.48 36.54
C GLN M 506 -36.68 16.35 35.99
N ASN M 507 -36.04 15.19 36.19
CA ASN M 507 -34.70 15.00 35.67
C ASN M 507 -34.69 14.96 34.15
N ALA M 508 -35.68 14.30 33.54
CA ALA M 508 -35.73 14.23 32.09
C ALA M 508 -35.95 15.61 31.48
N ALA M 509 -36.83 16.42 32.07
CA ALA M 509 -37.12 17.73 31.52
C ALA M 509 -35.93 18.66 31.60
N SER M 510 -35.19 18.62 32.70
CA SER M 510 -34.07 19.54 32.88
C SER M 510 -32.99 19.31 31.83
N VAL M 511 -32.69 18.05 31.52
CA VAL M 511 -31.62 17.77 30.56
C VAL M 511 -32.13 17.88 29.13
N ALA M 512 -33.30 17.31 28.85
CA ALA M 512 -33.83 17.36 27.49
C ALA M 512 -34.18 18.79 27.09
N GLY M 513 -34.60 19.63 28.03
CA GLY M 513 -34.83 21.02 27.72
C GLY M 513 -33.56 21.74 27.29
N LEU M 514 -32.45 21.44 27.95
CA LEU M 514 -31.17 22.04 27.57
C LEU M 514 -30.73 21.55 26.21
N MET M 515 -30.94 20.27 25.91
CA MET M 515 -30.53 19.73 24.62
C MET M 515 -31.33 20.31 23.46
N LEU M 516 -32.49 20.91 23.73
CA LEU M 516 -33.23 21.55 22.65
C LEU M 516 -32.63 22.90 22.28
N THR M 517 -31.85 23.50 23.18
CA THR M 517 -31.34 24.85 23.01
C THR M 517 -29.92 24.89 22.47
N THR M 518 -29.46 23.82 21.82
CA THR M 518 -28.09 23.75 21.34
C THR M 518 -28.04 24.12 19.87
N GLU M 519 -27.13 25.04 19.53
CA GLU M 519 -26.86 25.43 18.16
C GLU M 519 -25.50 24.96 17.67
N CYS M 520 -24.48 25.03 18.53
CA CYS M 520 -23.12 24.66 18.20
C CYS M 520 -22.67 23.54 19.12
N MET M 521 -21.81 22.67 18.59
CA MET M 521 -21.35 21.51 19.34
C MET M 521 -19.86 21.33 19.08
N ILE M 522 -19.06 21.36 20.15
CA ILE M 522 -17.61 21.33 20.04
C ILE M 522 -17.10 20.05 20.68
N ALA M 523 -16.35 19.28 19.91
CA ALA M 523 -15.72 18.05 20.39
C ALA M 523 -14.34 17.94 19.77
N GLU M 524 -13.47 17.17 20.42
CA GLU M 524 -12.14 16.93 19.87
C GLU M 524 -12.24 16.19 18.54
N ALA M 525 -11.47 16.65 17.56
CA ALA M 525 -11.50 16.05 16.24
C ALA M 525 -10.88 14.66 16.26
N PRO M 526 -11.32 13.77 15.37
CA PRO M 526 -10.71 12.44 15.29
C PRO M 526 -9.26 12.50 14.85
N LYS M 527 -8.49 11.51 15.29
CA LYS M 527 -7.06 11.44 14.96
C LYS M 527 -6.85 10.98 13.52
N ASP M 528 -7.36 11.79 12.60
CA ASP M 528 -7.26 11.52 11.16
C ASP M 528 -7.83 10.16 10.79
N LYS N 1 22.69 -23.24 106.51
CA LYS N 1 23.56 -23.65 105.41
C LYS N 1 24.37 -22.47 104.89
N LEU N 2 23.70 -21.35 104.65
CA LEU N 2 24.33 -20.15 104.13
C LEU N 2 24.59 -19.18 105.28
N ARG N 3 25.83 -18.72 105.40
CA ARG N 3 26.22 -17.77 106.45
C ARG N 3 26.72 -16.49 105.82
N PRO N 4 25.99 -15.39 105.92
CA PRO N 4 26.44 -14.13 105.32
C PRO N 4 27.60 -13.53 106.11
N LEU N 5 28.22 -12.51 105.51
CA LEU N 5 29.39 -11.87 106.07
C LEU N 5 29.13 -10.38 106.26
N HIS N 6 29.53 -9.87 107.42
CA HIS N 6 29.51 -8.43 107.73
C HIS N 6 28.06 -7.94 107.66
N ASP N 7 27.72 -7.01 106.77
CA ASP N 7 26.41 -6.40 106.75
C ASP N 7 25.41 -7.15 105.89
N ARG N 8 25.79 -8.30 105.33
CA ARG N 8 24.92 -9.01 104.40
C ARG N 8 23.76 -9.69 105.13
N VAL N 9 22.61 -9.71 104.45
CA VAL N 9 21.43 -10.42 104.91
C VAL N 9 20.90 -11.26 103.77
N VAL N 10 20.53 -12.51 104.07
CA VAL N 10 19.96 -13.43 103.09
C VAL N 10 18.46 -13.48 103.31
N VAL N 11 17.69 -13.21 102.25
CA VAL N 11 16.24 -13.15 102.32
C VAL N 11 15.66 -14.07 101.25
N LYS N 12 14.56 -14.75 101.61
CA LYS N 12 13.76 -15.51 100.65
C LYS N 12 12.58 -14.63 100.26
N ARG N 13 12.61 -14.10 99.04
CA ARG N 13 11.55 -13.24 98.57
C ARG N 13 10.25 -14.01 98.47
N ILE N 14 9.19 -13.50 99.11
CA ILE N 14 7.94 -14.23 99.16
C ILE N 14 7.31 -14.29 97.78
N GLU N 15 6.52 -15.35 97.56
CA GLU N 15 5.86 -15.55 96.28
C GLU N 15 4.83 -14.45 96.03
N ALA N 16 4.61 -14.17 94.74
CA ALA N 16 3.67 -13.13 94.35
C ALA N 16 2.24 -13.57 94.61
N GLU N 17 1.43 -12.64 95.13
CA GLU N 17 0.08 -12.95 95.57
C GLU N 17 -0.76 -13.57 94.45
N ARG N 18 -1.52 -14.60 94.80
CA ARG N 18 -2.37 -15.33 93.86
C ARG N 18 -3.85 -14.96 93.97
N LYS N 19 -4.46 -15.16 95.14
CA LYS N 19 -5.85 -14.84 95.38
C LYS N 19 -5.98 -13.50 96.10
N THR N 20 -7.04 -12.77 95.76
CA THR N 20 -7.29 -11.44 96.32
C THR N 20 -8.44 -11.50 97.31
N ALA N 21 -8.87 -10.32 97.76
CA ALA N 21 -9.99 -10.24 98.69
C ALA N 21 -11.27 -10.79 98.06
N SER N 22 -11.48 -10.52 96.77
CA SER N 22 -12.64 -11.03 96.06
C SER N 22 -12.39 -12.39 95.44
N GLY N 23 -11.22 -12.98 95.64
CA GLY N 23 -10.91 -14.30 95.12
C GLY N 23 -10.42 -14.35 93.70
N ILE N 24 -10.16 -13.20 93.08
CA ILE N 24 -9.72 -13.18 91.69
C ILE N 24 -8.32 -13.79 91.59
N VAL N 25 -8.14 -14.68 90.61
CA VAL N 25 -6.87 -15.36 90.42
C VAL N 25 -6.04 -14.60 89.39
N ILE N 26 -4.80 -14.31 89.75
CA ILE N 26 -3.85 -13.65 88.86
C ILE N 26 -2.85 -14.70 88.38
N PRO N 27 -2.58 -14.80 87.08
CA PRO N 27 -1.55 -15.73 86.61
C PRO N 27 -0.18 -15.31 87.10
N ASP N 28 0.70 -16.32 87.28
CA ASP N 28 2.04 -16.05 87.76
C ASP N 28 2.81 -15.14 86.82
N THR N 29 2.51 -15.19 85.52
CA THR N 29 3.15 -14.28 84.58
C THR N 29 2.78 -12.84 84.87
N ALA N 30 1.50 -12.57 85.18
CA ALA N 30 1.05 -11.23 85.48
C ALA N 30 1.31 -10.82 86.92
N GLY N 31 1.65 -11.77 87.80
CA GLY N 31 1.88 -11.46 89.20
C GLY N 31 3.16 -10.68 89.42
N GLU N 32 3.03 -9.41 89.80
CA GLU N 32 4.19 -8.58 90.07
C GLU N 32 4.94 -9.11 91.29
N LYS N 33 6.27 -9.12 91.18
CA LYS N 33 7.10 -9.68 92.24
C LYS N 33 7.17 -8.70 93.40
N PRO N 34 6.71 -9.08 94.60
CA PRO N 34 6.78 -8.17 95.74
C PRO N 34 8.21 -7.93 96.19
N ASP N 35 8.42 -6.77 96.82
CA ASP N 35 9.71 -6.38 97.35
C ASP N 35 9.90 -6.80 98.80
N GLN N 36 9.20 -7.84 99.25
CA GLN N 36 9.25 -8.29 100.62
C GLN N 36 9.77 -9.73 100.68
N GLY N 37 10.25 -10.11 101.86
CA GLY N 37 10.71 -11.46 102.07
C GLY N 37 11.09 -11.65 103.52
N GLU N 38 11.16 -12.92 103.92
CA GLU N 38 11.56 -13.26 105.28
C GLU N 38 13.05 -13.53 105.33
N VAL N 39 13.63 -13.29 106.50
CA VAL N 39 15.08 -13.44 106.71
C VAL N 39 15.34 -14.80 107.34
N LEU N 40 16.28 -15.55 106.76
CA LEU N 40 16.71 -16.82 107.31
C LEU N 40 18.17 -16.85 107.72
N ALA N 41 18.98 -15.90 107.25
CA ALA N 41 20.38 -15.80 107.64
C ALA N 41 20.72 -14.34 107.87
N VAL N 42 21.42 -14.05 108.97
CA VAL N 42 21.75 -12.67 109.34
C VAL N 42 23.26 -12.57 109.52
N GLY N 43 23.79 -11.39 109.25
CA GLY N 43 25.20 -11.14 109.42
C GLY N 43 25.56 -10.71 110.83
N ASP N 44 26.85 -10.73 111.12
CA ASP N 44 27.33 -10.31 112.43
C ASP N 44 27.24 -8.80 112.61
N GLY N 45 27.50 -8.05 111.56
CA GLY N 45 27.44 -6.59 111.61
C GLY N 45 28.60 -5.95 110.88
N LYS N 46 28.37 -4.75 110.37
CA LYS N 46 29.40 -4.04 109.62
C LYS N 46 30.48 -3.53 110.57
N ILE N 47 31.74 -3.80 110.22
CA ILE N 47 32.87 -3.28 110.98
C ILE N 47 32.97 -1.78 110.73
N LEU N 48 32.63 -0.98 111.73
CA LEU N 48 32.81 0.46 111.61
C LEU N 48 34.27 0.84 111.86
N ASP N 49 34.54 2.13 111.76
CA ASP N 49 35.92 2.60 111.64
C ASP N 49 36.74 2.31 112.89
N ASP N 50 36.13 2.30 114.07
CA ASP N 50 36.85 2.12 115.32
C ASP N 50 36.88 0.66 115.77
N GLY N 51 36.48 -0.27 114.93
CA GLY N 51 36.43 -1.66 115.31
C GLY N 51 35.06 -2.06 115.80
N SER N 52 34.99 -3.27 116.35
CA SER N 52 33.75 -3.87 116.85
C SER N 52 32.70 -4.00 115.74
N LYS N 53 31.45 -4.21 116.12
CA LYS N 53 30.38 -4.49 115.17
C LYS N 53 29.21 -3.56 115.42
N ARG N 54 28.46 -3.30 114.34
CA ARG N 54 27.23 -2.52 114.40
C ARG N 54 26.06 -3.43 114.74
N PRO N 55 25.28 -3.12 115.78
CA PRO N 55 24.11 -3.95 116.11
C PRO N 55 23.11 -3.95 114.96
N MET N 56 22.80 -5.14 114.46
CA MET N 56 21.91 -5.27 113.32
C MET N 56 20.47 -4.99 113.72
N ALA N 57 19.72 -4.41 112.79
CA ALA N 57 18.31 -4.09 113.00
C ALA N 57 17.37 -5.17 112.45
N VAL N 58 17.90 -6.26 111.91
CA VAL N 58 17.09 -7.33 111.33
C VAL N 58 17.36 -8.61 112.11
N LYS N 59 16.30 -9.23 112.61
CA LYS N 59 16.39 -10.46 113.38
C LYS N 59 15.90 -11.61 112.53
N VAL N 60 16.57 -12.77 112.64
CA VAL N 60 16.22 -13.93 111.83
C VAL N 60 14.77 -14.33 112.10
N GLY N 61 14.01 -14.54 111.03
CA GLY N 61 12.62 -14.92 111.13
C GLY N 61 11.63 -13.81 110.86
N ASP N 62 12.08 -12.56 110.82
CA ASP N 62 11.19 -11.44 110.59
C ASP N 62 10.93 -11.26 109.10
N LYS N 63 9.94 -10.42 108.79
CA LYS N 63 9.62 -10.06 107.43
C LYS N 63 10.16 -8.67 107.13
N VAL N 64 10.94 -8.56 106.05
CA VAL N 64 11.62 -7.32 105.72
C VAL N 64 11.23 -6.88 104.32
N LEU N 65 11.37 -5.59 104.07
CA LEU N 65 11.09 -4.98 102.78
C LEU N 65 12.39 -4.39 102.24
N PHE N 66 12.70 -4.69 100.98
CA PHE N 66 13.96 -4.29 100.37
C PHE N 66 13.72 -3.69 99.00
N GLY N 67 14.79 -3.14 98.42
CA GLY N 67 14.69 -2.51 97.12
C GLY N 67 14.49 -3.53 96.01
N LYS N 68 13.88 -3.05 94.92
CA LYS N 68 13.54 -3.96 93.82
C LYS N 68 14.79 -4.36 93.03
N TYR N 69 15.76 -3.45 92.90
CA TYR N 69 17.02 -3.74 92.21
C TYR N 69 18.12 -4.20 93.14
N ALA N 70 17.88 -4.26 94.44
CA ALA N 70 18.92 -4.61 95.38
C ALA N 70 19.07 -6.13 95.49
N GLY N 71 20.27 -6.56 95.86
CA GLY N 71 20.53 -7.96 96.12
C GLY N 71 20.89 -8.75 94.87
N GLN N 72 21.21 -10.02 95.09
CA GLN N 72 21.55 -10.94 94.02
C GLN N 72 21.05 -12.32 94.41
N THR N 73 20.68 -13.10 93.40
CA THR N 73 20.04 -14.40 93.62
C THR N 73 21.07 -15.52 93.59
N VAL N 74 21.05 -16.35 94.62
CA VAL N 74 22.01 -17.44 94.76
C VAL N 74 21.40 -18.73 94.24
N LYS N 75 22.25 -19.62 93.72
CA LYS N 75 21.81 -20.84 93.04
C LYS N 75 21.77 -22.05 93.97
N VAL N 76 21.94 -21.86 95.28
CA VAL N 76 22.16 -22.98 96.19
C VAL N 76 20.87 -23.78 96.39
N GLU N 77 20.97 -25.10 96.18
CA GLU N 77 19.90 -26.10 96.22
C GLU N 77 18.58 -25.62 95.61
N GLY N 78 18.67 -24.81 94.55
CA GLY N 78 17.52 -24.53 93.71
C GLY N 78 16.59 -23.43 94.15
N GLU N 79 16.44 -23.17 95.46
CA GLU N 79 15.58 -22.07 95.87
C GLU N 79 16.24 -20.74 95.59
N GLU N 80 15.42 -19.75 95.24
CA GLU N 80 15.90 -18.40 94.97
C GLU N 80 16.01 -17.66 96.30
N LEU N 81 17.21 -17.21 96.63
CA LEU N 81 17.48 -16.44 97.83
C LEU N 81 18.26 -15.20 97.45
N LEU N 82 17.87 -14.06 98.00
CA LEU N 82 18.50 -12.78 97.70
C LEU N 82 19.42 -12.42 98.85
N VAL N 83 20.68 -12.16 98.53
CA VAL N 83 21.68 -11.72 99.51
C VAL N 83 22.00 -10.26 99.25
N LEU N 84 21.83 -9.42 100.26
CA LEU N 84 21.92 -7.99 100.09
C LEU N 84 22.40 -7.35 101.39
N ARG N 85 22.91 -6.12 101.27
CA ARG N 85 23.45 -5.43 102.43
C ARG N 85 22.32 -5.00 103.37
N GLU N 86 22.72 -4.64 104.59
CA GLU N 86 21.75 -4.27 105.60
C GLU N 86 21.05 -2.95 105.29
N ASP N 87 21.70 -2.06 104.55
CA ASP N 87 21.12 -0.75 104.24
C ASP N 87 20.02 -0.80 103.20
N ASP N 88 19.97 -1.83 102.35
CA ASP N 88 18.94 -1.90 101.33
C ASP N 88 17.56 -2.15 101.93
N ILE N 89 17.49 -2.93 103.00
CA ILE N 89 16.22 -3.16 103.69
C ILE N 89 15.77 -1.85 104.32
N MET N 90 14.70 -1.26 103.78
CA MET N 90 14.23 0.02 104.29
C MET N 90 13.24 -0.10 105.45
N ALA N 91 12.57 -1.25 105.59
CA ALA N 91 11.57 -1.38 106.64
C ALA N 91 11.45 -2.85 107.03
N VAL N 92 10.90 -3.06 108.23
CA VAL N 92 10.59 -4.39 108.74
C VAL N 92 9.10 -4.44 109.02
N ILE N 93 8.42 -5.42 108.43
CA ILE N 93 6.97 -5.57 108.57
C ILE N 93 6.70 -6.38 109.82
N GLU N 94 5.55 -6.11 110.45
CA GLU N 94 5.24 -6.47 111.85
C GLU N 94 6.48 -6.73 112.69
N ALA O 1 -3.77 -23.41 -18.25
CA ALA O 1 -2.61 -22.79 -17.61
C ALA O 1 -2.04 -23.72 -16.55
N ALA O 2 -1.45 -23.14 -15.51
CA ALA O 2 -0.89 -23.92 -14.42
C ALA O 2 -2.00 -24.67 -13.69
N LYS O 3 -1.68 -25.88 -13.25
CA LYS O 3 -2.64 -26.76 -12.58
C LYS O 3 -2.23 -26.99 -11.14
N GLU O 4 -3.22 -27.02 -10.26
CA GLU O 4 -3.01 -27.40 -8.87
C GLU O 4 -3.50 -28.82 -8.67
N VAL O 5 -2.72 -29.63 -7.99
CA VAL O 5 -2.98 -31.06 -7.84
C VAL O 5 -3.18 -31.36 -6.35
N LYS O 6 -4.27 -32.04 -6.03
CA LYS O 6 -4.58 -32.45 -4.66
C LYS O 6 -4.65 -33.96 -4.59
N PHE O 7 -4.25 -34.51 -3.44
CA PHE O 7 -4.12 -35.95 -3.27
C PHE O 7 -4.83 -36.41 -2.01
N HIS O 8 -5.25 -37.67 -2.03
CA HIS O 8 -5.69 -38.42 -0.84
C HIS O 8 -6.85 -37.67 -0.17
N ASP O 9 -6.82 -37.48 1.14
CA ASP O 9 -7.97 -36.93 1.85
C ASP O 9 -8.20 -35.46 1.52
N SER O 10 -7.13 -34.71 1.22
CA SER O 10 -7.30 -33.31 0.88
C SER O 10 -8.12 -33.15 -0.40
N ALA O 11 -7.88 -34.02 -1.38
CA ALA O 11 -8.70 -34.00 -2.59
C ALA O 11 -10.12 -34.45 -2.30
N ARG O 12 -10.29 -35.51 -1.51
CA ARG O 12 -11.62 -36.01 -1.23
C ARG O 12 -12.43 -35.03 -0.38
N GLU O 13 -11.77 -34.37 0.57
CA GLU O 13 -12.48 -33.40 1.40
C GLU O 13 -13.00 -32.24 0.58
N ARG O 14 -12.21 -31.74 -0.37
CA ARG O 14 -12.67 -30.68 -1.25
C ARG O 14 -13.82 -31.16 -2.13
N LEU O 15 -13.73 -32.39 -2.64
CA LEU O 15 -14.78 -32.93 -3.48
C LEU O 15 -16.09 -33.09 -2.71
N VAL O 16 -16.00 -33.62 -1.49
CA VAL O 16 -17.21 -33.83 -0.69
C VAL O 16 -17.84 -32.51 -0.29
N ALA O 17 -17.02 -31.49 -0.01
CA ALA O 17 -17.56 -30.19 0.35
C ALA O 17 -18.40 -29.61 -0.80
N GLY O 18 -17.94 -29.77 -2.03
CA GLY O 18 -18.73 -29.33 -3.17
C GLY O 18 -20.01 -30.12 -3.33
N VAL O 19 -19.96 -31.42 -3.05
CA VAL O 19 -21.16 -32.24 -3.11
C VAL O 19 -22.17 -31.77 -2.07
N ASN O 20 -21.71 -31.53 -0.84
CA ASN O 20 -22.61 -31.15 0.23
C ASN O 20 -23.25 -29.79 -0.01
N LEU O 21 -22.47 -28.84 -0.54
CA LEU O 21 -23.01 -27.51 -0.77
C LEU O 21 -24.13 -27.54 -1.80
N LEU O 22 -23.93 -28.29 -2.89
CA LEU O 22 -24.97 -28.38 -3.90
C LEU O 22 -26.16 -29.18 -3.40
N ALA O 23 -25.92 -30.30 -2.72
CA ALA O 23 -27.01 -31.14 -2.27
C ALA O 23 -27.80 -30.51 -1.14
N ASN O 24 -27.14 -29.73 -0.29
CA ASN O 24 -27.87 -29.05 0.79
C ASN O 24 -28.83 -28.01 0.23
N ALA O 25 -28.42 -27.29 -0.81
CA ALA O 25 -29.33 -26.34 -1.46
C ALA O 25 -30.50 -27.06 -2.09
N VAL O 26 -30.23 -28.18 -2.77
CA VAL O 26 -31.30 -28.97 -3.38
C VAL O 26 -32.14 -29.67 -2.31
N LYS O 27 -31.55 -30.00 -1.16
CA LYS O 27 -32.28 -30.66 -0.09
C LYS O 27 -33.51 -29.88 0.34
N THR O 28 -33.41 -28.56 0.38
CA THR O 28 -34.46 -27.73 0.96
C THR O 28 -35.77 -27.84 0.20
N THR O 29 -35.75 -28.31 -1.04
CA THR O 29 -36.95 -28.38 -1.87
C THR O 29 -37.59 -29.76 -1.86
N LEU O 30 -37.07 -30.71 -1.09
CA LEU O 30 -37.55 -32.08 -1.16
C LEU O 30 -38.80 -32.27 -0.32
N GLY O 31 -39.79 -32.97 -0.89
CA GLY O 31 -40.96 -33.38 -0.16
C GLY O 31 -42.09 -32.38 -0.21
N PRO O 32 -43.25 -32.77 0.32
CA PRO O 32 -44.39 -31.83 0.35
C PRO O 32 -44.12 -30.60 1.19
N LYS O 33 -43.30 -30.71 2.23
CA LYS O 33 -42.97 -29.58 3.09
C LYS O 33 -41.65 -28.93 2.71
N GLY O 34 -41.10 -29.29 1.56
CA GLY O 34 -39.93 -28.59 1.07
C GLY O 34 -40.25 -27.16 0.68
N ARG O 35 -39.24 -26.31 0.70
CA ARG O 35 -39.41 -24.90 0.46
C ARG O 35 -38.71 -24.48 -0.82
N ASN O 36 -39.04 -23.27 -1.27
CA ASN O 36 -38.58 -22.79 -2.55
C ASN O 36 -37.16 -22.23 -2.46
N VAL O 37 -36.48 -22.20 -3.60
CA VAL O 37 -35.16 -21.64 -3.73
C VAL O 37 -35.23 -20.48 -4.72
N VAL O 38 -34.73 -19.32 -4.32
CA VAL O 38 -34.69 -18.14 -5.18
C VAL O 38 -33.32 -18.05 -5.82
N ILE O 39 -33.30 -17.90 -7.13
CA ILE O 39 -32.06 -17.82 -7.90
C ILE O 39 -32.04 -16.51 -8.66
N GLU O 40 -30.94 -15.77 -8.54
CA GLU O 40 -30.81 -14.49 -9.22
C GLU O 40 -30.53 -14.72 -10.69
N ARG O 41 -31.28 -14.03 -11.55
CA ARG O 41 -31.05 -14.03 -12.98
C ARG O 41 -30.35 -12.74 -13.37
N SER O 42 -29.56 -12.82 -14.45
CA SER O 42 -28.81 -11.65 -14.90
C SER O 42 -29.74 -10.52 -15.31
N PHE O 43 -30.85 -10.86 -15.97
CA PHE O 43 -31.79 -9.87 -16.49
C PHE O 43 -32.91 -9.54 -15.51
N GLY O 44 -32.66 -9.69 -14.21
CA GLY O 44 -33.66 -9.38 -13.23
C GLY O 44 -34.73 -10.45 -13.15
N ALA O 45 -35.73 -10.19 -12.29
CA ALA O 45 -36.84 -11.10 -12.04
C ALA O 45 -36.32 -12.47 -11.62
N PRO O 46 -35.86 -12.63 -10.38
CA PRO O 46 -35.32 -13.91 -9.94
C PRO O 46 -36.36 -15.02 -10.06
N ILE O 47 -35.90 -16.21 -10.40
CA ILE O 47 -36.78 -17.35 -10.54
C ILE O 47 -36.91 -18.06 -9.20
N VAL O 48 -38.13 -18.49 -8.89
CA VAL O 48 -38.43 -19.23 -7.68
C VAL O 48 -38.81 -20.64 -8.10
N THR O 49 -38.05 -21.63 -7.64
CA THR O 49 -38.23 -22.99 -8.10
C THR O 49 -38.17 -23.96 -6.92
N LYS O 50 -38.86 -25.09 -7.08
CA LYS O 50 -38.78 -26.21 -6.16
C LYS O 50 -38.16 -27.43 -6.81
N ASP O 51 -37.64 -27.28 -8.04
CA ASP O 51 -37.05 -28.38 -8.77
C ASP O 51 -35.57 -28.52 -8.43
N GLY O 52 -35.13 -29.76 -8.22
CA GLY O 52 -33.73 -29.98 -7.90
C GLY O 52 -32.80 -29.65 -9.05
N VAL O 53 -33.20 -29.97 -10.27
CA VAL O 53 -32.33 -29.74 -11.42
C VAL O 53 -32.12 -28.26 -11.68
N THR O 54 -33.17 -27.45 -11.49
CA THR O 54 -33.04 -26.02 -11.69
C THR O 54 -32.08 -25.41 -10.68
N VAL O 55 -32.18 -25.83 -9.42
CA VAL O 55 -31.25 -25.35 -8.40
C VAL O 55 -29.84 -25.86 -8.67
N ALA O 56 -29.72 -27.14 -9.02
CA ALA O 56 -28.40 -27.75 -9.22
C ALA O 56 -27.67 -27.12 -10.39
N LYS O 57 -28.36 -26.88 -11.50
CA LYS O 57 -27.70 -26.39 -12.71
C LYS O 57 -27.15 -24.98 -12.57
N GLU O 58 -27.53 -24.25 -11.51
CA GLU O 58 -27.08 -22.88 -11.34
C GLU O 58 -25.95 -22.74 -10.33
N ILE O 59 -25.66 -23.78 -9.55
CA ILE O 59 -24.67 -23.68 -8.48
C ILE O 59 -23.27 -23.82 -9.07
N GLU O 60 -22.45 -22.80 -8.85
CA GLU O 60 -21.04 -22.83 -9.21
C GLU O 60 -20.25 -22.25 -8.03
N LEU O 61 -19.10 -22.85 -7.75
CA LEU O 61 -18.35 -22.54 -6.55
C LEU O 61 -17.03 -21.85 -6.90
N LYS O 62 -16.62 -20.92 -6.04
CA LYS O 62 -15.36 -20.22 -6.24
C LYS O 62 -14.18 -21.18 -6.18
N ASP O 63 -14.18 -22.09 -5.21
CA ASP O 63 -13.13 -23.09 -5.12
C ASP O 63 -13.28 -24.08 -6.25
N LYS O 64 -12.24 -24.21 -7.08
CA LYS O 64 -12.33 -25.06 -8.26
C LYS O 64 -12.38 -26.53 -7.88
N PHE O 65 -11.76 -26.90 -6.75
CA PHE O 65 -11.82 -28.29 -6.30
C PHE O 65 -13.18 -28.62 -5.70
N GLU O 66 -13.78 -27.67 -4.97
CA GLU O 66 -15.16 -27.87 -4.54
C GLU O 66 -16.11 -27.85 -5.73
N ASN O 67 -15.79 -27.08 -6.76
CA ASN O 67 -16.62 -27.04 -7.96
C ASN O 67 -16.65 -28.38 -8.66
N MET O 68 -15.61 -29.21 -8.49
CA MET O 68 -15.63 -30.56 -9.05
C MET O 68 -16.82 -31.35 -8.53
N GLY O 69 -16.97 -31.41 -7.20
CA GLY O 69 -18.07 -32.17 -6.63
C GLY O 69 -19.42 -31.59 -7.01
N ALA O 70 -19.52 -30.26 -7.05
CA ALA O 70 -20.78 -29.63 -7.43
C ALA O 70 -21.13 -29.97 -8.88
N GLN O 71 -20.15 -29.95 -9.77
CA GLN O 71 -20.42 -30.19 -11.18
C GLN O 71 -20.85 -31.63 -11.43
N MET O 72 -20.28 -32.58 -10.69
CA MET O 72 -20.64 -33.98 -10.90
C MET O 72 -22.03 -34.28 -10.34
N VAL O 73 -22.34 -33.80 -9.14
CA VAL O 73 -23.67 -34.01 -8.58
C VAL O 73 -24.71 -33.24 -9.38
N LYS O 74 -24.34 -32.07 -9.90
CA LYS O 74 -25.23 -31.34 -10.80
C LYS O 74 -25.62 -32.21 -11.99
N GLU O 75 -24.74 -33.12 -12.39
CA GLU O 75 -25.00 -33.97 -13.55
C GLU O 75 -25.95 -35.11 -13.19
N VAL O 76 -25.99 -35.50 -11.91
CA VAL O 76 -26.97 -36.49 -11.47
C VAL O 76 -28.38 -35.97 -11.69
N ALA O 77 -28.63 -34.72 -11.30
CA ALA O 77 -29.94 -34.12 -11.52
C ALA O 77 -30.21 -33.89 -13.00
N SER O 78 -29.18 -33.50 -13.75
CA SER O 78 -29.37 -33.27 -15.18
C SER O 78 -29.75 -34.54 -15.92
N LYS O 79 -29.11 -35.66 -15.58
CA LYS O 79 -29.44 -36.92 -16.24
C LYS O 79 -30.82 -37.41 -15.82
N THR O 80 -31.18 -37.25 -14.55
CA THR O 80 -32.50 -37.67 -14.09
C THR O 80 -33.59 -36.84 -14.74
N ALA O 81 -33.36 -35.54 -14.91
CA ALA O 81 -34.34 -34.71 -15.60
C ALA O 81 -34.49 -35.11 -17.05
N ASP O 82 -33.38 -35.50 -17.69
CA ASP O 82 -33.42 -35.89 -19.10
C ASP O 82 -34.24 -37.16 -19.30
N VAL O 83 -34.04 -38.16 -18.44
CA VAL O 83 -34.65 -39.46 -18.66
C VAL O 83 -36.01 -39.61 -17.98
N ALA O 84 -36.31 -38.81 -16.96
CA ALA O 84 -37.56 -38.96 -16.24
C ALA O 84 -38.34 -37.65 -16.16
N GLY O 85 -37.64 -36.53 -16.05
CA GLY O 85 -38.28 -35.25 -15.85
C GLY O 85 -38.71 -34.98 -14.43
N ASP O 86 -38.46 -35.91 -13.52
CA ASP O 86 -38.82 -35.78 -12.12
C ASP O 86 -37.86 -36.62 -11.30
N GLY O 87 -37.83 -36.38 -10.00
CA GLY O 87 -36.91 -37.10 -9.15
C GLY O 87 -35.51 -36.54 -9.11
N THR O 88 -35.32 -35.32 -9.59
CA THR O 88 -33.99 -34.72 -9.59
C THR O 88 -33.50 -34.43 -8.17
N THR O 89 -34.39 -33.95 -7.30
CA THR O 89 -34.01 -33.74 -5.90
C THR O 89 -33.73 -35.07 -5.22
N THR O 90 -34.54 -36.09 -5.50
CA THR O 90 -34.31 -37.41 -4.92
C THR O 90 -32.99 -37.99 -5.38
N ALA O 91 -32.67 -37.83 -6.67
CA ALA O 91 -31.40 -38.31 -7.19
C ALA O 91 -30.24 -37.59 -6.53
N THR O 92 -30.34 -36.27 -6.38
CA THR O 92 -29.28 -35.51 -5.72
C THR O 92 -29.12 -35.91 -4.27
N VAL O 93 -30.24 -36.13 -3.58
CA VAL O 93 -30.19 -36.56 -2.18
C VAL O 93 -29.56 -37.93 -2.07
N LEU O 94 -29.94 -38.85 -2.97
CA LEU O 94 -29.35 -40.19 -2.95
C LEU O 94 -27.85 -40.15 -3.24
N ALA O 95 -27.44 -39.31 -4.20
CA ALA O 95 -26.02 -39.23 -4.55
C ALA O 95 -25.20 -38.73 -3.37
N GLN O 96 -25.70 -37.74 -2.64
CA GLN O 96 -24.99 -37.25 -1.46
C GLN O 96 -24.92 -38.31 -0.38
N ALA O 97 -25.99 -39.09 -0.19
CA ALA O 97 -25.98 -40.15 0.81
C ALA O 97 -24.94 -41.22 0.49
N ILE O 98 -24.82 -41.59 -0.79
CA ILE O 98 -23.82 -42.58 -1.18
C ILE O 98 -22.42 -42.04 -0.94
N VAL O 99 -22.19 -40.78 -1.30
CA VAL O 99 -20.88 -40.18 -1.08
C VAL O 99 -20.58 -40.10 0.41
N ARG O 100 -21.55 -39.66 1.21
CA ARG O 100 -21.34 -39.54 2.65
C ARG O 100 -21.08 -40.89 3.28
N GLU O 101 -21.86 -41.91 2.93
CA GLU O 101 -21.65 -43.23 3.48
C GLU O 101 -20.41 -43.89 2.90
N GLY O 102 -20.12 -43.64 1.63
CA GLY O 102 -18.96 -44.26 1.01
C GLY O 102 -17.64 -43.69 1.48
N MET O 103 -17.61 -42.40 1.82
CA MET O 103 -16.36 -41.80 2.29
C MET O 103 -15.95 -42.37 3.64
N LYS O 104 -16.90 -42.85 4.43
CA LYS O 104 -16.56 -43.51 5.68
C LYS O 104 -15.78 -44.80 5.44
N TYR O 105 -16.18 -45.56 4.42
CA TYR O 105 -15.47 -46.79 4.09
C TYR O 105 -14.16 -46.52 3.37
N VAL O 106 -14.11 -45.46 2.56
CA VAL O 106 -12.85 -45.08 1.92
C VAL O 106 -11.84 -44.65 3.00
N ALA O 107 -12.29 -43.88 3.97
CA ALA O 107 -11.43 -43.50 5.09
C ALA O 107 -11.04 -44.69 5.95
N ALA O 108 -11.79 -45.78 5.87
CA ALA O 108 -11.47 -47.00 6.61
C ALA O 108 -10.48 -47.90 5.87
N GLY O 109 -9.93 -47.43 4.75
CA GLY O 109 -8.94 -48.19 4.02
C GLY O 109 -9.49 -49.19 3.04
N MET O 110 -10.80 -49.22 2.82
CA MET O 110 -11.39 -50.17 1.89
C MET O 110 -11.15 -49.72 0.45
N ASN O 111 -11.03 -50.70 -0.43
CA ASN O 111 -10.78 -50.42 -1.84
C ASN O 111 -12.02 -49.80 -2.48
N PRO O 112 -11.94 -48.56 -2.98
CA PRO O 112 -13.14 -47.93 -3.54
C PRO O 112 -13.61 -48.54 -4.84
N MET O 113 -12.73 -49.19 -5.60
CA MET O 113 -13.17 -49.87 -6.81
C MET O 113 -14.09 -51.03 -6.48
N ASP O 114 -13.78 -51.77 -5.41
CA ASP O 114 -14.69 -52.81 -4.94
C ASP O 114 -15.94 -52.22 -4.30
N LEU O 115 -15.81 -51.04 -3.67
CA LEU O 115 -17.00 -50.34 -3.18
C LEU O 115 -17.92 -49.98 -4.34
N LYS O 116 -17.35 -49.48 -5.44
CA LYS O 116 -18.16 -49.14 -6.61
C LYS O 116 -18.82 -50.39 -7.19
N ARG O 117 -18.08 -51.51 -7.23
CA ARG O 117 -18.66 -52.75 -7.72
C ARG O 117 -19.76 -53.26 -6.80
N GLY O 118 -19.57 -53.11 -5.49
CA GLY O 118 -20.63 -53.47 -4.56
C GLY O 118 -21.84 -52.56 -4.68
N ILE O 119 -21.60 -51.26 -4.93
CA ILE O 119 -22.70 -50.32 -5.11
C ILE O 119 -23.52 -50.70 -6.34
N ASP O 120 -22.84 -51.04 -7.44
CA ASP O 120 -23.55 -51.44 -8.65
C ASP O 120 -24.34 -52.72 -8.43
N LYS O 121 -23.77 -53.66 -7.67
CA LYS O 121 -24.47 -54.92 -7.40
C LYS O 121 -25.73 -54.68 -6.58
N ALA O 122 -25.65 -53.81 -5.57
CA ALA O 122 -26.82 -53.54 -4.73
C ALA O 122 -27.89 -52.78 -5.50
N VAL O 123 -27.48 -51.84 -6.34
CA VAL O 123 -28.45 -51.05 -7.09
C VAL O 123 -29.19 -51.91 -8.11
N THR O 124 -28.47 -52.85 -8.74
CA THR O 124 -29.13 -53.78 -9.66
C THR O 124 -30.17 -54.61 -8.94
N ALA O 125 -29.86 -55.10 -7.74
CA ALA O 125 -30.81 -55.89 -6.98
C ALA O 125 -32.02 -55.05 -6.57
N ILE O 126 -31.79 -53.81 -6.15
CA ILE O 126 -32.89 -52.97 -5.69
C ILE O 126 -33.78 -52.56 -6.85
N VAL O 127 -33.18 -52.25 -8.01
CA VAL O 127 -33.98 -51.89 -9.17
C VAL O 127 -34.85 -53.06 -9.62
N GLU O 128 -34.32 -54.28 -9.53
CA GLU O 128 -35.11 -55.46 -9.84
C GLU O 128 -36.30 -55.59 -8.89
N GLU O 129 -36.08 -55.32 -7.60
CA GLU O 129 -37.18 -55.38 -6.65
C GLU O 129 -38.18 -54.26 -6.86
N LEU O 130 -37.73 -53.11 -7.36
CA LEU O 130 -38.66 -52.04 -7.69
C LEU O 130 -39.61 -52.46 -8.80
N LYS O 131 -39.11 -53.23 -9.77
CA LYS O 131 -39.96 -53.71 -10.85
C LYS O 131 -41.05 -54.63 -10.33
N ALA O 132 -40.71 -55.50 -9.38
CA ALA O 132 -41.72 -56.40 -8.81
C ALA O 132 -42.74 -55.64 -7.98
N ILE O 133 -42.29 -54.66 -7.20
CA ILE O 133 -43.20 -53.88 -6.37
C ILE O 133 -44.12 -53.01 -7.23
N SER O 134 -43.61 -52.49 -8.34
CA SER O 134 -44.37 -51.57 -9.17
C SER O 134 -45.66 -52.21 -9.66
N LYS O 135 -46.74 -51.43 -9.63
CA LYS O 135 -48.04 -51.80 -10.16
C LYS O 135 -48.39 -50.92 -11.34
N PRO O 136 -49.07 -51.45 -12.36
CA PRO O 136 -49.40 -50.64 -13.53
C PRO O 136 -50.38 -49.53 -13.20
N CYS O 137 -50.25 -48.44 -13.93
CA CYS O 137 -51.12 -47.28 -13.79
C CYS O 137 -52.18 -47.33 -14.89
N SER O 138 -53.41 -47.68 -14.50
CA SER O 138 -54.49 -47.88 -15.47
C SER O 138 -55.71 -47.01 -15.23
N THR O 139 -55.89 -46.44 -14.05
CA THR O 139 -57.06 -45.64 -13.74
C THR O 139 -56.73 -44.16 -13.82
N THR O 140 -57.72 -43.37 -14.25
CA THR O 140 -57.53 -41.93 -14.29
C THR O 140 -57.39 -41.33 -12.90
N LYS O 141 -57.93 -42.02 -11.88
CA LYS O 141 -57.72 -41.56 -10.50
C LYS O 141 -56.25 -41.63 -10.12
N GLU O 142 -55.57 -42.71 -10.50
CA GLU O 142 -54.14 -42.82 -10.21
C GLU O 142 -53.35 -41.77 -10.95
N ILE O 143 -53.74 -41.46 -12.18
CA ILE O 143 -53.05 -40.41 -12.95
C ILE O 143 -53.20 -39.07 -12.26
N ALA O 144 -54.40 -38.76 -11.76
CA ALA O 144 -54.60 -37.53 -11.01
C ALA O 144 -53.77 -37.52 -9.75
N GLN O 145 -53.71 -38.67 -9.05
CA GLN O 145 -52.92 -38.74 -7.83
C GLN O 145 -51.43 -38.57 -8.11
N VAL O 146 -50.94 -39.16 -9.19
CA VAL O 146 -49.53 -39.00 -9.56
C VAL O 146 -49.24 -37.55 -9.93
N GLY O 147 -50.14 -36.94 -10.70
CA GLY O 147 -49.95 -35.55 -11.05
C GLY O 147 -50.07 -34.62 -9.85
N THR O 148 -50.99 -34.92 -8.94
CA THR O 148 -51.15 -34.09 -7.75
C THR O 148 -49.89 -34.12 -6.88
N ILE O 149 -49.32 -35.30 -6.69
CA ILE O 149 -48.13 -35.43 -5.86
C ILE O 149 -46.95 -34.69 -6.49
N SER O 150 -46.77 -34.84 -7.79
CA SER O 150 -45.65 -34.22 -8.48
C SER O 150 -45.82 -32.71 -8.65
N ALA O 151 -47.04 -32.20 -8.53
CA ALA O 151 -47.29 -30.78 -8.56
C ALA O 151 -47.28 -30.15 -7.18
N ASN O 152 -46.67 -30.82 -6.21
CA ASN O 152 -46.58 -30.35 -4.82
C ASN O 152 -47.97 -30.18 -4.22
N ALA O 153 -48.71 -31.29 -4.18
CA ALA O 153 -50.03 -31.36 -3.55
C ALA O 153 -50.99 -30.32 -4.12
N ASP O 154 -51.02 -30.23 -5.44
CA ASP O 154 -51.95 -29.36 -6.16
C ASP O 154 -52.93 -30.23 -6.92
N SER O 155 -54.14 -30.36 -6.37
CA SER O 155 -55.15 -31.23 -6.99
C SER O 155 -55.65 -30.67 -8.31
N SER O 156 -55.67 -29.35 -8.47
CA SER O 156 -56.13 -28.75 -9.71
C SER O 156 -55.22 -29.13 -10.87
N ILE O 157 -53.90 -29.10 -10.65
CA ILE O 157 -52.96 -29.49 -11.70
C ILE O 157 -53.08 -30.97 -12.01
N GLY O 158 -53.21 -31.80 -10.97
CA GLY O 158 -53.35 -33.23 -11.20
C GLY O 158 -54.63 -33.59 -11.95
N GLU O 159 -55.73 -32.92 -11.61
CA GLU O 159 -57.01 -33.22 -12.26
C GLU O 159 -57.00 -32.77 -13.72
N ILE O 160 -56.43 -31.61 -14.00
CA ILE O 160 -56.42 -31.10 -15.37
C ILE O 160 -55.53 -31.95 -16.26
N ILE O 161 -54.44 -32.48 -15.71
CA ILE O 161 -53.57 -33.36 -16.49
C ILE O 161 -54.24 -34.71 -16.75
N ALA O 162 -54.96 -35.23 -15.75
CA ALA O 162 -55.70 -36.47 -15.95
C ALA O 162 -56.76 -36.30 -17.01
N GLN O 163 -57.46 -35.16 -17.01
CA GLN O 163 -58.43 -34.87 -18.05
C GLN O 163 -57.76 -34.76 -19.42
N ALA O 164 -56.59 -34.13 -19.48
CA ALA O 164 -55.90 -33.96 -20.74
C ALA O 164 -55.51 -35.31 -21.35
N MET O 165 -54.97 -36.21 -20.52
CA MET O 165 -54.60 -37.53 -21.04
C MET O 165 -55.81 -38.36 -21.42
N ASP O 166 -56.93 -38.17 -20.73
CA ASP O 166 -58.16 -38.85 -21.11
C ASP O 166 -58.64 -38.38 -22.47
N LYS O 167 -58.55 -37.07 -22.75
CA LYS O 167 -59.07 -36.53 -23.99
C LYS O 167 -58.18 -36.90 -25.18
N VAL O 168 -56.87 -36.79 -25.02
CA VAL O 168 -55.95 -37.04 -26.14
C VAL O 168 -55.44 -38.46 -26.16
N GLY O 169 -55.70 -39.26 -25.14
CA GLY O 169 -55.26 -40.65 -25.15
C GLY O 169 -53.76 -40.78 -24.93
N LYS O 170 -53.29 -42.01 -25.12
CA LYS O 170 -51.87 -42.30 -24.95
C LYS O 170 -51.03 -41.69 -26.05
N GLU O 171 -51.57 -41.62 -27.27
CA GLU O 171 -50.84 -41.12 -28.42
C GLU O 171 -50.87 -39.60 -28.53
N GLY O 172 -51.59 -38.91 -27.65
CA GLY O 172 -51.70 -37.47 -27.74
C GLY O 172 -50.49 -36.74 -27.19
N VAL O 173 -50.48 -35.44 -27.45
CA VAL O 173 -49.39 -34.55 -27.03
C VAL O 173 -49.98 -33.45 -26.18
N ILE O 174 -49.38 -33.22 -25.00
CA ILE O 174 -49.84 -32.20 -24.07
C ILE O 174 -48.70 -31.20 -23.87
N THR O 175 -49.03 -29.91 -24.00
CA THR O 175 -48.06 -28.84 -23.82
C THR O 175 -48.55 -27.87 -22.77
N VAL O 176 -47.62 -27.08 -22.25
CA VAL O 176 -47.90 -26.10 -21.19
C VAL O 176 -47.51 -24.72 -21.69
N GLU O 177 -48.45 -23.79 -21.60
CA GLU O 177 -48.21 -22.41 -22.00
C GLU O 177 -48.75 -21.46 -20.94
N ASP O 178 -48.36 -20.20 -21.04
CA ASP O 178 -48.86 -19.19 -20.11
C ASP O 178 -50.32 -18.88 -20.41
N GLY O 179 -51.13 -18.83 -19.37
CA GLY O 179 -52.52 -18.47 -19.53
C GLY O 179 -52.75 -16.98 -19.36
N LYS O 180 -53.97 -16.56 -19.69
CA LYS O 180 -54.36 -15.16 -19.53
C LYS O 180 -55.18 -14.93 -18.28
N SER O 181 -55.89 -15.93 -17.79
CA SER O 181 -56.73 -15.80 -16.61
C SER O 181 -55.91 -16.16 -15.37
N LEU O 182 -56.57 -16.24 -14.22
CA LEU O 182 -55.92 -16.60 -12.97
C LEU O 182 -56.02 -18.08 -12.66
N GLU O 183 -56.73 -18.85 -13.48
CA GLU O 183 -56.94 -20.27 -13.24
C GLU O 183 -56.48 -21.08 -14.45
N ASN O 184 -56.10 -22.33 -14.19
CA ASN O 184 -55.66 -23.21 -15.26
C ASN O 184 -56.83 -23.57 -16.17
N GLU O 185 -56.58 -23.58 -17.47
CA GLU O 185 -57.57 -23.98 -18.45
C GLU O 185 -56.95 -24.98 -19.42
N LEU O 186 -57.77 -25.92 -19.87
CA LEU O 186 -57.34 -26.97 -20.77
C LEU O 186 -58.02 -26.77 -22.12
N GLU O 187 -57.21 -26.69 -23.19
CA GLU O 187 -57.70 -26.56 -24.55
C GLU O 187 -57.26 -27.78 -25.33
N VAL O 188 -58.23 -28.53 -25.88
CA VAL O 188 -57.97 -29.74 -26.62
C VAL O 188 -58.26 -29.47 -28.10
N VAL O 189 -57.28 -29.73 -28.95
CA VAL O 189 -57.42 -29.56 -30.38
C VAL O 189 -57.50 -30.94 -31.01
N GLU O 190 -58.62 -31.23 -31.66
CA GLU O 190 -58.87 -32.53 -32.27
C GLU O 190 -58.57 -32.48 -33.75
N GLY O 191 -58.28 -33.64 -34.32
CA GLY O 191 -58.02 -33.72 -35.74
C GLY O 191 -56.68 -33.08 -36.11
N MET O 192 -56.60 -32.62 -37.35
CA MET O 192 -55.37 -32.04 -37.89
C MET O 192 -55.50 -30.53 -37.92
N GLN O 193 -54.61 -29.84 -37.21
CA GLN O 193 -54.52 -28.38 -37.23
C GLN O 193 -53.05 -28.01 -37.40
N PHE O 194 -52.74 -27.24 -38.43
CA PHE O 194 -51.36 -26.94 -38.77
C PHE O 194 -51.04 -25.46 -38.69
N ASP O 195 -51.78 -24.72 -37.86
CA ASP O 195 -51.44 -23.37 -37.41
C ASP O 195 -51.01 -22.46 -38.57
N ARG O 196 -51.81 -22.45 -39.64
CA ARG O 196 -51.58 -21.56 -40.76
C ARG O 196 -52.89 -20.91 -41.16
N GLY O 197 -52.88 -19.60 -41.37
CA GLY O 197 -54.10 -18.87 -41.66
C GLY O 197 -54.35 -18.71 -43.14
N TYR O 198 -55.47 -18.05 -43.46
CA TYR O 198 -55.82 -17.80 -44.85
C TYR O 198 -54.96 -16.69 -45.43
N LEU O 199 -54.94 -16.62 -46.76
CA LEU O 199 -54.17 -15.61 -47.47
C LEU O 199 -54.98 -14.37 -47.80
N SER O 200 -56.28 -14.36 -47.54
CA SER O 200 -57.10 -13.20 -47.88
C SER O 200 -58.34 -13.19 -47.01
N PRO O 201 -58.72 -12.04 -46.45
CA PRO O 201 -59.93 -11.99 -45.60
C PRO O 201 -61.22 -12.29 -46.35
N TYR O 202 -61.23 -12.16 -47.67
CA TYR O 202 -62.45 -12.41 -48.43
C TYR O 202 -62.87 -13.87 -48.44
N PHE O 203 -61.98 -14.78 -48.01
CA PHE O 203 -62.35 -16.19 -47.89
C PHE O 203 -63.32 -16.43 -46.74
N ILE O 204 -63.51 -15.47 -45.84
CA ILE O 204 -64.40 -15.65 -44.71
C ILE O 204 -65.85 -15.70 -45.20
N ASN O 205 -66.59 -16.71 -44.77
CA ASN O 205 -67.98 -16.85 -45.14
C ASN O 205 -68.96 -16.55 -44.01
N ASN O 206 -68.48 -16.37 -42.78
CA ASN O 206 -69.32 -15.90 -41.70
C ASN O 206 -68.57 -14.86 -40.88
N PRO O 207 -69.05 -13.61 -40.84
CA PRO O 207 -68.32 -12.55 -40.14
C PRO O 207 -68.47 -12.57 -38.63
N ASP O 208 -69.27 -13.48 -38.07
CA ASP O 208 -69.51 -13.47 -36.63
C ASP O 208 -68.24 -13.77 -35.86
N LYS O 209 -67.42 -14.71 -36.36
CA LYS O 209 -66.20 -15.11 -35.68
C LYS O 209 -64.96 -14.97 -36.55
N GLN O 210 -65.09 -14.39 -37.75
CA GLN O 210 -63.98 -14.19 -38.68
C GLN O 210 -63.26 -15.51 -38.98
N VAL O 211 -64.05 -16.47 -39.44
CA VAL O 211 -63.54 -17.79 -39.81
C VAL O 211 -64.09 -18.15 -41.18
N ALA O 212 -63.41 -19.08 -41.85
CA ALA O 212 -63.82 -19.58 -43.16
C ALA O 212 -64.13 -21.05 -43.02
N VAL O 213 -65.41 -21.40 -42.99
CA VAL O 213 -65.85 -22.78 -42.82
C VAL O 213 -66.19 -23.34 -44.20
N LEU O 214 -65.74 -24.56 -44.47
CA LEU O 214 -66.05 -25.27 -45.69
C LEU O 214 -66.62 -26.62 -45.31
N ASP O 215 -67.83 -26.91 -45.80
CA ASP O 215 -68.53 -28.15 -45.49
C ASP O 215 -68.31 -29.14 -46.63
N ASN O 216 -67.79 -30.31 -46.29
CA ASN O 216 -67.44 -31.34 -47.27
C ASN O 216 -66.59 -30.80 -48.43
N PRO O 217 -65.43 -30.22 -48.15
CA PRO O 217 -64.62 -29.64 -49.22
C PRO O 217 -63.58 -30.61 -49.76
N TYR O 218 -63.07 -30.27 -50.94
CA TYR O 218 -61.90 -30.92 -51.48
C TYR O 218 -60.63 -30.24 -50.99
N ILE O 219 -59.57 -31.02 -50.85
CA ILE O 219 -58.28 -30.51 -50.40
C ILE O 219 -57.26 -30.76 -51.50
N LEU O 220 -56.59 -29.70 -51.95
CA LEU O 220 -55.57 -29.78 -52.98
C LEU O 220 -54.21 -29.60 -52.33
N LEU O 221 -53.38 -30.63 -52.36
CA LEU O 221 -52.04 -30.59 -51.80
C LEU O 221 -51.04 -30.31 -52.91
N HIS O 222 -50.31 -29.21 -52.77
CA HIS O 222 -49.31 -28.82 -53.75
C HIS O 222 -48.03 -28.42 -53.03
N ASP O 223 -46.90 -28.93 -53.50
CA ASP O 223 -45.60 -28.67 -52.88
C ASP O 223 -44.84 -27.54 -53.57
N LYS O 224 -45.46 -26.84 -54.51
CA LYS O 224 -44.80 -25.76 -55.23
C LYS O 224 -45.69 -24.52 -55.21
N LYS O 225 -45.05 -23.36 -55.38
CA LYS O 225 -45.76 -22.10 -55.40
C LYS O 225 -46.75 -22.05 -56.56
N ILE O 226 -47.89 -21.40 -56.32
CA ILE O 226 -48.91 -21.20 -57.35
C ILE O 226 -49.08 -19.69 -57.54
N SER O 227 -48.88 -19.22 -58.77
CA SER O 227 -48.98 -17.79 -59.05
C SER O 227 -49.91 -17.52 -60.23
N ASN O 228 -49.88 -18.37 -61.23
CA ASN O 228 -50.66 -18.17 -62.44
C ASN O 228 -52.00 -18.90 -62.34
N ILE O 229 -53.00 -18.36 -63.05
CA ILE O 229 -54.33 -18.96 -63.04
C ILE O 229 -54.41 -20.14 -64.00
N ARG O 230 -53.56 -20.15 -65.04
CA ARG O 230 -53.71 -21.13 -66.11
C ARG O 230 -53.56 -22.56 -65.60
N ASP O 231 -52.58 -22.82 -64.73
CA ASP O 231 -52.38 -24.18 -64.25
C ASP O 231 -53.43 -24.59 -63.23
N LEU O 232 -53.94 -23.66 -62.44
CA LEU O 232 -54.91 -23.99 -61.40
C LEU O 232 -56.33 -23.98 -61.95
N LEU O 233 -56.55 -23.41 -63.13
CA LEU O 233 -57.89 -23.39 -63.72
C LEU O 233 -58.48 -24.78 -63.94
N PRO O 234 -57.75 -25.78 -64.48
CA PRO O 234 -58.40 -27.08 -64.72
C PRO O 234 -58.98 -27.72 -63.48
N VAL O 235 -58.30 -27.60 -62.33
CA VAL O 235 -58.85 -28.20 -61.11
C VAL O 235 -59.96 -27.34 -60.53
N LEU O 236 -59.92 -26.01 -60.75
CA LEU O 236 -61.01 -25.16 -60.32
C LEU O 236 -62.32 -25.55 -60.99
N GLU O 237 -62.27 -25.86 -62.29
CA GLU O 237 -63.47 -26.23 -63.02
C GLU O 237 -64.04 -27.55 -62.49
N GLN O 238 -63.17 -28.47 -62.07
CA GLN O 238 -63.64 -29.76 -61.57
C GLN O 238 -64.34 -29.61 -60.23
N VAL O 239 -63.76 -28.82 -59.31
CA VAL O 239 -64.43 -28.57 -58.04
C VAL O 239 -65.59 -27.61 -58.20
N ALA O 240 -65.74 -27.00 -59.37
CA ALA O 240 -66.86 -26.08 -59.59
C ALA O 240 -68.17 -26.85 -59.78
N LYS O 241 -68.23 -27.71 -60.80
CA LYS O 241 -69.45 -28.47 -61.02
C LYS O 241 -69.67 -29.56 -59.98
N ALA O 242 -68.65 -29.89 -59.19
CA ALA O 242 -68.84 -30.81 -58.08
C ALA O 242 -69.67 -30.18 -56.97
N GLY O 243 -69.70 -28.85 -56.89
CA GLY O 243 -70.49 -28.17 -55.88
C GLY O 243 -69.77 -27.98 -54.56
N ARG O 244 -68.89 -28.91 -54.23
CA ARG O 244 -68.18 -28.86 -52.97
C ARG O 244 -67.11 -27.77 -52.97
N PRO O 245 -66.81 -27.20 -51.81
CA PRO O 245 -65.74 -26.20 -51.74
C PRO O 245 -64.37 -26.84 -51.96
N LEU O 246 -63.37 -25.97 -52.12
CA LEU O 246 -62.00 -26.42 -52.36
C LEU O 246 -61.07 -25.70 -51.40
N LEU O 247 -60.21 -26.46 -50.73
CA LEU O 247 -59.17 -25.91 -49.88
C LEU O 247 -57.82 -26.18 -50.55
N ILE O 248 -57.09 -25.12 -50.83
CA ILE O 248 -55.81 -25.21 -51.53
C ILE O 248 -54.70 -25.07 -50.50
N ILE O 249 -53.98 -26.16 -50.25
CA ILE O 249 -52.83 -26.16 -49.35
C ILE O 249 -51.58 -26.20 -50.21
N ALA O 250 -51.00 -25.04 -50.46
CA ALA O 250 -49.78 -24.94 -51.24
C ALA O 250 -48.82 -24.00 -50.53
N GLU O 251 -47.61 -23.89 -51.08
CA GLU O 251 -46.60 -23.02 -50.48
C GLU O 251 -47.06 -21.56 -50.48
N ASP O 252 -47.66 -21.10 -51.58
CA ASP O 252 -48.17 -19.74 -51.65
C ASP O 252 -49.11 -19.65 -52.84
N VAL O 253 -50.14 -18.82 -52.69
CA VAL O 253 -51.11 -18.55 -53.75
C VAL O 253 -51.20 -17.03 -53.85
N GLU O 254 -50.56 -16.45 -54.87
CA GLU O 254 -50.51 -15.01 -55.04
C GLU O 254 -50.81 -14.66 -56.49
N GLY O 255 -50.86 -13.36 -56.76
CA GLY O 255 -51.03 -12.89 -58.12
C GLY O 255 -52.37 -13.28 -58.72
N GLU O 256 -52.33 -13.80 -59.94
CA GLU O 256 -53.56 -14.14 -60.65
C GLU O 256 -54.33 -15.23 -59.93
N ALA O 257 -53.63 -16.25 -59.41
CA ALA O 257 -54.30 -17.36 -58.75
C ALA O 257 -55.02 -16.89 -57.50
N LEU O 258 -54.37 -16.06 -56.68
CA LEU O 258 -55.02 -15.54 -55.50
C LEU O 258 -56.19 -14.64 -55.87
N ALA O 259 -56.00 -13.79 -56.87
CA ALA O 259 -57.08 -12.89 -57.28
C ALA O 259 -58.29 -13.68 -57.75
N THR O 260 -58.08 -14.68 -58.61
CA THR O 260 -59.20 -15.42 -59.19
C THR O 260 -60.04 -16.09 -58.11
N LEU O 261 -59.40 -16.62 -57.06
CA LEU O 261 -60.13 -17.19 -55.95
C LEU O 261 -60.98 -16.12 -55.24
N VAL O 262 -60.41 -14.92 -55.07
CA VAL O 262 -61.13 -13.84 -54.42
C VAL O 262 -62.33 -13.39 -55.25
N VAL O 263 -62.14 -13.26 -56.57
CA VAL O 263 -63.25 -12.89 -57.45
C VAL O 263 -64.37 -13.90 -57.37
N ASN O 264 -64.04 -15.19 -57.41
CA ASN O 264 -65.07 -16.23 -57.37
C ASN O 264 -65.77 -16.32 -56.02
N ASN O 265 -65.06 -15.98 -54.93
CA ASN O 265 -65.67 -16.01 -53.61
C ASN O 265 -66.70 -14.90 -53.46
N LEU O 266 -66.35 -13.68 -53.84
CA LEU O 266 -67.26 -12.54 -53.66
C LEU O 266 -68.51 -12.70 -54.50
N ARG O 267 -68.36 -13.10 -55.76
CA ARG O 267 -69.50 -13.31 -56.64
C ARG O 267 -70.29 -14.57 -56.33
N GLY O 268 -69.79 -15.42 -55.44
CA GLY O 268 -70.51 -16.62 -55.08
C GLY O 268 -70.51 -17.70 -56.13
N ILE O 269 -69.66 -17.58 -57.16
CA ILE O 269 -69.58 -18.61 -58.19
C ILE O 269 -69.13 -19.93 -57.58
N LEU O 270 -68.11 -19.89 -56.73
CA LEU O 270 -67.63 -21.08 -56.04
C LEU O 270 -66.91 -20.65 -54.78
N LYS O 271 -67.12 -21.41 -53.69
CA LYS O 271 -66.53 -21.10 -52.41
C LYS O 271 -65.23 -21.87 -52.24
N THR O 272 -64.18 -21.18 -51.85
CA THR O 272 -62.86 -21.80 -51.71
C THR O 272 -62.02 -21.00 -50.73
N CYS O 273 -60.99 -21.65 -50.22
CA CYS O 273 -60.01 -21.00 -49.34
C CYS O 273 -58.64 -21.53 -49.67
N ALA O 274 -57.63 -20.68 -49.48
CA ALA O 274 -56.25 -21.03 -49.76
C ALA O 274 -55.41 -20.76 -48.52
N VAL O 275 -54.59 -21.74 -48.13
CA VAL O 275 -53.73 -21.62 -46.97
C VAL O 275 -52.31 -21.99 -47.37
N LYS O 276 -51.34 -21.43 -46.65
CA LYS O 276 -49.95 -21.76 -46.90
C LYS O 276 -49.65 -23.18 -46.40
N ALA O 277 -48.74 -23.85 -47.08
CA ALA O 277 -48.37 -25.20 -46.68
C ALA O 277 -47.60 -25.15 -45.37
N PRO O 278 -48.03 -25.91 -44.36
CA PRO O 278 -47.36 -25.83 -43.05
C PRO O 278 -45.96 -26.41 -43.09
N GLY O 279 -45.11 -25.89 -42.20
CA GLY O 279 -43.77 -26.39 -42.04
C GLY O 279 -42.79 -25.81 -43.04
N PHE O 280 -41.51 -25.92 -42.70
CA PHE O 280 -40.42 -25.48 -43.56
C PHE O 280 -39.53 -26.66 -43.91
N GLY O 281 -38.94 -26.60 -45.10
CA GLY O 281 -38.01 -27.65 -45.51
C GLY O 281 -38.71 -28.98 -45.71
N ASP O 282 -37.95 -30.06 -45.45
CA ASP O 282 -38.49 -31.39 -45.62
C ASP O 282 -39.63 -31.70 -44.66
N ARG O 283 -39.69 -31.01 -43.51
CA ARG O 283 -40.82 -31.21 -42.61
C ARG O 283 -42.13 -30.78 -43.24
N ARG O 284 -42.08 -29.76 -44.10
CA ARG O 284 -43.27 -29.35 -44.83
C ARG O 284 -43.78 -30.47 -45.73
N LYS O 285 -42.86 -31.16 -46.40
CA LYS O 285 -43.25 -32.28 -47.24
C LYS O 285 -43.85 -33.40 -46.39
N ALA O 286 -43.26 -33.67 -45.22
CA ALA O 286 -43.68 -34.79 -44.41
C ALA O 286 -45.14 -34.65 -43.97
N MET O 287 -45.49 -33.49 -43.40
CA MET O 287 -46.87 -33.30 -42.96
C MET O 287 -47.82 -33.12 -44.13
N LEU O 288 -47.35 -32.61 -45.26
CA LEU O 288 -48.19 -32.53 -46.45
C LEU O 288 -48.59 -33.92 -46.91
N GLN O 289 -47.65 -34.87 -46.87
CA GLN O 289 -48.00 -36.26 -47.16
C GLN O 289 -48.97 -36.81 -46.11
N ASP O 290 -48.77 -36.44 -44.85
CA ASP O 290 -49.68 -36.89 -43.80
C ASP O 290 -51.09 -36.37 -44.03
N ILE O 291 -51.21 -35.10 -44.44
CA ILE O 291 -52.52 -34.55 -44.75
C ILE O 291 -53.16 -35.29 -45.92
N ALA O 292 -52.36 -35.59 -46.95
CA ALA O 292 -52.88 -36.33 -48.09
C ALA O 292 -53.35 -37.72 -47.70
N ILE O 293 -52.56 -38.41 -46.87
CA ILE O 293 -52.96 -39.72 -46.38
C ILE O 293 -54.21 -39.61 -45.51
N LEU O 294 -54.24 -38.62 -44.62
CA LEU O 294 -55.40 -38.44 -43.75
C LEU O 294 -56.65 -38.10 -44.55
N THR O 295 -56.53 -37.21 -45.53
CA THR O 295 -57.67 -36.76 -46.31
C THR O 295 -58.03 -37.70 -47.46
N GLY O 296 -57.26 -38.76 -47.66
CA GLY O 296 -57.55 -39.70 -48.72
C GLY O 296 -57.16 -39.26 -50.10
N GLY O 297 -56.36 -38.21 -50.22
CA GLY O 297 -55.89 -37.72 -51.49
C GLY O 297 -54.40 -37.91 -51.69
N THR O 298 -53.91 -37.35 -52.79
CA THR O 298 -52.49 -37.40 -53.12
C THR O 298 -51.96 -35.99 -53.31
N VAL O 299 -50.71 -35.80 -52.90
CA VAL O 299 -50.06 -34.50 -53.07
C VAL O 299 -49.61 -34.35 -54.51
N ILE O 300 -50.07 -33.29 -55.17
CA ILE O 300 -49.72 -33.06 -56.57
C ILE O 300 -48.34 -32.42 -56.61
N SER O 301 -47.43 -33.04 -57.36
CA SER O 301 -46.06 -32.56 -57.43
C SER O 301 -45.38 -33.15 -58.65
N GLU O 302 -44.54 -32.36 -59.30
CA GLU O 302 -43.76 -32.86 -60.42
C GLU O 302 -42.67 -33.83 -59.99
N GLU O 303 -42.33 -33.85 -58.70
CA GLU O 303 -41.32 -34.79 -58.21
C GLU O 303 -41.84 -36.23 -58.17
N VAL O 304 -43.15 -36.41 -58.21
CA VAL O 304 -43.74 -37.75 -58.21
C VAL O 304 -44.32 -38.12 -59.58
N GLY O 305 -44.57 -37.15 -60.44
CA GLY O 305 -45.15 -37.41 -61.75
C GLY O 305 -46.56 -36.89 -61.94
N LEU O 306 -47.08 -36.11 -61.00
CA LEU O 306 -48.43 -35.55 -61.09
C LEU O 306 -48.32 -34.07 -61.41
N SER O 307 -49.14 -33.61 -62.35
CA SER O 307 -49.16 -32.22 -62.77
C SER O 307 -50.45 -31.56 -62.32
N LEU O 308 -50.37 -30.29 -61.93
CA LEU O 308 -51.55 -29.58 -61.48
C LEU O 308 -52.58 -29.44 -62.60
N GLU O 309 -52.11 -29.34 -63.85
CA GLU O 309 -53.03 -29.26 -64.98
C GLU O 309 -53.80 -30.56 -65.17
N LYS O 310 -53.16 -31.70 -64.88
CA LYS O 310 -53.78 -33.01 -65.03
C LYS O 310 -54.38 -33.53 -63.73
N ALA O 311 -54.40 -32.71 -62.68
CA ALA O 311 -54.96 -33.14 -61.41
C ALA O 311 -56.47 -33.36 -61.54
N THR O 312 -56.96 -34.43 -60.92
CA THR O 312 -58.36 -34.80 -60.98
C THR O 312 -58.96 -34.79 -59.58
N LEU O 313 -60.27 -35.01 -59.53
CA LEU O 313 -60.97 -35.04 -58.24
C LEU O 313 -60.50 -36.22 -57.38
N GLU O 314 -60.21 -37.36 -58.00
CA GLU O 314 -59.74 -38.51 -57.24
C GLU O 314 -58.39 -38.23 -56.58
N ASP O 315 -57.56 -37.40 -57.19
CA ASP O 315 -56.27 -37.03 -56.60
C ASP O 315 -56.42 -36.03 -55.46
N LEU O 316 -57.59 -35.42 -55.31
CA LEU O 316 -57.81 -34.45 -54.26
C LEU O 316 -58.24 -35.13 -52.96
N GLY O 317 -57.75 -34.61 -51.83
CA GLY O 317 -58.21 -35.09 -50.55
C GLY O 317 -59.60 -34.57 -50.23
N GLN O 318 -60.25 -35.25 -49.30
CA GLN O 318 -61.61 -34.90 -48.90
C GLN O 318 -61.72 -34.89 -47.39
N ALA O 319 -62.72 -34.14 -46.91
CA ALA O 319 -63.06 -34.09 -45.50
C ALA O 319 -64.51 -33.65 -45.40
N LYS O 320 -65.13 -33.94 -44.26
CA LYS O 320 -66.50 -33.48 -44.04
C LYS O 320 -66.57 -32.04 -43.56
N ARG O 321 -65.55 -31.54 -42.87
CA ARG O 321 -65.56 -30.14 -42.46
C ARG O 321 -64.14 -29.66 -42.22
N VAL O 322 -63.92 -28.39 -42.57
CA VAL O 322 -62.67 -27.71 -42.26
C VAL O 322 -62.98 -26.23 -42.06
N GLU O 323 -62.27 -25.61 -41.13
CA GLU O 323 -62.46 -24.20 -40.81
C GLU O 323 -61.12 -23.49 -40.85
N VAL O 324 -61.07 -22.33 -41.48
CA VAL O 324 -59.85 -21.56 -41.64
C VAL O 324 -60.00 -20.28 -40.86
N ALA O 325 -59.18 -20.13 -39.81
CA ALA O 325 -59.20 -18.93 -38.98
C ALA O 325 -58.14 -17.96 -39.47
N LYS O 326 -57.90 -16.90 -38.69
CA LYS O 326 -56.91 -15.91 -39.09
C LYS O 326 -55.51 -16.49 -39.14
N GLU O 327 -55.18 -17.40 -38.21
CA GLU O 327 -53.83 -17.93 -38.13
C GLU O 327 -53.76 -19.45 -38.08
N HIS O 328 -54.88 -20.16 -38.25
CA HIS O 328 -54.85 -21.61 -38.21
C HIS O 328 -56.07 -22.16 -38.93
N THR O 329 -55.94 -23.41 -39.40
CA THR O 329 -57.07 -24.17 -39.91
C THR O 329 -57.10 -25.52 -39.21
N THR O 330 -58.31 -26.01 -38.96
CA THR O 330 -58.52 -27.30 -38.30
C THR O 330 -59.27 -28.22 -39.27
N ILE O 331 -58.60 -29.27 -39.72
CA ILE O 331 -59.24 -30.32 -40.49
C ILE O 331 -59.93 -31.25 -39.49
N ILE O 332 -61.26 -31.25 -39.48
CA ILE O 332 -61.99 -31.94 -38.42
C ILE O 332 -61.68 -33.43 -38.44
N ASP O 333 -61.73 -34.04 -39.61
CA ASP O 333 -61.36 -35.45 -39.74
C ASP O 333 -61.21 -35.75 -41.22
N GLY O 334 -60.12 -36.42 -41.59
CA GLY O 334 -59.88 -36.74 -42.98
C GLY O 334 -60.78 -37.85 -43.49
N ALA O 335 -60.86 -37.95 -44.82
CA ALA O 335 -61.66 -38.98 -45.47
C ALA O 335 -60.86 -40.23 -45.81
N GLY O 336 -59.58 -40.27 -45.47
CA GLY O 336 -58.79 -41.46 -45.76
C GLY O 336 -59.20 -42.64 -44.88
N ASP O 337 -58.94 -43.84 -45.40
CA ASP O 337 -59.25 -45.04 -44.65
C ASP O 337 -58.33 -45.18 -43.44
N PRO O 338 -58.83 -45.71 -42.33
CA PRO O 338 -57.99 -45.87 -41.14
C PRO O 338 -56.81 -46.80 -41.34
N ALA O 339 -56.88 -47.72 -42.32
CA ALA O 339 -55.79 -48.67 -42.52
C ALA O 339 -54.51 -47.97 -42.93
N LYS O 340 -54.59 -47.05 -43.90
CA LYS O 340 -53.40 -46.31 -44.31
C LYS O 340 -52.96 -45.31 -43.23
N ILE O 341 -53.92 -44.74 -42.50
CA ILE O 341 -53.57 -43.82 -41.42
C ILE O 341 -52.79 -44.56 -40.34
N GLN O 342 -53.24 -45.75 -39.96
CA GLN O 342 -52.51 -46.53 -38.97
C GLN O 342 -51.13 -46.91 -39.47
N ALA O 343 -51.03 -47.29 -40.74
CA ALA O 343 -49.72 -47.62 -41.32
C ALA O 343 -48.80 -46.41 -41.31
N ARG O 344 -49.33 -45.23 -41.64
CA ARG O 344 -48.52 -44.01 -41.59
C ARG O 344 -48.07 -43.71 -40.16
N VAL O 345 -48.96 -43.89 -39.19
CA VAL O 345 -48.59 -43.68 -37.80
C VAL O 345 -47.51 -44.67 -37.38
N LYS O 346 -47.62 -45.92 -37.83
CA LYS O 346 -46.61 -46.91 -37.53
C LYS O 346 -45.25 -46.51 -38.08
N GLU O 347 -45.23 -45.96 -39.29
CA GLU O 347 -43.96 -45.54 -39.89
C GLU O 347 -43.31 -44.43 -39.08
N ILE O 348 -44.10 -43.46 -38.63
CA ILE O 348 -43.54 -42.34 -37.88
C ILE O 348 -43.03 -42.80 -36.52
N ARG O 349 -43.79 -43.66 -35.85
CA ARG O 349 -43.35 -44.15 -34.54
C ARG O 349 -42.10 -45.02 -34.65
N VAL O 350 -41.95 -45.73 -35.77
CA VAL O 350 -40.69 -46.44 -36.02
C VAL O 350 -39.55 -45.44 -36.18
N GLN O 351 -39.79 -44.36 -36.92
CA GLN O 351 -38.78 -43.33 -37.10
C GLN O 351 -38.50 -42.59 -35.80
N ILE O 352 -39.47 -42.56 -34.88
CA ILE O 352 -39.29 -41.89 -33.60
C ILE O 352 -38.12 -42.51 -32.84
N GLU O 353 -38.01 -43.84 -32.88
CA GLU O 353 -36.88 -44.51 -32.23
C GLU O 353 -35.55 -44.08 -32.84
N GLU O 354 -35.54 -43.76 -34.13
CA GLU O 354 -34.33 -43.34 -34.81
C GLU O 354 -34.01 -41.87 -34.62
N ALA O 355 -34.93 -41.09 -34.06
CA ALA O 355 -34.72 -39.66 -33.89
C ALA O 355 -33.51 -39.40 -33.00
N THR O 356 -32.64 -38.48 -33.44
CA THR O 356 -31.41 -38.17 -32.74
C THR O 356 -31.41 -36.78 -32.12
N SER O 357 -32.54 -36.08 -32.15
CA SER O 357 -32.66 -34.76 -31.55
C SER O 357 -33.93 -34.68 -30.73
N ASP O 358 -33.88 -33.88 -29.66
CA ASP O 358 -35.05 -33.72 -28.79
C ASP O 358 -36.20 -33.07 -29.55
N TYR O 359 -35.88 -32.03 -30.35
CA TYR O 359 -36.91 -31.42 -31.18
C TYR O 359 -37.34 -32.36 -32.30
N ASP O 360 -36.49 -33.32 -32.66
CA ASP O 360 -36.86 -34.27 -33.70
C ASP O 360 -37.98 -35.20 -33.25
N ARG O 361 -37.83 -35.80 -32.06
CA ARG O 361 -38.92 -36.65 -31.56
C ARG O 361 -40.15 -35.81 -31.21
N GLU O 362 -39.95 -34.61 -30.68
CA GLU O 362 -41.09 -33.78 -30.28
C GLU O 362 -41.97 -33.44 -31.48
N LYS O 363 -41.34 -33.08 -32.61
CA LYS O 363 -42.11 -32.79 -33.81
C LYS O 363 -42.73 -34.05 -34.40
N LEU O 364 -42.02 -35.18 -34.32
CA LEU O 364 -42.60 -36.45 -34.80
C LEU O 364 -43.80 -36.85 -33.97
N GLN O 365 -43.72 -36.66 -32.65
CA GLN O 365 -44.87 -36.95 -31.80
C GLN O 365 -46.04 -36.03 -32.13
N GLU O 366 -45.74 -34.77 -32.45
CA GLU O 366 -46.80 -33.84 -32.87
C GLU O 366 -47.47 -34.32 -34.14
N ARG O 367 -46.70 -34.83 -35.09
CA ARG O 367 -47.29 -35.37 -36.31
C ARG O 367 -48.18 -36.57 -36.02
N VAL O 368 -47.72 -37.45 -35.12
CA VAL O 368 -48.54 -38.61 -34.74
C VAL O 368 -49.80 -38.15 -34.03
N ALA O 369 -49.68 -37.14 -33.17
CA ALA O 369 -50.85 -36.61 -32.47
C ALA O 369 -51.85 -36.02 -33.46
N LYS O 370 -51.35 -35.31 -34.48
CA LYS O 370 -52.24 -34.75 -35.48
C LYS O 370 -52.94 -35.84 -36.29
N LEU O 371 -52.28 -36.98 -36.46
CA LEU O 371 -52.84 -38.05 -37.29
C LEU O 371 -53.84 -38.90 -36.51
N ALA O 372 -53.39 -39.53 -35.44
CA ALA O 372 -54.17 -40.52 -34.71
C ALA O 372 -54.25 -40.17 -33.23
N GLY O 373 -54.56 -38.91 -32.93
CA GLY O 373 -54.70 -38.47 -31.56
C GLY O 373 -55.23 -37.06 -31.43
N GLY O 374 -54.68 -36.31 -30.47
CA GLY O 374 -55.05 -34.93 -30.29
C GLY O 374 -53.92 -34.18 -29.63
N VAL O 375 -54.07 -32.85 -29.61
CA VAL O 375 -53.10 -31.96 -28.99
C VAL O 375 -53.83 -31.19 -27.91
N ALA O 376 -53.38 -31.36 -26.66
CA ALA O 376 -53.95 -30.64 -25.54
C ALA O 376 -52.98 -29.55 -25.09
N VAL O 377 -53.52 -28.38 -24.76
CA VAL O 377 -52.73 -27.27 -24.27
C VAL O 377 -53.25 -26.90 -22.89
N ILE O 378 -52.37 -26.96 -21.90
CA ILE O 378 -52.69 -26.54 -20.54
C ILE O 378 -52.15 -25.13 -20.37
N LYS O 379 -53.06 -24.16 -20.24
CA LYS O 379 -52.68 -22.77 -20.04
C LYS O 379 -52.68 -22.49 -18.54
N VAL O 380 -51.49 -22.32 -17.98
CA VAL O 380 -51.34 -22.12 -16.54
C VAL O 380 -51.82 -20.72 -16.18
N GLY O 381 -52.67 -20.63 -15.17
CA GLY O 381 -53.19 -19.37 -14.71
C GLY O 381 -52.48 -18.88 -13.48
N ALA O 382 -51.98 -17.66 -13.54
CA ALA O 382 -51.31 -17.04 -12.39
C ALA O 382 -51.41 -15.54 -12.54
N ALA O 383 -51.45 -14.84 -11.40
CA ALA O 383 -51.50 -13.39 -11.40
C ALA O 383 -50.15 -12.75 -11.73
N THR O 384 -49.08 -13.54 -11.72
CA THR O 384 -47.73 -13.04 -11.80
C THR O 384 -46.88 -13.98 -12.63
N GLU O 385 -45.87 -13.44 -13.33
CA GLU O 385 -44.99 -14.32 -14.11
C GLU O 385 -44.02 -15.08 -13.21
N VAL O 386 -43.67 -14.52 -12.05
CA VAL O 386 -42.85 -15.30 -11.13
C VAL O 386 -43.67 -16.46 -10.56
N GLU O 387 -44.96 -16.24 -10.33
CA GLU O 387 -45.85 -17.35 -9.98
C GLU O 387 -46.18 -18.20 -11.21
N MET O 388 -46.26 -17.58 -12.39
CA MET O 388 -46.50 -18.33 -13.61
C MET O 388 -45.36 -19.30 -13.88
N LYS O 389 -44.12 -18.83 -13.74
CA LYS O 389 -42.97 -19.70 -13.99
C LYS O 389 -42.90 -20.83 -12.96
N GLU O 390 -43.18 -20.53 -11.69
CA GLU O 390 -43.16 -21.55 -10.66
C GLU O 390 -44.29 -22.56 -10.89
N LYS O 391 -45.49 -22.07 -11.21
CA LYS O 391 -46.60 -22.97 -11.48
C LYS O 391 -46.36 -23.80 -12.73
N LYS O 392 -45.80 -23.18 -13.77
CA LYS O 392 -45.54 -23.93 -15.01
C LYS O 392 -44.56 -25.07 -14.76
N ALA O 393 -43.49 -24.80 -14.02
CA ALA O 393 -42.50 -25.84 -13.75
C ALA O 393 -43.12 -27.01 -12.98
N ARG O 394 -44.10 -26.71 -12.13
CA ARG O 394 -44.80 -27.78 -11.42
C ARG O 394 -45.70 -28.57 -12.35
N VAL O 395 -46.26 -27.90 -13.37
CA VAL O 395 -47.13 -28.59 -14.32
C VAL O 395 -46.31 -29.52 -15.21
N GLU O 396 -45.15 -29.05 -15.69
CA GLU O 396 -44.29 -29.93 -16.49
C GLU O 396 -43.79 -31.12 -15.66
N ASP O 397 -43.45 -30.88 -14.40
CA ASP O 397 -43.03 -31.99 -13.54
C ASP O 397 -44.17 -32.99 -13.37
N ALA O 398 -45.40 -32.50 -13.21
CA ALA O 398 -46.54 -33.41 -13.10
C ALA O 398 -46.82 -34.10 -14.43
N LEU O 399 -46.62 -33.40 -15.54
CA LEU O 399 -46.79 -34.03 -16.85
C LEU O 399 -45.73 -35.10 -17.07
N HIS O 400 -44.48 -34.82 -16.71
CA HIS O 400 -43.42 -35.80 -16.87
C HIS O 400 -43.67 -37.02 -15.99
N ALA O 401 -44.11 -36.80 -14.75
CA ALA O 401 -44.34 -37.93 -13.85
C ALA O 401 -45.50 -38.78 -14.30
N THR O 402 -46.58 -38.16 -14.79
CA THR O 402 -47.73 -38.93 -15.25
C THR O 402 -47.38 -39.73 -16.51
N ARG O 403 -46.56 -39.15 -17.38
CA ARG O 403 -46.07 -39.90 -18.53
C ARG O 403 -45.21 -41.08 -18.08
N ALA O 404 -44.36 -40.87 -17.08
CA ALA O 404 -43.54 -41.96 -16.56
C ALA O 404 -44.40 -42.99 -15.85
N ALA O 405 -45.52 -42.57 -15.29
CA ALA O 405 -46.40 -43.50 -14.58
C ALA O 405 -47.02 -44.51 -15.53
N VAL O 406 -47.47 -44.05 -16.70
CA VAL O 406 -48.11 -44.98 -17.64
C VAL O 406 -47.06 -45.86 -18.32
N GLU O 407 -45.82 -45.39 -18.43
CA GLU O 407 -44.79 -46.16 -19.12
C GLU O 407 -44.36 -47.36 -18.29
N GLU O 408 -44.11 -47.16 -17.00
CA GLU O 408 -43.48 -48.19 -16.17
C GLU O 408 -44.27 -48.57 -14.94
N GLY O 409 -45.26 -47.79 -14.53
CA GLY O 409 -46.07 -48.13 -13.38
C GLY O 409 -45.86 -47.15 -12.23
N ILE O 410 -46.45 -47.49 -11.10
CA ILE O 410 -46.42 -46.64 -9.92
C ILE O 410 -45.93 -47.44 -8.73
N VAL O 411 -45.31 -46.73 -7.78
CA VAL O 411 -44.85 -47.32 -6.53
C VAL O 411 -45.26 -46.40 -5.38
N PRO O 412 -45.34 -46.93 -4.16
CA PRO O 412 -45.63 -46.05 -3.02
C PRO O 412 -44.60 -44.95 -2.90
N GLY O 413 -45.08 -43.75 -2.60
CA GLY O 413 -44.25 -42.57 -2.54
C GLY O 413 -43.63 -42.35 -1.16
N GLY O 414 -43.00 -41.20 -1.01
CA GLY O 414 -42.39 -40.85 0.25
C GLY O 414 -41.15 -41.64 0.59
N GLY O 415 -40.44 -42.17 -0.40
CA GLY O 415 -39.28 -42.99 -0.15
C GLY O 415 -39.57 -44.39 0.29
N VAL O 416 -40.84 -44.79 0.36
CA VAL O 416 -41.21 -46.12 0.81
C VAL O 416 -40.76 -47.16 -0.22
N ALA O 417 -40.86 -46.83 -1.51
CA ALA O 417 -40.54 -47.79 -2.55
C ALA O 417 -39.09 -48.26 -2.45
N LEU O 418 -38.17 -47.34 -2.21
CA LEU O 418 -36.76 -47.72 -2.07
C LEU O 418 -36.56 -48.59 -0.82
N LEU O 419 -37.27 -48.28 0.26
CA LEU O 419 -37.15 -49.09 1.47
C LEU O 419 -37.73 -50.48 1.27
N ARG O 420 -38.89 -50.58 0.62
CA ARG O 420 -39.47 -51.89 0.36
C ARG O 420 -38.60 -52.70 -0.60
N ALA O 421 -38.06 -52.04 -1.63
CA ALA O 421 -37.17 -52.73 -2.56
C ALA O 421 -35.90 -53.20 -1.86
N ARG O 422 -35.38 -52.39 -0.93
CA ARG O 422 -34.19 -52.77 -0.19
C ARG O 422 -34.43 -54.02 0.65
N GLU O 423 -35.56 -54.07 1.35
CA GLU O 423 -35.87 -55.23 2.19
C GLU O 423 -36.03 -56.48 1.35
N ALA O 424 -36.69 -56.36 0.19
CA ALA O 424 -36.86 -57.52 -0.69
C ALA O 424 -35.52 -57.98 -1.24
N ALA O 425 -34.65 -57.03 -1.61
CA ALA O 425 -33.35 -57.41 -2.16
C ALA O 425 -32.49 -58.10 -1.11
N VAL O 426 -32.50 -57.60 0.12
CA VAL O 426 -31.74 -58.22 1.20
C VAL O 426 -32.27 -59.63 1.48
N ALA O 427 -33.60 -59.77 1.53
CA ALA O 427 -34.19 -61.07 1.78
C ALA O 427 -33.90 -62.05 0.64
N LYS O 428 -33.69 -61.54 -0.57
CA LYS O 428 -33.38 -62.41 -1.70
C LYS O 428 -31.97 -62.97 -1.64
N GLY O 429 -31.09 -62.37 -0.86
CA GLY O 429 -29.74 -62.87 -0.73
C GLY O 429 -28.69 -62.02 -1.43
N LEU O 430 -28.84 -60.71 -1.34
CA LEU O 430 -27.87 -59.80 -1.96
C LEU O 430 -26.55 -59.84 -1.19
N LYS O 431 -25.48 -60.19 -1.88
CA LYS O 431 -24.17 -60.30 -1.25
C LYS O 431 -23.08 -60.02 -2.28
N GLY O 432 -21.90 -59.66 -1.77
CA GLY O 432 -20.76 -59.35 -2.60
C GLY O 432 -19.73 -60.46 -2.60
N ASP O 433 -18.68 -60.25 -3.41
CA ASP O 433 -17.61 -61.22 -3.55
C ASP O 433 -16.55 -61.11 -2.46
N ASN O 434 -16.24 -59.90 -2.03
CA ASN O 434 -15.25 -59.64 -1.00
C ASN O 434 -15.82 -58.67 0.01
N PRO O 435 -15.24 -58.58 1.22
CA PRO O 435 -15.79 -57.67 2.23
C PRO O 435 -15.85 -56.23 1.79
N ASP O 436 -14.97 -55.79 0.89
CA ASP O 436 -15.08 -54.43 0.36
C ASP O 436 -16.33 -54.28 -0.50
N GLN O 437 -16.69 -55.31 -1.27
CA GLN O 437 -17.93 -55.25 -2.04
C GLN O 437 -19.15 -55.32 -1.12
N GLU O 438 -19.04 -56.05 -0.01
CA GLU O 438 -20.12 -56.07 0.97
C GLU O 438 -20.35 -54.69 1.57
N ALA O 439 -19.27 -53.95 1.83
CA ALA O 439 -19.42 -52.59 2.32
C ALA O 439 -20.08 -51.69 1.27
N GLY O 440 -19.74 -51.90 0.00
CA GLY O 440 -20.40 -51.15 -1.06
C GLY O 440 -21.89 -51.40 -1.09
N ILE O 441 -22.30 -52.65 -0.82
CA ILE O 441 -23.73 -52.96 -0.71
C ILE O 441 -24.33 -52.21 0.48
N LYS O 442 -23.63 -52.23 1.62
CA LYS O 442 -24.14 -51.55 2.80
C LYS O 442 -24.25 -50.05 2.59
N ILE O 443 -23.45 -49.50 1.67
CA ILE O 443 -23.57 -48.08 1.34
C ILE O 443 -24.93 -47.79 0.72
N VAL O 444 -25.33 -48.63 -0.24
CA VAL O 444 -26.61 -48.41 -0.93
C VAL O 444 -27.78 -48.69 0.01
N LEU O 445 -27.65 -49.69 0.87
CA LEU O 445 -28.74 -50.00 1.80
C LEU O 445 -29.02 -48.84 2.73
N ARG O 446 -27.98 -48.17 3.21
CA ARG O 446 -28.19 -46.98 4.04
C ARG O 446 -28.62 -45.79 3.20
N ALA O 447 -28.10 -45.69 1.97
CA ALA O 447 -28.37 -44.51 1.15
C ALA O 447 -29.83 -44.41 0.74
N VAL O 448 -30.50 -45.53 0.46
CA VAL O 448 -31.88 -45.49 0.01
C VAL O 448 -32.83 -45.00 1.09
N GLU O 449 -32.40 -44.97 2.35
CA GLU O 449 -33.20 -44.37 3.40
C GLU O 449 -33.19 -42.84 3.35
N GLN O 450 -32.23 -42.25 2.67
CA GLN O 450 -32.08 -40.80 2.69
C GLN O 450 -33.27 -40.04 2.12
N PRO O 451 -33.87 -40.43 0.99
CA PRO O 451 -35.04 -39.66 0.51
C PRO O 451 -36.15 -39.54 1.55
N LEU O 452 -36.43 -40.61 2.28
CA LEU O 452 -37.44 -40.53 3.34
C LEU O 452 -36.95 -39.67 4.49
N ARG O 453 -35.68 -39.77 4.83
CA ARG O 453 -35.13 -38.99 5.94
C ARG O 453 -35.20 -37.49 5.65
N GLU O 454 -34.87 -37.09 4.42
CA GLU O 454 -34.88 -35.68 4.09
C GLU O 454 -36.30 -35.15 3.92
N ILE O 455 -37.22 -35.99 3.46
CA ILE O 455 -38.62 -35.60 3.43
C ILE O 455 -39.13 -35.35 4.84
N VAL O 456 -38.80 -36.25 5.76
CA VAL O 456 -39.24 -36.10 7.15
C VAL O 456 -38.53 -34.92 7.81
N ALA O 457 -37.24 -34.75 7.52
CA ALA O 457 -36.49 -33.64 8.10
C ALA O 457 -37.06 -32.30 7.65
N ASN O 458 -37.43 -32.19 6.37
CA ASN O 458 -38.08 -30.98 5.90
C ASN O 458 -39.43 -30.77 6.56
N ALA O 459 -40.15 -31.87 6.84
CA ALA O 459 -41.42 -31.78 7.53
C ALA O 459 -41.28 -31.41 9.00
N GLY O 460 -40.06 -31.39 9.53
CA GLY O 460 -39.82 -31.02 10.90
C GLY O 460 -39.82 -32.16 11.90
N GLU O 461 -40.14 -33.37 11.47
CA GLU O 461 -40.14 -34.51 12.36
C GLU O 461 -38.76 -35.17 12.43
N GLU O 462 -38.60 -36.10 13.34
CA GLU O 462 -37.33 -36.79 13.51
C GLU O 462 -37.20 -37.91 12.48
N PRO O 463 -36.16 -37.90 11.65
CA PRO O 463 -36.09 -38.88 10.56
C PRO O 463 -35.88 -40.32 11.03
N SER O 464 -35.04 -40.53 12.04
CA SER O 464 -34.68 -41.88 12.43
C SER O 464 -35.87 -42.66 12.96
N VAL O 465 -36.73 -42.02 13.75
CA VAL O 465 -37.88 -42.71 14.30
C VAL O 465 -38.89 -43.04 13.20
N ILE O 466 -39.14 -42.09 12.30
CA ILE O 466 -40.08 -42.32 11.21
C ILE O 466 -39.59 -43.44 10.30
N VAL O 467 -38.29 -43.45 9.99
CA VAL O 467 -37.73 -44.49 9.15
C VAL O 467 -37.88 -45.86 9.80
N ALA O 468 -37.61 -45.93 11.11
CA ALA O 468 -37.74 -47.19 11.83
C ALA O 468 -39.18 -47.70 11.81
N LYS O 469 -40.14 -46.79 11.99
CA LYS O 469 -41.54 -47.19 11.95
C LYS O 469 -41.95 -47.67 10.56
N VAL O 470 -41.48 -46.98 9.52
CA VAL O 470 -41.80 -47.38 8.15
C VAL O 470 -41.18 -48.74 7.84
N LEU O 471 -39.94 -48.97 8.28
CA LEU O 471 -39.29 -50.24 8.02
C LEU O 471 -40.00 -51.38 8.74
N GLU O 472 -40.48 -51.13 9.96
CA GLU O 472 -41.23 -52.16 10.68
C GLU O 472 -42.56 -52.48 10.02
N GLY O 473 -43.06 -51.59 9.17
CA GLY O 473 -44.25 -51.86 8.40
C GLY O 473 -43.97 -52.70 7.17
N LYS O 474 -45.04 -53.07 6.48
CA LYS O 474 -44.94 -53.92 5.30
C LYS O 474 -45.85 -53.38 4.21
N GLY O 475 -45.49 -53.70 2.96
CA GLY O 475 -46.33 -53.33 1.84
C GLY O 475 -46.26 -51.84 1.54
N ASN O 476 -47.42 -51.25 1.32
CA ASN O 476 -47.52 -49.83 1.00
C ASN O 476 -47.55 -48.94 2.22
N TYR O 477 -47.36 -49.52 3.41
CA TYR O 477 -47.34 -48.72 4.63
C TYR O 477 -46.23 -47.67 4.56
N GLY O 478 -46.58 -46.44 4.92
CA GLY O 478 -45.62 -45.36 4.83
C GLY O 478 -46.04 -44.20 5.69
N TYR O 479 -45.29 -43.10 5.56
CA TYR O 479 -45.51 -41.90 6.35
C TYR O 479 -45.91 -40.76 5.44
N ASN O 480 -47.06 -40.16 5.71
CA ASN O 480 -47.53 -39.00 4.96
C ASN O 480 -46.96 -37.75 5.60
N ALA O 481 -45.97 -37.13 4.95
CA ALA O 481 -45.35 -35.94 5.50
C ALA O 481 -46.29 -34.74 5.48
N ALA O 482 -47.24 -34.71 4.55
CA ALA O 482 -48.19 -33.61 4.48
C ALA O 482 -49.07 -33.57 5.72
N THR O 483 -49.55 -34.73 6.16
CA THR O 483 -50.44 -34.81 7.32
C THR O 483 -49.76 -35.32 8.58
N GLY O 484 -48.53 -35.80 8.48
CA GLY O 484 -47.84 -36.33 9.64
C GLY O 484 -48.48 -37.58 10.21
N GLU O 485 -49.02 -38.43 9.35
CA GLU O 485 -49.70 -39.65 9.77
C GLU O 485 -49.16 -40.84 8.98
N PHE O 486 -49.16 -42.00 9.63
CA PHE O 486 -48.79 -43.25 8.98
C PHE O 486 -50.02 -43.89 8.36
N GLY O 487 -49.81 -44.65 7.30
CA GLY O 487 -50.92 -45.34 6.66
C GLY O 487 -50.49 -45.91 5.33
N ASP O 488 -51.49 -46.42 4.60
CA ASP O 488 -51.26 -46.95 3.27
C ASP O 488 -50.95 -45.82 2.30
N MET O 489 -49.78 -45.87 1.68
CA MET O 489 -49.37 -44.80 0.77
C MET O 489 -50.28 -44.74 -0.45
N ILE O 490 -50.65 -45.89 -1.00
CA ILE O 490 -51.51 -45.91 -2.18
C ILE O 490 -52.89 -45.38 -1.85
N GLU O 491 -53.46 -45.80 -0.72
CA GLU O 491 -54.78 -45.31 -0.32
C GLU O 491 -54.76 -43.82 -0.05
N MET O 492 -53.68 -43.33 0.56
CA MET O 492 -53.54 -41.92 0.88
C MET O 492 -53.16 -41.08 -0.33
N GLY O 493 -52.88 -41.70 -1.47
CA GLY O 493 -52.61 -40.98 -2.69
C GLY O 493 -51.18 -40.55 -2.91
N VAL O 494 -50.25 -40.95 -2.04
CA VAL O 494 -48.84 -40.62 -2.20
C VAL O 494 -48.26 -41.65 -3.16
N LEU O 495 -48.27 -41.31 -4.44
CA LEU O 495 -47.85 -42.20 -5.51
C LEU O 495 -46.62 -41.65 -6.20
N ASP O 496 -45.72 -42.55 -6.58
CA ASP O 496 -44.53 -42.17 -7.32
C ASP O 496 -44.40 -43.05 -8.55
N PRO O 497 -43.94 -42.50 -9.66
CA PRO O 497 -43.63 -43.33 -10.83
C PRO O 497 -42.41 -44.19 -10.57
N THR O 498 -42.50 -45.48 -10.85
CA THR O 498 -41.38 -46.37 -10.62
C THR O 498 -40.21 -46.05 -11.55
N LYS O 499 -40.49 -45.45 -12.71
CA LYS O 499 -39.41 -45.04 -13.60
C LYS O 499 -38.60 -43.90 -12.98
N VAL O 500 -39.28 -42.96 -12.32
CA VAL O 500 -38.59 -41.86 -11.66
C VAL O 500 -37.72 -42.38 -10.53
N THR O 501 -38.28 -43.29 -9.71
CA THR O 501 -37.51 -43.85 -8.60
C THR O 501 -36.33 -44.66 -9.10
N ARG O 502 -36.53 -45.48 -10.13
CA ARG O 502 -35.44 -46.28 -10.66
C ARG O 502 -34.37 -45.40 -11.30
N SER O 503 -34.78 -44.39 -12.06
CA SER O 503 -33.80 -43.51 -12.70
C SER O 503 -32.99 -42.72 -11.69
N ALA O 504 -33.64 -42.25 -10.63
CA ALA O 504 -32.94 -41.48 -9.62
C ALA O 504 -31.86 -42.31 -8.93
N LEU O 505 -32.19 -43.55 -8.61
CA LEU O 505 -31.23 -44.42 -7.93
C LEU O 505 -30.07 -44.79 -8.85
N GLN O 506 -30.38 -45.13 -10.10
CA GLN O 506 -29.34 -45.56 -11.03
C GLN O 506 -28.39 -44.42 -11.37
N ASN O 507 -28.93 -43.22 -11.58
CA ASN O 507 -28.07 -42.08 -11.89
C ASN O 507 -27.22 -41.68 -10.69
N ALA O 508 -27.82 -41.70 -9.49
CA ALA O 508 -27.06 -41.35 -8.29
C ALA O 508 -25.93 -42.33 -8.04
N ALA O 509 -26.20 -43.63 -8.22
CA ALA O 509 -25.18 -44.63 -7.93
C ALA O 509 -24.02 -44.54 -8.90
N SER O 510 -24.31 -44.27 -10.19
CA SER O 510 -23.24 -44.24 -11.19
C SER O 510 -22.26 -43.12 -10.93
N VAL O 511 -22.76 -41.95 -10.54
CA VAL O 511 -21.88 -40.80 -10.32
C VAL O 511 -21.21 -40.89 -8.96
N ALA O 512 -21.99 -41.17 -7.91
CA ALA O 512 -21.43 -41.23 -6.57
C ALA O 512 -20.46 -42.39 -6.41
N GLY O 513 -20.68 -43.49 -7.14
CA GLY O 513 -19.73 -44.58 -7.11
C GLY O 513 -18.38 -44.18 -7.68
N LEU O 514 -18.38 -43.37 -8.74
CA LEU O 514 -17.13 -42.90 -9.31
C LEU O 514 -16.44 -41.92 -8.37
N MET O 515 -17.20 -41.17 -7.59
CA MET O 515 -16.62 -40.20 -6.68
C MET O 515 -15.83 -40.88 -5.56
N LEU O 516 -16.27 -42.05 -5.14
CA LEU O 516 -15.56 -42.77 -4.08
C LEU O 516 -14.17 -43.19 -4.53
N THR O 517 -14.00 -43.45 -5.82
CA THR O 517 -12.75 -43.93 -6.38
C THR O 517 -11.77 -42.80 -6.68
N THR O 518 -11.98 -41.61 -6.13
CA THR O 518 -11.13 -40.47 -6.41
C THR O 518 -9.94 -40.45 -5.46
N GLU O 519 -8.74 -40.36 -6.03
CA GLU O 519 -7.51 -40.19 -5.26
C GLU O 519 -6.81 -38.88 -5.55
N CYS O 520 -6.93 -38.37 -6.76
CA CYS O 520 -6.21 -37.17 -7.18
C CYS O 520 -7.18 -36.27 -7.94
N MET O 521 -7.08 -34.97 -7.71
CA MET O 521 -7.91 -33.99 -8.41
C MET O 521 -7.02 -32.92 -8.99
N ILE O 522 -7.23 -32.62 -10.27
CA ILE O 522 -6.42 -31.64 -11.00
C ILE O 522 -7.33 -30.52 -11.46
N ALA O 523 -7.05 -29.30 -11.00
CA ALA O 523 -7.79 -28.12 -11.39
C ALA O 523 -6.82 -26.98 -11.68
N GLU O 524 -7.30 -25.98 -12.41
CA GLU O 524 -6.46 -24.83 -12.71
C GLU O 524 -6.10 -24.09 -11.43
N ALA O 525 -4.84 -23.70 -11.33
CA ALA O 525 -4.39 -23.00 -10.13
C ALA O 525 -5.03 -21.61 -10.06
N PRO O 526 -5.34 -21.12 -8.86
CA PRO O 526 -5.89 -19.78 -8.74
C PRO O 526 -4.86 -18.72 -9.13
N LYS O 527 -5.36 -17.56 -9.55
CA LYS O 527 -4.51 -16.46 -9.99
C LYS O 527 -3.89 -15.75 -8.79
N ASP O 528 -3.11 -16.51 -8.02
CA ASP O 528 -2.40 -16.02 -6.85
C ASP O 528 -3.34 -15.36 -5.84
N LYS P 1 -64.27 5.56 -90.71
CA LYS P 1 -63.42 6.69 -90.36
C LYS P 1 -61.97 6.44 -90.74
N LEU P 2 -61.47 5.26 -90.36
CA LEU P 2 -60.09 4.88 -90.63
C LEU P 2 -60.03 4.05 -91.91
N ARG P 3 -59.15 4.43 -92.81
CA ARG P 3 -58.96 3.72 -94.08
C ARG P 3 -57.51 3.26 -94.20
N PRO P 4 -57.24 1.97 -94.14
CA PRO P 4 -55.86 1.49 -94.24
C PRO P 4 -55.33 1.61 -95.66
N LEU P 5 -54.02 1.44 -95.79
CA LEU P 5 -53.33 1.57 -97.06
C LEU P 5 -52.60 0.29 -97.40
N HIS P 6 -52.71 -0.11 -98.67
CA HIS P 6 -51.98 -1.25 -99.25
C HIS P 6 -52.38 -2.52 -98.49
N ASP P 7 -51.45 -3.22 -97.84
CA ASP P 7 -51.75 -4.49 -97.20
C ASP P 7 -52.21 -4.35 -95.76
N ARG P 8 -52.35 -3.13 -95.26
CA ARG P 8 -52.72 -2.93 -93.86
C ARG P 8 -54.16 -3.35 -93.60
N VAL P 9 -54.36 -3.96 -92.44
CA VAL P 9 -55.69 -4.37 -91.99
C VAL P 9 -55.88 -3.88 -90.57
N VAL P 10 -56.99 -3.18 -90.32
CA VAL P 10 -57.32 -2.66 -89.01
C VAL P 10 -58.24 -3.64 -88.31
N VAL P 11 -57.89 -4.04 -87.09
CA VAL P 11 -58.67 -4.99 -86.31
C VAL P 11 -58.92 -4.40 -84.93
N LYS P 12 -59.99 -4.87 -84.30
CA LYS P 12 -60.29 -4.57 -82.90
C LYS P 12 -60.05 -5.85 -82.12
N ARG P 13 -58.98 -5.85 -81.31
CA ARG P 13 -58.65 -7.03 -80.54
C ARG P 13 -59.73 -7.32 -79.51
N ILE P 14 -60.42 -8.45 -79.67
CA ILE P 14 -61.52 -8.78 -78.78
C ILE P 14 -61.00 -8.94 -77.34
N GLU P 15 -61.83 -8.54 -76.38
CA GLU P 15 -61.43 -8.60 -74.99
C GLU P 15 -61.29 -10.05 -74.52
N ALA P 16 -60.55 -10.23 -73.44
CA ALA P 16 -60.38 -11.55 -72.87
C ALA P 16 -61.69 -12.07 -72.31
N GLU P 17 -61.85 -13.39 -72.39
CA GLU P 17 -63.03 -14.05 -71.84
C GLU P 17 -63.12 -13.86 -70.34
N ARG P 18 -64.35 -13.75 -69.84
CA ARG P 18 -64.62 -13.53 -68.42
C ARG P 18 -65.18 -14.76 -67.73
N LYS P 19 -66.22 -15.40 -68.28
CA LYS P 19 -66.70 -16.67 -67.75
C LYS P 19 -66.04 -17.83 -68.47
N THR P 20 -66.25 -19.04 -67.94
CA THR P 20 -65.75 -20.25 -68.56
C THR P 20 -66.90 -21.18 -68.87
N ALA P 21 -66.59 -22.42 -69.26
CA ALA P 21 -67.63 -23.41 -69.50
C ALA P 21 -68.43 -23.68 -68.23
N SER P 22 -67.75 -23.73 -67.08
CA SER P 22 -68.42 -23.91 -65.80
C SER P 22 -68.79 -22.61 -65.12
N GLY P 23 -68.46 -21.47 -65.71
CA GLY P 23 -68.85 -20.18 -65.17
C GLY P 23 -67.86 -19.50 -64.26
N ILE P 24 -66.60 -19.93 -64.24
CA ILE P 24 -65.61 -19.30 -63.36
C ILE P 24 -65.31 -17.91 -63.86
N VAL P 25 -65.36 -16.93 -62.96
CA VAL P 25 -65.09 -15.54 -63.30
C VAL P 25 -63.60 -15.26 -63.12
N ILE P 26 -62.97 -14.76 -64.17
CA ILE P 26 -61.53 -14.45 -64.16
C ILE P 26 -61.38 -12.94 -64.10
N PRO P 27 -60.55 -12.40 -63.22
CA PRO P 27 -60.30 -10.96 -63.22
C PRO P 27 -59.59 -10.52 -64.49
N ASP P 28 -59.82 -9.25 -64.85
CA ASP P 28 -59.23 -8.71 -66.08
C ASP P 28 -57.71 -8.77 -66.05
N THR P 29 -57.10 -8.61 -64.87
CA THR P 29 -55.65 -8.73 -64.77
C THR P 29 -55.20 -10.14 -65.11
N ALA P 30 -55.91 -11.16 -64.63
CA ALA P 30 -55.52 -12.54 -64.89
C ALA P 30 -55.86 -12.96 -66.31
N GLY P 31 -56.90 -12.39 -66.91
CA GLY P 31 -57.31 -12.76 -68.24
C GLY P 31 -56.28 -12.42 -69.30
N GLU P 32 -55.68 -13.45 -69.90
CA GLU P 32 -54.69 -13.23 -70.94
C GLU P 32 -55.33 -12.61 -72.17
N LYS P 33 -54.63 -11.67 -72.77
CA LYS P 33 -55.16 -10.94 -73.93
C LYS P 33 -55.20 -11.87 -75.14
N PRO P 34 -56.37 -12.12 -75.72
CA PRO P 34 -56.43 -13.00 -76.89
C PRO P 34 -55.77 -12.37 -78.11
N ASP P 35 -55.31 -13.23 -79.01
CA ASP P 35 -54.67 -12.82 -80.25
C ASP P 35 -55.65 -12.79 -81.41
N GLN P 36 -56.94 -12.65 -81.13
CA GLN P 36 -57.98 -12.63 -82.14
C GLN P 36 -58.70 -11.29 -82.15
N GLY P 37 -59.49 -11.09 -83.19
CA GLY P 37 -60.28 -9.87 -83.31
C GLY P 37 -60.99 -9.84 -84.65
N GLU P 38 -62.02 -8.99 -84.70
CA GLU P 38 -62.80 -8.82 -85.93
C GLU P 38 -62.24 -7.64 -86.73
N VAL P 39 -62.42 -7.70 -88.04
CA VAL P 39 -61.90 -6.70 -88.95
C VAL P 39 -62.99 -5.69 -89.27
N LEU P 40 -62.66 -4.40 -89.18
CA LEU P 40 -63.58 -3.34 -89.55
C LEU P 40 -63.13 -2.55 -90.77
N ALA P 41 -61.87 -2.68 -91.17
CA ALA P 41 -61.35 -1.99 -92.34
C ALA P 41 -60.25 -2.82 -92.97
N VAL P 42 -60.23 -2.89 -94.29
CA VAL P 42 -59.25 -3.67 -95.04
C VAL P 42 -58.69 -2.81 -96.17
N GLY P 43 -57.40 -2.98 -96.44
CA GLY P 43 -56.76 -2.23 -97.50
C GLY P 43 -57.07 -2.81 -98.87
N ASP P 44 -56.70 -2.04 -99.89
CA ASP P 44 -56.92 -2.47 -101.27
C ASP P 44 -56.07 -3.69 -101.62
N GLY P 45 -54.82 -3.70 -101.19
CA GLY P 45 -53.92 -4.81 -101.46
C GLY P 45 -52.51 -4.34 -101.73
N LYS P 46 -51.53 -5.20 -101.45
CA LYS P 46 -50.13 -4.88 -101.66
C LYS P 46 -49.83 -4.77 -103.15
N ILE P 47 -49.12 -3.70 -103.52
CA ILE P 47 -48.67 -3.51 -104.90
C ILE P 47 -47.49 -4.48 -105.12
N LEU P 48 -47.72 -5.51 -105.91
CA LEU P 48 -46.64 -6.42 -106.27
C LEU P 48 -45.80 -5.80 -107.39
N ASP P 49 -44.63 -6.40 -107.62
CA ASP P 49 -43.61 -5.79 -108.47
C ASP P 49 -44.07 -5.58 -109.90
N ASP P 50 -45.06 -6.35 -110.36
CA ASP P 50 -45.57 -6.22 -111.73
C ASP P 50 -46.91 -5.49 -111.76
N GLY P 51 -47.07 -4.47 -110.92
CA GLY P 51 -48.28 -3.68 -110.91
C GLY P 51 -49.45 -4.42 -110.29
N SER P 52 -50.63 -3.83 -110.48
CA SER P 52 -51.90 -4.38 -109.99
C SER P 52 -51.91 -4.53 -108.47
N LYS P 53 -52.90 -5.24 -107.95
CA LYS P 53 -53.07 -5.43 -106.51
C LYS P 53 -53.19 -6.91 -106.19
N ARG P 54 -52.71 -7.28 -105.03
CA ARG P 54 -52.88 -8.64 -104.55
C ARG P 54 -54.29 -8.81 -104.00
N PRO P 55 -55.07 -9.78 -104.48
CA PRO P 55 -56.42 -10.00 -103.95
C PRO P 55 -56.38 -10.27 -102.45
N MET P 56 -57.17 -9.51 -101.71
CA MET P 56 -57.13 -9.57 -100.26
C MET P 56 -57.75 -10.86 -99.76
N ALA P 57 -57.14 -11.48 -98.77
CA ALA P 57 -57.63 -12.74 -98.22
C ALA P 57 -58.58 -12.55 -97.05
N VAL P 58 -58.79 -11.31 -96.60
CA VAL P 58 -59.68 -11.01 -95.49
C VAL P 58 -60.67 -9.94 -95.94
N LYS P 59 -61.95 -10.16 -95.67
CA LYS P 59 -62.95 -9.15 -95.95
C LYS P 59 -63.57 -8.67 -94.64
N VAL P 60 -64.11 -7.45 -94.68
CA VAL P 60 -64.55 -6.78 -93.46
C VAL P 60 -65.70 -7.55 -92.83
N GLY P 61 -65.53 -7.91 -91.56
CA GLY P 61 -66.58 -8.56 -90.78
C GLY P 61 -66.15 -9.85 -90.10
N ASP P 62 -65.19 -10.58 -90.65
CA ASP P 62 -64.84 -11.87 -90.10
C ASP P 62 -63.93 -11.73 -88.88
N LYS P 63 -63.69 -12.86 -88.23
CA LYS P 63 -62.78 -12.93 -87.08
C LYS P 63 -61.45 -13.49 -87.55
N VAL P 64 -60.37 -12.77 -87.27
CA VAL P 64 -59.03 -13.16 -87.72
C VAL P 64 -58.16 -13.41 -86.49
N LEU P 65 -57.18 -14.29 -86.67
CA LEU P 65 -56.18 -14.57 -85.65
C LEU P 65 -54.83 -14.06 -86.14
N PHE P 66 -54.09 -13.40 -85.26
CA PHE P 66 -52.82 -12.78 -85.60
C PHE P 66 -51.80 -13.06 -84.51
N GLY P 67 -50.53 -12.89 -84.84
CA GLY P 67 -49.48 -13.05 -83.87
C GLY P 67 -49.45 -11.91 -82.86
N LYS P 68 -48.90 -12.20 -81.69
CA LYS P 68 -48.82 -11.19 -80.64
C LYS P 68 -47.76 -10.15 -81.00
N TYR P 69 -46.67 -10.58 -81.65
CA TYR P 69 -45.59 -9.66 -82.00
C TYR P 69 -46.07 -8.55 -82.92
N ALA P 70 -47.16 -8.78 -83.64
CA ALA P 70 -47.63 -7.87 -84.67
C ALA P 70 -48.53 -6.79 -84.10
N GLY P 71 -48.82 -5.79 -84.93
CA GLY P 71 -49.85 -4.82 -84.66
C GLY P 71 -49.30 -3.51 -84.10
N GLN P 72 -50.09 -2.45 -84.30
CA GLN P 72 -49.80 -1.14 -83.72
C GLN P 72 -51.11 -0.56 -83.20
N THR P 73 -51.06 -0.02 -81.99
CA THR P 73 -52.25 0.53 -81.35
C THR P 73 -52.54 1.93 -81.87
N VAL P 74 -53.81 2.23 -82.08
CA VAL P 74 -54.26 3.52 -82.59
C VAL P 74 -55.10 4.19 -81.51
N LYS P 75 -54.90 5.50 -81.35
CA LYS P 75 -55.56 6.28 -80.30
C LYS P 75 -56.84 6.93 -80.78
N VAL P 76 -57.42 6.45 -81.87
CA VAL P 76 -58.55 7.11 -82.51
C VAL P 76 -59.79 6.96 -81.62
N GLU P 77 -60.44 8.10 -81.36
CA GLU P 77 -61.73 8.24 -80.68
C GLU P 77 -61.92 7.30 -79.49
N GLY P 78 -60.85 6.99 -78.79
CA GLY P 78 -60.89 6.19 -77.56
C GLY P 78 -60.59 4.70 -77.61
N GLU P 79 -61.35 3.92 -78.38
CA GLU P 79 -61.14 2.48 -78.35
C GLU P 79 -59.81 2.11 -79.00
N GLU P 80 -59.16 1.08 -78.47
CA GLU P 80 -57.91 0.61 -79.01
C GLU P 80 -58.16 -0.14 -80.31
N LEU P 81 -57.40 0.19 -81.35
CA LEU P 81 -57.46 -0.50 -82.62
C LEU P 81 -56.07 -0.94 -83.02
N LEU P 82 -55.98 -2.14 -83.58
CA LEU P 82 -54.70 -2.73 -83.97
C LEU P 82 -54.61 -2.75 -85.49
N VAL P 83 -53.57 -2.13 -86.03
CA VAL P 83 -53.32 -2.08 -87.46
C VAL P 83 -52.08 -2.89 -87.77
N LEU P 84 -52.22 -3.86 -88.66
CA LEU P 84 -51.12 -4.77 -88.98
C LEU P 84 -51.26 -5.25 -90.42
N ARG P 85 -50.16 -5.76 -90.95
CA ARG P 85 -50.11 -6.15 -92.35
C ARG P 85 -50.93 -7.43 -92.59
N GLU P 86 -51.34 -7.63 -93.84
CA GLU P 86 -52.16 -8.79 -94.18
C GLU P 86 -51.42 -10.10 -93.97
N ASP P 87 -50.14 -10.17 -94.37
CA ASP P 87 -49.39 -11.41 -94.21
C ASP P 87 -49.14 -11.73 -92.75
N ASP P 88 -49.44 -10.81 -91.83
CA ASP P 88 -49.26 -11.02 -90.41
C ASP P 88 -50.49 -11.62 -89.74
N ILE P 89 -51.56 -11.86 -90.49
CA ILE P 89 -52.72 -12.56 -89.95
C ILE P 89 -52.45 -14.05 -90.00
N MET P 90 -52.60 -14.72 -88.85
CA MET P 90 -52.32 -16.15 -88.80
C MET P 90 -53.39 -16.96 -89.53
N ALA P 91 -54.65 -16.67 -89.27
CA ALA P 91 -55.75 -17.46 -89.83
C ALA P 91 -57.04 -16.69 -89.70
N VAL P 92 -58.10 -17.24 -90.30
CA VAL P 92 -59.45 -16.71 -90.21
C VAL P 92 -60.33 -17.76 -89.55
N ILE P 93 -61.05 -17.35 -88.51
CA ILE P 93 -61.91 -18.25 -87.76
C ILE P 93 -63.30 -18.24 -88.39
N GLU P 94 -63.92 -19.43 -88.46
CA GLU P 94 -65.05 -19.72 -89.34
C GLU P 94 -65.07 -18.84 -90.59
N ALA Q 1 11.28 -13.53 -24.33
CA ALA Q 1 11.67 -12.45 -23.43
C ALA Q 1 12.90 -12.85 -22.60
N ALA Q 2 13.02 -12.26 -21.42
CA ALA Q 2 14.14 -12.59 -20.55
C ALA Q 2 14.08 -14.04 -20.11
N LYS Q 3 15.24 -14.67 -20.03
CA LYS Q 3 15.35 -16.08 -19.70
C LYS Q 3 16.05 -16.24 -18.36
N GLU Q 4 15.55 -17.18 -17.55
CA GLU Q 4 16.20 -17.59 -16.32
C GLU Q 4 16.98 -18.86 -16.60
N VAL Q 5 18.22 -18.91 -16.11
CA VAL Q 5 19.13 -20.01 -16.37
C VAL Q 5 19.49 -20.67 -15.05
N LYS Q 6 19.33 -21.98 -14.99
CA LYS Q 6 19.66 -22.76 -13.79
C LYS Q 6 20.74 -23.77 -14.15
N PHE Q 7 21.62 -24.05 -13.17
CA PHE Q 7 22.79 -24.88 -13.40
C PHE Q 7 22.90 -25.98 -12.36
N HIS Q 8 23.47 -27.10 -12.77
CA HIS Q 8 23.95 -28.17 -11.88
C HIS Q 8 22.79 -28.69 -11.04
N ASP Q 9 22.94 -28.85 -9.72
CA ASP Q 9 21.93 -29.51 -8.91
C ASP Q 9 20.65 -28.70 -8.82
N SER Q 10 20.75 -27.37 -8.83
CA SER Q 10 19.55 -26.55 -8.78
C SER Q 10 18.67 -26.78 -10.00
N ALA Q 11 19.29 -26.92 -11.18
CA ALA Q 11 18.53 -27.25 -12.38
C ALA Q 11 17.95 -28.65 -12.29
N ARG Q 12 18.74 -29.61 -11.81
CA ARG Q 12 18.27 -31.00 -11.77
C ARG Q 12 17.18 -31.19 -10.73
N GLU Q 13 17.27 -30.49 -9.60
CA GLU Q 13 16.26 -30.65 -8.56
C GLU Q 13 14.92 -30.08 -9.00
N ARG Q 14 14.93 -29.04 -9.85
CA ARG Q 14 13.68 -28.52 -10.39
C ARG Q 14 13.10 -29.46 -11.44
N LEU Q 15 13.97 -30.04 -12.28
CA LEU Q 15 13.50 -31.00 -13.27
C LEU Q 15 12.90 -32.23 -12.60
N VAL Q 16 13.56 -32.74 -11.56
CA VAL Q 16 13.07 -33.94 -10.89
C VAL Q 16 11.77 -33.65 -10.16
N ALA Q 17 11.63 -32.46 -9.58
CA ALA Q 17 10.39 -32.12 -8.88
C ALA Q 17 9.20 -32.14 -9.83
N GLY Q 18 9.38 -31.61 -11.05
CA GLY Q 18 8.32 -31.68 -12.03
C GLY Q 18 8.05 -33.10 -12.49
N VAL Q 19 9.10 -33.90 -12.62
CA VAL Q 19 8.93 -35.32 -12.98
C VAL Q 19 8.13 -36.04 -11.91
N ASN Q 20 8.49 -35.81 -10.65
CA ASN Q 20 7.82 -36.51 -9.55
C ASN Q 20 6.37 -36.08 -9.42
N LEU Q 21 6.08 -34.79 -9.61
CA LEU Q 21 4.71 -34.32 -9.44
C LEU Q 21 3.78 -34.96 -10.48
N LEU Q 22 4.23 -35.02 -11.74
CA LEU Q 22 3.41 -35.63 -12.77
C LEU Q 22 3.28 -37.14 -12.56
N ALA Q 23 4.39 -37.79 -12.22
CA ALA Q 23 4.36 -39.24 -12.08
C ALA Q 23 3.60 -39.68 -10.84
N ASN Q 24 3.64 -38.88 -9.78
CA ASN Q 24 2.87 -39.21 -8.58
C ASN Q 24 1.37 -39.18 -8.85
N ALA Q 25 0.92 -38.21 -9.62
CA ALA Q 25 -0.49 -38.16 -10.00
C ALA Q 25 -0.87 -39.36 -10.87
N VAL Q 26 -0.01 -39.72 -11.83
CA VAL Q 26 -0.24 -40.88 -12.66
C VAL Q 26 -0.08 -42.18 -11.87
N LYS Q 27 0.75 -42.17 -10.83
CA LYS Q 27 0.96 -43.37 -10.02
C LYS Q 27 -0.35 -43.90 -9.44
N THR Q 28 -1.25 -43.01 -9.04
CA THR Q 28 -2.45 -43.40 -8.31
C THR Q 28 -3.35 -44.31 -9.11
N THR Q 29 -3.24 -44.30 -10.43
CA THR Q 29 -4.12 -45.07 -11.30
C THR Q 29 -3.55 -46.41 -11.71
N LEU Q 30 -2.38 -46.78 -11.20
CA LEU Q 30 -1.70 -47.99 -11.67
C LEU Q 30 -2.24 -49.23 -10.98
N GLY Q 31 -2.51 -50.27 -11.77
CA GLY Q 31 -2.85 -51.56 -11.25
C GLY Q 31 -4.33 -51.78 -11.05
N PRO Q 32 -4.71 -53.00 -10.69
CA PRO Q 32 -6.14 -53.28 -10.45
C PRO Q 32 -6.71 -52.48 -9.28
N LYS Q 33 -5.91 -52.18 -8.28
CA LYS Q 33 -6.34 -51.40 -7.14
C LYS Q 33 -6.01 -49.92 -7.27
N GLY Q 34 -5.56 -49.50 -8.44
CA GLY Q 34 -5.38 -48.08 -8.68
C GLY Q 34 -6.71 -47.35 -8.68
N ARG Q 35 -6.65 -46.06 -8.39
CA ARG Q 35 -7.85 -45.26 -8.22
C ARG Q 35 -7.90 -44.16 -9.27
N ASN Q 36 -9.08 -43.56 -9.42
CA ASN Q 36 -9.34 -42.62 -10.48
C ASN Q 36 -8.78 -41.24 -10.16
N VAL Q 37 -8.62 -40.44 -11.21
CA VAL Q 37 -8.18 -39.05 -11.10
C VAL Q 37 -9.24 -38.18 -11.74
N VAL Q 38 -9.70 -37.16 -11.01
CA VAL Q 38 -10.70 -36.23 -11.49
C VAL Q 38 -9.99 -35.01 -12.05
N ILE Q 39 -10.31 -34.65 -13.29
CA ILE Q 39 -9.70 -33.53 -13.98
C ILE Q 39 -10.79 -32.54 -14.35
N GLU Q 40 -10.59 -31.28 -13.98
CA GLU Q 40 -11.59 -30.25 -14.26
C GLU Q 40 -11.50 -29.81 -15.70
N ARG Q 41 -12.61 -29.93 -16.42
CA ARG Q 41 -12.72 -29.38 -17.76
C ARG Q 41 -13.26 -27.96 -17.69
N SER Q 42 -12.81 -27.13 -18.63
CA SER Q 42 -13.22 -25.73 -18.63
C SER Q 42 -14.72 -25.57 -18.83
N PHE Q 43 -15.33 -26.48 -19.59
CA PHE Q 43 -16.75 -26.42 -19.91
C PHE Q 43 -17.61 -27.25 -18.97
N GLY Q 44 -17.18 -27.45 -17.73
CA GLY Q 44 -17.94 -28.23 -16.78
C GLY Q 44 -17.81 -29.72 -17.03
N ALA Q 45 -18.52 -30.48 -16.20
CA ALA Q 45 -18.52 -31.94 -16.27
C ALA Q 45 -17.11 -32.49 -16.21
N PRO Q 46 -16.48 -32.52 -15.03
CA PRO Q 46 -15.11 -33.04 -14.92
C PRO Q 46 -15.02 -34.48 -15.38
N ILE Q 47 -13.90 -34.82 -15.99
CA ILE Q 47 -13.67 -36.17 -16.49
C ILE Q 47 -13.00 -37.00 -15.41
N VAL Q 48 -13.49 -38.21 -15.22
CA VAL Q 48 -12.92 -39.16 -14.27
C VAL Q 48 -12.21 -40.23 -15.10
N THR Q 49 -10.90 -40.32 -14.93
CA THR Q 49 -10.09 -41.19 -15.77
C THR Q 49 -9.13 -42.02 -14.92
N LYS Q 50 -8.83 -43.21 -15.43
CA LYS Q 50 -7.77 -44.06 -14.88
C LYS Q 50 -6.60 -44.21 -15.84
N ASP Q 51 -6.62 -43.51 -16.96
CA ASP Q 51 -5.55 -43.61 -17.94
C ASP Q 51 -4.41 -42.67 -17.58
N GLY Q 52 -3.18 -43.16 -17.71
CA GLY Q 52 -2.03 -42.33 -17.39
C GLY Q 52 -1.85 -41.17 -18.36
N VAL Q 53 -2.10 -41.41 -19.65
CA VAL Q 53 -1.88 -40.38 -20.65
C VAL Q 53 -2.87 -39.23 -20.48
N THR Q 54 -4.13 -39.54 -20.12
CA THR Q 54 -5.11 -38.50 -19.89
C THR Q 54 -4.73 -37.63 -18.70
N VAL Q 55 -4.24 -38.25 -17.63
CA VAL Q 55 -3.80 -37.48 -16.47
C VAL Q 55 -2.54 -36.68 -16.80
N ALA Q 56 -1.59 -37.32 -17.49
CA ALA Q 56 -0.32 -36.65 -17.78
C ALA Q 56 -0.52 -35.45 -18.71
N LYS Q 57 -1.38 -35.59 -19.72
CA LYS Q 57 -1.57 -34.54 -20.70
C LYS Q 57 -2.19 -33.28 -20.13
N GLU Q 58 -2.77 -33.35 -18.93
CA GLU Q 58 -3.43 -32.20 -18.33
C GLU Q 58 -2.57 -31.46 -17.33
N ILE Q 59 -1.48 -32.06 -16.87
CA ILE Q 59 -0.69 -31.47 -15.79
C ILE Q 59 0.23 -30.39 -16.36
N GLU Q 60 0.11 -29.18 -15.82
CA GLU Q 60 1.01 -28.08 -16.12
C GLU Q 60 1.32 -27.36 -14.81
N LEU Q 61 2.59 -26.99 -14.64
CA LEU Q 61 3.06 -26.47 -13.37
C LEU Q 61 3.35 -24.98 -13.47
N LYS Q 62 3.12 -24.28 -12.36
CA LYS Q 62 3.40 -22.84 -12.30
C LYS Q 62 4.90 -22.58 -12.46
N ASP Q 63 5.74 -23.36 -11.78
CA ASP Q 63 7.18 -23.22 -11.92
C ASP Q 63 7.60 -23.68 -13.30
N LYS Q 64 8.20 -22.77 -14.07
CA LYS Q 64 8.57 -23.09 -15.44
C LYS Q 64 9.64 -24.17 -15.50
N PHE Q 65 10.59 -24.15 -14.57
CA PHE Q 65 11.61 -25.18 -14.54
C PHE Q 65 11.03 -26.53 -14.14
N GLU Q 66 10.13 -26.55 -13.16
CA GLU Q 66 9.44 -27.79 -12.83
C GLU Q 66 8.51 -28.22 -13.95
N ASN Q 67 7.85 -27.27 -14.61
CA ASN Q 67 7.00 -27.60 -15.74
C ASN Q 67 7.79 -28.25 -16.86
N MET Q 68 9.07 -27.89 -17.01
CA MET Q 68 9.90 -28.52 -18.03
C MET Q 68 10.04 -30.01 -17.77
N GLY Q 69 10.26 -30.38 -16.51
CA GLY Q 69 10.35 -31.80 -16.17
C GLY Q 69 9.04 -32.53 -16.38
N ALA Q 70 7.91 -31.87 -16.08
CA ALA Q 70 6.62 -32.48 -16.29
C ALA Q 70 6.35 -32.70 -17.78
N GLN Q 71 6.76 -31.75 -18.62
CA GLN Q 71 6.52 -31.87 -20.05
C GLN Q 71 7.29 -33.04 -20.65
N MET Q 72 8.49 -33.31 -20.14
CA MET Q 72 9.27 -34.44 -20.64
C MET Q 72 8.62 -35.77 -20.30
N VAL Q 73 8.13 -35.91 -19.07
CA VAL Q 73 7.45 -37.14 -18.68
C VAL Q 73 6.11 -37.26 -19.39
N LYS Q 74 5.41 -36.13 -19.56
CA LYS Q 74 4.18 -36.15 -20.35
C LYS Q 74 4.45 -36.65 -21.76
N GLU Q 75 5.68 -36.45 -22.25
CA GLU Q 75 6.05 -36.93 -23.57
C GLU Q 75 6.18 -38.46 -23.58
N VAL Q 76 6.59 -39.05 -22.46
CA VAL Q 76 6.69 -40.51 -22.36
C VAL Q 76 5.31 -41.14 -22.53
N ALA Q 77 4.32 -40.62 -21.80
CA ALA Q 77 2.97 -41.18 -21.87
C ALA Q 77 2.35 -40.97 -23.23
N SER Q 78 2.58 -39.80 -23.84
CA SER Q 78 2.00 -39.51 -25.14
C SER Q 78 2.52 -40.48 -26.21
N LYS Q 79 3.82 -40.76 -26.20
CA LYS Q 79 4.38 -41.68 -27.19
C LYS Q 79 3.88 -43.10 -26.97
N THR Q 80 3.77 -43.52 -25.71
CA THR Q 80 3.29 -44.88 -25.44
C THR Q 80 1.85 -45.05 -25.87
N ALA Q 81 1.02 -44.02 -25.65
CA ALA Q 81 -0.36 -44.08 -26.11
C ALA Q 81 -0.44 -44.12 -27.64
N ASP Q 82 0.47 -43.39 -28.31
CA ASP Q 82 0.45 -43.37 -29.76
C ASP Q 82 0.80 -44.72 -30.36
N VAL Q 83 1.81 -45.40 -29.81
CA VAL Q 83 2.31 -46.63 -30.42
C VAL Q 83 1.64 -47.89 -29.89
N ALA Q 84 1.05 -47.85 -28.69
CA ALA Q 84 0.47 -49.06 -28.12
C ALA Q 84 -0.97 -48.82 -27.66
N GLY Q 85 -1.27 -47.60 -27.22
CA GLY Q 85 -2.57 -47.31 -26.68
C GLY Q 85 -2.77 -47.76 -25.25
N ASP Q 86 -1.77 -48.40 -24.66
CA ASP Q 86 -1.85 -48.90 -23.29
C ASP Q 86 -0.45 -48.89 -22.71
N GLY Q 87 -0.36 -48.96 -21.39
CA GLY Q 87 0.92 -48.89 -20.73
C GLY Q 87 1.44 -47.50 -20.47
N THR Q 88 0.58 -46.48 -20.57
CA THR Q 88 1.01 -45.11 -20.34
C THR Q 88 1.39 -44.88 -18.88
N THR Q 89 0.61 -45.43 -17.95
CA THR Q 89 0.98 -45.33 -16.53
C THR Q 89 2.25 -46.11 -16.24
N THR Q 90 2.38 -47.30 -16.83
CA THR Q 90 3.60 -48.08 -16.64
C THR Q 90 4.81 -47.35 -17.22
N ALA Q 91 4.66 -46.74 -18.39
CA ALA Q 91 5.76 -45.97 -18.97
C ALA Q 91 6.13 -44.79 -18.09
N THR Q 92 5.13 -44.08 -17.56
CA THR Q 92 5.41 -42.95 -16.69
C THR Q 92 6.09 -43.41 -15.40
N VAL Q 93 5.63 -44.52 -14.83
CA VAL Q 93 6.24 -45.05 -13.62
C VAL Q 93 7.68 -45.48 -13.88
N LEU Q 94 7.92 -46.14 -15.01
CA LEU Q 94 9.28 -46.53 -15.37
C LEU Q 94 10.18 -45.31 -15.57
N ALA Q 95 9.65 -44.27 -16.22
CA ALA Q 95 10.45 -43.08 -16.46
C ALA Q 95 10.86 -42.41 -15.16
N GLN Q 96 9.95 -42.36 -14.19
CA GLN Q 96 10.28 -41.77 -12.90
C GLN Q 96 11.29 -42.62 -12.15
N ALA Q 97 11.19 -43.93 -12.27
CA ALA Q 97 12.15 -44.82 -11.60
C ALA Q 97 13.56 -44.63 -12.16
N ILE Q 98 13.68 -44.49 -13.48
CA ILE Q 98 14.98 -44.27 -14.08
C ILE Q 98 15.57 -42.94 -13.63
N VAL Q 99 14.74 -41.90 -13.61
CA VAL Q 99 15.20 -40.59 -13.18
C VAL Q 99 15.61 -40.62 -11.71
N ARG Q 100 14.79 -41.25 -10.88
CA ARG Q 100 15.11 -41.33 -9.45
C ARG Q 100 16.38 -42.12 -9.21
N GLU Q 101 16.53 -43.27 -9.86
CA GLU Q 101 17.74 -44.07 -9.69
C GLU Q 101 18.93 -43.43 -10.39
N GLY Q 102 18.71 -42.78 -11.53
CA GLY Q 102 19.80 -42.17 -12.25
C GLY Q 102 20.35 -40.93 -11.59
N MET Q 103 19.50 -40.17 -10.90
CA MET Q 103 19.98 -38.96 -10.23
C MET Q 103 20.91 -39.29 -9.08
N LYS Q 104 20.78 -40.48 -8.49
CA LYS Q 104 21.70 -40.90 -7.45
C LYS Q 104 23.11 -41.06 -8.01
N TYR Q 105 23.23 -41.63 -9.21
CA TYR Q 105 24.54 -41.79 -9.84
C TYR Q 105 25.06 -40.48 -10.40
N VAL Q 106 24.18 -39.62 -10.90
CA VAL Q 106 24.61 -38.30 -11.34
C VAL Q 106 25.17 -37.51 -10.18
N ALA Q 107 24.49 -37.57 -9.03
CA ALA Q 107 25.00 -36.94 -7.81
C ALA Q 107 26.28 -37.59 -7.32
N ALA Q 108 26.55 -38.83 -7.74
CA ALA Q 108 27.78 -39.52 -7.36
C ALA Q 108 28.95 -39.16 -8.26
N GLY Q 109 28.75 -38.30 -9.25
CA GLY Q 109 29.82 -37.83 -10.09
C GLY Q 109 30.05 -38.61 -11.36
N MET Q 110 29.28 -39.66 -11.62
CA MET Q 110 29.45 -40.43 -12.83
C MET Q 110 28.95 -39.66 -14.04
N ASN Q 111 29.57 -39.95 -15.18
CA ASN Q 111 29.24 -39.23 -16.41
C ASN Q 111 27.84 -39.61 -16.88
N PRO Q 112 26.90 -38.66 -16.99
CA PRO Q 112 25.54 -39.02 -17.39
C PRO Q 112 25.44 -39.49 -18.83
N MET Q 113 26.37 -39.10 -19.71
CA MET Q 113 26.33 -39.60 -21.08
C MET Q 113 26.61 -41.09 -21.11
N ASP Q 114 27.53 -41.58 -20.28
CA ASP Q 114 27.76 -43.01 -20.18
C ASP Q 114 26.62 -43.70 -19.45
N LEU Q 115 25.96 -43.01 -18.52
CA LEU Q 115 24.77 -43.57 -17.90
C LEU Q 115 23.68 -43.78 -18.94
N LYS Q 116 23.49 -42.81 -19.83
CA LYS Q 116 22.50 -42.95 -20.91
C LYS Q 116 22.87 -44.10 -21.83
N ARG Q 117 24.16 -44.25 -22.15
CA ARG Q 117 24.59 -45.36 -22.99
C ARG Q 117 24.39 -46.68 -22.29
N GLY Q 118 24.65 -46.73 -20.99
CA GLY Q 118 24.38 -47.95 -20.24
C GLY Q 118 22.90 -48.27 -20.14
N ILE Q 119 22.07 -47.23 -20.02
CA ILE Q 119 20.62 -47.43 -19.98
C ILE Q 119 20.14 -48.02 -21.29
N ASP Q 120 20.62 -47.49 -22.42
CA ASP Q 120 20.22 -48.02 -23.72
C ASP Q 120 20.67 -49.46 -23.89
N LYS Q 121 21.87 -49.78 -23.41
CA LYS Q 121 22.38 -51.15 -23.53
C LYS Q 121 21.51 -52.12 -22.73
N ALA Q 122 21.13 -51.73 -21.51
CA ALA Q 122 20.30 -52.59 -20.68
C ALA Q 122 18.90 -52.75 -21.26
N VAL Q 123 18.34 -51.67 -21.80
CA VAL Q 123 16.99 -51.74 -22.35
C VAL Q 123 16.95 -52.62 -23.59
N THR Q 124 17.99 -52.54 -24.43
CA THR Q 124 18.07 -53.41 -25.60
C THR Q 124 18.12 -54.87 -25.18
N ALA Q 125 18.90 -55.18 -24.14
CA ALA Q 125 18.99 -56.55 -23.67
C ALA Q 125 17.66 -57.03 -23.10
N ILE Q 126 16.98 -56.18 -22.33
CA ILE Q 126 15.73 -56.59 -21.70
C ILE Q 126 14.63 -56.76 -22.75
N VAL Q 127 14.60 -55.88 -23.75
CA VAL Q 127 13.59 -55.98 -24.80
C VAL Q 127 13.77 -57.28 -25.58
N GLU Q 128 15.02 -57.68 -25.83
CA GLU Q 128 15.27 -58.95 -26.50
C GLU Q 128 14.77 -60.12 -25.66
N GLU Q 129 14.97 -60.06 -24.35
CA GLU Q 129 14.47 -61.12 -23.48
C GLU Q 129 12.95 -61.11 -23.41
N LEU Q 130 12.32 -59.95 -23.56
CA LEU Q 130 10.87 -59.89 -23.62
C LEU Q 130 10.34 -60.65 -24.84
N LYS Q 131 11.06 -60.55 -25.96
CA LYS Q 131 10.65 -61.27 -27.16
C LYS Q 131 10.68 -62.78 -26.95
N ALA Q 132 11.71 -63.28 -26.27
CA ALA Q 132 11.79 -64.71 -26.02
C ALA Q 132 10.71 -65.16 -25.05
N ILE Q 133 10.45 -64.37 -24.01
CA ILE Q 133 9.43 -64.72 -23.02
C ILE Q 133 8.03 -64.68 -23.64
N SER Q 134 7.81 -63.73 -24.56
CA SER Q 134 6.48 -63.54 -25.12
C SER Q 134 5.98 -64.79 -25.82
N LYS Q 135 4.69 -65.10 -25.62
CA LYS Q 135 4.00 -66.19 -26.27
C LYS Q 135 2.91 -65.65 -27.18
N PRO Q 136 2.67 -66.28 -28.34
CA PRO Q 136 1.66 -65.77 -29.25
C PRO Q 136 0.26 -65.89 -28.67
N CYS Q 137 -0.60 -64.94 -29.06
CA CYS Q 137 -2.00 -64.92 -28.63
C CYS Q 137 -2.84 -65.51 -29.75
N SER Q 138 -3.34 -66.73 -29.53
CA SER Q 138 -4.05 -67.47 -30.56
C SER Q 138 -5.44 -67.95 -30.15
N THR Q 139 -5.82 -67.79 -28.89
CA THR Q 139 -7.11 -68.27 -28.40
C THR Q 139 -7.99 -67.09 -28.04
N THR Q 140 -9.29 -67.23 -28.30
CA THR Q 140 -10.24 -66.18 -27.92
C THR Q 140 -10.33 -66.04 -26.40
N LYS Q 141 -10.00 -67.10 -25.66
CA LYS Q 141 -9.94 -67.00 -24.21
C LYS Q 141 -8.85 -66.04 -23.77
N GLU Q 142 -7.68 -66.11 -24.40
CA GLU Q 142 -6.60 -65.18 -24.08
C GLU Q 142 -6.98 -63.76 -24.46
N ILE Q 143 -7.69 -63.58 -25.57
CA ILE Q 143 -8.13 -62.25 -25.99
C ILE Q 143 -9.07 -61.66 -24.94
N ALA Q 144 -10.00 -62.47 -24.43
CA ALA Q 144 -10.88 -62.00 -23.37
C ALA Q 144 -10.09 -61.65 -22.11
N GLN Q 145 -9.10 -62.47 -21.76
CA GLN Q 145 -8.30 -62.19 -20.59
C GLN Q 145 -7.49 -60.92 -20.75
N VAL Q 146 -6.91 -60.69 -21.94
CA VAL Q 146 -6.16 -59.47 -22.18
C VAL Q 146 -7.09 -58.26 -22.13
N GLY Q 147 -8.26 -58.37 -22.73
CA GLY Q 147 -9.22 -57.28 -22.67
C GLY Q 147 -9.74 -57.03 -21.27
N THR Q 148 -9.97 -58.10 -20.51
CA THR Q 148 -10.47 -57.95 -19.14
C THR Q 148 -9.46 -57.22 -18.27
N ILE Q 149 -8.18 -57.57 -18.39
CA ILE Q 149 -7.15 -56.94 -17.58
C ILE Q 149 -7.02 -55.46 -17.93
N SER Q 150 -7.05 -55.13 -19.22
CA SER Q 150 -6.89 -53.75 -19.64
C SER Q 150 -8.13 -52.91 -19.38
N ALA Q 151 -9.29 -53.53 -19.20
CA ALA Q 151 -10.51 -52.83 -18.83
C ALA Q 151 -10.68 -52.75 -17.32
N ASN Q 152 -9.61 -52.92 -16.56
CA ASN Q 152 -9.62 -52.87 -15.10
C ASN Q 152 -10.55 -53.94 -14.52
N ALA Q 153 -10.23 -55.19 -14.84
CA ALA Q 153 -10.94 -56.36 -14.31
C ALA Q 153 -12.43 -56.31 -14.61
N ASP Q 154 -12.76 -55.96 -15.85
CA ASP Q 154 -14.15 -55.96 -16.32
C ASP Q 154 -14.30 -57.10 -17.32
N SER Q 155 -14.91 -58.20 -16.87
CA SER Q 155 -15.05 -59.37 -17.74
C SER Q 155 -16.02 -59.12 -18.88
N SER Q 156 -17.04 -58.30 -18.65
CA SER Q 156 -18.01 -58.01 -19.71
C SER Q 156 -17.35 -57.30 -20.89
N ILE Q 157 -16.48 -56.33 -20.61
CA ILE Q 157 -15.78 -55.63 -21.68
C ILE Q 157 -14.83 -56.58 -22.40
N GLY Q 158 -14.10 -57.41 -21.66
CA GLY Q 158 -13.21 -58.36 -22.29
C GLY Q 158 -13.94 -59.37 -23.15
N GLU Q 159 -15.08 -59.86 -22.67
CA GLU Q 159 -15.83 -60.85 -23.44
C GLU Q 159 -16.44 -60.25 -24.70
N ILE Q 160 -17.00 -59.05 -24.59
CA ILE Q 160 -17.63 -58.44 -25.76
C ILE Q 160 -16.58 -58.08 -26.82
N ILE Q 161 -15.37 -57.71 -26.38
CA ILE Q 161 -14.30 -57.43 -27.34
C ILE Q 161 -13.83 -58.70 -28.01
N ALA Q 162 -13.70 -59.79 -27.24
CA ALA Q 162 -13.28 -61.05 -27.82
C ALA Q 162 -14.29 -61.54 -28.86
N GLN Q 163 -15.58 -61.36 -28.58
CA GLN Q 163 -16.60 -61.70 -29.57
C GLN Q 163 -16.49 -60.82 -30.80
N ALA Q 164 -16.19 -59.53 -30.61
CA ALA Q 164 -16.09 -58.61 -31.73
C ALA Q 164 -14.96 -59.00 -32.67
N MET Q 165 -13.79 -59.33 -32.12
CA MET Q 165 -12.68 -59.76 -32.96
C MET Q 165 -12.95 -61.09 -33.63
N ASP Q 166 -13.70 -61.98 -32.95
CA ASP Q 166 -14.07 -63.24 -33.57
C ASP Q 166 -14.98 -63.04 -34.77
N LYS Q 167 -15.94 -62.11 -34.66
CA LYS Q 167 -16.91 -61.92 -35.73
C LYS Q 167 -16.31 -61.21 -36.93
N VAL Q 168 -15.49 -60.17 -36.70
CA VAL Q 168 -14.93 -59.41 -37.81
C VAL Q 168 -13.55 -59.91 -38.24
N GLY Q 169 -12.97 -60.85 -37.52
CA GLY Q 169 -11.70 -61.41 -37.91
C GLY Q 169 -10.54 -60.45 -37.66
N LYS Q 170 -9.37 -60.86 -38.16
CA LYS Q 170 -8.16 -60.06 -37.99
C LYS Q 170 -8.25 -58.76 -38.79
N GLU Q 171 -8.85 -58.81 -39.97
CA GLU Q 171 -8.91 -57.66 -40.87
C GLU Q 171 -10.07 -56.72 -40.55
N GLY Q 172 -10.91 -57.05 -39.58
CA GLY Q 172 -12.05 -56.23 -39.27
C GLY Q 172 -11.71 -54.99 -38.48
N VAL Q 173 -12.69 -54.10 -38.37
CA VAL Q 173 -12.55 -52.82 -37.68
C VAL Q 173 -13.57 -52.77 -36.56
N ILE Q 174 -13.12 -52.43 -35.35
CA ILE Q 174 -13.98 -52.32 -34.18
C ILE Q 174 -13.93 -50.89 -33.67
N THR Q 175 -15.09 -50.29 -33.47
CA THR Q 175 -15.20 -48.92 -32.96
C THR Q 175 -16.02 -48.91 -31.69
N VAL Q 176 -15.89 -47.82 -30.94
CA VAL Q 176 -16.57 -47.64 -29.66
C VAL Q 176 -17.43 -46.38 -29.73
N GLU Q 177 -18.71 -46.53 -29.41
CA GLU Q 177 -19.64 -45.41 -29.39
C GLU Q 177 -20.45 -45.45 -28.10
N ASP Q 178 -21.27 -44.42 -27.90
CA ASP Q 178 -22.13 -44.33 -26.73
C ASP Q 178 -23.41 -45.12 -26.98
N GLY Q 179 -23.75 -45.99 -26.04
CA GLY Q 179 -24.99 -46.73 -26.13
C GLY Q 179 -26.16 -45.96 -25.56
N LYS Q 180 -27.35 -46.51 -25.77
CA LYS Q 180 -28.57 -45.95 -25.22
C LYS Q 180 -29.05 -46.67 -23.97
N SER Q 181 -28.76 -47.96 -23.85
CA SER Q 181 -29.14 -48.74 -22.68
C SER Q 181 -28.07 -48.61 -21.60
N LEU Q 182 -28.22 -49.37 -20.52
CA LEU Q 182 -27.24 -49.38 -19.44
C LEU Q 182 -26.22 -50.50 -19.56
N GLU Q 183 -26.34 -51.36 -20.56
CA GLU Q 183 -25.43 -52.48 -20.75
C GLU Q 183 -24.74 -52.38 -22.10
N ASN Q 184 -23.55 -52.96 -22.18
CA ASN Q 184 -22.80 -52.96 -23.43
C ASN Q 184 -23.46 -53.86 -24.45
N GLU Q 185 -23.50 -53.40 -25.69
CA GLU Q 185 -24.05 -54.17 -26.80
C GLU Q 185 -23.09 -54.11 -27.98
N LEU Q 186 -23.04 -55.20 -28.74
CA LEU Q 186 -22.16 -55.33 -29.88
C LEU Q 186 -22.99 -55.41 -31.15
N GLU Q 187 -22.73 -54.51 -32.09
CA GLU Q 187 -23.39 -54.50 -33.38
C GLU Q 187 -22.37 -54.77 -34.46
N VAL Q 188 -22.57 -55.84 -35.22
CA VAL Q 188 -21.65 -56.26 -36.28
C VAL Q 188 -22.32 -56.00 -37.61
N VAL Q 189 -21.63 -55.26 -38.48
CA VAL Q 189 -22.10 -54.96 -39.82
C VAL Q 189 -21.28 -55.77 -40.80
N GLU Q 190 -21.94 -56.62 -41.58
CA GLU Q 190 -21.28 -57.51 -42.52
C GLU Q 190 -21.38 -56.93 -43.93
N GLY Q 191 -20.38 -57.26 -44.75
CA GLY Q 191 -20.40 -56.80 -46.13
C GLY Q 191 -20.07 -55.33 -46.24
N MET Q 192 -20.56 -54.71 -47.31
CA MET Q 192 -20.28 -53.32 -47.63
C MET Q 192 -21.48 -52.47 -47.24
N GLN Q 193 -21.29 -51.59 -46.26
CA GLN Q 193 -22.28 -50.59 -45.88
C GLN Q 193 -21.59 -49.23 -45.90
N PHE Q 194 -22.14 -48.29 -46.67
CA PHE Q 194 -21.51 -46.99 -46.84
C PHE Q 194 -22.37 -45.84 -46.30
N ASP Q 195 -23.25 -46.13 -45.33
CA ASP Q 195 -23.93 -45.13 -44.51
C ASP Q 195 -24.53 -43.99 -45.35
N ARG Q 196 -25.20 -44.35 -46.44
CA ARG Q 196 -25.91 -43.39 -47.25
C ARG Q 196 -27.31 -43.91 -47.56
N GLY Q 197 -28.32 -43.04 -47.41
CA GLY Q 197 -29.70 -43.44 -47.56
C GLY Q 197 -30.26 -43.12 -48.94
N TYR Q 198 -31.54 -43.46 -49.10
CA TYR Q 198 -32.22 -43.21 -50.36
C TYR Q 198 -32.57 -41.72 -50.50
N LEU Q 199 -32.89 -41.32 -51.74
CA LEU Q 199 -33.28 -39.95 -52.02
C LEU Q 199 -34.79 -39.76 -52.07
N SER Q 200 -35.58 -40.81 -51.89
CA SER Q 200 -37.02 -40.68 -52.00
C SER Q 200 -37.69 -41.79 -51.22
N PRO Q 201 -38.68 -41.50 -50.38
CA PRO Q 201 -39.35 -42.56 -49.62
C PRO Q 201 -40.11 -43.55 -50.48
N TYR Q 202 -40.46 -43.20 -51.72
CA TYR Q 202 -41.21 -44.09 -52.58
C TYR Q 202 -40.41 -45.31 -53.02
N PHE Q 203 -39.09 -45.30 -52.82
CA PHE Q 203 -38.29 -46.48 -53.13
C PHE Q 203 -38.53 -47.62 -52.15
N ILE Q 204 -39.15 -47.33 -51.00
CA ILE Q 204 -39.37 -48.36 -49.99
C ILE Q 204 -40.37 -49.39 -50.50
N ASN Q 205 -40.04 -50.67 -50.31
CA ASN Q 205 -40.90 -51.75 -50.77
C ASN Q 205 -41.57 -52.52 -49.65
N ASN Q 206 -41.17 -52.32 -48.38
CA ASN Q 206 -41.87 -52.93 -47.26
C ASN Q 206 -42.13 -51.87 -46.20
N PRO Q 207 -43.35 -51.77 -45.69
CA PRO Q 207 -43.68 -50.66 -44.77
C PRO Q 207 -43.24 -50.91 -43.34
N ASP Q 208 -43.20 -52.18 -42.93
CA ASP Q 208 -42.91 -52.51 -41.54
C ASP Q 208 -41.51 -52.11 -41.13
N LYS Q 209 -40.58 -51.99 -42.08
CA LYS Q 209 -39.21 -51.61 -41.78
C LYS Q 209 -38.78 -50.30 -42.43
N GLN Q 210 -39.51 -49.82 -43.44
CA GLN Q 210 -39.14 -48.61 -44.18
C GLN Q 210 -37.74 -48.76 -44.79
N VAL Q 211 -37.48 -49.92 -45.35
CA VAL Q 211 -36.19 -50.24 -45.97
C VAL Q 211 -36.45 -50.78 -47.37
N ALA Q 212 -35.79 -50.19 -48.36
CA ALA Q 212 -35.90 -50.64 -49.74
C ALA Q 212 -35.03 -51.88 -49.91
N VAL Q 213 -35.66 -53.03 -50.08
CA VAL Q 213 -34.96 -54.31 -50.21
C VAL Q 213 -34.97 -54.71 -51.67
N LEU Q 214 -33.78 -54.98 -52.21
CA LEU Q 214 -33.61 -55.38 -53.60
C LEU Q 214 -32.99 -56.77 -53.63
N ASP Q 215 -33.65 -57.70 -54.29
CA ASP Q 215 -33.18 -59.09 -54.38
C ASP Q 215 -32.53 -59.32 -55.73
N ASN Q 216 -31.28 -59.75 -55.71
CA ASN Q 216 -30.46 -59.95 -56.91
C ASN Q 216 -30.51 -58.73 -57.84
N PRO Q 217 -30.09 -57.56 -57.36
CA PRO Q 217 -30.19 -56.35 -58.16
C PRO Q 217 -28.93 -56.06 -58.97
N TYR Q 218 -29.09 -55.18 -59.96
CA TYR Q 218 -27.95 -54.60 -60.65
C TYR Q 218 -27.53 -53.31 -59.95
N ILE Q 219 -26.23 -53.06 -59.93
CA ILE Q 219 -25.67 -51.87 -59.30
C ILE Q 219 -25.00 -51.04 -60.39
N LEU Q 220 -25.43 -49.78 -60.51
CA LEU Q 220 -24.89 -48.85 -61.49
C LEU Q 220 -24.00 -47.85 -60.76
N LEU Q 221 -22.71 -47.88 -61.07
CA LEU Q 221 -21.74 -46.99 -60.45
C LEU Q 221 -21.48 -45.82 -61.39
N HIS Q 222 -21.76 -44.60 -60.92
CA HIS Q 222 -21.56 -43.39 -61.71
C HIS Q 222 -20.85 -42.36 -60.86
N ASP Q 223 -19.80 -41.75 -61.41
CA ASP Q 223 -19.01 -40.76 -60.70
C ASP Q 223 -19.46 -39.33 -60.99
N LYS Q 224 -20.54 -39.15 -61.73
CA LYS Q 224 -21.03 -37.83 -62.07
C LYS Q 224 -22.52 -37.74 -61.73
N LYS Q 225 -22.97 -36.51 -61.54
CA LYS Q 225 -24.38 -36.27 -61.20
C LYS Q 225 -25.29 -36.68 -62.34
N ILE Q 226 -26.46 -37.19 -61.99
CA ILE Q 226 -27.48 -37.60 -62.97
C ILE Q 226 -28.70 -36.72 -62.74
N SER Q 227 -29.08 -35.97 -63.77
CA SER Q 227 -30.23 -35.08 -63.68
C SER Q 227 -31.24 -35.29 -64.80
N ASN Q 228 -30.78 -35.56 -66.01
CA ASN Q 228 -31.68 -35.75 -67.15
C ASN Q 228 -32.03 -37.23 -67.30
N ILE Q 229 -32.99 -37.50 -68.16
CA ILE Q 229 -33.53 -38.85 -68.33
C ILE Q 229 -32.93 -39.49 -69.57
N ARG Q 230 -32.61 -38.67 -70.59
CA ARG Q 230 -32.18 -39.21 -71.88
C ARG Q 230 -30.91 -40.04 -71.79
N ASP Q 231 -30.06 -39.79 -70.80
CA ASP Q 231 -28.84 -40.59 -70.64
C ASP Q 231 -29.05 -41.83 -69.78
N LEU Q 232 -29.90 -41.73 -68.76
CA LEU Q 232 -30.17 -42.87 -67.88
C LEU Q 232 -31.22 -43.80 -68.45
N LEU Q 233 -31.97 -43.36 -69.46
CA LEU Q 233 -32.99 -44.22 -70.06
C LEU Q 233 -32.42 -45.48 -70.71
N PRO Q 234 -31.36 -45.41 -71.55
CA PRO Q 234 -30.90 -46.64 -72.21
C PRO Q 234 -30.48 -47.74 -71.25
N VAL Q 235 -29.77 -47.40 -70.18
CA VAL Q 235 -29.35 -48.43 -69.23
C VAL Q 235 -30.55 -48.95 -68.45
N LEU Q 236 -31.46 -48.05 -68.05
CA LEU Q 236 -32.65 -48.47 -67.34
C LEU Q 236 -33.54 -49.37 -68.19
N GLU Q 237 -33.51 -49.19 -69.51
CA GLU Q 237 -34.27 -50.07 -70.39
C GLU Q 237 -33.74 -51.49 -70.33
N GLN Q 238 -32.42 -51.65 -70.29
CA GLN Q 238 -31.83 -52.99 -70.29
C GLN Q 238 -32.20 -53.77 -69.03
N VAL Q 239 -32.15 -53.12 -67.86
CA VAL Q 239 -32.46 -53.81 -66.62
C VAL Q 239 -33.94 -54.12 -66.51
N ALA Q 240 -34.80 -53.42 -67.27
CA ALA Q 240 -36.22 -53.72 -67.23
C ALA Q 240 -36.52 -55.07 -67.87
N LYS Q 241 -35.82 -55.40 -68.95
CA LYS Q 241 -36.06 -56.68 -69.61
C LYS Q 241 -35.71 -57.86 -68.71
N ALA Q 242 -34.58 -57.75 -67.99
CA ALA Q 242 -34.19 -58.83 -67.09
C ALA Q 242 -35.15 -58.94 -65.91
N GLY Q 243 -35.77 -57.83 -65.50
CA GLY Q 243 -36.67 -57.81 -64.38
C GLY Q 243 -36.02 -57.67 -63.02
N ARG Q 244 -34.70 -57.72 -62.96
CA ARG Q 244 -34.01 -57.56 -61.69
C ARG Q 244 -34.02 -56.09 -61.28
N PRO Q 245 -34.01 -55.81 -59.97
CA PRO Q 245 -33.97 -54.42 -59.52
C PRO Q 245 -32.66 -53.75 -59.89
N LEU Q 246 -32.67 -52.42 -59.84
CA LEU Q 246 -31.50 -51.62 -60.16
C LEU Q 246 -31.20 -50.67 -59.01
N LEU Q 247 -29.95 -50.67 -58.56
CA LEU Q 247 -29.48 -49.73 -57.55
C LEU Q 247 -28.53 -48.76 -58.22
N ILE Q 248 -28.84 -47.47 -58.14
CA ILE Q 248 -28.07 -46.43 -58.79
C ILE Q 248 -27.25 -45.73 -57.71
N ILE Q 249 -25.93 -45.89 -57.77
CA ILE Q 249 -25.03 -45.22 -56.86
C ILE Q 249 -24.32 -44.13 -57.66
N ALA Q 250 -24.77 -42.89 -57.48
CA ALA Q 250 -24.22 -41.76 -58.20
C ALA Q 250 -24.10 -40.57 -57.25
N GLU Q 251 -23.52 -39.49 -57.75
CA GLU Q 251 -23.34 -38.29 -56.94
C GLU Q 251 -24.67 -37.71 -56.50
N ASP Q 252 -25.66 -37.70 -57.40
CA ASP Q 252 -27.00 -37.23 -57.08
C ASP Q 252 -27.93 -37.61 -58.23
N VAL Q 253 -29.17 -37.93 -57.88
CA VAL Q 253 -30.21 -38.24 -58.85
C VAL Q 253 -31.39 -37.34 -58.51
N GLU Q 254 -31.62 -36.30 -59.31
CA GLU Q 254 -32.68 -35.35 -59.08
C GLU Q 254 -33.36 -35.00 -60.40
N GLY Q 255 -34.37 -34.15 -60.32
CA GLY Q 255 -35.05 -33.69 -61.52
C GLY Q 255 -35.75 -34.81 -62.24
N GLU Q 256 -35.56 -34.86 -63.56
CA GLU Q 256 -36.25 -35.86 -64.38
C GLU Q 256 -35.82 -37.27 -64.00
N ALA Q 257 -34.53 -37.47 -63.74
CA ALA Q 257 -34.03 -38.81 -63.44
C ALA Q 257 -34.65 -39.35 -62.16
N LEU Q 258 -34.67 -38.54 -61.10
CA LEU Q 258 -35.32 -38.97 -59.86
C LEU Q 258 -36.82 -39.15 -60.07
N ALA Q 259 -37.44 -38.24 -60.82
CA ALA Q 259 -38.87 -38.36 -61.08
C ALA Q 259 -39.18 -39.65 -61.82
N THR Q 260 -38.41 -39.98 -62.86
CA THR Q 260 -38.70 -41.17 -63.65
C THR Q 260 -38.64 -42.43 -62.79
N LEU Q 261 -37.74 -42.45 -61.82
CA LEU Q 261 -37.62 -43.62 -60.95
C LEU Q 261 -38.86 -43.82 -60.10
N VAL Q 262 -39.40 -42.74 -59.54
CA VAL Q 262 -40.54 -42.89 -58.63
C VAL Q 262 -41.81 -43.21 -59.40
N VAL Q 263 -41.96 -42.66 -60.61
CA VAL Q 263 -43.11 -43.01 -61.45
C VAL Q 263 -43.11 -44.50 -61.76
N ASN Q 264 -41.94 -45.05 -62.05
CA ASN Q 264 -41.85 -46.48 -62.32
C ASN Q 264 -42.04 -47.32 -61.06
N ASN Q 265 -41.65 -46.78 -59.90
CA ASN Q 265 -41.75 -47.55 -58.66
C ASN Q 265 -43.20 -47.71 -58.22
N LEU Q 266 -43.97 -46.62 -58.20
CA LEU Q 266 -45.35 -46.72 -57.73
C LEU Q 266 -46.20 -47.57 -58.67
N ARG Q 267 -46.03 -47.41 -59.97
CA ARG Q 267 -46.79 -48.19 -60.94
C ARG Q 267 -46.30 -49.63 -61.04
N GLY Q 268 -45.18 -49.97 -60.41
CA GLY Q 268 -44.71 -51.33 -60.45
C GLY Q 268 -44.09 -51.77 -61.76
N ILE Q 269 -43.78 -50.82 -62.64
CA ILE Q 269 -43.15 -51.18 -63.91
C ILE Q 269 -41.81 -51.86 -63.66
N LEU Q 270 -41.01 -51.29 -62.77
CA LEU Q 270 -39.75 -51.91 -62.37
C LEU Q 270 -39.34 -51.32 -61.02
N LYS Q 271 -38.83 -52.19 -60.15
CA LYS Q 271 -38.40 -51.78 -58.82
C LYS Q 271 -36.94 -51.33 -58.89
N THR Q 272 -36.68 -50.18 -58.27
CA THR Q 272 -35.34 -49.61 -58.30
C THR Q 272 -35.17 -48.66 -57.12
N CYS Q 273 -33.91 -48.38 -56.80
CA CYS Q 273 -33.57 -47.42 -55.76
C CYS Q 273 -32.31 -46.67 -56.16
N ALA Q 274 -32.19 -45.45 -55.66
CA ALA Q 274 -31.05 -44.60 -55.95
C ALA Q 274 -30.47 -44.09 -54.65
N VAL Q 275 -29.14 -44.11 -54.53
CA VAL Q 275 -28.46 -43.64 -53.34
C VAL Q 275 -27.33 -42.70 -53.77
N LYS Q 276 -26.95 -41.80 -52.86
CA LYS Q 276 -25.82 -40.93 -53.10
C LYS Q 276 -24.52 -41.72 -53.09
N ALA Q 277 -23.57 -41.31 -53.90
CA ALA Q 277 -22.26 -41.95 -53.90
C ALA Q 277 -21.54 -41.63 -52.60
N PRO Q 278 -21.09 -42.64 -51.85
CA PRO Q 278 -20.48 -42.37 -50.55
C PRO Q 278 -19.13 -41.68 -50.68
N GLY Q 279 -18.78 -40.93 -49.65
CA GLY Q 279 -17.49 -40.29 -49.56
C GLY Q 279 -17.42 -38.99 -50.33
N PHE Q 280 -16.42 -38.20 -50.00
CA PHE Q 280 -16.16 -36.90 -50.64
C PHE Q 280 -14.78 -36.91 -51.27
N GLY Q 281 -14.65 -36.18 -52.38
CA GLY Q 281 -13.36 -36.06 -53.02
C GLY Q 281 -12.88 -37.37 -53.62
N ASP Q 282 -11.55 -37.55 -53.62
CA ASP Q 282 -10.96 -38.75 -54.17
C ASP Q 282 -11.34 -40.01 -53.40
N ARG Q 283 -11.65 -39.88 -52.11
CA ARG Q 283 -12.10 -41.04 -51.34
C ARG Q 283 -13.41 -41.59 -51.89
N ARG Q 284 -14.27 -40.73 -52.42
CA ARG Q 284 -15.48 -41.19 -53.08
C ARG Q 284 -15.16 -42.06 -54.29
N LYS Q 285 -14.17 -41.63 -55.09
CA LYS Q 285 -13.76 -42.42 -56.24
C LYS Q 285 -13.19 -43.76 -55.81
N ALA Q 286 -12.35 -43.78 -54.77
CA ALA Q 286 -11.71 -45.01 -54.35
C ALA Q 286 -12.74 -46.02 -53.86
N MET Q 287 -13.69 -45.58 -53.03
CA MET Q 287 -14.70 -46.49 -52.53
C MET Q 287 -15.68 -46.89 -53.62
N LEU Q 288 -15.94 -46.01 -54.58
CA LEU Q 288 -16.76 -46.38 -55.74
C LEU Q 288 -16.10 -47.49 -56.54
N GLN Q 289 -14.78 -47.41 -56.72
CA GLN Q 289 -14.05 -48.47 -57.39
C GLN Q 289 -14.11 -49.77 -56.59
N ASP Q 290 -14.01 -49.67 -55.26
CA ASP Q 290 -14.10 -50.87 -54.43
C ASP Q 290 -15.46 -51.53 -54.55
N ILE Q 291 -16.53 -50.74 -54.60
CA ILE Q 291 -17.86 -51.31 -54.79
C ILE Q 291 -17.96 -52.00 -56.14
N ALA Q 292 -17.41 -51.37 -57.18
CA ALA Q 292 -17.44 -51.98 -58.51
C ALA Q 292 -16.67 -53.29 -58.53
N ILE Q 293 -15.50 -53.33 -57.89
CA ILE Q 293 -14.72 -54.56 -57.82
C ILE Q 293 -15.48 -55.62 -57.02
N LEU Q 294 -16.04 -55.22 -55.87
CA LEU Q 294 -16.78 -56.17 -55.05
C LEU Q 294 -18.00 -56.71 -55.78
N THR Q 295 -18.75 -55.83 -56.45
CA THR Q 295 -19.97 -56.23 -57.14
C THR Q 295 -19.72 -56.82 -58.51
N GLY Q 296 -18.47 -56.88 -58.96
CA GLY Q 296 -18.18 -57.46 -60.26
C GLY Q 296 -18.54 -56.60 -61.44
N GLY Q 297 -18.72 -55.30 -61.23
CA GLY Q 297 -19.04 -54.37 -62.29
C GLY Q 297 -17.93 -53.35 -62.51
N THR Q 298 -18.27 -52.33 -63.29
CA THR Q 298 -17.36 -51.25 -63.59
C THR Q 298 -18.05 -49.92 -63.35
N VAL Q 299 -17.29 -48.94 -62.87
CA VAL Q 299 -17.82 -47.61 -62.63
C VAL Q 299 -17.89 -46.87 -63.96
N ILE Q 300 -19.09 -46.41 -64.32
CA ILE Q 300 -19.30 -45.71 -65.58
C ILE Q 300 -18.84 -44.27 -65.41
N SER Q 301 -17.90 -43.85 -66.27
CA SER Q 301 -17.36 -42.50 -66.18
C SER Q 301 -16.68 -42.17 -67.51
N GLU Q 302 -16.82 -40.92 -67.96
CA GLU Q 302 -16.14 -40.49 -69.18
C GLU Q 302 -14.64 -40.39 -68.97
N GLU Q 303 -14.16 -40.39 -67.72
CA GLU Q 303 -12.73 -40.31 -67.46
C GLU Q 303 -12.01 -41.60 -67.82
N VAL Q 304 -12.73 -42.72 -67.92
CA VAL Q 304 -12.15 -44.00 -68.33
C VAL Q 304 -12.57 -44.38 -69.74
N GLY Q 305 -13.60 -43.73 -70.28
CA GLY Q 305 -14.07 -44.03 -71.61
C GLY Q 305 -15.43 -44.70 -71.67
N LEU Q 306 -16.17 -44.76 -70.57
CA LEU Q 306 -17.48 -45.38 -70.51
C LEU Q 306 -18.55 -44.30 -70.42
N SER Q 307 -19.60 -44.46 -71.22
CA SER Q 307 -20.69 -43.51 -71.24
C SER Q 307 -21.96 -44.15 -70.70
N LEU Q 308 -22.76 -43.36 -69.98
CA LEU Q 308 -24.00 -43.88 -69.40
C LEU Q 308 -24.97 -44.31 -70.48
N GLU Q 309 -24.92 -43.67 -71.66
CA GLU Q 309 -25.79 -44.06 -72.75
C GLU Q 309 -25.43 -45.43 -73.31
N LYS Q 310 -24.15 -45.78 -73.33
CA LYS Q 310 -23.68 -47.05 -73.85
C LYS Q 310 -23.43 -48.08 -72.75
N ALA Q 311 -23.85 -47.79 -71.51
CA ALA Q 311 -23.67 -48.75 -70.43
C ALA Q 311 -24.54 -49.98 -70.67
N THR Q 312 -23.96 -51.16 -70.43
CA THR Q 312 -24.63 -52.43 -70.64
C THR Q 312 -24.75 -53.18 -69.32
N LEU Q 313 -25.45 -54.32 -69.38
CA LEU Q 313 -25.63 -55.13 -68.19
C LEU Q 313 -24.31 -55.69 -67.69
N GLU Q 314 -23.42 -56.08 -68.62
CA GLU Q 314 -22.12 -56.61 -68.22
C GLU Q 314 -21.28 -55.58 -67.50
N ASP Q 315 -21.50 -54.29 -67.79
CA ASP Q 315 -20.78 -53.22 -67.10
C ASP Q 315 -21.38 -52.90 -65.75
N LEU Q 316 -22.54 -53.46 -65.41
CA LEU Q 316 -23.19 -53.20 -64.13
C LEU Q 316 -22.75 -54.24 -63.10
N GLY Q 317 -22.60 -53.78 -61.86
CA GLY Q 317 -22.33 -54.69 -60.77
C GLY Q 317 -23.56 -55.47 -60.37
N GLN Q 318 -23.33 -56.58 -59.67
CA GLN Q 318 -24.40 -57.46 -59.21
C GLN Q 318 -24.18 -57.83 -57.76
N ALA Q 319 -25.28 -58.17 -57.09
CA ALA Q 319 -25.22 -58.61 -55.71
C ALA Q 319 -26.38 -59.56 -55.46
N LYS Q 320 -26.24 -60.39 -54.42
CA LYS Q 320 -27.33 -61.29 -54.06
C LYS Q 320 -28.50 -60.53 -53.43
N ARG Q 321 -28.19 -59.53 -52.61
CA ARG Q 321 -29.24 -58.73 -51.97
C ARG Q 321 -28.64 -57.43 -51.47
N VAL Q 322 -29.42 -56.35 -51.58
CA VAL Q 322 -29.06 -55.06 -51.01
C VAL Q 322 -30.32 -54.45 -50.40
N GLU Q 323 -30.16 -53.83 -49.24
CA GLU Q 323 -31.26 -53.18 -48.54
C GLU Q 323 -30.91 -51.72 -48.32
N VAL Q 324 -31.85 -50.83 -48.59
CA VAL Q 324 -31.63 -49.39 -48.50
C VAL Q 324 -32.50 -48.86 -47.37
N ALA Q 325 -31.87 -48.36 -46.31
CA ALA Q 325 -32.56 -47.79 -45.18
C ALA Q 325 -32.64 -46.27 -45.35
N LYS Q 326 -33.10 -45.58 -44.31
CA LYS Q 326 -33.23 -44.13 -44.39
C LYS Q 326 -31.87 -43.45 -44.54
N GLU Q 327 -30.84 -43.98 -43.87
CA GLU Q 327 -29.53 -43.33 -43.87
C GLU Q 327 -28.38 -44.27 -44.20
N HIS Q 328 -28.66 -45.50 -44.64
CA HIS Q 328 -27.59 -46.43 -44.96
C HIS Q 328 -28.12 -47.53 -45.87
N THR Q 329 -27.21 -48.10 -46.66
CA THR Q 329 -27.49 -49.31 -47.42
C THR Q 329 -26.37 -50.31 -47.20
N THR Q 330 -26.71 -51.59 -47.25
CA THR Q 330 -25.76 -52.68 -47.06
C THR Q 330 -25.83 -53.62 -48.26
N ILE Q 331 -24.71 -53.77 -48.95
CA ILE Q 331 -24.59 -54.76 -50.01
C ILE Q 331 -24.18 -56.07 -49.35
N ILE Q 332 -25.11 -57.04 -49.31
CA ILE Q 332 -24.89 -58.25 -48.53
C ILE Q 332 -23.70 -59.04 -49.08
N ASP Q 333 -23.64 -59.18 -50.40
CA ASP Q 333 -22.55 -59.95 -51.01
C ASP Q 333 -22.43 -59.53 -52.47
N GLY Q 334 -21.26 -58.99 -52.83
CA GLY Q 334 -21.01 -58.66 -54.22
C GLY Q 334 -20.79 -59.88 -55.08
N ALA Q 335 -20.98 -59.69 -56.37
CA ALA Q 335 -20.84 -60.79 -57.34
C ALA Q 335 -19.42 -60.89 -57.89
N GLY Q 336 -18.50 -60.04 -57.45
CA GLY Q 336 -17.14 -60.13 -57.93
C GLY Q 336 -16.43 -61.37 -57.41
N ASP Q 337 -15.52 -61.89 -58.21
CA ASP Q 337 -14.75 -63.05 -57.81
C ASP Q 337 -13.78 -62.68 -56.69
N PRO Q 338 -13.48 -63.64 -55.80
CA PRO Q 338 -12.55 -63.34 -54.70
C PRO Q 338 -11.15 -62.97 -55.15
N ALA Q 339 -10.76 -63.34 -56.38
CA ALA Q 339 -9.41 -63.07 -56.84
C ALA Q 339 -9.14 -61.57 -56.95
N LYS Q 340 -10.03 -60.84 -57.63
CA LYS Q 340 -9.83 -59.40 -57.74
C LYS Q 340 -10.12 -58.68 -56.42
N ILE Q 341 -11.04 -59.22 -55.62
CA ILE Q 341 -11.28 -58.64 -54.30
C ILE Q 341 -10.04 -58.74 -53.43
N GLN Q 342 -9.40 -59.90 -53.42
CA GLN Q 342 -8.16 -60.06 -52.66
C GLN Q 342 -7.06 -59.16 -53.18
N ALA Q 343 -6.95 -59.03 -54.50
CA ALA Q 343 -5.95 -58.14 -55.08
C ALA Q 343 -6.21 -56.69 -54.69
N ARG Q 344 -7.48 -56.27 -54.71
CA ARG Q 344 -7.81 -54.91 -54.27
C ARG Q 344 -7.47 -54.72 -52.80
N VAL Q 345 -7.76 -55.71 -51.96
CA VAL Q 345 -7.41 -55.63 -50.55
C VAL Q 345 -5.90 -55.52 -50.38
N LYS Q 346 -5.14 -56.28 -51.17
CA LYS Q 346 -3.69 -56.22 -51.10
C LYS Q 346 -3.18 -54.83 -51.46
N GLU Q 347 -3.78 -54.19 -52.47
CA GLU Q 347 -3.36 -52.86 -52.87
C GLU Q 347 -3.59 -51.85 -51.75
N ILE Q 348 -4.74 -51.92 -51.08
CA ILE Q 348 -5.04 -50.96 -50.02
C ILE Q 348 -4.12 -51.18 -48.83
N ARG Q 349 -3.87 -52.43 -48.46
CA ARG Q 349 -2.99 -52.70 -47.33
C ARG Q 349 -1.56 -52.27 -47.62
N VAL Q 350 -1.14 -52.34 -48.89
CA VAL Q 350 0.16 -51.77 -49.27
C VAL Q 350 0.13 -50.26 -49.08
N GLN Q 351 -0.95 -49.61 -49.49
CA GLN Q 351 -1.08 -48.17 -49.31
C GLN Q 351 -1.18 -47.80 -47.83
N ILE Q 352 -1.66 -48.72 -47.00
CA ILE Q 352 -1.76 -48.45 -45.56
C ILE Q 352 -0.40 -48.13 -44.98
N GLU Q 353 0.64 -48.87 -45.40
CA GLU Q 353 1.98 -48.60 -44.90
C GLU Q 353 2.47 -47.21 -45.28
N GLU Q 354 1.95 -46.67 -46.38
CA GLU Q 354 2.36 -45.35 -46.87
C GLU Q 354 1.48 -44.23 -46.33
N ALA Q 355 0.52 -44.54 -45.47
CA ALA Q 355 -0.37 -43.51 -44.94
C ALA Q 355 0.41 -42.52 -44.09
N THR Q 356 0.02 -41.25 -44.18
CA THR Q 356 0.71 -40.18 -43.46
C THR Q 356 -0.14 -39.47 -42.42
N SER Q 357 -1.44 -39.33 -42.65
CA SER Q 357 -2.33 -38.67 -41.70
C SER Q 357 -2.95 -39.68 -40.75
N ASP Q 358 -3.38 -39.19 -39.59
CA ASP Q 358 -3.95 -40.08 -38.58
C ASP Q 358 -5.23 -40.74 -39.09
N TYR Q 359 -6.06 -39.98 -39.79
CA TYR Q 359 -7.29 -40.56 -40.35
C TYR Q 359 -7.03 -41.32 -41.64
N ASP Q 360 -5.80 -41.26 -42.17
CA ASP Q 360 -5.52 -41.88 -43.46
C ASP Q 360 -5.63 -43.40 -43.38
N ARG Q 361 -4.94 -44.02 -42.41
CA ARG Q 361 -5.03 -45.48 -42.31
C ARG Q 361 -6.38 -45.93 -41.78
N GLU Q 362 -6.97 -45.17 -40.86
CA GLU Q 362 -8.25 -45.58 -40.28
C GLU Q 362 -9.35 -45.62 -41.34
N LYS Q 363 -9.28 -44.73 -42.33
CA LYS Q 363 -10.22 -44.80 -43.45
C LYS Q 363 -9.83 -45.91 -44.41
N LEU Q 364 -8.53 -46.14 -44.60
CA LEU Q 364 -8.08 -47.25 -45.42
C LEU Q 364 -8.47 -48.58 -44.78
N GLN Q 365 -8.32 -48.70 -43.46
CA GLN Q 365 -8.70 -49.92 -42.77
C GLN Q 365 -10.20 -50.19 -42.90
N GLU Q 366 -11.02 -49.14 -42.79
CA GLU Q 366 -12.46 -49.33 -42.95
C GLU Q 366 -12.82 -49.72 -44.37
N ARG Q 367 -12.03 -49.28 -45.36
CA ARG Q 367 -12.24 -49.75 -46.73
C ARG Q 367 -11.94 -51.24 -46.84
N VAL Q 368 -10.86 -51.70 -46.21
CA VAL Q 368 -10.52 -53.12 -46.23
C VAL Q 368 -11.57 -53.91 -45.45
N ALA Q 369 -12.05 -53.36 -44.34
CA ALA Q 369 -13.08 -54.03 -43.56
C ALA Q 369 -14.36 -54.19 -44.37
N LYS Q 370 -14.74 -53.15 -45.12
CA LYS Q 370 -15.92 -53.25 -45.97
C LYS Q 370 -15.73 -54.27 -47.09
N LEU Q 371 -14.50 -54.46 -47.54
CA LEU Q 371 -14.23 -55.36 -48.65
C LEU Q 371 -14.14 -56.81 -48.20
N ALA Q 372 -13.18 -57.12 -47.33
CA ALA Q 372 -12.86 -58.50 -46.94
C ALA Q 372 -12.88 -58.65 -45.43
N GLY Q 373 -13.93 -58.14 -44.80
CA GLY Q 373 -14.06 -58.28 -43.36
C GLY Q 373 -15.41 -57.81 -42.84
N GLY Q 374 -15.38 -57.12 -41.69
CA GLY Q 374 -16.61 -56.58 -41.13
C GLY Q 374 -16.28 -55.40 -40.25
N VAL Q 375 -17.33 -54.67 -39.88
CA VAL Q 375 -17.21 -53.52 -38.99
C VAL Q 375 -18.06 -53.83 -37.75
N ALA Q 376 -17.41 -53.85 -36.59
CA ALA Q 376 -18.10 -54.07 -35.33
C ALA Q 376 -18.18 -52.77 -34.56
N VAL Q 377 -19.33 -52.52 -33.94
CA VAL Q 377 -19.56 -51.34 -33.12
C VAL Q 377 -19.90 -51.80 -31.72
N ILE Q 378 -19.09 -51.40 -30.75
CA ILE Q 378 -19.34 -51.68 -29.35
C ILE Q 378 -19.98 -50.43 -28.75
N LYS Q 379 -21.25 -50.53 -28.40
CA LYS Q 379 -21.98 -49.42 -27.81
C LYS Q 379 -21.92 -49.57 -26.29
N VAL Q 380 -21.17 -48.67 -25.64
CA VAL Q 380 -20.96 -48.74 -24.20
C VAL Q 380 -22.24 -48.32 -23.49
N GLY Q 381 -22.65 -49.11 -22.51
CA GLY Q 381 -23.84 -48.81 -21.73
C GLY Q 381 -23.46 -48.21 -20.39
N ALA Q 382 -24.03 -47.04 -20.11
CA ALA Q 382 -23.81 -46.36 -18.84
C ALA Q 382 -25.00 -45.45 -18.56
N ALA Q 383 -25.29 -45.26 -17.27
CA ALA Q 383 -26.41 -44.43 -16.87
C ALA Q 383 -26.08 -42.96 -16.81
N THR Q 384 -24.81 -42.58 -16.99
CA THR Q 384 -24.39 -41.20 -16.89
C THR Q 384 -23.18 -40.98 -17.78
N GLU Q 385 -23.10 -39.80 -18.40
CA GLU Q 385 -22.05 -39.52 -19.37
C GLU Q 385 -20.66 -39.52 -18.76
N VAL Q 386 -20.49 -39.15 -17.49
CA VAL Q 386 -19.18 -39.25 -16.87
C VAL Q 386 -18.80 -40.71 -16.69
N GLU Q 387 -19.77 -41.56 -16.38
CA GLU Q 387 -19.51 -42.99 -16.35
C GLU Q 387 -19.36 -43.54 -17.77
N MET Q 388 -20.09 -42.98 -18.72
CA MET Q 388 -19.93 -43.36 -20.12
C MET Q 388 -18.53 -43.03 -20.62
N LYS Q 389 -18.04 -41.83 -20.31
CA LYS Q 389 -16.69 -41.47 -20.71
C LYS Q 389 -15.65 -42.34 -20.02
N GLU Q 390 -15.84 -42.63 -18.74
CA GLU Q 390 -14.91 -43.50 -18.01
C GLU Q 390 -14.94 -44.90 -18.58
N LYS Q 391 -16.13 -45.44 -18.85
CA LYS Q 391 -16.23 -46.78 -19.39
C LYS Q 391 -15.68 -46.86 -20.80
N LYS Q 392 -15.93 -45.83 -21.62
CA LYS Q 392 -15.44 -45.85 -22.99
C LYS Q 392 -13.92 -45.89 -23.03
N ALA Q 393 -13.27 -45.07 -22.20
CA ALA Q 393 -11.80 -45.07 -22.17
C ALA Q 393 -11.25 -46.43 -21.80
N ARG Q 394 -11.95 -47.15 -20.93
CA ARG Q 394 -11.53 -48.51 -20.60
C ARG Q 394 -11.73 -49.46 -21.77
N VAL Q 395 -12.79 -49.24 -22.56
CA VAL Q 395 -13.05 -50.11 -23.70
C VAL Q 395 -12.00 -49.88 -24.80
N GLU Q 396 -11.65 -48.62 -25.07
CA GLU Q 396 -10.60 -48.36 -26.04
C GLU Q 396 -9.26 -48.89 -25.57
N ASP Q 397 -8.96 -48.77 -24.29
CA ASP Q 397 -7.73 -49.35 -23.76
C ASP Q 397 -7.72 -50.86 -23.94
N ALA Q 398 -8.84 -51.51 -23.69
CA ALA Q 398 -8.92 -52.96 -23.90
C ALA Q 398 -8.85 -53.30 -25.38
N LEU Q 399 -9.44 -52.46 -26.24
CA LEU Q 399 -9.33 -52.69 -27.67
C LEU Q 399 -7.89 -52.53 -28.15
N HIS Q 400 -7.18 -51.52 -27.65
CA HIS Q 400 -5.80 -51.31 -28.04
C HIS Q 400 -4.92 -52.45 -27.56
N ALA Q 401 -5.15 -52.93 -26.35
CA ALA Q 401 -4.33 -54.01 -25.81
C ALA Q 401 -4.57 -55.32 -26.56
N THR Q 402 -5.83 -55.60 -26.90
CA THR Q 402 -6.11 -56.83 -27.65
C THR Q 402 -5.50 -56.78 -29.03
N ARG Q 403 -5.52 -55.62 -29.68
CA ARG Q 403 -4.84 -55.47 -30.96
C ARG Q 403 -3.33 -55.66 -30.80
N ALA Q 404 -2.76 -55.13 -29.73
CA ALA Q 404 -1.33 -55.32 -29.49
C ALA Q 404 -1.01 -56.76 -29.13
N ALA Q 405 -1.97 -57.47 -28.52
CA ALA Q 405 -1.73 -58.85 -28.14
C ALA Q 405 -1.63 -59.75 -29.37
N VAL Q 406 -2.51 -59.55 -30.37
CA VAL Q 406 -2.45 -60.38 -31.57
C VAL Q 406 -1.28 -59.99 -32.45
N GLU Q 407 -0.69 -58.82 -32.24
CA GLU Q 407 0.42 -58.39 -33.09
C GLU Q 407 1.73 -58.99 -32.62
N GLU Q 408 2.06 -58.84 -31.34
CA GLU Q 408 3.36 -59.24 -30.84
C GLU Q 408 3.33 -60.34 -29.78
N GLY Q 409 2.17 -60.66 -29.24
CA GLY Q 409 2.06 -61.73 -28.26
C GLY Q 409 1.68 -61.21 -26.89
N ILE Q 410 1.73 -62.12 -25.92
CA ILE Q 410 1.35 -61.82 -24.54
C ILE Q 410 2.48 -62.22 -23.61
N VAL Q 411 2.58 -61.49 -22.49
CA VAL Q 411 3.53 -61.79 -21.43
C VAL Q 411 2.80 -61.78 -20.10
N PRO Q 412 3.36 -62.44 -19.08
CA PRO Q 412 2.74 -62.36 -17.75
C PRO Q 412 2.65 -60.92 -17.28
N GLY Q 413 1.53 -60.58 -16.65
CA GLY Q 413 1.25 -59.22 -16.25
C GLY Q 413 1.77 -58.93 -14.85
N GLY Q 414 1.32 -57.80 -14.32
CA GLY Q 414 1.70 -57.39 -12.98
C GLY Q 414 3.16 -57.03 -12.83
N GLY Q 415 3.82 -56.62 -13.90
CA GLY Q 415 5.23 -56.31 -13.84
C GLY Q 415 6.14 -57.52 -13.82
N VAL Q 416 5.59 -58.73 -13.93
CA VAL Q 416 6.42 -59.93 -13.89
C VAL Q 416 7.28 -60.03 -15.15
N ALA Q 417 6.73 -59.61 -16.29
CA ALA Q 417 7.45 -59.75 -17.55
C ALA Q 417 8.77 -58.98 -17.53
N LEU Q 418 8.75 -57.76 -16.99
CA LEU Q 418 9.99 -56.99 -16.89
C LEU Q 418 10.98 -57.65 -15.95
N LEU Q 419 10.48 -58.22 -14.84
CA LEU Q 419 11.37 -58.90 -13.91
C LEU Q 419 11.97 -60.15 -14.52
N ARG Q 420 11.16 -60.94 -15.23
CA ARG Q 420 11.67 -62.14 -15.88
C ARG Q 420 12.65 -61.77 -16.99
N ALA Q 421 12.34 -60.74 -17.77
CA ALA Q 421 13.25 -60.30 -18.82
C ALA Q 421 14.56 -59.78 -18.24
N ARG Q 422 14.48 -59.11 -17.09
CA ARG Q 422 15.69 -58.60 -16.44
C ARG Q 422 16.60 -59.74 -16.02
N GLU Q 423 16.04 -60.77 -15.40
CA GLU Q 423 16.86 -61.90 -14.94
C GLU Q 423 17.48 -62.64 -16.12
N ALA Q 424 16.73 -62.80 -17.20
CA ALA Q 424 17.29 -63.44 -18.39
C ALA Q 424 18.42 -62.60 -18.99
N ALA Q 425 18.24 -61.28 -19.04
CA ALA Q 425 19.28 -60.42 -19.60
C ALA Q 425 20.54 -60.44 -18.74
N VAL Q 426 20.38 -60.42 -17.41
CA VAL Q 426 21.54 -60.48 -16.53
C VAL Q 426 22.25 -61.81 -16.66
N ALA Q 427 21.49 -62.91 -16.71
CA ALA Q 427 22.09 -64.22 -16.86
C ALA Q 427 22.77 -64.38 -18.21
N LYS Q 428 22.34 -63.62 -19.22
CA LYS Q 428 22.97 -63.73 -20.53
C LYS Q 428 24.34 -63.09 -20.56
N GLY Q 429 24.60 -62.12 -19.68
CA GLY Q 429 25.91 -61.48 -19.63
C GLY Q 429 25.89 -60.00 -19.96
N LEU Q 430 24.80 -59.32 -19.61
CA LEU Q 430 24.69 -57.90 -19.88
C LEU Q 430 25.73 -57.12 -19.09
N LYS Q 431 26.56 -56.34 -19.79
CA LYS Q 431 27.62 -55.59 -19.15
C LYS Q 431 27.93 -54.36 -19.99
N GLY Q 432 28.55 -53.36 -19.35
CA GLY Q 432 28.91 -52.11 -19.98
C GLY Q 432 30.40 -52.02 -20.27
N ASP Q 433 30.75 -50.95 -20.99
CA ASP Q 433 32.14 -50.73 -21.40
C ASP Q 433 32.96 -50.02 -20.33
N ASN Q 434 32.34 -49.43 -19.32
CA ASN Q 434 33.05 -48.73 -18.26
C ASN Q 434 32.16 -48.69 -17.03
N PRO Q 435 32.71 -48.41 -15.86
CA PRO Q 435 31.88 -48.39 -14.64
C PRO Q 435 30.71 -47.43 -14.71
N ASP Q 436 30.84 -46.31 -15.42
CA ASP Q 436 29.71 -45.41 -15.58
C ASP Q 436 28.60 -46.07 -16.39
N GLN Q 437 28.96 -46.84 -17.43
CA GLN Q 437 27.95 -47.57 -18.18
C GLN Q 437 27.37 -48.72 -17.37
N GLU Q 438 28.17 -49.34 -16.51
CA GLU Q 438 27.65 -50.38 -15.63
C GLU Q 438 26.61 -49.82 -14.68
N ALA Q 439 26.84 -48.61 -14.16
CA ALA Q 439 25.85 -47.96 -13.32
C ALA Q 439 24.58 -47.68 -14.09
N GLY Q 440 24.70 -47.27 -15.36
CA GLY Q 440 23.52 -47.06 -16.18
C GLY Q 440 22.71 -48.32 -16.37
N ILE Q 441 23.39 -49.46 -16.47
CA ILE Q 441 22.69 -50.74 -16.55
C ILE Q 441 21.95 -51.01 -15.25
N LYS Q 442 22.61 -50.76 -14.12
CA LYS Q 442 21.98 -50.98 -12.81
C LYS Q 442 20.78 -50.07 -12.60
N ILE Q 443 20.75 -48.92 -13.30
CA ILE Q 443 19.57 -48.05 -13.22
C ILE Q 443 18.35 -48.76 -13.79
N VAL Q 444 18.50 -49.39 -14.95
CA VAL Q 444 17.38 -50.07 -15.59
C VAL Q 444 16.99 -51.31 -14.81
N LEU Q 445 17.98 -52.03 -14.25
CA LEU Q 445 17.66 -53.23 -13.48
C LEU Q 445 16.79 -52.92 -12.28
N ARG Q 446 17.07 -51.81 -11.60
CA ARG Q 446 16.23 -51.41 -10.48
C ARG Q 446 14.92 -50.82 -10.97
N ALA Q 447 14.94 -50.10 -12.10
CA ALA Q 447 13.76 -49.39 -12.55
C ALA Q 447 12.65 -50.34 -13.01
N VAL Q 448 13.01 -51.49 -13.58
CA VAL Q 448 11.99 -52.40 -14.08
C VAL Q 448 11.19 -53.03 -12.95
N GLU Q 449 11.69 -52.97 -11.71
CA GLU Q 449 10.91 -53.41 -10.57
C GLU Q 449 9.80 -52.44 -10.19
N GLN Q 450 9.90 -51.19 -10.63
CA GLN Q 450 8.94 -50.18 -10.18
C GLN Q 450 7.50 -50.46 -10.58
N PRO Q 451 7.18 -50.91 -11.81
CA PRO Q 451 5.77 -51.20 -12.11
C PRO Q 451 5.14 -52.19 -11.14
N LEU Q 452 5.85 -53.23 -10.74
CA LEU Q 452 5.32 -54.16 -9.75
C LEU Q 452 5.22 -53.48 -8.38
N ARG Q 453 6.22 -52.66 -8.03
CA ARG Q 453 6.21 -52.01 -6.72
C ARG Q 453 5.03 -51.05 -6.59
N GLU Q 454 4.71 -50.31 -7.66
CA GLU Q 454 3.61 -49.35 -7.58
C GLU Q 454 2.26 -50.06 -7.63
N ILE Q 455 2.18 -51.18 -8.35
CA ILE Q 455 0.95 -51.97 -8.33
C ILE Q 455 0.69 -52.50 -6.93
N VAL Q 456 1.73 -53.02 -6.27
CA VAL Q 456 1.58 -53.53 -4.91
C VAL Q 456 1.32 -52.40 -3.93
N ALA Q 457 2.00 -51.27 -4.10
CA ALA Q 457 1.79 -50.13 -3.20
C ALA Q 457 0.37 -49.61 -3.29
N ASN Q 458 -0.19 -49.55 -4.51
CA ASN Q 458 -1.60 -49.17 -4.66
C ASN Q 458 -2.52 -50.21 -4.04
N ALA Q 459 -2.12 -51.48 -4.07
CA ALA Q 459 -2.89 -52.54 -3.43
C ALA Q 459 -2.81 -52.49 -1.91
N GLY Q 460 -1.95 -51.65 -1.35
CA GLY Q 460 -1.81 -51.51 0.08
C GLY Q 460 -0.86 -52.47 0.74
N GLU Q 461 -0.14 -53.28 -0.03
CA GLU Q 461 0.83 -54.23 0.50
C GLU Q 461 2.23 -53.64 0.45
N GLU Q 462 3.16 -54.36 1.05
CA GLU Q 462 4.55 -53.92 1.09
C GLU Q 462 5.25 -54.29 -0.21
N PRO Q 463 5.80 -53.32 -0.95
CA PRO Q 463 6.33 -53.65 -2.28
C PRO Q 463 7.59 -54.49 -2.26
N SER Q 464 8.52 -54.19 -1.34
CA SER Q 464 9.82 -54.85 -1.36
C SER Q 464 9.71 -56.34 -1.09
N VAL Q 465 8.82 -56.74 -0.17
CA VAL Q 465 8.66 -58.16 0.13
C VAL Q 465 8.03 -58.89 -1.05
N ILE Q 466 7.00 -58.29 -1.66
CA ILE Q 466 6.34 -58.92 -2.80
C ILE Q 466 7.31 -59.06 -3.96
N VAL Q 467 8.11 -58.02 -4.22
CA VAL Q 467 9.09 -58.07 -5.31
C VAL Q 467 10.09 -59.18 -5.06
N ALA Q 468 10.58 -59.30 -3.83
CA ALA Q 468 11.54 -60.35 -3.50
C ALA Q 468 10.93 -61.73 -3.70
N LYS Q 469 9.67 -61.91 -3.30
CA LYS Q 469 9.02 -63.21 -3.48
C LYS Q 469 8.83 -63.53 -4.96
N VAL Q 470 8.47 -62.53 -5.76
CA VAL Q 470 8.30 -62.76 -7.19
C VAL Q 470 9.63 -63.12 -7.84
N LEU Q 471 10.71 -62.46 -7.42
CA LEU Q 471 12.02 -62.76 -7.99
C LEU Q 471 12.50 -64.17 -7.61
N GLU Q 472 12.07 -64.67 -6.46
CA GLU Q 472 12.40 -66.04 -6.10
C GLU Q 472 11.74 -67.03 -7.05
N GLY Q 473 10.52 -66.74 -7.47
CA GLY Q 473 9.83 -67.61 -8.41
C GLY Q 473 10.41 -67.52 -9.81
N LYS Q 474 9.94 -68.44 -10.65
CA LYS Q 474 10.43 -68.54 -12.03
C LYS Q 474 9.24 -68.65 -12.97
N GLY Q 475 9.49 -68.27 -14.23
CA GLY Q 475 8.46 -68.42 -15.24
C GLY Q 475 7.35 -67.40 -15.06
N ASN Q 476 6.10 -67.87 -15.13
CA ASN Q 476 4.94 -67.01 -15.03
C ASN Q 476 4.52 -66.74 -13.60
N TYR Q 477 5.29 -67.21 -12.62
CA TYR Q 477 4.97 -66.96 -11.22
C TYR Q 477 4.94 -65.47 -10.94
N GLY Q 478 3.88 -65.02 -10.27
CA GLY Q 478 3.73 -63.61 -9.99
C GLY Q 478 2.75 -63.39 -8.86
N TYR Q 479 2.42 -62.12 -8.66
CA TYR Q 479 1.54 -61.69 -7.58
C TYR Q 479 0.28 -61.09 -8.16
N ASN Q 480 -0.87 -61.66 -7.80
CA ASN Q 480 -2.16 -61.13 -8.23
C ASN Q 480 -2.59 -60.07 -7.23
N ALA Q 481 -2.49 -58.80 -7.62
CA ALA Q 481 -2.83 -57.71 -6.71
C ALA Q 481 -4.32 -57.63 -6.46
N ALA Q 482 -5.14 -58.11 -7.39
CA ALA Q 482 -6.59 -58.10 -7.17
C ALA Q 482 -6.98 -59.00 -6.00
N THR Q 483 -6.38 -60.19 -5.93
CA THR Q 483 -6.71 -61.14 -4.88
C THR Q 483 -5.65 -61.22 -3.78
N GLY Q 484 -4.51 -60.58 -3.97
CA GLY Q 484 -3.45 -60.65 -2.98
C GLY Q 484 -2.86 -62.04 -2.81
N GLU Q 485 -2.74 -62.79 -3.90
CA GLU Q 485 -2.22 -64.15 -3.86
C GLU Q 485 -1.16 -64.32 -4.92
N PHE Q 486 -0.22 -65.23 -4.66
CA PHE Q 486 0.81 -65.58 -5.61
C PHE Q 486 0.37 -66.79 -6.44
N GLY Q 487 0.88 -66.87 -7.65
CA GLY Q 487 0.58 -68.00 -8.50
C GLY Q 487 0.99 -67.73 -9.93
N ASP Q 488 0.63 -68.67 -10.80
CA ASP Q 488 0.90 -68.54 -12.23
C ASP Q 488 0.03 -67.43 -12.81
N MET Q 489 0.68 -66.39 -13.33
CA MET Q 489 -0.06 -65.23 -13.82
C MET Q 489 -0.89 -65.58 -15.05
N ILE Q 490 -0.37 -66.45 -15.90
CA ILE Q 490 -1.12 -66.86 -17.10
C ILE Q 490 -2.36 -67.63 -16.70
N GLU Q 491 -2.24 -68.53 -15.72
CA GLU Q 491 -3.39 -69.29 -15.26
C GLU Q 491 -4.43 -68.39 -14.61
N MET Q 492 -3.97 -67.42 -13.80
CA MET Q 492 -4.88 -66.49 -13.15
C MET Q 492 -5.45 -65.44 -14.11
N GLY Q 493 -4.97 -65.40 -15.35
CA GLY Q 493 -5.50 -64.49 -16.34
C GLY Q 493 -4.90 -63.10 -16.34
N VAL Q 494 -3.85 -62.85 -15.56
CA VAL Q 494 -3.20 -61.55 -15.56
C VAL Q 494 -2.23 -61.51 -16.73
N LEU Q 495 -2.70 -61.04 -17.88
CA LEU Q 495 -1.96 -61.07 -19.12
C LEU Q 495 -1.68 -59.65 -19.59
N ASP Q 496 -0.49 -59.45 -20.16
CA ASP Q 496 -0.13 -58.16 -20.73
C ASP Q 496 0.37 -58.35 -22.15
N PRO Q 497 0.05 -57.43 -23.05
CA PRO Q 497 0.64 -57.48 -24.39
C PRO Q 497 2.12 -57.13 -24.33
N THR Q 498 2.95 -57.97 -24.96
CA THR Q 498 4.38 -57.72 -24.93
C THR Q 498 4.75 -56.45 -25.69
N LYS Q 499 3.91 -56.02 -26.64
CA LYS Q 499 4.15 -54.77 -27.33
C LYS Q 499 3.97 -53.58 -26.37
N VAL Q 500 2.97 -53.66 -25.50
CA VAL Q 500 2.75 -52.60 -24.52
C VAL Q 500 3.91 -52.52 -23.54
N THR Q 501 4.35 -53.68 -23.05
CA THR Q 501 5.47 -53.71 -22.11
C THR Q 501 6.76 -53.21 -22.77
N ARG Q 502 7.02 -53.64 -24.00
CA ARG Q 502 8.23 -53.22 -24.70
C ARG Q 502 8.19 -51.73 -25.01
N SER Q 503 7.04 -51.24 -25.47
CA SER Q 503 6.94 -49.82 -25.82
C SER Q 503 7.09 -48.93 -24.59
N ALA Q 504 6.50 -49.34 -23.46
CA ALA Q 504 6.59 -48.54 -22.24
C ALA Q 504 8.03 -48.41 -21.78
N LEU Q 505 8.79 -49.50 -21.83
CA LEU Q 505 10.18 -49.46 -21.38
C LEU Q 505 11.04 -48.63 -22.34
N GLN Q 506 10.87 -48.84 -23.64
CA GLN Q 506 11.69 -48.12 -24.62
C GLN Q 506 11.42 -46.63 -24.58
N ASN Q 507 10.15 -46.24 -24.47
CA ASN Q 507 9.83 -44.81 -24.42
C ASN Q 507 10.29 -44.18 -23.12
N ALA Q 508 10.13 -44.89 -22.00
CA ALA Q 508 10.57 -44.36 -20.72
C ALA Q 508 12.08 -44.18 -20.68
N ALA Q 509 12.82 -45.15 -21.23
CA ALA Q 509 14.28 -45.08 -21.17
C ALA Q 509 14.82 -43.95 -22.04
N SER Q 510 14.22 -43.73 -23.21
CA SER Q 510 14.73 -42.72 -24.13
C SER Q 510 14.62 -41.33 -23.53
N VAL Q 511 13.51 -41.03 -22.86
CA VAL Q 511 13.31 -39.69 -22.30
C VAL Q 511 14.03 -39.55 -20.97
N ALA Q 512 13.90 -40.55 -20.10
CA ALA Q 512 14.54 -40.46 -18.78
C ALA Q 512 16.06 -40.48 -18.90
N GLY Q 513 16.60 -41.20 -19.88
CA GLY Q 513 18.04 -41.17 -20.10
C GLY Q 513 18.53 -39.78 -20.49
N LEU Q 514 17.74 -39.06 -21.28
CA LEU Q 514 18.11 -37.69 -21.64
C LEU Q 514 18.03 -36.76 -20.46
N MET Q 515 17.07 -36.98 -19.55
CA MET Q 515 16.93 -36.12 -18.39
C MET Q 515 18.14 -36.23 -17.46
N LEU Q 516 18.80 -37.39 -17.44
CA LEU Q 516 19.97 -37.56 -16.59
C LEU Q 516 21.13 -36.71 -17.09
N THR Q 517 21.23 -36.47 -18.39
CA THR Q 517 22.31 -35.70 -18.99
C THR Q 517 22.07 -34.20 -18.91
N THR Q 518 21.14 -33.75 -18.07
CA THR Q 518 20.81 -32.33 -17.97
C THR Q 518 21.75 -31.64 -17.00
N GLU Q 519 22.39 -30.59 -17.45
CA GLU Q 519 23.25 -29.77 -16.62
C GLU Q 519 22.79 -28.32 -16.51
N CYS Q 520 22.15 -27.79 -17.56
CA CYS Q 520 21.66 -26.43 -17.58
C CYS Q 520 20.23 -26.42 -18.09
N MET Q 521 19.38 -25.59 -17.49
CA MET Q 521 18.00 -25.45 -17.90
C MET Q 521 17.69 -23.99 -18.14
N ILE Q 522 17.11 -23.69 -19.30
CA ILE Q 522 16.78 -22.33 -19.70
C ILE Q 522 15.27 -22.25 -19.86
N ALA Q 523 14.64 -21.33 -19.12
CA ALA Q 523 13.21 -21.12 -19.18
C ALA Q 523 12.92 -19.64 -19.12
N GLU Q 524 11.69 -19.27 -19.45
CA GLU Q 524 11.28 -17.89 -19.39
C GLU Q 524 11.27 -17.40 -17.95
N ALA Q 525 11.84 -16.22 -17.72
CA ALA Q 525 11.87 -15.66 -16.38
C ALA Q 525 10.47 -15.21 -15.97
N PRO Q 526 10.14 -15.27 -14.69
CA PRO Q 526 8.83 -14.78 -14.24
C PRO Q 526 8.69 -13.28 -14.48
N LYS Q 527 7.46 -12.86 -14.73
CA LYS Q 527 7.19 -11.46 -15.05
C LYS Q 527 7.45 -10.53 -13.87
N ASP Q 528 7.52 -11.07 -12.66
CA ASP Q 528 7.75 -10.32 -11.41
C ASP Q 528 7.00 -8.99 -11.34
N LYS R 1 -63.23 -25.12 -88.15
CA LYS R 1 -63.40 -23.88 -87.40
C LYS R 1 -62.34 -22.86 -87.78
N LEU R 2 -61.08 -23.28 -87.74
CA LEU R 2 -59.96 -22.40 -88.05
C LEU R 2 -59.55 -22.59 -89.51
N ARG R 3 -59.45 -21.48 -90.23
CA ARG R 3 -59.05 -21.50 -91.63
C ARG R 3 -57.78 -20.68 -91.83
N PRO R 4 -56.66 -21.30 -92.13
CA PRO R 4 -55.41 -20.55 -92.30
C PRO R 4 -55.42 -19.78 -93.62
N LEU R 5 -54.46 -18.85 -93.73
CA LEU R 5 -54.35 -17.99 -94.89
C LEU R 5 -52.99 -18.15 -95.54
N HIS R 6 -52.99 -18.20 -96.87
CA HIS R 6 -51.78 -18.24 -97.70
C HIS R 6 -50.99 -19.49 -97.36
N ASP R 7 -49.77 -19.39 -96.84
CA ASP R 7 -48.91 -20.53 -96.58
C ASP R 7 -49.06 -21.09 -95.17
N ARG R 8 -49.99 -20.58 -94.39
CA ARG R 8 -50.13 -21.00 -93.00
C ARG R 8 -50.69 -22.41 -92.92
N VAL R 9 -50.13 -23.19 -92.00
CA VAL R 9 -50.61 -24.53 -91.71
C VAL R 9 -50.83 -24.65 -90.21
N VAL R 10 -51.99 -25.16 -89.82
CA VAL R 10 -52.35 -25.36 -88.42
C VAL R 10 -52.13 -26.83 -88.08
N VAL R 11 -51.38 -27.09 -87.02
CA VAL R 11 -51.05 -28.45 -86.60
C VAL R 11 -51.40 -28.60 -85.12
N LYS R 12 -51.90 -29.78 -84.76
CA LYS R 12 -52.08 -30.17 -83.36
C LYS R 12 -50.84 -30.98 -82.98
N ARG R 13 -50.00 -30.40 -82.13
CA ARG R 13 -48.76 -31.05 -81.75
C ARG R 13 -49.07 -32.28 -80.90
N ILE R 14 -48.63 -33.45 -81.35
CA ILE R 14 -48.93 -34.68 -80.64
C ILE R 14 -48.25 -34.67 -79.27
N GLU R 15 -48.88 -35.32 -78.30
CA GLU R 15 -48.36 -35.33 -76.94
C GLU R 15 -47.07 -36.15 -76.87
N ALA R 16 -46.34 -35.92 -75.78
CA ALA R 16 -45.08 -36.64 -75.58
C ALA R 16 -45.34 -38.13 -75.36
N GLU R 17 -44.38 -38.94 -75.78
CA GLU R 17 -44.45 -40.38 -75.58
C GLU R 17 -44.56 -40.72 -74.10
N ARG R 18 -45.45 -41.66 -73.77
CA ARG R 18 -45.69 -42.08 -72.40
C ARG R 18 -45.06 -43.43 -72.07
N LYS R 19 -45.46 -44.50 -72.76
CA LYS R 19 -44.84 -45.80 -72.59
C LYS R 19 -43.79 -46.04 -73.68
N THR R 20 -42.74 -46.78 -73.30
CA THR R 20 -41.63 -47.09 -74.18
C THR R 20 -41.76 -48.52 -74.69
N ALA R 21 -40.72 -48.97 -75.41
CA ALA R 21 -40.71 -50.34 -75.91
C ALA R 21 -40.72 -51.33 -74.76
N SER R 22 -39.98 -51.05 -73.69
CA SER R 22 -39.96 -51.89 -72.50
C SER R 22 -41.07 -51.55 -71.53
N GLY R 23 -41.87 -50.52 -71.80
CA GLY R 23 -42.98 -50.17 -70.95
C GLY R 23 -42.68 -49.18 -69.84
N ILE R 24 -41.54 -48.49 -69.89
CA ILE R 24 -41.17 -47.57 -68.84
C ILE R 24 -42.05 -46.32 -68.94
N VAL R 25 -42.63 -45.92 -67.81
CA VAL R 25 -43.49 -44.74 -67.76
C VAL R 25 -42.63 -43.52 -67.45
N ILE R 26 -42.75 -42.51 -68.29
CA ILE R 26 -42.02 -41.25 -68.14
C ILE R 26 -43.02 -40.17 -67.74
N PRO R 27 -42.74 -39.40 -66.69
CA PRO R 27 -43.67 -38.32 -66.31
C PRO R 27 -43.73 -37.25 -67.38
N ASP R 28 -44.88 -36.56 -67.44
CA ASP R 28 -45.08 -35.54 -68.46
C ASP R 28 -44.07 -34.41 -68.34
N THR R 29 -43.65 -34.09 -67.11
CA THR R 29 -42.63 -33.06 -66.93
C THR R 29 -41.30 -33.48 -67.56
N ALA R 30 -40.91 -34.74 -67.37
CA ALA R 30 -39.65 -35.22 -67.91
C ALA R 30 -39.73 -35.47 -69.41
N GLY R 31 -40.90 -35.86 -69.92
CA GLY R 31 -41.05 -36.16 -71.32
C GLY R 31 -40.80 -34.98 -72.23
N GLU R 32 -39.83 -35.13 -73.14
CA GLU R 32 -39.52 -34.06 -74.09
C GLU R 32 -40.68 -33.89 -75.07
N LYS R 33 -40.97 -32.64 -75.40
CA LYS R 33 -42.07 -32.33 -76.29
C LYS R 33 -41.66 -32.65 -77.72
N PRO R 34 -42.33 -33.58 -78.40
CA PRO R 34 -41.94 -33.91 -79.78
C PRO R 34 -42.24 -32.77 -80.73
N ASP R 35 -41.47 -32.73 -81.82
CA ASP R 35 -41.62 -31.73 -82.87
C ASP R 35 -42.52 -32.19 -84.00
N GLN R 36 -43.46 -33.09 -83.73
CA GLN R 36 -44.35 -33.64 -84.73
C GLN R 36 -45.80 -33.34 -84.40
N GLY R 37 -46.65 -33.48 -85.40
CA GLY R 37 -48.07 -33.28 -85.21
C GLY R 37 -48.81 -33.51 -86.50
N GLU R 38 -50.11 -33.75 -86.37
CA GLU R 38 -50.96 -33.96 -87.54
C GLU R 38 -51.61 -32.64 -87.95
N VAL R 39 -51.92 -32.54 -89.24
CA VAL R 39 -52.48 -31.32 -89.80
C VAL R 39 -54.00 -31.45 -89.86
N LEU R 40 -54.70 -30.43 -89.37
CA LEU R 40 -56.15 -30.38 -89.45
C LEU R 40 -56.66 -29.26 -90.35
N ALA R 41 -55.83 -28.27 -90.68
CA ALA R 41 -56.22 -27.19 -91.56
C ALA R 41 -55.02 -26.78 -92.39
N VAL R 42 -55.23 -26.58 -93.69
CA VAL R 42 -54.16 -26.25 -94.61
C VAL R 42 -54.56 -25.02 -95.42
N GLY R 43 -53.57 -24.19 -95.74
CA GLY R 43 -53.82 -22.98 -96.50
C GLY R 43 -53.91 -23.24 -98.00
N ASP R 44 -54.35 -22.20 -98.71
CA ASP R 44 -54.49 -22.30 -100.16
C ASP R 44 -53.12 -22.33 -100.85
N GLY R 45 -52.19 -21.51 -100.38
CA GLY R 45 -50.85 -21.46 -100.96
C GLY R 45 -50.30 -20.05 -101.00
N LYS R 46 -48.98 -19.94 -100.96
CA LYS R 46 -48.33 -18.64 -101.00
C LYS R 46 -48.50 -17.98 -102.36
N ILE R 47 -48.88 -16.71 -102.35
CA ILE R 47 -48.95 -15.92 -103.57
C ILE R 47 -47.53 -15.58 -103.99
N LEU R 48 -47.02 -16.27 -105.00
CA LEU R 48 -45.71 -15.95 -105.54
C LEU R 48 -45.78 -14.71 -106.43
N ASP R 49 -44.60 -14.20 -106.79
CA ASP R 49 -44.50 -12.87 -107.39
C ASP R 49 -45.25 -12.75 -108.72
N ASP R 50 -45.44 -13.86 -109.44
CA ASP R 50 -46.12 -13.83 -110.72
C ASP R 50 -47.56 -14.33 -110.63
N GLY R 51 -48.25 -13.99 -109.54
CA GLY R 51 -49.63 -14.39 -109.38
C GLY R 51 -49.78 -15.87 -109.06
N SER R 52 -51.03 -16.32 -109.13
CA SER R 52 -51.40 -17.71 -108.88
C SER R 52 -51.02 -18.16 -107.48
N LYS R 53 -51.06 -19.47 -107.25
CA LYS R 53 -50.79 -20.05 -105.93
C LYS R 53 -49.73 -21.13 -106.05
N ARG R 54 -48.94 -21.28 -104.99
CA ARG R 54 -47.98 -22.37 -104.91
C ARG R 54 -48.69 -23.65 -104.44
N PRO R 55 -48.61 -24.74 -105.19
CA PRO R 55 -49.24 -25.98 -104.73
C PRO R 55 -48.62 -26.45 -103.42
N MET R 56 -49.47 -26.78 -102.46
CA MET R 56 -49.01 -27.12 -101.12
C MET R 56 -48.56 -28.58 -101.07
N ALA R 57 -47.46 -28.82 -100.37
CA ALA R 57 -46.90 -30.16 -100.24
C ALA R 57 -47.49 -30.94 -99.07
N VAL R 58 -48.38 -30.32 -98.28
CA VAL R 58 -49.00 -30.95 -97.13
C VAL R 58 -50.51 -30.93 -97.33
N LYS R 59 -51.16 -32.07 -97.13
CA LYS R 59 -52.60 -32.18 -97.19
C LYS R 59 -53.14 -32.57 -95.82
N VAL R 60 -54.39 -32.19 -95.56
CA VAL R 60 -54.98 -32.40 -94.24
C VAL R 60 -55.04 -33.88 -93.91
N GLY R 61 -54.66 -34.22 -92.68
CA GLY R 61 -54.68 -35.59 -92.20
C GLY R 61 -53.32 -36.23 -92.09
N ASP R 62 -52.27 -35.63 -92.67
CA ASP R 62 -50.94 -36.22 -92.61
C ASP R 62 -50.22 -35.82 -91.34
N LYS R 63 -49.16 -36.55 -91.02
CA LYS R 63 -48.30 -36.26 -89.89
C LYS R 63 -47.06 -35.51 -90.40
N VAL R 64 -46.83 -34.32 -89.86
CA VAL R 64 -45.76 -33.44 -90.32
C VAL R 64 -44.78 -33.21 -89.18
N LEU R 65 -43.53 -32.97 -89.53
CA LEU R 65 -42.46 -32.68 -88.57
C LEU R 65 -42.01 -31.24 -88.77
N PHE R 66 -42.06 -30.45 -87.69
CA PHE R 66 -41.82 -29.02 -87.76
C PHE R 66 -40.80 -28.61 -86.72
N GLY R 67 -40.13 -27.49 -86.98
CA GLY R 67 -39.14 -26.99 -86.06
C GLY R 67 -39.75 -26.41 -84.79
N LYS R 68 -38.96 -26.40 -83.72
CA LYS R 68 -39.45 -25.91 -82.44
C LYS R 68 -39.45 -24.37 -82.42
N TYR R 69 -38.51 -23.74 -83.12
CA TYR R 69 -38.45 -22.28 -83.15
C TYR R 69 -39.72 -21.68 -83.71
N ALA R 70 -40.26 -22.25 -84.78
CA ALA R 70 -41.40 -21.67 -85.48
C ALA R 70 -42.71 -22.08 -84.81
N GLY R 71 -43.79 -21.45 -85.26
CA GLY R 71 -45.12 -21.77 -84.79
C GLY R 71 -45.61 -20.84 -83.71
N GLN R 72 -46.94 -20.84 -83.53
CA GLN R 72 -47.58 -20.01 -82.52
C GLN R 72 -48.83 -20.74 -82.02
N THR R 73 -49.00 -20.75 -80.70
CA THR R 73 -50.10 -21.47 -80.07
C THR R 73 -51.35 -20.62 -80.02
N VAL R 74 -52.50 -21.22 -80.35
CA VAL R 74 -53.77 -20.53 -80.41
C VAL R 74 -54.66 -21.03 -79.29
N LYS R 75 -55.55 -20.16 -78.81
CA LYS R 75 -56.34 -20.39 -77.61
C LYS R 75 -57.78 -20.79 -77.89
N VAL R 76 -58.12 -21.12 -79.14
CA VAL R 76 -59.50 -21.35 -79.53
C VAL R 76 -60.01 -22.71 -79.04
N GLU R 77 -61.20 -22.68 -78.43
CA GLU R 77 -61.95 -23.78 -77.78
C GLU R 77 -61.08 -24.70 -76.93
N GLY R 78 -59.91 -24.25 -76.50
CA GLY R 78 -59.22 -24.93 -75.42
C GLY R 78 -57.99 -25.72 -75.81
N GLU R 79 -58.03 -26.47 -76.91
CA GLU R 79 -56.86 -27.23 -77.28
C GLU R 79 -55.78 -26.30 -77.84
N GLU R 80 -54.54 -26.75 -77.75
CA GLU R 80 -53.40 -25.98 -78.27
C GLU R 80 -53.15 -26.43 -79.70
N LEU R 81 -53.12 -25.46 -80.62
CA LEU R 81 -52.83 -25.70 -82.02
C LEU R 81 -51.74 -24.74 -82.46
N LEU R 82 -50.76 -25.27 -83.19
CA LEU R 82 -49.62 -24.47 -83.64
C LEU R 82 -49.85 -24.06 -85.09
N VAL R 83 -49.87 -22.75 -85.32
CA VAL R 83 -50.02 -22.19 -86.66
C VAL R 83 -48.65 -21.72 -87.13
N LEU R 84 -48.22 -22.24 -88.27
CA LEU R 84 -46.89 -21.94 -88.78
C LEU R 84 -46.90 -22.01 -90.30
N ARG R 85 -45.91 -21.37 -90.91
CA ARG R 85 -45.84 -21.28 -92.36
C ARG R 85 -45.47 -22.65 -92.95
N GLU R 86 -45.65 -22.76 -94.26
CA GLU R 86 -45.41 -24.03 -94.94
C GLU R 86 -43.94 -24.39 -95.00
N ASP R 87 -43.04 -23.42 -94.94
CA ASP R 87 -41.61 -23.69 -95.08
C ASP R 87 -40.93 -24.03 -93.76
N ASP R 88 -41.66 -24.09 -92.65
CA ASP R 88 -41.07 -24.52 -91.39
C ASP R 88 -41.30 -26.00 -91.10
N ILE R 89 -42.07 -26.70 -91.94
CA ILE R 89 -42.25 -28.14 -91.79
C ILE R 89 -41.04 -28.83 -92.40
N MET R 90 -40.21 -29.43 -91.55
CA MET R 90 -38.96 -30.01 -92.03
C MET R 90 -39.22 -31.18 -92.97
N ALA R 91 -40.17 -32.04 -92.62
CA ALA R 91 -40.46 -33.25 -93.40
C ALA R 91 -41.87 -33.71 -93.06
N VAL R 92 -42.37 -34.66 -93.85
CA VAL R 92 -43.67 -35.29 -93.62
C VAL R 92 -43.46 -36.77 -93.34
N ILE R 93 -44.03 -37.27 -92.24
CA ILE R 93 -43.83 -38.63 -91.80
C ILE R 93 -44.87 -39.51 -92.48
N GLU R 94 -44.53 -40.79 -92.69
CA GLU R 94 -45.14 -41.65 -93.72
C GLU R 94 -45.81 -40.85 -94.85
N ALA S 1 12.75 5.20 -26.62
CA ALA S 1 12.40 5.94 -25.41
C ALA S 1 13.65 6.45 -24.72
N ALA S 2 13.55 6.67 -23.41
CA ALA S 2 14.70 7.14 -22.64
C ALA S 2 15.80 6.08 -22.64
N LYS S 3 17.05 6.56 -22.68
CA LYS S 3 18.21 5.70 -22.75
C LYS S 3 19.04 5.84 -21.48
N GLU S 4 19.55 4.72 -20.99
CA GLU S 4 20.51 4.69 -19.90
C GLU S 4 21.89 4.52 -20.49
N VAL S 5 22.85 5.31 -20.00
CA VAL S 5 24.20 5.35 -20.54
C VAL S 5 25.17 4.94 -19.44
N LYS S 6 26.02 3.96 -19.75
CA LYS S 6 27.03 3.48 -18.81
C LYS S 6 28.42 3.72 -19.40
N PHE S 7 29.37 4.00 -18.51
CA PHE S 7 30.72 4.39 -18.92
C PHE S 7 31.76 3.55 -18.21
N HIS S 8 32.89 3.35 -18.88
CA HIS S 8 34.14 2.82 -18.31
C HIS S 8 33.86 1.45 -17.72
N ASP S 9 34.37 1.17 -16.51
CA ASP S 9 34.29 -0.18 -15.95
C ASP S 9 32.85 -0.58 -15.63
N SER S 10 31.99 0.38 -15.35
CA SER S 10 30.59 0.05 -15.10
C SER S 10 29.95 -0.56 -16.33
N ALA S 11 30.26 -0.03 -17.52
CA ALA S 11 29.74 -0.61 -18.74
C ALA S 11 30.41 -1.93 -19.06
N ARG S 12 31.73 -2.02 -18.90
CA ARG S 12 32.44 -3.24 -19.22
C ARG S 12 32.04 -4.38 -18.30
N GLU S 13 31.82 -4.08 -17.01
CA GLU S 13 31.40 -5.12 -16.08
C GLU S 13 30.04 -5.70 -16.47
N ARG S 14 29.10 -4.84 -16.87
CA ARG S 14 27.81 -5.34 -17.33
C ARG S 14 27.95 -6.14 -18.61
N LEU S 15 28.81 -5.67 -19.53
CA LEU S 15 29.01 -6.39 -20.78
C LEU S 15 29.62 -7.76 -20.55
N VAL S 16 30.64 -7.83 -19.69
CA VAL S 16 31.31 -9.10 -19.42
C VAL S 16 30.37 -10.06 -18.70
N ALA S 17 29.52 -9.56 -17.81
CA ALA S 17 28.58 -10.41 -17.10
C ALA S 17 27.63 -11.10 -18.06
N GLY S 18 27.14 -10.37 -19.07
CA GLY S 18 26.32 -11.00 -20.09
C GLY S 18 27.09 -11.97 -20.94
N VAL S 19 28.35 -11.66 -21.24
CA VAL S 19 29.20 -12.57 -21.99
C VAL S 19 29.41 -13.86 -21.21
N ASN S 20 29.69 -13.74 -19.91
CA ASN S 20 29.98 -14.92 -19.11
C ASN S 20 28.74 -15.79 -18.91
N LEU S 21 27.58 -15.17 -18.75
CA LEU S 21 26.37 -15.96 -18.51
C LEU S 21 26.04 -16.83 -19.72
N LEU S 22 26.09 -16.25 -20.92
CA LEU S 22 25.82 -17.03 -22.12
C LEU S 22 26.88 -18.10 -22.34
N ALA S 23 28.15 -17.75 -22.16
CA ALA S 23 29.21 -18.71 -22.42
C ALA S 23 29.24 -19.82 -21.38
N ASN S 24 28.86 -19.53 -20.14
CA ASN S 24 28.83 -20.56 -19.12
C ASN S 24 27.75 -21.61 -19.44
N ALA S 25 26.60 -21.17 -19.93
CA ALA S 25 25.57 -22.12 -20.35
C ALA S 25 26.04 -22.96 -21.52
N VAL S 26 26.68 -22.33 -22.50
CA VAL S 26 27.23 -23.05 -23.65
C VAL S 26 28.41 -23.93 -23.25
N LYS S 27 29.17 -23.52 -22.22
CA LYS S 27 30.32 -24.29 -21.77
C LYS S 27 29.94 -25.72 -21.42
N THR S 28 28.76 -25.93 -20.82
CA THR S 28 28.39 -27.22 -20.27
C THR S 28 28.28 -28.30 -21.34
N THR S 29 28.13 -27.92 -22.61
CA THR S 29 27.95 -28.87 -23.69
C THR S 29 29.24 -29.20 -24.43
N LEU S 30 30.38 -28.67 -23.99
CA LEU S 30 31.61 -28.82 -24.76
C LEU S 30 32.29 -30.15 -24.46
N GLY S 31 32.76 -30.81 -25.52
CA GLY S 31 33.56 -32.00 -25.39
C GLY S 31 32.76 -33.28 -25.33
N PRO S 32 33.46 -34.42 -25.36
CA PRO S 32 32.76 -35.70 -25.27
C PRO S 32 32.00 -35.89 -23.96
N LYS S 33 32.49 -35.32 -22.87
CA LYS S 33 31.84 -35.42 -21.58
C LYS S 33 30.97 -34.21 -21.25
N GLY S 34 30.72 -33.35 -22.24
CA GLY S 34 29.77 -32.29 -22.04
C GLY S 34 28.36 -32.82 -21.88
N ARG S 35 27.52 -32.03 -21.23
CA ARG S 35 26.17 -32.44 -20.89
C ARG S 35 25.14 -31.61 -21.64
N ASN S 36 23.91 -32.10 -21.62
CA ASN S 36 22.84 -31.49 -22.40
C ASN S 36 22.26 -30.28 -21.69
N VAL S 37 21.63 -29.41 -22.47
CA VAL S 37 20.93 -28.24 -21.97
C VAL S 37 19.47 -28.35 -22.38
N VAL S 38 18.58 -28.23 -21.41
CA VAL S 38 17.14 -28.27 -21.65
C VAL S 38 16.65 -26.85 -21.81
N ILE S 39 15.94 -26.59 -22.91
CA ILE S 39 15.43 -25.26 -23.22
C ILE S 39 13.91 -25.34 -23.27
N GLU S 40 13.25 -24.48 -22.50
CA GLU S 40 11.80 -24.44 -22.49
C GLU S 40 11.28 -23.89 -23.81
N ARG S 41 10.24 -24.53 -24.33
CA ARG S 41 9.56 -24.07 -25.53
C ARG S 41 8.14 -23.64 -25.17
N SER S 42 7.65 -22.61 -25.87
CA SER S 42 6.34 -22.06 -25.56
C SER S 42 5.24 -23.10 -25.79
N PHE S 43 5.36 -23.88 -26.85
CA PHE S 43 4.35 -24.87 -27.22
C PHE S 43 4.59 -26.22 -26.58
N GLY S 44 5.29 -26.27 -25.45
CA GLY S 44 5.55 -27.52 -24.77
C GLY S 44 6.66 -28.31 -25.43
N ALA S 45 6.93 -29.48 -24.86
CA ALA S 45 7.97 -30.38 -25.31
C ALA S 45 9.32 -29.66 -25.37
N PRO S 46 9.96 -29.43 -24.22
CA PRO S 46 11.25 -28.73 -24.22
C PRO S 46 12.28 -29.47 -25.04
N ILE S 47 13.13 -28.72 -25.72
CA ILE S 47 14.18 -29.31 -26.53
C ILE S 47 15.40 -29.58 -25.67
N VAL S 48 16.03 -30.73 -25.89
CA VAL S 48 17.27 -31.11 -25.25
C VAL S 48 18.35 -31.03 -26.31
N THR S 49 19.40 -30.24 -26.06
CA THR S 49 20.41 -29.97 -27.06
C THR S 49 21.80 -29.96 -26.45
N LYS S 50 22.77 -30.38 -27.25
CA LYS S 50 24.18 -30.24 -26.93
C LYS S 50 24.88 -29.27 -27.87
N ASP S 51 24.12 -28.50 -28.64
CA ASP S 51 24.66 -27.56 -29.61
C ASP S 51 24.82 -26.19 -28.98
N GLY S 52 25.99 -25.58 -29.18
CA GLY S 52 26.22 -24.27 -28.62
C GLY S 52 25.34 -23.20 -29.24
N VAL S 53 25.12 -23.27 -30.55
CA VAL S 53 24.33 -22.24 -31.23
C VAL S 53 22.88 -22.29 -30.79
N THR S 54 22.34 -23.50 -30.58
CA THR S 54 20.96 -23.62 -30.12
C THR S 54 20.79 -23.04 -28.72
N VAL S 55 21.75 -23.32 -27.83
CA VAL S 55 21.70 -22.76 -26.49
C VAL S 55 21.89 -21.24 -26.53
N ALA S 56 22.86 -20.78 -27.32
CA ALA S 56 23.17 -19.35 -27.36
C ALA S 56 22.01 -18.53 -27.91
N LYS S 57 21.36 -19.03 -28.97
CA LYS S 57 20.30 -18.27 -29.62
C LYS S 57 19.06 -18.10 -28.74
N GLU S 58 18.94 -18.87 -27.67
CA GLU S 58 17.77 -18.80 -26.81
C GLU S 58 17.99 -17.94 -25.56
N ILE S 59 19.21 -17.49 -25.31
CA ILE S 59 19.51 -16.78 -24.07
C ILE S 59 19.24 -15.31 -24.25
N GLU S 60 18.35 -14.77 -23.41
CA GLU S 60 18.10 -13.33 -23.32
C GLU S 60 18.04 -12.95 -21.86
N LEU S 61 18.57 -11.77 -21.52
CA LEU S 61 18.74 -11.37 -20.15
C LEU S 61 17.83 -10.21 -19.79
N LYS S 62 17.38 -10.19 -18.53
CA LYS S 62 16.54 -9.09 -18.05
C LYS S 62 17.31 -7.78 -18.05
N ASP S 63 18.56 -7.80 -17.61
CA ASP S 63 19.39 -6.60 -17.64
C ASP S 63 19.76 -6.28 -19.08
N LYS S 64 19.35 -5.10 -19.55
CA LYS S 64 19.56 -4.75 -20.95
C LYS S 64 21.04 -4.56 -21.25
N PHE S 65 21.82 -4.10 -20.28
CA PHE S 65 23.26 -3.97 -20.49
C PHE S 65 23.95 -5.33 -20.48
N GLU S 66 23.51 -6.24 -19.61
CA GLU S 66 23.99 -7.61 -19.67
C GLU S 66 23.54 -8.29 -20.96
N ASN S 67 22.32 -8.00 -21.40
CA ASN S 67 21.80 -8.62 -22.61
C ASN S 67 22.62 -8.23 -23.83
N MET S 68 23.13 -7.00 -23.87
CA MET S 68 23.94 -6.57 -25.01
C MET S 68 25.21 -7.41 -25.12
N GLY S 69 25.84 -7.72 -23.99
CA GLY S 69 26.98 -8.61 -24.03
C GLY S 69 26.62 -10.01 -24.47
N ALA S 70 25.48 -10.52 -24.01
CA ALA S 70 25.01 -11.84 -24.44
C ALA S 70 24.69 -11.85 -25.93
N GLN S 71 24.07 -10.79 -26.44
CA GLN S 71 23.70 -10.74 -27.84
C GLN S 71 24.94 -10.72 -28.74
N MET S 72 26.03 -10.13 -28.25
CA MET S 72 27.26 -10.11 -29.04
C MET S 72 27.89 -11.49 -29.13
N VAL S 73 27.96 -12.21 -28.00
CA VAL S 73 28.53 -13.55 -28.01
C VAL S 73 27.61 -14.51 -28.75
N LYS S 74 26.30 -14.35 -28.60
CA LYS S 74 25.36 -15.21 -29.30
C LYS S 74 25.60 -15.16 -30.81
N GLU S 75 26.11 -14.05 -31.30
CA GLU S 75 26.38 -13.92 -32.73
C GLU S 75 27.62 -14.69 -33.16
N VAL S 76 28.57 -14.90 -32.25
CA VAL S 76 29.73 -15.72 -32.57
C VAL S 76 29.30 -17.14 -32.92
N ALA S 77 28.39 -17.71 -32.13
CA ALA S 77 27.87 -19.03 -32.43
C ALA S 77 27.04 -19.02 -33.70
N SER S 78 26.24 -17.96 -33.89
CA SER S 78 25.39 -17.88 -35.08
C SER S 78 26.22 -17.83 -36.36
N LYS S 79 27.31 -17.07 -36.34
CA LYS S 79 28.15 -16.98 -37.53
C LYS S 79 28.91 -18.28 -37.77
N THR S 80 29.39 -18.91 -36.70
CA THR S 80 30.09 -20.18 -36.86
C THR S 80 29.17 -21.27 -37.40
N ALA S 81 27.92 -21.29 -36.92
CA ALA S 81 26.95 -22.25 -37.44
C ALA S 81 26.65 -21.99 -38.91
N ASP S 82 26.63 -20.72 -39.32
CA ASP S 82 26.33 -20.38 -40.70
C ASP S 82 27.43 -20.86 -41.64
N VAL S 83 28.69 -20.63 -41.27
CA VAL S 83 29.80 -20.90 -42.18
C VAL S 83 30.37 -22.30 -42.04
N ALA S 84 30.17 -22.97 -40.91
CA ALA S 84 30.77 -24.29 -40.71
C ALA S 84 29.74 -25.31 -40.26
N GLY S 85 28.71 -24.87 -39.55
CA GLY S 85 27.73 -25.79 -39.00
C GLY S 85 28.21 -26.55 -37.77
N ASP S 86 29.40 -26.26 -37.29
CA ASP S 86 29.97 -26.94 -36.13
C ASP S 86 30.99 -26.01 -35.51
N GLY S 87 31.39 -26.31 -34.28
CA GLY S 87 32.33 -25.46 -33.59
C GLY S 87 31.72 -24.25 -32.94
N THR S 88 30.40 -24.23 -32.76
CA THR S 88 29.76 -23.08 -32.15
C THR S 88 30.07 -22.98 -30.66
N THR S 89 30.12 -24.12 -29.96
CA THR S 89 30.53 -24.10 -28.57
C THR S 89 31.99 -23.70 -28.43
N THR S 90 32.85 -24.21 -29.32
CA THR S 90 34.26 -23.82 -29.30
C THR S 90 34.41 -22.33 -29.58
N ALA S 91 33.66 -21.81 -30.54
CA ALA S 91 33.73 -20.38 -30.84
C ALA S 91 33.26 -19.55 -29.65
N THR S 92 32.18 -19.97 -29.00
CA THR S 92 31.69 -19.26 -27.83
C THR S 92 32.70 -19.31 -26.70
N VAL S 93 33.33 -20.47 -26.49
CA VAL S 93 34.34 -20.61 -25.45
C VAL S 93 35.55 -19.74 -25.76
N LEU S 94 35.99 -19.73 -27.01
CA LEU S 94 37.12 -18.89 -27.40
C LEU S 94 36.81 -17.42 -27.22
N ALA S 95 35.60 -16.99 -27.58
CA ALA S 95 35.23 -15.59 -27.45
C ALA S 95 35.25 -15.14 -26.00
N GLN S 96 34.75 -15.98 -25.09
CA GLN S 96 34.77 -15.63 -23.68
C GLN S 96 36.20 -15.57 -23.15
N ALA S 97 37.06 -16.47 -23.61
CA ALA S 97 38.45 -16.46 -23.17
C ALA S 97 39.16 -15.18 -23.60
N ILE S 98 38.90 -14.72 -24.83
CA ILE S 98 39.50 -13.48 -25.30
C ILE S 98 39.02 -12.30 -24.48
N VAL S 99 37.71 -12.26 -24.19
CA VAL S 99 37.16 -11.17 -23.38
C VAL S 99 37.74 -11.22 -21.97
N ARG S 100 37.79 -12.41 -21.39
CA ARG S 100 38.31 -12.55 -20.03
C ARG S 100 39.78 -12.13 -19.96
N GLU S 101 40.59 -12.59 -20.91
CA GLU S 101 42.00 -12.22 -20.93
C GLU S 101 42.19 -10.78 -21.36
N GLY S 102 41.37 -10.29 -22.29
CA GLY S 102 41.52 -8.93 -22.76
C GLY S 102 41.07 -7.88 -21.76
N MET S 103 40.10 -8.21 -20.92
CA MET S 103 39.65 -7.25 -19.91
C MET S 103 40.71 -7.00 -18.85
N LYS S 104 41.59 -7.98 -18.62
CA LYS S 104 42.71 -7.77 -17.70
C LYS S 104 43.65 -6.71 -18.24
N TYR S 105 43.93 -6.74 -19.55
CA TYR S 105 44.80 -5.74 -20.15
C TYR S 105 44.09 -4.40 -20.32
N VAL S 106 42.78 -4.41 -20.58
CA VAL S 106 42.04 -3.15 -20.63
C VAL S 106 42.06 -2.48 -19.27
N ALA S 107 41.84 -3.27 -18.20
CA ALA S 107 41.93 -2.73 -16.85
C ALA S 107 43.34 -2.29 -16.50
N ALA S 108 44.35 -2.78 -17.21
CA ALA S 108 45.74 -2.38 -16.99
C ALA S 108 46.12 -1.10 -17.72
N GLY S 109 45.18 -0.49 -18.43
CA GLY S 109 45.43 0.78 -19.09
C GLY S 109 45.91 0.69 -20.52
N MET S 110 46.11 -0.51 -21.06
CA MET S 110 46.55 -0.64 -22.43
C MET S 110 45.43 -0.23 -23.39
N ASN S 111 45.83 0.30 -24.54
CA ASN S 111 44.87 0.80 -25.51
C ASN S 111 44.11 -0.36 -26.14
N PRO S 112 42.78 -0.43 -25.99
CA PRO S 112 42.04 -1.57 -26.53
C PRO S 112 42.05 -1.65 -28.05
N MET S 113 42.19 -0.52 -28.75
CA MET S 113 42.28 -0.57 -30.21
C MET S 113 43.55 -1.27 -30.66
N ASP S 114 44.66 -1.03 -29.97
CA ASP S 114 45.88 -1.78 -30.27
C ASP S 114 45.78 -3.23 -29.82
N LEU S 115 45.02 -3.50 -28.75
CA LEU S 115 44.75 -4.88 -28.38
C LEU S 115 44.00 -5.60 -29.49
N LYS S 116 43.01 -4.94 -30.08
CA LYS S 116 42.28 -5.53 -31.19
C LYS S 116 43.19 -5.76 -32.39
N ARG S 117 44.08 -4.82 -32.67
CA ARG S 117 45.04 -4.99 -33.76
C ARG S 117 46.00 -6.14 -33.47
N GLY S 118 46.44 -6.27 -32.22
CA GLY S 118 47.28 -7.41 -31.87
C GLY S 118 46.54 -8.72 -31.92
N ILE S 119 45.26 -8.72 -31.55
CA ILE S 119 44.45 -9.94 -31.61
C ILE S 119 44.31 -10.39 -33.06
N ASP S 120 44.03 -9.45 -33.97
CA ASP S 120 43.90 -9.80 -35.37
C ASP S 120 45.21 -10.33 -35.93
N LYS S 121 46.33 -9.74 -35.53
CA LYS S 121 47.63 -10.20 -36.00
C LYS S 121 47.91 -11.62 -35.54
N ALA S 122 47.61 -11.93 -34.28
CA ALA S 122 47.85 -13.26 -33.76
C ALA S 122 46.95 -14.30 -34.42
N VAL S 123 45.68 -13.94 -34.64
CA VAL S 123 44.74 -14.88 -35.24
C VAL S 123 45.13 -15.19 -36.67
N THR S 124 45.59 -14.19 -37.41
CA THR S 124 46.05 -14.42 -38.78
C THR S 124 47.23 -15.38 -38.79
N ALA S 125 48.18 -15.21 -37.87
CA ALA S 125 49.31 -16.12 -37.80
C ALA S 125 48.88 -17.53 -37.44
N ILE S 126 47.96 -17.66 -36.49
CA ILE S 126 47.53 -18.98 -36.05
C ILE S 126 46.72 -19.69 -37.14
N VAL S 127 45.88 -18.94 -37.86
CA VAL S 127 45.09 -19.54 -38.93
C VAL S 127 46.01 -20.06 -40.03
N GLU S 128 47.08 -19.32 -40.34
CA GLU S 128 48.05 -19.80 -41.33
C GLU S 128 48.72 -21.09 -40.86
N GLU S 129 49.05 -21.17 -39.58
CA GLU S 129 49.65 -22.39 -39.06
C GLU S 129 48.65 -23.55 -39.06
N LEU S 130 47.37 -23.26 -38.89
CA LEU S 130 46.36 -24.30 -38.99
C LEU S 130 46.32 -24.90 -40.40
N LYS S 131 46.52 -24.06 -41.41
CA LYS S 131 46.53 -24.56 -42.79
C LYS S 131 47.69 -25.53 -43.01
N ALA S 132 48.86 -25.22 -42.45
CA ALA S 132 50.01 -26.10 -42.61
C ALA S 132 49.82 -27.42 -41.86
N ILE S 133 49.27 -27.35 -40.64
CA ILE S 133 49.04 -28.55 -39.86
C ILE S 133 47.98 -29.44 -40.49
N SER S 134 46.97 -28.83 -41.11
CA SER S 134 45.85 -29.57 -41.67
C SER S 134 46.31 -30.59 -42.72
N LYS S 135 45.72 -31.77 -42.67
CA LYS S 135 45.94 -32.82 -43.65
C LYS S 135 44.65 -33.11 -44.40
N PRO S 136 44.72 -33.40 -45.69
CA PRO S 136 43.49 -33.65 -46.46
C PRO S 136 42.76 -34.89 -45.99
N CYS S 137 41.44 -34.85 -46.12
CA CYS S 137 40.57 -35.96 -45.75
C CYS S 137 40.19 -36.71 -47.01
N SER S 138 40.77 -37.90 -47.20
CA SER S 138 40.58 -38.66 -48.43
C SER S 138 40.12 -40.09 -48.21
N THR S 139 39.97 -40.54 -46.97
CA THR S 139 39.61 -41.92 -46.68
C THR S 139 38.24 -41.97 -46.04
N THR S 140 37.51 -43.05 -46.32
CA THR S 140 36.21 -43.27 -45.69
C THR S 140 36.35 -43.43 -44.18
N LYS S 141 37.44 -44.07 -43.73
CA LYS S 141 37.68 -44.22 -42.31
C LYS S 141 37.80 -42.87 -41.62
N GLU S 142 38.51 -41.93 -42.24
CA GLU S 142 38.62 -40.59 -41.67
C GLU S 142 37.26 -39.89 -41.64
N ILE S 143 36.46 -40.08 -42.70
CA ILE S 143 35.13 -39.48 -42.73
C ILE S 143 34.26 -40.04 -41.61
N ALA S 144 34.32 -41.36 -41.39
CA ALA S 144 33.59 -41.95 -40.28
C ALA S 144 34.08 -41.42 -38.94
N GLN S 145 35.40 -41.26 -38.79
CA GLN S 145 35.95 -40.74 -37.56
C GLN S 145 35.52 -39.30 -37.32
N VAL S 146 35.51 -38.47 -38.37
CA VAL S 146 35.06 -37.10 -38.23
C VAL S 146 33.59 -37.05 -37.87
N GLY S 147 32.78 -37.88 -38.53
CA GLY S 147 31.36 -37.94 -38.20
C GLY S 147 31.11 -38.48 -36.81
N THR S 148 31.89 -39.48 -36.40
CA THR S 148 31.71 -40.04 -35.06
C THR S 148 32.00 -39.02 -33.98
N ILE S 149 33.08 -38.25 -34.14
CA ILE S 149 33.44 -37.25 -33.13
C ILE S 149 32.39 -36.16 -33.05
N SER S 150 31.91 -35.69 -34.20
CA SER S 150 30.94 -34.61 -34.23
C SER S 150 29.55 -35.05 -33.79
N ALA S 151 29.26 -36.34 -33.83
CA ALA S 151 28.01 -36.88 -33.34
C ALA S 151 28.09 -37.29 -31.88
N ASN S 152 29.07 -36.76 -31.13
CA ASN S 152 29.27 -37.06 -29.72
C ASN S 152 29.53 -38.55 -29.50
N ALA S 153 30.61 -39.03 -30.15
CA ALA S 153 31.08 -40.40 -29.99
C ALA S 153 30.00 -41.42 -30.33
N ASP S 154 29.32 -41.21 -31.45
CA ASP S 154 28.31 -42.14 -31.96
C ASP S 154 28.86 -42.75 -33.25
N SER S 155 29.35 -43.98 -33.16
CA SER S 155 29.95 -44.63 -34.31
C SER S 155 28.92 -44.96 -35.37
N SER S 156 27.68 -45.25 -34.97
CA SER S 156 26.64 -45.56 -35.94
C SER S 156 26.34 -44.37 -36.84
N ILE S 157 26.28 -43.17 -36.27
CA ILE S 157 26.02 -41.98 -37.07
C ILE S 157 27.20 -41.70 -37.99
N GLY S 158 28.41 -41.86 -37.49
CA GLY S 158 29.59 -41.63 -38.33
C GLY S 158 29.69 -42.62 -39.46
N GLU S 159 29.35 -43.89 -39.19
CA GLU S 159 29.45 -44.91 -40.23
C GLU S 159 28.41 -44.71 -41.31
N ILE S 160 27.18 -44.36 -40.92
CA ILE S 160 26.11 -44.20 -41.91
C ILE S 160 26.36 -42.98 -42.78
N ILE S 161 26.97 -41.94 -42.22
CA ILE S 161 27.30 -40.75 -43.00
C ILE S 161 28.44 -41.06 -43.97
N ALA S 162 29.43 -41.83 -43.53
CA ALA S 162 30.51 -42.23 -44.43
C ALA S 162 29.98 -43.07 -45.58
N GLN S 163 29.04 -43.97 -45.30
CA GLN S 163 28.41 -44.75 -46.36
C GLN S 163 27.63 -43.85 -47.31
N ALA S 164 26.93 -42.86 -46.77
CA ALA S 164 26.13 -41.97 -47.61
C ALA S 164 27.02 -41.19 -48.57
N MET S 165 28.14 -40.66 -48.08
CA MET S 165 29.05 -39.93 -48.97
C MET S 165 29.73 -40.85 -49.97
N ASP S 166 29.97 -42.11 -49.60
CA ASP S 166 30.53 -43.06 -50.54
C ASP S 166 29.55 -43.36 -51.68
N LYS S 167 28.25 -43.42 -51.36
CA LYS S 167 27.26 -43.77 -52.36
C LYS S 167 26.95 -42.60 -53.29
N VAL S 168 26.70 -41.42 -52.73
CA VAL S 168 26.33 -40.28 -53.56
C VAL S 168 27.52 -39.46 -54.04
N GLY S 169 28.71 -39.76 -53.56
CA GLY S 169 29.88 -39.05 -54.04
C GLY S 169 29.99 -37.64 -53.49
N LYS S 170 30.96 -36.91 -54.03
CA LYS S 170 31.18 -35.53 -53.60
C LYS S 170 30.05 -34.62 -54.04
N GLU S 171 29.50 -34.85 -55.23
CA GLU S 171 28.45 -34.01 -55.78
C GLU S 171 27.06 -34.34 -55.24
N GLY S 172 26.93 -35.41 -54.46
CA GLY S 172 25.64 -35.81 -53.96
C GLY S 172 25.14 -34.93 -52.84
N VAL S 173 23.86 -35.11 -52.52
CA VAL S 173 23.16 -34.34 -51.49
C VAL S 173 22.63 -35.31 -50.45
N ILE S 174 22.91 -35.03 -49.18
CA ILE S 174 22.46 -35.86 -48.07
C ILE S 174 21.56 -35.02 -47.18
N THR S 175 20.40 -35.58 -46.84
CA THR S 175 19.44 -34.91 -45.97
C THR S 175 19.10 -35.82 -44.79
N VAL S 176 18.55 -35.21 -43.74
CA VAL S 176 18.21 -35.90 -42.50
C VAL S 176 16.73 -35.71 -42.24
N GLU S 177 16.02 -36.81 -42.00
CA GLU S 177 14.60 -36.80 -41.72
C GLU S 177 14.31 -37.71 -40.53
N ASP S 178 13.08 -37.61 -40.02
CA ASP S 178 12.63 -38.48 -38.94
C ASP S 178 12.34 -39.87 -39.48
N GLY S 179 12.90 -40.88 -38.84
CA GLY S 179 12.61 -42.25 -39.22
C GLY S 179 11.38 -42.78 -38.51
N LYS S 180 10.99 -44.00 -38.89
CA LYS S 180 9.88 -44.68 -38.25
C LYS S 180 10.32 -45.78 -37.30
N SER S 181 11.47 -46.39 -37.54
CA SER S 181 11.99 -47.46 -36.70
C SER S 181 12.79 -46.84 -35.55
N LEU S 182 13.47 -47.70 -34.78
CA LEU S 182 14.30 -47.24 -33.68
C LEU S 182 15.75 -47.08 -34.05
N GLU S 183 16.14 -47.51 -35.26
CA GLU S 183 17.53 -47.45 -35.70
C GLU S 183 17.64 -46.58 -36.94
N ASN S 184 18.82 -46.01 -37.13
CA ASN S 184 19.07 -45.17 -38.30
C ASN S 184 19.11 -46.02 -39.57
N GLU S 185 18.51 -45.51 -40.63
CA GLU S 185 18.52 -46.17 -41.93
C GLU S 185 18.90 -45.16 -43.00
N LEU S 186 19.61 -45.64 -44.01
CA LEU S 186 20.08 -44.82 -45.12
C LEU S 186 19.37 -45.23 -46.39
N GLU S 187 18.71 -44.28 -47.04
CA GLU S 187 18.04 -44.49 -48.31
C GLU S 187 18.71 -43.64 -49.37
N VAL S 188 19.22 -44.28 -50.41
CA VAL S 188 19.94 -43.62 -51.49
C VAL S 188 19.05 -43.65 -52.72
N VAL S 189 18.77 -42.48 -53.28
CA VAL S 189 17.97 -42.37 -54.50
C VAL S 189 18.92 -42.07 -55.65
N GLU S 190 19.02 -43.00 -56.58
CA GLU S 190 19.94 -42.88 -57.72
C GLU S 190 19.20 -42.29 -58.91
N GLY S 191 19.97 -41.65 -59.80
CA GLY S 191 19.39 -41.08 -60.99
C GLY S 191 18.57 -39.83 -60.69
N MET S 192 17.55 -39.60 -61.51
CA MET S 192 16.70 -38.42 -61.41
C MET S 192 15.33 -38.83 -60.87
N GLN S 193 14.94 -38.21 -59.76
CA GLN S 193 13.62 -38.39 -59.17
C GLN S 193 13.06 -37.02 -58.84
N PHE S 194 11.85 -36.72 -59.32
CA PHE S 194 11.27 -35.41 -59.13
C PHE S 194 9.99 -35.45 -58.31
N ASP S 195 9.81 -36.50 -57.50
CA ASP S 195 8.79 -36.56 -56.44
C ASP S 195 7.41 -36.10 -56.91
N ARG S 196 7.00 -36.62 -58.07
CA ARG S 196 5.67 -36.38 -58.59
C ARG S 196 5.06 -37.69 -59.07
N GLY S 197 3.81 -37.93 -58.70
CA GLY S 197 3.15 -39.19 -59.00
C GLY S 197 2.34 -39.13 -60.28
N TYR S 198 1.73 -40.28 -60.60
CA TYR S 198 0.88 -40.37 -61.78
C TYR S 198 -0.46 -39.65 -61.51
N LEU S 199 -1.14 -39.32 -62.61
CA LEU S 199 -2.45 -38.69 -62.53
C LEU S 199 -3.60 -39.67 -62.56
N SER S 200 -3.33 -40.98 -62.73
CA SER S 200 -4.42 -41.93 -62.80
C SER S 200 -3.94 -43.30 -62.37
N PRO S 201 -4.69 -44.02 -61.52
CA PRO S 201 -4.25 -45.35 -61.10
C PRO S 201 -4.20 -46.37 -62.22
N TYR S 202 -4.89 -46.13 -63.34
CA TYR S 202 -4.91 -47.08 -64.44
C TYR S 202 -3.57 -47.16 -65.17
N PHE S 203 -2.65 -46.23 -64.90
CA PHE S 203 -1.32 -46.31 -65.49
C PHE S 203 -0.46 -47.41 -64.88
N ILE S 204 -0.89 -48.00 -63.77
CA ILE S 204 -0.11 -49.04 -63.11
C ILE S 204 -0.10 -50.30 -63.96
N ASN S 205 1.10 -50.83 -64.21
CA ASN S 205 1.26 -52.03 -65.02
C ASN S 205 1.57 -53.27 -64.20
N ASN S 206 1.71 -53.14 -62.88
CA ASN S 206 1.87 -54.31 -62.01
C ASN S 206 1.27 -54.01 -60.63
N PRO S 207 0.28 -54.80 -60.20
CA PRO S 207 -0.42 -54.48 -58.95
C PRO S 207 0.35 -54.86 -57.69
N ASP S 208 1.47 -55.57 -57.80
CA ASP S 208 2.20 -56.00 -56.62
C ASP S 208 2.75 -54.81 -55.84
N LYS S 209 3.23 -53.80 -56.55
CA LYS S 209 3.82 -52.62 -55.94
C LYS S 209 2.94 -51.39 -56.13
N GLN S 210 1.97 -51.45 -57.05
CA GLN S 210 1.19 -50.29 -57.47
C GLN S 210 2.11 -49.21 -58.03
N VAL S 211 2.90 -49.62 -59.03
CA VAL S 211 3.86 -48.76 -59.68
C VAL S 211 3.67 -48.88 -61.20
N ALA S 212 4.14 -47.88 -61.93
CA ALA S 212 4.07 -47.86 -63.38
C ALA S 212 5.48 -47.96 -63.93
N VAL S 213 5.87 -49.15 -64.36
CA VAL S 213 7.22 -49.41 -64.86
C VAL S 213 7.19 -49.35 -66.37
N LEU S 214 8.06 -48.52 -66.95
CA LEU S 214 8.16 -48.36 -68.40
C LEU S 214 9.57 -48.74 -68.81
N ASP S 215 9.69 -49.69 -69.73
CA ASP S 215 10.97 -50.18 -70.21
C ASP S 215 11.31 -49.50 -71.53
N ASN S 216 12.46 -48.83 -71.56
CA ASN S 216 12.91 -48.06 -72.71
C ASN S 216 11.81 -47.12 -73.24
N PRO S 217 11.31 -46.20 -72.41
CA PRO S 217 10.23 -45.33 -72.85
C PRO S 217 10.72 -44.02 -73.44
N TYR S 218 9.82 -43.39 -74.20
CA TYR S 218 10.04 -42.01 -74.63
C TYR S 218 9.51 -41.05 -73.58
N ILE S 219 10.18 -39.92 -73.45
CA ILE S 219 9.79 -38.88 -72.50
C ILE S 219 9.42 -37.63 -73.29
N LEU S 220 8.21 -37.14 -73.08
CA LEU S 220 7.71 -35.94 -73.74
C LEU S 220 7.72 -34.79 -72.73
N LEU S 221 8.55 -33.79 -72.98
CA LEU S 221 8.65 -32.63 -72.09
C LEU S 221 7.80 -31.51 -72.66
N HIS S 222 6.83 -31.05 -71.87
CA HIS S 222 5.92 -29.99 -72.28
C HIS S 222 5.79 -28.98 -71.15
N ASP S 223 5.91 -27.69 -71.49
CA ASP S 223 5.82 -26.62 -70.51
C ASP S 223 4.43 -26.04 -70.42
N LYS S 224 3.45 -26.62 -71.09
CA LYS S 224 2.08 -26.13 -71.07
C LYS S 224 1.12 -27.27 -70.82
N LYS S 225 -0.07 -26.90 -70.33
CA LYS S 225 -1.09 -27.87 -70.00
C LYS S 225 -1.60 -28.58 -71.24
N ILE S 226 -1.90 -29.88 -71.09
CA ILE S 226 -2.42 -30.70 -72.16
C ILE S 226 -3.83 -31.12 -71.78
N SER S 227 -4.82 -30.65 -72.54
CA SER S 227 -6.22 -30.95 -72.25
C SER S 227 -6.96 -31.58 -73.42
N ASN S 228 -6.70 -31.12 -74.65
CA ASN S 228 -7.38 -31.66 -75.82
C ASN S 228 -6.56 -32.81 -76.40
N ILE S 229 -7.20 -33.55 -77.30
CA ILE S 229 -6.61 -34.76 -77.88
C ILE S 229 -5.96 -34.44 -79.21
N ARG S 230 -6.49 -33.43 -79.92
CA ARG S 230 -6.06 -33.17 -81.29
C ARG S 230 -4.60 -32.75 -81.36
N ASP S 231 -4.00 -32.25 -80.28
CA ASP S 231 -2.59 -31.89 -80.30
C ASP S 231 -1.70 -33.02 -79.84
N LEU S 232 -2.14 -33.81 -78.87
CA LEU S 232 -1.36 -34.94 -78.38
C LEU S 232 -1.43 -36.15 -79.32
N LEU S 233 -2.47 -36.23 -80.15
CA LEU S 233 -2.61 -37.38 -81.05
C LEU S 233 -1.44 -37.51 -82.03
N PRO S 234 -0.97 -36.46 -82.70
CA PRO S 234 0.13 -36.65 -83.66
C PRO S 234 1.38 -37.27 -83.06
N VAL S 235 1.74 -36.88 -81.83
CA VAL S 235 2.93 -37.45 -81.21
C VAL S 235 2.62 -38.83 -80.62
N LEU S 236 1.36 -39.07 -80.24
CA LEU S 236 0.98 -40.38 -79.74
C LEU S 236 1.06 -41.44 -80.83
N GLU S 237 0.74 -41.08 -82.07
CA GLU S 237 0.86 -42.02 -83.18
C GLU S 237 2.32 -42.40 -83.43
N GLN S 238 3.25 -41.45 -83.28
CA GLN S 238 4.66 -41.74 -83.54
C GLN S 238 5.22 -42.74 -82.53
N VAL S 239 4.80 -42.65 -81.27
CA VAL S 239 5.23 -43.62 -80.26
C VAL S 239 4.41 -44.90 -80.30
N ALA S 240 3.35 -44.95 -81.10
CA ALA S 240 2.50 -46.14 -81.16
C ALA S 240 3.13 -47.23 -82.02
N LYS S 241 3.55 -46.90 -83.24
CA LYS S 241 4.13 -47.90 -84.11
C LYS S 241 5.54 -48.30 -83.67
N ALA S 242 6.19 -47.47 -82.87
CA ALA S 242 7.51 -47.84 -82.34
C ALA S 242 7.39 -48.95 -81.30
N GLY S 243 6.29 -48.99 -80.57
CA GLY S 243 6.07 -50.00 -79.55
C GLY S 243 6.62 -49.65 -78.18
N ARG S 244 7.47 -48.64 -78.07
CA ARG S 244 8.00 -48.25 -76.79
C ARG S 244 6.98 -47.44 -76.00
N PRO S 245 7.00 -47.53 -74.67
CA PRO S 245 6.08 -46.74 -73.86
C PRO S 245 6.42 -45.26 -73.95
N LEU S 246 5.47 -44.43 -73.49
CA LEU S 246 5.64 -42.98 -73.51
C LEU S 246 5.35 -42.42 -72.13
N LEU S 247 6.27 -41.60 -71.63
CA LEU S 247 6.07 -40.87 -70.38
C LEU S 247 5.87 -39.40 -70.72
N ILE S 248 4.76 -38.84 -70.28
CA ILE S 248 4.38 -37.47 -70.59
C ILE S 248 4.59 -36.63 -69.33
N ILE S 249 5.53 -35.69 -69.40
CA ILE S 249 5.78 -34.76 -68.32
C ILE S 249 5.28 -33.39 -68.77
N ALA S 250 4.25 -32.91 -68.10
CA ALA S 250 3.63 -31.63 -68.47
C ALA S 250 3.00 -31.03 -67.22
N GLU S 251 2.58 -29.78 -67.34
CA GLU S 251 1.99 -29.08 -66.20
C GLU S 251 0.72 -29.77 -65.71
N ASP S 252 -0.07 -30.34 -66.63
CA ASP S 252 -1.25 -31.12 -66.28
C ASP S 252 -1.76 -31.82 -67.52
N VAL S 253 -2.31 -33.01 -67.33
CA VAL S 253 -2.95 -33.80 -68.38
C VAL S 253 -4.32 -34.20 -67.87
N GLU S 254 -5.36 -33.57 -68.41
CA GLU S 254 -6.72 -33.80 -67.94
C GLU S 254 -7.68 -33.87 -69.11
N GLY S 255 -8.92 -34.23 -68.82
CA GLY S 255 -9.97 -34.17 -69.82
C GLY S 255 -9.76 -35.20 -70.92
N GLU S 256 -9.84 -34.71 -72.16
CA GLU S 256 -9.74 -35.60 -73.32
C GLU S 256 -8.39 -36.31 -73.37
N ALA S 257 -7.31 -35.56 -73.12
CA ALA S 257 -5.97 -36.14 -73.20
C ALA S 257 -5.78 -37.22 -72.14
N LEU S 258 -6.22 -36.95 -70.91
CA LEU S 258 -6.07 -37.93 -69.85
C LEU S 258 -6.91 -39.16 -70.13
N ALA S 259 -8.14 -38.98 -70.61
CA ALA S 259 -9.00 -40.11 -70.91
C ALA S 259 -8.41 -40.98 -72.01
N THR S 260 -7.91 -40.35 -73.06
CA THR S 260 -7.37 -41.11 -74.19
C THR S 260 -6.18 -41.97 -73.75
N LEU S 261 -5.30 -41.42 -72.92
CA LEU S 261 -4.20 -42.21 -72.37
C LEU S 261 -4.72 -43.35 -71.51
N VAL S 262 -5.74 -43.07 -70.69
CA VAL S 262 -6.32 -44.11 -69.85
C VAL S 262 -6.99 -45.18 -70.71
N VAL S 263 -7.78 -44.76 -71.69
CA VAL S 263 -8.50 -45.69 -72.55
C VAL S 263 -7.55 -46.69 -73.20
N ASN S 264 -6.42 -46.20 -73.72
CA ASN S 264 -5.46 -47.08 -74.37
C ASN S 264 -4.73 -47.96 -73.37
N ASN S 265 -4.69 -47.58 -72.09
CA ASN S 265 -3.96 -48.38 -71.10
C ASN S 265 -4.68 -49.69 -70.79
N LEU S 266 -5.98 -49.63 -70.54
CA LEU S 266 -6.72 -50.85 -70.24
C LEU S 266 -6.75 -51.78 -71.46
N ARG S 267 -6.97 -51.23 -72.65
CA ARG S 267 -7.01 -52.03 -73.86
C ARG S 267 -5.65 -52.52 -74.30
N GLY S 268 -4.56 -51.99 -73.74
CA GLY S 268 -3.24 -52.45 -74.11
C GLY S 268 -2.77 -51.98 -75.47
N ILE S 269 -3.50 -51.07 -76.12
CA ILE S 269 -3.10 -50.58 -77.43
C ILE S 269 -1.79 -49.83 -77.34
N LEU S 270 -1.64 -48.96 -76.34
CA LEU S 270 -0.44 -48.14 -76.21
C LEU S 270 -0.20 -47.91 -74.73
N LYS S 271 0.85 -48.53 -74.19
CA LYS S 271 1.20 -48.35 -72.79
C LYS S 271 1.86 -46.99 -72.59
N THR S 272 1.40 -46.25 -71.58
CA THR S 272 1.91 -44.91 -71.34
C THR S 272 1.63 -44.53 -69.89
N CYS S 273 2.29 -43.47 -69.46
CA CYS S 273 2.03 -42.89 -68.14
C CYS S 273 2.27 -41.38 -68.23
N ALA S 274 1.46 -40.63 -67.49
CA ALA S 274 1.55 -39.18 -67.47
C ALA S 274 1.81 -38.71 -66.05
N VAL S 275 2.75 -37.79 -65.89
CA VAL S 275 3.09 -37.23 -64.59
C VAL S 275 3.06 -35.71 -64.68
N LYS S 276 2.79 -35.07 -63.55
CA LYS S 276 2.82 -33.62 -63.49
C LYS S 276 4.26 -33.12 -63.58
N ALA S 277 4.42 -31.95 -64.16
CA ALA S 277 5.74 -31.34 -64.26
C ALA S 277 6.19 -30.89 -62.87
N PRO S 278 7.37 -31.29 -62.42
CA PRO S 278 7.80 -30.95 -61.07
C PRO S 278 8.13 -29.47 -60.92
N GLY S 279 7.89 -28.96 -59.71
CA GLY S 279 8.28 -27.61 -59.37
C GLY S 279 7.29 -26.56 -59.84
N PHE S 280 7.43 -25.37 -59.26
CA PHE S 280 6.60 -24.22 -59.58
C PHE S 280 7.46 -23.10 -60.12
N GLY S 281 6.86 -22.27 -60.99
CA GLY S 281 7.57 -21.11 -61.49
C GLY S 281 8.73 -21.48 -62.39
N ASP S 282 9.77 -20.63 -62.38
CA ASP S 282 10.93 -20.83 -63.21
C ASP S 282 11.72 -22.08 -62.82
N ARG S 283 11.63 -22.51 -61.56
CA ARG S 283 12.31 -23.73 -61.15
C ARG S 283 11.75 -24.94 -61.89
N ARG S 284 10.44 -24.92 -62.20
CA ARG S 284 9.85 -25.99 -63.00
C ARG S 284 10.49 -26.04 -64.39
N LYS S 285 10.70 -24.87 -64.99
CA LYS S 285 11.35 -24.82 -66.30
C LYS S 285 12.79 -25.31 -66.20
N ALA S 286 13.48 -24.93 -65.12
CA ALA S 286 14.92 -25.20 -65.02
C ALA S 286 15.21 -26.68 -65.07
N MET S 287 14.56 -27.47 -64.22
CA MET S 287 14.82 -28.90 -64.21
C MET S 287 14.08 -29.64 -65.32
N LEU S 288 13.05 -29.03 -65.91
CA LEU S 288 12.46 -29.60 -67.11
C LEU S 288 13.47 -29.61 -68.25
N GLN S 289 14.26 -28.54 -68.38
CA GLN S 289 15.37 -28.55 -69.33
C GLN S 289 16.42 -29.58 -68.91
N ASP S 290 16.67 -29.71 -67.61
CA ASP S 290 17.64 -30.68 -67.13
C ASP S 290 17.21 -32.10 -67.48
N ILE S 291 15.92 -32.40 -67.34
CA ILE S 291 15.41 -33.71 -67.73
C ILE S 291 15.59 -33.91 -69.23
N ALA S 292 15.32 -32.88 -70.02
CA ALA S 292 15.50 -32.99 -71.46
C ALA S 292 16.96 -33.22 -71.81
N ILE S 293 17.87 -32.51 -71.15
CA ILE S 293 19.30 -32.73 -71.39
C ILE S 293 19.70 -34.12 -70.93
N LEU S 294 19.22 -34.56 -69.77
CA LEU S 294 19.56 -35.88 -69.27
C LEU S 294 19.01 -36.98 -70.17
N THR S 295 17.77 -36.83 -70.61
CA THR S 295 17.12 -37.85 -71.44
C THR S 295 17.43 -37.70 -72.92
N GLY S 296 18.23 -36.71 -73.31
CA GLY S 296 18.58 -36.54 -74.70
C GLY S 296 17.48 -36.01 -75.58
N GLY S 297 16.46 -35.39 -75.00
CA GLY S 297 15.38 -34.80 -75.74
C GLY S 297 15.35 -33.29 -75.63
N THR S 298 14.29 -32.71 -76.19
CA THR S 298 14.07 -31.27 -76.15
C THR S 298 12.70 -31.01 -75.55
N VAL S 299 12.60 -29.94 -74.75
CA VAL S 299 11.31 -29.54 -74.20
C VAL S 299 10.49 -28.92 -75.32
N ILE S 300 9.24 -29.37 -75.46
CA ILE S 300 8.37 -28.83 -76.49
C ILE S 300 7.65 -27.61 -75.92
N SER S 301 7.82 -26.46 -76.58
CA SER S 301 7.26 -25.22 -76.08
C SER S 301 7.17 -24.23 -77.24
N GLU S 302 6.05 -23.51 -77.29
CA GLU S 302 5.91 -22.45 -78.29
C GLU S 302 6.84 -21.29 -78.03
N GLU S 303 7.40 -21.18 -76.81
CA GLU S 303 8.35 -20.13 -76.51
C GLU S 303 9.71 -20.37 -77.15
N VAL S 304 9.97 -21.59 -77.63
CA VAL S 304 11.21 -21.92 -78.30
C VAL S 304 11.00 -22.20 -79.78
N GLY S 305 9.76 -22.23 -80.25
CA GLY S 305 9.44 -22.50 -81.64
C GLY S 305 8.93 -23.90 -81.90
N LEU S 306 9.00 -24.79 -80.92
CA LEU S 306 8.50 -26.16 -81.10
C LEU S 306 7.01 -26.21 -80.77
N SER S 307 6.33 -27.17 -81.40
CA SER S 307 4.90 -27.35 -81.20
C SER S 307 4.61 -28.82 -80.91
N LEU S 308 3.56 -29.05 -80.12
CA LEU S 308 3.18 -30.43 -79.79
C LEU S 308 2.74 -31.20 -81.02
N GLU S 309 2.00 -30.54 -81.92
CA GLU S 309 1.55 -31.22 -83.14
C GLU S 309 2.70 -31.57 -84.05
N LYS S 310 3.78 -30.79 -84.03
CA LYS S 310 4.94 -31.05 -84.88
C LYS S 310 6.06 -31.77 -84.13
N ALA S 311 5.81 -32.22 -82.92
CA ALA S 311 6.82 -32.95 -82.16
C ALA S 311 7.10 -34.29 -82.81
N THR S 312 8.38 -34.65 -82.86
CA THR S 312 8.84 -35.89 -83.48
C THR S 312 9.52 -36.77 -82.43
N LEU S 313 9.89 -37.98 -82.86
CA LEU S 313 10.57 -38.90 -81.96
C LEU S 313 11.93 -38.38 -81.54
N GLU S 314 12.63 -37.71 -82.47
CA GLU S 314 13.95 -37.15 -82.14
C GLU S 314 13.85 -36.09 -81.06
N ASP S 315 12.77 -35.32 -81.04
CA ASP S 315 12.58 -34.33 -79.99
C ASP S 315 12.27 -34.95 -78.64
N LEU S 316 11.74 -36.17 -78.63
CA LEU S 316 11.40 -36.82 -77.37
C LEU S 316 12.66 -37.33 -76.68
N GLY S 317 12.68 -37.24 -75.34
CA GLY S 317 13.74 -37.85 -74.59
C GLY S 317 13.57 -39.35 -74.47
N GLN S 318 14.67 -40.01 -74.09
CA GLN S 318 14.68 -41.45 -73.95
C GLN S 318 15.37 -41.84 -72.65
N ALA S 319 15.02 -43.03 -72.16
CA ALA S 319 15.66 -43.65 -71.02
C ALA S 319 15.55 -45.15 -71.16
N LYS S 320 16.43 -45.88 -70.48
CA LYS S 320 16.30 -47.33 -70.44
C LYS S 320 15.16 -47.79 -69.54
N ARG S 321 14.92 -47.10 -68.42
CA ARG S 321 13.80 -47.49 -67.59
C ARG S 321 13.35 -46.34 -66.71
N VAL S 322 12.03 -46.24 -66.52
CA VAL S 322 11.43 -45.29 -65.59
C VAL S 322 10.28 -46.00 -64.88
N GLU S 323 10.14 -45.71 -63.58
CA GLU S 323 9.05 -46.25 -62.77
C GLU S 323 8.31 -45.11 -62.12
N VAL S 324 6.98 -45.15 -62.17
CA VAL S 324 6.13 -44.09 -61.65
C VAL S 324 5.33 -44.65 -60.49
N ALA S 325 5.61 -44.17 -59.29
CA ALA S 325 4.91 -44.60 -58.10
C ALA S 325 3.71 -43.68 -57.85
N LYS S 326 3.10 -43.80 -56.67
CA LYS S 326 1.95 -42.97 -56.35
C LYS S 326 2.34 -41.51 -56.22
N GLU S 327 3.55 -41.22 -55.72
CA GLU S 327 3.97 -39.86 -55.46
C GLU S 327 5.31 -39.48 -56.06
N HIS S 328 5.95 -40.36 -56.83
CA HIS S 328 7.25 -40.04 -57.40
C HIS S 328 7.53 -40.94 -58.59
N THR S 329 8.37 -40.45 -59.49
CA THR S 329 8.94 -41.25 -60.56
C THR S 329 10.46 -41.11 -60.54
N THR S 330 11.15 -42.18 -60.89
CA THR S 330 12.59 -42.19 -60.98
C THR S 330 13.00 -42.55 -62.39
N ILE S 331 13.69 -41.64 -63.07
CA ILE S 331 14.34 -41.94 -64.34
C ILE S 331 15.66 -42.61 -64.01
N ILE S 332 15.75 -43.92 -64.27
CA ILE S 332 16.91 -44.68 -63.85
C ILE S 332 18.18 -44.15 -64.50
N ASP S 333 18.11 -43.90 -65.81
CA ASP S 333 19.28 -43.40 -66.53
C ASP S 333 18.82 -42.66 -67.78
N GLY S 334 19.18 -41.39 -67.88
CA GLY S 334 18.87 -40.64 -69.08
C GLY S 334 19.71 -41.09 -70.26
N ALA S 335 19.18 -40.87 -71.46
CA ALA S 335 19.84 -41.27 -72.70
C ALA S 335 20.66 -40.13 -73.31
N GLY S 336 20.76 -39.00 -72.64
CA GLY S 336 21.51 -37.89 -73.18
C GLY S 336 23.01 -38.16 -73.19
N ASP S 337 23.70 -37.48 -74.10
CA ASP S 337 25.15 -37.61 -74.18
C ASP S 337 25.78 -37.00 -72.94
N PRO S 338 26.66 -37.73 -72.24
CA PRO S 338 27.21 -37.23 -70.97
C PRO S 338 27.98 -35.93 -71.10
N ALA S 339 28.50 -35.60 -72.28
CA ALA S 339 29.21 -34.34 -72.44
C ALA S 339 28.30 -33.15 -72.20
N LYS S 340 27.07 -33.21 -72.73
CA LYS S 340 26.10 -32.15 -72.46
C LYS S 340 25.65 -32.14 -71.01
N ILE S 341 25.55 -33.32 -70.38
CA ILE S 341 25.18 -33.39 -68.98
C ILE S 341 26.22 -32.72 -68.12
N GLN S 342 27.51 -32.99 -68.39
CA GLN S 342 28.58 -32.34 -67.64
C GLN S 342 28.57 -30.83 -67.87
N ALA S 343 28.31 -30.40 -69.11
CA ALA S 343 28.23 -28.98 -69.39
C ALA S 343 27.08 -28.34 -68.63
N ARG S 344 25.92 -29.01 -68.57
CA ARG S 344 24.80 -28.50 -67.79
C ARG S 344 25.16 -28.45 -66.30
N VAL S 345 25.85 -29.47 -65.80
CA VAL S 345 26.28 -29.47 -64.41
C VAL S 345 27.24 -28.32 -64.15
N LYS S 346 28.15 -28.07 -65.08
CA LYS S 346 29.10 -26.97 -64.92
C LYS S 346 28.38 -25.62 -64.85
N GLU S 347 27.35 -25.44 -65.69
CA GLU S 347 26.61 -24.19 -65.68
C GLU S 347 25.91 -23.96 -64.34
N ILE S 348 25.29 -25.01 -63.80
CA ILE S 348 24.57 -24.86 -62.53
C ILE S 348 25.54 -24.58 -61.39
N ARG S 349 26.66 -25.29 -61.35
CA ARG S 349 27.64 -25.06 -60.28
C ARG S 349 28.26 -23.68 -60.38
N VAL S 350 28.37 -23.13 -61.60
CA VAL S 350 28.79 -21.74 -61.75
C VAL S 350 27.74 -20.82 -61.15
N GLN S 351 26.46 -21.11 -61.41
CA GLN S 351 25.38 -20.33 -60.83
C GLN S 351 25.34 -20.47 -59.31
N ILE S 352 25.76 -21.63 -58.79
CA ILE S 352 25.75 -21.84 -57.34
C ILE S 352 26.65 -20.83 -56.64
N GLU S 353 27.83 -20.56 -57.22
CA GLU S 353 28.74 -19.59 -56.64
C GLU S 353 28.17 -18.18 -56.61
N GLU S 354 27.15 -17.92 -57.43
CA GLU S 354 26.52 -16.60 -57.48
C GLU S 354 25.23 -16.53 -56.67
N ALA S 355 24.63 -17.67 -56.35
CA ALA S 355 23.36 -17.68 -55.62
C ALA S 355 23.50 -17.04 -54.25
N THR S 356 22.44 -16.35 -53.83
CA THR S 356 22.45 -15.58 -52.60
C THR S 356 21.46 -16.09 -51.56
N SER S 357 20.24 -16.41 -51.97
CA SER S 357 19.21 -16.83 -51.03
C SER S 357 19.61 -18.13 -50.33
N ASP S 358 19.14 -18.29 -49.09
CA ASP S 358 19.53 -19.44 -48.29
C ASP S 358 19.06 -20.74 -48.93
N TYR S 359 17.83 -20.76 -49.46
CA TYR S 359 17.30 -21.95 -50.10
C TYR S 359 17.75 -22.09 -51.54
N ASP S 360 18.52 -21.13 -52.07
CA ASP S 360 18.84 -21.16 -53.48
C ASP S 360 19.82 -22.26 -53.83
N ARG S 361 20.92 -22.39 -53.08
CA ARG S 361 21.89 -23.43 -53.42
C ARG S 361 21.36 -24.81 -53.06
N GLU S 362 20.61 -24.92 -51.96
CA GLU S 362 20.03 -26.21 -51.60
C GLU S 362 19.03 -26.68 -52.65
N LYS S 363 18.38 -25.75 -53.34
CA LYS S 363 17.54 -26.09 -54.48
C LYS S 363 18.32 -26.20 -55.77
N LEU S 364 19.56 -25.73 -55.80
CA LEU S 364 20.42 -25.92 -56.97
C LEU S 364 21.28 -27.18 -56.84
N GLN S 365 21.76 -27.47 -55.63
CA GLN S 365 22.57 -28.67 -55.43
C GLN S 365 21.78 -29.94 -55.69
N GLU S 366 20.49 -29.94 -55.35
CA GLU S 366 19.65 -31.10 -55.63
C GLU S 366 19.54 -31.33 -57.14
N ARG S 367 19.47 -30.24 -57.92
CA ARG S 367 19.47 -30.39 -59.37
C ARG S 367 20.77 -31.01 -59.86
N VAL S 368 21.91 -30.56 -59.32
CA VAL S 368 23.19 -31.16 -59.67
C VAL S 368 23.23 -32.61 -59.20
N ALA S 369 22.69 -32.89 -58.02
CA ALA S 369 22.64 -34.26 -57.52
C ALA S 369 21.80 -35.15 -58.42
N LYS S 370 20.66 -34.63 -58.89
CA LYS S 370 19.81 -35.42 -59.79
C LYS S 370 20.48 -35.64 -61.14
N LEU S 371 21.42 -34.77 -61.52
CA LEU S 371 22.05 -34.88 -62.84
C LEU S 371 23.30 -35.76 -62.79
N ALA S 372 24.23 -35.45 -61.89
CA ALA S 372 25.53 -36.11 -61.86
C ALA S 372 25.86 -36.58 -60.45
N GLY S 373 24.90 -37.25 -59.82
CA GLY S 373 25.14 -37.79 -58.49
C GLY S 373 23.95 -38.56 -57.94
N GLY S 374 23.64 -38.35 -56.67
CA GLY S 374 22.51 -39.00 -56.04
C GLY S 374 22.05 -38.21 -54.85
N VAL S 375 20.91 -38.63 -54.31
CA VAL S 375 20.33 -38.01 -53.13
C VAL S 375 20.20 -39.09 -52.07
N ALA S 376 20.86 -38.88 -50.93
CA ALA S 376 20.78 -39.80 -49.81
C ALA S 376 19.93 -39.19 -48.70
N VAL S 377 19.09 -40.02 -48.10
CA VAL S 377 18.24 -39.60 -46.98
C VAL S 377 18.60 -40.46 -45.78
N ILE S 378 19.06 -39.81 -44.72
CA ILE S 378 19.37 -40.49 -43.46
C ILE S 378 18.16 -40.33 -42.56
N LYS S 379 17.43 -41.42 -42.35
CA LYS S 379 16.25 -41.41 -41.48
C LYS S 379 16.70 -41.77 -40.07
N VAL S 380 16.61 -40.81 -39.16
CA VAL S 380 17.08 -41.00 -37.79
C VAL S 380 16.05 -41.82 -37.03
N GLY S 381 16.52 -42.87 -36.36
CA GLY S 381 15.66 -43.73 -35.56
C GLY S 381 15.75 -43.36 -34.09
N ALA S 382 14.59 -43.14 -33.48
CA ALA S 382 14.52 -42.83 -32.06
C ALA S 382 13.16 -43.25 -31.55
N ALA S 383 13.12 -43.65 -30.28
CA ALA S 383 11.87 -44.09 -29.68
C ALA S 383 10.93 -42.94 -29.33
N THR S 384 11.45 -41.71 -29.31
CA THR S 384 10.66 -40.57 -28.88
C THR S 384 11.17 -39.33 -29.61
N GLU S 385 10.25 -38.43 -29.96
CA GLU S 385 10.63 -37.28 -30.76
C GLU S 385 11.52 -36.29 -30.02
N VAL S 386 11.49 -36.27 -28.67
CA VAL S 386 12.46 -35.45 -27.95
C VAL S 386 13.86 -36.03 -28.13
N GLU S 387 13.98 -37.35 -28.16
CA GLU S 387 15.25 -37.99 -28.50
C GLU S 387 15.54 -37.86 -29.99
N MET S 388 14.50 -37.90 -30.82
CA MET S 388 14.70 -37.76 -32.27
C MET S 388 15.27 -36.39 -32.61
N LYS S 389 14.76 -35.33 -31.97
CA LYS S 389 15.28 -34.00 -32.22
C LYS S 389 16.74 -33.88 -31.77
N GLU S 390 17.07 -34.50 -30.64
CA GLU S 390 18.46 -34.49 -30.18
C GLU S 390 19.36 -35.24 -31.15
N LYS S 391 18.91 -36.39 -31.64
CA LYS S 391 19.73 -37.18 -32.55
C LYS S 391 19.89 -36.49 -33.90
N LYS S 392 18.82 -35.86 -34.40
CA LYS S 392 18.91 -35.18 -35.68
C LYS S 392 19.91 -34.04 -35.64
N ALA S 393 19.95 -33.30 -34.54
CA ALA S 393 20.94 -32.24 -34.40
C ALA S 393 22.35 -32.81 -34.41
N ARG S 394 22.55 -33.96 -33.77
CA ARG S 394 23.86 -34.60 -33.80
C ARG S 394 24.19 -35.11 -35.19
N VAL S 395 23.21 -35.68 -35.90
CA VAL S 395 23.45 -36.13 -37.27
C VAL S 395 23.73 -34.95 -38.19
N GLU S 396 22.97 -33.86 -38.02
CA GLU S 396 23.22 -32.66 -38.83
C GLU S 396 24.59 -32.08 -38.55
N ASP S 397 25.01 -32.07 -37.29
CA ASP S 397 26.35 -31.60 -36.96
C ASP S 397 27.41 -32.49 -37.59
N ALA S 398 27.20 -33.81 -37.56
CA ALA S 398 28.16 -34.72 -38.16
C ALA S 398 28.20 -34.57 -39.67
N LEU S 399 27.06 -34.29 -40.28
CA LEU S 399 27.03 -34.03 -41.72
C LEU S 399 27.79 -32.75 -42.07
N HIS S 400 27.59 -31.70 -41.26
CA HIS S 400 28.29 -30.44 -41.52
C HIS S 400 29.79 -30.59 -41.35
N ALA S 401 30.21 -31.30 -40.30
CA ALA S 401 31.64 -31.47 -40.04
C ALA S 401 32.31 -32.31 -41.12
N THR S 402 31.65 -33.38 -41.55
CA THR S 402 32.22 -34.22 -42.59
C THR S 402 32.31 -33.48 -43.92
N ARG S 403 31.33 -32.62 -44.20
CA ARG S 403 31.42 -31.76 -45.39
C ARG S 403 32.58 -30.79 -45.26
N ALA S 404 32.78 -30.23 -44.06
CA ALA S 404 33.91 -29.32 -43.85
C ALA S 404 35.23 -30.05 -43.91
N ALA S 405 35.23 -31.34 -43.55
CA ALA S 405 36.47 -32.12 -43.60
C ALA S 405 36.95 -32.34 -45.02
N VAL S 406 36.03 -32.64 -45.94
CA VAL S 406 36.43 -32.86 -47.33
C VAL S 406 36.77 -31.55 -48.02
N GLU S 407 36.35 -30.42 -47.46
CA GLU S 407 36.62 -29.14 -48.10
C GLU S 407 38.02 -28.63 -47.80
N GLU S 408 38.38 -28.54 -46.51
CA GLU S 408 39.63 -27.94 -46.10
C GLU S 408 40.58 -28.89 -45.41
N GLY S 409 40.14 -30.05 -44.97
CA GLY S 409 41.00 -31.03 -44.35
C GLY S 409 40.64 -31.26 -42.89
N ILE S 410 41.53 -32.00 -42.22
CA ILE S 410 41.31 -32.40 -40.84
C ILE S 410 42.52 -32.00 -40.00
N VAL S 411 42.27 -31.74 -38.72
CA VAL S 411 43.30 -31.44 -37.74
C VAL S 411 43.05 -32.26 -36.50
N PRO S 412 44.08 -32.48 -35.68
CA PRO S 412 43.86 -33.19 -34.41
C PRO S 412 42.85 -32.45 -33.55
N GLY S 413 41.96 -33.22 -32.91
CA GLY S 413 40.88 -32.67 -32.14
C GLY S 413 41.25 -32.46 -30.68
N GLY S 414 40.24 -32.14 -29.88
CA GLY S 414 40.46 -31.89 -28.48
C GLY S 414 41.17 -30.60 -28.16
N GLY S 415 41.12 -29.62 -29.07
CA GLY S 415 41.84 -28.38 -28.87
C GLY S 415 43.32 -28.45 -29.15
N VAL S 416 43.82 -29.60 -29.61
CA VAL S 416 45.25 -29.74 -29.87
C VAL S 416 45.66 -28.89 -31.07
N ALA S 417 44.78 -28.79 -32.08
CA ALA S 417 45.13 -28.07 -33.29
C ALA S 417 45.44 -26.61 -32.99
N LEU S 418 44.64 -25.97 -32.14
CA LEU S 418 44.91 -24.58 -31.78
C LEU S 418 46.22 -24.45 -31.02
N LEU S 419 46.51 -25.41 -30.14
CA LEU S 419 47.77 -25.38 -29.41
C LEU S 419 48.96 -25.59 -30.33
N ARG S 420 48.87 -26.55 -31.25
CA ARG S 420 49.96 -26.77 -32.19
C ARG S 420 50.16 -25.57 -33.10
N ALA S 421 49.06 -24.97 -33.58
CA ALA S 421 49.16 -23.79 -34.41
C ALA S 421 49.76 -22.62 -33.65
N ARG S 422 49.44 -22.50 -32.36
CA ARG S 422 50.00 -21.44 -31.54
C ARG S 422 51.51 -21.57 -31.41
N GLU S 423 51.99 -22.79 -31.16
CA GLU S 423 53.43 -23.00 -31.01
C GLU S 423 54.16 -22.69 -32.30
N ALA S 424 53.60 -23.11 -33.44
CA ALA S 424 54.23 -22.83 -34.73
C ALA S 424 54.23 -21.33 -35.01
N ALA S 425 53.15 -20.64 -34.70
CA ALA S 425 53.08 -19.19 -34.94
C ALA S 425 54.09 -18.45 -34.09
N VAL S 426 54.23 -18.83 -32.82
CA VAL S 426 55.21 -18.19 -31.94
C VAL S 426 56.61 -18.48 -32.44
N ALA S 427 56.88 -19.72 -32.84
CA ALA S 427 58.20 -20.08 -33.34
C ALA S 427 58.55 -19.38 -34.63
N LYS S 428 57.57 -18.86 -35.36
CA LYS S 428 57.79 -18.16 -36.60
C LYS S 428 58.00 -16.67 -36.41
N GLY S 429 58.00 -16.18 -35.18
CA GLY S 429 58.25 -14.77 -34.92
C GLY S 429 57.00 -13.92 -35.00
N LEU S 430 55.99 -14.24 -34.18
CA LEU S 430 54.78 -13.45 -34.13
C LEU S 430 54.96 -12.31 -33.12
N LYS S 431 54.89 -11.08 -33.61
CA LYS S 431 55.13 -9.92 -32.76
C LYS S 431 54.31 -8.75 -33.27
N GLY S 432 54.09 -7.78 -32.38
CA GLY S 432 53.33 -6.59 -32.68
C GLY S 432 54.22 -5.37 -32.84
N ASP S 433 53.57 -4.24 -33.14
CA ASP S 433 54.28 -3.00 -33.37
C ASP S 433 54.57 -2.26 -32.07
N ASN S 434 53.67 -2.32 -31.11
CA ASN S 434 53.80 -1.65 -29.83
C ASN S 434 53.45 -2.64 -28.73
N PRO S 435 53.86 -2.36 -27.48
CA PRO S 435 53.56 -3.30 -26.39
C PRO S 435 52.08 -3.57 -26.20
N ASP S 436 51.21 -2.63 -26.55
CA ASP S 436 49.78 -2.91 -26.49
C ASP S 436 49.38 -3.98 -27.50
N GLN S 437 49.98 -3.94 -28.70
CA GLN S 437 49.72 -5.00 -29.68
C GLN S 437 50.33 -6.32 -29.23
N GLU S 438 51.48 -6.27 -28.55
CA GLU S 438 52.05 -7.48 -27.99
C GLU S 438 51.13 -8.10 -26.95
N ALA S 439 50.49 -7.27 -26.13
CA ALA S 439 49.51 -7.78 -25.18
C ALA S 439 48.32 -8.38 -25.89
N GLY S 440 47.91 -7.78 -27.01
CA GLY S 440 46.84 -8.36 -27.80
C GLY S 440 47.17 -9.73 -28.33
N ILE S 441 48.43 -9.93 -28.73
CA ILE S 441 48.88 -11.25 -29.15
C ILE S 441 48.81 -12.23 -27.99
N LYS S 442 49.27 -11.81 -26.81
CA LYS S 442 49.26 -12.68 -25.65
C LYS S 442 47.84 -13.06 -25.25
N ILE S 443 46.86 -12.24 -25.60
CA ILE S 443 45.47 -12.58 -25.34
C ILE S 443 45.07 -13.81 -26.14
N VAL S 444 45.41 -13.83 -27.43
CA VAL S 444 45.03 -14.94 -28.28
C VAL S 444 45.81 -16.19 -27.91
N LEU S 445 47.08 -16.04 -27.53
CA LEU S 445 47.89 -17.21 -27.17
C LEU S 445 47.31 -17.92 -25.96
N ARG S 446 46.82 -17.16 -24.97
CA ARG S 446 46.18 -17.78 -23.82
C ARG S 446 44.78 -18.28 -24.17
N ALA S 447 44.08 -17.56 -25.04
CA ALA S 447 42.69 -17.91 -25.33
C ALA S 447 42.58 -19.24 -26.06
N VAL S 448 43.51 -19.56 -26.96
CA VAL S 448 43.42 -20.80 -27.73
C VAL S 448 43.60 -22.04 -26.86
N GLU S 449 44.07 -21.89 -25.63
CA GLU S 449 44.10 -23.01 -24.70
C GLU S 449 42.73 -23.33 -24.12
N GLN S 450 41.79 -22.38 -24.19
CA GLN S 450 40.51 -22.56 -23.52
C GLN S 450 39.70 -23.75 -24.03
N PRO S 451 39.58 -24.01 -25.34
CA PRO S 451 38.80 -25.18 -25.76
C PRO S 451 39.28 -26.49 -25.13
N LEU S 452 40.59 -26.68 -25.01
CA LEU S 452 41.09 -27.87 -24.32
C LEU S 452 40.80 -27.80 -22.83
N ARG S 453 40.93 -26.61 -22.24
CA ARG S 453 40.68 -26.47 -20.80
C ARG S 453 39.25 -26.80 -20.44
N GLU S 454 38.30 -26.32 -21.25
CA GLU S 454 36.89 -26.57 -20.96
C GLU S 454 36.48 -28.00 -21.27
N ILE S 455 37.11 -28.62 -22.28
CA ILE S 455 36.87 -30.03 -22.54
C ILE S 455 37.35 -30.86 -21.35
N VAL S 456 38.53 -30.55 -20.84
CA VAL S 456 39.07 -31.28 -19.70
C VAL S 456 38.26 -30.98 -18.44
N ALA S 457 37.85 -29.72 -18.26
CA ALA S 457 37.05 -29.37 -17.08
C ALA S 457 35.72 -30.11 -17.06
N ASN S 458 35.07 -30.22 -18.22
CA ASN S 458 33.84 -31.02 -18.29
C ASN S 458 34.13 -32.50 -18.02
N ALA S 459 35.31 -32.97 -18.41
CA ALA S 459 35.71 -34.35 -18.13
C ALA S 459 36.04 -34.57 -16.66
N GLY S 460 36.14 -33.52 -15.85
CA GLY S 460 36.42 -33.65 -14.44
C GLY S 460 37.88 -33.69 -14.06
N GLU S 461 38.79 -33.50 -15.01
CA GLU S 461 40.22 -33.50 -14.72
C GLU S 461 40.70 -32.06 -14.50
N GLU S 462 42.00 -31.92 -14.27
CA GLU S 462 42.59 -30.61 -14.01
C GLU S 462 43.04 -29.98 -15.32
N PRO S 463 42.41 -28.89 -15.76
CA PRO S 463 42.73 -28.35 -17.09
C PRO S 463 44.18 -27.90 -17.23
N SER S 464 44.77 -27.31 -16.19
CA SER S 464 46.10 -26.75 -16.32
C SER S 464 47.17 -27.84 -16.42
N VAL S 465 46.97 -28.95 -15.71
CA VAL S 465 47.92 -30.06 -15.79
C VAL S 465 47.87 -30.70 -17.16
N ILE S 466 46.65 -30.92 -17.68
CA ILE S 466 46.51 -31.55 -18.99
C ILE S 466 47.07 -30.66 -20.09
N VAL S 467 46.79 -29.35 -20.01
CA VAL S 467 47.27 -28.42 -21.03
C VAL S 467 48.79 -28.40 -21.05
N ALA S 468 49.42 -28.40 -19.88
CA ALA S 468 50.88 -28.42 -19.82
C ALA S 468 51.44 -29.69 -20.42
N LYS S 469 50.81 -30.84 -20.15
CA LYS S 469 51.27 -32.10 -20.73
C LYS S 469 51.13 -32.10 -22.24
N VAL S 470 50.01 -31.58 -22.75
CA VAL S 470 49.80 -31.54 -24.20
C VAL S 470 50.83 -30.64 -24.85
N LEU S 471 51.14 -29.49 -24.23
CA LEU S 471 52.13 -28.59 -24.78
C LEU S 471 53.53 -29.21 -24.79
N GLU S 472 53.83 -30.09 -23.83
CA GLU S 472 55.10 -30.79 -23.84
C GLU S 472 55.19 -31.74 -25.04
N GLY S 473 54.07 -32.28 -25.49
CA GLY S 473 54.08 -33.15 -26.64
C GLY S 473 54.20 -32.38 -27.94
N LYS S 474 54.36 -33.14 -29.02
CA LYS S 474 54.53 -32.57 -30.35
C LYS S 474 53.65 -33.30 -31.34
N GLY S 475 53.31 -32.60 -32.42
CA GLY S 475 52.54 -33.23 -33.48
C GLY S 475 51.10 -33.45 -33.06
N ASN S 476 50.60 -34.65 -33.30
CA ASN S 476 49.22 -35.00 -33.02
C ASN S 476 49.01 -35.49 -31.59
N TYR S 477 50.04 -35.41 -30.75
CA TYR S 477 49.90 -35.82 -29.36
C TYR S 477 48.84 -34.98 -28.67
N GLY S 478 47.94 -35.63 -27.94
CA GLY S 478 46.86 -34.93 -27.30
C GLY S 478 46.25 -35.76 -26.19
N TYR S 479 45.15 -35.25 -25.65
CA TYR S 479 44.46 -35.87 -24.52
C TYR S 479 43.08 -36.31 -24.97
N ASN S 480 42.77 -37.59 -24.76
CA ASN S 480 41.45 -38.13 -25.06
C ASN S 480 40.57 -37.97 -23.83
N ALA S 481 39.65 -37.01 -23.86
CA ALA S 481 38.79 -36.78 -22.72
C ALA S 481 37.80 -37.92 -22.52
N ALA S 482 37.45 -38.64 -23.58
CA ALA S 482 36.53 -39.76 -23.45
C ALA S 482 37.13 -40.88 -22.62
N THR S 483 38.40 -41.20 -22.85
CA THR S 483 39.06 -42.28 -22.13
C THR S 483 40.03 -41.79 -21.07
N GLY S 484 40.28 -40.49 -20.98
CA GLY S 484 41.19 -39.96 -19.99
C GLY S 484 42.62 -40.43 -20.15
N GLU S 485 43.11 -40.50 -21.37
CA GLU S 485 44.47 -40.95 -21.64
C GLU S 485 45.08 -40.08 -22.73
N PHE S 486 46.40 -40.02 -22.75
CA PHE S 486 47.13 -39.28 -23.76
C PHE S 486 47.53 -40.20 -24.91
N GLY S 487 47.73 -39.59 -26.08
CA GLY S 487 48.14 -40.36 -27.23
C GLY S 487 48.05 -39.53 -28.49
N ASP S 488 48.32 -40.21 -29.61
CA ASP S 488 48.23 -39.58 -30.92
C ASP S 488 46.78 -39.36 -31.30
N MET S 489 46.38 -38.09 -31.44
CA MET S 489 44.96 -37.77 -31.61
C MET S 489 44.39 -38.42 -32.87
N ILE S 490 45.20 -38.53 -33.91
CA ILE S 490 44.71 -39.09 -35.17
C ILE S 490 44.45 -40.59 -35.03
N GLU S 491 45.36 -41.31 -34.35
CA GLU S 491 45.21 -42.75 -34.23
C GLU S 491 43.97 -43.13 -33.43
N MET S 492 43.70 -42.41 -32.33
CA MET S 492 42.52 -42.64 -31.53
C MET S 492 41.25 -42.02 -32.13
N GLY S 493 41.35 -41.42 -33.31
CA GLY S 493 40.17 -40.99 -34.04
C GLY S 493 39.59 -39.66 -33.62
N VAL S 494 40.24 -38.92 -32.75
CA VAL S 494 39.74 -37.60 -32.37
C VAL S 494 40.15 -36.60 -33.44
N LEU S 495 39.29 -36.42 -34.43
CA LEU S 495 39.57 -35.60 -35.60
C LEU S 495 38.62 -34.40 -35.63
N ASP S 496 39.15 -33.27 -36.06
CA ASP S 496 38.35 -32.06 -36.22
C ASP S 496 38.56 -31.48 -37.60
N PRO S 497 37.51 -30.94 -38.21
CA PRO S 497 37.68 -30.24 -39.48
C PRO S 497 38.43 -28.94 -39.27
N THR S 498 39.47 -28.72 -40.06
CA THR S 498 40.26 -27.50 -39.92
C THR S 498 39.44 -26.26 -40.27
N LYS S 499 38.43 -26.41 -41.12
CA LYS S 499 37.53 -25.29 -41.42
C LYS S 499 36.74 -24.89 -40.18
N VAL S 500 36.28 -25.88 -39.41
CA VAL S 500 35.53 -25.60 -38.19
C VAL S 500 36.43 -24.90 -37.17
N THR S 501 37.65 -25.40 -37.01
CA THR S 501 38.58 -24.79 -36.06
C THR S 501 38.95 -23.38 -36.49
N ARG S 502 39.22 -23.18 -37.79
CA ARG S 502 39.58 -21.86 -38.28
C ARG S 502 38.41 -20.89 -38.16
N SER S 503 37.20 -21.35 -38.52
CA SER S 503 36.04 -20.47 -38.45
C SER S 503 35.73 -20.06 -37.02
N ALA S 504 35.86 -21.00 -36.07
CA ALA S 504 35.57 -20.69 -34.68
C ALA S 504 36.51 -19.62 -34.15
N LEU S 505 37.80 -19.73 -34.48
CA LEU S 505 38.78 -18.76 -33.99
C LEU S 505 38.56 -17.38 -34.62
N GLN S 506 38.34 -17.34 -35.93
CA GLN S 506 38.19 -16.06 -36.61
C GLN S 506 36.92 -15.34 -36.17
N ASN S 507 35.82 -16.06 -36.02
CA ASN S 507 34.57 -15.44 -35.58
C ASN S 507 34.68 -14.95 -34.14
N ALA S 508 35.30 -15.75 -33.28
CA ALA S 508 35.45 -15.36 -31.88
C ALA S 508 36.33 -14.12 -31.75
N ALA S 509 37.42 -14.07 -32.52
CA ALA S 509 38.34 -12.95 -32.42
C ALA S 509 37.70 -11.65 -32.88
N SER S 510 36.92 -11.70 -33.96
CA SER S 510 36.34 -10.47 -34.50
C SER S 510 35.36 -9.84 -33.51
N VAL S 511 34.52 -10.64 -32.86
CA VAL S 511 33.54 -10.10 -31.94
C VAL S 511 34.19 -9.73 -30.62
N ALA S 512 34.99 -10.64 -30.06
CA ALA S 512 35.60 -10.37 -28.75
C ALA S 512 36.60 -9.23 -28.83
N GLY S 513 37.26 -9.04 -29.97
CA GLY S 513 38.13 -7.90 -30.12
C GLY S 513 37.39 -6.58 -30.05
N LEU S 514 36.18 -6.54 -30.62
CA LEU S 514 35.37 -5.32 -30.56
C LEU S 514 34.88 -5.04 -29.15
N MET S 515 34.54 -6.09 -28.40
CA MET S 515 34.04 -5.90 -27.05
C MET S 515 35.11 -5.32 -26.13
N LEU S 516 36.38 -5.59 -26.42
CA LEU S 516 37.45 -5.00 -25.62
C LEU S 516 37.51 -3.49 -25.80
N THR S 517 37.16 -2.99 -26.98
CA THR S 517 37.21 -1.57 -27.29
C THR S 517 36.00 -0.80 -26.81
N THR S 518 35.19 -1.40 -25.93
CA THR S 518 33.98 -0.76 -25.44
C THR S 518 34.31 0.17 -24.27
N GLU S 519 33.87 1.41 -24.37
CA GLU S 519 34.01 2.38 -23.30
C GLU S 519 32.68 2.94 -22.82
N CYS S 520 31.72 3.07 -23.72
CA CYS S 520 30.39 3.57 -23.38
C CYS S 520 29.36 2.59 -23.92
N MET S 521 28.27 2.41 -23.17
CA MET S 521 27.22 1.47 -23.55
C MET S 521 25.88 2.15 -23.36
N ILE S 522 25.05 2.12 -24.40
CA ILE S 522 23.76 2.81 -24.42
C ILE S 522 22.68 1.76 -24.62
N ALA S 523 21.71 1.73 -23.70
CA ALA S 523 20.60 0.80 -23.77
C ALA S 523 19.33 1.51 -23.32
N GLU S 524 18.20 0.87 -23.56
CA GLU S 524 16.92 1.43 -23.13
C GLU S 524 16.84 1.45 -21.62
N ALA S 525 16.33 2.56 -21.09
CA ALA S 525 16.19 2.68 -19.65
C ALA S 525 15.09 1.75 -19.15
N PRO S 526 15.25 1.17 -17.96
CA PRO S 526 14.19 0.33 -17.40
C PRO S 526 12.95 1.14 -17.07
N LYS S 527 11.81 0.44 -17.02
CA LYS S 527 10.53 1.08 -16.72
C LYS S 527 10.39 1.33 -15.21
N ASP S 528 11.34 2.09 -14.69
CA ASP S 528 11.38 2.46 -13.27
C ASP S 528 11.37 1.24 -12.36
N LYS T 1 -39.86 -43.94 -94.10
CA LYS T 1 -40.82 -43.46 -93.13
C LYS T 1 -40.89 -41.93 -93.13
N LEU T 2 -39.74 -41.29 -93.19
CA LEU T 2 -39.66 -39.83 -93.20
C LEU T 2 -39.54 -39.33 -94.64
N ARG T 3 -40.39 -38.39 -95.01
CA ARG T 3 -40.38 -37.81 -96.35
C ARG T 3 -40.14 -36.31 -96.26
N PRO T 4 -38.98 -35.82 -96.71
CA PRO T 4 -38.71 -34.38 -96.62
C PRO T 4 -39.53 -33.60 -97.65
N LEU T 5 -39.55 -32.28 -97.47
CA LEU T 5 -40.33 -31.39 -98.29
C LEU T 5 -39.44 -30.36 -98.97
N HIS T 6 -39.68 -30.14 -100.26
CA HIS T 6 -39.03 -29.10 -101.06
C HIS T 6 -37.54 -29.36 -101.08
N ASP T 7 -36.70 -28.48 -100.54
CA ASP T 7 -35.25 -28.60 -100.63
C ASP T 7 -34.64 -29.32 -99.42
N ARG T 8 -35.42 -30.13 -98.73
CA ARG T 8 -34.97 -30.74 -97.49
C ARG T 8 -34.27 -32.06 -97.74
N VAL T 9 -33.19 -32.28 -97.00
CA VAL T 9 -32.46 -33.54 -97.05
C VAL T 9 -32.33 -34.06 -95.62
N VAL T 10 -32.60 -35.34 -95.44
CA VAL T 10 -32.46 -36.00 -94.15
C VAL T 10 -31.18 -36.83 -94.18
N VAL T 11 -30.30 -36.59 -93.21
CA VAL T 11 -29.02 -37.26 -93.13
C VAL T 11 -28.86 -37.90 -91.77
N LYS T 12 -28.27 -39.10 -91.74
CA LYS T 12 -27.87 -39.74 -90.50
C LYS T 12 -26.39 -39.40 -90.26
N ARG T 13 -26.14 -38.56 -89.26
CA ARG T 13 -24.78 -38.13 -88.97
C ARG T 13 -23.93 -39.32 -88.53
N ILE T 14 -22.91 -39.66 -89.32
CA ILE T 14 -22.10 -40.83 -89.02
C ILE T 14 -21.38 -40.63 -87.70
N GLU T 15 -21.15 -41.74 -87.00
CA GLU T 15 -20.53 -41.69 -85.68
C GLU T 15 -19.07 -41.25 -85.78
N ALA T 16 -18.51 -40.86 -84.64
CA ALA T 16 -17.13 -40.44 -84.58
C ALA T 16 -16.20 -41.62 -84.82
N GLU T 17 -15.06 -41.33 -85.45
CA GLU T 17 -14.07 -42.37 -85.72
C GLU T 17 -13.52 -42.94 -84.42
N ARG T 18 -13.21 -44.24 -84.45
CA ARG T 18 -12.82 -44.99 -83.25
C ARG T 18 -11.38 -45.47 -83.26
N LYS T 19 -10.96 -46.21 -84.29
CA LYS T 19 -9.58 -46.67 -84.42
C LYS T 19 -8.84 -45.86 -85.47
N THR T 20 -7.64 -45.43 -85.12
CA THR T 20 -6.81 -44.59 -85.98
C THR T 20 -5.96 -45.46 -86.91
N ALA T 21 -5.11 -44.81 -87.70
CA ALA T 21 -4.19 -45.53 -88.57
C ALA T 21 -3.22 -46.39 -87.77
N SER T 22 -2.72 -45.85 -86.66
CA SER T 22 -1.83 -46.59 -85.77
C SER T 22 -2.58 -47.45 -84.78
N GLY T 23 -3.91 -47.33 -84.70
CA GLY T 23 -4.72 -48.16 -83.84
C GLY T 23 -5.09 -47.56 -82.50
N ILE T 24 -4.72 -46.31 -82.24
CA ILE T 24 -5.03 -45.70 -80.95
C ILE T 24 -6.53 -45.55 -80.80
N VAL T 25 -7.05 -45.95 -79.64
CA VAL T 25 -8.48 -45.85 -79.37
C VAL T 25 -8.77 -44.51 -78.74
N ILE T 26 -9.73 -43.77 -79.30
CA ILE T 26 -10.14 -42.47 -78.79
C ILE T 26 -11.46 -42.64 -78.07
N PRO T 27 -11.62 -42.11 -76.87
CA PRO T 27 -12.93 -42.16 -76.20
C PRO T 27 -13.96 -41.33 -76.95
N ASP T 28 -15.23 -41.68 -76.72
CA ASP T 28 -16.32 -41.01 -77.42
C ASP T 28 -16.35 -39.51 -77.11
N THR T 29 -16.12 -39.15 -75.85
CA THR T 29 -16.14 -37.75 -75.48
C THR T 29 -15.04 -36.97 -76.19
N ALA T 30 -13.84 -37.54 -76.26
CA ALA T 30 -12.73 -36.85 -76.92
C ALA T 30 -12.90 -36.82 -78.43
N GLY T 31 -13.50 -37.87 -79.01
CA GLY T 31 -13.67 -37.92 -80.45
C GLY T 31 -14.59 -36.82 -80.93
N GLU T 32 -14.07 -35.91 -81.74
CA GLU T 32 -14.89 -34.82 -82.27
C GLU T 32 -15.94 -35.37 -83.22
N LYS T 33 -17.12 -34.78 -83.19
CA LYS T 33 -18.24 -35.25 -84.00
C LYS T 33 -18.02 -34.82 -85.45
N PRO T 34 -17.89 -35.75 -86.39
CA PRO T 34 -17.71 -35.35 -87.79
C PRO T 34 -18.95 -34.67 -88.35
N ASP T 35 -18.71 -33.79 -89.32
CA ASP T 35 -19.78 -33.05 -89.99
C ASP T 35 -20.29 -33.76 -91.23
N GLN T 36 -20.11 -35.07 -91.32
CA GLN T 36 -20.52 -35.86 -92.48
C GLN T 36 -21.63 -36.82 -92.09
N GLY T 37 -22.22 -37.43 -93.12
CA GLY T 37 -23.28 -38.39 -92.90
C GLY T 37 -23.84 -38.85 -94.23
N GLU T 38 -24.56 -39.97 -94.17
CA GLU T 38 -25.19 -40.53 -95.36
C GLU T 38 -26.64 -40.07 -95.46
N VAL T 39 -27.16 -40.07 -96.68
CA VAL T 39 -28.51 -39.60 -96.96
C VAL T 39 -29.43 -40.79 -97.10
N LEU T 40 -30.58 -40.75 -96.44
CA LEU T 40 -31.61 -41.77 -96.60
C LEU T 40 -32.90 -41.25 -97.19
N ALA T 41 -33.11 -39.93 -97.21
CA ALA T 41 -34.30 -39.34 -97.80
C ALA T 41 -33.93 -37.99 -98.41
N VAL T 42 -34.45 -37.72 -99.61
CA VAL T 42 -34.17 -36.49 -100.32
C VAL T 42 -35.48 -35.87 -100.76
N GLY T 43 -35.52 -34.54 -100.82
CA GLY T 43 -36.71 -33.84 -101.25
C GLY T 43 -36.84 -33.77 -102.76
N ASP T 44 -38.02 -33.37 -103.20
CA ASP T 44 -38.26 -33.22 -104.64
C ASP T 44 -37.47 -32.06 -105.23
N GLY T 45 -37.38 -30.96 -104.51
CA GLY T 45 -36.65 -29.80 -104.95
C GLY T 45 -37.35 -28.51 -104.56
N LYS T 46 -36.55 -27.45 -104.40
CA LYS T 46 -37.09 -26.16 -104.01
C LYS T 46 -37.90 -25.56 -105.15
N ILE T 47 -39.11 -25.09 -104.82
CA ILE T 47 -39.94 -24.39 -105.80
C ILE T 47 -39.34 -23.02 -106.05
N LEU T 48 -38.69 -22.85 -107.19
CA LEU T 48 -38.17 -21.54 -107.55
C LEU T 48 -39.30 -20.66 -108.10
N ASP T 49 -38.99 -19.37 -108.23
CA ASP T 49 -40.03 -18.37 -108.41
C ASP T 49 -40.83 -18.56 -109.69
N ASP T 50 -40.22 -19.12 -110.73
CA ASP T 50 -40.87 -19.30 -112.02
C ASP T 50 -41.43 -20.71 -112.19
N GLY T 51 -41.93 -21.31 -111.12
CA GLY T 51 -42.55 -22.62 -111.20
C GLY T 51 -41.53 -23.74 -111.34
N SER T 52 -42.06 -24.95 -111.52
CA SER T 52 -41.26 -26.16 -111.67
C SER T 52 -40.40 -26.43 -110.44
N LYS T 53 -39.43 -27.33 -110.57
CA LYS T 53 -38.61 -27.78 -109.45
C LYS T 53 -37.13 -27.59 -109.77
N ARG T 54 -36.36 -27.31 -108.73
CA ARG T 54 -34.92 -27.24 -108.88
C ARG T 54 -34.33 -28.65 -108.83
N PRO T 55 -33.54 -29.06 -109.83
CA PRO T 55 -32.92 -30.39 -109.77
C PRO T 55 -32.03 -30.53 -108.55
N MET T 56 -32.01 -31.72 -107.97
CA MET T 56 -31.28 -31.99 -106.74
C MET T 56 -29.89 -32.54 -107.04
N ALA T 57 -28.89 -31.97 -106.37
CA ALA T 57 -27.51 -32.44 -106.52
C ALA T 57 -27.17 -33.58 -105.57
N VAL T 58 -28.08 -33.97 -104.69
CA VAL T 58 -27.87 -35.04 -103.73
C VAL T 58 -28.87 -36.16 -104.01
N LYS T 59 -28.37 -37.38 -104.16
CA LYS T 59 -29.21 -38.55 -104.38
C LYS T 59 -29.12 -39.47 -103.16
N VAL T 60 -30.19 -40.23 -102.94
CA VAL T 60 -30.28 -41.06 -101.75
C VAL T 60 -29.23 -42.16 -101.80
N GLY T 61 -28.34 -42.17 -100.80
CA GLY T 61 -27.34 -43.21 -100.66
C GLY T 61 -25.91 -42.72 -100.56
N ASP T 62 -25.60 -41.53 -101.05
CA ASP T 62 -24.22 -41.08 -101.04
C ASP T 62 -23.85 -40.44 -99.70
N LYS T 63 -22.58 -40.12 -99.56
CA LYS T 63 -22.06 -39.47 -98.37
C LYS T 63 -21.94 -37.97 -98.62
N VAL T 64 -22.53 -37.17 -97.73
CA VAL T 64 -22.59 -35.73 -97.91
C VAL T 64 -21.89 -35.05 -96.73
N LEU T 65 -21.42 -33.84 -96.98
CA LEU T 65 -20.73 -33.03 -95.98
C LEU T 65 -21.55 -31.78 -95.71
N PHE T 66 -21.91 -31.56 -94.45
CA PHE T 66 -22.80 -30.47 -94.06
C PHE T 66 -22.19 -29.67 -92.92
N GLY T 67 -22.63 -28.42 -92.81
CA GLY T 67 -22.13 -27.56 -91.76
C GLY T 67 -22.67 -27.94 -90.40
N LYS T 68 -21.95 -27.52 -89.36
CA LYS T 68 -22.34 -27.85 -87.99
C LYS T 68 -23.50 -26.98 -87.53
N TYR T 69 -23.52 -25.71 -87.93
CA TYR T 69 -24.60 -24.81 -87.53
C TYR T 69 -25.96 -25.26 -88.04
N ALA T 70 -26.00 -25.99 -89.14
CA ALA T 70 -27.26 -26.34 -89.79
C ALA T 70 -27.78 -27.69 -89.28
N GLY T 71 -29.05 -27.94 -89.56
CA GLY T 71 -29.68 -29.21 -89.24
C GLY T 71 -30.43 -29.16 -87.92
N GLN T 72 -31.45 -30.01 -87.82
CA GLN T 72 -32.22 -30.20 -86.60
C GLN T 72 -32.46 -31.69 -86.42
N THR T 73 -32.24 -32.17 -85.20
CA THR T 73 -32.33 -33.59 -84.90
C THR T 73 -33.79 -33.98 -84.67
N VAL T 74 -34.22 -35.04 -85.32
CA VAL T 74 -35.58 -35.55 -85.20
C VAL T 74 -35.58 -36.72 -84.23
N LYS T 75 -36.67 -36.86 -83.49
CA LYS T 75 -36.78 -37.83 -82.40
C LYS T 75 -37.29 -39.20 -82.86
N VAL T 76 -37.45 -39.40 -84.18
CA VAL T 76 -38.09 -40.61 -84.67
C VAL T 76 -37.20 -41.82 -84.44
N GLU T 77 -37.79 -42.89 -83.88
CA GLU T 77 -37.17 -44.17 -83.54
C GLU T 77 -35.78 -44.00 -82.94
N GLY T 78 -35.53 -42.93 -82.20
CA GLY T 78 -34.31 -42.78 -81.44
C GLY T 78 -33.04 -42.65 -82.24
N GLU T 79 -33.12 -42.45 -83.56
CA GLU T 79 -31.91 -42.27 -84.34
C GLU T 79 -31.50 -40.80 -84.37
N GLU T 80 -30.22 -40.57 -84.68
CA GLU T 80 -29.68 -39.22 -84.78
C GLU T 80 -29.78 -38.72 -86.22
N LEU T 81 -30.99 -38.79 -86.76
CA LEU T 81 -31.26 -38.29 -88.10
C LEU T 81 -31.28 -36.77 -88.09
N LEU T 82 -30.59 -36.16 -89.06
CA LEU T 82 -30.50 -34.72 -89.17
C LEU T 82 -31.25 -34.27 -90.43
N VAL T 83 -32.15 -33.31 -90.27
CA VAL T 83 -32.92 -32.76 -91.39
C VAL T 83 -32.45 -31.34 -91.62
N LEU T 84 -32.02 -31.05 -92.86
CA LEU T 84 -31.49 -29.74 -93.19
C LEU T 84 -31.69 -29.48 -94.67
N ARG T 85 -31.60 -28.21 -95.04
CA ARG T 85 -31.88 -27.79 -96.40
C ARG T 85 -30.75 -28.23 -97.34
N GLU T 86 -31.03 -28.15 -98.65
CA GLU T 86 -30.08 -28.63 -99.64
C GLU T 86 -28.84 -27.75 -99.74
N ASP T 87 -28.97 -26.45 -99.48
CA ASP T 87 -27.85 -25.53 -99.63
C ASP T 87 -26.87 -25.59 -98.48
N ASP T 88 -27.16 -26.34 -97.42
CA ASP T 88 -26.25 -26.45 -96.30
C ASP T 88 -25.25 -27.58 -96.46
N ILE T 89 -25.40 -28.40 -97.51
CA ILE T 89 -24.46 -29.49 -97.76
C ILE T 89 -23.22 -28.88 -98.40
N MET T 90 -22.09 -28.95 -97.68
CA MET T 90 -20.87 -28.33 -98.18
C MET T 90 -20.39 -29.00 -99.46
N ALA T 91 -20.39 -30.33 -99.47
CA ALA T 91 -19.85 -31.11 -100.60
C ALA T 91 -20.38 -32.53 -100.50
N VAL T 92 -20.09 -33.32 -101.52
CA VAL T 92 -20.48 -34.73 -101.57
C VAL T 92 -19.22 -35.58 -101.63
N ILE T 93 -19.14 -36.58 -100.75
CA ILE T 93 -17.97 -37.45 -100.66
C ILE T 93 -18.18 -38.65 -101.59
N GLU T 94 -17.21 -38.87 -102.47
CA GLU T 94 -17.30 -39.92 -103.50
C GLU T 94 -18.58 -39.83 -104.32
N ALA U 1 -0.19 18.49 -23.57
CA ALA U 1 -0.79 18.51 -22.24
C ALA U 1 -0.21 19.64 -21.40
N ALA U 2 -0.24 19.46 -20.08
CA ALA U 2 0.32 20.46 -19.18
C ALA U 2 1.82 20.58 -19.38
N LYS U 3 2.32 21.80 -19.22
CA LYS U 3 3.72 22.11 -19.47
C LYS U 3 4.39 22.54 -18.18
N GLU U 4 5.64 22.11 -18.00
CA GLU U 4 6.49 22.58 -16.93
C GLU U 4 7.42 23.65 -17.47
N VAL U 5 7.58 24.73 -16.73
CA VAL U 5 8.36 25.88 -17.17
C VAL U 5 9.49 26.11 -16.18
N LYS U 6 10.71 26.24 -16.70
CA LYS U 6 11.90 26.49 -15.91
C LYS U 6 12.52 27.81 -16.33
N PHE U 7 13.13 28.51 -15.37
CA PHE U 7 13.65 29.85 -15.60
C PHE U 7 15.08 29.98 -15.11
N HIS U 8 15.82 30.88 -15.75
CA HIS U 8 17.13 31.37 -15.29
C HIS U 8 18.08 30.18 -15.13
N ASP U 9 18.79 30.06 -14.01
CA ASP U 9 19.84 29.05 -13.89
C ASP U 9 19.27 27.64 -13.84
N SER U 10 18.08 27.46 -13.28
CA SER U 10 17.48 26.13 -13.23
C SER U 10 17.23 25.58 -14.63
N ALA U 11 16.77 26.44 -15.54
CA ALA U 11 16.62 26.01 -16.92
C ALA U 11 17.96 25.74 -17.58
N ARG U 12 18.94 26.63 -17.36
CA ARG U 12 20.24 26.46 -17.99
C ARG U 12 20.98 25.24 -17.43
N GLU U 13 20.84 24.99 -16.13
CA GLU U 13 21.50 23.83 -15.53
C GLU U 13 20.98 22.53 -16.13
N ARG U 14 19.67 22.43 -16.33
CA ARG U 14 19.11 21.24 -16.97
C ARG U 14 19.57 21.12 -18.42
N LEU U 15 19.63 22.24 -19.13
CA LEU U 15 20.06 22.23 -20.52
C LEU U 15 21.51 21.77 -20.64
N VAL U 16 22.39 22.29 -19.79
CA VAL U 16 23.81 21.95 -19.86
C VAL U 16 24.02 20.49 -19.49
N ALA U 17 23.27 19.99 -18.51
CA ALA U 17 23.39 18.59 -18.12
C ALA U 17 23.06 17.66 -19.28
N GLY U 18 22.01 17.97 -20.02
CA GLY U 18 21.69 17.18 -21.20
C GLY U 18 22.74 17.32 -22.28
N VAL U 19 23.29 18.52 -22.45
CA VAL U 19 24.38 18.71 -23.40
C VAL U 19 25.59 17.89 -23.00
N ASN U 20 25.94 17.91 -21.71
CA ASN U 20 27.12 17.21 -21.25
C ASN U 20 26.96 15.70 -21.37
N LEU U 21 25.77 15.18 -21.07
CA LEU U 21 25.57 13.73 -21.12
C LEU U 21 25.75 13.20 -22.54
N LEU U 22 25.18 13.89 -23.53
CA LEU U 22 25.34 13.44 -24.90
C LEU U 22 26.78 13.61 -25.37
N ALA U 23 27.40 14.74 -25.05
CA ALA U 23 28.75 15.01 -25.53
C ALA U 23 29.78 14.11 -24.84
N ASN U 24 29.55 13.74 -23.59
CA ASN U 24 30.47 12.84 -22.91
C ASN U 24 30.48 11.46 -23.56
N ALA U 25 29.31 10.97 -23.97
CA ALA U 25 29.27 9.69 -24.68
C ALA U 25 29.97 9.78 -26.02
N VAL U 26 29.75 10.88 -26.75
CA VAL U 26 30.42 11.08 -28.03
C VAL U 26 31.91 11.33 -27.83
N LYS U 27 32.29 11.90 -26.69
CA LYS U 27 33.70 12.19 -26.42
C LYS U 27 34.56 10.93 -26.51
N THR U 28 34.02 9.79 -26.05
CA THR U 28 34.83 8.59 -25.90
C THR U 28 35.35 8.07 -27.23
N THR U 29 34.75 8.45 -28.34
CA THR U 29 35.13 7.94 -29.65
C THR U 29 36.08 8.86 -30.41
N LEU U 30 36.53 9.95 -29.79
CA LEU U 30 37.31 10.94 -30.51
C LEU U 30 38.78 10.55 -30.58
N GLY U 31 39.36 10.69 -31.77
CA GLY U 31 40.78 10.54 -31.95
C GLY U 31 41.20 9.11 -32.27
N PRO U 32 42.49 8.93 -32.57
CA PRO U 32 42.98 7.58 -32.86
C PRO U 32 42.86 6.64 -31.68
N LYS U 33 42.97 7.15 -30.47
CA LYS U 33 42.85 6.33 -29.27
C LYS U 33 41.45 6.36 -28.68
N GLY U 34 40.49 6.92 -29.41
CA GLY U 34 39.11 6.84 -28.97
C GLY U 34 38.60 5.41 -29.02
N ARG U 35 37.57 5.14 -28.24
CA ARG U 35 37.05 3.80 -28.06
C ARG U 35 35.63 3.70 -28.61
N ASN U 36 35.15 2.48 -28.74
CA ASN U 36 33.86 2.22 -29.36
C ASN U 36 32.72 2.40 -28.36
N VAL U 37 31.54 2.65 -28.90
CA VAL U 37 30.31 2.75 -28.13
C VAL U 37 29.36 1.68 -28.63
N VAL U 38 28.81 0.90 -27.70
CA VAL U 38 27.85 -0.15 -28.02
C VAL U 38 26.46 0.38 -27.76
N ILE U 39 25.60 0.30 -28.78
CA ILE U 39 24.23 0.80 -28.70
C ILE U 39 23.28 -0.38 -28.84
N GLU U 40 22.36 -0.50 -27.90
CA GLU U 40 21.40 -1.59 -27.94
C GLU U 40 20.43 -1.41 -29.11
N ARG U 41 20.13 -2.50 -29.79
CA ARG U 41 19.14 -2.52 -30.85
C ARG U 41 17.92 -3.31 -30.40
N SER U 42 16.75 -2.88 -30.87
CA SER U 42 15.51 -3.55 -30.49
C SER U 42 15.50 -4.99 -31.00
N PHE U 43 15.99 -5.22 -32.21
CA PHE U 43 15.99 -6.54 -32.85
C PHE U 43 17.27 -7.32 -32.58
N GLY U 44 17.94 -7.05 -31.46
CA GLY U 44 19.16 -7.76 -31.15
C GLY U 44 20.34 -7.27 -31.96
N ALA U 45 21.48 -7.94 -31.74
CA ALA U 45 22.74 -7.61 -32.41
C ALA U 45 23.08 -6.14 -32.21
N PRO U 46 23.56 -5.75 -31.02
CA PRO U 46 23.90 -4.34 -30.80
C PRO U 46 24.97 -3.87 -31.77
N ILE U 47 24.87 -2.61 -32.16
CA ILE U 47 25.82 -2.02 -33.09
C ILE U 47 26.99 -1.45 -32.30
N VAL U 48 28.20 -1.67 -32.80
CA VAL U 48 29.42 -1.11 -32.23
C VAL U 48 29.88 -0.02 -33.20
N THR U 49 30.02 1.20 -32.68
CA THR U 49 30.32 2.33 -33.55
C THR U 49 31.33 3.25 -32.89
N LYS U 50 32.14 3.90 -33.73
CA LYS U 50 33.02 4.98 -33.32
C LYS U 50 32.58 6.32 -33.89
N ASP U 51 31.40 6.39 -34.49
CA ASP U 51 30.91 7.59 -35.13
C ASP U 51 30.15 8.44 -34.12
N GLY U 52 30.42 9.75 -34.12
CA GLY U 52 29.72 10.63 -33.20
C GLY U 52 28.25 10.77 -33.51
N VAL U 53 27.89 10.82 -34.79
CA VAL U 53 26.49 11.03 -35.17
C VAL U 53 25.66 9.80 -34.81
N THR U 54 26.22 8.60 -34.99
CA THR U 54 25.49 7.39 -34.64
C THR U 54 25.22 7.32 -33.13
N VAL U 55 26.22 7.68 -32.32
CA VAL U 55 26.03 7.70 -30.88
C VAL U 55 25.07 8.80 -30.48
N ALA U 56 25.20 9.98 -31.07
CA ALA U 56 24.36 11.11 -30.69
C ALA U 56 22.90 10.85 -31.03
N LYS U 57 22.62 10.24 -32.19
CA LYS U 57 21.25 10.03 -32.62
C LYS U 57 20.51 9.01 -31.75
N GLU U 58 21.23 8.22 -30.96
CA GLU U 58 20.61 7.18 -30.16
C GLU U 58 20.45 7.57 -28.69
N ILE U 59 20.70 8.83 -28.34
CA ILE U 59 20.66 9.26 -26.95
C ILE U 59 19.38 10.04 -26.71
N GLU U 60 18.55 9.53 -25.80
CA GLU U 60 17.35 10.22 -25.33
C GLU U 60 17.33 10.12 -23.80
N LEU U 61 16.91 11.19 -23.15
CA LEU U 61 17.00 11.29 -21.70
C LEU U 61 15.61 11.25 -21.08
N LYS U 62 15.51 10.63 -19.89
CA LYS U 62 14.25 10.58 -19.19
C LYS U 62 13.77 11.96 -18.80
N ASP U 63 14.68 12.81 -18.31
CA ASP U 63 14.31 14.18 -17.96
C ASP U 63 14.11 14.99 -19.23
N LYS U 64 12.90 15.53 -19.39
CA LYS U 64 12.57 16.22 -20.63
C LYS U 64 13.35 17.52 -20.79
N PHE U 65 13.71 18.17 -19.69
CA PHE U 65 14.49 19.39 -19.79
C PHE U 65 15.94 19.10 -20.17
N GLU U 66 16.52 18.04 -19.62
CA GLU U 66 17.83 17.61 -20.08
C GLU U 66 17.78 17.05 -21.49
N ASN U 67 16.68 16.39 -21.85
CA ASN U 67 16.53 15.86 -23.20
C ASN U 67 16.56 16.98 -24.24
N MET U 68 16.05 18.16 -23.89
CA MET U 68 16.09 19.29 -24.81
C MET U 68 17.53 19.67 -25.13
N GLY U 69 18.40 19.67 -24.12
CA GLY U 69 19.81 19.95 -24.37
C GLY U 69 20.47 18.90 -25.23
N ALA U 70 20.15 17.63 -24.99
CA ALA U 70 20.70 16.56 -25.81
C ALA U 70 20.20 16.64 -27.24
N GLN U 71 18.93 16.98 -27.43
CA GLN U 71 18.36 17.04 -28.78
C GLN U 71 18.99 18.15 -29.61
N MET U 72 19.39 19.25 -28.97
CA MET U 72 20.01 20.34 -29.72
C MET U 72 21.44 20.01 -30.11
N VAL U 73 22.20 19.37 -29.22
CA VAL U 73 23.54 18.93 -29.57
C VAL U 73 23.50 17.82 -30.59
N LYS U 74 22.52 16.92 -30.48
CA LYS U 74 22.31 15.92 -31.51
C LYS U 74 22.11 16.55 -32.88
N GLU U 75 21.54 17.75 -32.90
CA GLU U 75 21.32 18.46 -34.16
C GLU U 75 22.64 18.94 -34.75
N VAL U 76 23.65 19.20 -33.91
CA VAL U 76 24.97 19.57 -34.41
C VAL U 76 25.59 18.41 -35.17
N ALA U 77 25.56 17.21 -34.58
CA ALA U 77 26.15 16.04 -35.22
C ALA U 77 25.40 15.68 -36.50
N SER U 78 24.08 15.78 -36.48
CA SER U 78 23.29 15.45 -37.66
C SER U 78 23.61 16.37 -38.82
N LYS U 79 23.75 17.67 -38.56
CA LYS U 79 24.06 18.60 -39.64
C LYS U 79 25.47 18.38 -40.18
N THR U 80 26.43 18.11 -39.30
CA THR U 80 27.79 17.87 -39.75
C THR U 80 27.87 16.60 -40.60
N ALA U 81 27.15 15.56 -40.21
CA ALA U 81 27.12 14.34 -41.00
C ALA U 81 26.48 14.57 -42.36
N ASP U 82 25.50 15.47 -42.41
CA ASP U 82 24.81 15.74 -43.68
C ASP U 82 25.72 16.47 -44.65
N VAL U 83 26.43 17.50 -44.18
CA VAL U 83 27.19 18.34 -45.09
C VAL U 83 28.61 17.85 -45.31
N ALA U 84 29.15 17.02 -44.41
CA ALA U 84 30.54 16.59 -44.55
C ALA U 84 30.66 15.08 -44.49
N GLY U 85 29.83 14.43 -43.68
CA GLY U 85 29.95 13.01 -43.45
C GLY U 85 31.03 12.61 -42.48
N ASP U 86 31.76 13.59 -41.92
CA ASP U 86 32.82 13.35 -40.98
C ASP U 86 32.94 14.58 -40.09
N GLY U 87 33.61 14.42 -38.96
CA GLY U 87 33.74 15.50 -38.02
C GLY U 87 32.57 15.65 -37.07
N THR U 88 31.70 14.65 -36.97
CA THR U 88 30.56 14.75 -36.07
C THR U 88 30.98 14.74 -34.61
N THR U 89 31.96 13.91 -34.25
CA THR U 89 32.49 13.94 -32.89
C THR U 89 33.18 15.27 -32.59
N THR U 90 33.95 15.77 -33.55
CA THR U 90 34.60 17.06 -33.37
C THR U 90 33.59 18.18 -33.23
N ALA U 91 32.53 18.15 -34.03
CA ALA U 91 31.47 19.15 -33.91
C ALA U 91 30.79 19.08 -32.56
N THR U 92 30.49 17.86 -32.09
CA THR U 92 29.85 17.70 -30.79
C THR U 92 30.77 18.17 -29.67
N VAL U 93 32.06 17.88 -29.77
CA VAL U 93 33.01 18.32 -28.75
C VAL U 93 33.12 19.85 -28.76
N LEU U 94 33.18 20.45 -29.95
CA LEU U 94 33.23 21.91 -30.03
C LEU U 94 31.98 22.55 -29.46
N ALA U 95 30.81 21.97 -29.73
CA ALA U 95 29.57 22.53 -29.23
C ALA U 95 29.53 22.52 -27.71
N GLN U 96 30.00 21.42 -27.11
CA GLN U 96 30.03 21.35 -25.65
C GLN U 96 31.02 22.34 -25.06
N ALA U 97 32.16 22.54 -25.73
CA ALA U 97 33.15 23.50 -25.25
C ALA U 97 32.60 24.91 -25.28
N ILE U 98 31.88 25.28 -26.34
CA ILE U 98 31.29 26.61 -26.42
C ILE U 98 30.27 26.81 -25.31
N VAL U 99 29.43 25.79 -25.08
CA VAL U 99 28.43 25.88 -24.02
C VAL U 99 29.09 25.97 -22.66
N ARG U 100 30.11 25.13 -22.42
CA ARG U 100 30.79 25.14 -21.13
C ARG U 100 31.47 26.48 -20.89
N GLU U 101 32.17 27.00 -21.90
CA GLU U 101 32.83 28.29 -21.74
C GLU U 101 31.84 29.45 -21.77
N GLY U 102 30.75 29.31 -22.52
CA GLY U 102 29.78 30.38 -22.59
C GLY U 102 28.91 30.53 -21.37
N MET U 103 28.63 29.43 -20.68
CA MET U 103 27.82 29.51 -19.47
C MET U 103 28.57 30.20 -18.34
N LYS U 104 29.89 30.20 -18.37
CA LYS U 104 30.66 30.96 -17.40
C LYS U 104 30.41 32.45 -17.56
N TYR U 105 30.34 32.92 -18.81
CA TYR U 105 30.07 34.33 -19.06
C TYR U 105 28.60 34.67 -18.87
N VAL U 106 27.69 33.74 -19.17
CA VAL U 106 26.28 33.97 -18.90
C VAL U 106 26.06 34.10 -17.39
N ALA U 107 26.69 33.22 -16.61
CA ALA U 107 26.63 33.34 -15.16
C ALA U 107 27.31 34.59 -14.65
N ALA U 108 28.24 35.15 -15.42
CA ALA U 108 28.92 36.39 -15.05
C ALA U 108 28.08 37.62 -15.33
N GLY U 109 26.91 37.48 -15.94
CA GLY U 109 26.01 38.59 -16.17
C GLY U 109 26.09 39.23 -17.54
N MET U 110 26.96 38.74 -18.42
CA MET U 110 27.06 39.33 -19.75
C MET U 110 25.87 38.94 -20.61
N ASN U 111 25.53 39.82 -21.54
CA ASN U 111 24.38 39.60 -22.40
C ASN U 111 24.65 38.45 -23.36
N PRO U 112 23.87 37.37 -23.32
CA PRO U 112 24.15 36.23 -24.21
C PRO U 112 23.92 36.54 -25.68
N MET U 113 23.04 37.48 -26.01
CA MET U 113 22.85 37.84 -27.41
C MET U 113 24.11 38.48 -27.98
N ASP U 114 24.80 39.30 -27.19
CA ASP U 114 26.09 39.82 -27.62
C ASP U 114 27.16 38.74 -27.60
N LEU U 115 27.04 37.78 -26.68
CA LEU U 115 27.94 36.62 -26.71
C LEU U 115 27.75 35.84 -28.01
N LYS U 116 26.51 35.64 -28.43
CA LYS U 116 26.24 34.95 -29.68
C LYS U 116 26.79 35.73 -30.86
N ARG U 117 26.64 37.05 -30.85
CA ARG U 117 27.19 37.88 -31.91
C ARG U 117 28.72 37.82 -31.91
N GLY U 118 29.33 37.80 -30.73
CA GLY U 118 30.78 37.65 -30.66
C GLY U 118 31.24 36.27 -31.12
N ILE U 119 30.46 35.24 -30.81
CA ILE U 119 30.80 33.89 -31.26
C ILE U 119 30.77 33.82 -32.78
N ASP U 120 29.74 34.39 -33.39
CA ASP U 120 29.64 34.39 -34.85
C ASP U 120 30.79 35.15 -35.48
N LYS U 121 31.18 36.27 -34.87
CA LYS U 121 32.30 37.05 -35.40
C LYS U 121 33.60 36.27 -35.34
N ALA U 122 33.84 35.57 -34.23
CA ALA U 122 35.07 34.79 -34.09
C ALA U 122 35.08 33.62 -35.05
N VAL U 123 33.95 32.95 -35.23
CA VAL U 123 33.89 31.78 -36.10
C VAL U 123 34.11 32.19 -37.56
N THR U 124 33.56 33.34 -37.95
CA THR U 124 33.78 33.84 -39.30
C THR U 124 35.26 34.12 -39.54
N ALA U 125 35.94 34.71 -38.57
CA ALA U 125 37.36 35.00 -38.72
C ALA U 125 38.19 33.71 -38.77
N ILE U 126 37.84 32.73 -37.94
CA ILE U 126 38.60 31.48 -37.90
C ILE U 126 38.39 30.69 -39.19
N VAL U 127 37.15 30.68 -39.70
CA VAL U 127 36.87 29.95 -40.95
C VAL U 127 37.66 30.56 -42.11
N GLU U 128 37.77 31.89 -42.13
CA GLU U 128 38.56 32.54 -43.18
C GLU U 128 40.03 32.15 -43.08
N GLU U 129 40.55 32.03 -41.86
CA GLU U 129 41.93 31.60 -41.67
C GLU U 129 42.12 30.13 -42.05
N LEU U 130 41.07 29.32 -41.89
CA LEU U 130 41.15 27.93 -42.32
C LEU U 130 41.33 27.83 -43.83
N LYS U 131 40.67 28.73 -44.58
CA LYS U 131 40.82 28.73 -46.02
C LYS U 131 42.25 29.03 -46.44
N ALA U 132 42.89 29.98 -45.76
CA ALA U 132 44.27 30.32 -46.08
C ALA U 132 45.22 29.17 -45.74
N ILE U 133 44.99 28.52 -44.59
CA ILE U 133 45.84 27.40 -44.19
C ILE U 133 45.65 26.20 -45.10
N SER U 134 44.44 26.00 -45.60
CA SER U 134 44.12 24.83 -46.40
C SER U 134 45.01 24.74 -47.64
N LYS U 135 45.45 23.52 -47.94
CA LYS U 135 46.21 23.21 -49.14
C LYS U 135 45.41 22.23 -50.00
N PRO U 136 45.48 22.36 -51.32
CA PRO U 136 44.71 21.45 -52.18
C PRO U 136 45.22 20.01 -52.09
N CYS U 137 44.28 19.08 -52.27
CA CYS U 137 44.58 17.65 -52.23
C CYS U 137 44.74 17.17 -53.67
N SER U 138 45.99 17.12 -54.13
CA SER U 138 46.29 16.76 -55.51
C SER U 138 46.84 15.36 -55.67
N THR U 139 47.78 14.96 -54.82
CA THR U 139 48.44 13.67 -54.94
C THR U 139 47.54 12.57 -54.41
N THR U 140 47.65 11.38 -55.02
CA THR U 140 46.92 10.22 -54.53
C THR U 140 47.46 9.73 -53.20
N LYS U 141 48.70 10.06 -52.85
CA LYS U 141 49.23 9.72 -51.53
C LYS U 141 48.47 10.48 -50.45
N GLU U 142 48.15 11.75 -50.69
CA GLU U 142 47.37 12.51 -49.73
C GLU U 142 45.97 11.94 -49.57
N ILE U 143 45.38 11.46 -50.66
CA ILE U 143 44.06 10.83 -50.59
C ILE U 143 44.11 9.58 -49.72
N ALA U 144 45.15 8.77 -49.88
CA ALA U 144 45.30 7.60 -49.03
C ALA U 144 45.49 8.00 -47.58
N GLN U 145 46.27 9.06 -47.33
CA GLN U 145 46.48 9.52 -45.96
C GLN U 145 45.19 10.03 -45.34
N VAL U 146 44.39 10.77 -46.12
CA VAL U 146 43.12 11.27 -45.60
C VAL U 146 42.17 10.12 -45.31
N GLY U 147 42.09 9.15 -46.22
CA GLY U 147 41.24 7.99 -45.97
C GLY U 147 41.72 7.15 -44.80
N THR U 148 43.04 7.01 -44.66
CA THR U 148 43.59 6.23 -43.55
C THR U 148 43.24 6.84 -42.21
N ILE U 149 43.37 8.17 -42.10
CA ILE U 149 43.08 8.85 -40.84
C ILE U 149 41.60 8.72 -40.49
N SER U 150 40.73 8.90 -41.48
CA SER U 150 39.30 8.87 -41.23
C SER U 150 38.79 7.46 -41.00
N ALA U 151 39.53 6.43 -41.42
CA ALA U 151 39.18 5.05 -41.15
C ALA U 151 39.82 4.55 -39.87
N ASN U 152 40.21 5.46 -38.96
CA ASN U 152 40.83 5.11 -37.69
C ASN U 152 42.13 4.33 -37.90
N ALA U 153 43.06 4.99 -38.61
CA ALA U 153 44.41 4.46 -38.82
C ALA U 153 44.38 3.10 -39.49
N ASP U 154 43.55 2.93 -40.50
CA ASP U 154 43.46 1.71 -41.30
C ASP U 154 44.03 2.02 -42.67
N SER U 155 45.28 1.58 -42.91
CA SER U 155 45.93 1.87 -44.18
C SER U 155 45.29 1.12 -45.34
N SER U 156 44.75 -0.07 -45.09
CA SER U 156 44.12 -0.84 -46.15
C SER U 156 42.89 -0.11 -46.70
N ILE U 157 42.08 0.47 -45.82
CA ILE U 157 40.91 1.21 -46.26
C ILE U 157 41.32 2.47 -47.02
N GLY U 158 42.33 3.17 -46.52
CA GLY U 158 42.78 4.37 -47.22
C GLY U 158 43.37 4.06 -48.58
N GLU U 159 44.10 2.96 -48.70
CA GLU U 159 44.71 2.62 -49.97
C GLU U 159 43.66 2.19 -51.00
N ILE U 160 42.67 1.40 -50.57
CA ILE U 160 41.67 0.91 -51.50
C ILE U 160 40.77 2.05 -51.97
N ILE U 161 40.52 3.04 -51.10
CA ILE U 161 39.74 4.20 -51.51
C ILE U 161 40.52 5.07 -52.48
N ALA U 162 41.83 5.23 -52.24
CA ALA U 162 42.66 5.99 -53.17
C ALA U 162 42.71 5.31 -54.53
N GLN U 163 42.81 3.99 -54.55
CA GLN U 163 42.77 3.26 -55.81
C GLN U 163 41.42 3.43 -56.51
N ALA U 164 40.33 3.39 -55.73
CA ALA U 164 39.00 3.54 -56.33
C ALA U 164 38.84 4.91 -56.98
N MET U 165 39.30 5.96 -56.30
CA MET U 165 39.20 7.30 -56.89
C MET U 165 40.08 7.44 -58.12
N ASP U 166 41.23 6.78 -58.12
CA ASP U 166 42.10 6.82 -59.29
C ASP U 166 41.44 6.14 -60.47
N LYS U 167 40.76 5.01 -60.24
CA LYS U 167 40.17 4.25 -61.34
C LYS U 167 38.95 4.95 -61.92
N VAL U 168 38.06 5.46 -61.06
CA VAL U 168 36.83 6.09 -61.54
C VAL U 168 36.96 7.60 -61.73
N GLY U 169 38.09 8.18 -61.36
CA GLY U 169 38.28 9.61 -61.55
C GLY U 169 37.46 10.44 -60.58
N LYS U 170 37.42 11.74 -60.87
CA LYS U 170 36.67 12.67 -60.02
C LYS U 170 35.17 12.57 -60.25
N GLU U 171 34.75 12.17 -61.44
CA GLU U 171 33.33 12.09 -61.77
C GLU U 171 32.73 10.73 -61.47
N GLY U 172 33.53 9.78 -60.97
CA GLY U 172 33.02 8.46 -60.69
C GLY U 172 32.25 8.37 -59.40
N VAL U 173 31.61 7.22 -59.21
CA VAL U 173 30.78 6.94 -58.03
C VAL U 173 31.34 5.71 -57.34
N ILE U 174 31.55 5.82 -56.03
CA ILE U 174 32.07 4.74 -55.21
C ILE U 174 31.04 4.38 -54.17
N THR U 175 30.73 3.09 -54.05
CA THR U 175 29.78 2.59 -53.08
C THR U 175 30.42 1.53 -52.21
N VAL U 176 29.80 1.27 -51.06
CA VAL U 176 30.31 0.32 -50.07
C VAL U 176 29.23 -0.73 -49.83
N GLU U 177 29.61 -2.00 -49.95
CA GLU U 177 28.71 -3.11 -49.72
C GLU U 177 29.41 -4.16 -48.87
N ASP U 178 28.64 -5.15 -48.43
CA ASP U 178 29.17 -6.27 -47.65
C ASP U 178 29.90 -7.23 -48.58
N GLY U 179 31.14 -7.57 -48.23
CA GLY U 179 31.87 -8.57 -48.98
C GLY U 179 31.58 -9.97 -48.49
N LYS U 180 32.12 -10.94 -49.22
CA LYS U 180 31.99 -12.35 -48.83
C LYS U 180 33.26 -12.89 -48.20
N SER U 181 34.42 -12.38 -48.59
CA SER U 181 35.68 -12.83 -48.02
C SER U 181 35.99 -12.06 -46.74
N LEU U 182 37.17 -12.34 -46.18
CA LEU U 182 37.63 -11.63 -44.99
C LEU U 182 38.42 -10.37 -45.32
N GLU U 183 38.75 -10.15 -46.58
CA GLU U 183 39.56 -9.02 -47.01
C GLU U 183 38.74 -8.07 -47.86
N ASN U 184 39.08 -6.78 -47.78
CA ASN U 184 38.42 -5.78 -48.61
C ASN U 184 38.82 -5.97 -50.07
N GLU U 185 37.83 -5.88 -50.96
CA GLU U 185 38.06 -6.00 -52.38
C GLU U 185 37.38 -4.86 -53.11
N LEU U 186 38.00 -4.42 -54.20
CA LEU U 186 37.52 -3.30 -55.00
C LEU U 186 37.11 -3.83 -56.37
N GLU U 187 35.86 -3.56 -56.76
CA GLU U 187 35.35 -3.94 -58.08
C GLU U 187 34.99 -2.67 -58.83
N VAL U 188 35.62 -2.48 -59.99
CA VAL U 188 35.41 -1.29 -60.81
C VAL U 188 34.62 -1.70 -62.04
N VAL U 189 33.50 -1.03 -62.28
CA VAL U 189 32.65 -1.27 -63.43
C VAL U 189 32.84 -0.12 -64.40
N GLU U 190 33.28 -0.43 -65.61
CA GLU U 190 33.56 0.58 -66.63
C GLU U 190 32.42 0.61 -67.65
N GLY U 191 32.25 1.77 -68.27
CA GLY U 191 31.21 1.91 -69.27
C GLY U 191 29.82 1.99 -68.66
N MET U 192 28.83 1.64 -69.48
CA MET U 192 27.42 1.70 -69.09
C MET U 192 26.96 0.31 -68.72
N GLN U 193 26.60 0.12 -67.45
CA GLN U 193 25.99 -1.10 -66.96
C GLN U 193 24.72 -0.74 -66.21
N PHE U 194 23.60 -1.33 -66.62
CA PHE U 194 22.31 -1.00 -66.02
C PHE U 194 21.64 -2.23 -65.40
N ASP U 195 22.45 -3.19 -64.94
CA ASP U 195 22.03 -4.27 -64.04
C ASP U 195 20.73 -4.95 -64.49
N ARG U 196 20.63 -5.25 -65.78
CA ARG U 196 19.49 -5.97 -66.31
C ARG U 196 19.97 -7.17 -67.11
N GLY U 197 19.41 -8.34 -66.82
CA GLY U 197 19.81 -9.56 -67.47
C GLY U 197 19.00 -9.86 -68.73
N TYR U 198 19.37 -10.96 -69.38
CA TYR U 198 18.66 -11.39 -70.58
C TYR U 198 17.29 -11.96 -70.22
N LEU U 199 16.41 -11.99 -71.21
CA LEU U 199 15.08 -12.55 -71.04
C LEU U 199 14.99 -14.04 -71.37
N SER U 200 16.07 -14.64 -71.88
CA SER U 200 16.02 -16.05 -72.26
C SER U 200 17.42 -16.63 -72.21
N PRO U 201 17.60 -17.81 -71.61
CA PRO U 201 18.96 -18.39 -71.55
C PRO U 201 19.54 -18.74 -72.91
N TYR U 202 18.72 -18.91 -73.94
CA TYR U 202 19.23 -19.27 -75.25
C TYR U 202 20.01 -18.14 -75.91
N PHE U 203 19.95 -16.93 -75.38
CA PHE U 203 20.77 -15.83 -75.91
C PHE U 203 22.25 -16.02 -75.61
N ILE U 204 22.59 -16.93 -74.68
CA ILE U 204 23.99 -17.13 -74.31
C ILE U 204 24.74 -17.73 -75.49
N ASN U 205 25.93 -17.19 -75.76
CA ASN U 205 26.75 -17.66 -76.87
C ASN U 205 28.01 -18.39 -76.42
N ASN U 206 28.37 -18.34 -75.13
CA ASN U 206 29.49 -19.12 -74.62
C ASN U 206 29.08 -19.78 -73.31
N PRO U 207 29.26 -21.09 -73.19
CA PRO U 207 28.76 -21.80 -72.01
C PRO U 207 29.64 -21.62 -70.77
N ASP U 208 30.92 -21.37 -70.98
CA ASP U 208 31.86 -21.30 -69.86
C ASP U 208 31.58 -20.11 -68.93
N LYS U 209 30.89 -19.10 -69.41
CA LYS U 209 30.57 -17.92 -68.60
C LYS U 209 29.08 -17.67 -68.44
N GLN U 210 28.22 -18.29 -69.26
CA GLN U 210 26.78 -18.03 -69.25
C GLN U 210 26.49 -16.55 -69.44
N VAL U 211 27.20 -15.94 -70.38
CA VAL U 211 27.05 -14.53 -70.71
C VAL U 211 26.80 -14.42 -72.21
N ALA U 212 25.99 -13.44 -72.60
CA ALA U 212 25.70 -13.22 -74.02
C ALA U 212 26.60 -12.10 -74.53
N VAL U 213 27.68 -12.49 -75.21
CA VAL U 213 28.68 -11.55 -75.70
C VAL U 213 28.35 -11.22 -77.15
N LEU U 214 28.22 -9.93 -77.45
CA LEU U 214 27.94 -9.45 -78.79
C LEU U 214 29.09 -8.56 -79.23
N ASP U 215 29.68 -8.86 -80.38
CA ASP U 215 30.80 -8.11 -80.90
C ASP U 215 30.32 -7.16 -81.99
N ASN U 216 30.61 -5.88 -81.80
CA ASN U 216 30.15 -4.81 -82.69
C ASN U 216 28.64 -4.90 -82.95
N PRO U 217 27.81 -4.83 -81.90
CA PRO U 217 26.38 -5.03 -82.08
C PRO U 217 25.62 -3.72 -82.31
N TYR U 218 24.44 -3.87 -82.88
CA TYR U 218 23.49 -2.77 -82.94
C TYR U 218 22.62 -2.77 -81.69
N ILE U 219 22.24 -1.56 -81.26
CA ILE U 219 21.41 -1.40 -80.06
C ILE U 219 20.12 -0.72 -80.49
N LEU U 220 18.99 -1.33 -80.17
CA LEU U 220 17.67 -0.81 -80.48
C LEU U 220 17.03 -0.30 -79.19
N LEU U 221 16.78 1.00 -79.13
CA LEU U 221 16.19 1.63 -77.95
C LEU U 221 14.70 1.81 -78.20
N HIS U 222 13.88 1.21 -77.35
CA HIS U 222 12.43 1.29 -77.47
C HIS U 222 11.83 1.56 -76.09
N ASP U 223 10.92 2.53 -76.02
CA ASP U 223 10.29 2.90 -74.77
C ASP U 223 8.95 2.22 -74.56
N LYS U 224 8.55 1.32 -75.45
CA LYS U 224 7.29 0.61 -75.33
C LYS U 224 7.53 -0.88 -75.43
N LYS U 225 6.58 -1.64 -74.88
CA LYS U 225 6.68 -3.09 -74.88
C LYS U 225 6.62 -3.64 -76.30
N ILE U 226 7.36 -4.72 -76.54
CA ILE U 226 7.37 -5.39 -77.83
C ILE U 226 6.81 -6.79 -77.64
N SER U 227 5.71 -7.09 -78.32
CA SER U 227 5.05 -8.39 -78.19
C SER U 227 4.84 -9.09 -79.53
N ASN U 228 4.48 -8.35 -80.57
CA ASN U 228 4.20 -8.96 -81.87
C ASN U 228 5.44 -8.90 -82.76
N ILE U 229 5.50 -9.81 -83.73
CA ILE U 229 6.64 -9.90 -84.61
C ILE U 229 6.52 -8.95 -85.80
N ARG U 230 5.29 -8.58 -86.17
CA ARG U 230 5.06 -7.80 -87.40
C ARG U 230 5.80 -6.47 -87.36
N ASP U 231 5.64 -5.70 -86.28
CA ASP U 231 6.36 -4.44 -86.15
C ASP U 231 7.83 -4.67 -85.84
N LEU U 232 8.15 -5.80 -85.22
CA LEU U 232 9.52 -6.17 -84.87
C LEU U 232 10.30 -6.72 -86.05
N LEU U 233 9.61 -7.30 -87.04
CA LEU U 233 10.31 -7.92 -88.18
C LEU U 233 11.17 -6.97 -88.98
N PRO U 234 10.71 -5.77 -89.39
CA PRO U 234 11.49 -5.01 -90.38
C PRO U 234 12.92 -4.68 -89.97
N VAL U 235 13.15 -4.36 -88.71
CA VAL U 235 14.48 -3.90 -88.31
C VAL U 235 15.50 -5.05 -88.35
N LEU U 236 15.13 -6.23 -87.87
CA LEU U 236 16.07 -7.35 -87.94
C LEU U 236 16.32 -7.83 -89.35
N GLU U 237 15.45 -7.48 -90.30
CA GLU U 237 15.80 -7.71 -91.70
C GLU U 237 17.02 -6.89 -92.09
N GLN U 238 17.12 -5.67 -91.57
CA GLN U 238 18.28 -4.84 -91.87
C GLN U 238 19.53 -5.34 -91.16
N VAL U 239 19.41 -5.70 -89.88
CA VAL U 239 20.59 -6.14 -89.14
C VAL U 239 21.05 -7.50 -89.62
N ALA U 240 20.13 -8.35 -90.09
CA ALA U 240 20.54 -9.62 -90.66
C ALA U 240 21.33 -9.41 -91.96
N LYS U 241 20.90 -8.45 -92.77
CA LYS U 241 21.65 -8.12 -93.97
C LYS U 241 23.04 -7.59 -93.62
N ALA U 242 23.13 -6.73 -92.61
CA ALA U 242 24.42 -6.23 -92.16
C ALA U 242 25.25 -7.33 -91.51
N GLY U 243 24.60 -8.26 -90.81
CA GLY U 243 25.28 -9.35 -90.16
C GLY U 243 25.74 -9.05 -88.74
N ARG U 244 25.62 -7.81 -88.29
CA ARG U 244 26.00 -7.47 -86.94
C ARG U 244 24.95 -7.96 -85.93
N PRO U 245 25.36 -8.29 -84.71
CA PRO U 245 24.39 -8.67 -83.68
C PRO U 245 23.52 -7.48 -83.30
N LEU U 246 22.37 -7.81 -82.70
CA LEU U 246 21.41 -6.79 -82.31
C LEU U 246 21.08 -6.95 -80.83
N LEU U 247 21.14 -5.85 -80.10
CA LEU U 247 20.73 -5.82 -78.70
C LEU U 247 19.47 -4.97 -78.60
N ILE U 248 18.40 -5.57 -78.08
CA ILE U 248 17.10 -4.91 -78.00
C ILE U 248 16.87 -4.51 -76.55
N ILE U 249 16.86 -3.20 -76.30
CA ILE U 249 16.60 -2.65 -74.98
C ILE U 249 15.20 -2.06 -75.03
N ALA U 250 14.22 -2.78 -74.48
CA ALA U 250 12.84 -2.35 -74.47
C ALA U 250 12.22 -2.67 -73.12
N GLU U 251 10.96 -2.26 -72.96
CA GLU U 251 10.26 -2.51 -71.70
C GLU U 251 10.08 -4.00 -71.45
N ASP U 252 9.75 -4.76 -72.50
CA ASP U 252 9.64 -6.21 -72.39
C ASP U 252 9.51 -6.79 -73.79
N VAL U 253 10.12 -7.95 -74.00
CA VAL U 253 10.00 -8.71 -75.23
C VAL U 253 9.42 -10.06 -74.87
N GLU U 254 8.21 -10.34 -75.37
CA GLU U 254 7.49 -11.54 -74.98
C GLU U 254 6.67 -12.04 -76.16
N GLY U 255 6.15 -13.26 -76.02
CA GLY U 255 5.28 -13.82 -77.02
C GLY U 255 6.01 -14.08 -78.34
N GLU U 256 5.39 -13.62 -79.43
CA GLU U 256 5.97 -13.87 -80.75
C GLU U 256 7.32 -13.21 -80.91
N ALA U 257 7.46 -11.97 -80.42
CA ALA U 257 8.71 -11.24 -80.57
C ALA U 257 9.86 -11.96 -79.86
N LEU U 258 9.63 -12.37 -78.61
CA LEU U 258 10.68 -13.07 -77.87
C LEU U 258 10.99 -14.41 -78.50
N ALA U 259 9.95 -15.16 -78.89
CA ALA U 259 10.17 -16.49 -79.45
C ALA U 259 10.98 -16.42 -80.73
N THR U 260 10.65 -15.46 -81.61
CA THR U 260 11.36 -15.35 -82.89
C THR U 260 12.85 -15.14 -82.68
N LEU U 261 13.23 -14.41 -81.63
CA LEU U 261 14.63 -14.24 -81.31
C LEU U 261 15.28 -15.56 -80.93
N VAL U 262 14.57 -16.39 -80.16
CA VAL U 262 15.09 -17.71 -79.79
C VAL U 262 15.22 -18.60 -81.02
N VAL U 263 14.22 -18.59 -81.90
CA VAL U 263 14.27 -19.41 -83.10
C VAL U 263 15.50 -19.04 -83.94
N ASN U 264 15.77 -17.75 -84.07
CA ASN U 264 16.91 -17.32 -84.88
C ASN U 264 18.24 -17.58 -84.19
N ASN U 265 18.27 -17.54 -82.86
CA ASN U 265 19.51 -17.75 -82.14
C ASN U 265 19.97 -19.21 -82.23
N LEU U 266 19.04 -20.14 -81.99
CA LEU U 266 19.41 -21.56 -82.02
C LEU U 266 19.84 -22.00 -83.42
N ARG U 267 19.13 -21.54 -84.44
CA ARG U 267 19.45 -21.89 -85.81
C ARG U 267 20.61 -21.09 -86.39
N GLY U 268 21.10 -20.09 -85.67
CA GLY U 268 22.26 -19.34 -86.12
C GLY U 268 22.00 -18.38 -87.26
N ILE U 269 20.73 -18.10 -87.58
CA ILE U 269 20.43 -17.16 -88.64
C ILE U 269 20.96 -15.77 -88.29
N LEU U 270 20.72 -15.33 -87.06
CA LEU U 270 21.24 -14.05 -86.58
C LEU U 270 21.36 -14.13 -85.07
N LYS U 271 22.45 -13.55 -84.56
CA LYS U 271 22.72 -13.54 -83.13
C LYS U 271 22.18 -12.26 -82.52
N THR U 272 21.42 -12.39 -81.43
CA THR U 272 20.80 -11.24 -80.81
C THR U 272 20.54 -11.54 -79.34
N CYS U 273 20.31 -10.48 -78.58
CA CYS U 273 19.90 -10.60 -77.18
C CYS U 273 18.94 -9.47 -76.86
N ALA U 274 18.04 -9.72 -75.91
CA ALA U 274 17.05 -8.75 -75.50
C ALA U 274 17.16 -8.53 -74.00
N VAL U 275 17.15 -7.28 -73.58
CA VAL U 275 17.20 -6.92 -72.17
C VAL U 275 16.05 -5.97 -71.86
N LYS U 276 15.60 -6.01 -70.62
CA LYS U 276 14.60 -5.06 -70.17
C LYS U 276 15.19 -3.66 -70.07
N ALA U 277 14.37 -2.66 -70.38
CA ALA U 277 14.81 -1.28 -70.23
C ALA U 277 14.99 -0.96 -68.76
N PRO U 278 16.14 -0.43 -68.36
CA PRO U 278 16.40 -0.23 -66.93
C PRO U 278 15.55 0.87 -66.32
N GLY U 279 15.24 0.70 -65.04
CA GLY U 279 14.56 1.72 -64.27
C GLY U 279 13.06 1.74 -64.50
N PHE U 280 12.38 2.45 -63.61
CA PHE U 280 10.94 2.61 -63.64
C PHE U 280 10.58 4.07 -63.81
N GLY U 281 9.42 4.32 -64.43
CA GLY U 281 8.94 5.67 -64.56
C GLY U 281 9.81 6.52 -65.48
N ASP U 282 9.84 7.83 -65.18
CA ASP U 282 10.60 8.76 -65.99
C ASP U 282 12.10 8.51 -65.92
N ARG U 283 12.59 7.90 -64.84
CA ARG U 283 14.01 7.56 -64.77
C ARG U 283 14.39 6.57 -65.85
N ARG U 284 13.47 5.66 -66.20
CA ARG U 284 13.72 4.73 -67.30
C ARG U 284 13.92 5.48 -68.61
N LYS U 285 13.10 6.51 -68.85
CA LYS U 285 13.25 7.30 -70.07
C LYS U 285 14.58 8.03 -70.08
N ALA U 286 15.01 8.57 -68.94
CA ALA U 286 16.16 9.45 -68.91
C ALA U 286 17.43 8.72 -69.34
N MET U 287 17.72 7.58 -68.72
CA MET U 287 18.96 6.88 -69.07
C MET U 287 18.80 6.04 -70.34
N LEU U 288 17.55 5.78 -70.76
CA LEU U 288 17.36 5.25 -72.11
C LEU U 288 17.82 6.25 -73.14
N GLN U 289 17.54 7.53 -72.93
CA GLN U 289 18.09 8.58 -73.77
C GLN U 289 19.60 8.64 -73.63
N ASP U 290 20.12 8.45 -72.42
CA ASP U 290 21.56 8.47 -72.21
C ASP U 290 22.25 7.35 -72.98
N ILE U 291 21.65 6.16 -72.98
CA ILE U 291 22.21 5.04 -73.75
C ILE U 291 22.20 5.39 -75.23
N ALA U 292 21.11 5.98 -75.72
CA ALA U 292 21.05 6.37 -77.12
C ALA U 292 22.12 7.40 -77.47
N ILE U 293 22.31 8.39 -76.60
CA ILE U 293 23.35 9.39 -76.81
C ILE U 293 24.73 8.73 -76.76
N LEU U 294 24.95 7.86 -75.77
CA LEU U 294 26.24 7.18 -75.65
C LEU U 294 26.51 6.28 -76.84
N THR U 295 25.51 5.51 -77.28
CA THR U 295 25.68 4.57 -78.37
C THR U 295 25.52 5.20 -79.74
N GLY U 296 25.24 6.50 -79.82
CA GLY U 296 25.09 7.16 -81.10
C GLY U 296 23.82 6.86 -81.83
N GLY U 297 22.79 6.36 -81.13
CA GLY U 297 21.52 6.06 -81.73
C GLY U 297 20.41 6.97 -81.23
N THR U 298 19.18 6.59 -81.54
CA THR U 298 18.00 7.32 -81.14
C THR U 298 16.98 6.37 -80.54
N VAL U 299 16.23 6.85 -79.55
CA VAL U 299 15.19 6.06 -78.92
C VAL U 299 13.97 6.07 -79.83
N ILE U 300 13.57 4.89 -80.31
CA ILE U 300 12.40 4.79 -81.18
C ILE U 300 11.16 4.87 -80.30
N SER U 301 10.29 5.84 -80.58
CA SER U 301 9.11 6.07 -79.76
C SER U 301 8.10 6.89 -80.56
N GLU U 302 6.83 6.59 -80.37
CA GLU U 302 5.77 7.37 -81.00
C GLU U 302 5.69 8.78 -80.43
N GLU U 303 6.23 9.00 -79.23
CA GLU U 303 6.22 10.33 -78.64
C GLU U 303 7.21 11.28 -79.33
N VAL U 304 8.13 10.73 -80.11
CA VAL U 304 9.12 11.51 -80.85
C VAL U 304 8.84 11.51 -82.33
N GLY U 305 7.95 10.63 -82.81
CA GLY U 305 7.65 10.53 -84.21
C GLY U 305 8.34 9.39 -84.94
N LEU U 306 9.01 8.50 -84.21
CA LEU U 306 9.71 7.37 -84.79
C LEU U 306 8.93 6.10 -84.52
N SER U 307 8.75 5.27 -85.55
CA SER U 307 8.02 4.02 -85.44
C SER U 307 8.97 2.85 -85.61
N LEU U 308 8.68 1.76 -84.89
CA LEU U 308 9.53 0.58 -84.96
C LEU U 308 9.52 -0.03 -86.37
N GLU U 309 8.42 0.10 -87.09
CA GLU U 309 8.36 -0.41 -88.46
C GLU U 309 9.26 0.40 -89.38
N LYS U 310 9.37 1.71 -89.15
CA LYS U 310 10.19 2.59 -89.99
C LYS U 310 11.60 2.78 -89.43
N ALA U 311 11.94 2.08 -88.37
CA ALA U 311 13.29 2.20 -87.81
C ALA U 311 14.33 1.67 -88.77
N THR U 312 15.45 2.39 -88.88
CA THR U 312 16.53 2.05 -89.78
C THR U 312 17.81 1.82 -89.00
N LEU U 313 18.85 1.40 -89.72
CA LEU U 313 20.14 1.16 -89.08
C LEU U 313 20.76 2.44 -88.53
N GLU U 314 20.53 3.57 -89.20
CA GLU U 314 21.08 4.83 -88.71
C GLU U 314 20.46 5.24 -87.39
N ASP U 315 19.22 4.85 -87.13
CA ASP U 315 18.55 5.15 -85.88
C ASP U 315 18.97 4.22 -84.74
N LEU U 316 19.71 3.15 -85.05
CA LEU U 316 20.14 2.19 -84.04
C LEU U 316 21.47 2.62 -83.44
N GLY U 317 21.60 2.42 -82.13
CA GLY U 317 22.86 2.66 -81.47
C GLY U 317 23.89 1.60 -81.80
N GLN U 318 25.15 1.94 -81.57
CA GLN U 318 26.25 1.03 -81.89
C GLN U 318 27.25 0.99 -80.75
N ALA U 319 27.99 -0.11 -80.69
CA ALA U 319 29.09 -0.30 -79.75
C ALA U 319 30.01 -1.35 -80.35
N LYS U 320 31.22 -1.44 -79.78
CA LYS U 320 32.15 -2.45 -80.27
C LYS U 320 31.95 -3.80 -79.58
N ARG U 321 31.43 -3.79 -78.35
CA ARG U 321 31.18 -5.03 -77.63
C ARG U 321 30.17 -4.77 -76.52
N VAL U 322 29.28 -5.73 -76.33
CA VAL U 322 28.34 -5.72 -75.21
C VAL U 322 28.19 -7.15 -74.71
N GLU U 323 28.05 -7.30 -73.39
CA GLU U 323 27.90 -8.61 -72.79
C GLU U 323 26.72 -8.58 -71.82
N VAL U 324 25.85 -9.57 -71.94
CA VAL U 324 24.63 -9.66 -71.13
C VAL U 324 24.73 -10.90 -70.25
N ALA U 325 24.81 -10.69 -68.94
CA ALA U 325 24.87 -11.77 -67.98
C ALA U 325 23.46 -12.15 -67.54
N LYS U 326 23.37 -13.00 -66.52
CA LYS U 326 22.06 -13.44 -66.03
C LYS U 326 21.26 -12.27 -65.45
N GLU U 327 21.93 -11.36 -64.75
CA GLU U 327 21.25 -10.27 -64.06
C GLU U 327 21.75 -8.89 -64.44
N HIS U 328 22.71 -8.78 -65.36
CA HIS U 328 23.24 -7.47 -65.72
C HIS U 328 23.82 -7.53 -67.12
N THR U 329 24.00 -6.35 -67.71
CA THR U 329 24.66 -6.22 -68.99
C THR U 329 25.46 -4.93 -69.01
N THR U 330 26.60 -4.96 -69.69
CA THR U 330 27.51 -3.83 -69.73
C THR U 330 27.83 -3.48 -71.17
N ILE U 331 27.59 -2.23 -71.54
CA ILE U 331 28.06 -1.68 -72.81
C ILE U 331 29.48 -1.18 -72.58
N ILE U 332 30.44 -1.77 -73.28
CA ILE U 332 31.85 -1.45 -73.01
C ILE U 332 32.12 0.03 -73.28
N ASP U 333 31.70 0.52 -74.44
CA ASP U 333 31.80 1.95 -74.75
C ASP U 333 30.95 2.22 -75.99
N GLY U 334 30.08 3.22 -75.89
CA GLY U 334 29.19 3.53 -76.99
C GLY U 334 29.91 4.15 -78.16
N ALA U 335 29.25 4.11 -79.32
CA ALA U 335 29.81 4.65 -80.55
C ALA U 335 29.51 6.12 -80.75
N GLY U 336 28.78 6.76 -79.83
CA GLY U 336 28.49 8.17 -79.96
C GLY U 336 29.74 9.02 -79.80
N ASP U 337 29.73 10.18 -80.45
CA ASP U 337 30.86 11.08 -80.38
C ASP U 337 30.96 11.69 -78.98
N PRO U 338 32.17 12.03 -78.54
CA PRO U 338 32.32 12.64 -77.21
C PRO U 338 31.64 14.00 -77.08
N ALA U 339 31.36 14.68 -78.20
CA ALA U 339 30.80 16.02 -78.13
C ALA U 339 29.42 16.01 -77.48
N LYS U 340 28.53 15.14 -77.96
CA LYS U 340 27.20 15.06 -77.36
C LYS U 340 27.23 14.38 -76.00
N ILE U 341 28.19 13.50 -75.77
CA ILE U 341 28.30 12.84 -74.47
C ILE U 341 28.64 13.86 -73.39
N GLN U 342 29.62 14.74 -73.66
CA GLN U 342 29.95 15.79 -72.70
C GLN U 342 28.79 16.76 -72.51
N ALA U 343 28.09 17.09 -73.59
CA ALA U 343 26.93 17.96 -73.47
C ALA U 343 25.84 17.34 -72.60
N ARG U 344 25.60 16.04 -72.79
CA ARG U 344 24.64 15.34 -71.94
C ARG U 344 25.09 15.33 -70.48
N VAL U 345 26.39 15.11 -70.25
CA VAL U 345 26.92 15.14 -68.88
C VAL U 345 26.75 16.52 -68.28
N LYS U 346 27.00 17.57 -69.08
CA LYS U 346 26.83 18.93 -68.60
C LYS U 346 25.39 19.20 -68.19
N GLU U 347 24.43 18.71 -68.97
CA GLU U 347 23.02 18.92 -68.65
C GLU U 347 22.66 18.25 -67.33
N ILE U 348 23.14 17.04 -67.09
CA ILE U 348 22.80 16.33 -65.85
C ILE U 348 23.45 17.03 -64.65
N ARG U 349 24.70 17.45 -64.79
CA ARG U 349 25.36 18.13 -63.68
C ARG U 349 24.71 19.48 -63.39
N VAL U 350 24.16 20.13 -64.40
CA VAL U 350 23.37 21.34 -64.17
C VAL U 350 22.13 20.99 -63.35
N GLN U 351 21.46 19.90 -63.72
CA GLN U 351 20.30 19.43 -62.96
C GLN U 351 20.72 18.94 -61.57
N ILE U 352 21.95 18.41 -61.45
CA ILE U 352 22.46 18.00 -60.15
C ILE U 352 22.52 19.20 -59.21
N GLU U 353 22.98 20.35 -59.71
CA GLU U 353 22.99 21.56 -58.90
C GLU U 353 21.60 21.97 -58.47
N GLU U 354 20.57 21.59 -59.23
CA GLU U 354 19.19 21.87 -58.88
C GLU U 354 18.54 20.73 -58.07
N ALA U 355 19.17 19.56 -58.06
CA ALA U 355 18.59 18.41 -57.36
C ALA U 355 18.44 18.72 -55.86
N THR U 356 17.30 18.33 -55.31
CA THR U 356 16.98 18.60 -53.92
C THR U 356 16.91 17.37 -53.04
N SER U 357 16.68 16.19 -53.62
CA SER U 357 16.58 14.96 -52.85
C SER U 357 17.88 14.18 -52.93
N ASP U 358 18.28 13.58 -51.81
CA ASP U 358 19.52 12.81 -51.78
C ASP U 358 19.46 11.60 -52.70
N TYR U 359 18.31 10.93 -52.77
CA TYR U 359 18.16 9.82 -53.71
C TYR U 359 18.18 10.32 -55.15
N ASP U 360 17.59 11.49 -55.40
CA ASP U 360 17.57 12.05 -56.75
C ASP U 360 18.98 12.40 -57.20
N ARG U 361 19.75 13.07 -56.35
CA ARG U 361 21.09 13.50 -56.75
C ARG U 361 22.05 12.32 -56.84
N GLU U 362 21.91 11.32 -55.97
CA GLU U 362 22.81 10.17 -56.03
C GLU U 362 22.54 9.33 -57.28
N LYS U 363 21.27 9.25 -57.70
CA LYS U 363 20.97 8.56 -58.96
C LYS U 363 21.43 9.36 -60.16
N LEU U 364 21.35 10.69 -60.09
CA LEU U 364 21.89 11.51 -61.17
C LEU U 364 23.39 11.36 -61.28
N GLN U 365 24.09 11.30 -60.14
CA GLN U 365 25.52 11.05 -60.17
C GLN U 365 25.84 9.69 -60.76
N GLU U 366 24.99 8.70 -60.47
CA GLU U 366 25.17 7.38 -61.07
C GLU U 366 25.03 7.45 -62.59
N ARG U 367 24.08 8.24 -63.09
CA ARG U 367 23.94 8.40 -64.53
C ARG U 367 25.18 9.06 -65.13
N VAL U 368 25.72 10.07 -64.45
CA VAL U 368 26.94 10.73 -64.92
C VAL U 368 28.10 9.75 -64.89
N ALA U 369 28.19 8.94 -63.84
CA ALA U 369 29.25 7.94 -63.75
C ALA U 369 29.14 6.92 -64.86
N LYS U 370 27.91 6.50 -65.20
CA LYS U 370 27.73 5.57 -66.29
C LYS U 370 28.11 6.19 -67.63
N LEU U 371 27.95 7.50 -67.76
CA LEU U 371 28.21 8.16 -69.04
C LEU U 371 29.69 8.47 -69.22
N ALA U 372 30.26 9.26 -68.32
CA ALA U 372 31.61 9.79 -68.46
C ALA U 372 32.45 9.48 -67.23
N GLY U 373 32.41 8.23 -66.78
CA GLY U 373 33.21 7.82 -65.65
C GLY U 373 33.15 6.33 -65.38
N GLY U 374 33.06 5.96 -64.11
CA GLY U 374 32.95 4.57 -63.74
C GLY U 374 32.27 4.44 -62.39
N VAL U 375 31.94 3.21 -62.05
CA VAL U 375 31.31 2.90 -60.77
C VAL U 375 32.19 1.88 -60.06
N ALA U 376 32.71 2.26 -58.90
CA ALA U 376 33.53 1.37 -58.08
C ALA U 376 32.72 0.88 -56.89
N VAL U 377 32.88 -0.38 -56.56
CA VAL U 377 32.22 -0.98 -55.41
C VAL U 377 33.30 -1.52 -54.48
N ILE U 378 33.34 -1.00 -53.26
CA ILE U 378 34.26 -1.48 -52.23
C ILE U 378 33.49 -2.47 -51.37
N LYS U 379 33.83 -3.75 -51.50
CA LYS U 379 33.19 -4.80 -50.72
C LYS U 379 34.00 -5.01 -49.44
N VAL U 380 33.42 -4.63 -48.31
CA VAL U 380 34.10 -4.70 -47.03
C VAL U 380 34.20 -6.16 -46.59
N GLY U 381 35.41 -6.59 -46.21
CA GLY U 381 35.64 -7.94 -45.76
C GLY U 381 35.71 -8.00 -44.24
N ALA U 382 34.85 -8.83 -43.66
CA ALA U 382 34.83 -9.01 -42.22
C ALA U 382 34.23 -10.38 -41.90
N ALA U 383 34.74 -11.00 -40.85
CA ALA U 383 34.27 -12.33 -40.47
C ALA U 383 32.94 -12.31 -39.74
N THR U 384 32.49 -11.15 -39.27
CA THR U 384 31.25 -11.04 -38.53
C THR U 384 30.54 -9.76 -38.94
N GLU U 385 29.20 -9.80 -38.90
CA GLU U 385 28.42 -8.65 -39.37
C GLU U 385 28.50 -7.46 -38.42
N VAL U 386 28.76 -7.68 -37.13
CA VAL U 386 28.98 -6.54 -36.25
C VAL U 386 30.30 -5.86 -36.60
N GLU U 387 31.32 -6.65 -36.95
CA GLU U 387 32.56 -6.09 -37.44
C GLU U 387 32.39 -5.54 -38.85
N MET U 388 31.55 -6.18 -39.67
CA MET U 388 31.26 -5.66 -41.00
C MET U 388 30.57 -4.31 -40.92
N LYS U 389 29.60 -4.17 -40.01
CA LYS U 389 28.94 -2.87 -39.83
C LYS U 389 29.91 -1.83 -39.30
N GLU U 390 30.78 -2.22 -38.37
CA GLU U 390 31.79 -1.29 -37.86
C GLU U 390 32.75 -0.88 -38.95
N LYS U 391 33.21 -1.83 -39.77
CA LYS U 391 34.15 -1.52 -40.83
C LYS U 391 33.48 -0.68 -41.92
N LYS U 392 32.23 -0.97 -42.25
CA LYS U 392 31.55 -0.20 -43.29
C LYS U 392 31.39 1.26 -42.89
N ALA U 393 31.05 1.52 -41.63
CA ALA U 393 30.95 2.89 -41.16
C ALA U 393 32.28 3.61 -41.26
N ARG U 394 33.38 2.90 -40.99
CA ARG U 394 34.70 3.48 -41.15
C ARG U 394 35.03 3.73 -42.61
N VAL U 395 34.64 2.81 -43.50
CA VAL U 395 34.89 3.00 -44.92
C VAL U 395 34.06 4.15 -45.46
N GLU U 396 32.80 4.24 -45.06
CA GLU U 396 31.96 5.36 -45.50
C GLU U 396 32.49 6.69 -44.99
N ASP U 397 32.98 6.72 -43.75
CA ASP U 397 33.59 7.95 -43.23
C ASP U 397 34.83 8.33 -44.03
N ALA U 398 35.66 7.35 -44.37
CA ALA U 398 36.84 7.64 -45.16
C ALA U 398 36.48 8.08 -46.57
N LEU U 399 35.42 7.51 -47.15
CA LEU U 399 34.95 7.96 -48.45
C LEU U 399 34.44 9.39 -48.39
N HIS U 400 33.68 9.72 -47.34
CA HIS U 400 33.17 11.08 -47.19
C HIS U 400 34.31 12.07 -46.99
N ALA U 401 35.31 11.69 -46.20
CA ALA U 401 36.43 12.59 -45.94
C ALA U 401 37.27 12.82 -47.20
N THR U 402 37.51 11.76 -47.98
CA THR U 402 38.29 11.91 -49.19
C THR U 402 37.55 12.76 -50.22
N ARG U 403 36.22 12.62 -50.28
CA ARG U 403 35.44 13.50 -51.15
C ARG U 403 35.53 14.94 -50.69
N ALA U 404 35.48 15.18 -49.38
CA ALA U 404 35.63 16.52 -48.86
C ALA U 404 37.05 17.05 -49.07
N ALA U 405 38.02 16.15 -49.09
CA ALA U 405 39.41 16.58 -49.29
C ALA U 405 39.63 17.13 -50.70
N VAL U 406 39.07 16.47 -51.72
CA VAL U 406 39.25 16.94 -53.08
C VAL U 406 38.40 18.18 -53.37
N GLU U 407 37.40 18.46 -52.53
CA GLU U 407 36.55 19.61 -52.76
C GLU U 407 37.19 20.90 -52.27
N GLU U 408 37.60 20.93 -51.00
CA GLU U 408 38.09 22.15 -50.39
C GLU U 408 39.55 22.11 -49.97
N GLY U 409 40.17 20.94 -49.91
CA GLY U 409 41.56 20.82 -49.55
C GLY U 409 41.76 20.09 -48.24
N ILE U 410 43.00 20.14 -47.75
CA ILE U 410 43.40 19.45 -46.54
C ILE U 410 44.06 20.42 -45.58
N VAL U 411 43.92 20.13 -44.29
CA VAL U 411 44.57 20.90 -43.23
C VAL U 411 45.22 19.93 -42.26
N PRO U 412 46.22 20.38 -41.50
CA PRO U 412 46.81 19.51 -40.49
C PRO U 412 45.76 19.02 -39.50
N GLY U 413 45.85 17.75 -39.14
CA GLY U 413 44.87 17.11 -38.29
C GLY U 413 45.21 17.21 -36.82
N GLY U 414 44.43 16.50 -36.02
CA GLY U 414 44.64 16.49 -34.58
C GLY U 414 44.26 17.78 -33.89
N GLY U 415 43.35 18.56 -34.46
CA GLY U 415 42.97 19.83 -33.90
C GLY U 415 43.96 20.94 -34.12
N VAL U 416 45.04 20.70 -34.87
CA VAL U 416 46.04 21.72 -35.12
C VAL U 416 45.47 22.81 -36.01
N ALA U 417 44.63 22.44 -36.97
CA ALA U 417 44.11 23.41 -37.93
C ALA U 417 43.30 24.50 -37.22
N LEU U 418 42.47 24.12 -36.26
CA LEU U 418 41.71 25.12 -35.52
C LEU U 418 42.64 26.01 -34.70
N LEU U 419 43.68 25.43 -34.10
CA LEU U 419 44.63 26.23 -33.33
C LEU U 419 45.41 27.19 -34.22
N ARG U 420 45.87 26.72 -35.38
CA ARG U 420 46.57 27.60 -36.30
C ARG U 420 45.65 28.69 -36.84
N ALA U 421 44.42 28.33 -37.16
CA ALA U 421 43.46 29.32 -37.65
C ALA U 421 43.13 30.35 -36.57
N ARG U 422 43.04 29.89 -35.31
CA ARG U 422 42.78 30.81 -34.21
C ARG U 422 43.89 31.83 -34.05
N GLU U 423 45.15 31.37 -34.11
CA GLU U 423 46.27 32.28 -33.94
C GLU U 423 46.34 33.29 -35.08
N ALA U 424 46.07 32.85 -36.30
CA ALA U 424 46.06 33.77 -37.44
C ALA U 424 44.94 34.80 -37.31
N ALA U 425 43.76 34.36 -36.87
CA ALA U 425 42.64 35.28 -36.70
C ALA U 425 42.92 36.31 -35.62
N VAL U 426 43.50 35.88 -34.50
CA VAL U 426 43.84 36.82 -33.43
C VAL U 426 44.89 37.80 -33.90
N ALA U 427 45.91 37.31 -34.60
CA ALA U 427 46.95 38.19 -35.11
C ALA U 427 46.41 39.16 -36.16
N LYS U 428 45.35 38.78 -36.87
CA LYS U 428 44.76 39.66 -37.85
C LYS U 428 43.98 40.81 -37.23
N GLY U 429 43.64 40.71 -35.95
CA GLY U 429 42.94 41.79 -35.28
C GLY U 429 41.47 41.53 -35.04
N LEU U 430 41.13 40.31 -34.64
CA LEU U 430 39.75 39.97 -34.35
C LEU U 430 39.30 40.64 -33.06
N LYS U 431 38.22 41.42 -33.14
CA LYS U 431 37.72 42.16 -31.99
C LYS U 431 36.22 42.36 -32.13
N GLY U 432 35.58 42.61 -30.99
CA GLY U 432 34.15 42.81 -30.93
C GLY U 432 33.77 44.27 -30.70
N ASP U 433 32.47 44.53 -30.80
CA ASP U 433 31.95 45.89 -30.66
C ASP U 433 31.74 46.31 -29.20
N ASN U 434 31.75 45.37 -28.26
CA ASN U 434 31.55 45.68 -26.86
C ASN U 434 32.16 44.55 -26.03
N PRO U 435 32.40 44.78 -24.74
CA PRO U 435 33.01 43.72 -23.92
C PRO U 435 32.24 42.42 -23.90
N ASP U 436 30.92 42.46 -24.02
CA ASP U 436 30.15 41.22 -24.11
C ASP U 436 30.48 40.47 -25.39
N GLN U 437 30.65 41.19 -26.50
CA GLN U 437 31.05 40.53 -27.74
C GLN U 437 32.50 40.06 -27.68
N GLU U 438 33.36 40.80 -26.97
CA GLU U 438 34.73 40.34 -26.78
C GLU U 438 34.76 39.04 -25.99
N ALA U 439 33.89 38.90 -24.99
CA ALA U 439 33.80 37.64 -24.26
C ALA U 439 33.32 36.53 -25.17
N GLY U 440 32.38 36.83 -26.07
CA GLY U 440 31.92 35.83 -27.02
C GLY U 440 33.04 35.35 -27.93
N ILE U 441 33.94 36.26 -28.31
CA ILE U 441 35.10 35.87 -29.10
C ILE U 441 36.00 34.95 -28.28
N LYS U 442 36.21 35.29 -27.01
CA LYS U 442 37.07 34.47 -26.16
C LYS U 442 36.49 33.08 -25.93
N ILE U 443 35.17 32.94 -26.07
CA ILE U 443 34.55 31.61 -25.96
C ILE U 443 35.05 30.72 -27.09
N VAL U 444 35.04 31.23 -28.32
CA VAL U 444 35.46 30.44 -29.47
C VAL U 444 36.96 30.18 -29.42
N LEU U 445 37.74 31.15 -28.96
CA LEU U 445 39.19 30.96 -28.88
C LEU U 445 39.55 29.82 -27.94
N ARG U 446 38.85 29.71 -26.81
CA ARG U 446 39.09 28.60 -25.90
C ARG U 446 38.48 27.31 -26.44
N ALA U 447 37.34 27.40 -27.11
CA ALA U 447 36.63 26.20 -27.53
C ALA U 447 37.37 25.43 -28.62
N VAL U 448 38.09 26.14 -29.51
CA VAL U 448 38.76 25.46 -30.60
C VAL U 448 39.90 24.59 -30.12
N GLU U 449 40.37 24.78 -28.89
CA GLU U 449 41.36 23.88 -28.32
C GLU U 449 40.77 22.55 -27.89
N GLN U 450 39.45 22.48 -27.71
CA GLN U 450 38.84 21.26 -27.18
C GLN U 450 39.05 20.03 -28.04
N PRO U 451 38.93 20.07 -29.37
CA PRO U 451 39.21 18.85 -30.15
C PRO U 451 40.58 18.26 -29.89
N LEU U 452 41.61 19.10 -29.78
CA LEU U 452 42.94 18.58 -29.44
C LEU U 452 42.98 18.07 -28.01
N ARG U 453 42.32 18.77 -27.09
CA ARG U 453 42.34 18.36 -25.69
C ARG U 453 41.67 17.00 -25.50
N GLU U 454 40.55 16.76 -26.19
CA GLU U 454 39.85 15.49 -26.04
C GLU U 454 40.58 14.36 -26.74
N ILE U 455 41.24 14.66 -27.86
CA ILE U 455 42.08 13.65 -28.51
C ILE U 455 43.21 13.23 -27.59
N VAL U 456 43.87 14.21 -26.97
CA VAL U 456 44.97 13.92 -26.05
C VAL U 456 44.45 13.22 -24.80
N ALA U 457 43.30 13.67 -24.29
CA ALA U 457 42.73 13.04 -23.09
C ALA U 457 42.39 11.57 -23.33
N ASN U 458 41.84 11.25 -24.51
CA ASN U 458 41.59 9.87 -24.85
C ASN U 458 42.90 9.09 -24.97
N ALA U 459 43.95 9.73 -25.47
CA ALA U 459 45.26 9.10 -25.57
C ALA U 459 45.91 8.89 -24.21
N GLY U 460 45.38 9.50 -23.15
CA GLY U 460 45.90 9.31 -21.82
C GLY U 460 46.96 10.30 -21.38
N GLU U 461 47.23 11.32 -22.18
CA GLU U 461 48.22 12.33 -21.83
C GLU U 461 47.53 13.53 -21.18
N GLU U 462 48.32 14.57 -20.87
CA GLU U 462 47.80 15.76 -20.23
C GLU U 462 47.41 16.77 -21.30
N PRO U 463 46.13 17.09 -21.47
CA PRO U 463 45.72 17.97 -22.57
C PRO U 463 46.34 19.35 -22.52
N SER U 464 46.48 19.93 -21.33
CA SER U 464 46.94 21.31 -21.24
C SER U 464 48.41 21.45 -21.60
N VAL U 465 49.22 20.46 -21.23
CA VAL U 465 50.64 20.50 -21.58
C VAL U 465 50.82 20.34 -23.09
N ILE U 466 50.09 19.39 -23.68
CA ILE U 466 50.21 19.15 -25.12
C ILE U 466 49.73 20.37 -25.90
N VAL U 467 48.61 20.97 -25.48
CA VAL U 467 48.08 22.13 -26.18
C VAL U 467 49.07 23.29 -26.13
N ALA U 468 49.71 23.49 -24.98
CA ALA U 468 50.70 24.55 -24.85
C ALA U 468 51.88 24.31 -25.78
N LYS U 469 52.34 23.07 -25.89
CA LYS U 469 53.45 22.77 -26.79
C LYS U 469 53.06 22.96 -28.25
N VAL U 470 51.84 22.55 -28.60
CA VAL U 470 51.37 22.73 -29.98
C VAL U 470 51.25 24.21 -30.31
N LEU U 471 50.71 25.00 -29.38
CA LEU U 471 50.54 26.43 -29.63
C LEU U 471 51.89 27.12 -29.78
N GLU U 472 52.89 26.71 -29.01
CA GLU U 472 54.21 27.30 -29.14
C GLU U 472 54.87 26.94 -30.46
N GLY U 473 54.39 25.89 -31.14
CA GLY U 473 54.88 25.56 -32.47
C GLY U 473 54.22 26.42 -33.53
N LYS U 474 54.68 26.22 -34.77
CA LYS U 474 54.19 26.98 -35.91
C LYS U 474 53.96 26.05 -37.08
N GLY U 475 53.06 26.47 -37.97
CA GLY U 475 52.83 25.72 -39.19
C GLY U 475 52.08 24.43 -38.93
N ASN U 476 52.56 23.35 -39.55
CA ASN U 476 51.95 22.04 -39.43
C ASN U 476 52.41 21.27 -38.20
N TYR U 477 53.17 21.92 -37.32
CA TYR U 477 53.61 21.27 -36.09
C TYR U 477 52.42 20.84 -35.25
N GLY U 478 52.45 19.60 -34.78
CA GLY U 478 51.33 19.08 -34.02
C GLY U 478 51.74 17.88 -33.22
N TYR U 479 50.74 17.26 -32.60
CA TYR U 479 50.95 16.11 -31.72
C TYR U 479 50.29 14.89 -32.34
N ASN U 480 51.06 13.82 -32.53
CA ASN U 480 50.55 12.56 -33.04
C ASN U 480 50.08 11.72 -31.85
N ALA U 481 48.77 11.66 -31.66
CA ALA U 481 48.24 10.90 -30.52
C ALA U 481 48.44 9.39 -30.70
N ALA U 482 48.56 8.93 -31.94
CA ALA U 482 48.81 7.50 -32.17
C ALA U 482 50.17 7.09 -31.64
N THR U 483 51.19 7.89 -31.89
CA THR U 483 52.56 7.57 -31.47
C THR U 483 53.00 8.36 -30.24
N GLY U 484 52.23 9.35 -29.81
CA GLY U 484 52.64 10.17 -28.67
C GLY U 484 53.89 10.99 -28.94
N GLU U 485 54.06 11.47 -30.17
CA GLU U 485 55.23 12.24 -30.55
C GLU U 485 54.78 13.52 -31.24
N PHE U 486 55.58 14.57 -31.06
CA PHE U 486 55.35 15.82 -31.77
C PHE U 486 56.09 15.80 -33.11
N GLY U 487 55.56 16.56 -34.07
CA GLY U 487 56.20 16.64 -35.36
C GLY U 487 55.29 17.31 -36.37
N ASP U 488 55.72 17.26 -37.62
CA ASP U 488 54.94 17.83 -38.72
C ASP U 488 53.74 16.95 -39.00
N MET U 489 52.53 17.52 -38.89
CA MET U 489 51.32 16.75 -39.10
C MET U 489 51.21 16.24 -40.53
N ILE U 490 51.58 17.07 -41.51
CA ILE U 490 51.47 16.66 -42.90
C ILE U 490 52.46 15.56 -43.23
N GLU U 491 53.70 15.68 -42.74
CA GLU U 491 54.70 14.65 -42.98
C GLU U 491 54.31 13.35 -42.31
N MET U 492 53.76 13.42 -41.10
CA MET U 492 53.32 12.25 -40.36
C MET U 492 52.00 11.67 -40.86
N GLY U 493 51.35 12.34 -41.81
CA GLY U 493 50.15 11.81 -42.42
C GLY U 493 48.86 12.08 -41.70
N VAL U 494 48.88 12.88 -40.64
CA VAL U 494 47.66 13.22 -39.90
C VAL U 494 47.02 14.39 -40.64
N LEU U 495 46.16 14.05 -41.61
CA LEU U 495 45.53 15.02 -42.48
C LEU U 495 44.03 15.08 -42.22
N ASP U 496 43.48 16.28 -42.29
CA ASP U 496 42.05 16.47 -42.14
C ASP U 496 41.51 17.29 -43.29
N PRO U 497 40.30 16.97 -43.76
CA PRO U 497 39.67 17.83 -44.78
C PRO U 497 39.25 19.16 -44.15
N THR U 498 39.61 20.25 -44.81
CA THR U 498 39.25 21.57 -44.28
C THR U 498 37.74 21.78 -44.29
N LYS U 499 37.04 21.14 -45.23
CA LYS U 499 35.59 21.21 -45.23
C LYS U 499 35.00 20.59 -43.98
N VAL U 500 35.56 19.46 -43.54
CA VAL U 500 35.09 18.81 -42.31
C VAL U 500 35.37 19.71 -41.11
N THR U 501 36.57 20.29 -41.04
CA THR U 501 36.90 21.17 -39.94
C THR U 501 36.03 22.43 -39.95
N ARG U 502 35.83 23.02 -41.12
CA ARG U 502 35.02 24.23 -41.21
C ARG U 502 33.56 23.94 -40.86
N SER U 503 33.02 22.82 -41.37
CA SER U 503 31.62 22.49 -41.10
C SER U 503 31.39 22.20 -39.62
N ALA U 504 32.34 21.50 -38.99
CA ALA U 504 32.19 21.17 -37.58
C ALA U 504 32.12 22.42 -36.72
N LEU U 505 32.99 23.40 -37.01
CA LEU U 505 33.01 24.63 -36.23
C LEU U 505 31.75 25.46 -36.47
N GLN U 506 31.33 25.60 -37.72
CA GLN U 506 30.18 26.43 -38.03
C GLN U 506 28.90 25.85 -37.45
N ASN U 507 28.73 24.53 -37.56
CA ASN U 507 27.53 23.90 -37.00
C ASN U 507 27.53 23.97 -35.48
N ALA U 508 28.68 23.76 -34.86
CA ALA U 508 28.76 23.83 -33.40
C ALA U 508 28.45 25.23 -32.90
N ALA U 509 28.98 26.25 -33.58
CA ALA U 509 28.77 27.62 -33.13
C ALA U 509 27.32 28.04 -33.23
N SER U 510 26.64 27.65 -34.32
CA SER U 510 25.27 28.09 -34.53
C SER U 510 24.34 27.56 -33.44
N VAL U 511 24.51 26.30 -33.05
CA VAL U 511 23.63 25.72 -32.05
C VAL U 511 24.06 26.12 -30.65
N ALA U 512 25.34 26.02 -30.35
CA ALA U 512 25.81 26.36 -29.00
C ALA U 512 25.63 27.84 -28.69
N GLY U 513 25.77 28.70 -29.70
CA GLY U 513 25.48 30.11 -29.48
C GLY U 513 24.04 30.36 -29.10
N LEU U 514 23.11 29.63 -29.72
CA LEU U 514 21.70 29.77 -29.39
C LEU U 514 21.42 29.27 -27.97
N MET U 515 22.07 28.18 -27.57
CA MET U 515 21.81 27.63 -26.24
C MET U 515 22.30 28.55 -25.14
N LEU U 516 23.23 29.45 -25.44
CA LEU U 516 23.68 30.42 -24.45
C LEU U 516 22.61 31.46 -24.17
N THR U 517 21.77 31.76 -25.15
CA THR U 517 20.73 32.78 -25.03
C THR U 517 19.44 32.24 -24.43
N THR U 518 19.50 31.11 -23.74
CA THR U 518 18.31 30.47 -23.19
C THR U 518 18.02 31.04 -21.80
N GLU U 519 16.81 31.55 -21.60
CA GLU U 519 16.35 32.01 -20.30
C GLU U 519 15.22 31.17 -19.73
N CYS U 520 14.31 30.71 -20.58
CA CYS U 520 13.15 29.94 -20.16
C CYS U 520 13.09 28.67 -20.99
N MET U 521 12.66 27.58 -20.36
CA MET U 521 12.58 26.29 -21.02
C MET U 521 11.22 25.66 -20.72
N ILE U 522 10.49 25.30 -21.77
CA ILE U 522 9.14 24.79 -21.65
C ILE U 522 9.13 23.36 -22.18
N ALA U 523 8.70 22.42 -21.34
CA ALA U 523 8.61 21.02 -21.71
C ALA U 523 7.34 20.43 -21.12
N GLU U 524 6.98 19.24 -21.59
CA GLU U 524 5.82 18.55 -21.07
C GLU U 524 6.04 18.17 -19.62
N ALA U 525 5.02 18.36 -18.79
CA ALA U 525 5.13 17.99 -17.39
C ALA U 525 5.13 16.47 -17.25
N PRO U 526 5.87 15.95 -16.27
CA PRO U 526 5.85 14.50 -16.03
C PRO U 526 4.49 14.05 -15.52
N LYS U 527 4.21 12.76 -15.76
CA LYS U 527 2.94 12.16 -15.34
C LYS U 527 2.95 11.86 -13.84
N ASP U 528 3.11 12.94 -13.06
CA ASP U 528 3.15 12.86 -11.60
C ASP U 528 4.22 11.89 -11.09
N LYS V 1 -11.85 -37.10 -104.24
CA LYS V 1 -12.47 -37.68 -103.05
C LYS V 1 -13.64 -36.82 -102.58
N LEU V 2 -13.44 -35.50 -102.57
CA LEU V 2 -14.46 -34.55 -102.15
C LEU V 2 -15.00 -33.82 -103.38
N ARG V 3 -16.32 -33.80 -103.52
CA ARG V 3 -16.98 -33.14 -104.64
C ARG V 3 -17.88 -32.02 -104.15
N PRO V 4 -17.51 -30.76 -104.37
CA PRO V 4 -18.35 -29.65 -103.89
C PRO V 4 -19.63 -29.54 -104.71
N LEU V 5 -20.61 -28.86 -104.14
CA LEU V 5 -21.93 -28.71 -104.75
C LEU V 5 -22.18 -27.26 -105.13
N HIS V 6 -22.71 -27.07 -106.35
CA HIS V 6 -23.12 -25.77 -106.85
C HIS V 6 -21.97 -24.77 -106.90
N ASP V 7 -22.02 -23.75 -106.04
CA ASP V 7 -21.04 -22.68 -106.04
C ASP V 7 -19.86 -22.95 -105.11
N ARG V 8 -19.81 -24.12 -104.50
CA ARG V 8 -18.80 -24.39 -103.48
C ARG V 8 -17.44 -24.59 -104.11
N VAL V 9 -16.41 -24.12 -103.42
CA VAL V 9 -15.03 -24.34 -103.80
C VAL V 9 -14.28 -24.86 -102.59
N VAL V 10 -13.47 -25.91 -102.79
CA VAL V 10 -12.67 -26.50 -101.73
C VAL V 10 -11.22 -26.08 -101.94
N VAL V 11 -10.61 -25.55 -100.89
CA VAL V 11 -9.24 -25.05 -100.96
C VAL V 11 -8.41 -25.66 -99.85
N LYS V 12 -7.10 -25.76 -100.09
CA LYS V 12 -6.12 -26.10 -99.07
C LYS V 12 -5.40 -24.81 -98.72
N ARG V 13 -5.59 -24.33 -97.49
CA ARG V 13 -4.94 -23.09 -97.08
C ARG V 13 -3.45 -23.32 -96.96
N ILE V 14 -2.66 -22.57 -97.73
CA ILE V 14 -1.22 -22.77 -97.77
C ILE V 14 -0.62 -22.48 -96.40
N GLU V 15 0.51 -23.12 -96.12
CA GLU V 15 1.15 -22.97 -94.82
C GLU V 15 1.71 -21.56 -94.63
N ALA V 16 1.94 -21.20 -93.38
CA ALA V 16 2.48 -19.88 -93.08
C ALA V 16 3.92 -19.76 -93.56
N GLU V 17 4.29 -18.54 -93.96
CA GLU V 17 5.62 -18.27 -94.47
C GLU V 17 6.66 -18.57 -93.38
N ARG V 18 7.74 -19.25 -93.77
CA ARG V 18 8.75 -19.72 -92.84
C ARG V 18 10.06 -18.95 -92.91
N LYS V 19 10.71 -18.93 -94.08
CA LYS V 19 11.94 -18.18 -94.28
C LYS V 19 11.67 -16.94 -95.13
N THR V 20 12.21 -15.81 -94.70
CA THR V 20 12.04 -14.55 -95.40
C THR V 20 13.12 -14.36 -96.45
N ALA V 21 13.15 -13.17 -97.06
CA ALA V 21 14.17 -12.88 -98.06
C ALA V 21 15.57 -12.88 -97.44
N SER V 22 15.70 -12.33 -96.23
CA SER V 22 16.97 -12.30 -95.53
C SER V 22 17.21 -13.54 -94.67
N GLY V 23 16.23 -14.43 -94.55
CA GLY V 23 16.43 -15.72 -93.93
C GLY V 23 15.96 -15.86 -92.49
N ILE V 24 15.29 -14.84 -91.93
CA ILE V 24 14.80 -14.94 -90.56
C ILE V 24 13.74 -16.03 -90.47
N VAL V 25 13.88 -16.90 -89.47
CA VAL V 25 12.95 -17.99 -89.26
C VAL V 25 11.88 -17.54 -88.27
N ILE V 26 10.62 -17.72 -88.65
CA ILE V 26 9.48 -17.37 -87.81
C ILE V 26 8.89 -18.64 -87.23
N PRO V 27 8.67 -18.73 -85.92
CA PRO V 27 8.00 -19.91 -85.37
C PRO V 27 6.57 -20.00 -85.86
N ASP V 28 6.06 -21.24 -85.90
CA ASP V 28 4.71 -21.47 -86.42
C ASP V 28 3.66 -20.74 -85.60
N THR V 29 3.89 -20.57 -84.30
CA THR V 29 2.96 -19.80 -83.48
C THR V 29 2.92 -18.34 -83.91
N ALA V 30 4.08 -17.75 -84.19
CA ALA V 30 4.13 -16.35 -84.61
C ALA V 30 3.68 -16.17 -86.04
N GLY V 31 3.89 -17.16 -86.89
CA GLY V 31 3.52 -17.06 -88.29
C GLY V 31 2.03 -16.92 -88.50
N GLU V 32 1.59 -15.75 -88.95
CA GLU V 32 0.18 -15.52 -89.19
C GLU V 32 -0.31 -16.39 -90.34
N LYS V 33 -1.51 -16.92 -90.21
CA LYS V 33 -2.08 -17.82 -91.21
C LYS V 33 -2.49 -17.01 -92.44
N PRO V 34 -1.91 -17.26 -93.61
CA PRO V 34 -2.29 -16.51 -94.80
C PRO V 34 -3.71 -16.85 -95.25
N ASP V 35 -4.33 -15.90 -95.94
CA ASP V 35 -5.66 -16.07 -96.48
C ASP V 35 -5.66 -16.56 -97.91
N GLN V 36 -4.63 -17.31 -98.30
CA GLN V 36 -4.48 -17.81 -99.65
C GLN V 36 -4.37 -19.33 -99.64
N GLY V 37 -4.69 -19.94 -100.79
CA GLY V 37 -4.56 -21.37 -100.94
C GLY V 37 -4.91 -21.77 -102.36
N GLU V 38 -4.47 -22.97 -102.73
CA GLU V 38 -4.78 -23.50 -104.05
C GLU V 38 -6.03 -24.37 -103.98
N VAL V 39 -6.69 -24.50 -105.12
CA VAL V 39 -7.96 -25.20 -105.21
C VAL V 39 -7.71 -26.61 -105.75
N LEU V 40 -8.36 -27.60 -105.12
CA LEU V 40 -8.32 -28.96 -105.62
C LEU V 40 -9.67 -29.46 -106.11
N ALA V 41 -10.77 -28.80 -105.78
CA ALA V 41 -12.09 -29.20 -106.25
C ALA V 41 -12.95 -27.96 -106.41
N VAL V 42 -13.72 -27.90 -107.50
CA VAL V 42 -14.57 -26.76 -107.81
C VAL V 42 -15.96 -27.27 -108.16
N GLY V 43 -16.98 -26.53 -107.73
CA GLY V 43 -18.35 -26.88 -108.03
C GLY V 43 -18.73 -26.57 -109.46
N ASP V 44 -19.86 -27.16 -109.88
CA ASP V 44 -20.32 -26.95 -111.25
C ASP V 44 -20.81 -25.52 -111.46
N GLY V 45 -21.44 -24.93 -110.47
CA GLY V 45 -21.94 -23.57 -110.57
C GLY V 45 -23.25 -23.36 -109.82
N LYS V 46 -23.47 -22.14 -109.37
CA LYS V 46 -24.68 -21.81 -108.63
C LYS V 46 -25.89 -21.82 -109.57
N ILE V 47 -26.96 -22.48 -109.15
CA ILE V 47 -28.24 -22.44 -109.85
C ILE V 47 -28.80 -21.03 -109.66
N LEU V 48 -28.79 -20.24 -110.73
CA LEU V 48 -29.45 -18.94 -110.68
C LEU V 48 -30.93 -19.11 -111.03
N ASP V 49 -31.70 -18.06 -110.72
CA ASP V 49 -33.15 -18.19 -110.64
C ASP V 49 -33.79 -18.58 -111.97
N ASP V 50 -33.17 -18.21 -113.08
CA ASP V 50 -33.72 -18.49 -114.41
C ASP V 50 -33.11 -19.74 -115.04
N GLY V 51 -32.76 -20.74 -114.23
CA GLY V 51 -32.22 -21.98 -114.75
C GLY V 51 -30.77 -21.84 -115.18
N SER V 52 -30.25 -22.95 -115.71
CA SER V 52 -28.86 -23.04 -116.18
C SER V 52 -27.86 -22.81 -115.04
N LYS V 53 -26.59 -22.63 -115.38
CA LYS V 53 -25.53 -22.55 -114.40
C LYS V 53 -24.73 -21.26 -114.60
N ARG V 54 -24.23 -20.73 -113.50
CA ARG V 54 -23.32 -19.59 -113.56
C ARG V 54 -21.91 -20.09 -113.86
N PRO V 55 -21.25 -19.56 -114.90
CA PRO V 55 -19.87 -19.98 -115.18
C PRO V 55 -18.96 -19.65 -114.00
N MET V 56 -18.01 -20.55 -113.75
CA MET V 56 -17.13 -20.42 -112.59
C MET V 56 -15.85 -19.69 -112.98
N ALA V 57 -15.46 -18.74 -112.13
CA ALA V 57 -14.24 -17.97 -112.33
C ALA V 57 -13.01 -18.64 -111.72
N VAL V 58 -13.19 -19.77 -111.03
CA VAL V 58 -12.09 -20.49 -110.41
C VAL V 58 -12.02 -21.88 -111.03
N LYS V 59 -10.85 -22.24 -111.53
CA LYS V 59 -10.61 -23.55 -112.11
C LYS V 59 -9.68 -24.34 -111.19
N VAL V 60 -9.69 -25.67 -111.36
CA VAL V 60 -8.90 -26.52 -110.48
C VAL V 60 -7.42 -26.30 -110.78
N GLY V 61 -6.68 -25.87 -109.76
CA GLY V 61 -5.24 -25.74 -109.85
C GLY V 61 -4.68 -24.37 -109.54
N ASP V 62 -5.46 -23.30 -109.67
CA ASP V 62 -4.90 -21.97 -109.47
C ASP V 62 -4.85 -21.63 -107.99
N LYS V 63 -4.19 -20.53 -107.68
CA LYS V 63 -4.07 -20.02 -106.32
C LYS V 63 -5.09 -18.91 -106.12
N VAL V 64 -5.92 -19.04 -105.09
CA VAL V 64 -7.01 -18.10 -104.84
C VAL V 64 -6.81 -17.43 -103.49
N LEU V 65 -7.33 -16.22 -103.38
CA LEU V 65 -7.31 -15.45 -102.15
C LEU V 65 -8.73 -15.24 -101.68
N PHE V 66 -8.97 -15.39 -100.38
CA PHE V 66 -10.30 -15.30 -99.81
C PHE V 66 -10.26 -14.56 -98.49
N GLY V 67 -11.43 -14.12 -98.03
CA GLY V 67 -11.53 -13.51 -96.73
C GLY V 67 -11.37 -14.51 -95.61
N LYS V 68 -10.99 -14.00 -94.44
CA LYS V 68 -10.76 -14.88 -93.29
C LYS V 68 -12.07 -15.36 -92.69
N TYR V 69 -13.10 -14.50 -92.70
CA TYR V 69 -14.38 -14.84 -92.09
C TYR V 69 -15.00 -16.10 -92.67
N ALA V 70 -14.86 -16.32 -93.97
CA ALA V 70 -15.54 -17.42 -94.64
C ALA V 70 -14.74 -18.71 -94.54
N GLY V 71 -15.39 -19.81 -94.94
CA GLY V 71 -14.75 -21.10 -95.01
C GLY V 71 -15.15 -22.03 -93.86
N GLN V 72 -14.93 -23.32 -94.09
CA GLN V 72 -15.25 -24.35 -93.12
C GLN V 72 -14.24 -25.48 -93.27
N THR V 73 -13.63 -25.88 -92.17
CA THR V 73 -12.58 -26.89 -92.18
C THR V 73 -13.20 -28.29 -92.15
N VAL V 74 -12.67 -29.19 -92.98
CA VAL V 74 -13.22 -30.53 -93.15
C VAL V 74 -12.19 -31.54 -92.66
N LYS V 75 -12.68 -32.60 -92.01
CA LYS V 75 -11.84 -33.56 -91.31
C LYS V 75 -11.39 -34.74 -92.16
N VAL V 76 -11.73 -34.78 -93.45
CA VAL V 76 -11.53 -35.99 -94.24
C VAL V 76 -10.04 -36.32 -94.38
N GLU V 77 -9.72 -37.58 -94.09
CA GLU V 77 -8.41 -38.24 -94.23
C GLU V 77 -7.23 -37.45 -93.67
N GLY V 78 -7.48 -36.49 -92.80
CA GLY V 78 -6.44 -35.82 -92.05
C GLY V 78 -6.10 -34.40 -92.47
N GLU V 79 -6.00 -34.13 -93.78
CA GLU V 79 -5.64 -32.78 -94.20
C GLU V 79 -6.75 -31.79 -93.86
N GLU V 80 -6.35 -30.59 -93.45
CA GLU V 80 -7.28 -29.50 -93.26
C GLU V 80 -7.55 -28.86 -94.61
N LEU V 81 -8.82 -28.78 -94.98
CA LEU V 81 -9.24 -28.14 -96.22
C LEU V 81 -10.39 -27.21 -95.92
N LEU V 82 -10.45 -26.10 -96.63
CA LEU V 82 -11.46 -25.06 -96.41
C LEU V 82 -12.44 -25.08 -97.56
N VAL V 83 -13.72 -25.27 -97.25
CA VAL V 83 -14.80 -25.28 -98.23
C VAL V 83 -15.60 -24.00 -98.07
N LEU V 84 -15.71 -23.21 -99.13
CA LEU V 84 -16.33 -21.90 -99.06
C LEU V 84 -16.99 -21.60 -100.39
N ARG V 85 -17.95 -20.68 -100.36
CA ARG V 85 -18.71 -20.33 -101.55
C ARG V 85 -17.81 -19.57 -102.54
N GLU V 86 -18.27 -19.49 -103.79
CA GLU V 86 -17.47 -18.89 -104.84
C GLU V 86 -17.30 -17.39 -104.62
N ASP V 87 -18.29 -16.71 -104.04
CA ASP V 87 -18.21 -15.28 -103.87
C ASP V 87 -17.16 -14.84 -102.84
N ASP V 88 -16.81 -15.70 -101.88
CA ASP V 88 -15.85 -15.31 -100.85
C ASP V 88 -14.42 -15.29 -101.37
N ILE V 89 -14.12 -16.03 -102.44
CA ILE V 89 -12.80 -15.95 -103.06
C ILE V 89 -12.56 -14.52 -103.51
N MET V 90 -11.54 -13.89 -102.92
CA MET V 90 -11.37 -12.45 -103.03
C MET V 90 -10.67 -12.04 -104.32
N ALA V 91 -9.77 -12.89 -104.83
CA ALA V 91 -8.99 -12.63 -106.03
C ALA V 91 -8.26 -13.91 -106.42
N VAL V 92 -7.61 -13.89 -107.57
CA VAL V 92 -6.83 -15.02 -108.06
C VAL V 92 -5.40 -14.56 -108.30
N ILE V 93 -4.43 -15.28 -107.73
CA ILE V 93 -3.02 -14.94 -107.80
C ILE V 93 -2.37 -15.77 -108.91
N GLU V 94 -1.55 -15.12 -109.74
CA GLU V 94 -1.26 -15.62 -111.09
C GLU V 94 -2.50 -16.25 -111.73
N ALA W 1 -17.94 16.52 -17.38
CA ALA W 1 -18.07 15.79 -16.13
C ALA W 1 -18.33 16.74 -14.98
N ALA W 2 -17.93 16.33 -13.77
CA ALA W 2 -18.10 17.18 -12.60
C ALA W 2 -17.25 18.43 -12.72
N LYS W 3 -17.80 19.54 -12.21
CA LYS W 3 -17.17 20.84 -12.30
C LYS W 3 -16.80 21.34 -10.92
N GLU W 4 -15.65 21.99 -10.82
CA GLU W 4 -15.22 22.67 -9.61
C GLU W 4 -15.47 24.17 -9.78
N VAL W 5 -16.06 24.80 -8.78
CA VAL W 5 -16.47 26.19 -8.85
C VAL W 5 -15.70 26.97 -7.80
N LYS W 6 -15.06 28.06 -8.23
CA LYS W 6 -14.31 28.94 -7.34
C LYS W 6 -14.94 30.32 -7.34
N PHE W 7 -14.89 30.99 -6.19
CA PHE W 7 -15.56 32.26 -6.00
C PHE W 7 -14.61 33.30 -5.43
N HIS W 8 -14.90 34.56 -5.76
CA HIS W 8 -14.31 35.75 -5.11
C HIS W 8 -12.79 35.69 -5.27
N ASP W 9 -12.01 35.92 -4.21
CA ASP W 9 -10.57 36.07 -4.34
C ASP W 9 -9.90 34.74 -4.70
N SER W 10 -10.47 33.62 -4.27
CA SER W 10 -9.89 32.32 -4.61
C SER W 10 -9.88 32.10 -6.12
N ALA W 11 -10.96 32.51 -6.79
CA ALA W 11 -11.00 32.41 -8.24
C ALA W 11 -10.05 33.40 -8.89
N ARG W 12 -10.02 34.64 -8.39
CA ARG W 12 -9.14 35.65 -8.98
C ARG W 12 -7.68 35.32 -8.76
N GLU W 13 -7.34 34.78 -7.59
CA GLU W 13 -5.96 34.41 -7.32
C GLU W 13 -5.48 33.32 -8.27
N ARG W 14 -6.32 32.32 -8.53
CA ARG W 14 -5.95 31.29 -9.50
C ARG W 14 -5.83 31.87 -10.90
N LEU W 15 -6.74 32.78 -11.25
CA LEU W 15 -6.71 33.40 -12.58
C LEU W 15 -5.44 34.22 -12.78
N VAL W 16 -5.07 35.01 -11.78
CA VAL W 16 -3.89 35.86 -11.90
C VAL W 16 -2.62 35.02 -11.94
N ALA W 17 -2.58 33.92 -11.19
CA ALA W 17 -1.41 33.06 -11.19
C ALA W 17 -1.15 32.50 -12.59
N GLY W 18 -2.21 32.10 -13.29
CA GLY W 18 -2.04 31.64 -14.66
C GLY W 18 -1.61 32.76 -15.60
N VAL W 19 -2.15 33.95 -15.37
CA VAL W 19 -1.75 35.11 -16.18
C VAL W 19 -0.26 35.40 -15.97
N ASN W 20 0.17 35.38 -14.70
CA ASN W 20 1.55 35.71 -14.40
C ASN W 20 2.52 34.67 -14.94
N LEU W 21 2.15 33.39 -14.87
CA LEU W 21 3.05 32.35 -15.34
C LEU W 21 3.30 32.47 -16.83
N LEU W 22 2.24 32.68 -17.61
CA LEU W 22 2.41 32.82 -19.06
C LEU W 22 3.16 34.10 -19.40
N ALA W 23 2.81 35.21 -18.74
CA ALA W 23 3.42 36.48 -19.08
C ALA W 23 4.88 36.54 -18.64
N ASN W 24 5.23 35.88 -17.54
CA ASN W 24 6.62 35.86 -17.10
C ASN W 24 7.50 35.11 -18.11
N ALA W 25 6.99 34.02 -18.67
CA ALA W 25 7.73 33.31 -19.71
C ALA W 25 7.90 34.17 -20.95
N VAL W 26 6.83 34.87 -21.35
CA VAL W 26 6.91 35.77 -22.49
C VAL W 26 7.74 37.01 -22.18
N LYS W 27 7.81 37.40 -20.90
CA LYS W 27 8.58 38.58 -20.51
C LYS W 27 10.04 38.47 -20.92
N THR W 28 10.62 37.27 -20.79
CA THR W 28 12.06 37.09 -20.97
C THR W 28 12.52 37.45 -22.37
N THR W 29 11.63 37.45 -23.35
CA THR W 29 11.99 37.69 -24.74
C THR W 29 11.83 39.13 -25.18
N LEU W 30 11.46 40.03 -24.27
CA LEU W 30 11.11 41.40 -24.66
C LEU W 30 12.35 42.27 -24.76
N GLY W 31 12.41 43.07 -25.82
CA GLY W 31 13.45 44.07 -25.97
C GLY W 31 14.68 43.56 -26.66
N PRO W 32 15.61 44.47 -26.96
CA PRO W 32 16.87 44.06 -27.61
C PRO W 32 17.70 43.11 -26.77
N LYS W 33 17.63 43.24 -25.44
CA LYS W 33 18.37 42.38 -24.54
C LYS W 33 17.53 41.22 -24.01
N GLY W 34 16.35 41.01 -24.57
CA GLY W 34 15.58 39.83 -24.23
C GLY W 34 16.26 38.57 -24.72
N ARG W 35 15.91 37.45 -24.09
CA ARG W 35 16.58 36.20 -24.33
C ARG W 35 15.60 35.16 -24.87
N ASN W 36 16.15 34.09 -25.43
CA ASN W 36 15.37 33.09 -26.14
C ASN W 36 14.67 32.14 -25.16
N VAL W 37 13.63 31.50 -25.66
CA VAL W 37 12.89 30.47 -24.93
C VAL W 37 12.95 29.19 -25.73
N VAL W 38 13.34 28.10 -25.09
CA VAL W 38 13.42 26.79 -25.72
C VAL W 38 12.14 26.03 -25.38
N ILE W 39 11.45 25.56 -26.42
CA ILE W 39 10.19 24.84 -26.27
C ILE W 39 10.39 23.42 -26.78
N GLU W 40 10.04 22.44 -25.94
CA GLU W 40 10.17 21.05 -26.33
C GLU W 40 9.16 20.70 -27.41
N ARG W 41 9.60 19.92 -28.39
CA ARG W 41 8.73 19.41 -29.44
C ARG W 41 8.62 17.90 -29.31
N SER W 42 7.44 17.37 -29.65
CA SER W 42 7.22 15.93 -29.53
C SER W 42 8.15 15.15 -30.44
N PHE W 43 8.36 15.63 -31.67
CA PHE W 43 9.18 14.95 -32.65
C PHE W 43 10.65 15.36 -32.59
N GLY W 44 11.12 15.81 -31.44
CA GLY W 44 12.50 16.20 -31.29
C GLY W 44 12.79 17.57 -31.88
N ALA W 45 14.07 17.94 -31.82
CA ALA W 45 14.54 19.23 -32.32
C ALA W 45 13.76 20.38 -31.69
N PRO W 46 14.03 20.72 -30.42
CA PRO W 46 13.29 21.81 -29.78
C PRO W 46 13.47 23.12 -30.52
N ILE W 47 12.43 23.92 -30.53
CA ILE W 47 12.45 25.21 -31.20
C ILE W 47 12.95 26.27 -30.23
N VAL W 48 13.80 27.15 -30.73
CA VAL W 48 14.30 28.29 -29.99
C VAL W 48 13.65 29.53 -30.58
N THR W 49 12.93 30.28 -29.75
CA THR W 49 12.15 31.39 -30.25
C THR W 49 12.26 32.59 -29.32
N LYS W 50 12.20 33.79 -29.90
CA LYS W 50 12.07 35.02 -29.17
C LYS W 50 10.68 35.65 -29.36
N ASP W 51 9.78 34.95 -30.04
CA ASP W 51 8.46 35.49 -30.32
C ASP W 51 7.53 35.23 -29.14
N GLY W 52 6.77 36.25 -28.76
CA GLY W 52 5.85 36.10 -27.65
C GLY W 52 4.71 35.14 -27.95
N VAL W 53 4.17 35.20 -29.17
CA VAL W 53 3.04 34.36 -29.51
C VAL W 53 3.44 32.89 -29.56
N THR W 54 4.65 32.61 -30.06
CA THR W 54 5.12 31.23 -30.09
C THR W 54 5.28 30.66 -28.69
N VAL W 55 5.82 31.45 -27.77
CA VAL W 55 5.96 31.01 -26.39
C VAL W 55 4.59 30.86 -25.73
N ALA W 56 3.70 31.83 -25.96
CA ALA W 56 2.40 31.81 -25.31
C ALA W 56 1.56 30.62 -25.76
N LYS W 57 1.60 30.29 -27.06
CA LYS W 57 0.78 29.21 -27.58
C LYS W 57 1.17 27.85 -27.06
N GLU W 58 2.38 27.71 -26.51
CA GLU W 58 2.87 26.42 -26.04
C GLU W 58 2.70 26.22 -24.54
N ILE W 59 2.03 27.13 -23.84
CA ILE W 59 1.94 27.08 -22.39
C ILE W 59 0.57 26.53 -22.00
N GLU W 60 0.57 25.41 -21.28
CA GLU W 60 -0.61 24.84 -20.67
C GLU W 60 -0.25 24.43 -19.25
N LEU W 61 -1.21 24.53 -18.34
CA LEU W 61 -0.95 24.35 -16.92
C LEU W 61 -1.75 23.18 -16.37
N LYS W 62 -1.16 22.49 -15.39
CA LYS W 62 -1.85 21.39 -14.73
C LYS W 62 -3.09 21.87 -14.00
N ASP W 63 -2.98 22.99 -13.29
CA ASP W 63 -4.13 23.57 -12.61
C ASP W 63 -5.09 24.14 -13.65
N LYS W 64 -6.32 23.60 -13.67
CA LYS W 64 -7.27 24.03 -14.69
C LYS W 64 -7.72 25.46 -14.49
N PHE W 65 -7.76 25.93 -13.24
CA PHE W 65 -8.10 27.32 -12.99
C PHE W 65 -6.96 28.25 -13.37
N GLU W 66 -5.72 27.84 -13.11
CA GLU W 66 -4.58 28.61 -13.59
C GLU W 66 -4.49 28.55 -15.11
N ASN W 67 -4.84 27.41 -15.70
CA ASN W 67 -4.80 27.29 -17.15
C ASN W 67 -5.76 28.25 -17.82
N MET W 68 -6.93 28.46 -17.21
CA MET W 68 -7.92 29.37 -17.79
C MET W 68 -7.39 30.79 -17.85
N GLY W 69 -6.66 31.22 -16.82
CA GLY W 69 -6.00 32.51 -16.88
C GLY W 69 -4.94 32.58 -17.97
N ALA W 70 -4.17 31.50 -18.12
CA ALA W 70 -3.16 31.46 -19.17
C ALA W 70 -3.78 31.44 -20.56
N GLN W 71 -4.90 30.72 -20.70
CA GLN W 71 -5.54 30.62 -22.01
C GLN W 71 -6.10 31.96 -22.46
N MET W 72 -6.51 32.81 -21.52
CA MET W 72 -7.05 34.10 -21.89
C MET W 72 -5.96 35.09 -22.29
N VAL W 73 -4.81 35.06 -21.62
CA VAL W 73 -3.68 35.88 -22.05
C VAL W 73 -3.15 35.42 -23.39
N LYS W 74 -3.20 34.11 -23.63
CA LYS W 74 -2.81 33.57 -24.93
C LYS W 74 -3.66 34.16 -26.05
N GLU W 75 -4.89 34.55 -25.75
CA GLU W 75 -5.74 35.19 -26.75
C GLU W 75 -5.18 36.55 -27.15
N VAL W 76 -4.56 37.27 -26.20
CA VAL W 76 -3.97 38.57 -26.50
C VAL W 76 -2.85 38.43 -27.52
N ALA W 77 -1.94 37.48 -27.27
CA ALA W 77 -0.81 37.29 -28.18
C ALA W 77 -1.27 36.76 -29.53
N SER W 78 -2.24 35.84 -29.53
CA SER W 78 -2.74 35.28 -30.78
C SER W 78 -3.41 36.35 -31.63
N LYS W 79 -4.23 37.21 -31.02
CA LYS W 79 -4.89 38.25 -31.79
C LYS W 79 -3.90 39.28 -32.31
N THR W 80 -2.91 39.65 -31.51
CA THR W 80 -1.92 40.62 -31.96
C THR W 80 -1.09 40.06 -33.10
N ALA W 81 -0.76 38.78 -33.05
CA ALA W 81 -0.04 38.14 -34.15
C ALA W 81 -0.89 38.12 -35.41
N ASP W 82 -2.20 37.92 -35.27
CA ASP W 82 -3.09 37.85 -36.42
C ASP W 82 -3.19 39.20 -37.11
N VAL W 83 -3.39 40.28 -36.34
CA VAL W 83 -3.68 41.57 -36.94
C VAL W 83 -2.43 42.39 -37.22
N ALA W 84 -1.31 42.09 -36.57
CA ALA W 84 -0.11 42.89 -36.76
C ALA W 84 1.10 42.04 -37.13
N GLY W 85 1.18 40.83 -36.58
CA GLY W 85 2.33 39.99 -36.77
C GLY W 85 3.52 40.35 -35.91
N ASP W 86 3.38 41.36 -35.05
CA ASP W 86 4.44 41.80 -34.17
C ASP W 86 3.80 42.47 -32.97
N GLY W 87 4.58 42.63 -31.90
CA GLY W 87 4.05 43.19 -30.69
C GLY W 87 3.34 42.21 -29.79
N THR W 88 3.50 40.91 -30.03
CA THR W 88 2.83 39.91 -29.19
C THR W 88 3.38 39.91 -27.77
N THR W 89 4.70 40.03 -27.62
CA THR W 89 5.28 40.13 -26.28
C THR W 89 4.83 41.41 -25.60
N THR W 90 4.80 42.52 -26.33
CA THR W 90 4.34 43.79 -25.75
C THR W 90 2.88 43.69 -25.35
N ALA W 91 2.05 43.06 -26.18
CA ALA W 91 0.64 42.89 -25.83
C ALA W 91 0.48 42.04 -24.58
N THR W 92 1.25 40.95 -24.48
CA THR W 92 1.19 40.10 -23.30
C THR W 92 1.67 40.85 -22.06
N VAL W 93 2.73 41.64 -22.20
CA VAL W 93 3.23 42.42 -21.07
C VAL W 93 2.21 43.46 -20.64
N LEU W 94 1.58 44.14 -21.60
CA LEU W 94 0.54 45.10 -21.26
C LEU W 94 -0.65 44.44 -20.58
N ALA W 95 -1.04 43.25 -21.06
CA ALA W 95 -2.18 42.55 -20.47
C ALA W 95 -1.91 42.19 -19.02
N GLN W 96 -0.70 41.74 -18.72
CA GLN W 96 -0.37 41.41 -17.34
C GLN W 96 -0.33 42.65 -16.47
N ALA W 97 0.14 43.78 -17.01
CA ALA W 97 0.18 45.01 -16.24
C ALA W 97 -1.21 45.49 -15.88
N ILE W 98 -2.15 45.40 -16.82
CA ILE W 98 -3.52 45.81 -16.54
C ILE W 98 -4.13 44.91 -15.47
N VAL W 99 -3.91 43.61 -15.57
CA VAL W 99 -4.44 42.68 -14.58
C VAL W 99 -3.82 42.95 -13.21
N ARG W 100 -2.49 43.15 -13.18
CA ARG W 100 -1.83 43.41 -11.91
C ARG W 100 -2.31 44.70 -11.28
N GLU W 101 -2.44 45.77 -12.07
CA GLU W 101 -2.92 47.04 -11.55
C GLU W 101 -4.41 47.00 -11.27
N GLY W 102 -5.19 46.28 -12.09
CA GLY W 102 -6.61 46.21 -11.89
C GLY W 102 -7.02 45.38 -10.69
N MET W 103 -6.26 44.34 -10.36
CA MET W 103 -6.58 43.52 -9.21
C MET W 103 -6.45 44.30 -7.91
N LYS W 104 -5.57 45.30 -7.87
CA LYS W 104 -5.46 46.15 -6.69
C LYS W 104 -6.76 46.92 -6.46
N TYR W 105 -7.36 47.44 -7.53
CA TYR W 105 -8.61 48.17 -7.39
C TYR W 105 -9.80 47.24 -7.17
N VAL W 106 -9.77 46.04 -7.76
CA VAL W 106 -10.79 45.06 -7.47
C VAL W 106 -10.75 44.64 -6.01
N ALA W 107 -9.54 44.40 -5.49
CA ALA W 107 -9.39 44.11 -4.07
C ALA W 107 -9.75 45.29 -3.20
N ALA W 108 -9.70 46.51 -3.73
CA ALA W 108 -10.10 47.70 -2.99
C ALA W 108 -11.61 47.87 -2.92
N GLY W 109 -12.37 47.01 -3.58
CA GLY W 109 -13.82 47.07 -3.53
C GLY W 109 -14.48 47.84 -4.65
N MET W 110 -13.72 48.26 -5.65
CA MET W 110 -14.29 49.03 -6.75
C MET W 110 -15.00 48.10 -7.73
N ASN W 111 -16.02 48.63 -8.39
CA ASN W 111 -16.80 47.86 -9.34
C ASN W 111 -15.97 47.56 -10.57
N PRO W 112 -15.71 46.29 -10.89
CA PRO W 112 -14.86 46.00 -12.06
C PRO W 112 -15.51 46.33 -13.38
N MET W 113 -16.84 46.36 -13.46
CA MET W 113 -17.49 46.77 -14.70
C MET W 113 -17.20 48.23 -15.02
N ASP W 114 -17.16 49.08 -14.00
CA ASP W 114 -16.76 50.47 -14.22
C ASP W 114 -15.26 50.58 -14.46
N LEU W 115 -14.47 49.69 -13.87
CA LEU W 115 -13.05 49.65 -14.18
C LEU W 115 -12.83 49.30 -15.64
N LYS W 116 -13.58 48.34 -16.17
CA LYS W 116 -13.48 47.98 -17.58
C LYS W 116 -13.91 49.15 -18.47
N ARG W 117 -14.96 49.86 -18.07
CA ARG W 117 -15.40 51.02 -18.84
C ARG W 117 -14.37 52.12 -18.80
N GLY W 118 -13.73 52.32 -17.65
CA GLY W 118 -12.66 53.29 -17.56
C GLY W 118 -11.44 52.87 -18.36
N ILE W 119 -11.13 51.57 -18.38
CA ILE W 119 -10.01 51.08 -19.18
C ILE W 119 -10.27 51.33 -20.67
N ASP W 120 -11.48 51.05 -21.13
CA ASP W 120 -11.81 51.28 -22.52
C ASP W 120 -11.73 52.76 -22.87
N LYS W 121 -12.17 53.63 -21.95
CA LYS W 121 -12.11 55.06 -22.20
C LYS W 121 -10.65 55.53 -22.31
N ALA W 122 -9.79 55.03 -21.43
CA ALA W 122 -8.39 55.43 -21.46
C ALA W 122 -7.69 54.92 -22.72
N VAL W 123 -7.97 53.69 -23.12
CA VAL W 123 -7.32 53.11 -24.29
C VAL W 123 -7.75 53.85 -25.56
N THR W 124 -9.02 54.23 -25.63
CA THR W 124 -9.49 55.01 -26.78
C THR W 124 -8.75 56.34 -26.87
N ALA W 125 -8.56 57.01 -25.74
CA ALA W 125 -7.86 58.29 -25.74
C ALA W 125 -6.39 58.10 -26.12
N ILE W 126 -5.76 57.05 -25.62
CA ILE W 126 -4.34 56.83 -25.91
C ILE W 126 -4.14 56.45 -27.37
N VAL W 127 -5.04 55.62 -27.91
CA VAL W 127 -4.92 55.23 -29.30
C VAL W 127 -5.07 56.44 -30.21
N GLU W 128 -5.96 57.37 -29.86
CA GLU W 128 -6.09 58.60 -30.65
C GLU W 128 -4.81 59.42 -30.59
N GLU W 129 -4.16 59.49 -29.43
CA GLU W 129 -2.90 60.21 -29.33
C GLU W 129 -1.78 59.51 -30.10
N LEU W 130 -1.85 58.17 -30.20
CA LEU W 130 -0.87 57.45 -31.00
C LEU W 130 -0.96 57.85 -32.47
N LYS W 131 -2.18 58.06 -32.96
CA LYS W 131 -2.36 58.46 -34.36
C LYS W 131 -1.73 59.82 -34.62
N ALA W 132 -1.87 60.76 -33.68
CA ALA W 132 -1.27 62.07 -33.85
C ALA W 132 0.25 62.00 -33.80
N ILE W 133 0.78 61.20 -32.88
CA ILE W 133 2.24 61.07 -32.75
C ILE W 133 2.83 60.39 -33.97
N SER W 134 2.12 59.43 -34.55
CA SER W 134 2.65 58.64 -35.65
C SER W 134 3.02 59.50 -36.84
N LYS W 135 4.11 59.11 -37.52
CA LYS W 135 4.57 59.75 -38.73
C LYS W 135 4.65 58.73 -39.86
N PRO W 136 4.36 59.13 -41.09
CA PRO W 136 4.38 58.16 -42.19
C PRO W 136 5.78 57.63 -42.48
N CYS W 137 5.82 56.39 -42.95
CA CYS W 137 7.08 55.74 -43.33
C CYS W 137 7.27 55.93 -44.84
N SER W 138 8.05 56.94 -45.21
CA SER W 138 8.20 57.32 -46.60
C SER W 138 9.57 56.96 -47.18
N THR W 139 10.58 56.78 -46.35
CA THR W 139 11.94 56.53 -46.82
C THR W 139 12.29 55.06 -46.67
N THR W 140 13.13 54.57 -47.58
CA THR W 140 13.61 53.20 -47.47
C THR W 140 14.56 53.03 -46.29
N LYS W 141 15.18 54.12 -45.84
CA LYS W 141 16.02 54.05 -44.64
C LYS W 141 15.17 53.74 -43.42
N GLU W 142 13.99 54.35 -43.31
CA GLU W 142 13.09 54.04 -42.21
C GLU W 142 12.60 52.60 -42.27
N ILE W 143 12.37 52.09 -43.48
CA ILE W 143 11.95 50.70 -43.64
C ILE W 143 13.04 49.77 -43.14
N ALA W 144 14.30 50.06 -43.48
CA ALA W 144 15.40 49.26 -42.98
C ALA W 144 15.50 49.34 -41.46
N GLN W 145 15.30 50.54 -40.90
CA GLN W 145 15.35 50.69 -39.46
C GLN W 145 14.23 49.93 -38.77
N VAL W 146 13.02 49.96 -39.34
CA VAL W 146 11.91 49.22 -38.77
C VAL W 146 12.17 47.72 -38.85
N GLY W 147 12.67 47.25 -39.99
CA GLY W 147 12.99 45.85 -40.11
C GLY W 147 14.13 45.41 -39.21
N THR W 148 15.15 46.27 -39.06
CA THR W 148 16.27 45.95 -38.20
C THR W 148 15.85 45.80 -36.75
N ILE W 149 14.99 46.69 -36.27
CA ILE W 149 14.55 46.62 -34.88
C ILE W 149 13.73 45.36 -34.64
N SER W 150 12.82 45.04 -35.57
CA SER W 150 11.95 43.88 -35.40
C SER W 150 12.70 42.57 -35.58
N ALA W 151 13.84 42.58 -36.27
CA ALA W 151 14.67 41.40 -36.41
C ALA W 151 15.70 41.28 -35.29
N ASN W 152 15.45 41.95 -34.16
CA ASN W 152 16.34 41.93 -33.00
C ASN W 152 17.73 42.46 -33.36
N ALA W 153 17.74 43.71 -33.81
CA ALA W 153 18.98 44.44 -34.12
C ALA W 153 19.84 43.69 -35.13
N ASP W 154 19.21 43.19 -36.18
CA ASP W 154 19.89 42.53 -37.28
C ASP W 154 19.79 43.44 -38.51
N SER W 155 20.88 44.15 -38.81
CA SER W 155 20.86 45.10 -39.92
C SER W 155 20.76 44.39 -41.26
N SER W 156 21.35 43.19 -41.39
CA SER W 156 21.29 42.48 -42.65
C SER W 156 19.86 42.11 -43.02
N ILE W 157 19.07 41.67 -42.04
CA ILE W 157 17.67 41.35 -42.31
C ILE W 157 16.90 42.60 -42.67
N GLY W 158 17.14 43.70 -41.96
CA GLY W 158 16.45 44.94 -42.26
C GLY W 158 16.80 45.49 -43.62
N GLU W 159 18.07 45.41 -44.01
CA GLU W 159 18.49 45.92 -45.30
C GLU W 159 17.92 45.08 -46.45
N ILE W 160 17.93 43.75 -46.30
CA ILE W 160 17.45 42.90 -47.37
C ILE W 160 15.94 43.04 -47.54
N ILE W 161 15.22 43.29 -46.44
CA ILE W 161 13.78 43.50 -46.54
C ILE W 161 13.49 44.84 -47.21
N ALA W 162 14.25 45.88 -46.86
CA ALA W 162 14.07 47.17 -47.50
C ALA W 162 14.33 47.10 -49.00
N GLN W 163 15.36 46.35 -49.40
CA GLN W 163 15.60 46.14 -50.82
C GLN W 163 14.46 45.37 -51.47
N ALA W 164 13.93 44.36 -50.77
CA ALA W 164 12.83 43.58 -51.33
C ALA W 164 11.59 44.44 -51.56
N MET W 165 11.24 45.27 -50.59
CA MET W 165 10.09 46.15 -50.77
C MET W 165 10.33 47.19 -51.86
N ASP W 166 11.57 47.63 -52.02
CA ASP W 166 11.88 48.58 -53.09
C ASP W 166 11.73 47.92 -54.46
N LYS W 167 12.18 46.67 -54.60
CA LYS W 167 12.16 46.02 -55.90
C LYS W 167 10.74 45.68 -56.33
N VAL W 168 9.95 45.10 -55.43
CA VAL W 168 8.60 44.68 -55.79
C VAL W 168 7.56 45.75 -55.52
N GLY W 169 7.93 46.86 -54.92
CA GLY W 169 6.98 47.93 -54.67
C GLY W 169 6.01 47.59 -53.56
N LYS W 170 5.02 48.48 -53.40
CA LYS W 170 4.00 48.27 -52.38
C LYS W 170 3.04 47.15 -52.77
N GLU W 171 2.83 46.93 -54.05
CA GLU W 171 1.91 45.90 -54.53
C GLU W 171 2.54 44.51 -54.59
N GLY W 172 3.85 44.40 -54.36
CA GLY W 172 4.52 43.13 -54.48
C GLY W 172 4.32 42.22 -53.27
N VAL W 173 4.76 40.98 -53.43
CA VAL W 173 4.63 39.95 -52.41
C VAL W 173 6.02 39.44 -52.06
N ILE W 174 6.32 39.40 -50.76
CA ILE W 174 7.61 38.94 -50.26
C ILE W 174 7.38 37.71 -49.41
N THR W 175 8.14 36.65 -49.67
CA THR W 175 8.04 35.41 -48.92
C THR W 175 9.40 35.03 -48.36
N VAL W 176 9.39 34.16 -47.36
CA VAL W 176 10.59 33.72 -46.66
C VAL W 176 10.69 32.22 -46.77
N GLU W 177 11.84 31.73 -47.25
CA GLU W 177 12.09 30.30 -47.38
C GLU W 177 13.48 29.99 -46.86
N ASP W 178 13.73 28.69 -46.68
CA ASP W 178 15.05 28.24 -46.24
C ASP W 178 16.07 28.45 -47.36
N GLY W 179 17.26 28.93 -46.99
CA GLY W 179 18.34 29.09 -47.93
C GLY W 179 19.29 27.91 -47.90
N LYS W 180 20.11 27.81 -48.95
CA LYS W 180 21.12 26.76 -49.01
C LYS W 180 22.47 27.21 -48.49
N SER W 181 22.78 28.50 -48.62
CA SER W 181 24.05 29.04 -48.16
C SER W 181 23.95 29.48 -46.71
N LEU W 182 25.03 30.06 -46.21
CA LEU W 182 25.06 30.59 -44.85
C LEU W 182 24.62 32.05 -44.77
N GLU W 183 24.39 32.70 -45.90
CA GLU W 183 24.04 34.11 -45.95
C GLU W 183 22.66 34.29 -46.55
N ASN W 184 21.97 35.34 -46.11
CA ASN W 184 20.67 35.67 -46.66
C ASN W 184 20.80 36.14 -48.11
N GLU W 185 19.92 35.65 -48.96
CA GLU W 185 19.89 36.05 -50.36
C GLU W 185 18.47 36.43 -50.75
N LEU W 186 18.36 37.42 -51.63
CA LEU W 186 17.08 37.92 -52.10
C LEU W 186 16.94 37.60 -53.58
N GLU W 187 15.87 36.90 -53.93
CA GLU W 187 15.56 36.57 -55.31
C GLU W 187 14.25 37.25 -55.69
N VAL W 188 14.31 38.09 -56.72
CA VAL W 188 13.15 38.85 -57.19
C VAL W 188 12.71 38.28 -58.53
N VAL W 189 11.43 37.91 -58.61
CA VAL W 189 10.86 37.37 -59.84
C VAL W 189 9.94 38.43 -60.43
N GLU W 190 10.25 38.87 -61.63
CA GLU W 190 9.49 39.91 -62.31
C GLU W 190 8.50 39.30 -63.29
N GLY W 191 7.45 40.06 -63.60
CA GLY W 191 6.47 39.59 -64.55
C GLY W 191 5.62 38.47 -64.00
N MET W 192 5.11 37.63 -64.90
CA MET W 192 4.22 36.54 -64.56
C MET W 192 4.99 35.23 -64.62
N GLN W 193 5.10 34.56 -63.48
CA GLN W 193 5.68 33.22 -63.39
C GLN W 193 4.68 32.32 -62.68
N PHE W 194 4.34 31.19 -63.30
CA PHE W 194 3.30 30.31 -62.76
C PHE W 194 3.83 28.92 -62.41
N ASP W 195 5.14 28.80 -62.19
CA ASP W 195 5.75 27.62 -61.56
C ASP W 195 5.28 26.30 -62.18
N ARG W 196 5.22 26.26 -63.51
CA ARG W 196 4.89 25.04 -64.23
C ARG W 196 5.90 24.83 -65.35
N GLY W 197 6.41 23.60 -65.47
CA GLY W 197 7.45 23.31 -66.42
C GLY W 197 6.91 22.80 -67.75
N TYR W 198 7.83 22.50 -68.66
CA TYR W 198 7.45 21.98 -69.96
C TYR W 198 7.06 20.51 -69.86
N LEU W 199 6.36 20.04 -70.88
CA LEU W 199 5.94 18.63 -70.95
C LEU W 199 6.91 17.75 -71.71
N SER W 200 7.96 18.31 -72.31
CA SER W 200 8.88 17.51 -73.10
C SER W 200 10.23 18.18 -73.15
N PRO W 201 11.33 17.46 -72.90
CA PRO W 201 12.66 18.10 -72.94
C PRO W 201 13.05 18.59 -74.32
N TYR W 202 12.42 18.09 -75.39
CA TYR W 202 12.79 18.51 -76.73
C TYR W 202 12.41 19.95 -77.04
N PHE W 203 11.60 20.59 -76.18
CA PHE W 203 11.28 21.99 -76.37
C PHE W 203 12.45 22.91 -76.05
N ILE W 204 13.51 22.40 -75.42
CA ILE W 204 14.65 23.22 -75.06
C ILE W 204 15.38 23.66 -76.32
N ASN W 205 15.67 24.95 -76.43
CA ASN W 205 16.37 25.50 -77.58
C ASN W 205 17.82 25.85 -77.28
N ASN W 206 18.24 25.83 -76.02
CA ASN W 206 19.64 26.04 -75.69
C ASN W 206 20.03 25.12 -74.52
N PRO W 207 21.00 24.22 -74.74
CA PRO W 207 21.34 23.25 -73.69
C PRO W 207 22.22 23.80 -72.59
N ASP W 208 22.69 25.05 -72.70
CA ASP W 208 23.59 25.60 -71.69
C ASP W 208 22.93 25.70 -70.32
N LYS W 209 21.64 26.08 -70.28
CA LYS W 209 20.93 26.24 -69.03
C LYS W 209 19.65 25.40 -68.95
N GLN W 210 19.41 24.54 -69.94
CA GLN W 210 18.23 23.65 -69.97
C GLN W 210 16.93 24.46 -69.84
N VAL W 211 16.79 25.46 -70.71
CA VAL W 211 15.62 26.32 -70.73
C VAL W 211 15.13 26.45 -72.16
N ALA W 212 13.87 26.85 -72.31
CA ALA W 212 13.25 27.05 -73.61
C ALA W 212 12.89 28.53 -73.76
N VAL W 213 13.71 29.26 -74.52
CA VAL W 213 13.51 30.69 -74.73
C VAL W 213 12.69 30.88 -75.99
N LEU W 214 11.60 31.64 -75.87
CA LEU W 214 10.75 32.00 -77.00
C LEU W 214 10.76 33.52 -77.13
N ASP W 215 11.22 34.01 -78.26
CA ASP W 215 11.33 35.44 -78.51
C ASP W 215 10.14 35.92 -79.32
N ASN W 216 9.40 36.88 -78.78
CA ASN W 216 8.17 37.38 -79.36
C ASN W 216 7.20 36.26 -79.74
N PRO W 217 6.79 35.43 -78.79
CA PRO W 217 5.92 34.30 -79.12
C PRO W 217 4.44 34.63 -78.95
N TYR W 218 3.62 33.81 -79.59
CA TYR W 218 2.19 33.81 -79.32
C TYR W 218 1.88 32.89 -78.15
N ILE W 219 0.84 33.25 -77.40
CA ILE W 219 0.41 32.46 -76.24
C ILE W 219 -1.01 31.99 -76.50
N LEU W 220 -1.23 30.68 -76.47
CA LEU W 220 -2.54 30.09 -76.68
C LEU W 220 -3.09 29.67 -75.33
N LEU W 221 -4.19 30.29 -74.92
CA LEU W 221 -4.81 30.00 -73.63
C LEU W 221 -5.98 29.05 -73.85
N HIS W 222 -5.89 27.87 -73.24
CA HIS W 222 -6.92 26.85 -73.38
C HIS W 222 -7.24 26.27 -72.01
N ASP W 223 -8.53 26.13 -71.71
CA ASP W 223 -8.97 25.62 -70.42
C ASP W 223 -9.39 24.16 -70.48
N LYS W 224 -9.09 23.46 -71.57
CA LYS W 224 -9.46 22.06 -71.71
C LYS W 224 -8.26 21.27 -72.22
N LYS W 225 -8.26 19.97 -71.92
CA LYS W 225 -7.17 19.11 -72.33
C LYS W 225 -7.09 19.01 -73.84
N ILE W 226 -5.86 18.91 -74.36
CA ILE W 226 -5.62 18.76 -75.78
C ILE W 226 -4.92 17.43 -76.01
N SER W 227 -5.52 16.57 -76.80
CA SER W 227 -4.94 15.26 -77.08
C SER W 227 -4.83 14.96 -78.56
N ASN W 228 -5.80 15.37 -79.37
CA ASN W 228 -5.77 15.11 -80.79
C ASN W 228 -5.13 16.28 -81.54
N ILE W 229 -4.82 16.03 -82.81
CA ILE W 229 -4.11 17.02 -83.62
C ILE W 229 -5.06 17.85 -84.49
N ARG W 230 -6.20 17.30 -84.91
CA ARG W 230 -7.07 17.99 -85.86
C ARG W 230 -7.60 19.31 -85.32
N ASP W 231 -7.65 19.49 -84.01
CA ASP W 231 -8.14 20.75 -83.44
C ASP W 231 -7.04 21.79 -83.28
N LEU W 232 -5.84 21.35 -82.91
CA LEU W 232 -4.71 22.26 -82.73
C LEU W 232 -3.99 22.56 -84.04
N LEU W 233 -4.22 21.77 -85.08
CA LEU W 233 -3.59 22.02 -86.37
C LEU W 233 -3.95 23.38 -86.96
N PRO W 234 -5.21 23.83 -86.99
CA PRO W 234 -5.49 25.12 -87.63
C PRO W 234 -4.73 26.29 -87.02
N VAL W 235 -4.56 26.32 -85.70
CA VAL W 235 -3.82 27.43 -85.10
C VAL W 235 -2.32 27.27 -85.31
N LEU W 236 -1.83 26.02 -85.41
CA LEU W 236 -0.43 25.80 -85.72
C LEU W 236 -0.07 26.39 -87.08
N GLU W 237 -0.94 26.21 -88.07
CA GLU W 237 -0.69 26.77 -89.39
C GLU W 237 -0.64 28.29 -89.35
N GLN W 238 -1.50 28.91 -88.55
CA GLN W 238 -1.54 30.36 -88.47
C GLN W 238 -0.23 30.93 -87.92
N VAL W 239 0.30 30.31 -86.87
CA VAL W 239 1.55 30.79 -86.29
C VAL W 239 2.76 30.34 -87.10
N ALA W 240 2.61 29.36 -87.99
CA ALA W 240 3.73 28.91 -88.79
C ALA W 240 4.14 29.95 -89.82
N LYS W 241 3.16 30.53 -90.53
CA LYS W 241 3.48 31.54 -91.52
C LYS W 241 4.03 32.81 -90.88
N ALA W 242 3.52 33.17 -89.71
CA ALA W 242 4.03 34.35 -89.01
C ALA W 242 5.47 34.16 -88.59
N GLY W 243 5.88 32.92 -88.31
CA GLY W 243 7.25 32.63 -87.92
C GLY W 243 7.54 32.83 -86.44
N ARG W 244 6.64 33.44 -85.69
CA ARG W 244 6.86 33.64 -84.27
C ARG W 244 6.61 32.34 -83.51
N PRO W 245 7.28 32.15 -82.38
CA PRO W 245 7.04 30.94 -81.58
C PRO W 245 5.65 30.94 -80.98
N LEU W 246 5.28 29.79 -80.42
CA LEU W 246 3.97 29.60 -79.82
C LEU W 246 4.13 28.96 -78.45
N LEU W 247 3.42 29.50 -77.46
CA LEU W 247 3.38 28.93 -76.12
C LEU W 247 1.97 28.45 -75.87
N ILE W 248 1.80 27.14 -75.70
CA ILE W 248 0.49 26.54 -75.52
C ILE W 248 0.31 26.31 -74.01
N ILE W 249 -0.57 27.10 -73.41
CA ILE W 249 -0.92 26.95 -72.00
C ILE W 249 -2.28 26.28 -71.93
N ALA W 250 -2.29 24.99 -71.61
CA ALA W 250 -3.54 24.24 -71.49
C ALA W 250 -3.41 23.27 -70.33
N GLU W 251 -4.50 22.55 -70.06
CA GLU W 251 -4.48 21.59 -68.96
C GLU W 251 -3.47 20.48 -69.20
N ASP W 252 -3.40 19.97 -70.44
CA ASP W 252 -2.44 18.94 -70.78
C ASP W 252 -2.36 18.83 -72.30
N VAL W 253 -1.16 18.55 -72.78
CA VAL W 253 -0.90 18.33 -74.20
C VAL W 253 -0.19 17.00 -74.32
N GLU W 254 -0.89 15.96 -74.75
CA GLU W 254 -0.34 14.62 -74.85
C GLU W 254 -0.77 13.97 -76.16
N GLY W 255 -0.29 12.76 -76.39
CA GLY W 255 -0.71 12.00 -77.55
C GLY W 255 -0.26 12.64 -78.85
N GLU W 256 -1.18 12.74 -79.80
CA GLU W 256 -0.85 13.25 -81.13
C GLU W 256 -0.37 14.69 -81.06
N ALA W 257 -1.03 15.52 -80.26
CA ALA W 257 -0.67 16.93 -80.18
C ALA W 257 0.75 17.11 -79.68
N LEU W 258 1.12 16.37 -78.61
CA LEU W 258 2.46 16.49 -78.07
C LEU W 258 3.50 16.00 -79.07
N ALA W 259 3.22 14.88 -79.74
CA ALA W 259 4.17 14.34 -80.71
C ALA W 259 4.36 15.30 -81.88
N THR W 260 3.28 15.93 -82.34
CA THR W 260 3.37 16.86 -83.46
C THR W 260 4.24 18.06 -83.10
N LEU W 261 4.08 18.60 -81.89
CA LEU W 261 4.91 19.71 -81.46
C LEU W 261 6.37 19.30 -81.33
N VAL W 262 6.61 18.11 -80.77
CA VAL W 262 7.98 17.63 -80.61
C VAL W 262 8.62 17.39 -81.97
N VAL W 263 7.88 16.78 -82.90
CA VAL W 263 8.41 16.46 -84.22
C VAL W 263 8.84 17.73 -84.94
N ASN W 264 7.97 18.75 -84.90
CA ASN W 264 8.27 19.99 -85.61
C ASN W 264 9.41 20.76 -84.96
N ASN W 265 9.55 20.65 -83.63
CA ASN W 265 10.64 21.33 -82.95
C ASN W 265 11.99 20.78 -83.36
N LEU W 266 12.11 19.45 -83.43
CA LEU W 266 13.38 18.83 -83.82
C LEU W 266 13.72 19.16 -85.27
N ARG W 267 12.73 19.13 -86.15
CA ARG W 267 12.97 19.39 -87.57
C ARG W 267 13.12 20.87 -87.88
N GLY W 268 12.88 21.75 -86.92
CA GLY W 268 13.04 23.18 -87.13
C GLY W 268 11.93 23.85 -87.91
N ILE W 269 10.82 23.15 -88.17
CA ILE W 269 9.72 23.75 -88.92
C ILE W 269 9.14 24.93 -88.15
N LEU W 270 8.91 24.74 -86.85
CA LEU W 270 8.42 25.81 -85.98
C LEU W 270 8.81 25.49 -84.55
N LYS W 271 9.08 26.53 -83.77
CA LYS W 271 9.56 26.39 -82.40
C LYS W 271 8.43 26.76 -81.45
N THR W 272 7.92 25.75 -80.73
CA THR W 272 6.86 25.96 -79.76
C THR W 272 7.18 25.19 -78.49
N CYS W 273 6.57 25.62 -77.39
CA CYS W 273 6.65 24.92 -76.13
C CYS W 273 5.25 24.84 -75.52
N ALA W 274 4.99 23.74 -74.81
CA ALA W 274 3.70 23.51 -74.20
C ALA W 274 3.88 23.38 -72.70
N VAL W 275 3.04 24.07 -71.93
CA VAL W 275 3.09 24.04 -70.47
C VAL W 275 1.70 23.75 -69.94
N LYS W 276 1.65 23.12 -68.78
CA LYS W 276 0.38 22.86 -68.12
C LYS W 276 -0.21 24.15 -67.59
N ALA W 277 -1.53 24.25 -67.62
CA ALA W 277 -2.19 25.42 -67.09
C ALA W 277 -2.02 25.48 -65.58
N PRO W 278 -1.55 26.60 -65.03
CA PRO W 278 -1.29 26.65 -63.59
C PRO W 278 -2.57 26.61 -62.77
N GLY W 279 -2.44 26.10 -61.55
CA GLY W 279 -3.53 26.11 -60.59
C GLY W 279 -4.53 24.99 -60.82
N PHE W 280 -5.32 24.73 -59.78
CA PHE W 280 -6.36 23.73 -59.80
C PHE W 280 -7.72 24.38 -59.57
N GLY W 281 -8.75 23.80 -60.16
CA GLY W 281 -10.09 24.30 -59.94
C GLY W 281 -10.30 25.68 -60.55
N ASP W 282 -11.14 26.47 -59.89
CA ASP W 282 -11.46 27.81 -60.38
C ASP W 282 -10.25 28.74 -60.34
N ARG W 283 -9.28 28.47 -59.47
CA ARG W 283 -8.07 29.29 -59.45
C ARG W 283 -7.30 29.17 -60.76
N ARG W 284 -7.36 27.99 -61.39
CA ARG W 284 -6.75 27.82 -62.70
C ARG W 284 -7.42 28.72 -63.73
N LYS W 285 -8.75 28.81 -63.69
CA LYS W 285 -9.46 29.68 -64.62
C LYS W 285 -9.11 31.14 -64.37
N ALA W 286 -9.05 31.55 -63.09
CA ALA W 286 -8.80 32.95 -62.77
C ALA W 286 -7.42 33.38 -63.26
N MET W 287 -6.40 32.57 -63.00
CA MET W 287 -5.07 32.92 -63.47
C MET W 287 -4.94 32.81 -64.97
N LEU W 288 -5.69 31.88 -65.58
CA LEU W 288 -5.70 31.81 -67.04
C LEU W 288 -6.26 33.08 -67.66
N GLN W 289 -7.32 33.62 -67.05
CA GLN W 289 -7.87 34.89 -67.52
C GLN W 289 -6.89 36.03 -67.32
N ASP W 290 -6.18 36.02 -66.18
CA ASP W 290 -5.19 37.06 -65.91
C ASP W 290 -4.06 37.03 -66.95
N ILE W 291 -3.61 35.84 -67.32
CA ILE W 291 -2.58 35.72 -68.35
C ILE W 291 -3.09 36.26 -69.68
N ALA W 292 -4.34 35.93 -70.02
CA ALA W 292 -4.92 36.43 -71.27
C ALA W 292 -5.03 37.94 -71.27
N ILE W 293 -5.46 38.52 -70.15
CA ILE W 293 -5.54 39.97 -70.04
C ILE W 293 -4.15 40.59 -70.11
N LEU W 294 -3.19 39.99 -69.40
CA LEU W 294 -1.82 40.50 -69.41
C LEU W 294 -1.22 40.41 -70.81
N THR W 295 -1.38 39.27 -71.48
CA THR W 295 -0.79 39.04 -72.79
C THR W 295 -1.62 39.61 -73.93
N GLY W 296 -2.78 40.19 -73.64
CA GLY W 296 -3.60 40.78 -74.67
C GLY W 296 -4.38 39.81 -75.51
N GLY W 297 -4.49 38.54 -75.09
CA GLY W 297 -5.23 37.54 -75.81
C GLY W 297 -6.54 37.19 -75.11
N THR W 298 -7.12 36.07 -75.55
CA THR W 298 -8.35 35.56 -74.99
C THR W 298 -8.21 34.07 -74.72
N VAL W 299 -8.89 33.60 -73.69
CA VAL W 299 -8.90 32.19 -73.35
C VAL W 299 -9.88 31.47 -74.25
N ILE W 300 -9.38 30.54 -75.06
CA ILE W 300 -10.23 29.78 -75.97
C ILE W 300 -10.95 28.71 -75.17
N SER W 301 -12.28 28.72 -75.21
CA SER W 301 -13.09 27.77 -74.47
C SER W 301 -14.51 27.78 -75.01
N GLU W 302 -15.15 26.62 -74.97
CA GLU W 302 -16.55 26.53 -75.40
C GLU W 302 -17.49 27.23 -74.43
N GLU W 303 -17.03 27.52 -73.21
CA GLU W 303 -17.88 28.20 -72.24
C GLU W 303 -18.11 29.67 -72.59
N VAL W 304 -17.26 30.25 -73.44
CA VAL W 304 -17.45 31.62 -73.91
C VAL W 304 -17.88 31.66 -75.36
N GLY W 305 -17.77 30.55 -76.08
CA GLY W 305 -18.15 30.50 -77.48
C GLY W 305 -17.00 30.45 -78.46
N LEU W 306 -15.77 30.23 -78.00
CA LEU W 306 -14.60 30.17 -78.85
C LEU W 306 -14.13 28.72 -78.97
N SER W 307 -13.82 28.30 -80.17
CA SER W 307 -13.35 26.95 -80.44
C SER W 307 -11.89 26.98 -80.88
N LEU W 308 -11.17 25.90 -80.54
CA LEU W 308 -9.76 25.82 -80.90
C LEU W 308 -9.59 25.78 -82.41
N GLU W 309 -10.52 25.16 -83.13
CA GLU W 309 -10.43 25.12 -84.59
C GLU W 309 -10.62 26.50 -85.20
N LYS W 310 -11.45 27.34 -84.59
CA LYS W 310 -11.73 28.68 -85.08
C LYS W 310 -10.83 29.74 -84.44
N ALA W 311 -9.87 29.34 -83.62
CA ALA W 311 -8.97 30.29 -82.98
C ALA W 311 -8.09 30.97 -84.02
N THR W 312 -7.92 32.28 -83.87
CA THR W 312 -7.14 33.09 -84.79
C THR W 312 -5.96 33.72 -84.06
N LEU W 313 -5.11 34.41 -84.84
CA LEU W 313 -3.95 35.07 -84.26
C LEU W 313 -4.37 36.18 -83.29
N GLU W 314 -5.41 36.92 -83.63
CA GLU W 314 -5.88 38.00 -82.77
C GLU W 314 -6.34 37.47 -81.42
N ASP W 315 -6.91 36.26 -81.39
CA ASP W 315 -7.34 35.67 -80.13
C ASP W 315 -6.16 35.21 -79.29
N LEU W 316 -4.99 35.00 -79.89
CA LEU W 316 -3.82 34.56 -79.16
C LEU W 316 -3.17 35.72 -78.42
N GLY W 317 -2.68 35.44 -77.22
CA GLY W 317 -1.90 36.42 -76.50
C GLY W 317 -0.50 36.57 -77.06
N GLN W 318 0.16 37.66 -76.69
CA GLN W 318 1.49 37.96 -77.18
C GLN W 318 2.38 38.42 -76.03
N ALA W 319 3.69 38.24 -76.23
CA ALA W 319 4.70 38.70 -75.30
C ALA W 319 5.99 38.92 -76.07
N LYS W 320 6.90 39.70 -75.49
CA LYS W 320 8.19 39.92 -76.14
C LYS W 320 9.15 38.77 -75.89
N ARG W 321 9.07 38.13 -74.72
CA ARG W 321 9.94 36.99 -74.44
C ARG W 321 9.32 36.15 -73.34
N VAL W 322 9.44 34.84 -73.47
CA VAL W 322 9.06 33.90 -72.42
C VAL W 322 10.09 32.77 -72.41
N GLU W 323 10.45 32.32 -71.22
CA GLU W 323 11.41 31.24 -71.04
C GLU W 323 10.78 30.14 -70.20
N VAL W 324 10.88 28.90 -70.66
CA VAL W 324 10.30 27.76 -69.99
C VAL W 324 11.42 26.89 -69.45
N ALA W 325 11.51 26.80 -68.13
CA ALA W 325 12.50 25.97 -67.47
C ALA W 325 11.92 24.59 -67.22
N LYS W 326 12.65 23.79 -66.44
CA LYS W 326 12.18 22.44 -66.13
C LYS W 326 10.90 22.46 -65.30
N GLU W 327 10.77 23.43 -64.39
CA GLU W 327 9.64 23.46 -63.47
C GLU W 327 8.88 24.78 -63.46
N HIS W 328 9.25 25.75 -64.28
CA HIS W 328 8.57 27.04 -64.27
C HIS W 328 8.81 27.75 -65.58
N THR W 329 7.89 28.66 -65.91
CA THR W 329 8.07 29.60 -67.02
C THR W 329 7.76 31.00 -66.53
N THR W 330 8.43 31.99 -67.11
CA THR W 330 8.25 33.39 -66.77
C THR W 330 7.92 34.17 -68.03
N ILE W 331 6.75 34.78 -68.07
CA ILE W 331 6.40 35.73 -69.12
C ILE W 331 7.01 37.06 -68.72
N ILE W 332 7.98 37.54 -69.49
CA ILE W 332 8.73 38.73 -69.10
C ILE W 332 7.80 39.93 -68.98
N ASP W 333 6.94 40.12 -69.97
CA ASP W 333 5.90 41.14 -69.90
C ASP W 333 4.82 40.83 -70.93
N GLY W 334 3.57 41.20 -70.62
CA GLY W 334 2.49 40.95 -71.53
C GLY W 334 2.33 42.05 -72.57
N ALA W 335 1.65 41.70 -73.66
CA ALA W 335 1.38 42.64 -74.72
C ALA W 335 0.06 43.38 -74.55
N GLY W 336 -0.71 43.03 -73.52
CA GLY W 336 -1.95 43.75 -73.25
C GLY W 336 -1.69 45.18 -72.82
N ASP W 337 -2.64 46.05 -73.15
CA ASP W 337 -2.50 47.45 -72.78
C ASP W 337 -2.61 47.61 -71.27
N PRO W 338 -1.95 48.63 -70.71
CA PRO W 338 -2.03 48.83 -69.25
C PRO W 338 -3.44 49.09 -68.75
N ALA W 339 -4.33 49.61 -69.58
CA ALA W 339 -5.66 50.01 -69.12
C ALA W 339 -6.44 48.82 -68.57
N LYS W 340 -6.49 47.72 -69.31
CA LYS W 340 -7.21 46.55 -68.82
C LYS W 340 -6.45 45.84 -67.70
N ILE W 341 -5.12 45.96 -67.70
CA ILE W 341 -4.32 45.33 -66.63
C ILE W 341 -4.65 45.98 -65.29
N GLN W 342 -4.67 47.31 -65.25
CA GLN W 342 -5.02 48.00 -64.02
C GLN W 342 -6.46 47.70 -63.61
N ALA W 343 -7.37 47.64 -64.58
CA ALA W 343 -8.76 47.29 -64.27
C ALA W 343 -8.85 45.90 -63.68
N ARG W 344 -8.11 44.94 -64.24
CA ARG W 344 -8.08 43.59 -63.68
C ARG W 344 -7.50 43.59 -62.28
N VAL W 345 -6.43 44.37 -62.07
CA VAL W 345 -5.84 44.47 -60.73
C VAL W 345 -6.83 45.09 -59.76
N LYS W 346 -7.57 46.11 -60.20
CA LYS W 346 -8.56 46.74 -59.34
C LYS W 346 -9.64 45.75 -58.93
N GLU W 347 -10.08 44.89 -59.86
CA GLU W 347 -11.11 43.91 -59.54
C GLU W 347 -10.62 42.93 -58.47
N ILE W 348 -9.38 42.45 -58.60
CA ILE W 348 -8.85 41.50 -57.63
C ILE W 348 -8.69 42.16 -56.27
N ARG W 349 -8.18 43.40 -56.24
CA ARG W 349 -8.03 44.09 -54.98
C ARG W 349 -9.36 44.38 -54.31
N VAL W 350 -10.42 44.57 -55.11
CA VAL W 350 -11.76 44.66 -54.55
C VAL W 350 -12.16 43.33 -53.92
N GLN W 351 -11.87 42.23 -54.61
CA GLN W 351 -12.18 40.91 -54.09
C GLN W 351 -11.32 40.58 -52.86
N ILE W 352 -10.14 41.22 -52.76
CA ILE W 352 -9.28 40.98 -51.59
C ILE W 352 -10.00 41.36 -50.31
N GLU W 353 -10.69 42.51 -50.32
CA GLU W 353 -11.45 42.93 -49.14
C GLU W 353 -12.55 41.95 -48.79
N GLU W 354 -13.08 41.21 -49.78
CA GLU W 354 -14.15 40.25 -49.54
C GLU W 354 -13.63 38.86 -49.19
N ALA W 355 -12.32 38.65 -49.20
CA ALA W 355 -11.76 37.35 -48.88
C ALA W 355 -12.09 36.97 -47.44
N THR W 356 -12.44 35.69 -47.23
CA THR W 356 -12.87 35.21 -45.94
C THR W 356 -11.92 34.22 -45.30
N SER W 357 -11.04 33.58 -46.07
CA SER W 357 -10.09 32.63 -45.55
C SER W 357 -8.68 33.18 -45.67
N ASP W 358 -7.84 32.87 -44.69
CA ASP W 358 -6.46 33.35 -44.71
C ASP W 358 -5.72 32.85 -45.95
N TYR W 359 -6.16 31.73 -46.51
CA TYR W 359 -5.53 31.21 -47.72
C TYR W 359 -6.07 31.90 -48.96
N ASP W 360 -7.11 32.72 -48.81
CA ASP W 360 -7.76 33.32 -49.98
C ASP W 360 -7.01 34.55 -50.45
N ARG W 361 -6.87 35.56 -49.60
CA ARG W 361 -6.25 36.80 -50.06
C ARG W 361 -4.77 36.60 -50.38
N GLU W 362 -4.14 35.58 -49.82
CA GLU W 362 -2.71 35.39 -50.09
C GLU W 362 -2.48 34.85 -51.49
N LYS W 363 -3.43 34.08 -52.03
CA LYS W 363 -3.43 33.80 -53.46
C LYS W 363 -3.95 34.98 -54.27
N LEU W 364 -4.81 35.82 -53.68
CA LEU W 364 -5.25 37.01 -54.39
C LEU W 364 -4.11 38.01 -54.53
N GLN W 365 -3.29 38.15 -53.49
CA GLN W 365 -2.15 39.06 -53.58
C GLN W 365 -1.10 38.57 -54.56
N GLU W 366 -0.85 37.26 -54.62
CA GLU W 366 0.14 36.75 -55.56
C GLU W 366 -0.31 36.95 -57.00
N ARG W 367 -1.62 36.86 -57.25
CA ARG W 367 -2.12 37.19 -58.59
C ARG W 367 -1.90 38.66 -58.92
N VAL W 368 -2.16 39.54 -57.95
CA VAL W 368 -1.90 40.96 -58.16
C VAL W 368 -0.41 41.22 -58.34
N ALA W 369 0.42 40.51 -57.58
CA ALA W 369 1.86 40.65 -57.73
C ALA W 369 2.31 40.19 -59.12
N LYS W 370 1.75 39.09 -59.62
CA LYS W 370 2.11 38.61 -60.94
C LYS W 370 1.64 39.57 -62.03
N LEU W 371 0.63 40.40 -61.73
CA LEU W 371 0.07 41.29 -62.74
C LEU W 371 0.76 42.65 -62.73
N ALA W 372 0.72 43.34 -61.60
CA ALA W 372 1.21 44.71 -61.49
C ALA W 372 2.22 44.84 -60.36
N GLY W 373 3.19 43.93 -60.33
CA GLY W 373 4.23 43.98 -59.33
C GLY W 373 5.30 42.93 -59.52
N GLY W 374 5.74 42.33 -58.41
CA GLY W 374 6.72 41.27 -58.47
C GLY W 374 6.62 40.41 -57.23
N VAL W 375 7.36 39.31 -57.27
CA VAL W 375 7.42 38.37 -56.15
C VAL W 375 8.87 38.28 -55.72
N ALA W 376 9.14 38.63 -54.46
CA ALA W 376 10.47 38.54 -53.89
C ALA W 376 10.53 37.38 -52.91
N VAL W 377 11.60 36.60 -52.99
CA VAL W 377 11.82 35.48 -52.09
C VAL W 377 13.09 35.76 -51.30
N ILE W 378 12.97 35.82 -49.98
CA ILE W 378 14.11 35.99 -49.09
C ILE W 378 14.49 34.61 -48.58
N LYS W 379 15.62 34.10 -49.06
CA LYS W 379 16.12 32.80 -48.61
C LYS W 379 17.05 33.03 -47.42
N VAL W 380 16.62 32.56 -46.26
CA VAL W 380 17.36 32.80 -45.02
C VAL W 380 18.55 31.85 -44.96
N GLY W 381 19.74 32.41 -44.74
CA GLY W 381 20.95 31.62 -44.65
C GLY W 381 21.28 31.31 -43.20
N ALA W 382 21.43 30.02 -42.91
CA ALA W 382 21.79 29.59 -41.57
C ALA W 382 22.51 28.25 -41.67
N ALA W 383 23.42 28.01 -40.73
CA ALA W 383 24.21 26.79 -40.74
C ALA W 383 23.47 25.58 -40.20
N THR W 384 22.34 25.79 -39.51
CA THR W 384 21.64 24.70 -38.85
C THR W 384 20.14 24.95 -38.91
N GLU W 385 19.37 23.86 -38.84
CA GLU W 385 17.92 23.97 -38.92
C GLU W 385 17.35 24.73 -37.73
N VAL W 386 17.88 24.49 -36.53
CA VAL W 386 17.38 25.20 -35.34
C VAL W 386 17.67 26.69 -35.46
N GLU W 387 18.85 27.05 -35.96
CA GLU W 387 19.14 28.46 -36.22
C GLU W 387 18.33 28.99 -37.39
N MET W 388 18.04 28.13 -38.37
CA MET W 388 17.24 28.56 -39.52
C MET W 388 15.83 28.94 -39.09
N LYS W 389 15.21 28.15 -38.23
CA LYS W 389 13.87 28.46 -37.75
C LYS W 389 13.87 29.75 -36.93
N GLU W 390 14.89 29.96 -36.11
CA GLU W 390 14.99 31.18 -35.33
C GLU W 390 15.12 32.40 -36.23
N LYS W 391 15.96 32.30 -37.26
CA LYS W 391 16.15 33.44 -38.16
C LYS W 391 14.90 33.68 -39.01
N LYS W 392 14.24 32.62 -39.45
CA LYS W 392 13.03 32.78 -40.26
C LYS W 392 11.95 33.49 -39.49
N ALA W 393 11.78 33.16 -38.21
CA ALA W 393 10.81 33.85 -37.38
C ALA W 393 11.16 35.33 -37.25
N ARG W 394 12.45 35.64 -37.10
CA ARG W 394 12.87 37.03 -37.03
C ARG W 394 12.64 37.75 -38.36
N VAL W 395 12.95 37.08 -39.48
CA VAL W 395 12.71 37.68 -40.79
C VAL W 395 11.23 37.89 -41.03
N GLU W 396 10.41 36.89 -40.67
CA GLU W 396 8.97 37.03 -40.82
C GLU W 396 8.43 38.15 -39.94
N ASP W 397 8.95 38.27 -38.72
CA ASP W 397 8.53 39.36 -37.84
C ASP W 397 8.91 40.71 -38.43
N ALA W 398 10.10 40.81 -39.01
CA ALA W 398 10.53 42.07 -39.61
C ALA W 398 9.71 42.39 -40.86
N LEU W 399 9.30 41.37 -41.60
CA LEU W 399 8.43 41.59 -42.75
C LEU W 399 7.07 42.11 -42.32
N HIS W 400 6.51 41.55 -41.24
CA HIS W 400 5.21 42.02 -40.77
C HIS W 400 5.30 43.46 -40.27
N ALA W 401 6.37 43.80 -39.57
CA ALA W 401 6.51 45.16 -39.05
C ALA W 401 6.66 46.18 -40.17
N THR W 402 7.44 45.85 -41.20
CA THR W 402 7.60 46.77 -42.32
C THR W 402 6.30 46.97 -43.06
N ARG W 403 5.51 45.90 -43.22
CA ARG W 403 4.18 46.05 -43.81
C ARG W 403 3.28 46.93 -42.94
N ALA W 404 3.36 46.75 -41.63
CA ALA W 404 2.56 47.59 -40.73
C ALA W 404 3.08 49.02 -40.71
N ALA W 405 4.38 49.21 -40.96
CA ALA W 405 4.94 50.55 -40.97
C ALA W 405 4.42 51.36 -42.14
N VAL W 406 4.35 50.77 -43.33
CA VAL W 406 3.87 51.50 -44.49
C VAL W 406 2.36 51.68 -44.45
N GLU W 407 1.66 50.89 -43.65
CA GLU W 407 0.20 51.00 -43.58
C GLU W 407 -0.24 52.16 -42.71
N GLU W 408 0.26 52.22 -41.47
CA GLU W 408 -0.22 53.19 -40.50
C GLU W 408 0.84 54.19 -40.04
N GLY W 409 2.12 53.92 -40.27
CA GLY W 409 3.17 54.84 -39.90
C GLY W 409 4.09 54.25 -38.85
N ILE W 410 4.97 55.12 -38.32
CA ILE W 410 5.98 54.73 -37.36
C ILE W 410 5.89 55.62 -36.13
N VAL W 411 6.28 55.07 -34.99
CA VAL W 411 6.37 55.80 -33.73
C VAL W 411 7.69 55.46 -33.06
N PRO W 412 8.15 56.32 -32.16
CA PRO W 412 9.37 56.00 -31.40
C PRO W 412 9.21 54.69 -30.64
N GLY W 413 10.29 53.90 -30.65
CA GLY W 413 10.27 52.58 -30.05
C GLY W 413 10.65 52.59 -28.59
N GLY W 414 10.84 51.39 -28.05
CA GLY W 414 11.21 51.24 -26.66
C GLY W 414 10.16 51.71 -25.68
N GLY W 415 8.87 51.52 -26.02
CA GLY W 415 7.81 51.93 -25.14
C GLY W 415 7.61 53.42 -25.02
N VAL W 416 8.35 54.23 -25.78
CA VAL W 416 8.23 55.67 -25.69
C VAL W 416 6.88 56.13 -26.26
N ALA W 417 6.41 55.48 -27.32
CA ALA W 417 5.17 55.91 -27.97
C ALA W 417 3.99 55.83 -27.01
N LEU W 418 3.90 54.75 -26.24
CA LEU W 418 2.81 54.62 -25.27
C LEU W 418 2.92 55.68 -24.19
N LEU W 419 4.14 55.98 -23.74
CA LEU W 419 4.32 57.02 -22.74
C LEU W 419 3.97 58.40 -23.28
N ARG W 420 4.40 58.71 -24.49
CA ARG W 420 4.07 59.99 -25.09
C ARG W 420 2.57 60.12 -25.34
N ALA W 421 1.95 59.04 -25.82
CA ALA W 421 0.51 59.05 -26.04
C ALA W 421 -0.25 59.21 -24.73
N ARG W 422 0.26 58.59 -23.66
CA ARG W 422 -0.39 58.72 -22.35
C ARG W 422 -0.36 60.16 -21.87
N GLU W 423 0.79 60.82 -22.00
CA GLU W 423 0.89 62.21 -21.54
C GLU W 423 -0.01 63.13 -22.33
N ALA W 424 -0.10 62.92 -23.65
CA ALA W 424 -0.99 63.72 -24.47
C ALA W 424 -2.45 63.50 -24.10
N ALA W 425 -2.83 62.24 -23.84
CA ALA W 425 -4.21 61.94 -23.49
C ALA W 425 -4.58 62.56 -22.16
N VAL W 426 -3.68 62.50 -21.17
CA VAL W 426 -3.95 63.11 -19.87
C VAL W 426 -4.06 64.62 -20.01
N ALA W 427 -3.15 65.23 -20.77
CA ALA W 427 -3.20 66.68 -20.97
C ALA W 427 -4.45 67.11 -21.72
N LYS W 428 -5.04 66.21 -22.50
CA LYS W 428 -6.24 66.53 -23.26
C LYS W 428 -7.51 66.50 -22.40
N GLY W 429 -7.44 65.97 -21.19
CA GLY W 429 -8.60 65.95 -20.32
C GLY W 429 -9.29 64.60 -20.24
N LEU W 430 -8.51 63.53 -20.13
CA LEU W 430 -9.08 62.19 -20.01
C LEU W 430 -9.64 61.99 -18.61
N LYS W 431 -10.94 61.74 -18.52
CA LYS W 431 -11.60 61.56 -17.23
C LYS W 431 -12.77 60.61 -17.38
N GLY W 432 -13.18 60.02 -16.25
CA GLY W 432 -14.27 59.08 -16.21
C GLY W 432 -15.52 59.66 -15.58
N ASP W 433 -16.60 58.89 -15.66
CA ASP W 433 -17.89 59.34 -15.14
C ASP W 433 -17.95 59.24 -13.62
N ASN W 434 -17.37 58.20 -13.06
CA ASN W 434 -17.39 57.94 -11.63
C ASN W 434 -15.99 57.58 -11.16
N PRO W 435 -15.72 57.66 -9.85
CA PRO W 435 -14.37 57.34 -9.38
C PRO W 435 -13.89 55.95 -9.74
N ASP W 436 -14.81 54.99 -9.88
CA ASP W 436 -14.39 53.67 -10.35
C ASP W 436 -13.89 53.71 -11.78
N GLN W 437 -14.53 54.51 -12.63
CA GLN W 437 -14.03 54.69 -13.99
C GLN W 437 -12.72 55.46 -14.00
N GLU W 438 -12.56 56.39 -13.06
CA GLU W 438 -11.28 57.10 -12.93
C GLU W 438 -10.16 56.14 -12.57
N ALA W 439 -10.44 55.19 -11.69
CA ALA W 439 -9.45 54.18 -11.35
C ALA W 439 -9.11 53.31 -12.56
N GLY W 440 -10.12 52.97 -13.37
CA GLY W 440 -9.86 52.22 -14.58
C GLY W 440 -8.95 52.97 -15.54
N ILE W 441 -9.08 54.28 -15.60
CA ILE W 441 -8.16 55.09 -16.39
C ILE W 441 -6.75 55.02 -15.79
N LYS W 442 -6.65 55.10 -14.47
CA LYS W 442 -5.35 55.04 -13.82
C LYS W 442 -4.68 53.69 -14.02
N ILE W 443 -5.49 52.64 -14.25
CA ILE W 443 -4.92 51.33 -14.54
C ILE W 443 -4.16 51.36 -15.86
N VAL W 444 -4.77 51.96 -16.89
CA VAL W 444 -4.12 52.02 -18.20
C VAL W 444 -2.92 52.96 -18.18
N LEU W 445 -3.02 54.06 -17.42
CA LEU W 445 -1.90 54.99 -17.36
C LEU W 445 -0.66 54.33 -16.77
N ARG W 446 -0.83 53.50 -15.74
CA ARG W 446 0.30 52.78 -15.18
C ARG W 446 0.72 51.64 -16.09
N ALA W 447 -0.24 50.98 -16.74
CA ALA W 447 0.07 49.78 -17.51
C ALA W 447 0.93 50.10 -18.73
N VAL W 448 0.72 51.24 -19.38
CA VAL W 448 1.47 51.56 -20.58
C VAL W 448 2.96 51.80 -20.31
N GLU W 449 3.34 51.99 -19.05
CA GLU W 449 4.75 52.06 -18.70
C GLU W 449 5.42 50.71 -18.70
N GLN W 450 4.65 49.63 -18.62
CA GLN W 450 5.23 48.30 -18.47
C GLN W 450 6.12 47.87 -19.63
N PRO W 451 5.76 48.09 -20.91
CA PRO W 451 6.69 47.68 -21.97
C PRO W 451 8.09 48.28 -21.84
N LEU W 452 8.18 49.55 -21.45
CA LEU W 452 9.49 50.15 -21.22
C LEU W 452 10.15 49.55 -19.98
N ARG W 453 9.38 49.30 -18.93
CA ARG W 453 9.93 48.75 -17.70
C ARG W 453 10.52 47.37 -17.94
N GLU W 454 9.83 46.52 -18.71
CA GLU W 454 10.33 45.17 -18.95
C GLU W 454 11.48 45.16 -19.93
N ILE W 455 11.51 46.10 -20.88
CA ILE W 455 12.66 46.24 -21.76
C ILE W 455 13.89 46.62 -20.94
N VAL W 456 13.73 47.58 -20.02
CA VAL W 456 14.84 48.00 -19.19
C VAL W 456 15.22 46.91 -18.19
N ALA W 457 14.23 46.21 -17.64
CA ALA W 457 14.52 45.13 -16.69
C ALA W 457 15.31 44.02 -17.36
N ASN W 458 14.96 43.65 -18.59
CA ASN W 458 15.74 42.67 -19.32
C ASN W 458 17.14 43.18 -19.62
N ALA W 459 17.28 44.48 -19.84
CA ALA W 459 18.59 45.08 -20.07
C ALA W 459 19.45 45.16 -18.82
N GLY W 460 18.88 44.89 -17.65
CA GLY W 460 19.62 44.90 -16.41
C GLY W 460 19.71 46.23 -15.71
N GLU W 461 18.92 47.22 -16.10
CA GLU W 461 18.92 48.52 -15.46
C GLU W 461 17.70 48.67 -14.57
N GLU W 462 17.60 49.81 -13.90
CA GLU W 462 16.50 50.06 -12.99
C GLU W 462 15.31 50.62 -13.76
N PRO W 463 14.18 49.91 -13.83
CA PRO W 463 13.06 50.38 -14.67
C PRO W 463 12.47 51.71 -14.22
N SER W 464 12.29 51.90 -12.92
CA SER W 464 11.62 53.11 -12.44
C SER W 464 12.45 54.36 -12.70
N VAL W 465 13.78 54.26 -12.56
CA VAL W 465 14.63 55.40 -12.83
C VAL W 465 14.60 55.77 -14.30
N ILE W 466 14.69 54.77 -15.18
CA ILE W 466 14.67 55.01 -16.62
C ILE W 466 13.32 55.58 -17.05
N VAL W 467 12.23 55.03 -16.52
CA VAL W 467 10.90 55.52 -16.88
C VAL W 467 10.73 56.98 -16.48
N ALA W 468 11.21 57.33 -15.27
CA ALA W 468 11.11 58.71 -14.82
C ALA W 468 11.88 59.64 -15.74
N LYS W 469 13.09 59.25 -16.15
CA LYS W 469 13.89 60.09 -17.05
C LYS W 469 13.22 60.24 -18.39
N VAL W 470 12.64 59.17 -18.92
CA VAL W 470 11.95 59.24 -20.21
C VAL W 470 10.75 60.17 -20.13
N LEU W 471 10.00 60.10 -19.02
CA LEU W 471 8.84 60.97 -18.85
C LEU W 471 9.25 62.42 -18.73
N GLU W 472 10.44 62.70 -18.17
CA GLU W 472 10.93 64.07 -18.13
C GLU W 472 11.16 64.61 -19.53
N GLY W 473 11.66 63.79 -20.44
CA GLY W 473 11.88 64.22 -21.80
C GLY W 473 10.59 64.38 -22.57
N LYS W 474 10.71 64.94 -23.76
CA LYS W 474 9.58 65.21 -24.62
C LYS W 474 9.88 64.76 -26.04
N GLY W 475 8.82 64.49 -26.80
CA GLY W 475 9.00 64.12 -28.19
C GLY W 475 9.50 62.70 -28.33
N ASN W 476 10.50 62.53 -29.20
CA ASN W 476 11.07 61.23 -29.48
C ASN W 476 12.18 60.84 -28.52
N TYR W 477 12.40 61.63 -27.47
CA TYR W 477 13.41 61.30 -26.47
C TYR W 477 13.07 59.98 -25.81
N GLY W 478 14.07 59.11 -25.71
CA GLY W 478 13.83 57.79 -25.15
C GLY W 478 15.13 57.15 -24.70
N TYR W 479 15.03 55.89 -24.31
CA TYR W 479 16.14 55.14 -23.78
C TYR W 479 16.48 54.01 -24.74
N ASN W 480 17.73 53.97 -25.20
CA ASN W 480 18.21 52.89 -26.05
C ASN W 480 18.72 51.76 -25.16
N ALA W 481 17.95 50.68 -25.05
CA ALA W 481 18.35 49.57 -24.20
C ALA W 481 19.54 48.82 -24.77
N ALA W 482 19.72 48.85 -26.09
CA ALA W 482 20.86 48.17 -26.69
C ALA W 482 22.18 48.80 -26.26
N THR W 483 22.24 50.13 -26.24
CA THR W 483 23.45 50.84 -25.88
C THR W 483 23.41 51.44 -24.48
N GLY W 484 22.26 51.40 -23.80
CA GLY W 484 22.16 51.95 -22.46
C GLY W 484 22.36 53.44 -22.39
N GLU W 485 21.79 54.18 -23.34
CA GLU W 485 21.93 55.62 -23.39
C GLU W 485 20.60 56.25 -23.78
N PHE W 486 20.44 57.53 -23.41
CA PHE W 486 19.25 58.28 -23.76
C PHE W 486 19.50 59.11 -25.01
N GLY W 487 18.44 59.34 -25.77
CA GLY W 487 18.57 60.14 -26.98
C GLY W 487 17.27 60.13 -27.76
N ASP W 488 17.34 60.74 -28.93
CA ASP W 488 16.20 60.77 -29.84
C ASP W 488 15.99 59.39 -30.44
N MET W 489 14.82 58.80 -30.18
CA MET W 489 14.57 57.42 -30.60
C MET W 489 14.63 57.29 -32.11
N ILE W 490 14.12 58.28 -32.84
CA ILE W 490 14.12 58.22 -34.30
C ILE W 490 15.55 58.31 -34.84
N GLU W 491 16.38 59.17 -34.24
CA GLU W 491 17.74 59.34 -34.74
C GLU W 491 18.56 58.07 -34.57
N MET W 492 18.42 57.38 -33.44
CA MET W 492 19.13 56.13 -33.21
C MET W 492 18.46 54.94 -33.88
N GLY W 493 17.35 55.15 -34.58
CA GLY W 493 16.75 54.09 -35.36
C GLY W 493 15.85 53.14 -34.60
N VAL W 494 15.51 53.45 -33.35
CA VAL W 494 14.59 52.60 -32.60
C VAL W 494 13.17 52.98 -33.00
N LEU W 495 12.64 52.34 -34.03
CA LEU W 495 11.37 52.66 -34.63
C LEU W 495 10.38 51.52 -34.42
N ASP W 496 9.13 51.87 -34.18
CA ASP W 496 8.08 50.87 -34.04
C ASP W 496 6.92 51.23 -34.94
N PRO W 497 6.26 50.24 -35.53
CA PRO W 497 5.03 50.52 -36.29
C PRO W 497 3.91 50.91 -35.35
N THR W 498 3.24 52.03 -35.66
CA THR W 498 2.16 52.48 -34.81
C THR W 498 0.98 51.51 -34.82
N LYS W 499 0.83 50.76 -35.92
CA LYS W 499 -0.21 49.73 -35.96
C LYS W 499 0.09 48.63 -34.94
N VAL W 500 1.36 48.24 -34.82
CA VAL W 500 1.73 47.21 -33.86
C VAL W 500 1.49 47.71 -32.43
N THR W 501 1.87 48.95 -32.15
CA THR W 501 1.66 49.51 -30.82
C THR W 501 0.19 49.65 -30.50
N ARG W 502 -0.61 50.14 -31.46
CA ARG W 502 -2.04 50.29 -31.24
C ARG W 502 -2.72 48.93 -31.06
N SER W 503 -2.35 47.96 -31.89
CA SER W 503 -2.96 46.64 -31.79
C SER W 503 -2.63 45.96 -30.48
N ALA W 504 -1.39 46.11 -30.01
CA ALA W 504 -0.99 45.49 -28.75
C ALA W 504 -1.79 46.06 -27.59
N LEU W 505 -1.98 47.37 -27.56
CA LEU W 505 -2.71 47.99 -26.46
C LEU W 505 -4.19 47.63 -26.50
N GLN W 506 -4.80 47.67 -27.68
CA GLN W 506 -6.23 47.41 -27.80
C GLN W 506 -6.55 45.96 -27.47
N ASN W 507 -5.72 45.02 -27.93
CA ASN W 507 -5.97 43.62 -27.64
C ASN W 507 -5.75 43.32 -26.16
N ALA W 508 -4.70 43.90 -25.56
CA ALA W 508 -4.44 43.67 -24.16
C ALA W 508 -5.56 44.21 -23.28
N ALA W 509 -6.06 45.41 -23.61
CA ALA W 509 -7.10 46.02 -22.80
C ALA W 509 -8.40 45.23 -22.85
N SER W 510 -8.76 44.73 -24.03
CA SER W 510 -10.04 44.03 -24.18
C SER W 510 -10.07 42.77 -23.34
N VAL W 511 -8.97 42.02 -23.31
CA VAL W 511 -8.97 40.76 -22.56
C VAL W 511 -8.71 41.00 -21.08
N ALA W 512 -7.73 41.85 -20.76
CA ALA W 512 -7.41 42.11 -19.36
C ALA W 512 -8.55 42.84 -18.66
N GLY W 513 -9.27 43.70 -19.37
CA GLY W 513 -10.44 44.33 -18.78
C GLY W 513 -11.51 43.32 -18.40
N LEU W 514 -11.71 42.30 -19.24
CA LEU W 514 -12.67 41.26 -18.93
C LEU W 514 -12.20 40.43 -17.74
N MET W 515 -10.90 40.19 -17.63
CA MET W 515 -10.39 39.37 -16.53
C MET W 515 -10.57 40.07 -15.18
N LEU W 516 -10.69 41.39 -15.19
CA LEU W 516 -10.93 42.10 -13.94
C LEU W 516 -12.35 41.87 -13.41
N THR W 517 -13.30 41.63 -14.31
CA THR W 517 -14.71 41.46 -13.96
C THR W 517 -15.05 40.04 -13.54
N THR W 518 -14.06 39.22 -13.24
CA THR W 518 -14.29 37.82 -12.89
C THR W 518 -14.63 37.69 -11.41
N GLU W 519 -15.75 37.02 -11.13
CA GLU W 519 -16.15 36.70 -9.77
C GLU W 519 -16.21 35.21 -9.51
N CYS W 520 -16.84 34.46 -10.40
CA CYS W 520 -16.96 33.02 -10.28
C CYS W 520 -16.19 32.38 -11.44
N MET W 521 -15.65 31.18 -11.20
CA MET W 521 -14.78 30.55 -12.18
C MET W 521 -15.06 29.05 -12.15
N ILE W 522 -15.50 28.51 -13.28
CA ILE W 522 -15.97 27.13 -13.37
C ILE W 522 -15.03 26.37 -14.29
N ALA W 523 -14.46 25.28 -13.77
CA ALA W 523 -13.57 24.41 -14.54
C ALA W 523 -13.87 22.97 -14.19
N GLU W 524 -13.32 22.06 -14.99
CA GLU W 524 -13.50 20.63 -14.74
C GLU W 524 -12.83 20.23 -13.43
N ALA W 525 -13.50 19.38 -12.67
CA ALA W 525 -12.93 18.90 -11.42
C ALA W 525 -11.80 17.92 -11.72
N PRO W 526 -10.74 17.91 -10.90
CA PRO W 526 -9.66 16.94 -11.10
C PRO W 526 -10.15 15.52 -10.90
N LYS W 527 -9.52 14.58 -11.60
CA LYS W 527 -9.89 13.17 -11.53
C LYS W 527 -9.35 12.52 -10.25
N ASP W 528 -9.82 13.06 -9.12
CA ASP W 528 -9.44 12.59 -7.79
C ASP W 528 -7.93 12.59 -7.59
N LYS X 1 0.08 -9.84 -110.96
CA LYS X 1 0.22 -10.77 -109.85
C LYS X 1 -1.12 -11.16 -109.25
N LEU X 2 -1.91 -10.15 -108.90
CA LEU X 2 -3.21 -10.35 -108.27
C LEU X 2 -4.32 -10.03 -109.27
N ARG X 3 -5.26 -10.95 -109.43
CA ARG X 3 -6.38 -10.76 -110.34
C ARG X 3 -7.69 -10.90 -109.58
N PRO X 4 -8.44 -9.82 -109.38
CA PRO X 4 -9.70 -9.91 -108.64
C PRO X 4 -10.78 -10.60 -109.46
N LEU X 5 -11.82 -11.04 -108.76
CA LEU X 5 -12.91 -11.81 -109.37
C LEU X 5 -14.22 -11.04 -109.27
N HIS X 6 -14.97 -11.07 -110.37
CA HIS X 6 -16.31 -10.48 -110.46
C HIS X 6 -16.20 -8.97 -110.24
N ASP X 7 -16.87 -8.40 -109.24
CA ASP X 7 -16.87 -6.95 -109.03
C ASP X 7 -15.69 -6.48 -108.18
N ARG X 8 -14.78 -7.37 -107.85
CA ARG X 8 -13.75 -7.07 -106.86
C ARG X 8 -12.77 -6.05 -107.42
N VAL X 9 -12.31 -5.15 -106.54
CA VAL X 9 -11.33 -4.15 -106.90
C VAL X 9 -10.21 -4.18 -105.85
N VAL X 10 -8.97 -4.17 -106.31
CA VAL X 10 -7.80 -4.10 -105.44
C VAL X 10 -7.28 -2.68 -105.45
N VAL X 11 -7.10 -2.12 -104.26
CA VAL X 11 -6.62 -0.74 -104.12
C VAL X 11 -5.43 -0.73 -103.18
N LYS X 12 -4.45 0.12 -103.49
CA LYS X 12 -3.35 0.43 -102.59
C LYS X 12 -3.70 1.73 -101.89
N ARG X 13 -4.01 1.65 -100.60
CA ARG X 13 -4.39 2.85 -99.86
C ARG X 13 -3.19 3.79 -99.76
N ILE X 14 -3.42 5.06 -100.09
CA ILE X 14 -2.32 6.00 -100.18
C ILE X 14 -1.76 6.30 -98.80
N GLU X 15 -0.50 6.71 -98.76
CA GLU X 15 0.18 7.02 -97.52
C GLU X 15 -0.44 8.23 -96.83
N ALA X 16 -0.38 8.24 -95.51
CA ALA X 16 -1.00 9.31 -94.72
C ALA X 16 -0.22 10.61 -94.87
N GLU X 17 -0.97 11.70 -95.01
CA GLU X 17 -0.40 12.99 -95.40
C GLU X 17 0.71 13.40 -94.42
N ARG X 18 1.85 13.81 -94.98
CA ARG X 18 3.06 14.05 -94.21
C ARG X 18 3.35 15.53 -93.97
N LYS X 19 3.53 16.31 -95.04
CA LYS X 19 3.81 17.73 -94.94
C LYS X 19 2.59 18.54 -95.34
N THR X 20 2.22 19.50 -94.49
CA THR X 20 1.02 20.30 -94.69
C THR X 20 1.31 21.42 -95.67
N ALA X 21 0.30 22.27 -95.92
CA ALA X 21 0.48 23.40 -96.83
C ALA X 21 1.54 24.37 -96.32
N SER X 22 1.53 24.64 -95.02
CA SER X 22 2.51 25.53 -94.41
C SER X 22 3.75 24.81 -93.94
N GLY X 23 3.82 23.48 -94.09
CA GLY X 23 5.03 22.74 -93.82
C GLY X 23 5.09 22.00 -92.50
N ILE X 24 4.00 21.98 -91.73
CA ILE X 24 4.01 21.27 -90.46
C ILE X 24 4.14 19.77 -90.70
N VAL X 25 5.10 19.15 -90.06
CA VAL X 25 5.34 17.72 -90.20
C VAL X 25 4.43 16.97 -89.23
N ILE X 26 3.60 16.09 -89.75
CA ILE X 26 2.68 15.29 -88.96
C ILE X 26 3.31 13.91 -88.73
N PRO X 27 3.45 13.47 -87.48
CA PRO X 27 3.97 12.12 -87.25
C PRO X 27 3.00 11.07 -87.76
N ASP X 28 3.56 9.91 -88.13
CA ASP X 28 2.76 8.85 -88.74
C ASP X 28 1.65 8.37 -87.80
N THR X 29 1.92 8.32 -86.50
CA THR X 29 0.89 7.92 -85.55
C THR X 29 -0.26 8.92 -85.54
N ALA X 30 0.04 10.22 -85.57
CA ALA X 30 -1.00 11.23 -85.52
C ALA X 30 -1.78 11.31 -86.82
N GLY X 31 -1.12 11.11 -87.96
CA GLY X 31 -1.76 11.23 -89.25
C GLY X 31 -2.90 10.25 -89.46
N GLU X 32 -4.09 10.78 -89.71
CA GLU X 32 -5.25 9.93 -89.96
C GLU X 32 -5.10 9.20 -91.29
N LYS X 33 -5.52 7.95 -91.31
CA LYS X 33 -5.37 7.13 -92.51
C LYS X 33 -6.39 7.56 -93.55
N PRO X 34 -5.96 8.05 -94.72
CA PRO X 34 -6.93 8.48 -95.73
C PRO X 34 -7.75 7.31 -96.27
N ASP X 35 -8.97 7.64 -96.71
CA ASP X 35 -9.88 6.67 -97.29
C ASP X 35 -9.74 6.56 -98.80
N GLN X 36 -8.64 7.06 -99.36
CA GLN X 36 -8.41 7.07 -100.79
C GLN X 36 -7.29 6.11 -101.16
N GLY X 37 -7.23 5.78 -102.44
CA GLY X 37 -6.17 4.92 -102.93
C GLY X 37 -6.31 4.75 -104.43
N GLU X 38 -5.20 4.33 -105.05
CA GLU X 38 -5.18 4.09 -106.48
C GLU X 38 -5.48 2.63 -106.77
N VAL X 39 -6.04 2.38 -107.94
CA VAL X 39 -6.45 1.04 -108.34
C VAL X 39 -5.40 0.45 -109.28
N LEU X 40 -4.94 -0.77 -108.96
CA LEU X 40 -3.98 -1.46 -109.81
C LEU X 40 -4.58 -2.68 -110.50
N ALA X 41 -5.73 -3.16 -110.06
CA ALA X 41 -6.38 -4.31 -110.69
C ALA X 41 -7.88 -4.21 -110.45
N VAL X 42 -8.67 -4.48 -111.48
CA VAL X 42 -10.12 -4.44 -111.40
C VAL X 42 -10.69 -5.73 -111.96
N GLY X 43 -11.86 -6.12 -111.47
CA GLY X 43 -12.51 -7.32 -111.95
C GLY X 43 -13.27 -7.08 -113.24
N ASP X 44 -13.73 -8.19 -113.83
CA ASP X 44 -14.48 -8.10 -115.08
C ASP X 44 -15.87 -7.49 -114.86
N GLY X 45 -16.52 -7.82 -113.75
CA GLY X 45 -17.84 -7.28 -113.46
C GLY X 45 -18.71 -8.25 -112.70
N LYS X 46 -19.84 -7.77 -112.20
CA LYS X 46 -20.75 -8.61 -111.41
C LYS X 46 -21.72 -9.34 -112.33
N ILE X 47 -21.88 -10.64 -112.07
CA ILE X 47 -22.84 -11.46 -112.82
C ILE X 47 -24.23 -11.08 -112.33
N LEU X 48 -24.93 -10.25 -113.10
CA LEU X 48 -26.31 -9.95 -112.79
C LEU X 48 -27.22 -11.11 -113.21
N ASP X 49 -28.44 -11.09 -112.67
CA ASP X 49 -29.32 -12.25 -112.72
C ASP X 49 -29.75 -12.63 -114.13
N ASP X 50 -29.61 -11.75 -115.11
CA ASP X 50 -30.04 -12.01 -116.47
C ASP X 50 -28.84 -12.14 -117.42
N GLY X 51 -27.78 -12.76 -116.94
CA GLY X 51 -26.60 -12.97 -117.76
C GLY X 51 -25.81 -11.70 -117.98
N SER X 52 -24.76 -11.83 -118.80
CA SER X 52 -23.86 -10.73 -119.14
C SER X 52 -23.16 -10.17 -117.92
N LYS X 53 -22.38 -9.10 -118.12
CA LYS X 53 -21.56 -8.53 -117.06
C LYS X 53 -21.91 -7.05 -116.85
N ARG X 54 -21.85 -6.62 -115.60
CA ARG X 54 -22.02 -5.21 -115.29
C ARG X 54 -20.74 -4.45 -115.60
N PRO X 55 -20.78 -3.40 -116.42
CA PRO X 55 -19.56 -2.62 -116.67
C PRO X 55 -19.02 -2.02 -115.39
N MET X 56 -17.69 -2.00 -115.27
CA MET X 56 -17.05 -1.47 -114.09
C MET X 56 -16.92 0.05 -114.17
N ALA X 57 -17.25 0.72 -113.07
CA ALA X 57 -17.16 2.18 -112.99
C ALA X 57 -15.78 2.67 -112.60
N VAL X 58 -14.83 1.77 -112.33
CA VAL X 58 -13.48 2.13 -111.95
C VAL X 58 -12.51 1.57 -112.98
N LYS X 59 -11.68 2.43 -113.54
CA LYS X 59 -10.64 2.02 -114.49
C LYS X 59 -9.31 1.90 -113.76
N VAL X 60 -8.50 0.95 -114.21
CA VAL X 60 -7.20 0.71 -113.58
C VAL X 60 -6.33 1.95 -113.73
N GLY X 61 -5.72 2.38 -112.63
CA GLY X 61 -4.86 3.53 -112.61
C GLY X 61 -5.48 4.79 -112.03
N ASP X 62 -6.79 4.79 -111.80
CA ASP X 62 -7.46 5.97 -111.28
C ASP X 62 -7.35 6.04 -109.75
N LYS X 63 -7.77 7.16 -109.20
CA LYS X 63 -7.81 7.35 -107.75
C LYS X 63 -9.26 7.28 -107.29
N VAL X 64 -9.51 6.44 -106.28
CA VAL X 64 -10.86 6.16 -105.83
C VAL X 64 -10.96 6.43 -104.33
N LEU X 65 -12.19 6.70 -103.88
CA LEU X 65 -12.49 6.91 -102.48
C LEU X 65 -13.43 5.80 -102.00
N PHE X 66 -13.07 5.15 -100.90
CA PHE X 66 -13.80 4.00 -100.39
C PHE X 66 -14.06 4.16 -98.90
N GLY X 67 -14.92 3.30 -98.37
CA GLY X 67 -15.28 3.36 -96.96
C GLY X 67 -14.13 2.93 -96.06
N LYS X 68 -14.12 3.47 -94.84
CA LYS X 68 -13.02 3.17 -93.93
C LYS X 68 -13.13 1.76 -93.37
N TYR X 69 -14.36 1.25 -93.23
CA TYR X 69 -14.59 -0.08 -92.69
C TYR X 69 -14.67 -1.14 -93.77
N ALA X 70 -14.46 -0.77 -95.02
CA ALA X 70 -14.62 -1.67 -96.15
C ALA X 70 -13.27 -2.24 -96.58
N GLY X 71 -13.32 -3.44 -97.19
CA GLY X 71 -12.15 -4.06 -97.73
C GLY X 71 -11.41 -4.92 -96.72
N GLN X 72 -10.44 -5.69 -97.25
CA GLN X 72 -9.61 -6.57 -96.45
C GLN X 72 -8.19 -6.48 -96.96
N THR X 73 -7.23 -6.62 -96.06
CA THR X 73 -5.82 -6.40 -96.38
C THR X 73 -5.15 -7.73 -96.73
N VAL X 74 -4.48 -7.76 -97.88
CA VAL X 74 -3.91 -8.99 -98.42
C VAL X 74 -2.41 -8.96 -98.21
N LYS X 75 -1.82 -10.14 -97.96
CA LYS X 75 -0.44 -10.26 -97.50
C LYS X 75 0.57 -10.48 -98.62
N VAL X 76 0.17 -10.40 -99.89
CA VAL X 76 1.09 -10.79 -100.96
C VAL X 76 2.29 -9.85 -101.02
N GLU X 77 3.48 -10.47 -101.04
CA GLU X 77 4.82 -9.90 -101.18
C GLU X 77 5.05 -8.60 -100.43
N GLY X 78 4.38 -8.42 -99.30
CA GLY X 78 4.70 -7.34 -98.37
C GLY X 78 3.87 -6.07 -98.43
N GLU X 79 3.44 -5.60 -99.60
CA GLU X 79 2.68 -4.36 -99.58
C GLU X 79 1.30 -4.58 -99.01
N GLU X 80 0.76 -3.53 -98.38
CA GLU X 80 -0.62 -3.54 -97.89
C GLU X 80 -1.52 -3.13 -99.06
N LEU X 81 -2.41 -4.04 -99.44
CA LEU X 81 -3.39 -3.80 -100.49
C LEU X 81 -4.77 -4.16 -99.97
N LEU X 82 -5.76 -3.34 -100.31
CA LEU X 82 -7.13 -3.57 -99.87
C LEU X 82 -7.95 -4.07 -101.05
N VAL X 83 -8.58 -5.23 -100.89
CA VAL X 83 -9.42 -5.82 -101.91
C VAL X 83 -10.87 -5.69 -101.46
N LEU X 84 -11.69 -5.04 -102.27
CA LEU X 84 -13.04 -4.69 -101.85
C LEU X 84 -13.97 -4.66 -103.06
N ARG X 85 -15.26 -4.74 -102.78
CA ARG X 85 -16.26 -4.79 -103.84
C ARG X 85 -16.38 -3.43 -104.54
N GLU X 86 -17.08 -3.43 -105.68
CA GLU X 86 -17.19 -2.23 -106.48
C GLU X 86 -18.10 -1.19 -105.84
N ASP X 87 -19.12 -1.64 -105.10
CA ASP X 87 -20.07 -0.68 -104.51
C ASP X 87 -19.50 0.07 -103.32
N ASP X 88 -18.43 -0.46 -102.68
CA ASP X 88 -17.81 0.27 -101.58
C ASP X 88 -17.18 1.56 -102.06
N ILE X 89 -16.55 1.55 -103.23
CA ILE X 89 -15.97 2.76 -103.80
C ILE X 89 -17.09 3.73 -104.12
N MET X 90 -17.12 4.86 -103.41
CA MET X 90 -18.21 5.82 -103.56
C MET X 90 -17.91 6.96 -104.53
N ALA X 91 -16.63 7.22 -104.82
CA ALA X 91 -16.30 8.31 -105.72
C ALA X 91 -14.96 8.04 -106.37
N VAL X 92 -14.73 8.71 -107.49
CA VAL X 92 -13.47 8.64 -108.23
C VAL X 92 -12.90 10.05 -108.30
N ILE X 93 -11.67 10.20 -107.82
CA ILE X 93 -11.01 11.50 -107.80
C ILE X 93 -10.32 11.71 -109.14
N GLU X 94 -10.29 12.97 -109.59
CA GLU X 94 -10.11 13.36 -111.00
C GLU X 94 -10.32 12.20 -111.99
N ALA Y 1 -27.11 0.69 -12.78
CA ALA Y 1 -26.40 -0.13 -11.80
C ALA Y 1 -27.05 0.01 -10.43
N ALA Y 2 -26.25 -0.20 -9.38
CA ALA Y 2 -26.75 -0.07 -8.02
C ALA Y 2 -27.15 1.36 -7.74
N LYS Y 3 -28.22 1.52 -6.96
CA LYS Y 3 -28.79 2.81 -6.64
C LYS Y 3 -28.64 3.09 -5.16
N GLU Y 4 -28.35 4.35 -4.82
CA GLU Y 4 -28.35 4.81 -3.45
C GLU Y 4 -29.60 5.63 -3.21
N VAL Y 5 -30.28 5.37 -2.09
CA VAL Y 5 -31.57 5.97 -1.80
C VAL Y 5 -31.44 6.81 -0.55
N LYS Y 6 -31.88 8.07 -0.63
CA LYS Y 6 -31.85 8.99 0.49
C LYS Y 6 -33.28 9.41 0.85
N PHE Y 7 -33.51 9.64 2.13
CA PHE Y 7 -34.85 9.91 2.65
C PHE Y 7 -34.86 11.15 3.51
N HIS Y 8 -36.02 11.81 3.56
CA HIS Y 8 -36.35 12.85 4.54
C HIS Y 8 -35.34 13.99 4.42
N ASP Y 9 -34.82 14.49 5.53
CA ASP Y 9 -33.96 15.68 5.49
C ASP Y 9 -32.60 15.39 4.87
N SER Y 10 -32.12 14.15 4.97
CA SER Y 10 -30.86 13.81 4.34
C SER Y 10 -30.96 13.96 2.83
N ALA Y 11 -32.09 13.57 2.24
CA ALA Y 11 -32.31 13.79 0.82
C ALA Y 11 -32.50 15.26 0.50
N ARG Y 12 -33.24 15.99 1.34
CA ARG Y 12 -33.53 17.39 1.04
C ARG Y 12 -32.30 18.26 1.19
N GLU Y 13 -31.44 17.95 2.17
CA GLU Y 13 -30.25 18.77 2.37
C GLU Y 13 -29.28 18.64 1.21
N ARG Y 14 -29.26 17.47 0.56
CA ARG Y 14 -28.41 17.31 -0.62
C ARG Y 14 -29.04 18.01 -1.82
N LEU Y 15 -30.36 17.97 -1.93
CA LEU Y 15 -31.04 18.67 -3.01
C LEU Y 15 -30.82 20.17 -2.91
N VAL Y 16 -30.98 20.73 -1.71
CA VAL Y 16 -30.82 22.17 -1.52
C VAL Y 16 -29.38 22.59 -1.74
N ALA Y 17 -28.42 21.76 -1.31
CA ALA Y 17 -27.02 22.10 -1.52
C ALA Y 17 -26.68 22.23 -3.00
N GLY Y 18 -27.23 21.33 -3.82
CA GLY Y 18 -27.04 21.47 -5.26
C GLY Y 18 -27.73 22.69 -5.83
N VAL Y 19 -28.91 23.01 -5.30
CA VAL Y 19 -29.63 24.21 -5.73
C VAL Y 19 -28.81 25.45 -5.39
N ASN Y 20 -28.27 25.50 -4.17
CA ASN Y 20 -27.54 26.68 -3.74
C ASN Y 20 -26.24 26.85 -4.51
N LEU Y 21 -25.54 25.76 -4.81
CA LEU Y 21 -24.27 25.87 -5.52
C LEU Y 21 -24.49 26.45 -6.92
N LEU Y 22 -25.51 25.97 -7.63
CA LEU Y 22 -25.77 26.50 -8.96
C LEU Y 22 -26.27 27.93 -8.89
N ALA Y 23 -27.18 28.22 -7.96
CA ALA Y 23 -27.77 29.56 -7.90
C ALA Y 23 -26.77 30.59 -7.41
N ASN Y 24 -25.85 30.21 -6.52
CA ASN Y 24 -24.83 31.15 -6.07
C ASN Y 24 -23.89 31.54 -7.20
N ALA Y 25 -23.52 30.60 -8.07
CA ALA Y 25 -22.71 30.94 -9.23
C ALA Y 25 -23.46 31.87 -10.17
N VAL Y 26 -24.75 31.60 -10.40
CA VAL Y 26 -25.57 32.46 -11.23
C VAL Y 26 -25.86 33.80 -10.54
N LYS Y 27 -25.88 33.82 -9.21
CA LYS Y 27 -26.14 35.06 -8.47
C LYS Y 27 -25.16 36.15 -8.84
N THR Y 28 -23.89 35.79 -9.05
CA THR Y 28 -22.84 36.79 -9.21
C THR Y 28 -23.04 37.67 -10.44
N THR Y 29 -23.81 37.21 -11.41
CA THR Y 29 -24.01 37.94 -12.65
C THR Y 29 -25.27 38.82 -12.65
N LEU Y 30 -25.99 38.88 -11.54
CA LEU Y 30 -27.28 39.56 -11.52
C LEU Y 30 -27.12 41.06 -11.34
N GLY Y 31 -27.84 41.83 -12.16
CA GLY Y 31 -27.91 43.25 -11.98
C GLY Y 31 -26.85 44.02 -12.73
N PRO Y 32 -26.97 45.36 -12.72
CA PRO Y 32 -25.97 46.19 -13.40
C PRO Y 32 -24.58 46.03 -12.82
N LYS Y 33 -24.46 45.78 -11.52
CA LYS Y 33 -23.16 45.59 -10.88
C LYS Y 33 -22.80 44.13 -10.72
N GLY Y 34 -23.54 43.23 -11.36
CA GLY Y 34 -23.13 41.84 -11.39
C GLY Y 34 -21.85 41.67 -12.20
N ARG Y 35 -21.12 40.60 -11.90
CA ARG Y 35 -19.81 40.39 -12.48
C ARG Y 35 -19.81 39.11 -13.31
N ASN Y 36 -18.76 38.96 -14.11
CA ASN Y 36 -18.70 37.91 -15.10
C ASN Y 36 -18.30 36.57 -14.47
N VAL Y 37 -18.60 35.50 -15.19
CA VAL Y 37 -18.22 34.15 -14.80
C VAL Y 37 -17.41 33.55 -15.95
N VAL Y 38 -16.24 33.03 -15.64
CA VAL Y 38 -15.37 32.41 -16.62
C VAL Y 38 -15.57 30.90 -16.56
N ILE Y 39 -15.87 30.30 -17.70
CA ILE Y 39 -16.15 28.87 -17.80
C ILE Y 39 -15.09 28.23 -18.67
N GLU Y 40 -14.48 27.17 -18.18
CA GLU Y 40 -13.46 26.46 -18.95
C GLU Y 40 -14.09 25.76 -20.14
N ARG Y 41 -13.40 25.82 -21.28
CA ARG Y 41 -13.79 25.10 -22.47
C ARG Y 41 -12.75 24.03 -22.78
N SER Y 42 -13.22 22.90 -23.33
CA SER Y 42 -12.31 21.80 -23.63
C SER Y 42 -11.26 22.21 -24.66
N PHE Y 43 -11.66 22.99 -25.67
CA PHE Y 43 -10.78 23.40 -26.75
C PHE Y 43 -10.11 24.74 -26.49
N GLY Y 44 -9.90 25.09 -25.23
CA GLY Y 44 -9.24 26.34 -24.90
C GLY Y 44 -10.17 27.53 -25.07
N ALA Y 45 -9.60 28.72 -24.85
CA ALA Y 45 -10.32 29.98 -24.95
C ALA Y 45 -11.56 29.97 -24.06
N PRO Y 46 -11.40 30.11 -22.75
CA PRO Y 46 -12.57 30.11 -21.86
C PRO Y 46 -13.54 31.22 -22.20
N ILE Y 47 -14.83 30.93 -22.03
CA ILE Y 47 -15.87 31.90 -22.32
C ILE Y 47 -16.12 32.74 -21.07
N VAL Y 48 -16.27 34.04 -21.26
CA VAL Y 48 -16.60 34.97 -20.20
C VAL Y 48 -18.03 35.43 -20.43
N THR Y 49 -18.92 35.10 -19.50
CA THR Y 49 -20.34 35.33 -19.69
C THR Y 49 -20.96 35.96 -18.45
N LYS Y 50 -21.99 36.77 -18.68
CA LYS Y 50 -22.84 37.30 -17.63
C LYS Y 50 -24.24 36.72 -17.69
N ASP Y 51 -24.41 35.60 -18.41
CA ASP Y 51 -25.71 34.99 -18.63
C ASP Y 51 -25.96 33.90 -17.60
N GLY Y 52 -27.16 33.92 -17.00
CA GLY Y 52 -27.50 32.89 -16.04
C GLY Y 52 -27.63 31.52 -16.68
N VAL Y 53 -28.24 31.46 -17.86
CA VAL Y 53 -28.44 30.17 -18.52
C VAL Y 53 -27.11 29.58 -18.96
N THR Y 54 -26.20 30.41 -19.45
CA THR Y 54 -24.89 29.91 -19.86
C THR Y 54 -24.11 29.36 -18.67
N VAL Y 55 -24.15 30.07 -17.54
CA VAL Y 55 -23.46 29.59 -16.35
C VAL Y 55 -24.13 28.33 -15.81
N ALA Y 56 -25.47 28.31 -15.78
CA ALA Y 56 -26.19 27.17 -15.22
C ALA Y 56 -25.94 25.90 -16.03
N LYS Y 57 -25.93 26.02 -17.36
CA LYS Y 57 -25.79 24.84 -18.21
C LYS Y 57 -24.44 24.15 -18.07
N GLU Y 58 -23.42 24.86 -17.57
CA GLU Y 58 -22.09 24.29 -17.44
C GLU Y 58 -21.82 23.67 -16.07
N ILE Y 59 -22.78 23.71 -15.15
CA ILE Y 59 -22.54 23.29 -13.78
C ILE Y 59 -22.98 21.84 -13.62
N GLU Y 60 -22.04 20.97 -13.24
CA GLU Y 60 -22.31 19.59 -12.89
C GLU Y 60 -21.50 19.25 -11.64
N LEU Y 61 -22.11 18.51 -10.73
CA LEU Y 61 -21.50 18.26 -9.43
C LEU Y 61 -21.10 16.79 -9.30
N LYS Y 62 -20.01 16.57 -8.56
CA LYS Y 62 -19.56 15.21 -8.31
C LYS Y 62 -20.58 14.43 -7.49
N ASP Y 63 -21.16 15.06 -6.47
CA ASP Y 63 -22.20 14.41 -5.68
C ASP Y 63 -23.46 14.27 -6.53
N LYS Y 64 -23.89 13.03 -6.74
CA LYS Y 64 -25.03 12.78 -7.62
C LYS Y 64 -26.31 13.35 -7.04
N PHE Y 65 -26.48 13.28 -5.71
CA PHE Y 65 -27.67 13.84 -5.09
C PHE Y 65 -27.66 15.36 -5.15
N GLU Y 66 -26.49 15.97 -4.96
CA GLU Y 66 -26.40 17.42 -5.16
C GLU Y 66 -26.54 17.79 -6.63
N ASN Y 67 -26.04 16.93 -7.52
CA ASN Y 67 -26.20 17.19 -8.94
C ASN Y 67 -27.66 17.19 -9.36
N MET Y 68 -28.48 16.35 -8.72
CA MET Y 68 -29.90 16.31 -9.05
C MET Y 68 -30.58 17.64 -8.75
N GLY Y 69 -30.22 18.26 -7.63
CA GLY Y 69 -30.75 19.58 -7.32
C GLY Y 69 -30.27 20.64 -8.30
N ALA Y 70 -29.00 20.55 -8.70
CA ALA Y 70 -28.47 21.51 -9.66
C ALA Y 70 -29.12 21.33 -11.03
N GLN Y 71 -29.40 20.08 -11.42
CA GLN Y 71 -29.98 19.83 -12.73
C GLN Y 71 -31.40 20.39 -12.82
N MET Y 72 -32.11 20.44 -11.70
CA MET Y 72 -33.48 20.97 -11.72
C MET Y 72 -33.48 22.50 -11.77
N VAL Y 73 -32.55 23.15 -11.08
CA VAL Y 73 -32.44 24.60 -11.18
C VAL Y 73 -31.90 25.00 -12.54
N LYS Y 74 -30.95 24.22 -13.07
CA LYS Y 74 -30.50 24.43 -14.44
C LYS Y 74 -31.68 24.36 -15.41
N GLU Y 75 -32.69 23.57 -15.05
CA GLU Y 75 -33.88 23.45 -15.88
C GLU Y 75 -34.70 24.74 -15.87
N VAL Y 76 -34.69 25.46 -14.75
CA VAL Y 76 -35.40 26.74 -14.67
C VAL Y 76 -34.82 27.74 -15.65
N ALA Y 77 -33.49 27.86 -15.65
CA ALA Y 77 -32.83 28.82 -16.54
C ALA Y 77 -33.02 28.45 -18.00
N SER Y 78 -32.95 27.15 -18.32
CA SER Y 78 -33.09 26.72 -19.70
C SER Y 78 -34.48 27.04 -20.26
N LYS Y 79 -35.51 26.82 -19.46
CA LYS Y 79 -36.87 27.11 -19.92
C LYS Y 79 -37.08 28.61 -20.08
N THR Y 80 -36.53 29.41 -19.17
CA THR Y 80 -36.67 30.86 -19.28
C THR Y 80 -35.97 31.39 -20.52
N ALA Y 81 -34.79 30.87 -20.83
CA ALA Y 81 -34.08 31.27 -22.03
C ALA Y 81 -34.87 30.87 -23.28
N ASP Y 82 -35.52 29.70 -23.25
CA ASP Y 82 -36.27 29.25 -24.41
C ASP Y 82 -37.47 30.15 -24.70
N VAL Y 83 -38.20 30.55 -23.66
CA VAL Y 83 -39.45 31.28 -23.87
C VAL Y 83 -39.28 32.79 -23.88
N ALA Y 84 -38.20 33.32 -23.29
CA ALA Y 84 -38.04 34.76 -23.21
C ALA Y 84 -36.68 35.21 -23.74
N GLY Y 85 -35.66 34.38 -23.57
CA GLY Y 85 -34.32 34.76 -23.96
C GLY Y 85 -33.62 35.67 -22.97
N ASP Y 86 -34.27 36.01 -21.87
CA ASP Y 86 -33.72 36.90 -20.86
C ASP Y 86 -34.41 36.56 -19.54
N GLY Y 87 -33.83 37.05 -18.45
CA GLY Y 87 -34.37 36.74 -17.15
C GLY Y 87 -33.96 35.40 -16.59
N THR Y 88 -32.94 34.76 -17.16
CA THR Y 88 -32.51 33.45 -16.67
C THR Y 88 -31.88 33.56 -15.28
N THR Y 89 -31.08 34.60 -15.05
CA THR Y 89 -30.53 34.81 -13.71
C THR Y 89 -31.63 35.13 -12.71
N THR Y 90 -32.60 35.95 -13.11
CA THR Y 90 -33.72 36.27 -12.23
C THR Y 90 -34.54 35.02 -11.91
N ALA Y 91 -34.78 34.18 -12.92
CA ALA Y 91 -35.51 32.95 -12.68
C ALA Y 91 -34.76 32.03 -11.74
N THR Y 92 -33.45 31.91 -11.93
CA THR Y 92 -32.63 31.08 -11.04
C THR Y 92 -32.64 31.64 -9.62
N VAL Y 93 -32.56 32.96 -9.48
CA VAL Y 93 -32.58 33.57 -8.15
C VAL Y 93 -33.94 33.36 -7.49
N LEU Y 94 -35.03 33.52 -8.26
CA LEU Y 94 -36.36 33.29 -7.71
C LEU Y 94 -36.54 31.83 -7.30
N ALA Y 95 -36.04 30.89 -8.10
CA ALA Y 95 -36.18 29.48 -7.76
C ALA Y 95 -35.47 29.15 -6.47
N GLN Y 96 -34.28 29.69 -6.26
CA GLN Y 96 -33.56 29.45 -5.02
C GLN Y 96 -34.28 30.06 -3.82
N ALA Y 97 -34.87 31.23 -4.00
CA ALA Y 97 -35.61 31.87 -2.91
C ALA Y 97 -36.82 31.03 -2.50
N ILE Y 98 -37.54 30.47 -3.47
CA ILE Y 98 -38.68 29.62 -3.15
C ILE Y 98 -38.23 28.38 -2.41
N VAL Y 99 -37.15 27.75 -2.86
CA VAL Y 99 -36.64 26.56 -2.20
C VAL Y 99 -36.17 26.90 -0.79
N ARG Y 100 -35.45 28.00 -0.64
CA ARG Y 100 -34.96 28.39 0.68
C ARG Y 100 -36.11 28.71 1.63
N GLU Y 101 -37.10 29.47 1.16
CA GLU Y 101 -38.23 29.81 2.02
C GLU Y 101 -39.14 28.62 2.23
N GLY Y 102 -39.34 27.79 1.21
CA GLY Y 102 -40.20 26.63 1.34
C GLY Y 102 -39.63 25.51 2.16
N MET Y 103 -38.30 25.41 2.24
CA MET Y 103 -37.68 24.37 3.07
C MET Y 103 -37.91 24.64 4.55
N LYS Y 104 -38.05 25.90 4.93
CA LYS Y 104 -38.36 26.22 6.32
C LYS Y 104 -39.74 25.70 6.70
N TYR Y 105 -40.71 25.84 5.80
CA TYR Y 105 -42.06 25.35 6.07
C TYR Y 105 -42.14 23.83 5.97
N VAL Y 106 -41.36 23.23 5.08
CA VAL Y 106 -41.28 21.77 5.03
C VAL Y 106 -40.68 21.23 6.32
N ALA Y 107 -39.62 21.87 6.81
CA ALA Y 107 -39.03 21.48 8.08
C ALA Y 107 -39.96 21.75 9.25
N ALA Y 108 -40.96 22.61 9.08
CA ALA Y 108 -41.95 22.89 10.12
C ALA Y 108 -43.09 21.88 10.12
N GLY Y 109 -43.02 20.85 9.28
CA GLY Y 109 -44.03 19.81 9.25
C GLY Y 109 -45.23 20.09 8.38
N MET Y 110 -45.21 21.16 7.60
CA MET Y 110 -46.34 21.48 6.73
C MET Y 110 -46.33 20.58 5.50
N ASN Y 111 -47.52 20.33 4.97
CA ASN Y 111 -47.66 19.46 3.81
C ASN Y 111 -47.10 20.16 2.58
N PRO Y 112 -46.07 19.61 1.92
CA PRO Y 112 -45.48 20.31 0.78
C PRO Y 112 -46.37 20.35 -0.45
N MET Y 113 -47.28 19.38 -0.60
CA MET Y 113 -48.22 19.44 -1.72
C MET Y 113 -49.16 20.62 -1.58
N ASP Y 114 -49.60 20.93 -0.36
CA ASP Y 114 -50.37 22.14 -0.15
C ASP Y 114 -49.53 23.39 -0.29
N LEU Y 115 -48.24 23.31 0.06
CA LEU Y 115 -47.34 24.42 -0.20
C LEU Y 115 -47.22 24.69 -1.69
N LYS Y 116 -47.10 23.62 -2.49
CA LYS Y 116 -47.04 23.78 -3.94
C LYS Y 116 -48.34 24.37 -4.48
N ARG Y 117 -49.48 23.93 -3.94
CA ARG Y 117 -50.76 24.50 -4.37
C ARG Y 117 -50.87 25.97 -3.97
N GLY Y 118 -50.38 26.32 -2.79
CA GLY Y 118 -50.35 27.72 -2.40
C GLY Y 118 -49.39 28.54 -3.23
N ILE Y 119 -48.26 27.97 -3.60
CA ILE Y 119 -47.30 28.66 -4.45
C ILE Y 119 -47.92 28.96 -5.81
N ASP Y 120 -48.59 27.97 -6.40
CA ASP Y 120 -49.23 28.17 -7.69
C ASP Y 120 -50.32 29.23 -7.60
N LYS Y 121 -51.07 29.25 -6.50
CA LYS Y 121 -52.12 30.24 -6.33
C LYS Y 121 -51.54 31.65 -6.23
N ALA Y 122 -50.43 31.80 -5.51
CA ALA Y 122 -49.82 33.12 -5.36
C ALA Y 122 -49.20 33.59 -6.66
N VAL Y 123 -48.57 32.68 -7.41
CA VAL Y 123 -47.92 33.05 -8.66
C VAL Y 123 -48.96 33.45 -9.69
N THR Y 124 -50.10 32.76 -9.73
CA THR Y 124 -51.17 33.15 -10.64
C THR Y 124 -51.67 34.55 -10.32
N ALA Y 125 -51.83 34.87 -9.03
CA ALA Y 125 -52.30 36.19 -8.65
C ALA Y 125 -51.28 37.26 -9.01
N ILE Y 126 -49.99 36.98 -8.79
CA ILE Y 126 -48.96 37.98 -9.06
C ILE Y 126 -48.81 38.21 -10.55
N VAL Y 127 -48.87 37.14 -11.35
CA VAL Y 127 -48.77 37.28 -12.80
C VAL Y 127 -49.94 38.11 -13.33
N GLU Y 128 -51.13 37.94 -12.75
CA GLU Y 128 -52.27 38.76 -13.15
C GLU Y 128 -52.02 40.24 -12.83
N GLU Y 129 -51.42 40.52 -11.69
CA GLU Y 129 -51.11 41.91 -11.34
C GLU Y 129 -50.01 42.47 -12.23
N LEU Y 130 -49.10 41.62 -12.70
CA LEU Y 130 -48.08 42.07 -13.64
C LEU Y 130 -48.71 42.54 -14.95
N LYS Y 131 -49.79 41.88 -15.37
CA LYS Y 131 -50.47 42.29 -16.60
C LYS Y 131 -51.04 43.69 -16.47
N ALA Y 132 -51.61 44.01 -15.30
CA ALA Y 132 -52.18 45.33 -15.08
C ALA Y 132 -51.10 46.40 -15.00
N ILE Y 133 -49.99 46.11 -14.32
CA ILE Y 133 -48.90 47.07 -14.20
C ILE Y 133 -48.24 47.32 -15.55
N SER Y 134 -48.15 46.29 -16.38
CA SER Y 134 -47.44 46.41 -17.64
C SER Y 134 -48.04 47.49 -18.52
N LYS Y 135 -47.15 48.23 -19.20
CA LYS Y 135 -47.54 49.24 -20.17
C LYS Y 135 -46.95 48.89 -21.53
N PRO Y 136 -47.67 49.17 -22.61
CA PRO Y 136 -47.16 48.81 -23.95
C PRO Y 136 -45.91 49.59 -24.31
N CYS Y 137 -45.06 48.94 -25.11
CA CYS Y 137 -43.82 49.55 -25.60
C CYS Y 137 -44.08 50.08 -27.00
N SER Y 138 -44.33 51.38 -27.10
CA SER Y 138 -44.72 52.00 -28.35
C SER Y 138 -43.72 52.99 -28.91
N THR Y 139 -42.76 53.45 -28.11
CA THR Y 139 -41.80 54.46 -28.53
C THR Y 139 -40.44 53.82 -28.77
N THR Y 140 -39.71 54.33 -29.75
CA THR Y 140 -38.37 53.83 -30.01
C THR Y 140 -37.41 54.19 -28.87
N LYS Y 141 -37.73 55.22 -28.10
CA LYS Y 141 -36.93 55.54 -26.92
C LYS Y 141 -37.03 54.42 -25.88
N GLU Y 142 -38.24 53.89 -25.68
CA GLU Y 142 -38.42 52.78 -24.75
C GLU Y 142 -37.69 51.53 -25.24
N ILE Y 143 -37.70 51.30 -26.56
CA ILE Y 143 -36.99 50.16 -27.11
C ILE Y 143 -35.49 50.29 -26.85
N ALA Y 144 -34.94 51.49 -27.04
CA ALA Y 144 -33.53 51.71 -26.74
C ALA Y 144 -33.25 51.50 -25.25
N GLN Y 145 -34.14 51.98 -24.39
CA GLN Y 145 -33.95 51.80 -22.95
C GLN Y 145 -34.02 50.34 -22.56
N VAL Y 146 -34.94 49.58 -23.14
CA VAL Y 146 -35.04 48.16 -22.85
C VAL Y 146 -33.79 47.43 -23.34
N GLY Y 147 -33.33 47.77 -24.55
CA GLY Y 147 -32.11 47.16 -25.06
C GLY Y 147 -30.88 47.56 -24.26
N THR Y 148 -30.82 48.81 -23.83
CA THR Y 148 -29.69 49.27 -23.04
C THR Y 148 -29.59 48.53 -21.72
N ILE Y 149 -30.72 48.34 -21.03
CA ILE Y 149 -30.72 47.67 -19.74
C ILE Y 149 -30.30 46.21 -19.91
N SER Y 150 -30.84 45.53 -20.92
CA SER Y 150 -30.55 44.12 -21.12
C SER Y 150 -29.15 43.89 -21.65
N ALA Y 151 -28.51 44.91 -22.23
CA ALA Y 151 -27.13 44.82 -22.67
C ALA Y 151 -26.15 45.25 -21.59
N ASN Y 152 -26.59 45.24 -20.32
CA ASN Y 152 -25.77 45.64 -19.18
C ASN Y 152 -25.30 47.09 -19.32
N ALA Y 153 -26.28 48.00 -19.41
CA ALA Y 153 -26.04 49.43 -19.44
C ALA Y 153 -25.11 49.84 -20.59
N ASP Y 154 -25.38 49.29 -21.77
CA ASP Y 154 -24.65 49.65 -22.98
C ASP Y 154 -25.60 50.39 -23.91
N SER Y 155 -25.45 51.72 -23.95
CA SER Y 155 -26.36 52.54 -24.75
C SER Y 155 -26.15 52.31 -26.25
N SER Y 156 -24.92 52.03 -26.67
CA SER Y 156 -24.66 51.80 -28.08
C SER Y 156 -25.41 50.58 -28.60
N ILE Y 157 -25.42 49.49 -27.81
CA ILE Y 157 -26.16 48.30 -28.22
C ILE Y 157 -27.65 48.57 -28.25
N GLY Y 158 -28.16 49.28 -27.24
CA GLY Y 158 -29.58 49.59 -27.22
C GLY Y 158 -30.00 50.49 -28.36
N GLU Y 159 -29.15 51.47 -28.71
CA GLU Y 159 -29.49 52.38 -29.79
C GLU Y 159 -29.48 51.68 -31.14
N ILE Y 160 -28.49 50.83 -31.38
CA ILE Y 160 -28.38 50.15 -32.68
C ILE Y 160 -29.52 49.15 -32.86
N ILE Y 161 -29.97 48.53 -31.75
CA ILE Y 161 -31.09 47.60 -31.85
C ILE Y 161 -32.39 48.36 -32.09
N ALA Y 162 -32.55 49.51 -31.43
CA ALA Y 162 -33.73 50.34 -31.68
C ALA Y 162 -33.78 50.81 -33.13
N GLN Y 163 -32.62 51.21 -33.67
CA GLN Y 163 -32.57 51.59 -35.08
C GLN Y 163 -32.90 50.40 -35.98
N ALA Y 164 -32.39 49.21 -35.66
CA ALA Y 164 -32.65 48.05 -36.48
C ALA Y 164 -34.13 47.71 -36.52
N MET Y 165 -34.80 47.77 -35.37
CA MET Y 165 -36.23 47.49 -35.34
C MET Y 165 -37.02 48.54 -36.10
N ASP Y 166 -36.58 49.80 -36.05
CA ASP Y 166 -37.25 50.84 -36.80
C ASP Y 166 -37.12 50.61 -38.31
N LYS Y 167 -35.95 50.17 -38.77
CA LYS Y 167 -35.72 50.00 -40.19
C LYS Y 167 -36.49 48.81 -40.74
N VAL Y 168 -36.43 47.66 -40.05
CA VAL Y 168 -37.09 46.45 -40.54
C VAL Y 168 -38.51 46.29 -40.02
N GLY Y 169 -38.96 47.16 -39.13
CA GLY Y 169 -40.33 47.06 -38.64
C GLY Y 169 -40.51 45.89 -37.70
N LYS Y 170 -41.78 45.65 -37.37
CA LYS Y 170 -42.12 44.55 -36.47
C LYS Y 170 -42.01 43.21 -37.17
N GLU Y 171 -42.18 43.17 -38.48
CA GLU Y 171 -42.14 41.93 -39.25
C GLU Y 171 -40.73 41.57 -39.71
N GLY Y 172 -39.74 42.43 -39.45
CA GLY Y 172 -38.39 42.15 -39.91
C GLY Y 172 -37.64 41.18 -39.03
N VAL Y 173 -36.48 40.78 -39.52
CA VAL Y 173 -35.62 39.81 -38.85
C VAL Y 173 -34.27 40.47 -38.59
N ILE Y 174 -33.80 40.37 -37.36
CA ILE Y 174 -32.52 40.94 -36.95
C ILE Y 174 -31.61 39.81 -36.47
N THR Y 175 -30.39 39.77 -36.99
CA THR Y 175 -29.42 38.75 -36.62
C THR Y 175 -28.15 39.42 -36.13
N VAL Y 176 -27.34 38.65 -35.40
CA VAL Y 176 -26.10 39.13 -34.82
C VAL Y 176 -24.95 38.29 -35.36
N GLU Y 177 -23.93 38.95 -35.90
CA GLU Y 177 -22.76 38.28 -36.42
C GLU Y 177 -21.51 39.01 -35.96
N ASP Y 178 -20.37 38.35 -36.12
CA ASP Y 178 -19.09 38.97 -35.80
C ASP Y 178 -18.78 40.10 -36.75
N GLY Y 179 -18.14 41.15 -36.24
CA GLY Y 179 -17.74 42.26 -37.07
C GLY Y 179 -16.22 42.33 -37.23
N LYS Y 180 -15.77 42.95 -38.32
CA LYS Y 180 -14.34 43.09 -38.56
C LYS Y 180 -13.76 44.32 -37.87
N SER Y 181 -14.56 45.37 -37.68
CA SER Y 181 -14.09 46.58 -37.04
C SER Y 181 -14.21 46.45 -35.52
N LEU Y 182 -13.81 47.50 -34.82
CA LEU Y 182 -13.94 47.55 -33.37
C LEU Y 182 -15.25 48.17 -32.90
N GLU Y 183 -16.07 48.66 -33.82
CA GLU Y 183 -17.33 49.30 -33.49
C GLU Y 183 -18.50 48.51 -34.07
N ASN Y 184 -19.63 48.56 -33.36
CA ASN Y 184 -20.83 47.91 -33.85
C ASN Y 184 -21.36 48.62 -35.09
N GLU Y 185 -21.75 47.83 -36.08
CA GLU Y 185 -22.31 48.36 -37.31
C GLU Y 185 -23.60 47.62 -37.64
N LEU Y 186 -24.54 48.34 -38.23
CA LEU Y 186 -25.85 47.81 -38.60
C LEU Y 186 -25.98 47.81 -40.12
N GLU Y 187 -26.27 46.64 -40.69
CA GLU Y 187 -26.49 46.49 -42.12
C GLU Y 187 -27.92 46.05 -42.34
N VAL Y 188 -28.68 46.86 -43.08
CA VAL Y 188 -30.08 46.59 -43.36
C VAL Y 188 -30.20 46.18 -44.82
N VAL Y 189 -30.76 45.01 -45.06
CA VAL Y 189 -30.99 44.50 -46.40
C VAL Y 189 -32.47 44.61 -46.70
N GLU Y 190 -32.81 45.42 -47.70
CA GLU Y 190 -34.20 45.64 -48.08
C GLU Y 190 -34.57 44.78 -49.28
N GLY Y 191 -35.86 44.50 -49.40
CA GLY Y 191 -36.33 43.69 -50.50
C GLY Y 191 -35.99 42.22 -50.34
N MET Y 192 -35.93 41.51 -51.47
CA MET Y 192 -35.67 40.07 -51.48
C MET Y 192 -34.22 39.83 -51.87
N GLN Y 193 -33.47 39.22 -50.95
CA GLN Y 193 -32.10 38.78 -51.21
C GLN Y 193 -31.99 37.34 -50.78
N PHE Y 194 -31.50 36.48 -51.68
CA PHE Y 194 -31.39 35.06 -51.38
C PHE Y 194 -29.95 34.56 -51.53
N ASP Y 195 -28.98 35.44 -51.32
CA ASP Y 195 -27.56 35.10 -51.11
C ASP Y 195 -27.05 34.10 -52.14
N ARG Y 196 -27.32 34.37 -53.41
CA ARG Y 196 -26.84 33.54 -54.50
C ARG Y 196 -26.19 34.41 -55.55
N GLY Y 197 -24.97 34.03 -55.98
CA GLY Y 197 -24.22 34.82 -56.92
C GLY Y 197 -24.47 34.41 -58.37
N TYR Y 198 -23.82 35.14 -59.27
CA TYR Y 198 -23.96 34.84 -60.69
C TYR Y 198 -23.19 33.57 -61.05
N LEU Y 199 -23.48 33.05 -62.24
CA LEU Y 199 -22.86 31.82 -62.70
C LEU Y 199 -21.65 32.04 -63.59
N SER Y 200 -21.36 33.30 -63.95
CA SER Y 200 -20.22 33.57 -64.82
C SER Y 200 -19.81 35.02 -64.65
N PRO Y 201 -18.51 35.32 -64.59
CA PRO Y 201 -18.09 36.72 -64.43
C PRO Y 201 -18.48 37.61 -65.60
N TYR Y 202 -18.75 37.04 -66.77
CA TYR Y 202 -19.11 37.84 -67.93
C TYR Y 202 -20.49 38.49 -67.80
N PHE Y 203 -21.29 38.07 -66.82
CA PHE Y 203 -22.56 38.71 -66.56
C PHE Y 203 -22.41 40.11 -65.96
N ILE Y 204 -21.22 40.45 -65.48
CA ILE Y 204 -21.00 41.75 -64.85
C ILE Y 204 -21.08 42.85 -65.92
N ASN Y 205 -21.88 43.88 -65.63
CA ASN Y 205 -22.03 45.00 -66.54
C ASN Y 205 -21.27 46.24 -66.11
N ASN Y 206 -20.77 46.30 -64.87
CA ASN Y 206 -19.92 47.40 -64.44
C ASN Y 206 -18.77 46.85 -63.61
N PRO Y 207 -17.52 47.07 -64.06
CA PRO Y 207 -16.37 46.48 -63.35
C PRO Y 207 -15.96 47.23 -62.10
N ASP Y 208 -16.58 48.38 -61.81
CA ASP Y 208 -16.18 49.16 -60.65
C ASP Y 208 -16.41 48.41 -59.34
N LYS Y 209 -17.53 47.71 -59.21
CA LYS Y 209 -17.86 47.00 -57.99
C LYS Y 209 -18.08 45.51 -58.21
N GLN Y 210 -17.83 45.00 -59.42
CA GLN Y 210 -17.98 43.58 -59.74
C GLN Y 210 -19.39 43.09 -59.43
N VAL Y 211 -20.39 43.76 -60.00
CA VAL Y 211 -21.78 43.42 -59.81
C VAL Y 211 -22.48 43.42 -61.16
N ALA Y 212 -23.61 42.73 -61.21
CA ALA Y 212 -24.43 42.63 -62.42
C ALA Y 212 -25.77 43.29 -62.14
N VAL Y 213 -25.95 44.51 -62.64
CA VAL Y 213 -27.16 45.29 -62.40
C VAL Y 213 -28.03 45.21 -63.64
N LEU Y 214 -29.29 44.81 -63.45
CA LEU Y 214 -30.28 44.79 -64.51
C LEU Y 214 -31.41 45.73 -64.14
N ASP Y 215 -31.73 46.65 -65.04
CA ASP Y 215 -32.77 47.64 -64.80
C ASP Y 215 -34.05 47.22 -65.50
N ASN Y 216 -35.14 47.15 -64.73
CA ASN Y 216 -36.43 46.66 -65.21
C ASN Y 216 -36.32 45.33 -65.94
N PRO Y 217 -35.80 44.28 -65.30
CA PRO Y 217 -35.62 43.01 -65.98
C PRO Y 217 -36.80 42.06 -65.78
N TYR Y 218 -36.87 41.06 -66.66
CA TYR Y 218 -37.75 39.94 -66.48
C TYR Y 218 -37.07 38.86 -65.64
N ILE Y 219 -37.87 38.16 -64.85
CA ILE Y 219 -37.38 37.09 -63.99
C ILE Y 219 -38.03 35.79 -64.43
N LEU Y 220 -37.21 34.79 -64.73
CA LEU Y 220 -37.67 33.48 -65.15
C LEU Y 220 -37.48 32.50 -64.00
N LEU Y 221 -38.56 31.97 -63.48
CA LEU Y 221 -38.53 31.02 -62.38
C LEU Y 221 -38.68 29.60 -62.93
N HIS Y 222 -37.68 28.76 -62.70
CA HIS Y 222 -37.69 27.39 -63.19
C HIS Y 222 -37.26 26.46 -62.07
N ASP Y 223 -37.99 25.36 -61.90
CA ASP Y 223 -37.71 24.38 -60.85
C ASP Y 223 -36.90 23.20 -61.35
N LYS Y 224 -36.43 23.22 -62.59
CA LYS Y 224 -35.64 22.15 -63.15
C LYS Y 224 -34.38 22.72 -63.78
N LYS Y 225 -33.37 21.86 -63.91
CA LYS Y 225 -32.09 22.27 -64.47
C LYS Y 225 -32.26 22.71 -65.92
N ILE Y 226 -31.49 23.71 -66.32
CA ILE Y 226 -31.45 24.21 -67.69
C ILE Y 226 -30.06 23.95 -68.25
N SER Y 227 -29.98 23.11 -69.27
CA SER Y 227 -28.69 22.77 -69.85
C SER Y 227 -28.65 22.97 -71.37
N ASN Y 228 -29.73 22.67 -72.07
CA ASN Y 228 -29.78 22.80 -73.52
C ASN Y 228 -30.29 24.19 -73.90
N ILE Y 229 -29.87 24.64 -75.08
CA ILE Y 229 -30.27 25.96 -75.56
C ILE Y 229 -31.66 25.89 -76.20
N ARG Y 230 -32.08 24.71 -76.66
CA ARG Y 230 -33.31 24.60 -77.44
C ARG Y 230 -34.53 25.05 -76.65
N ASP Y 231 -34.65 24.62 -75.39
CA ASP Y 231 -35.82 24.98 -74.59
C ASP Y 231 -35.77 26.43 -74.13
N LEU Y 232 -34.58 26.98 -73.91
CA LEU Y 232 -34.43 28.35 -73.46
C LEU Y 232 -34.57 29.36 -74.58
N LEU Y 233 -34.45 28.93 -75.84
CA LEU Y 233 -34.55 29.87 -76.96
C LEU Y 233 -35.91 30.56 -77.05
N PRO Y 234 -37.06 29.87 -76.98
CA PRO Y 234 -38.34 30.58 -77.15
C PRO Y 234 -38.55 31.72 -76.17
N VAL Y 235 -38.20 31.53 -74.90
CA VAL Y 235 -38.34 32.62 -73.93
C VAL Y 235 -37.28 33.69 -74.15
N LEU Y 236 -36.05 33.28 -74.50
CA LEU Y 236 -34.99 34.25 -74.76
C LEU Y 236 -35.34 35.15 -75.94
N GLU Y 237 -35.97 34.58 -76.98
CA GLU Y 237 -36.39 35.39 -78.11
C GLU Y 237 -37.46 36.39 -77.70
N GLN Y 238 -38.37 35.99 -76.81
CA GLN Y 238 -39.45 36.90 -76.40
C GLN Y 238 -38.90 38.12 -75.67
N VAL Y 239 -37.94 37.90 -74.76
CA VAL Y 239 -37.34 39.03 -74.03
C VAL Y 239 -36.36 39.81 -74.87
N ALA Y 240 -35.96 39.28 -76.03
CA ALA Y 240 -34.99 39.98 -76.87
C ALA Y 240 -35.60 41.23 -77.50
N LYS Y 241 -36.79 41.09 -78.09
CA LYS Y 241 -37.41 42.25 -78.74
C LYS Y 241 -37.94 43.24 -77.71
N ALA Y 242 -38.22 42.78 -76.49
CA ALA Y 242 -38.65 43.69 -75.44
C ALA Y 242 -37.53 44.64 -75.04
N GLY Y 243 -36.28 44.20 -75.12
CA GLY Y 243 -35.15 45.02 -74.76
C GLY Y 243 -34.79 45.00 -73.29
N ARG Y 244 -35.66 44.48 -72.44
CA ARG Y 244 -35.38 44.41 -71.03
C ARG Y 244 -34.45 43.22 -70.73
N PRO Y 245 -33.64 43.33 -69.67
CA PRO Y 245 -32.78 42.21 -69.29
C PRO Y 245 -33.61 41.04 -68.76
N LEU Y 246 -32.96 39.90 -68.65
CA LEU Y 246 -33.60 38.68 -68.16
C LEU Y 246 -32.76 38.08 -67.05
N LEU Y 247 -33.39 37.80 -65.92
CA LEU Y 247 -32.74 37.10 -64.81
C LEU Y 247 -33.32 35.70 -64.73
N ILE Y 248 -32.46 34.70 -64.87
CA ILE Y 248 -32.87 33.31 -64.89
C ILE Y 248 -32.56 32.71 -63.52
N ILE Y 249 -33.59 32.34 -62.79
CA ILE Y 249 -33.45 31.71 -61.48
C ILE Y 249 -33.83 30.24 -61.63
N ALA Y 250 -32.82 29.38 -61.76
CA ALA Y 250 -33.03 27.95 -61.88
C ALA Y 250 -31.97 27.24 -61.03
N GLU Y 251 -32.11 25.92 -60.92
CA GLU Y 251 -31.17 25.15 -60.12
C GLU Y 251 -29.76 25.22 -60.70
N ASP Y 252 -29.64 25.19 -62.02
CA ASP Y 252 -28.34 25.28 -62.67
C ASP Y 252 -28.54 25.65 -64.13
N VAL Y 253 -27.66 26.51 -64.63
CA VAL Y 253 -27.58 26.86 -66.03
C VAL Y 253 -26.16 26.54 -66.48
N GLU Y 254 -26.00 25.47 -67.26
CA GLU Y 254 -24.68 25.01 -67.66
C GLU Y 254 -24.73 24.54 -69.11
N GLY Y 255 -23.55 24.26 -69.65
CA GLY Y 255 -23.47 23.72 -71.00
C GLY Y 255 -23.89 24.74 -72.04
N GLU Y 256 -24.74 24.30 -72.97
CA GLU Y 256 -25.16 25.17 -74.07
C GLU Y 256 -25.91 26.39 -73.56
N ALA Y 257 -26.80 26.19 -72.58
CA ALA Y 257 -27.61 27.30 -72.07
C ALA Y 257 -26.74 28.37 -71.44
N LEU Y 258 -25.79 27.97 -70.60
CA LEU Y 258 -24.89 28.96 -69.98
C LEU Y 258 -24.02 29.63 -71.02
N ALA Y 259 -23.48 28.86 -71.96
CA ALA Y 259 -22.60 29.44 -72.98
C ALA Y 259 -23.34 30.47 -73.82
N THR Y 260 -24.58 30.17 -74.22
CA THR Y 260 -25.33 31.09 -75.06
C THR Y 260 -25.54 32.43 -74.38
N LEU Y 261 -25.83 32.41 -73.07
CA LEU Y 261 -25.99 33.66 -72.33
C LEU Y 261 -24.69 34.46 -72.31
N VAL Y 262 -23.56 33.78 -72.12
CA VAL Y 262 -22.28 34.46 -72.06
C VAL Y 262 -21.95 35.12 -73.40
N VAL Y 263 -22.18 34.39 -74.50
CA VAL Y 263 -21.91 34.96 -75.83
C VAL Y 263 -22.76 36.18 -76.08
N ASN Y 264 -24.05 36.11 -75.74
CA ASN Y 264 -24.94 37.24 -75.99
C ASN Y 264 -24.59 38.43 -75.11
N ASN Y 265 -24.11 38.18 -73.89
CA ASN Y 265 -23.68 39.29 -73.03
C ASN Y 265 -22.46 39.99 -73.59
N LEU Y 266 -21.47 39.22 -74.07
CA LEU Y 266 -20.25 39.82 -74.57
C LEU Y 266 -20.50 40.67 -75.81
N ARG Y 267 -21.30 40.17 -76.74
CA ARG Y 267 -21.61 40.93 -77.95
C ARG Y 267 -22.68 41.99 -77.74
N GLY Y 268 -23.30 42.05 -76.55
CA GLY Y 268 -24.31 43.03 -76.28
C GLY Y 268 -25.65 42.77 -76.94
N ILE Y 269 -25.84 41.59 -77.54
CA ILE Y 269 -27.10 41.29 -78.20
C ILE Y 269 -28.23 41.25 -77.18
N LEU Y 270 -28.01 40.63 -76.03
CA LEU Y 270 -29.06 40.49 -75.02
C LEU Y 270 -28.39 40.37 -73.65
N LYS Y 271 -28.63 41.35 -72.79
CA LYS Y 271 -28.06 41.37 -71.45
C LYS Y 271 -28.89 40.49 -70.52
N THR Y 272 -28.22 39.63 -69.75
CA THR Y 272 -28.92 38.69 -68.89
C THR Y 272 -27.99 38.27 -67.76
N CYS Y 273 -28.58 37.65 -66.74
CA CYS Y 273 -27.84 37.04 -65.66
C CYS Y 273 -28.58 35.77 -65.22
N ALA Y 274 -27.81 34.82 -64.70
CA ALA Y 274 -28.36 33.54 -64.25
C ALA Y 274 -27.82 33.21 -62.88
N VAL Y 275 -28.70 32.80 -61.97
CA VAL Y 275 -28.33 32.48 -60.60
C VAL Y 275 -28.93 31.12 -60.24
N LYS Y 276 -28.33 30.47 -59.24
CA LYS Y 276 -28.91 29.26 -58.69
C LYS Y 276 -30.22 29.58 -57.98
N ALA Y 277 -31.14 28.63 -58.03
CA ALA Y 277 -32.36 28.77 -57.25
C ALA Y 277 -32.03 28.60 -55.77
N PRO Y 278 -32.42 29.55 -54.93
CA PRO Y 278 -32.02 29.48 -53.52
C PRO Y 278 -32.68 28.32 -52.78
N GLY Y 279 -31.99 27.82 -51.77
CA GLY Y 279 -32.52 26.82 -50.89
C GLY Y 279 -32.42 25.41 -51.46
N PHE Y 280 -32.56 24.44 -50.56
CA PHE Y 280 -32.52 23.02 -50.90
C PHE Y 280 -33.87 22.38 -50.57
N GLY Y 281 -34.22 21.36 -51.34
CA GLY Y 281 -35.43 20.61 -51.06
C GLY Y 281 -36.69 21.44 -51.26
N ASP Y 282 -37.70 21.16 -50.44
CA ASP Y 282 -38.97 21.86 -50.56
C ASP Y 282 -38.84 23.35 -50.21
N ARG Y 283 -37.86 23.70 -49.39
CA ARG Y 283 -37.65 25.12 -49.08
C ARG Y 283 -37.28 25.90 -50.33
N ARG Y 284 -36.57 25.25 -51.27
CA ARG Y 284 -36.27 25.89 -52.55
C ARG Y 284 -37.54 26.19 -53.31
N LYS Y 285 -38.49 25.25 -53.32
CA LYS Y 285 -39.76 25.46 -54.01
C LYS Y 285 -40.54 26.59 -53.35
N ALA Y 286 -40.58 26.61 -52.01
CA ALA Y 286 -41.37 27.60 -51.30
C ALA Y 286 -40.85 29.02 -51.57
N MET Y 287 -39.53 29.20 -51.50
CA MET Y 287 -38.96 30.52 -51.76
C MET Y 287 -39.07 30.89 -53.23
N LEU Y 288 -38.98 29.90 -54.13
CA LEU Y 288 -39.18 30.18 -55.55
C LEU Y 288 -40.59 30.68 -55.81
N GLN Y 289 -41.59 30.08 -55.15
CA GLN Y 289 -42.96 30.55 -55.28
C GLN Y 289 -43.11 31.96 -54.72
N ASP Y 290 -42.44 32.24 -53.59
CA ASP Y 290 -42.50 33.57 -53.01
C ASP Y 290 -41.92 34.62 -53.95
N ILE Y 291 -40.81 34.29 -54.62
CA ILE Y 291 -40.24 35.22 -55.60
C ILE Y 291 -41.21 35.45 -56.74
N ALA Y 292 -41.86 34.39 -57.22
CA ALA Y 292 -42.82 34.54 -58.30
C ALA Y 292 -44.00 35.40 -57.89
N ILE Y 293 -44.51 35.21 -56.67
CA ILE Y 293 -45.60 36.05 -56.17
C ILE Y 293 -45.12 37.48 -56.00
N LEU Y 294 -43.92 37.67 -55.45
CA LEU Y 294 -43.38 39.02 -55.27
C LEU Y 294 -43.17 39.72 -56.60
N THR Y 295 -42.60 39.02 -57.57
CA THR Y 295 -42.30 39.59 -58.88
C THR Y 295 -43.48 39.56 -59.84
N GLY Y 296 -44.61 39.01 -59.42
CA GLY Y 296 -45.78 38.98 -60.28
C GLY Y 296 -45.70 37.98 -61.41
N GLY Y 297 -44.84 36.98 -61.29
CA GLY Y 297 -44.73 35.96 -62.32
C GLY Y 297 -45.15 34.59 -61.84
N THR Y 298 -44.93 33.57 -62.66
CA THR Y 298 -45.27 32.20 -62.32
C THR Y 298 -44.02 31.32 -62.46
N VAL Y 299 -43.94 30.30 -61.62
CA VAL Y 299 -42.83 29.37 -61.67
C VAL Y 299 -43.05 28.41 -62.84
N ILE Y 300 -42.14 28.43 -63.81
CA ILE Y 300 -42.25 27.55 -64.98
C ILE Y 300 -41.85 26.15 -64.54
N SER Y 301 -42.83 25.26 -64.43
CA SER Y 301 -42.57 23.90 -64.01
C SER Y 301 -43.56 22.96 -64.68
N GLU Y 302 -43.07 21.80 -65.12
CA GLU Y 302 -43.95 20.80 -65.69
C GLU Y 302 -44.86 20.18 -64.65
N GLU Y 303 -44.54 20.34 -63.36
CA GLU Y 303 -45.37 19.80 -62.30
C GLU Y 303 -46.67 20.56 -62.12
N VAL Y 304 -46.75 21.79 -62.64
CA VAL Y 304 -47.98 22.57 -62.55
C VAL Y 304 -48.64 22.60 -63.93
N GLY Y 305 -47.86 22.31 -64.96
CA GLY Y 305 -48.38 22.24 -66.31
C GLY Y 305 -47.71 23.19 -67.27
N LEU Y 306 -46.87 24.08 -66.76
CA LEU Y 306 -46.17 25.04 -67.59
C LEU Y 306 -44.90 24.43 -68.18
N SER Y 307 -44.56 24.86 -69.38
CA SER Y 307 -43.38 24.38 -70.09
C SER Y 307 -42.48 25.55 -70.45
N LEU Y 308 -41.17 25.32 -70.36
CA LEU Y 308 -40.20 26.37 -70.70
C LEU Y 308 -40.31 26.77 -72.16
N GLU Y 309 -40.63 25.81 -73.05
CA GLU Y 309 -40.78 26.14 -74.46
C GLU Y 309 -42.00 27.01 -74.71
N LYS Y 310 -43.05 26.84 -73.90
CA LYS Y 310 -44.28 27.62 -74.05
C LYS Y 310 -44.35 28.80 -73.09
N ALA Y 311 -43.25 29.11 -72.39
CA ALA Y 311 -43.25 30.23 -71.46
C ALA Y 311 -43.37 31.54 -72.22
N THR Y 312 -44.17 32.45 -71.68
CA THR Y 312 -44.42 33.75 -72.28
C THR Y 312 -43.97 34.87 -71.34
N LEU Y 313 -44.04 36.09 -71.85
CA LEU Y 313 -43.63 37.25 -71.05
C LEU Y 313 -44.55 37.43 -69.85
N GLU Y 314 -45.85 37.18 -70.02
CA GLU Y 314 -46.78 37.33 -68.91
C GLU Y 314 -46.48 36.35 -67.79
N ASP Y 315 -45.95 35.17 -68.12
CA ASP Y 315 -45.57 34.20 -67.11
C ASP Y 315 -44.29 34.58 -66.38
N LEU Y 316 -43.49 35.48 -66.94
CA LEU Y 316 -42.25 35.89 -66.31
C LEU Y 316 -42.52 36.96 -65.25
N GLY Y 317 -41.76 36.89 -64.16
CA GLY Y 317 -41.83 37.93 -63.15
C GLY Y 317 -41.12 39.20 -63.60
N GLN Y 318 -41.42 40.29 -62.91
CA GLN Y 318 -40.83 41.58 -63.25
C GLN Y 318 -40.37 42.28 -61.98
N ALA Y 319 -39.42 43.19 -62.16
CA ALA Y 319 -38.95 44.07 -61.09
C ALA Y 319 -38.37 45.32 -61.74
N LYS Y 320 -38.30 46.40 -60.96
CA LYS Y 320 -37.67 47.61 -61.48
C LYS Y 320 -36.15 47.53 -61.44
N ARG Y 321 -35.57 46.80 -60.49
CA ARG Y 321 -34.11 46.68 -60.49
C ARG Y 321 -33.70 45.43 -59.74
N VAL Y 322 -32.64 44.79 -60.21
CA VAL Y 322 -32.01 43.66 -59.54
C VAL Y 322 -30.51 43.75 -59.78
N GLU Y 323 -29.74 43.34 -58.77
CA GLU Y 323 -28.28 43.35 -58.87
C GLU Y 323 -27.74 42.01 -58.36
N VAL Y 324 -26.78 41.45 -59.10
CA VAL Y 324 -26.22 40.15 -58.77
C VAL Y 324 -24.74 40.35 -58.48
N ALA Y 325 -24.32 40.01 -57.26
CA ALA Y 325 -22.94 40.10 -56.85
C ALA Y 325 -22.27 38.74 -57.01
N LYS Y 326 -21.04 38.62 -56.48
CA LYS Y 326 -20.31 37.36 -56.60
C LYS Y 326 -21.02 36.24 -55.85
N GLU Y 327 -21.57 36.52 -54.68
CA GLU Y 327 -22.18 35.49 -53.85
C GLU Y 327 -23.60 35.80 -53.42
N HIS Y 328 -24.20 36.89 -53.90
CA HIS Y 328 -25.56 37.23 -53.51
C HIS Y 328 -26.20 38.07 -54.60
N THR Y 329 -27.53 38.12 -54.58
CA THR Y 329 -28.29 38.98 -55.47
C THR Y 329 -29.53 39.46 -54.73
N THR Y 330 -29.92 40.71 -55.01
CA THR Y 330 -31.03 41.34 -54.34
C THR Y 330 -32.03 41.84 -55.38
N ILE Y 331 -33.29 41.43 -55.23
CA ILE Y 331 -34.38 42.04 -55.99
C ILE Y 331 -34.85 43.25 -55.21
N ILE Y 332 -34.68 44.43 -55.80
CA ILE Y 332 -34.97 45.66 -55.07
C ILE Y 332 -36.44 45.72 -54.68
N ASP Y 333 -37.32 45.41 -55.61
CA ASP Y 333 -38.76 45.40 -55.32
C ASP Y 333 -39.47 44.61 -56.40
N GLY Y 334 -40.28 43.64 -55.99
CA GLY Y 334 -41.06 42.88 -56.95
C GLY Y 334 -42.18 43.69 -57.55
N ALA Y 335 -42.64 43.24 -58.72
CA ALA Y 335 -43.71 43.91 -59.44
C ALA Y 335 -45.09 43.31 -59.16
N GLY Y 336 -45.17 42.33 -58.28
CA GLY Y 336 -46.46 41.74 -57.96
C GLY Y 336 -47.35 42.70 -57.18
N ASP Y 337 -48.65 42.46 -57.27
CA ASP Y 337 -49.61 43.30 -56.55
C ASP Y 337 -49.48 43.09 -55.05
N PRO Y 338 -49.65 44.15 -54.25
CA PRO Y 338 -49.54 44.00 -52.79
C PRO Y 338 -50.56 43.05 -52.20
N ALA Y 339 -51.75 42.94 -52.81
CA ALA Y 339 -52.80 42.10 -52.23
C ALA Y 339 -52.37 40.65 -52.18
N LYS Y 340 -51.77 40.15 -53.26
CA LYS Y 340 -51.29 38.77 -53.26
C LYS Y 340 -50.08 38.59 -52.34
N ILE Y 341 -49.22 39.61 -52.25
CA ILE Y 341 -48.06 39.53 -51.38
C ILE Y 341 -48.50 39.41 -49.92
N GLN Y 342 -49.47 40.23 -49.52
CA GLN Y 342 -49.97 40.16 -48.14
C GLN Y 342 -50.65 38.82 -47.88
N ALA Y 343 -51.39 38.29 -48.86
CA ALA Y 343 -52.01 36.98 -48.70
C ALA Y 343 -50.95 35.90 -48.53
N ARG Y 344 -49.88 35.97 -49.31
CA ARG Y 344 -48.79 35.01 -49.15
C ARG Y 344 -48.14 35.15 -47.78
N VAL Y 345 -47.94 36.39 -47.32
CA VAL Y 345 -47.36 36.61 -46.00
C VAL Y 345 -48.27 36.05 -44.92
N LYS Y 346 -49.59 36.25 -45.08
CA LYS Y 346 -50.54 35.72 -44.11
C LYS Y 346 -50.47 34.19 -44.04
N GLU Y 347 -50.34 33.53 -45.19
CA GLU Y 347 -50.26 32.08 -45.21
C GLU Y 347 -49.03 31.58 -44.47
N ILE Y 348 -47.88 32.22 -44.67
CA ILE Y 348 -46.66 31.81 -43.99
C ILE Y 348 -46.77 32.04 -42.49
N ARG Y 349 -47.36 33.17 -42.09
CA ARG Y 349 -47.52 33.45 -40.67
C ARG Y 349 -48.48 32.46 -40.01
N VAL Y 350 -49.46 31.97 -40.75
CA VAL Y 350 -50.31 30.89 -40.24
C VAL Y 350 -49.50 29.62 -40.07
N GLN Y 351 -48.65 29.31 -41.06
CA GLN Y 351 -47.80 28.12 -40.96
C GLN Y 351 -46.76 28.27 -39.84
N ILE Y 352 -46.39 29.50 -39.49
CA ILE Y 352 -45.41 29.72 -38.45
C ILE Y 352 -45.88 29.12 -37.13
N GLU Y 353 -47.17 29.27 -36.81
CA GLU Y 353 -47.70 28.67 -35.59
C GLU Y 353 -47.59 27.16 -35.58
N GLU Y 354 -47.57 26.52 -36.75
CA GLU Y 354 -47.47 25.08 -36.85
C GLU Y 354 -46.04 24.58 -36.87
N ALA Y 355 -45.06 25.48 -36.93
CA ALA Y 355 -43.65 25.07 -37.00
C ALA Y 355 -43.27 24.26 -35.77
N THR Y 356 -42.54 23.16 -35.99
CA THR Y 356 -42.15 22.26 -34.92
C THR Y 356 -40.66 22.25 -34.64
N SER Y 357 -39.85 22.93 -35.46
CA SER Y 357 -38.40 22.99 -35.26
C SER Y 357 -37.98 24.45 -35.10
N ASP Y 358 -36.89 24.66 -34.36
CA ASP Y 358 -36.39 26.02 -34.14
C ASP Y 358 -35.96 26.65 -35.46
N TYR Y 359 -35.25 25.89 -36.31
CA TYR Y 359 -34.89 26.40 -37.62
C TYR Y 359 -36.11 26.51 -38.52
N ASP Y 360 -37.19 25.80 -38.20
CA ASP Y 360 -38.38 25.85 -39.03
C ASP Y 360 -39.04 27.22 -38.98
N ARG Y 361 -39.32 27.74 -37.78
CA ARG Y 361 -39.91 29.08 -37.72
C ARG Y 361 -38.90 30.16 -38.04
N GLU Y 362 -37.61 29.92 -37.74
CA GLU Y 362 -36.59 30.92 -38.05
C GLU Y 362 -36.50 31.17 -39.55
N LYS Y 363 -36.54 30.10 -40.35
CA LYS Y 363 -36.51 30.26 -41.79
C LYS Y 363 -37.84 30.79 -42.32
N LEU Y 364 -38.96 30.40 -41.69
CA LEU Y 364 -40.25 30.95 -42.08
C LEU Y 364 -40.31 32.45 -41.85
N GLN Y 365 -39.78 32.91 -40.70
CA GLN Y 365 -39.73 34.34 -40.45
C GLN Y 365 -38.81 35.04 -41.45
N GLU Y 366 -37.73 34.37 -41.85
CA GLU Y 366 -36.86 34.93 -42.88
C GLU Y 366 -37.60 35.10 -44.19
N ARG Y 367 -38.45 34.13 -44.56
CA ARG Y 367 -39.25 34.27 -45.76
C ARG Y 367 -40.21 35.44 -45.66
N VAL Y 368 -40.85 35.60 -44.50
CA VAL Y 368 -41.76 36.73 -44.31
C VAL Y 368 -40.99 38.05 -44.35
N ALA Y 369 -39.80 38.07 -43.76
CA ALA Y 369 -38.98 39.28 -43.80
C ALA Y 369 -38.59 39.63 -45.23
N LYS Y 370 -38.25 38.62 -46.03
CA LYS Y 370 -37.90 38.87 -47.42
C LYS Y 370 -39.09 39.39 -48.21
N LEU Y 371 -40.30 38.98 -47.83
CA LEU Y 371 -41.50 39.37 -48.58
C LEU Y 371 -41.99 40.76 -48.19
N ALA Y 372 -42.34 40.94 -46.92
CA ALA Y 372 -43.00 42.15 -46.45
C ALA Y 372 -42.24 42.77 -45.28
N GLY Y 373 -40.93 42.89 -45.44
CA GLY Y 373 -40.11 43.51 -44.40
C GLY Y 373 -38.67 43.70 -44.81
N GLY Y 374 -37.75 43.47 -43.88
CA GLY Y 374 -36.34 43.58 -44.17
C GLY Y 374 -35.55 42.68 -43.24
N VAL Y 375 -34.28 42.53 -43.56
CA VAL Y 375 -33.35 41.74 -42.75
C VAL Y 375 -32.23 42.67 -42.31
N ALA Y 376 -32.05 42.79 -41.00
CA ALA Y 376 -30.99 43.62 -40.44
C ALA Y 376 -29.93 42.71 -39.82
N VAL Y 377 -28.67 43.06 -40.04
CA VAL Y 377 -27.54 42.34 -39.48
C VAL Y 377 -26.76 43.31 -38.60
N ILE Y 378 -26.62 42.96 -37.32
CA ILE Y 378 -25.82 43.73 -36.38
C ILE Y 378 -24.47 43.03 -36.27
N LYS Y 379 -23.43 43.69 -36.76
CA LYS Y 379 -22.07 43.15 -36.70
C LYS Y 379 -21.40 43.71 -35.45
N VAL Y 380 -21.14 42.84 -34.48
CA VAL Y 380 -20.56 43.26 -33.21
C VAL Y 380 -19.08 43.50 -33.39
N GLY Y 381 -18.61 44.66 -32.91
CA GLY Y 381 -17.21 45.01 -32.99
C GLY Y 381 -16.51 44.75 -31.66
N ALA Y 382 -15.37 44.07 -31.74
CA ALA Y 382 -14.58 43.78 -30.55
C ALA Y 382 -13.14 43.53 -30.98
N ALA Y 383 -12.21 43.75 -30.04
CA ALA Y 383 -10.80 43.58 -30.34
C ALA Y 383 -10.40 42.11 -30.40
N THR Y 384 -10.96 41.29 -29.51
CA THR Y 384 -10.58 39.89 -29.42
C THR Y 384 -11.82 39.01 -29.49
N GLU Y 385 -11.59 37.72 -29.68
CA GLU Y 385 -12.70 36.77 -29.80
C GLU Y 385 -13.42 36.58 -28.48
N VAL Y 386 -12.68 36.58 -27.36
CA VAL Y 386 -13.32 36.40 -26.06
C VAL Y 386 -14.25 37.58 -25.75
N GLU Y 387 -13.81 38.80 -26.08
CA GLU Y 387 -14.69 39.95 -25.93
C GLU Y 387 -15.82 39.93 -26.94
N MET Y 388 -15.56 39.43 -28.15
CA MET Y 388 -16.61 39.35 -29.17
C MET Y 388 -17.74 38.43 -28.73
N LYS Y 389 -17.39 37.27 -28.15
CA LYS Y 389 -18.42 36.35 -27.68
C LYS Y 389 -19.21 36.95 -26.52
N GLU Y 390 -18.52 37.65 -25.61
CA GLU Y 390 -19.22 38.28 -24.51
C GLU Y 390 -20.16 39.38 -25.00
N LYS Y 391 -19.70 40.20 -25.94
CA LYS Y 391 -20.54 41.25 -26.48
C LYS Y 391 -21.71 40.69 -27.28
N LYS Y 392 -21.47 39.63 -28.06
CA LYS Y 392 -22.54 39.04 -28.85
C LYS Y 392 -23.65 38.50 -27.96
N ALA Y 393 -23.30 37.87 -26.85
CA ALA Y 393 -24.30 37.38 -25.93
C ALA Y 393 -25.13 38.53 -25.36
N ARG Y 394 -24.49 39.66 -25.07
CA ARG Y 394 -25.23 40.82 -24.58
C ARG Y 394 -26.16 41.39 -25.65
N VAL Y 395 -25.71 41.40 -26.90
CA VAL Y 395 -26.56 41.89 -27.98
C VAL Y 395 -27.75 40.97 -28.20
N GLU Y 396 -27.52 39.66 -28.14
CA GLU Y 396 -28.63 38.72 -28.28
C GLU Y 396 -29.62 38.86 -27.13
N ASP Y 397 -29.13 39.10 -25.91
CA ASP Y 397 -30.02 39.34 -24.79
C ASP Y 397 -30.88 40.58 -25.01
N ALA Y 398 -30.26 41.65 -25.51
CA ALA Y 398 -31.01 42.88 -25.75
C ALA Y 398 -32.00 42.70 -26.89
N LEU Y 399 -31.64 41.90 -27.90
CA LEU Y 399 -32.58 41.61 -28.97
C LEU Y 399 -33.77 40.81 -28.47
N HIS Y 400 -33.51 39.81 -27.62
CA HIS Y 400 -34.61 39.02 -27.07
C HIS Y 400 -35.50 39.85 -26.18
N ALA Y 401 -34.92 40.73 -25.36
CA ALA Y 401 -35.71 41.54 -24.45
C ALA Y 401 -36.55 42.56 -25.22
N THR Y 402 -35.98 43.18 -26.25
CA THR Y 402 -36.74 44.15 -27.04
C THR Y 402 -37.87 43.47 -27.80
N ARG Y 403 -37.65 42.24 -28.28
CA ARG Y 403 -38.74 41.49 -28.88
C ARG Y 403 -39.82 41.18 -27.85
N ALA Y 404 -39.42 40.82 -26.63
CA ALA Y 404 -40.39 40.57 -25.58
C ALA Y 404 -41.10 41.85 -25.16
N ALA Y 405 -40.42 42.99 -25.27
CA ALA Y 405 -41.02 44.26 -24.89
C ALA Y 405 -42.16 44.63 -25.82
N VAL Y 406 -42.00 44.43 -27.13
CA VAL Y 406 -43.05 44.78 -28.07
C VAL Y 406 -44.19 43.76 -28.03
N GLU Y 407 -43.95 42.58 -27.48
CA GLU Y 407 -44.99 41.56 -27.45
C GLU Y 407 -45.95 41.77 -26.30
N GLU Y 408 -45.45 41.92 -25.08
CA GLU Y 408 -46.29 41.96 -23.90
C GLU Y 408 -46.19 43.26 -23.11
N GLY Y 409 -45.27 44.15 -23.43
CA GLY Y 409 -45.14 45.41 -22.73
C GLY Y 409 -43.92 45.45 -21.84
N ILE Y 410 -43.83 46.55 -21.09
CA ILE Y 410 -42.68 46.81 -20.23
C ILE Y 410 -43.17 47.09 -18.81
N VAL Y 411 -42.32 46.76 -17.84
CA VAL Y 411 -42.59 47.02 -16.43
C VAL Y 411 -41.34 47.65 -15.82
N PRO Y 412 -41.50 48.35 -14.69
CA PRO Y 412 -40.32 48.88 -14.01
C PRO Y 412 -39.35 47.76 -13.63
N GLY Y 413 -38.07 48.03 -13.82
CA GLY Y 413 -37.03 47.05 -13.60
C GLY Y 413 -36.50 47.04 -12.19
N GLY Y 414 -35.38 46.37 -12.01
CA GLY Y 414 -34.76 46.26 -10.71
C GLY Y 414 -35.56 45.48 -9.69
N GLY Y 415 -36.42 44.56 -10.14
CA GLY Y 415 -37.25 43.81 -9.23
C GLY Y 415 -38.43 44.56 -8.68
N VAL Y 416 -38.66 45.80 -9.12
CA VAL Y 416 -39.78 46.58 -8.62
C VAL Y 416 -41.10 46.00 -9.10
N ALA Y 417 -41.13 45.47 -10.33
CA ALA Y 417 -42.37 44.97 -10.89
C ALA Y 417 -42.94 43.83 -10.06
N LEU Y 418 -42.09 42.91 -9.61
CA LEU Y 418 -42.56 41.82 -8.77
C LEU Y 418 -43.06 42.34 -7.42
N LEU Y 419 -42.37 43.34 -6.86
CA LEU Y 419 -42.81 43.92 -5.60
C LEU Y 419 -44.15 44.63 -5.75
N ARG Y 420 -44.31 45.41 -6.83
CA ARG Y 420 -45.59 46.07 -7.07
C ARG Y 420 -46.70 45.07 -7.32
N ALA Y 421 -46.42 44.03 -8.09
CA ALA Y 421 -47.41 43.00 -8.35
C ALA Y 421 -47.79 42.26 -7.07
N ARG Y 422 -46.80 42.02 -6.20
CA ARG Y 422 -47.09 41.37 -4.93
C ARG Y 422 -48.01 42.22 -4.07
N GLU Y 423 -47.74 43.51 -3.99
CA GLU Y 423 -48.58 44.39 -3.18
C GLU Y 423 -50.01 44.43 -3.70
N ALA Y 424 -50.17 44.51 -5.02
CA ALA Y 424 -51.51 44.52 -5.61
C ALA Y 424 -52.22 43.20 -5.37
N ALA Y 425 -51.52 42.07 -5.50
CA ALA Y 425 -52.14 40.78 -5.29
C ALA Y 425 -52.59 40.60 -3.85
N VAL Y 426 -51.76 41.02 -2.90
CA VAL Y 426 -52.14 40.92 -1.49
C VAL Y 426 -53.33 41.82 -1.20
N ALA Y 427 -53.32 43.05 -1.73
CA ALA Y 427 -54.43 43.96 -1.50
C ALA Y 427 -55.72 43.47 -2.14
N LYS Y 428 -55.62 42.60 -3.15
CA LYS Y 428 -56.80 42.08 -3.82
C LYS Y 428 -57.43 40.91 -3.08
N GLY Y 429 -56.77 40.37 -2.05
CA GLY Y 429 -57.36 39.31 -1.28
C GLY Y 429 -56.83 37.93 -1.62
N LEU Y 430 -55.53 37.81 -1.79
CA LEU Y 430 -54.91 36.52 -2.08
C LEU Y 430 -54.88 35.67 -0.83
N LYS Y 431 -55.51 34.49 -0.88
CA LYS Y 431 -55.58 33.61 0.28
C LYS Y 431 -55.69 32.18 -0.18
N GLY Y 432 -55.33 31.26 0.71
CA GLY Y 432 -55.36 29.84 0.44
C GLY Y 432 -56.50 29.14 1.18
N ASP Y 433 -56.69 27.86 0.83
CA ASP Y 433 -57.77 27.08 1.42
C ASP Y 433 -57.44 26.64 2.85
N ASN Y 434 -56.20 26.29 3.11
CA ASN Y 434 -55.76 25.80 4.40
C ASN Y 434 -54.49 26.52 4.79
N PRO Y 435 -54.13 26.50 6.08
CA PRO Y 435 -52.91 27.21 6.50
C PRO Y 435 -51.64 26.75 5.79
N ASP Y 436 -51.57 25.50 5.36
CA ASP Y 436 -50.43 25.07 4.57
C ASP Y 436 -50.39 25.78 3.22
N GLN Y 437 -51.55 25.98 2.60
CA GLN Y 437 -51.60 26.75 1.37
C GLN Y 437 -51.29 28.22 1.63
N GLU Y 438 -51.68 28.74 2.80
CA GLU Y 438 -51.33 30.10 3.16
C GLU Y 438 -49.82 30.26 3.28
N ALA Y 439 -49.15 29.26 3.85
CA ALA Y 439 -47.70 29.30 3.93
C ALA Y 439 -47.07 29.26 2.55
N GLY Y 440 -47.65 28.48 1.63
CA GLY Y 440 -47.17 28.47 0.26
C GLY Y 440 -47.27 29.83 -0.40
N ILE Y 441 -48.35 30.57 -0.08
CA ILE Y 441 -48.46 31.94 -0.57
C ILE Y 441 -47.36 32.81 0.02
N LYS Y 442 -47.11 32.66 1.33
CA LYS Y 442 -46.09 33.47 1.98
C LYS Y 442 -44.70 33.15 1.44
N ILE Y 443 -44.51 31.95 0.89
CA ILE Y 443 -43.24 31.62 0.24
C ILE Y 443 -43.01 32.51 -0.97
N VAL Y 444 -44.03 32.65 -1.80
CA VAL Y 444 -43.90 33.44 -3.02
C VAL Y 444 -43.76 34.93 -2.68
N LEU Y 445 -44.48 35.39 -1.67
CA LEU Y 445 -44.41 36.80 -1.30
C LEU Y 445 -43.01 37.19 -0.86
N ARG Y 446 -42.33 36.32 -0.11
CA ARG Y 446 -40.96 36.59 0.27
C ARG Y 446 -40.01 36.39 -0.90
N ALA Y 447 -40.29 35.40 -1.75
CA ALA Y 447 -39.37 35.05 -2.82
C ALA Y 447 -39.25 36.15 -3.87
N VAL Y 448 -40.35 36.85 -4.17
CA VAL Y 448 -40.30 37.89 -5.20
C VAL Y 448 -39.44 39.08 -4.79
N GLU Y 449 -39.11 39.21 -3.51
CA GLU Y 449 -38.16 40.23 -3.09
C GLU Y 449 -36.72 39.87 -3.46
N GLN Y 450 -36.44 38.60 -3.71
CA GLN Y 450 -35.06 38.17 -3.93
C GLN Y 450 -34.39 38.83 -5.12
N PRO Y 451 -35.02 38.97 -6.30
CA PRO Y 451 -34.30 39.65 -7.40
C PRO Y 451 -33.80 41.03 -7.04
N LEU Y 452 -34.59 41.81 -6.31
CA LEU Y 452 -34.10 43.12 -5.87
C LEU Y 452 -33.01 42.98 -4.83
N ARG Y 453 -33.15 42.00 -3.92
CA ARG Y 453 -32.15 41.81 -2.88
C ARG Y 453 -30.79 41.45 -3.46
N GLU Y 454 -30.78 40.56 -4.46
CA GLU Y 454 -29.51 40.14 -5.03
C GLU Y 454 -28.92 41.21 -5.94
N ILE Y 455 -29.75 42.01 -6.59
CA ILE Y 455 -29.24 43.15 -7.35
C ILE Y 455 -28.56 44.14 -6.42
N VAL Y 456 -29.20 44.42 -5.28
CA VAL Y 456 -28.63 45.34 -4.31
C VAL Y 456 -27.39 44.73 -3.64
N ALA Y 457 -27.44 43.43 -3.35
CA ALA Y 457 -26.30 42.76 -2.74
C ALA Y 457 -25.08 42.81 -3.65
N ASN Y 458 -25.28 42.59 -4.95
CA ASN Y 458 -24.17 42.72 -5.89
C ASN Y 458 -23.68 44.16 -5.96
N ALA Y 459 -24.58 45.13 -5.78
CA ALA Y 459 -24.19 46.54 -5.77
C ALA Y 459 -23.45 46.92 -4.50
N GLY Y 460 -23.40 46.05 -3.50
CA GLY Y 460 -22.69 46.32 -2.27
C GLY Y 460 -23.48 47.05 -1.20
N GLU Y 461 -24.76 47.28 -1.41
CA GLU Y 461 -25.60 47.95 -0.43
C GLU Y 461 -26.31 46.91 0.44
N GLU Y 462 -27.16 47.39 1.35
CA GLU Y 462 -27.88 46.51 2.27
C GLU Y 462 -29.21 46.12 1.66
N PRO Y 463 -29.43 44.85 1.30
CA PRO Y 463 -30.67 44.49 0.59
C PRO Y 463 -31.93 44.77 1.38
N SER Y 464 -31.92 44.53 2.69
CA SER Y 464 -33.16 44.65 3.46
C SER Y 464 -33.58 46.11 3.62
N VAL Y 465 -32.61 47.01 3.76
CA VAL Y 465 -32.94 48.43 3.87
C VAL Y 465 -33.50 48.95 2.56
N ILE Y 466 -32.89 48.58 1.44
CA ILE Y 466 -33.36 49.04 0.13
C ILE Y 466 -34.74 48.50 -0.17
N VAL Y 467 -34.97 47.22 0.13
CA VAL Y 467 -36.27 46.60 -0.15
C VAL Y 467 -37.37 47.29 0.65
N ALA Y 468 -37.09 47.62 1.92
CA ALA Y 468 -38.08 48.31 2.73
C ALA Y 468 -38.41 49.67 2.15
N LYS Y 469 -37.40 50.41 1.69
CA LYS Y 469 -37.65 51.72 1.09
C LYS Y 469 -38.44 51.60 -0.20
N VAL Y 470 -38.13 50.59 -1.02
CA VAL Y 470 -38.86 50.41 -2.27
C VAL Y 470 -40.32 50.06 -1.99
N LEU Y 471 -40.56 49.17 -1.01
CA LEU Y 471 -41.92 48.78 -0.67
C LEU Y 471 -42.72 49.95 -0.13
N GLU Y 472 -42.08 50.83 0.65
CA GLU Y 472 -42.76 52.01 1.16
C GLU Y 472 -43.14 52.98 0.05
N GLY Y 473 -42.50 52.88 -1.12
CA GLY Y 473 -42.86 53.68 -2.26
C GLY Y 473 -44.02 53.08 -3.03
N LYS Y 474 -44.48 53.81 -4.04
CA LYS Y 474 -45.61 53.40 -4.84
C LYS Y 474 -45.31 53.64 -6.31
N GLY Y 475 -45.97 52.87 -7.17
CA GLY Y 475 -45.83 53.07 -8.59
C GLY Y 475 -44.50 52.56 -9.12
N ASN Y 476 -43.89 53.34 -10.00
CA ASN Y 476 -42.62 52.99 -10.61
C ASN Y 476 -41.42 53.37 -9.75
N TYR Y 477 -41.66 53.80 -8.52
CA TYR Y 477 -40.58 54.14 -7.61
C TYR Y 477 -39.71 52.91 -7.33
N GLY Y 478 -38.40 53.10 -7.42
CA GLY Y 478 -37.50 51.98 -7.22
C GLY Y 478 -36.10 52.46 -6.96
N TYR Y 479 -35.17 51.50 -6.94
CA TYR Y 479 -33.78 51.77 -6.61
C TYR Y 479 -32.93 51.52 -7.85
N ASN Y 480 -32.18 52.53 -8.26
CA ASN Y 480 -31.24 52.40 -9.37
C ASN Y 480 -29.90 51.90 -8.83
N ALA Y 481 -29.60 50.63 -9.06
CA ALA Y 481 -28.37 50.05 -8.53
C ALA Y 481 -27.14 50.60 -9.24
N ALA Y 482 -27.26 51.04 -10.49
CA ALA Y 482 -26.11 51.60 -11.19
C ALA Y 482 -25.64 52.89 -10.54
N THR Y 483 -26.58 53.76 -10.15
CA THR Y 483 -26.25 55.05 -9.56
C THR Y 483 -26.46 55.10 -8.05
N GLY Y 484 -27.05 54.05 -7.47
CA GLY Y 484 -27.28 54.02 -6.03
C GLY Y 484 -28.22 55.09 -5.52
N GLU Y 485 -29.29 55.35 -6.27
CA GLU Y 485 -30.26 56.36 -5.88
C GLU Y 485 -31.67 55.85 -6.15
N PHE Y 486 -32.63 56.42 -5.44
CA PHE Y 486 -34.03 56.07 -5.61
C PHE Y 486 -34.69 57.06 -6.55
N GLY Y 487 -35.72 56.60 -7.24
CA GLY Y 487 -36.47 57.47 -8.13
C GLY Y 487 -37.40 56.66 -9.01
N ASP Y 488 -38.06 57.36 -9.92
CA ASP Y 488 -38.96 56.72 -10.87
C ASP Y 488 -38.14 55.88 -11.85
N MET Y 489 -38.36 54.57 -11.85
CA MET Y 489 -37.52 53.69 -12.64
C MET Y 489 -37.78 53.85 -14.13
N ILE Y 490 -39.00 54.23 -14.51
CA ILE Y 490 -39.30 54.46 -15.92
C ILE Y 490 -38.58 55.70 -16.42
N GLU Y 491 -38.58 56.76 -15.62
CA GLU Y 491 -37.85 57.97 -16.00
C GLU Y 491 -36.35 57.72 -16.08
N MET Y 492 -35.81 56.95 -15.13
CA MET Y 492 -34.39 56.64 -15.13
C MET Y 492 -34.02 55.60 -16.19
N GLY Y 493 -34.99 55.04 -16.90
CA GLY Y 493 -34.71 54.14 -17.99
C GLY Y 493 -34.51 52.69 -17.63
N VAL Y 494 -34.68 52.33 -16.36
CA VAL Y 494 -34.56 50.94 -15.95
C VAL Y 494 -35.87 50.22 -16.22
N LEU Y 495 -35.96 49.60 -17.39
CA LEU Y 495 -37.17 48.98 -17.87
C LEU Y 495 -36.95 47.48 -18.04
N ASP Y 496 -38.01 46.72 -17.80
CA ASP Y 496 -37.97 45.28 -17.99
C ASP Y 496 -39.16 44.83 -18.82
N PRO Y 497 -38.96 43.87 -19.71
CA PRO Y 497 -40.10 43.28 -20.43
C PRO Y 497 -40.96 42.48 -19.47
N THR Y 498 -42.26 42.75 -19.48
CA THR Y 498 -43.16 42.04 -18.57
C THR Y 498 -43.26 40.56 -18.91
N LYS Y 499 -42.97 40.19 -20.16
CA LYS Y 499 -42.91 38.78 -20.52
C LYS Y 499 -41.75 38.08 -19.84
N VAL Y 500 -40.60 38.76 -19.77
CA VAL Y 500 -39.43 38.19 -19.11
C VAL Y 500 -39.69 38.02 -17.62
N THR Y 501 -40.28 39.03 -16.99
CA THR Y 501 -40.58 38.94 -15.57
C THR Y 501 -41.61 37.85 -15.28
N ARG Y 502 -42.65 37.78 -16.10
CA ARG Y 502 -43.68 36.76 -15.91
C ARG Y 502 -43.12 35.36 -16.14
N SER Y 503 -42.32 35.19 -17.20
CA SER Y 503 -41.77 33.88 -17.50
C SER Y 503 -40.81 33.41 -16.42
N ALA Y 504 -40.00 34.33 -15.88
CA ALA Y 504 -39.04 33.96 -14.84
C ALA Y 504 -39.76 33.47 -13.60
N LEU Y 505 -40.84 34.14 -13.20
CA LEU Y 505 -41.57 33.75 -12.00
C LEU Y 505 -42.29 32.42 -12.20
N GLN Y 506 -42.95 32.26 -13.35
CA GLN Y 506 -43.71 31.04 -13.59
C GLN Y 506 -42.80 29.82 -13.70
N ASN Y 507 -41.67 29.96 -14.38
CA ASN Y 507 -40.74 28.83 -14.50
C ASN Y 507 -40.10 28.50 -13.17
N ALA Y 508 -39.73 29.52 -12.39
CA ALA Y 508 -39.13 29.28 -11.09
C ALA Y 508 -40.10 28.59 -10.15
N ALA Y 509 -41.37 29.02 -10.15
CA ALA Y 509 -42.35 28.44 -9.23
C ALA Y 509 -42.64 26.99 -9.57
N SER Y 510 -42.73 26.66 -10.86
CA SER Y 510 -43.11 25.31 -11.25
C SER Y 510 -42.07 24.29 -10.80
N VAL Y 511 -40.78 24.63 -10.94
CA VAL Y 511 -39.73 23.68 -10.57
C VAL Y 511 -39.47 23.70 -9.07
N ALA Y 512 -39.34 24.90 -8.49
CA ALA Y 512 -39.08 24.99 -7.06
C ALA Y 512 -40.23 24.46 -6.23
N GLY Y 513 -41.47 24.61 -6.72
CA GLY Y 513 -42.60 24.03 -6.03
C GLY Y 513 -42.52 22.51 -5.97
N LEU Y 514 -42.09 21.89 -7.06
CA LEU Y 514 -41.94 20.43 -7.07
C LEU Y 514 -40.80 20.00 -6.15
N MET Y 515 -39.75 20.80 -6.06
CA MET Y 515 -38.60 20.44 -5.24
C MET Y 515 -38.95 20.44 -3.76
N LEU Y 516 -39.96 21.21 -3.36
CA LEU Y 516 -40.38 21.20 -1.97
C LEU Y 516 -41.07 19.89 -1.61
N THR Y 517 -41.71 19.25 -2.57
CA THR Y 517 -42.45 18.02 -2.35
C THR Y 517 -41.57 16.78 -2.38
N THR Y 518 -40.26 16.95 -2.27
CA THR Y 518 -39.33 15.83 -2.35
C THR Y 518 -39.18 15.16 -0.99
N GLU Y 519 -39.38 13.85 -0.97
CA GLU Y 519 -39.15 13.05 0.23
C GLU Y 519 -38.05 12.01 0.04
N CYS Y 520 -37.91 11.44 -1.15
CA CYS Y 520 -36.95 10.39 -1.42
C CYS Y 520 -36.21 10.74 -2.70
N MET Y 521 -34.90 10.49 -2.72
CA MET Y 521 -34.06 10.76 -3.87
C MET Y 521 -33.29 9.50 -4.22
N ILE Y 522 -33.36 9.08 -5.48
CA ILE Y 522 -32.72 7.86 -5.95
C ILE Y 522 -31.68 8.25 -6.98
N ALA Y 523 -30.43 7.85 -6.74
CA ALA Y 523 -29.33 8.15 -7.64
C ALA Y 523 -28.41 6.94 -7.69
N GLU Y 524 -27.61 6.87 -8.75
CA GLU Y 524 -26.65 5.78 -8.89
C GLU Y 524 -25.59 5.88 -7.81
N ALA Y 525 -25.26 4.74 -7.22
CA ALA Y 525 -24.25 4.71 -6.17
C ALA Y 525 -22.87 4.95 -6.76
N PRO Y 526 -21.93 5.48 -5.96
CA PRO Y 526 -20.56 5.67 -6.45
C PRO Y 526 -19.92 4.34 -6.82
N LYS Y 527 -19.01 4.40 -7.79
CA LYS Y 527 -18.38 3.20 -8.33
C LYS Y 527 -17.25 2.66 -7.48
N ASP Y 528 -16.90 3.35 -6.39
CA ASP Y 528 -15.82 2.93 -5.48
C ASP Y 528 -14.47 2.87 -6.20
N LYS Z 1 -13.56 17.99 -108.89
CA LYS Z 1 -12.46 17.22 -108.35
C LYS Z 1 -12.90 15.80 -107.98
N LEU Z 2 -14.04 15.71 -107.31
CA LEU Z 2 -14.59 14.43 -106.86
C LEU Z 2 -15.75 14.03 -107.74
N ARG Z 3 -15.69 12.83 -108.28
CA ARG Z 3 -16.76 12.30 -109.14
C ARG Z 3 -17.38 11.07 -108.49
N PRO Z 4 -18.61 11.16 -107.99
CA PRO Z 4 -19.23 9.99 -107.35
C PRO Z 4 -19.60 8.94 -108.38
N LEU Z 5 -19.85 7.73 -107.87
CA LEU Z 5 -20.16 6.58 -108.69
C LEU Z 5 -21.57 6.08 -108.41
N HIS Z 6 -22.29 5.74 -109.48
CA HIS Z 6 -23.62 5.13 -109.42
C HIS Z 6 -24.57 6.09 -108.71
N ASP Z 7 -25.17 5.70 -107.59
CA ASP Z 7 -26.17 6.53 -106.91
C ASP Z 7 -25.56 7.49 -105.90
N ARG Z 8 -24.24 7.52 -105.78
CA ARG Z 8 -23.60 8.36 -104.77
C ARG Z 8 -23.78 9.84 -105.11
N VAL Z 9 -24.04 10.63 -104.07
CA VAL Z 9 -24.14 12.08 -104.18
C VAL Z 9 -23.23 12.71 -103.13
N VAL Z 10 -22.43 13.69 -103.55
CA VAL Z 10 -21.52 14.40 -102.66
C VAL Z 10 -22.21 15.68 -102.23
N VAL Z 11 -22.30 15.89 -100.91
CA VAL Z 11 -22.97 17.06 -100.35
C VAL Z 11 -22.04 17.75 -99.37
N LYS Z 12 -22.11 19.08 -99.36
CA LYS Z 12 -21.45 19.89 -98.34
C LYS Z 12 -22.53 20.31 -97.35
N ARG Z 13 -22.47 19.75 -96.15
CA ARG Z 13 -23.47 20.06 -95.15
C ARG Z 13 -23.35 21.52 -94.73
N ILE Z 14 -24.49 22.20 -94.67
CA ILE Z 14 -24.48 23.64 -94.42
C ILE Z 14 -24.09 23.93 -92.98
N GLU Z 15 -23.49 25.09 -92.77
CA GLU Z 15 -23.05 25.51 -91.45
C GLU Z 15 -24.26 25.72 -90.52
N ALA Z 16 -24.02 25.47 -89.23
CA ALA Z 16 -25.09 25.56 -88.25
C ALA Z 16 -25.44 27.01 -87.97
N GLU Z 17 -26.74 27.30 -87.92
CA GLU Z 17 -27.24 28.67 -87.81
C GLU Z 17 -26.62 29.41 -86.63
N ARG Z 18 -26.24 30.67 -86.87
CA ARG Z 18 -25.61 31.53 -85.88
C ARG Z 18 -26.55 32.61 -85.33
N LYS Z 19 -27.10 33.47 -86.18
CA LYS Z 19 -28.07 34.48 -85.77
C LYS Z 19 -29.50 33.98 -86.02
N THR Z 20 -30.42 34.51 -85.23
CA THR Z 20 -31.82 34.11 -85.33
C THR Z 20 -32.67 35.29 -85.79
N ALA Z 21 -34.00 35.12 -85.79
CA ALA Z 21 -34.89 36.20 -86.19
C ALA Z 21 -34.74 37.41 -85.27
N SER Z 22 -34.63 37.17 -83.96
CA SER Z 22 -34.42 38.25 -82.99
C SER Z 22 -32.94 38.56 -82.77
N GLY Z 23 -32.03 37.77 -83.35
CA GLY Z 23 -30.63 38.12 -83.39
C GLY Z 23 -29.75 37.48 -82.34
N ILE Z 24 -30.26 36.54 -81.56
CA ILE Z 24 -29.44 35.89 -80.54
C ILE Z 24 -28.35 35.07 -81.22
N VAL Z 25 -27.12 35.21 -80.73
CA VAL Z 25 -25.97 34.46 -81.25
C VAL Z 25 -25.84 33.16 -80.48
N ILE Z 26 -25.73 32.06 -81.20
CA ILE Z 26 -25.54 30.73 -80.61
C ILE Z 26 -24.09 30.32 -80.83
N PRO Z 27 -23.39 29.88 -79.79
CA PRO Z 27 -22.02 29.39 -79.99
C PRO Z 27 -22.00 28.14 -80.85
N ASP Z 28 -20.90 27.96 -81.57
CA ASP Z 28 -20.79 26.82 -82.48
C ASP Z 28 -20.89 25.50 -81.75
N THR Z 29 -20.46 25.46 -80.48
CA THR Z 29 -20.63 24.24 -79.69
C THR Z 29 -22.10 23.94 -79.46
N ALA Z 30 -22.90 24.95 -79.14
CA ALA Z 30 -24.33 24.76 -78.91
C ALA Z 30 -25.11 24.58 -80.21
N GLY Z 31 -24.64 25.13 -81.32
CA GLY Z 31 -25.36 25.05 -82.56
C GLY Z 31 -25.50 23.63 -83.10
N GLU Z 32 -26.73 23.13 -83.12
CA GLU Z 32 -26.99 21.80 -83.65
C GLU Z 32 -26.69 21.76 -85.15
N LYS Z 33 -26.02 20.71 -85.58
CA LYS Z 33 -25.64 20.59 -86.99
C LYS Z 33 -26.86 20.24 -87.82
N PRO Z 34 -27.23 21.09 -88.79
CA PRO Z 34 -28.40 20.76 -89.62
C PRO Z 34 -28.13 19.57 -90.53
N ASP Z 35 -29.22 18.90 -90.91
CA ASP Z 35 -29.17 17.75 -91.80
C ASP Z 35 -29.36 18.13 -93.25
N GLN Z 36 -28.98 19.34 -93.64
CA GLN Z 36 -29.17 19.85 -94.99
C GLN Z 36 -27.83 20.22 -95.60
N GLY Z 37 -27.87 20.50 -96.90
CA GLY Z 37 -26.68 20.90 -97.61
C GLY Z 37 -26.95 20.93 -99.10
N GLU Z 38 -26.06 21.62 -99.82
CA GLU Z 38 -26.17 21.71 -101.26
C GLU Z 38 -25.30 20.65 -101.92
N VAL Z 39 -25.69 20.27 -103.13
CA VAL Z 39 -25.02 19.21 -103.88
C VAL Z 39 -24.06 19.84 -104.88
N LEU Z 40 -22.82 19.34 -104.90
CA LEU Z 40 -21.83 19.80 -105.86
C LEU Z 40 -21.41 18.72 -106.84
N ALA Z 41 -21.76 17.47 -106.60
CA ALA Z 41 -21.42 16.37 -107.51
C ALA Z 41 -22.46 15.27 -107.36
N VAL Z 42 -22.95 14.77 -108.49
CA VAL Z 42 -23.98 13.74 -108.50
C VAL Z 42 -23.53 12.60 -109.40
N GLY Z 43 -23.99 11.39 -109.09
CA GLY Z 43 -23.64 10.23 -109.87
C GLY Z 43 -24.51 10.07 -111.11
N ASP Z 44 -24.08 9.16 -111.99
CA ASP Z 44 -24.84 8.89 -113.21
C ASP Z 44 -26.19 8.26 -112.89
N GLY Z 45 -26.23 7.33 -111.94
CA GLY Z 45 -27.45 6.66 -111.56
C GLY Z 45 -27.19 5.20 -111.22
N LYS Z 46 -28.09 4.64 -110.42
CA LYS Z 46 -27.94 3.25 -110.00
C LYS Z 46 -28.24 2.30 -111.15
N ILE Z 47 -27.34 1.33 -111.36
CA ILE Z 47 -27.54 0.29 -112.36
C ILE Z 47 -28.59 -0.68 -111.78
N LEU Z 48 -29.81 -0.58 -112.28
CA LEU Z 48 -30.86 -1.50 -111.86
C LEU Z 48 -30.68 -2.85 -112.58
N ASP Z 49 -31.50 -3.82 -112.16
CA ASP Z 49 -31.25 -5.21 -112.53
C ASP Z 49 -31.34 -5.45 -114.03
N ASP Z 50 -32.18 -4.68 -114.73
CA ASP Z 50 -32.38 -4.87 -116.16
C ASP Z 50 -31.57 -3.89 -117.00
N GLY Z 51 -30.36 -3.56 -116.55
CA GLY Z 51 -29.49 -2.68 -117.31
C GLY Z 51 -29.92 -1.22 -117.20
N SER Z 52 -29.29 -0.41 -118.05
CA SER Z 52 -29.56 1.03 -118.13
C SER Z 52 -29.27 1.72 -116.81
N LYS Z 53 -29.78 2.95 -116.65
CA LYS Z 53 -29.52 3.77 -115.48
C LYS Z 53 -30.83 4.31 -114.92
N ARG Z 54 -30.86 4.50 -113.61
CA ARG Z 54 -31.98 5.13 -112.95
C ARG Z 54 -31.82 6.65 -113.02
N PRO Z 55 -32.81 7.39 -113.54
CA PRO Z 55 -32.68 8.85 -113.58
C PRO Z 55 -32.51 9.43 -112.18
N MET Z 56 -31.67 10.45 -112.09
CA MET Z 56 -31.33 11.02 -110.79
C MET Z 56 -32.37 12.07 -110.40
N ALA Z 57 -32.80 12.03 -109.14
CA ALA Z 57 -33.79 12.97 -108.63
C ALA Z 57 -33.16 14.24 -108.06
N VAL Z 58 -31.83 14.33 -108.03
CA VAL Z 58 -31.14 15.50 -107.53
C VAL Z 58 -30.19 15.98 -108.62
N LYS Z 59 -30.25 17.27 -108.91
CA LYS Z 59 -29.32 17.89 -109.87
C LYS Z 59 -28.34 18.77 -109.12
N VAL Z 60 -27.14 18.91 -109.67
CA VAL Z 60 -26.05 19.59 -108.98
C VAL Z 60 -26.42 21.06 -108.80
N GLY Z 61 -26.44 21.51 -107.54
CA GLY Z 61 -26.70 22.89 -107.21
C GLY Z 61 -27.79 23.10 -106.17
N ASP Z 62 -28.81 22.24 -106.13
CA ASP Z 62 -29.93 22.47 -105.23
C ASP Z 62 -29.57 22.10 -103.79
N LYS Z 63 -30.43 22.52 -102.86
CA LYS Z 63 -30.31 22.19 -101.45
C LYS Z 63 -31.08 20.92 -101.17
N VAL Z 64 -30.42 19.96 -100.51
CA VAL Z 64 -31.02 18.66 -100.22
C VAL Z 64 -30.96 18.42 -98.73
N LEU Z 65 -31.85 17.55 -98.27
CA LEU Z 65 -31.94 17.15 -96.87
C LEU Z 65 -31.58 15.67 -96.76
N PHE Z 66 -30.61 15.35 -95.91
CA PHE Z 66 -30.10 14.00 -95.77
C PHE Z 66 -30.21 13.54 -94.32
N GLY Z 67 -30.19 12.22 -94.14
CA GLY Z 67 -30.35 11.67 -92.81
C GLY Z 67 -29.11 11.82 -91.94
N LYS Z 68 -29.33 11.72 -90.63
CA LYS Z 68 -28.23 11.85 -89.69
C LYS Z 68 -27.30 10.64 -89.77
N TYR Z 69 -27.86 9.43 -89.82
CA TYR Z 69 -27.03 8.23 -89.82
C TYR Z 69 -26.28 8.03 -91.13
N ALA Z 70 -26.74 8.64 -92.21
CA ALA Z 70 -26.15 8.41 -93.52
C ALA Z 70 -25.00 9.38 -93.79
N GLY Z 71 -24.19 9.04 -94.78
CA GLY Z 71 -23.11 9.89 -95.24
C GLY Z 71 -21.76 9.54 -94.62
N GLN Z 72 -20.72 10.02 -95.28
CA GLN Z 72 -19.34 9.81 -94.86
C GLN Z 72 -18.55 11.06 -95.22
N THR Z 73 -17.63 11.45 -94.34
CA THR Z 73 -16.84 12.67 -94.54
C THR Z 73 -15.54 12.33 -95.27
N VAL Z 74 -15.21 13.11 -96.28
CA VAL Z 74 -14.03 12.90 -97.10
C VAL Z 74 -13.04 14.02 -96.82
N LYS Z 75 -11.75 13.67 -96.80
CA LYS Z 75 -10.71 14.60 -96.39
C LYS Z 75 -10.15 15.42 -97.55
N VAL Z 76 -10.88 15.53 -98.66
CA VAL Z 76 -10.33 16.19 -99.84
C VAL Z 76 -10.20 17.69 -99.58
N GLU Z 77 -8.96 18.18 -99.61
CA GLU Z 77 -8.59 19.60 -99.47
C GLU Z 77 -9.35 20.35 -98.38
N GLY Z 78 -9.72 19.66 -97.29
CA GLY Z 78 -10.09 20.32 -96.06
C GLY Z 78 -11.57 20.48 -95.79
N GLU Z 79 -12.42 20.53 -96.81
CA GLU Z 79 -13.84 20.76 -96.58
C GLU Z 79 -14.51 19.50 -96.04
N GLU Z 80 -15.59 19.71 -95.30
CA GLU Z 80 -16.34 18.61 -94.68
C GLU Z 80 -17.43 18.11 -95.64
N LEU Z 81 -16.98 17.67 -96.80
CA LEU Z 81 -17.89 17.12 -97.80
C LEU Z 81 -18.41 15.76 -97.35
N LEU Z 82 -19.68 15.49 -97.63
CA LEU Z 82 -20.32 14.26 -97.22
C LEU Z 82 -20.77 13.51 -98.48
N VAL Z 83 -20.44 12.22 -98.54
CA VAL Z 83 -20.78 11.36 -99.66
C VAL Z 83 -21.77 10.30 -99.17
N LEU Z 84 -22.89 10.19 -99.87
CA LEU Z 84 -23.95 9.28 -99.44
C LEU Z 84 -24.76 8.86 -100.65
N ARG Z 85 -25.54 7.80 -100.48
CA ARG Z 85 -26.36 7.29 -101.57
C ARG Z 85 -27.54 8.24 -101.82
N GLU Z 86 -28.22 8.01 -102.94
CA GLU Z 86 -29.33 8.89 -103.31
C GLU Z 86 -30.56 8.67 -102.45
N ASP Z 87 -30.83 7.42 -102.04
CA ASP Z 87 -32.06 7.13 -101.31
C ASP Z 87 -32.08 7.72 -99.91
N ASP Z 88 -30.93 8.13 -99.38
CA ASP Z 88 -30.92 8.75 -98.05
C ASP Z 88 -31.45 10.18 -98.10
N ILE Z 89 -31.25 10.89 -99.20
CA ILE Z 89 -31.79 12.23 -99.36
C ILE Z 89 -33.31 12.10 -99.47
N MET Z 90 -34.03 12.55 -98.43
CA MET Z 90 -35.48 12.41 -98.45
C MET Z 90 -36.19 13.56 -99.15
N ALA Z 91 -35.63 14.76 -99.16
CA ALA Z 91 -36.32 15.90 -99.71
C ALA Z 91 -35.33 16.86 -100.33
N VAL Z 92 -35.84 17.70 -101.23
CA VAL Z 92 -35.07 18.75 -101.88
C VAL Z 92 -35.65 20.09 -101.45
N ILE Z 93 -34.81 20.95 -100.91
CA ILE Z 93 -35.24 22.26 -100.41
C ILE Z 93 -35.36 23.22 -101.58
N GLU Z 94 -36.53 23.85 -101.72
CA GLU Z 94 -36.83 24.73 -102.85
C GLU Z 94 -36.58 24.05 -104.19
N ALA AA 1 -20.80 -17.25 -13.20
CA ALA AA 1 -19.58 -17.35 -12.42
C ALA AA 1 -19.84 -18.03 -11.09
N ALA AA 2 -18.95 -17.79 -10.12
CA ALA AA 2 -19.12 -18.36 -8.79
C ALA AA 2 -20.39 -17.84 -8.15
N LYS AA 3 -21.08 -18.71 -7.41
CA LYS AA 3 -22.35 -18.38 -6.79
C LYS AA 3 -22.21 -18.43 -5.28
N GLU AA 4 -22.87 -17.49 -4.60
CA GLU AA 4 -22.96 -17.48 -3.15
C GLU AA 4 -24.35 -17.97 -2.75
N VAL AA 5 -24.41 -18.87 -1.78
CA VAL AA 5 -25.64 -19.51 -1.37
C VAL AA 5 -25.92 -19.14 0.08
N LYS AA 6 -27.12 -18.63 0.35
CA LYS AA 6 -27.55 -18.29 1.69
C LYS AA 6 -28.72 -19.17 2.09
N PHE AA 7 -28.79 -19.53 3.37
CA PHE AA 7 -29.76 -20.48 3.87
C PHE AA 7 -30.54 -19.89 5.05
N HIS AA 8 -31.78 -20.34 5.17
CA HIS AA 8 -32.62 -20.15 6.37
C HIS AA 8 -32.74 -18.66 6.65
N ASP AA 9 -32.55 -18.20 7.89
CA ASP AA 9 -32.83 -16.81 8.23
C ASP AA 9 -31.83 -15.86 7.59
N SER AA 10 -30.60 -16.31 7.35
CA SER AA 10 -29.62 -15.45 6.69
C SER AA 10 -30.07 -15.07 5.29
N ALA AA 11 -30.79 -15.96 4.61
CA ALA AA 11 -31.34 -15.66 3.30
C ALA AA 11 -32.62 -14.84 3.38
N ARG AA 12 -33.50 -15.17 4.31
CA ARG AA 12 -34.76 -14.43 4.45
C ARG AA 12 -34.50 -13.00 4.91
N GLU AA 13 -33.54 -12.82 5.81
CA GLU AA 13 -33.22 -11.49 6.29
C GLU AA 13 -32.70 -10.60 5.17
N ARG AA 14 -31.86 -11.14 4.29
CA ARG AA 14 -31.41 -10.38 3.13
C ARG AA 14 -32.57 -10.10 2.18
N LEU AA 15 -33.44 -11.09 1.97
CA LEU AA 15 -34.58 -10.89 1.08
C LEU AA 15 -35.53 -9.82 1.61
N VAL AA 16 -35.82 -9.86 2.91
CA VAL AA 16 -36.75 -8.91 3.49
C VAL AA 16 -36.16 -7.50 3.46
N ALA AA 17 -34.84 -7.39 3.67
CA ALA AA 17 -34.21 -6.08 3.62
C ALA AA 17 -34.35 -5.43 2.25
N GLY AA 18 -34.22 -6.22 1.19
CA GLY AA 18 -34.46 -5.69 -0.15
C GLY AA 18 -35.91 -5.32 -0.37
N VAL AA 19 -36.82 -6.11 0.18
CA VAL AA 19 -38.25 -5.79 0.09
C VAL AA 19 -38.54 -4.47 0.79
N ASN AA 20 -37.99 -4.30 1.99
CA ASN AA 20 -38.29 -3.11 2.78
C ASN AA 20 -37.71 -1.86 2.14
N LEU AA 21 -36.50 -1.96 1.56
CA LEU AA 21 -35.88 -0.77 0.97
C LEU AA 21 -36.71 -0.26 -0.20
N LEU AA 22 -37.14 -1.15 -1.08
CA LEU AA 22 -37.96 -0.74 -2.22
C LEU AA 22 -39.31 -0.22 -1.77
N ALA AA 23 -39.95 -0.93 -0.83
CA ALA AA 23 -41.29 -0.54 -0.42
C ALA AA 23 -41.30 0.75 0.38
N ASN AA 24 -40.24 1.00 1.15
CA ASN AA 24 -40.16 2.26 1.91
C ASN AA 24 -40.06 3.45 0.97
N ALA AA 25 -39.30 3.32 -0.12
CA ALA AA 25 -39.24 4.39 -1.10
C ALA AA 25 -40.58 4.62 -1.77
N VAL AA 26 -41.27 3.52 -2.12
CA VAL AA 26 -42.60 3.62 -2.71
C VAL AA 26 -43.63 4.10 -1.70
N LYS AA 27 -43.41 3.81 -0.41
CA LYS AA 27 -44.34 4.23 0.63
C LYS AA 27 -44.57 5.73 0.64
N THR AA 28 -43.50 6.51 0.40
CA THR AA 28 -43.56 7.95 0.57
C THR AA 28 -44.56 8.61 -0.37
N THR AA 29 -44.92 7.96 -1.47
CA THR AA 29 -45.81 8.54 -2.47
C THR AA 29 -47.27 8.15 -2.28
N LEU AA 30 -47.60 7.41 -1.24
CA LEU AA 30 -48.94 6.86 -1.09
C LEU AA 30 -49.88 7.89 -0.47
N GLY AA 31 -51.06 8.02 -1.06
CA GLY AA 31 -52.12 8.82 -0.49
C GLY AA 31 -52.11 10.26 -0.95
N PRO AA 32 -53.15 11.01 -0.57
CA PRO AA 32 -53.20 12.43 -0.96
C PRO AA 32 -52.07 13.24 -0.37
N LYS AA 33 -51.58 12.88 0.82
CA LYS AA 33 -50.47 13.58 1.45
C LYS AA 33 -49.14 12.91 1.19
N GLY AA 34 -49.10 11.93 0.29
CA GLY AA 34 -47.83 11.38 -0.13
C GLY AA 34 -47.01 12.40 -0.90
N ARG AA 35 -45.71 12.21 -0.86
CA ARG AA 35 -44.78 13.18 -1.44
C ARG AA 35 -44.03 12.57 -2.62
N ASN AA 36 -43.32 13.43 -3.34
CA ASN AA 36 -42.70 13.04 -4.59
C ASN AA 36 -41.35 12.38 -4.36
N VAL AA 37 -40.91 11.61 -5.34
CA VAL AA 37 -39.61 10.96 -5.36
C VAL AA 37 -38.87 11.45 -6.59
N VAL AA 38 -37.64 11.92 -6.39
CA VAL AA 38 -36.80 12.39 -7.47
C VAL AA 38 -35.83 11.27 -7.84
N ILE AA 39 -35.81 10.90 -9.12
CA ILE AA 39 -34.96 9.83 -9.63
C ILE AA 39 -34.00 10.44 -10.63
N GLU AA 40 -32.71 10.21 -10.44
CA GLU AA 40 -31.72 10.76 -11.35
C GLU AA 40 -31.76 10.05 -12.69
N ARG AA 41 -31.64 10.84 -13.75
CA ARG AA 41 -31.55 10.33 -15.11
C ARG AA 41 -30.12 10.46 -15.59
N SER AA 42 -29.67 9.48 -16.38
CA SER AA 42 -28.30 9.52 -16.90
C SER AA 42 -28.09 10.72 -17.81
N PHE AA 43 -29.09 11.06 -18.62
CA PHE AA 43 -29.03 12.16 -19.56
C PHE AA 43 -29.49 13.49 -18.95
N GLY AA 44 -29.41 13.64 -17.64
CA GLY AA 44 -29.81 14.87 -16.99
C GLY AA 44 -31.31 14.98 -16.86
N ALA AA 45 -31.74 16.11 -16.28
CA ALA AA 45 -33.15 16.41 -16.03
C ALA AA 45 -33.80 15.29 -15.22
N PRO AA 46 -33.55 15.22 -13.91
CA PRO AA 46 -34.15 14.15 -13.10
C PRO AA 46 -35.66 14.21 -13.14
N ILE AA 47 -36.29 13.05 -13.09
CA ILE AA 47 -37.74 12.96 -13.12
C ILE AA 47 -38.28 13.02 -11.70
N VAL AA 48 -39.40 13.69 -11.54
CA VAL AA 48 -40.12 13.78 -10.27
C VAL AA 48 -41.40 13.01 -10.46
N THR AA 49 -41.64 12.01 -9.61
CA THR AA 49 -42.77 11.12 -9.79
C THR AA 49 -43.42 10.79 -8.45
N LYS AA 50 -44.74 10.62 -8.48
CA LYS AA 50 -45.50 10.08 -7.37
C LYS AA 50 -46.00 8.67 -7.66
N ASP AA 51 -45.57 8.08 -8.76
CA ASP AA 51 -46.04 6.75 -9.15
C ASP AA 51 -45.18 5.68 -8.52
N GLY AA 52 -45.82 4.65 -7.97
CA GLY AA 52 -45.08 3.57 -7.34
C GLY AA 52 -44.27 2.75 -8.33
N VAL AA 53 -44.82 2.50 -9.52
CA VAL AA 53 -44.13 1.66 -10.48
C VAL AA 53 -42.89 2.37 -11.02
N THR AA 54 -42.97 3.69 -11.22
CA THR AA 54 -41.81 4.44 -11.69
C THR AA 54 -40.69 4.40 -10.66
N VAL AA 55 -41.03 4.56 -9.38
CA VAL AA 55 -40.03 4.49 -8.32
C VAL AA 55 -39.48 3.08 -8.20
N ALA AA 56 -40.36 2.07 -8.24
CA ALA AA 56 -39.93 0.69 -8.05
C ALA AA 56 -38.99 0.24 -9.16
N LYS AA 57 -39.29 0.60 -10.41
CA LYS AA 57 -38.51 0.15 -11.54
C LYS AA 57 -37.12 0.76 -11.58
N GLU AA 58 -36.85 1.79 -10.79
CA GLU AA 58 -35.56 2.46 -10.79
C GLU AA 58 -34.69 2.08 -9.60
N ILE AA 59 -35.06 1.07 -8.84
CA ILE AA 59 -34.35 0.69 -7.62
C ILE AA 59 -33.56 -0.58 -7.89
N GLU AA 60 -32.24 -0.49 -7.74
CA GLU AA 60 -31.34 -1.63 -7.79
C GLU AA 60 -30.35 -1.50 -6.64
N LEU AA 61 -30.03 -2.62 -6.01
CA LEU AA 61 -29.22 -2.63 -4.80
C LEU AA 61 -27.86 -3.26 -5.05
N LYS AA 62 -26.84 -2.73 -4.39
CA LYS AA 62 -25.49 -3.28 -4.52
C LYS AA 62 -25.44 -4.71 -4.00
N ASP AA 63 -26.07 -4.97 -2.86
CA ASP AA 63 -26.12 -6.32 -2.33
C ASP AA 63 -27.05 -7.16 -3.21
N LYS AA 64 -26.48 -8.20 -3.83
CA LYS AA 64 -27.25 -9.00 -4.78
C LYS AA 64 -28.37 -9.78 -4.10
N PHE AA 65 -28.14 -10.21 -2.85
CA PHE AA 65 -29.20 -10.91 -2.13
C PHE AA 65 -30.34 -9.96 -1.76
N GLU AA 66 -30.01 -8.73 -1.36
CA GLU AA 66 -31.05 -7.72 -1.16
C GLU AA 66 -31.71 -7.36 -2.48
N ASN AA 67 -30.93 -7.33 -3.56
CA ASN AA 67 -31.50 -6.96 -4.86
C ASN AA 67 -32.55 -7.95 -5.32
N MET AA 68 -32.37 -9.23 -5.01
CA MET AA 68 -33.39 -10.22 -5.35
C MET AA 68 -34.71 -9.94 -4.66
N GLY AA 69 -34.66 -9.51 -3.40
CA GLY AA 69 -35.87 -9.11 -2.72
C GLY AA 69 -36.52 -7.90 -3.36
N ALA AA 70 -35.70 -6.92 -3.76
CA ALA AA 70 -36.23 -5.73 -4.42
C ALA AA 70 -36.81 -6.07 -5.79
N GLN AA 71 -36.12 -6.92 -6.54
CA GLN AA 71 -36.59 -7.25 -7.89
C GLN AA 71 -37.93 -7.97 -7.86
N MET AA 72 -38.20 -8.73 -6.78
CA MET AA 72 -39.48 -9.41 -6.69
C MET AA 72 -40.62 -8.44 -6.36
N VAL AA 73 -40.38 -7.51 -5.42
CA VAL AA 73 -41.39 -6.52 -5.09
C VAL AA 73 -41.54 -5.51 -6.23
N LYS AA 74 -40.43 -5.16 -6.88
CA LYS AA 74 -40.52 -4.27 -8.04
C LYS AA 74 -41.47 -4.84 -9.09
N GLU AA 75 -41.56 -6.17 -9.16
CA GLU AA 75 -42.41 -6.79 -10.16
C GLU AA 75 -43.88 -6.62 -9.82
N VAL AA 76 -44.22 -6.57 -8.53
CA VAL AA 76 -45.61 -6.41 -8.11
C VAL AA 76 -46.18 -5.11 -8.67
N ALA AA 77 -45.41 -4.03 -8.59
CA ALA AA 77 -45.82 -2.78 -9.21
C ALA AA 77 -45.91 -2.91 -10.71
N SER AA 78 -44.98 -3.65 -11.33
CA SER AA 78 -44.97 -3.79 -12.78
C SER AA 78 -46.22 -4.50 -13.28
N LYS AA 79 -46.64 -5.56 -12.60
CA LYS AA 79 -47.83 -6.28 -13.01
C LYS AA 79 -49.09 -5.46 -12.77
N THR AA 80 -49.14 -4.75 -11.64
CA THR AA 80 -50.31 -3.91 -11.36
C THR AA 80 -50.43 -2.78 -12.37
N ALA AA 81 -49.31 -2.19 -12.76
CA ALA AA 81 -49.34 -1.17 -13.80
C ALA AA 81 -49.80 -1.73 -15.13
N ASP AA 82 -49.38 -2.95 -15.46
CA ASP AA 82 -49.74 -3.56 -16.73
C ASP AA 82 -51.24 -3.82 -16.82
N VAL AA 83 -51.84 -4.33 -15.74
CA VAL AA 83 -53.24 -4.75 -15.80
C VAL AA 83 -54.22 -3.67 -15.37
N ALA AA 84 -53.77 -2.67 -14.61
CA ALA AA 84 -54.69 -1.67 -14.10
C ALA AA 84 -54.22 -0.26 -14.43
N GLY AA 85 -52.91 -0.04 -14.44
CA GLY AA 85 -52.36 1.28 -14.63
C GLY AA 85 -52.40 2.15 -13.40
N ASP AA 86 -52.88 1.62 -12.28
CA ASP AA 86 -52.97 2.36 -11.03
C ASP AA 86 -52.92 1.35 -9.90
N GLY AA 87 -52.69 1.84 -8.69
CA GLY AA 87 -52.58 0.96 -7.55
C GLY AA 87 -51.23 0.31 -7.38
N THR AA 88 -50.20 0.80 -8.07
CA THR AA 88 -48.87 0.21 -7.94
C THR AA 88 -48.28 0.46 -6.56
N THR AA 89 -48.47 1.66 -6.01
CA THR AA 89 -48.02 1.92 -4.65
C THR AA 89 -48.80 1.09 -3.64
N THR AA 90 -50.12 0.97 -3.84
CA THR AA 90 -50.93 0.15 -2.95
C THR AA 90 -50.52 -1.31 -3.03
N ALA AA 91 -50.25 -1.80 -4.24
CA ALA AA 91 -49.79 -3.18 -4.39
C ALA AA 91 -48.45 -3.40 -3.71
N THR AA 92 -47.53 -2.45 -3.87
CA THR AA 92 -46.22 -2.57 -3.21
C THR AA 92 -46.37 -2.54 -1.70
N VAL AA 93 -47.24 -1.67 -1.19
CA VAL AA 93 -47.46 -1.60 0.26
C VAL AA 93 -48.05 -2.91 0.77
N LEU AA 94 -49.03 -3.46 0.04
CA LEU AA 94 -49.64 -4.72 0.46
C LEU AA 94 -48.63 -5.86 0.45
N ALA AA 95 -47.77 -5.90 -0.57
CA ALA AA 95 -46.78 -6.97 -0.66
C ALA AA 95 -45.81 -6.93 0.51
N GLN AA 96 -45.39 -5.73 0.91
CA GLN AA 96 -44.51 -5.61 2.06
C GLN AA 96 -45.22 -6.00 3.35
N ALA AA 97 -46.51 -5.67 3.47
CA ALA AA 97 -47.26 -6.05 4.65
C ALA AA 97 -47.38 -7.56 4.78
N ILE AA 98 -47.63 -8.25 3.67
CA ILE AA 98 -47.71 -9.71 3.70
C ILE AA 98 -46.37 -10.31 4.08
N VAL AA 99 -45.28 -9.79 3.53
CA VAL AA 99 -43.95 -10.30 3.86
C VAL AA 99 -43.63 -10.03 5.31
N ARG AA 100 -43.91 -8.82 5.79
CA ARG AA 100 -43.64 -8.50 7.18
C ARG AA 100 -44.44 -9.37 8.13
N GLU AA 101 -45.74 -9.53 7.86
CA GLU AA 101 -46.57 -10.37 8.71
C GLU AA 101 -46.27 -11.85 8.52
N GLY AA 102 -45.94 -12.27 7.29
CA GLY AA 102 -45.66 -13.66 7.04
C GLY AA 102 -44.35 -14.14 7.62
N MET AA 103 -43.34 -13.27 7.66
CA MET AA 103 -42.05 -13.68 8.20
C MET AA 103 -42.13 -13.92 9.71
N LYS AA 104 -43.10 -13.29 10.38
CA LYS AA 104 -43.30 -13.59 11.80
C LYS AA 104 -43.76 -15.03 11.99
N TYR AA 105 -44.65 -15.51 11.12
CA TYR AA 105 -45.11 -16.88 11.21
C TYR AA 105 -44.07 -17.87 10.68
N VAL AA 106 -43.30 -17.48 9.67
CA VAL AA 106 -42.22 -18.34 9.21
C VAL AA 106 -41.19 -18.53 10.31
N ALA AA 107 -40.84 -17.45 11.01
CA ALA AA 107 -39.94 -17.55 12.16
C ALA AA 107 -40.57 -18.32 13.31
N ALA AA 108 -41.89 -18.44 13.34
CA ALA AA 108 -42.58 -19.21 14.36
C ALA AA 108 -42.61 -20.70 14.05
N GLY AA 109 -42.04 -21.12 12.93
CA GLY AA 109 -41.93 -22.53 12.60
C GLY AA 109 -43.04 -23.10 11.76
N MET AA 110 -44.05 -22.31 11.41
CA MET AA 110 -45.13 -22.82 10.58
C MET AA 110 -44.68 -23.02 9.15
N ASN AA 111 -45.33 -23.98 8.48
CA ASN AA 111 -44.96 -24.34 7.12
C ASN AA 111 -45.30 -23.21 6.16
N PRO AA 112 -44.33 -22.62 5.47
CA PRO AA 112 -44.64 -21.50 4.56
C PRO AA 112 -45.50 -21.91 3.38
N MET AA 113 -45.43 -23.16 2.93
CA MET AA 113 -46.28 -23.60 1.83
C MET AA 113 -47.75 -23.57 2.23
N ASP AA 114 -48.04 -23.96 3.47
CA ASP AA 114 -49.41 -23.83 3.97
C ASP AA 114 -49.78 -22.37 4.23
N LEU AA 115 -48.80 -21.54 4.59
CA LEU AA 115 -49.06 -20.11 4.69
C LEU AA 115 -49.46 -19.53 3.34
N LYS AA 116 -48.76 -19.94 2.28
CA LYS AA 116 -49.11 -19.47 0.95
C LYS AA 116 -50.49 -19.96 0.54
N ARG AA 117 -50.82 -21.20 0.87
CA ARG AA 117 -52.15 -21.72 0.56
C ARG AA 117 -53.22 -20.97 1.35
N GLY AA 118 -52.93 -20.64 2.60
CA GLY AA 118 -53.86 -19.83 3.38
C GLY AA 118 -53.99 -18.41 2.85
N ILE AA 119 -52.88 -17.85 2.38
CA ILE AA 119 -52.92 -16.51 1.80
C ILE AA 119 -53.80 -16.49 0.55
N ASP AA 120 -53.64 -17.51 -0.31
CA ASP AA 120 -54.46 -17.58 -1.51
C ASP AA 120 -55.93 -17.74 -1.17
N LYS AA 121 -56.24 -18.52 -0.13
CA LYS AA 121 -57.62 -18.72 0.28
C LYS AA 121 -58.23 -17.42 0.77
N ALA AA 122 -57.47 -16.64 1.55
CA ALA AA 122 -58.00 -15.39 2.08
C ALA AA 122 -58.18 -14.36 0.99
N VAL AA 123 -57.26 -14.30 0.04
CA VAL AA 123 -57.35 -13.31 -1.04
C VAL AA 123 -58.53 -13.61 -1.96
N THR AA 124 -58.77 -14.90 -2.22
CA THR AA 124 -59.94 -15.27 -3.02
C THR AA 124 -61.23 -14.84 -2.34
N ALA AA 125 -61.32 -15.03 -1.02
CA ALA AA 125 -62.52 -14.62 -0.29
C ALA AA 125 -62.68 -13.11 -0.30
N ILE AA 126 -61.58 -12.37 -0.13
CA ILE AA 126 -61.67 -10.92 -0.06
C ILE AA 126 -62.00 -10.33 -1.43
N VAL AA 127 -61.40 -10.90 -2.49
CA VAL AA 127 -61.70 -10.42 -3.84
C VAL AA 127 -63.17 -10.64 -4.17
N GLU AA 128 -63.74 -11.76 -3.73
CA GLU AA 128 -65.16 -12.00 -3.94
C GLU AA 128 -66.00 -10.97 -3.21
N GLU AA 129 -65.61 -10.60 -1.99
CA GLU AA 129 -66.33 -9.57 -1.26
C GLU AA 129 -66.17 -8.20 -1.90
N LEU AA 130 -65.03 -7.94 -2.54
CA LEU AA 130 -64.85 -6.69 -3.26
C LEU AA 130 -65.85 -6.57 -4.40
N LYS AA 131 -66.13 -7.69 -5.07
CA LYS AA 131 -67.10 -7.68 -6.16
C LYS AA 131 -68.50 -7.29 -5.66
N ALA AA 132 -68.88 -7.80 -4.49
CA ALA AA 132 -70.20 -7.47 -3.94
C ALA AA 132 -70.26 -6.02 -3.51
N ILE AA 133 -69.20 -5.50 -2.89
CA ILE AA 133 -69.18 -4.11 -2.44
C ILE AA 133 -69.15 -3.16 -3.63
N SER AA 134 -68.52 -3.54 -4.73
CA SER AA 134 -68.35 -2.66 -5.86
C SER AA 134 -69.69 -2.21 -6.43
N LYS AA 135 -69.75 -0.96 -6.87
CA LYS AA 135 -70.91 -0.39 -7.51
C LYS AA 135 -70.53 0.15 -8.89
N PRO AA 136 -71.43 0.06 -9.87
CA PRO AA 136 -71.09 0.50 -11.22
C PRO AA 136 -70.86 2.00 -11.29
N CYS AA 137 -69.99 2.40 -12.20
CA CYS AA 137 -69.64 3.80 -12.43
C CYS AA 137 -70.45 4.29 -13.63
N SER AA 138 -71.64 4.80 -13.36
CA SER AA 138 -72.56 5.22 -14.41
C SER AA 138 -72.57 6.73 -14.65
N THR AA 139 -72.55 7.53 -13.59
CA THR AA 139 -72.64 8.97 -13.72
C THR AA 139 -71.29 9.57 -14.10
N THR AA 140 -71.34 10.65 -14.88
CA THR AA 140 -70.13 11.37 -15.22
C THR AA 140 -69.52 12.08 -14.02
N LYS AA 141 -70.32 12.36 -12.99
CA LYS AA 141 -69.77 12.92 -11.75
C LYS AA 141 -68.83 11.92 -11.07
N GLU AA 142 -69.20 10.65 -11.06
CA GLU AA 142 -68.34 9.63 -10.49
C GLU AA 142 -67.03 9.51 -11.28
N ILE AA 143 -67.11 9.62 -12.60
CA ILE AA 143 -65.91 9.56 -13.43
C ILE AA 143 -64.98 10.71 -13.10
N ALA AA 144 -65.53 11.91 -12.93
CA ALA AA 144 -64.70 13.05 -12.53
C ALA AA 144 -64.09 12.82 -11.16
N GLN AA 145 -64.86 12.27 -10.23
CA GLN AA 145 -64.34 12.01 -8.88
C GLN AA 145 -63.24 10.96 -8.92
N VAL AA 146 -63.42 9.91 -9.72
CA VAL AA 146 -62.39 8.89 -9.83
C VAL AA 146 -61.12 9.46 -10.46
N GLY AA 147 -61.29 10.27 -11.51
CA GLY AA 147 -60.13 10.90 -12.12
C GLY AA 147 -59.46 11.91 -11.21
N THR AA 148 -60.25 12.64 -10.43
CA THR AA 148 -59.68 13.62 -9.51
C THR AA 148 -58.84 12.94 -8.43
N ILE AA 149 -59.34 11.84 -7.87
CA ILE AA 149 -58.61 11.13 -6.82
C ILE AA 149 -57.31 10.55 -7.37
N SER AA 150 -57.37 9.95 -8.55
CA SER AA 150 -56.20 9.32 -9.13
C SER AA 150 -55.19 10.33 -9.66
N ALA AA 151 -55.60 11.57 -9.89
CA ALA AA 151 -54.68 12.64 -10.28
C ALA AA 151 -54.17 13.42 -9.09
N ASN AA 152 -54.22 12.83 -7.89
CA ASN AA 152 -53.76 13.46 -6.65
C ASN AA 152 -54.52 14.76 -6.38
N ALA AA 153 -55.83 14.62 -6.24
CA ALA AA 153 -56.73 15.71 -5.86
C ALA AA 153 -56.62 16.90 -6.82
N ASP AA 154 -56.58 16.61 -8.12
CA ASP AA 154 -56.57 17.64 -9.15
C ASP AA 154 -57.93 17.60 -9.84
N SER AA 155 -58.80 18.56 -9.51
CA SER AA 155 -60.15 18.57 -10.06
C SER AA 155 -60.14 18.90 -11.55
N SER AA 156 -59.19 19.73 -12.00
CA SER AA 156 -59.13 20.08 -13.41
C SER AA 156 -58.84 18.86 -14.27
N ILE AA 157 -57.92 18.01 -13.83
CA ILE AA 157 -57.61 16.79 -14.59
C ILE AA 157 -58.81 15.85 -14.60
N GLY AA 158 -59.48 15.70 -13.46
CA GLY AA 158 -60.65 14.84 -13.41
C GLY AA 158 -61.79 15.33 -14.27
N GLU AA 159 -62.01 16.65 -14.28
CA GLU AA 159 -63.10 17.20 -15.08
C GLU AA 159 -62.81 17.07 -16.58
N ILE AA 160 -61.57 17.31 -16.99
CA ILE AA 160 -61.24 17.24 -18.41
C ILE AA 160 -61.31 15.80 -18.92
N ILE AA 161 -60.97 14.83 -18.06
CA ILE AA 161 -61.08 13.43 -18.45
C ILE AA 161 -62.54 13.01 -18.54
N ALA AA 162 -63.37 13.49 -17.61
CA ALA AA 162 -64.79 13.18 -17.67
C ALA AA 162 -65.42 13.75 -18.93
N GLN AA 163 -65.03 14.98 -19.31
CA GLN AA 163 -65.51 15.55 -20.56
C GLN AA 163 -65.03 14.75 -21.76
N ALA AA 164 -63.78 14.30 -21.73
CA ALA AA 164 -63.25 13.54 -22.87
C ALA AA 164 -64.01 12.25 -23.07
N MET AA 165 -64.30 11.53 -21.99
CA MET AA 165 -65.06 10.28 -22.12
C MET AA 165 -66.49 10.53 -22.57
N ASP AA 166 -67.08 11.66 -22.16
CA ASP AA 166 -68.41 12.00 -22.63
C ASP AA 166 -68.40 12.27 -24.14
N LYS AA 167 -67.36 12.93 -24.62
CA LYS AA 167 -67.29 13.30 -26.04
C LYS AA 167 -67.09 12.07 -26.91
N VAL AA 168 -66.14 11.21 -26.54
CA VAL AA 168 -65.78 10.08 -27.40
C VAL AA 168 -66.49 8.79 -27.03
N GLY AA 169 -67.28 8.78 -25.96
CA GLY AA 169 -68.01 7.59 -25.60
C GLY AA 169 -67.11 6.49 -25.06
N LYS AA 170 -67.70 5.28 -25.03
CA LYS AA 170 -66.98 4.12 -24.51
C LYS AA 170 -65.95 3.59 -25.49
N GLU AA 171 -66.25 3.62 -26.79
CA GLU AA 171 -65.34 3.10 -27.80
C GLU AA 171 -64.27 4.11 -28.22
N GLY AA 172 -64.31 5.32 -27.69
CA GLY AA 172 -63.35 6.33 -28.07
C GLY AA 172 -61.98 6.09 -27.46
N VAL AA 173 -60.99 6.78 -28.01
CA VAL AA 173 -59.60 6.67 -27.59
C VAL AA 173 -59.14 8.03 -27.10
N ILE AA 174 -58.56 8.07 -25.90
CA ILE AA 174 -58.06 9.30 -25.29
C ILE AA 174 -56.55 9.17 -25.11
N THR AA 175 -55.83 10.17 -25.57
CA THR AA 175 -54.38 10.21 -25.48
C THR AA 175 -53.93 11.47 -24.75
N VAL AA 176 -52.70 11.42 -24.24
CA VAL AA 176 -52.12 12.52 -23.48
C VAL AA 176 -50.86 12.98 -24.19
N GLU AA 177 -50.78 14.29 -24.47
CA GLU AA 177 -49.63 14.87 -25.13
C GLU AA 177 -49.23 16.15 -24.42
N ASP AA 178 -48.02 16.63 -24.71
CA ASP AA 178 -47.55 17.89 -24.16
C ASP AA 178 -48.35 19.04 -24.76
N GLY AA 179 -48.64 20.04 -23.94
CA GLY AA 179 -49.34 21.22 -24.37
C GLY AA 179 -48.41 22.42 -24.45
N LYS AA 180 -48.73 23.34 -25.35
CA LYS AA 180 -47.93 24.55 -25.48
C LYS AA 180 -48.31 25.63 -24.48
N SER AA 181 -49.54 25.61 -23.98
CA SER AA 181 -49.99 26.59 -23.01
C SER AA 181 -49.67 26.13 -21.59
N LEU AA 182 -50.09 26.92 -20.60
CA LEU AA 182 -49.88 26.58 -19.21
C LEU AA 182 -51.08 25.85 -18.59
N GLU AA 183 -52.15 25.64 -19.35
CA GLU AA 183 -53.35 25.01 -18.84
C GLU AA 183 -53.72 23.82 -19.72
N ASN AA 184 -54.41 22.85 -19.12
CA ASN AA 184 -54.84 21.68 -19.86
C ASN AA 184 -55.92 22.05 -20.87
N GLU AA 185 -55.81 21.47 -22.06
CA GLU AA 185 -56.81 21.67 -23.11
C GLU AA 185 -57.18 20.33 -23.70
N LEU AA 186 -58.45 20.21 -24.10
CA LEU AA 186 -58.99 18.98 -24.66
C LEU AA 186 -59.35 19.22 -26.12
N GLU AA 187 -58.79 18.40 -27.01
CA GLU AA 187 -59.10 18.45 -28.43
C GLU AA 187 -59.75 17.14 -28.83
N VAL AA 188 -60.98 17.22 -29.33
CA VAL AA 188 -61.75 16.05 -29.73
C VAL AA 188 -61.83 16.04 -31.25
N VAL AA 189 -61.36 14.95 -31.85
CA VAL AA 189 -61.43 14.78 -33.30
C VAL AA 189 -62.57 13.82 -33.59
N GLU AA 190 -63.61 14.33 -34.24
CA GLU AA 190 -64.80 13.54 -34.54
C GLU AA 190 -64.73 13.02 -35.96
N GLY AA 191 -65.14 11.77 -36.15
CA GLY AA 191 -65.12 11.16 -37.47
C GLY AA 191 -63.80 10.45 -37.73
N MET AA 192 -63.52 10.29 -39.02
CA MET AA 192 -62.33 9.59 -39.48
C MET AA 192 -61.29 10.61 -39.92
N GLN AA 193 -60.13 10.58 -39.26
CA GLN AA 193 -58.99 11.42 -39.62
C GLN AA 193 -57.75 10.55 -39.58
N PHE AA 194 -57.08 10.41 -40.73
CA PHE AA 194 -55.92 9.52 -40.83
C PHE AA 194 -54.62 10.30 -41.04
N ASP AA 195 -54.56 11.54 -40.52
CA ASP AA 195 -53.33 12.29 -40.32
C ASP AA 195 -52.40 12.28 -41.54
N ARG AA 196 -52.97 12.54 -42.71
CA ARG AA 196 -52.19 12.65 -43.94
C ARG AA 196 -52.57 13.92 -44.68
N GLY AA 197 -51.57 14.69 -45.09
CA GLY AA 197 -51.81 15.95 -45.76
C GLY AA 197 -51.94 15.80 -47.27
N TYR AA 198 -52.23 16.92 -47.91
CA TYR AA 198 -52.35 16.94 -49.36
C TYR AA 198 -50.97 16.79 -50.01
N LEU AA 199 -51.00 16.36 -51.28
CA LEU AA 199 -49.76 16.14 -52.02
C LEU AA 199 -49.31 17.37 -52.80
N SER AA 200 -50.10 18.44 -52.81
CA SER AA 200 -49.72 19.65 -53.54
C SER AA 200 -50.46 20.83 -52.95
N PRO AA 201 -49.79 21.97 -52.75
CA PRO AA 201 -50.47 23.14 -52.17
C PRO AA 201 -51.58 23.70 -53.05
N TYR AA 202 -51.58 23.40 -54.34
CA TYR AA 202 -52.60 23.96 -55.23
C TYR AA 202 -53.98 23.37 -54.99
N PHE AA 203 -54.09 22.30 -54.21
CA PHE AA 203 -55.39 21.74 -53.90
C PHE AA 203 -56.17 22.61 -52.91
N ILE AA 204 -55.53 23.58 -52.28
CA ILE AA 204 -56.19 24.43 -51.30
C ILE AA 204 -57.23 25.30 -51.99
N ASN AA 205 -58.42 25.38 -51.41
CA ASN AA 205 -59.50 26.18 -51.97
C ASN AA 205 -59.84 27.43 -51.16
N ASN AA 206 -59.29 27.58 -49.95
CA ASN AA 206 -59.47 28.80 -49.19
C ASN AA 206 -58.13 29.19 -48.57
N PRO AA 207 -57.68 30.43 -48.76
CA PRO AA 207 -56.34 30.80 -48.30
C PRO AA 207 -56.26 31.06 -46.80
N ASP AA 208 -57.38 31.47 -46.20
CA ASP AA 208 -57.39 31.85 -44.79
C ASP AA 208 -57.04 30.69 -43.86
N LYS AA 209 -57.26 29.45 -44.31
CA LYS AA 209 -56.98 28.27 -43.50
C LYS AA 209 -55.93 27.36 -44.11
N GLN AA 210 -55.63 27.49 -45.40
CA GLN AA 210 -54.71 26.59 -46.10
C GLN AA 210 -55.17 25.14 -45.95
N VAL AA 211 -56.48 24.93 -46.07
CA VAL AA 211 -57.09 23.61 -45.95
C VAL AA 211 -57.95 23.39 -47.20
N ALA AA 212 -57.90 22.16 -47.73
CA ALA AA 212 -58.67 21.82 -48.92
C ALA AA 212 -60.02 21.26 -48.50
N VAL AA 213 -61.08 22.04 -48.68
CA VAL AA 213 -62.43 21.65 -48.28
C VAL AA 213 -63.17 21.14 -49.50
N LEU AA 214 -63.68 19.92 -49.41
CA LEU AA 214 -64.46 19.30 -50.47
C LEU AA 214 -65.85 19.02 -49.93
N ASP AA 215 -66.88 19.54 -50.61
CA ASP AA 215 -68.26 19.36 -50.20
C ASP AA 215 -68.91 18.26 -51.02
N ASN AA 216 -69.44 17.25 -50.32
CA ASN AA 216 -70.01 16.07 -50.95
C ASN AA 216 -69.07 15.45 -51.99
N PRO AA 217 -67.86 15.06 -51.59
CA PRO AA 217 -66.90 14.55 -52.58
C PRO AA 217 -66.95 13.04 -52.74
N TYR AA 218 -66.50 12.59 -53.90
CA TYR AA 218 -66.24 11.18 -54.12
C TYR AA 218 -64.86 10.82 -53.60
N ILE AA 219 -64.75 9.61 -53.05
CA ILE AA 219 -63.50 9.13 -52.48
C ILE AA 219 -63.07 7.90 -53.26
N LEU AA 220 -61.85 7.95 -53.81
CA LEU AA 220 -61.29 6.86 -54.60
C LEU AA 220 -60.23 6.15 -53.75
N LEU AA 221 -60.47 4.87 -53.45
CA LEU AA 221 -59.55 4.06 -52.66
C LEU AA 221 -58.72 3.21 -53.61
N HIS AA 222 -57.40 3.37 -53.55
CA HIS AA 222 -56.48 2.61 -54.39
C HIS AA 222 -55.30 2.15 -53.54
N ASP AA 223 -54.90 0.89 -53.71
CA ASP AA 223 -53.81 0.31 -52.94
C ASP AA 223 -52.49 0.32 -53.70
N LYS AA 224 -52.45 0.96 -54.87
CA LYS AA 224 -51.24 1.01 -55.68
C LYS AA 224 -50.97 2.45 -56.08
N LYS AA 225 -49.70 2.72 -56.39
CA LYS AA 225 -49.29 4.06 -56.79
C LYS AA 225 -49.97 4.47 -58.09
N ILE AA 226 -50.35 5.74 -58.17
CA ILE AA 226 -50.95 6.30 -59.37
C ILE AA 226 -49.96 7.30 -59.95
N SER AA 227 -49.44 7.00 -61.12
CA SER AA 227 -48.42 7.84 -61.75
C SER AA 227 -48.79 8.32 -63.14
N ASN AA 228 -49.42 7.46 -63.95
CA ASN AA 228 -49.79 7.83 -65.31
C ASN AA 228 -51.20 8.39 -65.34
N ILE AA 229 -51.44 9.28 -66.31
CA ILE AA 229 -52.76 9.89 -66.45
C ILE AA 229 -53.74 8.93 -67.14
N ARG AA 230 -53.22 7.98 -67.92
CA ARG AA 230 -54.08 7.16 -68.76
C ARG AA 230 -55.07 6.34 -67.94
N ASP AA 231 -54.61 5.71 -66.85
CA ASP AA 231 -55.52 4.89 -66.05
C ASP AA 231 -56.44 5.73 -65.19
N LEU AA 232 -55.97 6.88 -64.72
CA LEU AA 232 -56.79 7.75 -63.89
C LEU AA 232 -57.80 8.56 -64.70
N LEU AA 233 -57.59 8.69 -66.01
CA LEU AA 233 -58.49 9.49 -66.83
C LEU AA 233 -59.93 8.98 -66.84
N PRO AA 234 -60.21 7.67 -67.04
CA PRO AA 234 -61.62 7.25 -67.11
C PRO AA 234 -62.41 7.57 -65.86
N VAL AA 235 -61.82 7.42 -64.67
CA VAL AA 235 -62.56 7.71 -63.45
C VAL AA 235 -62.61 9.21 -63.19
N LEU AA 236 -61.60 9.95 -63.65
CA LEU AA 236 -61.61 11.40 -63.50
C LEU AA 236 -62.75 12.02 -64.29
N GLU AA 237 -63.01 11.50 -65.49
CA GLU AA 237 -64.10 12.02 -66.30
C GLU AA 237 -65.46 11.72 -65.69
N GLN AA 238 -65.60 10.58 -65.01
CA GLN AA 238 -66.88 10.23 -64.41
C GLN AA 238 -67.26 11.20 -63.29
N VAL AA 239 -66.28 11.62 -62.49
CA VAL AA 239 -66.57 12.60 -61.44
C VAL AA 239 -66.62 14.03 -61.96
N ALA AA 240 -66.35 14.24 -63.25
CA ALA AA 240 -66.37 15.58 -63.80
C ALA AA 240 -67.80 16.04 -64.09
N LYS AA 241 -68.52 15.29 -64.93
CA LYS AA 241 -69.88 15.68 -65.28
C LYS AA 241 -70.83 15.59 -64.09
N ALA AA 242 -70.48 14.83 -63.06
CA ALA AA 242 -71.30 14.81 -61.85
C ALA AA 242 -71.20 16.12 -61.08
N GLY AA 243 -70.06 16.81 -61.19
CA GLY AA 243 -69.86 18.07 -60.52
C GLY AA 243 -69.31 17.97 -59.10
N ARG AA 244 -69.32 16.78 -58.52
CA ARG AA 244 -68.82 16.61 -57.17
C ARG AA 244 -67.29 16.52 -57.17
N PRO AA 245 -66.64 16.99 -56.11
CA PRO AA 245 -65.18 16.86 -56.03
C PRO AA 245 -64.77 15.41 -55.84
N LEU AA 246 -63.48 15.15 -56.06
CA LEU AA 246 -62.93 13.82 -55.93
C LEU AA 246 -61.74 13.86 -54.98
N LEU AA 247 -61.72 12.93 -54.02
CA LEU AA 247 -60.59 12.75 -53.12
C LEU AA 247 -59.94 11.43 -53.46
N ILE AA 248 -58.66 11.47 -53.80
CA ILE AA 248 -57.91 10.29 -54.22
C ILE AA 248 -57.02 9.86 -53.07
N ILE AA 249 -57.35 8.73 -52.46
CA ILE AA 249 -56.54 8.15 -51.39
C ILE AA 249 -55.78 6.97 -52.00
N ALA AA 250 -54.50 7.18 -52.28
CA ALA AA 250 -53.65 6.16 -52.88
C ALA AA 250 -52.28 6.22 -52.22
N GLU AA 251 -51.43 5.26 -52.61
CA GLU AA 251 -50.08 5.21 -52.05
C GLU AA 251 -49.28 6.44 -52.44
N ASP AA 252 -49.45 6.93 -53.66
CA ASP AA 252 -48.79 8.14 -54.12
C ASP AA 252 -49.40 8.56 -55.44
N VAL AA 253 -49.49 9.88 -55.64
CA VAL AA 253 -49.91 10.46 -56.90
C VAL AA 253 -48.79 11.37 -57.35
N GLU AA 254 -48.13 11.01 -58.45
CA GLU AA 254 -46.93 11.71 -58.89
C GLU AA 254 -46.91 11.79 -60.41
N GLY AA 255 -46.05 12.65 -60.92
CA GLY AA 255 -45.83 12.73 -62.36
C GLY AA 255 -47.06 13.24 -63.10
N GLU AA 256 -47.45 12.49 -64.13
CA GLU AA 256 -48.55 12.93 -64.98
C GLU AA 256 -49.85 13.01 -64.20
N ALA AA 257 -50.11 12.02 -63.35
CA ALA AA 257 -51.36 12.00 -62.59
C ALA AA 257 -51.45 13.19 -61.65
N LEU AA 258 -50.37 13.47 -60.91
CA LEU AA 258 -50.37 14.61 -59.99
C LEU AA 258 -50.48 15.92 -60.76
N ALA AA 259 -49.73 16.04 -61.86
CA ALA AA 259 -49.75 17.29 -62.64
C ALA AA 259 -51.14 17.56 -63.19
N THR AA 260 -51.81 16.52 -63.69
CA THR AA 260 -53.13 16.71 -64.28
C THR AA 260 -54.13 17.26 -63.27
N LEU AA 261 -54.05 16.76 -62.02
CA LEU AA 261 -54.94 17.26 -60.98
C LEU AA 261 -54.68 18.74 -60.70
N VAL AA 262 -53.41 19.15 -60.68
CA VAL AA 262 -53.07 20.54 -60.43
C VAL AA 262 -53.60 21.44 -61.55
N VAL AA 263 -53.46 21.01 -62.80
CA VAL AA 263 -53.96 21.81 -63.92
C VAL AA 263 -55.47 21.98 -63.82
N ASN AA 264 -56.19 20.88 -63.54
CA ASN AA 264 -57.63 20.96 -63.46
C ASN AA 264 -58.09 21.79 -62.27
N ASN AA 265 -57.29 21.84 -61.20
CA ASN AA 265 -57.65 22.65 -60.05
C ASN AA 265 -57.51 24.14 -60.33
N LEU AA 266 -56.39 24.53 -60.97
CA LEU AA 266 -56.14 25.95 -61.18
C LEU AA 266 -57.16 26.58 -62.11
N ARG AA 267 -57.52 25.89 -63.19
CA ARG AA 267 -58.50 26.43 -64.13
C ARG AA 267 -59.94 26.19 -63.67
N GLY AA 268 -60.14 25.49 -62.56
CA GLY AA 268 -61.48 25.27 -62.04
C GLY AA 268 -62.28 24.24 -62.81
N ILE AA 269 -61.67 23.50 -63.73
CA ILE AA 269 -62.40 22.51 -64.51
C ILE AA 269 -62.93 21.41 -63.61
N LEU AA 270 -62.11 20.93 -62.68
CA LEU AA 270 -62.49 19.82 -61.82
C LEU AA 270 -61.72 19.95 -60.51
N LYS AA 271 -62.44 20.23 -59.43
CA LYS AA 271 -61.83 20.38 -58.12
C LYS AA 271 -61.58 19.01 -57.50
N THR AA 272 -60.38 18.82 -56.98
CA THR AA 272 -60.00 17.53 -56.42
C THR AA 272 -58.86 17.72 -55.43
N CYS AA 273 -58.63 16.69 -54.63
CA CYS AA 273 -57.50 16.63 -53.73
C CYS AA 273 -56.96 15.21 -53.71
N ALA AA 274 -55.65 15.08 -53.55
CA ALA AA 274 -54.99 13.78 -53.52
C ALA AA 274 -54.20 13.67 -52.23
N VAL AA 275 -54.38 12.56 -51.52
CA VAL AA 275 -53.70 12.32 -50.25
C VAL AA 275 -53.02 10.96 -50.30
N LYS AA 276 -51.96 10.82 -49.50
CA LYS AA 276 -51.28 9.55 -49.39
C LYS AA 276 -52.14 8.57 -48.58
N ALA AA 277 -52.06 7.31 -48.93
CA ALA AA 277 -52.82 6.29 -48.20
C ALA AA 277 -52.22 6.13 -46.79
N PRO AA 278 -53.02 6.21 -45.74
CA PRO AA 278 -52.46 6.17 -44.39
C PRO AA 278 -51.88 4.81 -44.04
N GLY AA 279 -50.87 4.83 -43.19
CA GLY AA 279 -50.29 3.62 -42.64
C GLY AA 279 -49.35 2.91 -43.60
N PHE AA 280 -48.57 1.99 -43.03
CA PHE AA 280 -47.61 1.20 -43.77
C PHE AA 280 -47.97 -0.28 -43.65
N GLY AA 281 -47.60 -1.04 -44.68
CA GLY AA 281 -47.82 -2.47 -44.64
C GLY AA 281 -49.28 -2.85 -44.66
N ASP AA 282 -49.59 -3.97 -44.00
CA ASP AA 282 -50.96 -4.46 -43.96
C ASP AA 282 -51.90 -3.53 -43.20
N ARG AA 283 -51.37 -2.73 -42.28
CA ARG AA 283 -52.21 -1.75 -41.58
C ARG AA 283 -52.77 -0.72 -42.55
N ARG AA 284 -52.01 -0.39 -43.59
CA ARG AA 284 -52.51 0.51 -44.63
C ARG AA 284 -53.72 -0.11 -45.35
N LYS AA 285 -53.64 -1.41 -45.65
CA LYS AA 285 -54.76 -2.09 -46.29
C LYS AA 285 -55.97 -2.10 -45.37
N ALA AA 286 -55.76 -2.39 -44.09
CA ALA AA 286 -56.88 -2.53 -43.16
C ALA AA 286 -57.66 -1.21 -43.02
N MET AA 287 -56.93 -0.10 -42.84
CA MET AA 287 -57.62 1.18 -42.73
C MET AA 287 -58.20 1.64 -44.06
N LEU AA 288 -57.57 1.26 -45.18
CA LEU AA 288 -58.15 1.56 -46.47
C LEU AA 288 -59.49 0.86 -46.64
N GLN AA 289 -59.59 -0.39 -46.19
CA GLN AA 289 -60.87 -1.09 -46.22
C GLN AA 289 -61.88 -0.43 -45.29
N ASP AA 290 -61.42 0.03 -44.12
CA ASP AA 290 -62.31 0.70 -43.18
C ASP AA 290 -62.86 1.98 -43.77
N ILE AA 291 -62.03 2.76 -44.47
CA ILE AA 291 -62.50 3.97 -45.12
C ILE AA 291 -63.52 3.61 -46.20
N ALA AA 292 -63.26 2.56 -46.97
CA ALA AA 292 -64.20 2.15 -48.01
C ALA AA 292 -65.54 1.74 -47.41
N ILE AA 293 -65.50 0.98 -46.32
CA ILE AA 293 -66.74 0.59 -45.64
C ILE AA 293 -67.44 1.81 -45.08
N LEU AA 294 -66.68 2.71 -44.44
CA LEU AA 294 -67.28 3.92 -43.88
C LEU AA 294 -67.88 4.81 -44.96
N THR AA 295 -67.16 4.99 -46.07
CA THR AA 295 -67.60 5.87 -47.14
C THR AA 295 -68.54 5.19 -48.13
N GLY AA 296 -68.80 3.89 -47.95
CA GLY AA 296 -69.71 3.19 -48.83
C GLY AA 296 -69.13 2.78 -50.17
N GLY AA 297 -67.82 2.92 -50.36
CA GLY AA 297 -67.17 2.54 -51.59
C GLY AA 297 -66.40 1.24 -51.46
N THR AA 298 -65.63 0.94 -52.51
CA THR AA 298 -64.79 -0.25 -52.55
C THR AA 298 -63.37 0.15 -52.91
N VAL AA 299 -62.41 -0.58 -52.36
CA VAL AA 299 -61.00 -0.34 -52.65
C VAL AA 299 -60.69 -0.85 -54.05
N ILE AA 300 -60.27 0.06 -54.94
CA ILE AA 300 -59.92 -0.32 -56.30
C ILE AA 300 -58.54 -0.97 -56.27
N SER AA 301 -58.50 -2.30 -56.40
CA SER AA 301 -57.25 -3.02 -56.39
C SER AA 301 -57.37 -4.22 -57.32
N GLU AA 302 -56.26 -4.55 -57.98
CA GLU AA 302 -56.24 -5.71 -58.86
C GLU AA 302 -56.25 -7.02 -58.09
N GLU AA 303 -55.99 -6.98 -56.78
CA GLU AA 303 -55.98 -8.19 -55.98
C GLU AA 303 -57.38 -8.70 -55.67
N VAL AA 304 -58.42 -7.87 -55.83
CA VAL AA 304 -59.80 -8.31 -55.70
C VAL AA 304 -60.47 -8.48 -57.06
N GLY AA 305 -59.94 -7.84 -58.10
CA GLY AA 305 -60.52 -7.90 -59.41
C GLY AA 305 -60.95 -6.56 -59.98
N LEU AA 306 -60.95 -5.51 -59.18
CA LEU AA 306 -61.30 -4.18 -59.67
C LEU AA 306 -60.11 -3.51 -60.34
N SER AA 307 -60.39 -2.71 -61.36
CA SER AA 307 -59.37 -2.01 -62.10
C SER AA 307 -59.66 -0.52 -62.10
N LEU AA 308 -58.59 0.27 -62.09
CA LEU AA 308 -58.75 1.73 -62.11
C LEU AA 308 -59.43 2.21 -63.39
N GLU AA 309 -59.07 1.60 -64.52
CA GLU AA 309 -59.68 1.99 -65.78
C GLU AA 309 -61.17 1.65 -65.82
N LYS AA 310 -61.57 0.56 -65.15
CA LYS AA 310 -62.96 0.14 -65.12
C LYS AA 310 -63.70 0.62 -63.88
N ALA AA 311 -63.07 1.45 -63.05
CA ALA AA 311 -63.73 1.95 -61.85
C ALA AA 311 -64.88 2.86 -62.22
N THR AA 312 -66.00 2.69 -61.51
CA THR AA 312 -67.21 3.47 -61.75
C THR AA 312 -67.54 4.31 -60.51
N LEU AA 313 -68.55 5.16 -60.66
CA LEU AA 313 -68.96 6.02 -59.55
C LEU AA 313 -69.52 5.21 -58.39
N GLU AA 314 -70.16 4.08 -58.67
CA GLU AA 314 -70.70 3.25 -57.60
C GLU AA 314 -69.59 2.65 -56.74
N ASP AA 315 -68.43 2.35 -57.34
CA ASP AA 315 -67.31 1.83 -56.57
C ASP AA 315 -66.63 2.89 -55.73
N LEU AA 316 -66.89 4.17 -56.00
CA LEU AA 316 -66.27 5.25 -55.25
C LEU AA 316 -67.03 5.50 -53.95
N GLY AA 317 -66.27 5.77 -52.89
CA GLY AA 317 -66.87 6.16 -51.63
C GLY AA 317 -67.40 7.58 -51.66
N GLN AA 318 -68.32 7.87 -50.75
CA GLN AA 318 -68.93 9.18 -50.66
C GLN AA 318 -68.90 9.67 -49.22
N ALA AA 319 -68.94 10.99 -49.07
CA ALA AA 319 -69.01 11.63 -47.76
C ALA AA 319 -69.69 12.97 -47.91
N LYS AA 320 -70.23 13.47 -46.80
CA LYS AA 320 -70.84 14.81 -46.82
C LYS AA 320 -69.79 15.91 -46.95
N ARG AA 321 -68.65 15.77 -46.29
CA ARG AA 321 -67.62 16.80 -46.37
C ARG AA 321 -66.29 16.19 -45.95
N VAL AA 322 -65.22 16.63 -46.62
CA VAL AA 322 -63.86 16.25 -46.26
C VAL AA 322 -62.97 17.49 -46.36
N GLU AA 323 -62.00 17.57 -45.45
CA GLU AA 323 -61.08 18.69 -45.41
C GLU AA 323 -59.66 18.16 -45.29
N VAL AA 324 -58.77 18.67 -46.13
CA VAL AA 324 -57.37 18.20 -46.17
C VAL AA 324 -56.48 19.37 -45.77
N ALA AA 325 -55.72 19.17 -44.70
CA ALA AA 325 -54.79 20.17 -44.19
C ALA AA 325 -53.39 19.84 -44.65
N LYS AA 326 -52.40 20.57 -44.11
CA LYS AA 326 -51.02 20.37 -44.52
C LYS AA 326 -50.53 18.98 -44.19
N GLU AA 327 -50.90 18.45 -43.02
CA GLU AA 327 -50.40 17.15 -42.58
C GLU AA 327 -51.51 16.21 -42.12
N HIS AA 328 -52.78 16.55 -42.33
CA HIS AA 328 -53.87 15.68 -41.90
C HIS AA 328 -55.10 15.99 -42.74
N THR AA 329 -56.02 15.03 -42.75
CA THR AA 329 -57.32 15.21 -43.39
C THR AA 329 -58.37 14.45 -42.60
N THR AA 330 -59.56 15.03 -42.49
CA THR AA 330 -60.65 14.46 -41.72
C THR AA 330 -61.84 14.21 -42.63
N ILE AA 331 -62.34 12.98 -42.61
CA ILE AA 331 -63.60 12.63 -43.28
C ILE AA 331 -64.71 12.86 -42.27
N ILE AA 332 -65.54 13.88 -42.49
CA ILE AA 332 -66.51 14.28 -41.50
C ILE AA 332 -67.51 13.17 -41.22
N ASP AA 333 -68.03 12.55 -42.28
CA ASP AA 333 -69.02 11.49 -42.12
C ASP AA 333 -69.06 10.65 -43.38
N GLY AA 334 -68.79 9.36 -43.25
CA GLY AA 334 -68.92 8.47 -44.38
C GLY AA 334 -70.37 8.23 -44.76
N ALA AA 335 -70.56 7.85 -46.02
CA ALA AA 335 -71.89 7.58 -46.56
C ALA AA 335 -72.23 6.09 -46.56
N GLY AA 336 -71.42 5.27 -45.89
CA GLY AA 336 -71.67 3.85 -45.87
C GLY AA 336 -72.86 3.47 -45.01
N ASP AA 337 -73.29 2.24 -45.19
CA ASP AA 337 -74.42 1.72 -44.42
C ASP AA 337 -73.99 1.50 -42.98
N PRO AA 338 -74.70 2.08 -42.00
CA PRO AA 338 -74.29 1.91 -40.60
C PRO AA 338 -74.27 0.46 -40.14
N ALA AA 339 -75.12 -0.39 -40.71
CA ALA AA 339 -75.10 -1.80 -40.35
C ALA AA 339 -73.77 -2.45 -40.73
N LYS AA 340 -73.25 -2.12 -41.91
CA LYS AA 340 -71.94 -2.64 -42.30
C LYS AA 340 -70.84 -2.04 -41.43
N ILE AA 341 -70.98 -0.77 -41.05
CA ILE AA 341 -70.00 -0.15 -40.16
C ILE AA 341 -69.98 -0.85 -38.81
N GLN AA 342 -71.16 -1.15 -38.27
CA GLN AA 342 -71.24 -1.87 -37.00
C GLN AA 342 -70.63 -3.26 -37.11
N ALA AA 343 -70.89 -3.94 -38.23
CA ALA AA 343 -70.29 -5.26 -38.44
C ALA AA 343 -68.78 -5.17 -38.51
N ARG AA 344 -68.26 -4.14 -39.20
CA ARG AA 344 -66.81 -3.95 -39.26
C ARG AA 344 -66.23 -3.68 -37.88
N VAL AA 345 -66.92 -2.87 -37.08
CA VAL AA 345 -66.47 -2.61 -35.71
C VAL AA 345 -66.47 -3.90 -34.90
N LYS AA 346 -67.51 -4.72 -35.08
CA LYS AA 346 -67.57 -5.99 -34.35
C LYS AA 346 -66.40 -6.90 -34.71
N GLU AA 347 -66.04 -6.95 -35.99
CA GLU AA 347 -64.92 -7.79 -36.41
C GLU AA 347 -63.62 -7.33 -35.78
N ILE AA 348 -63.38 -6.02 -35.74
CA ILE AA 348 -62.15 -5.51 -35.13
C ILE AA 348 -62.15 -5.79 -33.63
N ARG AA 349 -63.30 -5.63 -32.97
CA ARG AA 349 -63.38 -5.91 -31.55
C ARG AA 349 -63.09 -7.38 -31.26
N VAL AA 350 -63.59 -8.28 -32.11
CA VAL AA 350 -63.27 -9.70 -31.96
C VAL AA 350 -61.77 -9.92 -32.13
N GLN AA 351 -61.17 -9.27 -33.12
CA GLN AA 351 -59.74 -9.40 -33.35
C GLN AA 351 -58.93 -8.77 -32.22
N ILE AA 352 -59.51 -7.79 -31.52
CA ILE AA 352 -58.80 -7.15 -30.41
C ILE AA 352 -58.45 -8.17 -29.34
N GLU AA 353 -59.37 -9.09 -29.04
CA GLU AA 353 -59.12 -10.10 -28.02
C GLU AA 353 -57.98 -11.04 -28.41
N GLU AA 354 -57.64 -11.12 -29.69
CA GLU AA 354 -56.59 -12.01 -30.16
C GLU AA 354 -55.23 -11.31 -30.29
N ALA AA 355 -55.20 -9.99 -30.20
CA ALA AA 355 -53.96 -9.26 -30.36
C ALA AA 355 -52.96 -9.62 -29.28
N THR AA 356 -51.68 -9.61 -29.63
CA THR AA 356 -50.60 -9.94 -28.70
C THR AA 356 -49.76 -8.74 -28.32
N SER AA 357 -49.28 -7.97 -29.31
CA SER AA 357 -48.42 -6.83 -29.02
C SER AA 357 -49.20 -5.71 -28.35
N ASP AA 358 -48.49 -4.91 -27.55
CA ASP AA 358 -49.13 -3.80 -26.85
C ASP AA 358 -49.57 -2.71 -27.82
N TYR AA 359 -48.84 -2.54 -28.92
CA TYR AA 359 -49.26 -1.58 -29.93
C TYR AA 359 -50.33 -2.17 -30.85
N ASP AA 360 -50.56 -3.48 -30.76
CA ASP AA 360 -51.53 -4.12 -31.65
C ASP AA 360 -52.96 -3.69 -31.32
N ARG AA 361 -53.36 -3.78 -30.04
CA ARG AA 361 -54.72 -3.38 -29.70
C ARG AA 361 -54.85 -1.86 -29.71
N GLU AA 362 -53.78 -1.15 -29.37
CA GLU AA 362 -53.81 0.31 -29.36
C GLU AA 362 -54.14 0.85 -30.76
N LYS AA 363 -53.52 0.28 -31.79
CA LYS AA 363 -53.87 0.64 -33.15
C LYS AA 363 -55.23 0.08 -33.55
N LEU AA 364 -55.58 -1.10 -33.05
CA LEU AA 364 -56.92 -1.64 -33.31
C LEU AA 364 -57.99 -0.79 -32.65
N GLN AA 365 -57.74 -0.34 -31.43
CA GLN AA 365 -58.70 0.53 -30.75
C GLN AA 365 -58.85 1.86 -31.47
N GLU AA 366 -57.75 2.42 -31.95
CA GLU AA 366 -57.82 3.67 -32.69
C GLU AA 366 -58.57 3.50 -34.02
N ARG AA 367 -58.50 2.30 -34.61
CA ARG AA 367 -59.32 2.02 -35.78
C ARG AA 367 -60.81 2.02 -35.43
N VAL AA 368 -61.16 1.43 -34.28
CA VAL AA 368 -62.54 1.43 -33.83
C VAL AA 368 -62.99 2.85 -33.53
N ALA AA 369 -62.11 3.65 -32.90
CA ALA AA 369 -62.45 5.04 -32.60
C ALA AA 369 -62.68 5.83 -33.88
N LYS AA 370 -61.85 5.61 -34.90
CA LYS AA 370 -62.04 6.30 -36.17
C LYS AA 370 -63.34 5.88 -36.85
N LEU AA 371 -63.78 4.64 -36.62
CA LEU AA 371 -64.98 4.14 -37.29
C LEU AA 371 -66.25 4.56 -36.56
N ALA AA 372 -66.40 4.15 -35.30
CA ALA AA 372 -67.64 4.33 -34.55
C ALA AA 372 -67.36 5.01 -33.22
N GLY AA 373 -66.60 6.09 -33.26
CA GLY AA 373 -66.32 6.85 -32.05
C GLY AA 373 -65.60 8.15 -32.31
N GLY AA 374 -64.64 8.47 -31.46
CA GLY AA 374 -63.82 9.66 -31.63
C GLY AA 374 -62.49 9.49 -30.97
N VAL AA 375 -61.58 10.42 -31.26
CA VAL AA 375 -60.26 10.44 -30.68
C VAL AA 375 -60.11 11.75 -29.94
N ALA AA 376 -59.90 11.67 -28.62
CA ALA AA 376 -59.68 12.84 -27.80
C ALA AA 376 -58.21 12.93 -27.43
N VAL AA 377 -57.67 14.15 -27.45
CA VAL AA 377 -56.29 14.41 -27.07
C VAL AA 377 -56.30 15.42 -25.94
N ILE AA 378 -55.76 15.03 -24.80
CA ILE AA 378 -55.61 15.91 -23.65
C ILE AA 378 -54.19 16.46 -23.69
N LYS AA 379 -54.06 17.75 -23.99
CA LYS AA 379 -52.76 18.40 -24.01
C LYS AA 379 -52.51 19.00 -22.63
N VAL AA 380 -51.54 18.45 -21.92
CA VAL AA 380 -51.25 18.86 -20.56
C VAL AA 380 -50.49 20.18 -20.58
N GLY AA 381 -50.95 21.14 -19.79
CA GLY AA 381 -50.31 22.44 -19.70
C GLY AA 381 -49.42 22.52 -18.48
N ALA AA 382 -48.16 22.91 -18.72
CA ALA AA 382 -47.21 23.08 -17.64
C ALA AA 382 -46.15 24.08 -18.07
N ALA AA 383 -45.60 24.79 -17.10
CA ALA AA 383 -44.59 25.81 -17.40
C ALA AA 383 -43.25 25.18 -17.76
N THR AA 384 -42.96 23.99 -17.26
CA THR AA 384 -41.68 23.35 -17.47
C THR AA 384 -41.89 21.86 -17.72
N GLU AA 385 -41.00 21.26 -18.52
CA GLU AA 385 -41.16 19.85 -18.85
C GLU AA 385 -40.89 18.91 -17.68
N VAL AA 386 -40.18 19.35 -16.65
CA VAL AA 386 -40.10 18.54 -15.44
C VAL AA 386 -41.47 18.47 -14.76
N GLU AA 387 -42.17 19.62 -14.73
CA GLU AA 387 -43.55 19.62 -14.26
C GLU AA 387 -44.49 18.98 -15.27
N MET AA 388 -44.20 19.11 -16.55
CA MET AA 388 -45.02 18.49 -17.58
C MET AA 388 -45.00 16.97 -17.45
N LYS AA 389 -43.82 16.39 -17.21
CA LYS AA 389 -43.72 14.95 -17.05
C LYS AA 389 -44.47 14.49 -15.80
N GLU AA 390 -44.40 15.26 -14.73
CA GLU AA 390 -45.15 14.92 -13.52
C GLU AA 390 -46.65 14.98 -13.76
N LYS AA 391 -47.12 16.02 -14.45
CA LYS AA 391 -48.55 16.16 -14.71
C LYS AA 391 -49.03 15.09 -15.68
N LYS AA 392 -48.23 14.79 -16.71
CA LYS AA 392 -48.64 13.77 -17.68
C LYS AA 392 -48.81 12.42 -17.01
N ALA AA 393 -47.91 12.08 -16.09
CA ALA AA 393 -48.05 10.82 -15.36
C ALA AA 393 -49.33 10.80 -14.53
N ARG AA 394 -49.67 11.92 -13.91
CA ARG AA 394 -50.92 11.99 -13.15
C ARG AA 394 -52.13 11.90 -14.07
N VAL AA 395 -52.08 12.57 -15.22
CA VAL AA 395 -53.19 12.48 -16.17
C VAL AA 395 -53.33 11.06 -16.71
N GLU AA 396 -52.20 10.43 -17.04
CA GLU AA 396 -52.24 9.05 -17.51
C GLU AA 396 -52.75 8.11 -16.42
N ASP AA 397 -52.36 8.34 -15.17
CA ASP AA 397 -52.88 7.54 -14.08
C ASP AA 397 -54.38 7.72 -13.92
N ALA AA 398 -54.86 8.96 -14.06
CA ALA AA 398 -56.29 9.21 -13.94
C ALA AA 398 -57.06 8.60 -15.11
N LEU AA 399 -56.46 8.59 -16.29
CA LEU AA 399 -57.09 7.94 -17.44
C LEU AA 399 -57.22 6.44 -17.23
N HIS AA 400 -56.17 5.81 -16.71
CA HIS AA 400 -56.21 4.38 -16.46
C HIS AA 400 -57.25 4.03 -15.40
N ALA AA 401 -57.31 4.83 -14.33
CA ALA AA 401 -58.26 4.56 -13.25
C ALA AA 401 -59.70 4.73 -13.72
N THR AA 402 -59.97 5.77 -14.50
CA THR AA 402 -61.33 6.00 -14.99
C THR AA 402 -61.75 4.92 -15.97
N ARG AA 403 -60.80 4.41 -16.77
CA ARG AA 403 -61.09 3.27 -17.62
C ARG AA 403 -61.41 2.03 -16.79
N ALA AA 404 -60.66 1.82 -15.71
CA ALA AA 404 -60.94 0.70 -14.83
C ALA AA 404 -62.24 0.89 -14.07
N ALA AA 405 -62.66 2.13 -13.86
CA ALA AA 405 -63.90 2.39 -13.15
C ALA AA 405 -65.12 1.98 -13.98
N VAL AA 406 -65.11 2.29 -15.27
CA VAL AA 406 -66.23 1.90 -16.12
C VAL AA 406 -66.24 0.42 -16.42
N GLU AA 407 -65.10 -0.26 -16.20
CA GLU AA 407 -65.03 -1.69 -16.49
C GLU AA 407 -65.63 -2.52 -15.37
N GLU AA 408 -65.12 -2.37 -14.15
CA GLU AA 408 -65.50 -3.23 -13.05
C GLU AA 408 -66.25 -2.52 -11.93
N GLY AA 409 -66.33 -1.20 -11.95
CA GLY AA 409 -67.05 -0.45 -10.94
C GLY AA 409 -66.11 0.30 -10.02
N ILE AA 410 -66.70 0.89 -8.99
CA ILE AA 410 -65.96 1.72 -8.03
C ILE AA 410 -66.25 1.23 -6.62
N VAL AA 411 -65.25 1.44 -5.76
CA VAL AA 411 -65.35 1.12 -4.33
C VAL AA 411 -64.87 2.31 -3.53
N PRO AA 412 -65.28 2.40 -2.26
CA PRO AA 412 -64.77 3.49 -1.41
C PRO AA 412 -63.25 3.46 -1.32
N GLY AA 413 -62.64 4.63 -1.38
CA GLY AA 413 -61.20 4.75 -1.41
C GLY AA 413 -60.60 4.81 -0.02
N GLY AA 414 -59.33 5.18 0.03
CA GLY AA 414 -58.63 5.30 1.28
C GLY AA 414 -58.37 4.00 2.00
N GLY AA 415 -58.35 2.89 1.27
CA GLY AA 415 -58.18 1.59 1.90
C GLY AA 415 -59.40 1.05 2.58
N VAL AA 416 -60.53 1.74 2.50
CA VAL AA 416 -61.75 1.28 3.15
C VAL AA 416 -62.28 0.02 2.47
N ALA AA 417 -62.16 -0.06 1.15
CA ALA AA 417 -62.71 -1.19 0.41
C ALA AA 417 -62.09 -2.50 0.87
N LEU AA 418 -60.77 -2.53 1.08
CA LEU AA 418 -60.12 -3.75 1.56
C LEU AA 418 -60.59 -4.09 2.97
N LEU AA 419 -60.78 -3.07 3.81
CA LEU AA 419 -61.26 -3.33 5.16
C LEU AA 419 -62.69 -3.85 5.17
N ARG AA 420 -63.56 -3.25 4.35
CA ARG AA 420 -64.94 -3.72 4.27
C ARG AA 420 -65.00 -5.13 3.69
N ALA AA 421 -64.20 -5.40 2.67
CA ALA AA 421 -64.17 -6.74 2.09
C ALA AA 421 -63.63 -7.76 3.09
N ARG AA 422 -62.65 -7.37 3.88
CA ARG AA 422 -62.10 -8.27 4.89
C ARG AA 422 -63.16 -8.65 5.93
N GLU AA 423 -63.91 -7.67 6.41
CA GLU AA 423 -64.93 -7.95 7.42
C GLU AA 423 -66.03 -8.83 6.86
N ALA AA 424 -66.43 -8.59 5.60
CA ALA AA 424 -67.43 -9.43 4.97
C ALA AA 424 -66.92 -10.86 4.79
N ALA AA 425 -65.65 -11.01 4.39
CA ALA AA 425 -65.09 -12.34 4.19
C ALA AA 425 -65.01 -13.11 5.50
N VAL AA 426 -64.59 -12.44 6.57
CA VAL AA 426 -64.52 -13.10 7.87
C VAL AA 426 -65.92 -13.49 8.35
N ALA AA 427 -66.88 -12.60 8.19
CA ALA AA 427 -68.26 -12.90 8.59
C ALA AA 427 -68.84 -14.06 7.78
N LYS AA 428 -68.42 -14.20 6.53
CA LYS AA 428 -68.90 -15.30 5.69
C LYS AA 428 -68.40 -16.65 6.18
N GLY AA 429 -67.30 -16.68 6.93
CA GLY AA 429 -66.79 -17.94 7.45
C GLY AA 429 -65.50 -18.40 6.80
N LEU AA 430 -64.61 -17.47 6.50
CA LEU AA 430 -63.33 -17.81 5.92
C LEU AA 430 -62.47 -18.58 6.91
N LYS AA 431 -61.97 -19.74 6.49
CA LYS AA 431 -61.17 -20.58 7.36
C LYS AA 431 -60.26 -21.48 6.52
N GLY AA 432 -59.22 -21.99 7.16
CA GLY AA 432 -58.25 -22.84 6.51
C GLY AA 432 -58.35 -24.28 6.98
N ASP AA 433 -57.62 -25.15 6.27
CA ASP AA 433 -57.66 -26.59 6.56
C ASP AA 433 -56.85 -26.93 7.80
N ASN AA 434 -55.71 -26.28 8.00
CA ASN AA 434 -54.82 -26.54 9.12
C ASN AA 434 -54.41 -25.23 9.75
N PRO AA 435 -53.91 -25.25 10.99
CA PRO AA 435 -53.55 -23.99 11.66
C PRO AA 435 -52.52 -23.17 10.91
N ASP AA 436 -51.64 -23.80 10.13
CA ASP AA 436 -50.72 -23.03 9.30
C ASP AA 436 -51.47 -22.25 8.22
N GLN AA 437 -52.49 -22.87 7.64
CA GLN AA 437 -53.31 -22.14 6.67
C GLN AA 437 -54.14 -21.05 7.35
N GLU AA 438 -54.57 -21.28 8.59
CA GLU AA 438 -55.25 -20.24 9.34
C GLU AA 438 -54.34 -19.06 9.59
N ALA AA 439 -53.07 -19.32 9.88
CA ALA AA 439 -52.10 -18.24 10.04
C ALA AA 439 -51.91 -17.49 8.73
N GLY AA 440 -51.90 -18.20 7.60
CA GLY AA 440 -51.82 -17.55 6.32
C GLY AA 440 -52.99 -16.62 6.06
N ILE AA 441 -54.18 -17.03 6.51
CA ILE AA 441 -55.34 -16.16 6.40
C ILE AA 441 -55.16 -14.93 7.26
N LYS AA 442 -54.67 -15.10 8.49
CA LYS AA 442 -54.46 -13.97 9.38
C LYS AA 442 -53.40 -13.01 8.83
N ILE AA 443 -52.50 -13.51 7.98
CA ILE AA 443 -51.53 -12.64 7.32
C ILE AA 443 -52.24 -11.65 6.42
N VAL AA 444 -53.19 -12.14 5.61
CA VAL AA 444 -53.89 -11.27 4.67
C VAL AA 444 -54.82 -10.32 5.41
N LEU AA 445 -55.45 -10.78 6.49
CA LEU AA 445 -56.36 -9.93 7.25
C LEU AA 445 -55.63 -8.72 7.83
N ARG AA 446 -54.42 -8.93 8.33
CA ARG AA 446 -53.64 -7.80 8.83
C ARG AA 446 -53.06 -6.98 7.68
N ALA AA 447 -52.70 -7.63 6.58
CA ALA AA 447 -52.03 -6.93 5.49
C ALA AA 447 -52.95 -5.92 4.81
N VAL AA 448 -54.24 -6.23 4.66
CA VAL AA 448 -55.15 -5.33 3.98
C VAL AA 448 -55.37 -4.02 4.72
N GLU AA 449 -55.01 -3.97 6.00
CA GLU AA 449 -55.05 -2.71 6.74
C GLU AA 449 -53.91 -1.77 6.36
N GLN AA 450 -52.85 -2.29 5.75
CA GLN AA 450 -51.68 -1.48 5.49
C GLN AA 450 -51.92 -0.30 4.56
N PRO AA 451 -52.66 -0.42 3.45
CA PRO AA 451 -52.88 0.77 2.60
C PRO AA 451 -53.48 1.95 3.36
N LEU AA 452 -54.45 1.69 4.25
CA LEU AA 452 -55.00 2.77 5.06
C LEU AA 452 -53.97 3.27 6.08
N ARG AA 453 -53.20 2.35 6.66
CA ARG AA 453 -52.20 2.75 7.65
C ARG AA 453 -51.14 3.65 7.04
N GLU AA 454 -50.67 3.32 5.83
CA GLU AA 454 -49.62 4.13 5.21
C GLU AA 454 -50.17 5.45 4.67
N ILE AA 455 -51.44 5.46 4.24
CA ILE AA 455 -52.06 6.72 3.85
C ILE AA 455 -52.16 7.65 5.06
N VAL AA 456 -52.58 7.12 6.19
CA VAL AA 456 -52.70 7.91 7.40
C VAL AA 456 -51.32 8.33 7.92
N ALA AA 457 -50.35 7.42 7.86
CA ALA AA 457 -49.00 7.73 8.33
C ALA AA 457 -48.38 8.85 7.50
N ASN AA 458 -48.59 8.83 6.19
CA ASN AA 458 -48.12 9.93 5.35
C ASN AA 458 -48.84 11.23 5.69
N ALA AA 459 -50.12 11.15 6.05
CA ALA AA 459 -50.87 12.32 6.48
C ALA AA 459 -50.44 12.84 7.84
N GLY AA 460 -49.63 12.08 8.59
CA GLY AA 460 -49.13 12.52 9.87
C GLY AA 460 -49.97 12.14 11.07
N GLU AA 461 -51.01 11.34 10.90
CA GLU AA 461 -51.85 10.92 12.00
C GLU AA 461 -51.41 9.55 12.51
N GLU AA 462 -52.15 9.02 13.48
CA GLU AA 462 -51.82 7.73 14.08
C GLU AA 462 -52.56 6.63 13.33
N PRO AA 463 -51.85 5.75 12.60
CA PRO AA 463 -52.56 4.75 11.79
C PRO AA 463 -53.44 3.81 12.59
N SER AA 464 -53.02 3.40 13.78
CA SER AA 464 -53.78 2.41 14.54
C SER AA 464 -55.09 2.98 15.05
N VAL AA 465 -55.09 4.25 15.47
CA VAL AA 465 -56.33 4.87 15.95
C VAL AA 465 -57.32 5.05 14.80
N ILE AA 466 -56.83 5.52 13.65
CA ILE AA 466 -57.71 5.74 12.50
C ILE AA 466 -58.28 4.42 12.01
N VAL AA 467 -57.44 3.39 11.93
CA VAL AA 467 -57.90 2.09 11.43
C VAL AA 467 -58.98 1.52 12.34
N ALA AA 468 -58.80 1.65 13.66
CA ALA AA 468 -59.80 1.16 14.59
C ALA AA 468 -61.12 1.89 14.43
N LYS AA 469 -61.08 3.20 14.22
CA LYS AA 469 -62.31 3.96 14.02
C LYS AA 469 -63.01 3.57 12.73
N VAL AA 470 -62.23 3.35 11.66
CA VAL AA 470 -62.82 2.96 10.38
C VAL AA 470 -63.46 1.58 10.50
N LEU AA 471 -62.81 0.66 11.20
CA LEU AA 471 -63.38 -0.67 11.39
C LEU AA 471 -64.66 -0.62 12.22
N GLU AA 472 -64.76 0.34 13.14
CA GLU AA 472 -66.00 0.50 13.89
C GLU AA 472 -67.15 0.90 12.98
N GLY AA 473 -66.88 1.74 12.00
CA GLY AA 473 -67.92 2.16 11.07
C GLY AA 473 -68.29 1.06 10.11
N LYS AA 474 -69.36 1.31 9.35
CA LYS AA 474 -69.89 0.34 8.41
C LYS AA 474 -70.16 1.03 7.07
N GLY AA 475 -70.14 0.23 6.01
CA GLY AA 475 -70.48 0.76 4.71
C GLY AA 475 -69.33 1.56 4.11
N ASN AA 476 -69.66 2.74 3.59
CA ASN AA 476 -68.68 3.61 2.95
C ASN AA 476 -67.99 4.53 3.93
N TYR AA 477 -68.26 4.39 5.23
CA TYR AA 477 -67.60 5.21 6.23
C TYR AA 477 -66.10 5.02 6.17
N GLY AA 478 -65.37 6.14 6.19
CA GLY AA 478 -63.94 6.08 6.07
C GLY AA 478 -63.30 7.37 6.53
N TYR AA 479 -61.99 7.46 6.32
CA TYR AA 479 -61.20 8.59 6.77
C TYR AA 479 -60.66 9.33 5.56
N ASN AA 480 -60.94 10.63 5.49
CA ASN AA 480 -60.43 11.49 4.43
C ASN AA 480 -59.08 12.05 4.87
N ALA AA 481 -58.00 11.52 4.31
CA ALA AA 481 -56.67 11.97 4.70
C ALA AA 481 -56.39 13.39 4.22
N ALA AA 482 -57.06 13.83 3.15
CA ALA AA 482 -56.86 15.19 2.68
C ALA AA 482 -57.36 16.21 3.69
N THR AA 483 -58.51 15.96 4.29
CA THR AA 483 -59.10 16.90 5.25
C THR AA 483 -58.98 16.44 6.69
N GLY AA 484 -58.54 15.20 6.93
CA GLY AA 484 -58.45 14.69 8.29
C GLY AA 484 -59.80 14.54 8.97
N GLU AA 485 -60.81 14.12 8.23
CA GLU AA 485 -62.16 13.98 8.77
C GLU AA 485 -62.72 12.62 8.38
N PHE AA 486 -63.64 12.13 9.21
CA PHE AA 486 -64.33 10.88 8.94
C PHE AA 486 -65.67 11.17 8.27
N GLY AA 487 -66.07 10.27 7.38
CA GLY AA 487 -67.37 10.44 6.73
C GLY AA 487 -67.56 9.38 5.66
N ASP AA 488 -68.68 9.50 4.96
CA ASP AA 488 -69.02 8.60 3.86
C ASP AA 488 -68.08 8.87 2.69
N MET AA 489 -67.23 7.89 2.36
CA MET AA 489 -66.18 8.11 1.37
C MET AA 489 -66.75 8.45 0.01
N ILE AA 490 -67.91 7.89 -0.32
CA ILE AA 490 -68.53 8.16 -1.61
C ILE AA 490 -69.01 9.61 -1.69
N GLU AA 491 -69.60 10.11 -0.61
CA GLU AA 491 -70.11 11.49 -0.61
C GLU AA 491 -68.97 12.49 -0.74
N MET AA 492 -67.85 12.26 -0.04
CA MET AA 492 -66.71 13.15 -0.13
C MET AA 492 -65.86 12.90 -1.37
N GLY AA 493 -66.25 11.97 -2.23
CA GLY AA 493 -65.60 11.79 -3.51
C GLY AA 493 -64.35 10.93 -3.50
N VAL AA 494 -64.01 10.30 -2.39
CA VAL AA 494 -62.84 9.43 -2.35
C VAL AA 494 -63.25 8.08 -2.91
N LEU AA 495 -63.07 7.90 -4.21
CA LEU AA 495 -63.50 6.72 -4.93
C LEU AA 495 -62.29 6.00 -5.51
N ASP AA 496 -62.36 4.67 -5.51
CA ASP AA 496 -61.32 3.86 -6.12
C ASP AA 496 -61.93 2.86 -7.07
N PRO AA 497 -61.28 2.61 -8.20
CA PRO AA 497 -61.74 1.54 -9.10
C PRO AA 497 -61.55 0.17 -8.44
N THR AA 498 -62.61 -0.64 -8.44
CA THR AA 498 -62.50 -1.94 -7.80
C THR AA 498 -61.55 -2.87 -8.54
N LYS AA 499 -61.34 -2.61 -9.84
CA LYS AA 499 -60.35 -3.37 -10.58
C LYS AA 499 -58.94 -3.08 -10.08
N VAL AA 500 -58.66 -1.81 -9.78
CA VAL AA 500 -57.35 -1.44 -9.26
C VAL AA 500 -57.12 -2.07 -7.89
N THR AA 501 -58.14 -2.01 -7.02
CA THR AA 501 -58.01 -2.60 -5.69
C THR AA 501 -57.85 -4.11 -5.77
N ARG AA 502 -58.65 -4.76 -6.62
CA ARG AA 502 -58.54 -6.21 -6.77
C ARG AA 502 -57.20 -6.62 -7.36
N SER AA 503 -56.74 -5.89 -8.38
CA SER AA 503 -55.47 -6.23 -9.01
C SER AA 503 -54.30 -6.04 -8.05
N ALA AA 504 -54.34 -4.98 -7.25
CA ALA AA 504 -53.25 -4.73 -6.31
C ALA AA 504 -53.14 -5.85 -5.29
N LEU AA 505 -54.27 -6.31 -4.77
CA LEU AA 505 -54.25 -7.36 -3.76
C LEU AA 505 -53.81 -8.70 -4.35
N GLN AA 506 -54.31 -9.03 -5.53
CA GLN AA 506 -53.98 -10.32 -6.14
C GLN AA 506 -52.51 -10.38 -6.54
N ASN AA 507 -51.99 -9.30 -7.12
CA ASN AA 507 -50.58 -9.29 -7.50
C ASN AA 507 -49.67 -9.32 -6.28
N ALA AA 508 -50.03 -8.57 -5.23
CA ALA AA 508 -49.21 -8.56 -4.03
C ALA AA 508 -49.18 -9.92 -3.35
N ALA AA 509 -50.34 -10.58 -3.29
CA ALA AA 509 -50.41 -11.88 -2.61
C ALA AA 509 -49.60 -12.94 -3.34
N SER AA 510 -49.66 -12.94 -4.68
CA SER AA 510 -48.97 -13.97 -5.45
C SER AA 510 -47.47 -13.90 -5.25
N VAL AA 511 -46.90 -12.69 -5.23
CA VAL AA 511 -45.46 -12.57 -5.07
C VAL AA 511 -45.04 -12.73 -3.61
N ALA AA 512 -45.71 -12.02 -2.71
CA ALA AA 512 -45.32 -12.07 -1.31
C ALA AA 512 -45.55 -13.46 -0.71
N GLY AA 513 -46.55 -14.18 -1.21
CA GLY AA 513 -46.73 -15.56 -0.77
C GLY AA 513 -45.56 -16.44 -1.16
N LEU AA 514 -44.98 -16.22 -2.33
CA LEU AA 514 -43.82 -16.99 -2.77
C LEU AA 514 -42.58 -16.63 -1.95
N MET AA 515 -42.44 -15.37 -1.57
CA MET AA 515 -41.27 -14.96 -0.80
C MET AA 515 -41.27 -15.56 0.60
N LEU AA 516 -42.44 -15.92 1.12
CA LEU AA 516 -42.48 -16.58 2.42
C LEU AA 516 -41.92 -17.98 2.36
N THR AA 517 -42.05 -18.65 1.21
CA THR AA 517 -41.58 -20.02 1.02
C THR AA 517 -40.10 -20.10 0.69
N THR AA 518 -39.34 -19.03 0.89
CA THR AA 518 -37.93 -19.00 0.56
C THR AA 518 -37.10 -19.60 1.69
N GLU AA 519 -36.27 -20.57 1.34
CA GLU AA 519 -35.34 -21.19 2.27
C GLU AA 519 -33.89 -21.02 1.86
N CYS AA 520 -33.58 -21.19 0.58
CA CYS AA 520 -32.24 -21.01 0.06
C CYS AA 520 -32.28 -19.93 -1.01
N MET AA 521 -31.18 -19.19 -1.13
CA MET AA 521 -31.13 -18.00 -1.98
C MET AA 521 -29.76 -17.95 -2.65
N ILE AA 522 -29.74 -18.05 -3.97
CA ILE AA 522 -28.52 -18.20 -4.74
C ILE AA 522 -28.33 -16.96 -5.61
N ALA AA 523 -27.15 -16.33 -5.50
CA ALA AA 523 -26.82 -15.17 -6.29
C ALA AA 523 -25.34 -15.23 -6.64
N GLU AA 524 -24.95 -14.49 -7.67
CA GLU AA 524 -23.55 -14.45 -8.06
C GLU AA 524 -22.70 -13.83 -6.94
N ALA AA 525 -21.54 -14.42 -6.70
CA ALA AA 525 -20.65 -13.92 -5.67
C ALA AA 525 -20.03 -12.60 -6.09
N PRO AA 526 -19.65 -11.75 -5.14
CA PRO AA 526 -18.99 -10.48 -5.49
C PRO AA 526 -17.64 -10.71 -6.13
N LYS AA 527 -17.17 -9.70 -6.85
CA LYS AA 527 -15.93 -9.77 -7.61
C LYS AA 527 -14.71 -9.45 -6.77
N ASP AA 528 -14.79 -9.61 -5.46
CA ASP AA 528 -13.67 -9.38 -4.54
C ASP AA 528 -13.13 -7.96 -4.62
N LYS BA 1 -41.98 24.77 -99.87
CA LYS BA 1 -40.65 24.94 -99.28
C LYS BA 1 -39.85 23.64 -99.34
N LEU BA 2 -40.49 22.55 -98.96
CA LEU BA 2 -39.85 21.23 -98.93
C LEU BA 2 -40.50 20.32 -99.96
N ARG BA 3 -39.68 19.70 -100.80
CA ARG BA 3 -40.17 18.78 -101.83
C ARG BA 3 -39.55 17.41 -101.62
N PRO BA 4 -40.31 16.40 -101.22
CA PRO BA 4 -39.75 15.09 -100.96
C PRO BA 4 -39.37 14.38 -102.26
N LEU BA 5 -38.63 13.29 -102.10
CA LEU BA 5 -38.11 12.52 -103.22
C LEU BA 5 -38.59 11.07 -103.14
N HIS BA 6 -39.02 10.55 -104.29
CA HIS BA 6 -39.38 9.13 -104.46
C HIS BA 6 -40.56 8.83 -103.55
N ASP BA 7 -40.44 7.91 -102.59
CA ASP BA 7 -41.55 7.45 -101.76
C ASP BA 7 -41.74 8.27 -100.51
N ARG BA 8 -40.98 9.35 -100.33
CA ARG BA 8 -41.02 10.10 -99.08
C ARG BA 8 -42.27 10.98 -99.00
N VAL BA 9 -42.80 11.09 -97.80
CA VAL BA 9 -43.94 11.95 -97.49
C VAL BA 9 -43.60 12.79 -96.28
N VAL BA 10 -43.86 14.10 -96.36
CA VAL BA 10 -43.62 15.03 -95.27
C VAL BA 10 -44.94 15.23 -94.53
N VAL BA 11 -44.92 15.01 -93.22
CA VAL BA 11 -46.10 15.12 -92.39
C VAL BA 11 -45.81 16.05 -91.22
N LYS BA 12 -46.79 16.86 -90.86
CA LYS BA 12 -46.75 17.65 -89.63
C LYS BA 12 -47.59 16.91 -88.60
N ARG BA 13 -46.92 16.36 -87.58
CA ARG BA 13 -47.63 15.60 -86.55
C ARG BA 13 -48.54 16.54 -85.77
N ILE BA 14 -49.80 16.14 -85.62
CA ILE BA 14 -50.79 17.01 -85.01
C ILE BA 14 -50.51 17.15 -83.52
N GLU BA 15 -50.95 18.28 -82.96
CA GLU BA 15 -50.75 18.56 -81.53
C GLU BA 15 -51.55 17.60 -80.66
N ALA BA 16 -50.96 17.22 -79.53
CA ALA BA 16 -51.61 16.30 -78.61
C ALA BA 16 -52.76 16.99 -77.91
N GLU BA 17 -53.92 16.32 -77.89
CA GLU BA 17 -55.15 16.98 -77.44
C GLU BA 17 -55.03 17.50 -76.02
N ARG BA 18 -55.57 18.69 -75.79
CA ARG BA 18 -55.49 19.35 -74.50
C ARG BA 18 -56.74 19.19 -73.66
N LYS BA 19 -57.91 19.19 -74.27
CA LYS BA 19 -59.17 18.98 -73.57
C LYS BA 19 -59.63 17.53 -73.76
N THR BA 20 -60.81 17.22 -73.23
CA THR BA 20 -61.42 15.92 -73.38
C THR BA 20 -62.90 16.05 -73.67
N ALA BA 21 -63.63 14.93 -73.63
CA ALA BA 21 -65.07 15.00 -73.85
C ALA BA 21 -65.77 15.81 -72.76
N SER BA 22 -65.35 15.62 -71.50
CA SER BA 22 -65.92 16.36 -70.38
C SER BA 22 -65.13 17.61 -70.03
N GLY BA 23 -64.02 17.88 -70.74
CA GLY BA 23 -63.28 19.11 -70.58
C GLY BA 23 -62.06 19.05 -69.70
N ILE BA 24 -61.64 17.85 -69.27
CA ILE BA 24 -60.45 17.76 -68.43
C ILE BA 24 -59.23 18.20 -69.23
N VAL BA 25 -58.45 19.10 -68.65
CA VAL BA 25 -57.27 19.64 -69.31
C VAL BA 25 -56.08 18.77 -68.97
N ILE BA 26 -55.43 18.23 -70.00
CA ILE BA 26 -54.24 17.40 -69.84
C ILE BA 26 -53.02 18.27 -70.08
N PRO BA 27 -52.05 18.29 -69.17
CA PRO BA 27 -50.81 19.06 -69.42
C PRO BA 27 -50.02 18.45 -70.56
N ASP BA 28 -49.24 19.31 -71.22
CA ASP BA 28 -48.47 18.87 -72.39
C ASP BA 28 -47.49 17.77 -72.04
N THR BA 29 -46.93 17.80 -70.83
CA THR BA 29 -46.03 16.74 -70.40
C THR BA 29 -46.75 15.40 -70.31
N ALA BA 30 -47.97 15.41 -69.75
CA ALA BA 30 -48.73 14.17 -69.60
C ALA BA 30 -49.30 13.68 -70.91
N GLY BA 31 -49.72 14.59 -71.79
CA GLY BA 31 -50.35 14.22 -73.04
C GLY BA 31 -49.47 13.39 -73.94
N GLU BA 32 -49.94 12.19 -74.32
CA GLU BA 32 -49.18 11.34 -75.21
C GLU BA 32 -49.18 11.91 -76.62
N LYS BA 33 -48.06 11.76 -77.31
CA LYS BA 33 -47.92 12.30 -78.66
C LYS BA 33 -48.71 11.42 -79.62
N PRO BA 34 -49.73 11.95 -80.31
CA PRO BA 34 -50.48 11.13 -81.26
C PRO BA 34 -49.64 10.71 -82.44
N ASP BA 35 -50.01 9.56 -83.02
CA ASP BA 35 -49.32 9.01 -84.19
C ASP BA 35 -49.95 9.46 -85.49
N GLN BA 36 -50.63 10.61 -85.50
CA GLN BA 36 -51.32 11.10 -86.68
C GLN BA 36 -50.75 12.45 -87.09
N GLY BA 37 -51.01 12.83 -88.33
CA GLY BA 37 -50.57 14.11 -88.84
C GLY BA 37 -51.11 14.33 -90.23
N GLU BA 38 -51.15 15.60 -90.63
CA GLU BA 38 -51.60 15.96 -91.97
C GLU BA 38 -50.42 16.03 -92.92
N VAL BA 39 -50.70 15.81 -94.19
CA VAL BA 39 -49.67 15.80 -95.23
C VAL BA 39 -49.67 17.13 -95.96
N LEU BA 40 -48.49 17.73 -96.10
CA LEU BA 40 -48.33 18.97 -96.85
C LEU BA 40 -47.44 18.82 -98.08
N ALA BA 41 -46.61 17.78 -98.13
CA ALA BA 41 -45.75 17.53 -99.29
C ALA BA 41 -45.79 16.03 -99.60
N VAL BA 42 -45.93 15.70 -100.87
CA VAL BA 42 -46.03 14.31 -101.30
C VAL BA 42 -44.97 14.03 -102.36
N GLY BA 43 -44.50 12.80 -102.39
CA GLY BA 43 -43.51 12.40 -103.36
C GLY BA 43 -44.12 11.98 -104.68
N ASP BA 44 -43.26 11.84 -105.69
CA ASP BA 44 -43.72 11.41 -107.01
C ASP BA 44 -44.04 9.92 -107.04
N GLY BA 45 -43.31 9.11 -106.29
CA GLY BA 45 -43.54 7.68 -106.25
C GLY BA 45 -42.25 6.90 -106.36
N LYS BA 46 -42.22 5.74 -105.70
CA LYS BA 46 -41.03 4.91 -105.70
C LYS BA 46 -40.77 4.33 -107.08
N ILE BA 47 -39.51 4.40 -107.51
CA ILE BA 47 -39.07 3.78 -108.75
C ILE BA 47 -39.11 2.27 -108.53
N LEU BA 48 -40.07 1.60 -109.15
CA LEU BA 48 -40.09 0.15 -109.10
C LEU BA 48 -39.15 -0.42 -110.17
N ASP BA 49 -38.88 -1.72 -110.04
CA ASP BA 49 -37.77 -2.33 -110.78
C ASP BA 49 -37.96 -2.24 -112.28
N ASP BA 50 -39.20 -2.25 -112.76
CA ASP BA 50 -39.49 -2.20 -114.20
C ASP BA 50 -39.82 -0.79 -114.68
N GLY BA 51 -39.19 0.22 -114.10
CA GLY BA 51 -39.39 1.58 -114.52
C GLY BA 51 -40.72 2.15 -114.06
N SER BA 52 -41.00 3.37 -114.53
CA SER BA 52 -42.23 4.09 -114.20
C SER BA 52 -42.34 4.38 -112.71
N LYS BA 53 -43.51 4.82 -112.26
CA LYS BA 53 -43.72 5.25 -110.88
C LYS BA 53 -44.87 4.46 -110.25
N ARG BA 54 -44.74 4.20 -108.97
CA ARG BA 54 -45.83 3.60 -108.20
C ARG BA 54 -46.82 4.69 -107.81
N PRO BA 55 -48.10 4.57 -108.17
CA PRO BA 55 -49.08 5.57 -107.73
C PRO BA 55 -49.14 5.64 -106.22
N MET BA 56 -49.28 6.87 -105.70
CA MET BA 56 -49.26 7.08 -104.26
C MET BA 56 -50.66 7.03 -103.68
N ALA BA 57 -50.77 6.46 -102.49
CA ALA BA 57 -52.04 6.35 -101.78
C ALA BA 57 -52.32 7.52 -100.85
N VAL BA 58 -51.42 8.50 -100.79
CA VAL BA 58 -51.57 9.66 -99.92
C VAL BA 58 -51.61 10.91 -100.79
N LYS BA 59 -52.63 11.73 -100.60
CA LYS BA 59 -52.80 12.98 -101.32
C LYS BA 59 -52.59 14.14 -100.37
N VAL BA 60 -52.00 15.22 -100.88
CA VAL BA 60 -51.69 16.38 -100.05
C VAL BA 60 -52.97 16.95 -99.46
N GLY BA 61 -52.96 17.22 -98.16
CA GLY BA 61 -54.09 17.75 -97.46
C GLY BA 61 -54.86 16.75 -96.61
N ASP BA 62 -54.59 15.46 -96.78
CA ASP BA 62 -55.29 14.44 -96.01
C ASP BA 62 -54.64 14.24 -94.64
N LYS BA 63 -55.32 13.47 -93.80
CA LYS BA 63 -54.81 13.10 -92.49
C LYS BA 63 -54.36 11.64 -92.53
N VAL BA 64 -53.14 11.38 -92.09
CA VAL BA 64 -52.55 10.05 -92.18
C VAL BA 64 -52.10 9.61 -90.79
N LEU BA 65 -52.04 8.29 -90.62
CA LEU BA 65 -51.57 7.67 -89.38
C LEU BA 65 -50.28 6.93 -89.65
N PHE BA 66 -49.25 7.22 -88.85
CA PHE BA 66 -47.92 6.68 -89.05
C PHE BA 66 -47.34 6.19 -87.74
N GLY BA 67 -46.41 5.25 -87.83
CA GLY BA 67 -45.80 4.70 -86.63
C GLY BA 67 -44.93 5.71 -85.91
N LYS BA 68 -44.83 5.54 -84.59
CA LYS BA 68 -44.03 6.47 -83.78
C LYS BA 68 -42.54 6.26 -83.96
N TYR BA 69 -42.12 5.09 -84.42
CA TYR BA 69 -40.70 4.79 -84.62
C TYR BA 69 -40.20 5.16 -86.01
N ALA BA 70 -41.07 5.69 -86.87
CA ALA BA 70 -40.71 6.00 -88.25
C ALA BA 70 -40.64 7.51 -88.45
N GLY BA 71 -39.84 7.90 -89.44
CA GLY BA 71 -39.71 9.30 -89.80
C GLY BA 71 -38.57 9.99 -89.06
N GLN BA 72 -38.23 11.17 -89.56
CA GLN BA 72 -37.17 11.98 -88.98
C GLN BA 72 -37.61 13.44 -89.04
N THR BA 73 -37.27 14.19 -87.98
CA THR BA 73 -37.75 15.55 -87.83
C THR BA 73 -36.78 16.54 -88.48
N VAL BA 74 -37.31 17.42 -89.32
CA VAL BA 74 -36.50 18.37 -90.08
C VAL BA 74 -36.47 19.70 -89.33
N LYS BA 75 -35.41 20.48 -89.57
CA LYS BA 75 -35.22 21.75 -88.89
C LYS BA 75 -35.68 22.94 -89.72
N VAL BA 76 -36.30 22.71 -90.86
CA VAL BA 76 -36.60 23.81 -91.78
C VAL BA 76 -37.65 24.73 -91.15
N GLU BA 77 -37.37 26.04 -91.21
CA GLU BA 77 -38.15 27.15 -90.69
C GLU BA 77 -38.78 26.87 -89.33
N GLY BA 78 -38.10 26.07 -88.50
CA GLY BA 78 -38.49 25.89 -87.11
C GLY BA 78 -39.69 25.00 -86.86
N GLU BA 79 -40.48 24.65 -87.87
CA GLU BA 79 -41.58 23.74 -87.61
C GLU BA 79 -41.07 22.31 -87.44
N GLU BA 80 -41.84 21.52 -86.69
CA GLU BA 80 -41.55 20.10 -86.51
C GLU BA 80 -42.29 19.30 -87.59
N LEU BA 81 -41.55 19.08 -88.68
CA LEU BA 81 -42.06 18.28 -89.79
C LEU BA 81 -41.34 16.93 -89.83
N LEU BA 82 -42.11 15.88 -90.06
CA LEU BA 82 -41.57 14.52 -90.12
C LEU BA 82 -41.64 14.03 -91.55
N VAL BA 83 -40.49 13.56 -92.05
CA VAL BA 83 -40.40 13.00 -93.40
C VAL BA 83 -40.17 11.51 -93.26
N LEU BA 84 -41.01 10.73 -93.93
CA LEU BA 84 -41.00 9.27 -93.79
C LEU BA 84 -41.44 8.63 -95.08
N ARG BA 85 -41.13 7.35 -95.23
CA ARG BA 85 -41.45 6.64 -96.45
C ARG BA 85 -42.95 6.40 -96.55
N GLU BA 86 -43.40 6.01 -97.74
CA GLU BA 86 -44.83 5.84 -97.99
C GLU BA 86 -45.39 4.62 -97.26
N ASP BA 87 -44.56 3.59 -97.04
CA ASP BA 87 -45.06 2.36 -96.44
C ASP BA 87 -45.17 2.44 -94.91
N ASP BA 88 -44.60 3.46 -94.28
CA ASP BA 88 -44.81 3.64 -92.84
C ASP BA 88 -46.22 4.09 -92.52
N ILE BA 89 -46.82 4.90 -93.38
CA ILE BA 89 -48.20 5.34 -93.18
C ILE BA 89 -49.11 4.13 -93.36
N MET BA 90 -49.71 3.67 -92.25
CA MET BA 90 -50.52 2.47 -92.29
C MET BA 90 -51.98 2.73 -92.64
N ALA BA 91 -52.48 3.93 -92.36
CA ALA BA 91 -53.89 4.22 -92.63
C ALA BA 91 -54.07 5.71 -92.88
N VAL BA 92 -55.19 6.05 -93.52
CA VAL BA 92 -55.58 7.42 -93.78
C VAL BA 92 -56.92 7.65 -93.12
N ILE BA 93 -57.00 8.64 -92.25
CA ILE BA 93 -58.22 8.96 -91.52
C ILE BA 93 -59.07 9.86 -92.40
N GLU BA 94 -60.40 9.76 -92.25
CA GLU BA 94 -61.38 10.12 -93.29
C GLU BA 94 -60.77 10.29 -94.68
PB ADP CA . -19.85 -34.92 33.19
O1B ADP CA . -20.44 -33.60 32.80
O2B ADP CA . -18.37 -34.87 33.44
O3B ADP CA . -20.65 -35.68 34.22
PA ADP CA . -19.07 -37.03 31.53
O1A ADP CA . -18.21 -36.71 30.34
O2A ADP CA . -18.49 -37.53 32.83
O3A ADP CA . -20.04 -35.79 31.87
O5' ADP CA . -20.21 -38.07 31.11
C5' ADP CA . -20.77 -38.86 32.15
C4' ADP CA . -22.23 -39.15 31.85
O4' ADP CA . -22.29 -40.26 30.96
C3' ADP CA . -22.95 -39.54 33.12
O3' ADP CA . -24.10 -38.71 33.27
C2' ADP CA . -23.38 -40.98 32.94
O2' ADP CA . -24.75 -41.10 33.28
C1' ADP CA . -23.16 -41.26 31.46
N9 ADP CA . -22.53 -42.60 31.32
C8 ADP CA . -21.33 -42.96 31.80
N7 ADP CA . -21.04 -44.25 31.48
C5 ADP CA . -22.09 -44.72 30.78
C6 ADP CA . -22.44 -46.01 30.14
N6 ADP CA . -21.60 -47.06 30.20
N1 ADP CA . -23.62 -46.09 29.51
C2 ADP CA . -24.47 -45.04 29.45
N3 ADP CA . -24.21 -43.85 30.00
C4 ADP CA . -23.06 -43.63 30.68
MG MG DA . -18.17 -37.11 34.82
PB ADP EA . 18.33 -43.94 21.17
O1B ADP EA . 16.89 -43.48 21.13
O2B ADP EA . 19.30 -42.85 21.55
O3B ADP EA . 18.55 -45.26 21.85
PA ADP EA . 20.13 -44.26 19.05
O1A ADP EA . 20.30 -43.16 18.04
O2A ADP EA . 21.08 -44.44 20.22
O3A ADP EA . 18.64 -44.25 19.63
O5' ADP EA . 20.06 -45.67 18.30
C5' ADP EA . 20.46 -46.81 19.04
C4' ADP EA . 19.67 -48.03 18.59
O4' ADP EA . 20.30 -48.56 17.43
C3' ADP EA . 19.70 -49.09 19.67
O3' ADP EA . 18.36 -49.46 19.99
C2' ADP EA . 20.41 -50.27 19.06
O2' ADP EA . 19.63 -51.45 19.28
C1' ADP EA . 20.51 -49.96 17.58
N9 ADP EA . 21.86 -50.33 17.09
C8 ADP EA . 23.03 -49.80 17.50
N7 ADP EA . 24.07 -50.37 16.84
C5 ADP EA . 23.57 -51.29 16.00
C6 ADP EA . 24.11 -52.23 15.02
N6 ADP EA . 25.45 -52.33 14.80
N1 ADP EA . 23.24 -53.01 14.35
C2 ADP EA . 21.92 -52.93 14.55
N3 ADP EA . 21.36 -52.09 15.42
C4 ADP EA . 22.11 -51.25 16.17
MG MG FA . 21.29 -44.29 22.26
PB ADP GA . 47.97 -18.32 8.78
O1B ADP GA . 46.65 -19.02 8.87
O2B ADP GA . 47.98 -16.96 9.43
O3B ADP GA . 49.16 -19.19 9.08
PA ADP GA . 48.99 -16.82 6.65
O1A ADP GA . 48.11 -15.80 5.99
O2A ADP GA . 49.99 -16.44 7.71
O3A ADP GA . 48.12 -18.04 7.21
O5' ADP GA . 49.81 -17.63 5.55
C5' ADP GA . 51.05 -18.19 5.96
C4' ADP GA . 51.34 -19.44 5.15
O4' ADP GA . 51.94 -19.06 3.92
C3' ADP GA . 52.33 -20.31 5.90
O3' ADP GA . 51.80 -21.63 6.05
C2' ADP GA . 53.57 -20.36 5.04
O2' ADP GA . 53.98 -21.73 4.90
C1' ADP GA . 53.14 -19.79 3.70
N9 ADP GA . 54.19 -18.88 3.18
C8 ADP GA . 54.63 -17.76 3.79
N7 ADP GA . 55.60 -17.18 3.05
C5 ADP GA . 55.79 -17.93 1.95
C6 ADP GA . 56.66 -17.88 0.75
N6 ADP GA . 57.55 -16.87 0.58
N1 ADP GA . 56.53 -18.87 -0.15
C2 ADP GA . 55.65 -19.87 0.01
N3 ADP GA . 54.83 -19.97 1.06
C4 ADP GA . 54.86 -19.05 2.05
MG MG HA . 50.46 -16.60 9.73
PB ADP IA . 46.69 22.56 5.30
O1B ADP IA . 46.27 21.12 5.19
O2B ADP IA . 45.88 23.33 6.32
O3B ADP IA . 48.17 22.80 5.34
PA ADP IA . 45.89 24.71 3.70
O1A ADP IA . 44.45 24.86 3.32
O2A ADP IA . 46.50 25.47 4.84
O3A ADP IA . 46.26 23.16 3.87
O5' ADP IA . 46.81 25.00 2.43
C5' ADP IA . 48.09 25.56 2.69
C4' ADP IA . 49.06 25.15 1.60
O4' ADP IA . 48.95 26.10 0.54
C3' ADP IA . 50.48 25.21 2.12
O3' ADP IA . 51.12 23.95 1.88
C2' ADP IA . 51.18 26.28 1.34
O2' ADP IA . 52.42 25.77 0.84
C1' ADP IA . 50.24 26.61 0.19
N9 ADP IA . 50.16 28.07 0.01
C8 ADP IA . 49.75 28.96 0.91
N7 ADP IA . 49.81 30.23 0.42
C5 ADP IA . 50.29 30.15 -0.83
C6 ADP IA . 50.61 31.09 -1.91
N6 ADP IA . 50.42 32.42 -1.75
N1 ADP IA . 51.08 30.59 -3.07
C2 ADP IA . 51.27 29.26 -3.25
N3 ADP IA . 51.00 28.35 -2.31
C4 ADP IA . 50.52 28.72 -1.10
MG MG JA . 47.26 25.35 6.76
PB ADP KA . 15.52 47.95 13.19
O1B ADP KA . 16.38 46.94 12.49
O2B ADP KA . 14.70 47.38 14.31
O3B ADP KA . 16.20 49.26 13.50
PA ADP KA . 13.05 49.03 12.42
O1A ADP KA . 11.92 48.12 12.07
O2A ADP KA . 13.19 49.63 13.80
O3A ADP KA . 14.46 48.35 12.06
O5' ADP KA . 13.13 50.24 11.38
C5' ADP KA . 13.72 51.44 11.85
C4' ADP KA . 14.45 52.13 10.70
O4' ADP KA . 13.50 52.85 9.93
C3' ADP KA . 15.46 53.11 11.24
O3' ADP KA . 16.75 52.83 10.69
C2' ADP KA . 15.01 54.47 10.78
O2' ADP KA . 16.10 55.16 10.18
C1' ADP KA . 13.92 54.19 9.76
N9 ADP KA . 12.78 55.11 9.98
C8 ADP KA . 12.02 55.16 11.09
N7 ADP KA . 11.07 56.12 10.98
C5 ADP KA . 11.21 56.70 9.77
C6 ADP KA . 10.55 57.76 9.00
N6 ADP KA . 9.50 58.43 9.52
N1 ADP KA . 11.02 58.05 7.78
C2 ADP KA . 12.06 57.39 7.25
N3 ADP KA . 12.71 56.41 7.88
C4 ADP KA . 12.35 56.03 9.12
MG MG LA . 14.06 49.70 15.62
PB ADP MA . -22.24 38.68 26.82
O1B ADP MA . -22.42 39.98 26.09
O2B ADP MA . -20.90 38.04 26.64
O3B ADP MA . -22.71 38.72 28.26
PA ADP MA . -24.83 37.75 26.25
O1A ADP MA . -25.46 36.66 25.42
O2A ADP MA . -25.17 37.89 27.71
O3A ADP MA . -23.23 37.66 26.08
O5' ADP MA . -25.16 39.16 25.57
C5' ADP MA . -26.01 40.05 26.27
C4' ADP MA . -26.28 41.28 25.43
O4' ADP MA . -27.59 41.18 24.89
C3' ADP MA . -26.24 42.51 26.31
O3' ADP MA . -25.34 43.47 25.74
C2' ADP MA . -27.65 43.09 26.28
O2' ADP MA . -27.59 44.49 26.01
C1' ADP MA . -28.35 42.35 25.16
N9 ADP MA . -29.72 41.98 25.58
C8 ADP MA . -30.04 41.18 26.60
N7 ADP MA . -31.39 41.06 26.72
C5 ADP MA . -31.94 41.81 25.75
C6 ADP MA . -33.31 42.12 25.29
N6 ADP MA . -34.39 41.61 25.93
N1 ADP MA . -33.45 42.94 24.23
C2 ADP MA . -32.38 43.46 23.60
N3 ADP MA . -31.12 43.21 23.95
C4 ADP MA . -30.84 42.41 25.00
MG MG NA . -24.08 38.32 29.57
PB ADP OA . -37.92 1.94 35.64
O1B ADP OA . -37.50 3.14 34.85
O2B ADP OA . -36.79 1.01 36.01
O3B ADP OA . -38.90 2.22 36.76
PA ADP OA . -39.02 -0.46 34.72
O1A ADP OA . -38.24 -1.17 33.65
O2A ADP OA . -38.89 -0.81 36.17
O3A ADP OA . -38.80 1.13 34.59
O5' ADP OA . -40.58 -0.48 34.36
C5' ADP OA . -41.47 -0.21 35.43
C4' ADP OA . -42.68 0.56 34.92
O4' ADP OA . -43.57 -0.36 34.29
C3' ADP OA . -43.40 1.20 36.08
O3' ADP OA . -43.54 2.60 35.83
C2' ADP OA . -44.77 0.57 36.11
O2' ADP OA . -45.76 1.59 36.17
C1' ADP OA . -44.89 -0.20 34.80
N9 ADP OA . -45.49 -1.52 35.07
C8 ADP OA . -44.98 -2.49 35.85
N7 ADP OA . -45.78 -3.57 35.88
C5 ADP OA . -46.84 -3.31 35.11
C6 ADP OA . -48.08 -4.02 34.70
N6 ADP OA . -48.34 -5.26 35.14
N1 ADP OA . -48.92 -3.38 33.86
C2 ADP OA . -48.67 -2.13 33.41
N3 ADP OA . -47.58 -1.43 33.75
C4 ADP OA . -46.65 -1.95 34.57
MG MG PA . -38.26 -0.30 38.04
PB ADP QA . -38.28 -34.75 -6.89
O1B ADP QA . -38.74 -33.55 -7.69
O2B ADP QA . -36.79 -34.95 -6.92
O3B ADP QA . -39.09 -36.00 -7.08
PA ADP QA . -39.81 -33.48 -4.91
O1A ADP QA . -40.84 -33.55 -6.00
O2A ADP QA . -39.34 -32.16 -4.33
O3A ADP QA . -38.54 -34.36 -5.36
O5' ADP QA . -40.31 -34.44 -3.74
C5' ADP QA . -41.24 -35.45 -4.11
C4' ADP QA . -41.06 -36.67 -3.23
O4' ADP QA . -41.75 -36.45 -2.00
C3' ADP QA . -41.67 -37.88 -3.90
O3' ADP QA . -40.71 -38.93 -3.96
C2' ADP QA . -42.81 -38.32 -3.01
O2' ADP QA . -42.71 -39.72 -2.76
C1' ADP QA . -42.63 -37.54 -1.71
N9 ADP QA . -43.93 -37.01 -1.25
C8 ADP QA . -44.72 -36.15 -1.92
N7 ADP QA . -45.84 -35.89 -1.21
C5 ADP QA . -45.78 -36.60 -0.08
C6 ADP QA . -46.64 -36.78 1.12
N6 ADP QA . -47.83 -36.14 1.24
N1 ADP QA . -46.20 -37.61 2.08
C2 ADP QA . -45.02 -38.26 1.98
N3 ADP QA . -44.20 -38.14 0.93
C4 ADP QA . -44.52 -37.34 -0.11
MG MG RA . -41.25 -34.04 -7.96
PB ADP SA . -1.41 -48.89 -18.02
O1B ADP SA . -2.80 -48.57 -18.52
O2B ADP SA . -0.46 -47.74 -18.13
O3B ADP SA . -0.86 -50.21 -18.51
PA ADP SA . -2.88 -49.72 -15.78
O1A ADP SA . -3.70 -50.40 -16.85
O2A ADP SA . -3.47 -48.72 -14.83
O3A ADP SA . -1.55 -49.12 -16.45
O5' ADP SA . -2.19 -50.92 -14.97
C5' ADP SA . -2.23 -52.19 -15.58
C4' ADP SA . -1.07 -53.03 -15.08
O4' ADP SA . -1.47 -53.68 -13.87
C3' ADP SA . -0.73 -54.10 -16.10
O3' ADP SA . 0.65 -54.02 -16.42
C2' ADP SA . -1.01 -55.42 -15.42
O2' ADP SA . 0.12 -56.28 -15.58
C1' ADP SA . -1.22 -55.08 -13.95
N9 ADP SA . -2.37 -55.83 -13.43
C8 ADP SA . -3.64 -55.74 -13.87
N7 ADP SA . -4.46 -56.57 -13.17
C5 ADP SA . -3.70 -57.21 -12.26
C6 ADP SA . -3.91 -58.22 -11.21
N6 ADP SA . -5.14 -58.73 -10.96
N1 ADP SA . -2.84 -58.61 -10.48
C2 ADP SA . -1.62 -58.11 -10.71
N3 ADP SA . -1.35 -57.20 -11.65
C4 ADP SA . -2.33 -56.72 -12.43
MG MG TA . -4.04 -50.34 -18.88
PB ADP UA . 31.31 -27.77 -31.05
O1B ADP UA . 29.97 -28.37 -31.37
O2B ADP UA . 31.24 -26.29 -30.77
O3B ADP UA . 32.43 -28.19 -31.96
PA ADP UA . 31.36 -29.88 -29.22
O1A ADP UA . 31.07 -30.66 -30.48
O2A ADP UA . 30.41 -29.87 -28.05
O3A ADP UA . 31.74 -28.37 -29.64
O5' ADP UA . 32.81 -30.34 -28.74
C5' ADP UA . 33.61 -31.02 -29.69
C4' ADP UA . 35.07 -30.79 -29.40
O4' ADP UA . 35.50 -31.74 -28.44
C3' ADP UA . 35.88 -30.98 -30.66
O3' ADP UA . 36.69 -29.82 -30.89
C2' ADP UA . 36.79 -32.16 -30.39
O2' ADP UA . 38.13 -31.81 -30.74
C1' ADP UA . 36.67 -32.41 -28.90
N9 ADP UA . 36.55 -33.87 -28.65
C8 ADP UA . 35.58 -34.67 -29.11
N7 ADP UA . 35.77 -35.95 -28.71
C5 ADP UA . 36.90 -35.97 -27.97
C6 ADP UA . 37.68 -37.00 -27.26
N6 ADP UA . 37.28 -38.29 -27.23
N1 ADP UA . 38.80 -36.59 -26.63
C2 ADP UA . 39.22 -35.32 -26.65
N3 ADP UA . 38.56 -34.34 -27.28
C4 ADP UA . 37.41 -34.60 -27.95
MG MG VA . 30.57 -30.55 -32.48
PB ADP WA . 35.17 12.75 -36.26
O1B ADP WA . 34.67 11.42 -36.76
O2B ADP WA . 34.13 13.58 -35.58
O3B ADP WA . 36.04 13.50 -37.24
PA ADP WA . 37.08 11.07 -35.09
O1A ADP WA . 37.22 10.60 -36.51
O2A ADP WA . 36.63 10.14 -33.99
O3A ADP WA . 36.19 12.40 -35.08
O5' ADP WA . 38.47 11.73 -34.70
C5' ADP WA . 39.30 12.14 -35.78
C4' ADP WA . 40.15 13.32 -35.37
O4' ADP WA . 41.32 12.83 -34.72
C3' ADP WA . 40.60 14.09 -36.60
O3' ADP WA . 40.24 15.47 -36.45
C2' ADP WA . 42.10 13.96 -36.64
O2' ADP WA . 42.68 15.26 -36.83
C1' ADP WA . 42.49 13.40 -35.29
N9 ADP WA . 43.52 12.35 -35.46
C8 ADP WA . 43.38 11.20 -36.16
N7 ADP WA . 44.51 10.48 -36.13
C5 ADP WA . 45.41 11.15 -35.38
C6 ADP WA . 46.80 10.95 -34.94
N6 ADP WA . 47.49 9.84 -35.29
N1 ADP WA . 47.36 11.90 -34.17
C2 ADP WA . 46.69 13.02 -33.82
N3 ADP WA . 45.42 13.26 -34.19
C4 ADP WA . 44.74 12.38 -34.96
MG MG XA . 36.39 10.80 -38.41
PB ADP YA . 7.30 42.24 -29.62
O1B ADP YA . 7.70 41.03 -30.45
O2B ADP YA . 6.14 41.99 -28.71
O3B ADP YA . 7.24 43.54 -30.39
PA ADP YA . 10.03 42.24 -29.03
O1A ADP YA . 10.11 42.35 -30.53
O2A ADP YA . 10.63 41.07 -28.28
O3A ADP YA . 8.51 42.45 -28.60
O5' ADP YA . 10.60 43.61 -28.44
C5' ADP YA . 10.64 44.72 -29.32
C4' ADP YA . 10.44 46.01 -28.54
O4' ADP YA . 11.68 46.43 -28.01
C3' ADP YA . 9.93 47.11 -29.46
O3' ADP YA . 8.71 47.64 -28.95
C2' ADP YA . 11.00 48.17 -29.45
O2' ADP YA . 10.38 49.44 -29.22
C1' ADP YA . 11.92 47.80 -28.30
N9 ADP YA . 13.33 47.98 -28.72
C8 ADP YA . 13.96 47.34 -29.72
N7 ADP YA . 15.23 47.75 -29.83
C5 ADP YA . 15.44 48.69 -28.89
C6 ADP YA . 16.58 49.54 -28.46
N6 ADP YA . 17.77 49.47 -29.08
N1 ADP YA . 16.36 50.38 -27.43
C2 ADP YA . 15.18 50.46 -26.82
N3 ADP YA . 14.11 49.73 -27.15
C4 ADP YA . 14.18 48.84 -28.17
MG MG ZA . 9.07 42.26 -32.30
PB ADP AB . -31.31 38.35 -16.29
O1B ADP AB . -30.28 38.11 -17.36
O2B ADP AB . -31.71 37.10 -15.56
O3B ADP AB . -32.45 39.24 -16.70
PA ADP AB . -29.44 40.28 -15.53
O1A ADP AB . -29.69 40.74 -16.94
O2A ADP AB . -28.09 39.81 -15.07
O3A ADP AB . -30.56 39.19 -15.16
O5' ADP AB . -29.96 41.45 -14.56
C5' ADP AB . -30.94 42.33 -15.10
C4' ADP AB . -31.88 42.78 -14.00
O4' ADP AB . -31.27 43.85 -13.28
C3' ADP AB . -33.17 43.31 -14.61
O3' ADP AB . -34.27 42.63 -14.02
C2' ADP AB . -33.23 44.76 -14.25
O2' ADP AB . -34.51 45.06 -13.71
C1' ADP AB . -32.14 44.97 -13.22
N9 ADP AB . -31.38 46.20 -13.52
C8 ADP AB . -30.68 46.44 -14.63
N7 ADP AB . -30.11 47.67 -14.60
C5 ADP AB . -30.47 48.24 -13.45
C6 ADP AB . -30.21 49.54 -12.77
N6 ADP AB . -29.45 50.49 -13.35
N1 ADP AB . -30.77 49.72 -11.56
C2 ADP AB . -31.53 48.79 -10.97
N3 ADP AB . -31.80 47.60 -11.52
C4 ADP AB . -31.30 47.27 -12.73
MG MG BB . -30.67 40.38 -18.71
PB ADP CB . -51.58 4.05 -6.09
O1B ADP CB . -53.03 3.93 -6.42
O2B ADP CB . -50.76 4.84 -7.08
O3B ADP CB . -50.92 2.77 -5.64
PA ADP CB . -51.60 6.52 -4.79
O1A ADP CB . -52.31 6.92 -6.06
O2A ADP CB . -50.26 7.09 -4.42
O3A ADP CB . -51.56 4.92 -4.75
O5' ADP CB . -52.63 6.72 -3.60
C5' ADP CB . -54.01 6.62 -3.92
C4' ADP CB . -54.76 5.98 -2.76
O4' ADP CB . -54.98 6.97 -1.76
C3' ADP CB . -56.10 5.47 -3.23
O3' ADP CB . -56.23 4.09 -2.90
C2' ADP CB . -57.13 6.26 -2.47
O2' ADP CB . -58.08 5.36 -1.90
C1' ADP CB . -56.36 7.00 -1.38
N9 ADP CB . -56.83 8.39 -1.29
C8 ADP CB . -56.78 9.31 -2.26
N7 ADP CB . -57.31 10.49 -1.84
C5 ADP CB . -57.72 10.32 -0.58
C6 ADP CB . -58.37 11.15 0.45
N6 ADP CB . -58.70 12.43 0.20
N1 ADP CB . -58.63 10.58 1.64
C2 ADP CB . -58.31 9.30 1.90
N3 ADP CB . -57.72 8.48 1.01
C4 ADP CB . -57.41 8.92 -0.22
MG MG DB . -53.00 6.41 -7.91
#